data_2M6L
#
_entry.id   2M6L
#
_cell.length_a   1.000
_cell.length_b   1.000
_cell.length_c   1.000
_cell.angle_alpha   90.00
_cell.angle_beta   90.00
_cell.angle_gamma   90.00
#
_symmetry.space_group_name_H-M   'P 1'
#
_entity_poly.entity_id   1
_entity_poly.type   'polypeptide(L)'
_entity_poly.pdbx_seq_one_letter_code
;MGHHHHHHHHHHSSGHIDDDDKHADWPRQITDSRGTHTLESQPQRIVSTSVTLTGSLLAIDAPVIASGATTPNNRVADDQ
GFLRQWSKVAKERKLQRLYIGEPSAEAVAAQMPDLILISATGGDSALALYDQLSTIAPTLIINYDDKSWQSLLTQLGEIT
GHEKQAAERIAQFDKQLAAAKEQIKLPPQPVTAIVYTAAAHSANLWTPESAQGQMLEQLGFTLAKLPAGLNASQSQGKRH
DIIQLGGENLAAGLNGESLFLFAGDQKDADAIYANPLLAHLPAVQNKQVYALGTETFRLDYYSAMQVLDRLKALF
;
_entity_poly.pdbx_strand_id   A
#
# COMPACT_ATOMS: atom_id res chain seq x y z
N ALA A 24 1.17 -24.82 7.53
CA ALA A 24 1.53 -26.08 8.24
C ALA A 24 2.20 -27.03 7.27
N ASP A 25 2.60 -28.20 7.76
CA ASP A 25 3.27 -29.19 6.93
C ASP A 25 2.24 -30.13 6.30
N TRP A 26 0.98 -29.92 6.65
CA TRP A 26 -0.09 -30.76 6.11
C TRP A 26 -1.36 -29.93 5.88
N PRO A 27 -2.40 -30.56 5.38
CA PRO A 27 -3.70 -29.88 5.12
C PRO A 27 -4.31 -29.29 6.39
N ARG A 28 -4.98 -28.17 6.25
CA ARG A 28 -5.61 -27.50 7.39
C ARG A 28 -6.76 -26.61 6.93
N GLN A 29 -7.41 -25.95 7.87
CA GLN A 29 -8.51 -25.05 7.56
C GLN A 29 -8.17 -23.62 7.93
N ILE A 30 -8.51 -22.68 7.06
CA ILE A 30 -8.24 -21.27 7.29
C ILE A 30 -9.52 -20.45 7.21
N THR A 31 -9.60 -19.40 8.02
CA THR A 31 -10.78 -18.53 8.02
C THR A 31 -10.41 -17.10 7.64
N ASP A 32 -11.21 -16.49 6.78
CA ASP A 32 -10.96 -15.11 6.35
C ASP A 32 -11.83 -14.14 7.13
N SER A 33 -12.30 -13.09 6.45
CA SER A 33 -13.15 -12.11 7.09
C SER A 33 -14.46 -12.74 7.54
N ARG A 34 -14.98 -13.67 6.73
CA ARG A 34 -16.23 -14.34 7.06
C ARG A 34 -16.22 -15.76 6.50
N GLY A 35 -16.23 -15.87 5.17
CA GLY A 35 -16.25 -17.17 4.52
C GLY A 35 -15.03 -18.00 4.94
N THR A 36 -15.24 -19.29 5.10
CA THR A 36 -14.15 -20.18 5.52
C THR A 36 -13.80 -21.13 4.38
N HIS A 37 -12.50 -21.24 4.09
CA HIS A 37 -12.03 -22.12 3.02
C HIS A 37 -11.10 -23.19 3.58
N THR A 38 -11.38 -24.45 3.24
CA THR A 38 -10.56 -25.55 3.72
C THR A 38 -9.37 -25.77 2.80
N LEU A 39 -8.18 -25.86 3.39
CA LEU A 39 -6.96 -26.07 2.60
C LEU A 39 -6.61 -27.54 2.57
N GLU A 40 -7.30 -28.30 1.72
CA GLU A 40 -7.05 -29.73 1.60
C GLU A 40 -5.67 -29.98 1.03
N SER A 41 -5.20 -29.08 0.18
CA SER A 41 -3.88 -29.21 -0.43
C SER A 41 -3.64 -28.09 -1.42
N GLN A 42 -2.74 -27.18 -1.08
CA GLN A 42 -2.42 -26.04 -1.94
C GLN A 42 -0.93 -26.01 -2.26
N PRO A 43 -0.53 -26.65 -3.34
CA PRO A 43 0.89 -26.68 -3.76
C PRO A 43 1.46 -25.28 -3.96
N GLN A 44 2.76 -25.12 -3.72
CA GLN A 44 3.41 -23.83 -3.85
C GLN A 44 2.91 -23.08 -5.08
N ARG A 45 1.76 -22.41 -4.93
CA ARG A 45 1.17 -21.66 -6.03
C ARG A 45 0.36 -20.49 -5.50
N ILE A 46 1.05 -19.52 -4.92
CA ILE A 46 0.38 -18.35 -4.37
C ILE A 46 -0.03 -17.39 -5.48
N VAL A 47 -1.29 -16.96 -5.44
CA VAL A 47 -1.82 -16.04 -6.44
C VAL A 47 -2.35 -14.78 -5.79
N SER A 48 -2.23 -13.66 -6.48
CA SER A 48 -2.72 -12.38 -5.94
C SER A 48 -3.45 -11.60 -7.01
N THR A 49 -4.51 -10.89 -6.60
CA THR A 49 -5.29 -10.09 -7.53
C THR A 49 -4.88 -8.62 -7.47
N SER A 50 -5.01 -8.03 -6.28
CA SER A 50 -4.65 -6.63 -6.10
C SER A 50 -3.14 -6.48 -5.95
N VAL A 51 -2.63 -5.31 -6.28
CA VAL A 51 -1.20 -5.04 -6.17
C VAL A 51 -0.80 -4.86 -4.72
N THR A 52 -1.78 -4.51 -3.87
CA THR A 52 -1.50 -4.29 -2.45
C THR A 52 -0.92 -5.55 -1.81
N LEU A 53 -1.62 -6.66 -1.99
CA LEU A 53 -1.15 -7.93 -1.47
C LEU A 53 0.13 -8.36 -2.17
N THR A 54 0.16 -8.19 -3.48
CA THR A 54 1.31 -8.60 -4.27
C THR A 54 2.60 -8.18 -3.57
N GLY A 55 2.70 -6.91 -3.24
CA GLY A 55 3.87 -6.40 -2.54
C GLY A 55 3.92 -6.90 -1.09
N SER A 56 2.74 -6.99 -0.47
CA SER A 56 2.66 -7.46 0.91
C SER A 56 3.16 -8.89 1.03
N LEU A 57 2.74 -9.74 0.10
CA LEU A 57 3.15 -11.14 0.10
C LEU A 57 4.64 -11.25 -0.18
N LEU A 58 5.12 -10.46 -1.13
CA LEU A 58 6.52 -10.49 -1.50
C LEU A 58 7.41 -10.08 -0.34
N ALA A 59 6.96 -9.07 0.40
CA ALA A 59 7.73 -8.58 1.54
C ALA A 59 7.95 -9.68 2.57
N ILE A 60 6.95 -10.52 2.75
CA ILE A 60 7.03 -11.60 3.72
C ILE A 60 7.59 -12.87 3.09
N ASP A 61 8.43 -12.70 2.08
CA ASP A 61 9.04 -13.84 1.41
C ASP A 61 7.98 -14.80 0.90
N ALA A 62 7.01 -14.27 0.15
CA ALA A 62 5.93 -15.09 -0.40
C ALA A 62 5.60 -14.64 -1.81
N PRO A 63 6.42 -14.96 -2.77
CA PRO A 63 6.22 -14.54 -4.19
C PRO A 63 4.96 -15.16 -4.78
N VAL A 64 4.37 -14.46 -5.75
CA VAL A 64 3.17 -14.93 -6.41
C VAL A 64 3.46 -15.26 -7.88
N ILE A 65 2.92 -16.38 -8.33
CA ILE A 65 3.10 -16.80 -9.71
C ILE A 65 2.35 -15.88 -10.67
N ALA A 66 1.12 -15.53 -10.33
CA ALA A 66 0.30 -14.67 -11.17
C ALA A 66 -0.20 -13.46 -10.40
N SER A 67 -0.03 -12.29 -10.98
CA SER A 67 -0.46 -11.05 -10.33
C SER A 67 -0.73 -9.98 -11.36
N GLY A 68 -1.34 -8.88 -10.93
CA GLY A 68 -1.65 -7.77 -11.83
C GLY A 68 -0.77 -6.57 -11.54
N ALA A 69 -0.99 -5.47 -12.26
CA ALA A 69 -0.21 -4.25 -12.07
C ALA A 69 -1.13 -3.04 -11.99
N THR A 70 -0.56 -1.89 -11.68
CA THR A 70 -1.34 -0.65 -11.57
C THR A 70 -0.65 0.47 -12.31
N THR A 71 -0.18 1.47 -11.56
CA THR A 71 0.49 2.61 -12.16
C THR A 71 2.00 2.48 -12.00
N PRO A 72 2.74 3.45 -12.49
CA PRO A 72 4.23 3.46 -12.40
C PRO A 72 4.72 3.47 -10.94
N ASN A 73 4.31 2.47 -10.18
CA ASN A 73 4.69 2.36 -8.80
C ASN A 73 6.18 2.18 -8.66
N ASN A 74 6.79 1.47 -9.63
CA ASN A 74 8.23 1.20 -9.63
C ASN A 74 8.51 -0.14 -8.97
N ARG A 75 7.74 -0.46 -7.94
CA ARG A 75 7.89 -1.73 -7.23
C ARG A 75 7.62 -2.90 -8.18
N VAL A 76 6.60 -2.74 -9.01
CA VAL A 76 6.25 -3.77 -9.98
C VAL A 76 7.26 -3.82 -11.12
N ALA A 77 7.91 -2.69 -11.38
CA ALA A 77 8.88 -2.60 -12.45
C ALA A 77 9.87 -3.76 -12.39
N ASP A 78 10.91 -3.69 -13.20
CA ASP A 78 11.92 -4.75 -13.23
C ASP A 78 12.81 -4.68 -11.99
N ASP A 79 14.04 -5.18 -12.12
CA ASP A 79 14.97 -5.18 -11.00
C ASP A 79 15.11 -3.78 -10.41
N GLN A 80 14.50 -2.81 -11.07
CA GLN A 80 14.55 -1.42 -10.60
C GLN A 80 13.44 -1.16 -9.60
N GLY A 81 13.83 -0.89 -8.35
CA GLY A 81 12.85 -0.61 -7.30
C GLY A 81 12.34 -1.89 -6.68
N PHE A 82 13.19 -2.56 -5.92
CA PHE A 82 12.82 -3.81 -5.24
C PHE A 82 13.48 -3.90 -3.88
N LEU A 83 12.79 -4.54 -2.94
CA LEU A 83 13.32 -4.71 -1.59
C LEU A 83 14.20 -5.97 -1.54
N ARG A 84 13.62 -7.07 -1.05
CA ARG A 84 14.35 -8.33 -0.96
C ARG A 84 14.72 -8.81 -2.35
N GLN A 85 13.77 -8.71 -3.29
CA GLN A 85 14.01 -9.12 -4.68
C GLN A 85 13.59 -10.57 -4.89
N TRP A 86 12.36 -10.90 -4.52
CA TRP A 86 11.84 -12.25 -4.69
C TRP A 86 10.90 -12.33 -5.88
N SER A 87 10.56 -11.17 -6.43
CA SER A 87 9.66 -11.11 -7.58
C SER A 87 10.29 -11.77 -8.80
N LYS A 88 11.61 -11.66 -8.92
CA LYS A 88 12.32 -12.26 -10.02
C LYS A 88 11.91 -13.71 -10.21
N VAL A 89 11.43 -14.32 -9.13
CA VAL A 89 10.99 -15.71 -9.19
C VAL A 89 9.72 -15.85 -10.02
N ALA A 90 8.75 -14.96 -9.77
CA ALA A 90 7.49 -15.00 -10.49
C ALA A 90 7.72 -14.80 -11.98
N LYS A 91 8.51 -13.77 -12.32
CA LYS A 91 8.81 -13.48 -13.71
C LYS A 91 9.57 -14.66 -14.34
N GLU A 92 10.47 -15.26 -13.57
CA GLU A 92 11.26 -16.38 -14.06
C GLU A 92 10.34 -17.47 -14.61
N ARG A 93 9.15 -17.59 -14.03
CA ARG A 93 8.20 -18.60 -14.47
C ARG A 93 7.29 -18.03 -15.54
N LYS A 94 7.53 -16.77 -15.93
CA LYS A 94 6.74 -16.11 -16.97
C LYS A 94 5.45 -15.56 -16.37
N LEU A 95 4.73 -16.40 -15.63
CA LEU A 95 3.47 -15.99 -15.02
C LEU A 95 3.66 -14.66 -14.37
N GLN A 96 2.55 -13.90 -14.22
CA GLN A 96 2.58 -12.55 -13.63
C GLN A 96 2.05 -11.51 -14.62
N ARG A 97 0.75 -11.23 -14.54
CA ARG A 97 0.14 -10.25 -15.42
C ARG A 97 0.51 -8.83 -14.98
N LEU A 98 0.72 -7.94 -15.94
CA LEU A 98 1.09 -6.56 -15.63
C LEU A 98 0.23 -5.60 -16.44
N TYR A 99 -0.98 -6.03 -16.79
CA TYR A 99 -1.88 -5.18 -17.56
C TYR A 99 -3.32 -5.34 -17.05
N ILE A 100 -4.03 -4.24 -16.96
CA ILE A 100 -5.42 -4.25 -16.50
C ILE A 100 -6.27 -3.32 -17.36
N GLY A 101 -7.60 -3.49 -17.27
CA GLY A 101 -8.52 -2.66 -18.03
C GLY A 101 -9.75 -3.46 -18.44
N GLU A 102 -9.57 -4.77 -18.59
CA GLU A 102 -10.67 -5.64 -18.98
C GLU A 102 -10.44 -7.05 -18.46
N PRO A 103 -10.56 -7.24 -17.17
CA PRO A 103 -10.35 -8.56 -16.53
C PRO A 103 -11.32 -9.61 -17.05
N SER A 104 -10.85 -10.85 -17.13
CA SER A 104 -11.69 -11.95 -17.61
C SER A 104 -11.54 -13.17 -16.71
N ALA A 105 -12.66 -13.80 -16.39
CA ALA A 105 -12.65 -14.99 -15.55
C ALA A 105 -11.99 -16.17 -16.28
N GLU A 106 -12.26 -16.26 -17.57
CA GLU A 106 -11.71 -17.35 -18.37
C GLU A 106 -10.18 -17.25 -18.43
N ALA A 107 -9.69 -16.02 -18.60
CA ALA A 107 -8.24 -15.80 -18.67
C ALA A 107 -7.57 -16.21 -17.36
N VAL A 108 -8.21 -15.87 -16.25
CA VAL A 108 -7.68 -16.22 -14.94
C VAL A 108 -7.63 -17.73 -14.78
N ALA A 109 -8.70 -18.40 -15.19
CA ALA A 109 -8.78 -19.85 -15.09
C ALA A 109 -7.68 -20.50 -15.92
N ALA A 110 -7.36 -19.89 -17.06
CA ALA A 110 -6.33 -20.41 -17.94
C ALA A 110 -4.99 -20.45 -17.22
N GLN A 111 -4.88 -19.67 -16.14
CA GLN A 111 -3.63 -19.61 -15.37
C GLN A 111 -3.60 -20.73 -14.32
N MET A 112 -4.71 -21.45 -14.20
CA MET A 112 -4.80 -22.55 -13.23
C MET A 112 -4.27 -22.09 -11.87
N PRO A 113 -4.83 -21.04 -11.34
CA PRO A 113 -4.43 -20.50 -10.01
C PRO A 113 -4.86 -21.41 -8.87
N ASP A 114 -4.08 -21.40 -7.79
CA ASP A 114 -4.40 -22.23 -6.62
C ASP A 114 -5.05 -21.39 -5.53
N LEU A 115 -4.24 -20.60 -4.83
CA LEU A 115 -4.76 -19.75 -3.76
C LEU A 115 -4.73 -18.29 -4.19
N ILE A 116 -5.92 -17.71 -4.35
CA ILE A 116 -6.03 -16.31 -4.77
C ILE A 116 -6.35 -15.41 -3.57
N LEU A 117 -5.53 -14.38 -3.38
CA LEU A 117 -5.73 -13.46 -2.26
C LEU A 117 -6.21 -12.11 -2.77
N ILE A 118 -7.23 -11.57 -2.11
CA ILE A 118 -7.80 -10.27 -2.51
C ILE A 118 -7.70 -9.28 -1.35
N SER A 119 -7.35 -8.04 -1.68
CA SER A 119 -7.23 -6.99 -0.68
C SER A 119 -8.61 -6.38 -0.36
N ALA A 120 -8.66 -5.59 0.70
CA ALA A 120 -9.91 -4.95 1.10
C ALA A 120 -10.43 -4.05 -0.02
N THR A 121 -9.50 -3.38 -0.69
CA THR A 121 -9.87 -2.47 -1.79
C THR A 121 -8.88 -2.60 -2.94
N GLY A 122 -9.31 -2.19 -4.13
CA GLY A 122 -8.46 -2.26 -5.31
C GLY A 122 -8.90 -1.25 -6.36
N GLY A 123 -8.16 -1.19 -7.47
CA GLY A 123 -8.48 -0.26 -8.54
C GLY A 123 -9.85 -0.55 -9.13
N ASP A 124 -10.22 -1.83 -9.16
CA ASP A 124 -11.51 -2.25 -9.71
C ASP A 124 -12.28 -3.06 -8.68
N SER A 125 -13.61 -3.00 -8.78
CA SER A 125 -14.47 -3.74 -7.85
C SER A 125 -14.23 -5.24 -7.99
N ALA A 126 -14.23 -5.94 -6.86
CA ALA A 126 -14.03 -7.40 -6.87
C ALA A 126 -15.22 -8.12 -6.27
N LEU A 127 -16.30 -7.38 -6.05
CA LEU A 127 -17.51 -7.96 -5.48
C LEU A 127 -18.06 -9.04 -6.39
N ALA A 128 -17.99 -8.82 -7.70
CA ALA A 128 -18.48 -9.80 -8.66
C ALA A 128 -17.40 -10.86 -8.94
N LEU A 129 -16.16 -10.42 -8.97
CA LEU A 129 -15.06 -11.33 -9.21
C LEU A 129 -14.84 -12.25 -8.03
N TYR A 130 -15.06 -11.73 -6.84
CA TYR A 130 -14.87 -12.52 -5.62
C TYR A 130 -15.42 -13.93 -5.78
N ASP A 131 -16.73 -14.02 -5.98
CA ASP A 131 -17.37 -15.33 -6.13
C ASP A 131 -16.90 -16.03 -7.39
N GLN A 132 -16.80 -15.28 -8.49
CA GLN A 132 -16.37 -15.84 -9.75
C GLN A 132 -14.95 -16.39 -9.64
N LEU A 133 -14.15 -15.73 -8.81
CA LEU A 133 -12.78 -16.17 -8.58
C LEU A 133 -12.74 -17.43 -7.73
N SER A 134 -13.59 -17.46 -6.71
CA SER A 134 -13.62 -18.60 -5.80
C SER A 134 -13.91 -19.88 -6.58
N THR A 135 -14.93 -19.84 -7.42
CA THR A 135 -15.31 -21.00 -8.23
C THR A 135 -14.09 -21.50 -9.00
N ILE A 136 -13.32 -20.57 -9.56
CA ILE A 136 -12.12 -20.93 -10.30
C ILE A 136 -11.07 -21.56 -9.39
N ALA A 137 -10.90 -20.98 -8.21
CA ALA A 137 -9.92 -21.48 -7.26
C ALA A 137 -10.08 -20.79 -5.90
N PRO A 138 -9.63 -21.42 -4.84
CA PRO A 138 -9.72 -20.86 -3.48
C PRO A 138 -9.42 -19.36 -3.45
N THR A 139 -10.47 -18.57 -3.25
CA THR A 139 -10.30 -17.11 -3.20
C THR A 139 -10.52 -16.60 -1.78
N LEU A 140 -9.51 -15.96 -1.23
CA LEU A 140 -9.59 -15.42 0.14
C LEU A 140 -9.53 -13.91 0.11
N ILE A 141 -10.14 -13.28 1.12
CA ILE A 141 -10.15 -11.82 1.22
C ILE A 141 -9.69 -11.38 2.60
N ILE A 142 -8.76 -10.43 2.63
CA ILE A 142 -8.24 -9.92 3.90
C ILE A 142 -8.61 -8.45 4.07
N ASN A 143 -9.20 -8.13 5.23
CA ASN A 143 -9.60 -6.75 5.52
C ASN A 143 -8.59 -6.10 6.46
N TYR A 144 -7.75 -5.24 5.90
CA TYR A 144 -6.73 -4.55 6.70
C TYR A 144 -7.16 -3.13 7.02
N ASP A 145 -8.23 -2.68 6.36
CA ASP A 145 -8.72 -1.33 6.57
C ASP A 145 -9.24 -1.17 8.00
N ASP A 146 -9.81 -2.24 8.54
CA ASP A 146 -10.35 -2.22 9.90
C ASP A 146 -9.35 -2.79 10.88
N LYS A 147 -8.14 -3.06 10.41
CA LYS A 147 -7.10 -3.64 11.27
C LYS A 147 -5.76 -2.93 11.03
N SER A 148 -4.89 -2.98 12.04
CA SER A 148 -3.59 -2.33 11.95
C SER A 148 -2.66 -3.15 11.05
N TRP A 149 -1.55 -2.53 10.64
CA TRP A 149 -0.59 -3.20 9.77
C TRP A 149 -0.06 -4.46 10.45
N GLN A 150 0.36 -4.33 11.71
CA GLN A 150 0.91 -5.46 12.45
C GLN A 150 -0.09 -6.61 12.43
N SER A 151 -1.36 -6.29 12.60
CA SER A 151 -2.41 -7.31 12.57
C SER A 151 -2.47 -7.97 11.20
N LEU A 152 -2.33 -7.16 10.14
CA LEU A 152 -2.38 -7.69 8.79
C LEU A 152 -1.27 -8.70 8.57
N LEU A 153 -0.07 -8.37 9.04
CA LEU A 153 1.06 -9.27 8.89
C LEU A 153 0.79 -10.59 9.61
N THR A 154 0.24 -10.49 10.83
CA THR A 154 -0.06 -11.67 11.61
C THR A 154 -0.95 -12.61 10.80
N GLN A 155 -1.97 -12.05 10.15
CA GLN A 155 -2.88 -12.86 9.34
C GLN A 155 -2.12 -13.52 8.20
N LEU A 156 -1.22 -12.78 7.59
CA LEU A 156 -0.43 -13.33 6.49
C LEU A 156 0.41 -14.49 6.94
N GLY A 157 1.02 -14.36 8.10
CA GLY A 157 1.84 -15.42 8.64
C GLY A 157 1.00 -16.63 8.97
N GLU A 158 -0.18 -16.40 9.55
CA GLU A 158 -1.08 -17.49 9.92
C GLU A 158 -1.66 -18.15 8.67
N ILE A 159 -2.13 -17.33 7.74
CA ILE A 159 -2.72 -17.85 6.50
C ILE A 159 -1.67 -18.59 5.68
N THR A 160 -0.48 -18.01 5.57
CA THR A 160 0.59 -18.60 4.79
C THR A 160 1.48 -19.47 5.67
N GLY A 161 1.26 -19.39 6.98
CA GLY A 161 2.05 -20.18 7.91
C GLY A 161 3.50 -19.74 7.90
N HIS A 162 3.73 -18.47 7.55
CA HIS A 162 5.09 -17.93 7.49
C HIS A 162 5.38 -17.08 8.72
N GLU A 163 5.12 -17.63 9.89
CA GLU A 163 5.36 -16.91 11.14
C GLU A 163 6.85 -16.75 11.39
N LYS A 164 7.62 -17.79 11.08
CA LYS A 164 9.06 -17.76 11.28
C LYS A 164 9.68 -16.62 10.48
N GLN A 165 9.29 -16.52 9.22
CA GLN A 165 9.83 -15.47 8.35
C GLN A 165 9.49 -14.09 8.91
N ALA A 166 8.28 -13.96 9.45
CA ALA A 166 7.86 -12.69 10.04
C ALA A 166 8.75 -12.34 11.23
N ALA A 167 9.07 -13.33 12.04
CA ALA A 167 9.92 -13.11 13.20
C ALA A 167 11.31 -12.64 12.78
N GLU A 168 11.71 -13.05 11.58
CA GLU A 168 13.02 -12.64 11.06
C GLU A 168 13.00 -11.19 10.61
N ARG A 169 12.06 -10.85 9.74
CA ARG A 169 11.94 -9.49 9.24
C ARG A 169 11.57 -8.53 10.36
N ILE A 170 10.64 -8.97 11.21
CA ILE A 170 10.19 -8.14 12.32
C ILE A 170 11.34 -7.84 13.27
N ALA A 171 12.14 -8.87 13.57
CA ALA A 171 13.27 -8.69 14.48
C ALA A 171 14.28 -7.70 13.88
N GLN A 172 14.76 -8.03 12.69
CA GLN A 172 15.76 -7.18 12.02
C GLN A 172 15.20 -5.77 11.85
N PHE A 173 13.90 -5.68 11.61
CA PHE A 173 13.26 -4.38 11.43
C PHE A 173 12.97 -3.72 12.78
N ASP A 174 12.60 -4.53 13.76
CA ASP A 174 12.27 -4.02 15.09
C ASP A 174 13.43 -3.21 15.63
N LYS A 175 14.65 -3.70 15.43
CA LYS A 175 15.83 -2.99 15.91
C LYS A 175 15.96 -1.63 15.23
N GLN A 176 15.71 -1.59 13.92
CA GLN A 176 15.79 -0.36 13.17
C GLN A 176 14.73 0.63 13.64
N LEU A 177 13.54 0.10 13.95
CA LEU A 177 12.46 0.94 14.43
C LEU A 177 12.83 1.61 15.74
N ALA A 178 13.46 0.86 16.63
CA ALA A 178 13.86 1.42 17.92
C ALA A 178 14.86 2.55 17.73
N ALA A 179 15.93 2.28 16.98
CA ALA A 179 16.93 3.30 16.72
C ALA A 179 16.36 4.43 15.88
N ALA A 180 15.56 4.06 14.87
CA ALA A 180 14.95 5.06 14.00
C ALA A 180 13.99 5.94 14.78
N LYS A 181 13.24 5.32 15.69
CA LYS A 181 12.28 6.06 16.50
C LYS A 181 13.00 7.07 17.39
N GLU A 182 14.22 6.74 17.80
CA GLU A 182 14.99 7.63 18.66
C GLU A 182 15.92 8.50 17.81
N GLN A 183 16.23 8.04 16.60
CA GLN A 183 17.12 8.79 15.72
C GLN A 183 16.49 10.12 15.32
N ILE A 184 15.19 10.09 15.03
CA ILE A 184 14.47 11.29 14.63
C ILE A 184 14.19 12.17 15.84
N LYS A 185 14.40 13.47 15.68
CA LYS A 185 14.15 14.42 16.78
C LYS A 185 13.24 15.54 16.31
N LEU A 186 12.00 15.53 16.79
CA LEU A 186 11.05 16.54 16.40
C LEU A 186 9.72 16.36 17.17
N PRO A 187 9.25 17.38 17.84
CA PRO A 187 7.99 17.31 18.60
C PRO A 187 6.86 16.61 17.84
N PRO A 188 5.94 16.01 18.53
CA PRO A 188 4.79 15.31 17.90
C PRO A 188 3.82 16.27 17.20
N GLN A 189 3.31 15.83 16.05
CA GLN A 189 2.37 16.65 15.32
C GLN A 189 1.76 15.86 14.15
N PRO A 190 0.52 16.14 13.81
CA PRO A 190 -0.17 15.45 12.69
C PRO A 190 0.41 15.85 11.33
N VAL A 191 0.24 14.97 10.35
CA VAL A 191 0.74 15.25 9.00
C VAL A 191 -0.29 14.80 7.96
N THR A 192 -0.13 15.29 6.74
CA THR A 192 -1.03 14.94 5.65
C THR A 192 -0.26 14.81 4.32
N ALA A 193 -0.94 14.30 3.30
CA ALA A 193 -0.32 14.15 1.99
C ALA A 193 -1.36 14.33 0.89
N ILE A 194 -1.00 15.05 -0.16
CA ILE A 194 -1.91 15.28 -1.28
C ILE A 194 -1.20 15.07 -2.60
N VAL A 195 -1.93 14.57 -3.60
CA VAL A 195 -1.36 14.34 -4.92
C VAL A 195 -2.30 14.90 -6.00
N TYR A 196 -1.72 15.65 -6.93
CA TYR A 196 -2.50 16.21 -8.03
C TYR A 196 -1.63 16.43 -9.24
N THR A 197 -2.25 16.47 -10.43
CA THR A 197 -1.50 16.69 -11.67
C THR A 197 -2.04 17.91 -12.39
N ALA A 198 -1.15 18.87 -12.65
CA ALA A 198 -1.54 20.09 -13.34
C ALA A 198 -2.07 19.78 -14.73
N ALA A 199 -1.63 18.65 -15.29
CA ALA A 199 -2.08 18.25 -16.61
C ALA A 199 -3.51 17.72 -16.57
N ALA A 200 -3.76 16.80 -15.64
CA ALA A 200 -5.08 16.20 -15.50
C ALA A 200 -6.03 17.18 -14.82
N HIS A 201 -5.47 18.24 -14.25
CA HIS A 201 -6.28 19.24 -13.56
C HIS A 201 -7.25 18.57 -12.59
N SER A 202 -6.74 17.64 -11.80
CA SER A 202 -7.57 16.92 -10.83
C SER A 202 -6.89 16.90 -9.47
N ALA A 203 -7.71 16.98 -8.41
CA ALA A 203 -7.17 16.98 -7.05
C ALA A 203 -7.51 15.67 -6.35
N ASN A 204 -6.51 14.81 -6.20
CA ASN A 204 -6.71 13.52 -5.54
C ASN A 204 -5.90 13.45 -4.26
N LEU A 205 -6.54 13.07 -3.17
CA LEU A 205 -5.87 12.96 -1.88
C LEU A 205 -5.79 11.51 -1.44
N TRP A 206 -4.70 11.16 -0.75
CA TRP A 206 -4.52 9.80 -0.26
C TRP A 206 -4.90 9.73 1.22
N THR A 207 -5.76 8.77 1.55
CA THR A 207 -6.19 8.60 2.93
C THR A 207 -5.34 7.55 3.65
N PRO A 208 -5.25 7.65 4.96
CA PRO A 208 -4.49 6.69 5.79
C PRO A 208 -5.12 5.30 5.79
N GLU A 209 -6.39 5.24 5.42
CA GLU A 209 -7.11 3.97 5.40
C GLU A 209 -6.30 2.90 4.68
N SER A 210 -5.33 3.34 3.88
CA SER A 210 -4.48 2.42 3.14
C SER A 210 -3.45 1.78 4.08
N ALA A 211 -2.83 0.69 3.61
CA ALA A 211 -1.84 0.00 4.42
C ALA A 211 -0.69 0.94 4.77
N GLN A 212 -0.45 1.93 3.93
CA GLN A 212 0.62 2.89 4.17
C GLN A 212 0.34 3.69 5.44
N GLY A 213 -0.92 4.09 5.62
CA GLY A 213 -1.29 4.86 6.80
C GLY A 213 -0.99 4.09 8.08
N GLN A 214 -1.35 2.81 8.10
CA GLN A 214 -1.10 1.97 9.27
C GLN A 214 0.40 1.83 9.53
N MET A 215 1.16 1.69 8.45
CA MET A 215 2.60 1.54 8.57
C MET A 215 3.20 2.78 9.22
N LEU A 216 2.73 3.95 8.82
CA LEU A 216 3.23 5.20 9.40
C LEU A 216 2.91 5.26 10.89
N GLU A 217 1.68 4.96 11.23
CA GLU A 217 1.26 4.99 12.64
C GLU A 217 2.19 4.12 13.48
N GLN A 218 2.70 3.06 12.87
CA GLN A 218 3.62 2.17 13.56
C GLN A 218 4.97 2.84 13.79
N LEU A 219 5.22 3.91 13.03
CA LEU A 219 6.49 4.64 13.16
C LEU A 219 6.38 5.71 14.22
N GLY A 220 5.17 5.93 14.72
CA GLY A 220 4.95 6.95 15.75
C GLY A 220 4.39 8.24 15.14
N PHE A 221 4.16 8.22 13.84
CA PHE A 221 3.62 9.38 13.15
C PHE A 221 2.10 9.36 13.17
N THR A 222 1.49 10.53 13.10
CA THR A 222 0.03 10.64 13.12
C THR A 222 -0.48 11.22 11.79
N LEU A 223 -1.45 10.53 11.20
CA LEU A 223 -2.01 10.96 9.93
C LEU A 223 -3.23 11.84 10.15
N ALA A 224 -3.42 12.81 9.26
CA ALA A 224 -4.57 13.71 9.37
C ALA A 224 -5.85 12.97 9.04
N LYS A 225 -6.96 13.42 9.63
CA LYS A 225 -8.26 12.79 9.39
C LYS A 225 -9.31 13.84 9.08
N LEU A 226 -10.08 13.62 8.01
CA LEU A 226 -11.12 14.56 7.61
C LEU A 226 -12.50 13.93 7.78
N PRO A 227 -13.14 14.15 8.90
CA PRO A 227 -14.49 13.59 9.19
C PRO A 227 -15.49 13.99 8.11
N ALA A 228 -16.34 13.05 7.71
CA ALA A 228 -17.33 13.29 6.68
C ALA A 228 -16.65 13.66 5.36
N GLY A 229 -15.44 14.19 5.44
CA GLY A 229 -14.69 14.57 4.25
C GLY A 229 -14.22 13.36 3.48
N LEU A 230 -13.60 12.42 4.19
CA LEU A 230 -13.08 11.21 3.55
C LEU A 230 -14.20 10.50 2.80
N ASN A 231 -15.39 10.53 3.36
CA ASN A 231 -16.54 9.90 2.71
C ASN A 231 -16.89 10.61 1.40
N ALA A 232 -15.86 11.09 0.69
CA ALA A 232 -16.07 11.79 -0.57
C ALA A 232 -17.28 12.69 -0.50
N SER A 233 -17.07 13.92 -0.06
CA SER A 233 -18.17 14.89 0.06
C SER A 233 -18.46 15.52 -1.30
N GLN A 234 -17.55 15.33 -2.24
CA GLN A 234 -17.73 15.89 -3.59
C GLN A 234 -18.41 14.88 -4.50
N SER A 235 -18.04 13.61 -4.37
CA SER A 235 -18.62 12.56 -5.19
C SER A 235 -20.09 12.37 -4.84
N GLN A 236 -20.48 12.86 -3.67
CA GLN A 236 -21.86 12.74 -3.23
C GLN A 236 -22.28 11.27 -3.18
N GLY A 237 -21.39 10.42 -2.66
CA GLY A 237 -21.67 8.99 -2.58
C GLY A 237 -20.50 8.25 -1.96
N LYS A 238 -20.30 7.00 -2.38
CA LYS A 238 -19.20 6.19 -1.87
C LYS A 238 -18.26 5.79 -2.99
N ARG A 239 -16.97 5.76 -2.70
CA ARG A 239 -15.97 5.38 -3.70
C ARG A 239 -14.75 4.77 -3.03
N HIS A 240 -14.09 3.86 -3.74
CA HIS A 240 -12.89 3.20 -3.20
C HIS A 240 -11.63 3.81 -3.82
N ASP A 241 -10.59 3.00 -3.94
CA ASP A 241 -9.34 3.46 -4.51
C ASP A 241 -8.82 4.69 -3.77
N ILE A 242 -9.19 5.87 -4.25
CA ILE A 242 -8.75 7.12 -3.64
C ILE A 242 -9.95 8.01 -3.35
N ILE A 243 -9.69 9.13 -2.67
CA ILE A 243 -10.76 10.07 -2.31
C ILE A 243 -10.47 11.46 -2.90
N GLN A 244 -11.53 12.11 -3.37
CA GLN A 244 -11.40 13.45 -3.95
C GLN A 244 -11.78 14.50 -2.93
N LEU A 245 -11.51 15.77 -3.27
CA LEU A 245 -11.84 16.88 -2.38
C LEU A 245 -12.22 18.12 -3.18
N GLY A 246 -13.10 18.95 -2.61
CA GLY A 246 -13.53 20.17 -3.27
C GLY A 246 -12.36 21.11 -3.49
N GLY A 247 -11.48 21.20 -2.49
CA GLY A 247 -10.32 22.08 -2.57
C GLY A 247 -10.18 22.91 -1.31
N GLU A 248 -11.06 22.67 -0.34
CA GLU A 248 -11.01 23.40 0.92
C GLU A 248 -9.90 22.86 1.82
N ASN A 249 -9.98 21.56 2.13
CA ASN A 249 -9.00 20.93 2.99
C ASN A 249 -7.61 21.00 2.35
N LEU A 250 -7.58 20.87 1.03
CA LEU A 250 -6.30 20.94 0.33
C LEU A 250 -5.53 22.20 0.68
N ALA A 251 -6.06 23.34 0.27
CA ALA A 251 -5.41 24.62 0.54
C ALA A 251 -5.14 24.75 2.03
N ALA A 252 -6.11 24.37 2.85
CA ALA A 252 -5.96 24.45 4.30
C ALA A 252 -5.02 23.37 4.79
N GLY A 253 -4.23 22.79 3.89
CA GLY A 253 -3.29 21.74 4.25
C GLY A 253 -3.80 20.89 5.40
N LEU A 254 -5.06 20.46 5.29
CA LEU A 254 -5.69 19.67 6.34
C LEU A 254 -5.28 20.18 7.72
N ASN A 255 -4.48 19.40 8.43
CA ASN A 255 -4.04 19.78 9.76
C ASN A 255 -3.25 21.09 9.70
N GLY A 256 -2.34 21.19 8.73
CA GLY A 256 -1.55 22.39 8.58
C GLY A 256 -0.33 22.36 9.48
N GLU A 257 -0.10 21.22 10.12
CA GLU A 257 1.05 21.08 11.02
C GLU A 257 2.20 20.37 10.32
N SER A 258 1.92 19.77 9.17
CA SER A 258 2.94 19.08 8.41
C SER A 258 2.34 18.42 7.18
N LEU A 259 3.09 18.43 6.08
CA LEU A 259 2.63 17.83 4.85
C LEU A 259 3.78 17.26 4.04
N PHE A 260 3.69 15.98 3.69
CA PHE A 260 4.73 15.33 2.87
C PHE A 260 4.32 15.27 1.43
N LEU A 261 5.29 15.44 0.54
CA LEU A 261 5.01 15.43 -0.89
C LEU A 261 5.23 14.05 -1.47
N PHE A 262 4.14 13.37 -1.78
CA PHE A 262 4.22 12.02 -2.36
C PHE A 262 3.98 12.07 -3.85
N ALA A 263 3.50 13.22 -4.33
CA ALA A 263 3.23 13.39 -5.76
C ALA A 263 4.53 13.37 -6.57
N GLY A 264 5.56 14.01 -6.02
CA GLY A 264 6.85 14.07 -6.70
C GLY A 264 7.88 14.82 -5.86
N ASP A 265 9.12 14.80 -6.31
CA ASP A 265 10.20 15.47 -5.58
C ASP A 265 10.09 16.98 -5.74
N GLN A 266 11.06 17.57 -6.42
CA GLN A 266 11.08 19.02 -6.64
C GLN A 266 9.93 19.43 -7.55
N LYS A 267 9.52 18.53 -8.43
CA LYS A 267 8.46 18.83 -9.38
C LYS A 267 7.19 19.20 -8.63
N ASP A 268 6.88 18.43 -7.59
CA ASP A 268 5.68 18.71 -6.80
C ASP A 268 5.79 20.07 -6.12
N ALA A 269 6.97 20.35 -5.55
CA ALA A 269 7.20 21.62 -4.87
C ALA A 269 6.83 22.78 -5.79
N ASP A 270 7.50 22.86 -6.93
CA ASP A 270 7.24 23.94 -7.88
C ASP A 270 5.74 24.01 -8.18
N ALA A 271 5.13 22.86 -8.37
CA ALA A 271 3.69 22.81 -8.66
C ALA A 271 2.91 23.55 -7.58
N ILE A 272 3.29 23.33 -6.33
CA ILE A 272 2.61 23.98 -5.21
C ILE A 272 2.84 25.49 -5.26
N TYR A 273 4.08 25.89 -5.54
CA TYR A 273 4.42 27.31 -5.61
C TYR A 273 3.51 28.01 -6.62
N ALA A 274 3.22 27.32 -7.72
CA ALA A 274 2.37 27.89 -8.76
C ALA A 274 0.92 27.85 -8.34
N ASN A 275 0.68 27.34 -7.12
CA ASN A 275 -0.69 27.24 -6.60
C ASN A 275 -0.85 28.15 -5.37
N PRO A 276 -1.27 29.37 -5.57
CA PRO A 276 -1.48 30.35 -4.46
C PRO A 276 -2.36 29.77 -3.36
N LEU A 277 -3.22 28.84 -3.73
CA LEU A 277 -4.13 28.22 -2.76
C LEU A 277 -3.33 27.46 -1.72
N LEU A 278 -2.29 26.76 -2.16
CA LEU A 278 -1.47 25.97 -1.25
C LEU A 278 -0.24 26.76 -0.82
N ALA A 279 -0.19 28.02 -1.23
CA ALA A 279 0.93 28.88 -0.87
C ALA A 279 0.86 29.27 0.61
N HIS A 280 -0.36 29.43 1.11
CA HIS A 280 -0.55 29.82 2.50
C HIS A 280 -0.40 28.62 3.42
N LEU A 281 -0.04 27.48 2.83
CA LEU A 281 0.13 26.27 3.60
C LEU A 281 1.35 26.39 4.53
N PRO A 282 1.16 26.26 5.82
CA PRO A 282 2.28 26.36 6.80
C PRO A 282 3.49 25.53 6.40
N ALA A 283 3.26 24.37 5.82
CA ALA A 283 4.34 23.49 5.39
C ALA A 283 5.22 24.22 4.38
N VAL A 284 4.59 24.90 3.43
CA VAL A 284 5.33 25.64 2.42
C VAL A 284 6.10 26.79 3.07
N GLN A 285 5.44 27.51 3.97
CA GLN A 285 6.07 28.64 4.64
C GLN A 285 7.24 28.17 5.49
N ASN A 286 7.05 27.05 6.17
CA ASN A 286 8.10 26.50 7.03
C ASN A 286 8.99 25.55 6.24
N LYS A 287 8.55 25.18 5.04
CA LYS A 287 9.32 24.28 4.19
C LYS A 287 9.50 22.92 4.86
N GLN A 288 8.50 22.52 5.64
CA GLN A 288 8.56 21.22 6.33
C GLN A 288 7.96 20.13 5.45
N VAL A 289 8.32 20.15 4.17
CA VAL A 289 7.83 19.15 3.22
C VAL A 289 8.90 18.13 2.92
N TYR A 290 8.50 16.86 2.91
CA TYR A 290 9.44 15.77 2.60
C TYR A 290 9.02 15.05 1.34
N ALA A 291 9.99 14.83 0.45
CA ALA A 291 9.72 14.14 -0.82
C ALA A 291 9.78 12.62 -0.63
N LEU A 292 8.66 12.03 -0.26
CA LEU A 292 8.59 10.59 -0.06
C LEU A 292 8.84 9.86 -1.37
N GLY A 293 8.28 10.38 -2.45
CA GLY A 293 8.45 9.76 -3.77
C GLY A 293 7.51 8.57 -3.92
N THR A 294 7.39 8.07 -5.15
CA THR A 294 6.52 6.93 -5.41
C THR A 294 7.18 5.64 -4.94
N GLU A 295 8.50 5.64 -4.88
CA GLU A 295 9.24 4.46 -4.45
C GLU A 295 8.98 4.19 -2.97
N THR A 296 8.82 5.26 -2.19
CA THR A 296 8.59 5.12 -0.77
C THR A 296 7.17 4.62 -0.49
N PHE A 297 6.59 3.93 -1.47
CA PHE A 297 5.24 3.42 -1.32
C PHE A 297 5.16 2.51 -0.10
N ARG A 298 6.07 1.53 -0.03
CA ARG A 298 6.12 0.60 1.10
C ARG A 298 7.37 0.85 1.92
N LEU A 299 7.32 0.49 3.20
CA LEU A 299 8.46 0.66 4.08
C LEU A 299 8.99 -0.68 4.57
N ASP A 300 10.27 -0.92 4.35
CA ASP A 300 10.90 -2.17 4.77
C ASP A 300 12.36 -1.94 5.16
N TYR A 301 12.94 -2.92 5.84
CA TYR A 301 14.33 -2.80 6.27
C TYR A 301 15.22 -2.36 5.11
N TYR A 302 14.93 -2.87 3.92
CA TYR A 302 15.71 -2.53 2.74
C TYR A 302 15.44 -1.09 2.29
N SER A 303 14.21 -0.84 1.86
CA SER A 303 13.84 0.50 1.40
C SER A 303 14.01 1.54 2.51
N ALA A 304 13.78 1.11 3.74
CA ALA A 304 13.89 2.01 4.88
C ALA A 304 15.25 2.68 4.91
N MET A 305 16.24 2.04 4.31
CA MET A 305 17.59 2.59 4.28
C MET A 305 17.62 3.90 3.50
N GLN A 306 16.90 3.93 2.38
CA GLN A 306 16.84 5.14 1.55
C GLN A 306 15.88 6.17 2.15
N VAL A 307 14.73 5.69 2.58
CA VAL A 307 13.73 6.58 3.18
C VAL A 307 14.25 7.16 4.49
N LEU A 308 14.87 6.31 5.30
CA LEU A 308 15.37 6.75 6.59
C LEU A 308 16.41 7.84 6.41
N ASP A 309 17.35 7.63 5.50
CA ASP A 309 18.38 8.63 5.24
C ASP A 309 17.77 9.86 4.57
N ARG A 310 16.84 9.62 3.65
CA ARG A 310 16.21 10.71 2.91
C ARG A 310 15.46 11.61 3.87
N LEU A 311 14.82 11.01 4.88
CA LEU A 311 14.06 11.77 5.86
C LEU A 311 14.96 12.23 6.99
N LYS A 312 16.26 11.97 6.86
CA LYS A 312 17.23 12.36 7.89
C LYS A 312 18.17 13.43 7.34
N ALA A 313 18.12 13.64 6.03
CA ALA A 313 18.97 14.64 5.40
C ALA A 313 18.63 16.04 5.92
N LEU A 314 17.33 16.28 6.15
CA LEU A 314 16.91 17.58 6.63
C LEU A 314 17.55 17.88 7.97
N PHE A 315 17.47 16.91 8.89
CA PHE A 315 18.05 17.10 10.23
C PHE A 315 19.56 16.90 10.17
N ALA A 24 1.17 -24.84 7.53
CA ALA A 24 1.55 -26.09 8.25
C ALA A 24 2.23 -27.04 7.28
N ASP A 25 2.62 -28.21 7.78
CA ASP A 25 3.30 -29.21 6.94
C ASP A 25 2.27 -30.14 6.33
N TRP A 26 1.01 -29.95 6.68
CA TRP A 26 -0.05 -30.80 6.15
C TRP A 26 -1.32 -29.98 5.91
N PRO A 27 -2.35 -30.62 5.42
CA PRO A 27 -3.66 -29.95 5.15
C PRO A 27 -4.29 -29.36 6.41
N ARG A 28 -4.95 -28.23 6.26
CA ARG A 28 -5.60 -27.58 7.40
C ARG A 28 -6.74 -26.69 6.93
N GLN A 29 -7.40 -26.03 7.88
CA GLN A 29 -8.52 -25.14 7.56
C GLN A 29 -8.17 -23.71 7.93
N ILE A 30 -8.52 -22.77 7.05
CA ILE A 30 -8.25 -21.36 7.30
C ILE A 30 -9.53 -20.55 7.19
N THR A 31 -9.62 -19.49 8.00
CA THR A 31 -10.81 -18.63 8.01
C THR A 31 -10.44 -17.21 7.64
N ASP A 32 -11.25 -16.59 6.76
CA ASP A 32 -11.01 -15.22 6.32
C ASP A 32 -11.89 -14.25 7.11
N SER A 33 -12.35 -13.20 6.43
CA SER A 33 -13.21 -12.21 7.06
C SER A 33 -14.53 -12.86 7.50
N ARG A 34 -15.03 -13.79 6.69
CA ARG A 34 -16.28 -14.47 7.02
C ARG A 34 -16.27 -15.89 6.46
N GLY A 35 -16.28 -16.00 5.14
CA GLY A 35 -16.28 -17.31 4.49
C GLY A 35 -15.06 -18.11 4.91
N THR A 36 -15.25 -19.42 5.09
CA THR A 36 -14.16 -20.31 5.50
C THR A 36 -13.81 -21.26 4.37
N HIS A 37 -12.51 -21.36 4.07
CA HIS A 37 -12.02 -22.24 3.01
C HIS A 37 -11.09 -23.30 3.57
N THR A 38 -11.37 -24.55 3.25
CA THR A 38 -10.54 -25.66 3.72
C THR A 38 -9.34 -25.86 2.80
N LEU A 39 -8.15 -25.96 3.40
CA LEU A 39 -6.94 -26.16 2.61
C LEU A 39 -6.57 -27.64 2.58
N GLU A 40 -7.26 -28.39 1.74
CA GLU A 40 -7.00 -29.82 1.62
C GLU A 40 -5.60 -30.06 1.05
N SER A 41 -5.15 -29.16 0.20
CA SER A 41 -3.83 -29.29 -0.41
C SER A 41 -3.59 -28.16 -1.40
N GLN A 42 -2.72 -27.23 -1.04
CA GLN A 42 -2.41 -26.09 -1.90
C GLN A 42 -0.91 -26.06 -2.22
N PRO A 43 -0.51 -26.69 -3.30
CA PRO A 43 0.92 -26.71 -3.73
C PRO A 43 1.47 -25.31 -3.93
N GLN A 44 2.77 -25.15 -3.68
CA GLN A 44 3.42 -23.84 -3.82
C GLN A 44 2.91 -23.11 -5.05
N ARG A 45 1.77 -22.45 -4.91
CA ARG A 45 1.16 -21.71 -6.01
C ARG A 45 0.35 -20.54 -5.49
N ILE A 46 1.03 -19.57 -4.91
CA ILE A 46 0.34 -18.39 -4.36
C ILE A 46 -0.06 -17.45 -5.48
N VAL A 47 -1.33 -17.02 -5.46
CA VAL A 47 -1.85 -16.10 -6.47
C VAL A 47 -2.39 -14.84 -5.81
N SER A 48 -2.28 -13.72 -6.52
CA SER A 48 -2.77 -12.45 -5.98
C SER A 48 -3.52 -11.67 -7.06
N THR A 49 -4.58 -10.97 -6.65
CA THR A 49 -5.37 -10.18 -7.60
C THR A 49 -4.97 -8.71 -7.53
N SER A 50 -5.12 -8.11 -6.36
CA SER A 50 -4.76 -6.71 -6.18
C SER A 50 -3.25 -6.55 -6.01
N VAL A 51 -2.75 -5.36 -6.35
CA VAL A 51 -1.32 -5.09 -6.23
C VAL A 51 -0.94 -4.90 -4.76
N THR A 52 -1.93 -4.59 -3.93
CA THR A 52 -1.65 -4.36 -2.51
C THR A 52 -1.07 -5.62 -1.88
N LEU A 53 -1.75 -6.74 -2.07
CA LEU A 53 -1.27 -8.00 -1.54
C LEU A 53 0.02 -8.42 -2.23
N THR A 54 0.05 -8.24 -3.55
CA THR A 54 1.23 -8.63 -4.33
C THR A 54 2.50 -8.20 -3.62
N GLY A 55 2.59 -6.92 -3.29
CA GLY A 55 3.75 -6.40 -2.58
C GLY A 55 3.79 -6.92 -1.14
N SER A 56 2.61 -7.03 -0.53
CA SER A 56 2.53 -7.48 0.85
C SER A 56 3.05 -8.92 0.96
N LEU A 57 2.64 -9.78 0.02
CA LEU A 57 3.07 -11.16 0.01
C LEU A 57 4.56 -11.25 -0.24
N LEU A 58 5.04 -10.45 -1.18
CA LEU A 58 6.45 -10.46 -1.52
C LEU A 58 7.33 -10.05 -0.35
N ALA A 59 6.85 -9.06 0.39
CA ALA A 59 7.60 -8.55 1.53
C ALA A 59 7.82 -9.64 2.57
N ILE A 60 6.82 -10.51 2.73
CA ILE A 60 6.90 -11.59 3.71
C ILE A 60 7.49 -12.85 3.09
N ASP A 61 8.31 -12.67 2.07
CA ASP A 61 8.94 -13.81 1.41
C ASP A 61 7.89 -14.78 0.88
N ALA A 62 6.92 -14.26 0.14
CA ALA A 62 5.86 -15.10 -0.41
C ALA A 62 5.55 -14.67 -1.84
N PRO A 63 6.39 -15.02 -2.78
CA PRO A 63 6.20 -14.64 -4.21
C PRO A 63 4.95 -15.25 -4.81
N VAL A 64 4.35 -14.54 -5.77
CA VAL A 64 3.13 -15.01 -6.43
C VAL A 64 3.43 -15.34 -7.88
N ILE A 65 2.90 -16.48 -8.33
CA ILE A 65 3.08 -16.92 -9.71
C ILE A 65 2.33 -16.01 -10.68
N ALA A 66 1.10 -15.66 -10.34
CA ALA A 66 0.26 -14.81 -11.20
C ALA A 66 -0.24 -13.60 -10.42
N SER A 67 -0.07 -12.43 -11.02
CA SER A 67 -0.50 -11.19 -10.38
C SER A 67 -0.76 -10.12 -11.43
N GLY A 68 -1.38 -9.03 -11.01
CA GLY A 68 -1.69 -7.92 -11.92
C GLY A 68 -0.81 -6.72 -11.64
N ALA A 69 -1.04 -5.64 -12.38
CA ALA A 69 -0.25 -4.40 -12.19
C ALA A 69 -1.17 -3.19 -12.14
N THR A 70 -0.60 -2.04 -11.82
CA THR A 70 -1.38 -0.80 -11.73
C THR A 70 -0.67 0.32 -12.45
N THR A 71 -0.18 1.29 -11.69
CA THR A 71 0.51 2.44 -12.27
C THR A 71 2.01 2.29 -12.09
N PRO A 72 2.77 3.25 -12.56
CA PRO A 72 4.26 3.24 -12.44
C PRO A 72 4.73 3.24 -10.99
N ASN A 73 4.31 2.22 -10.25
CA ASN A 73 4.68 2.11 -8.85
C ASN A 73 6.16 1.93 -8.71
N ASN A 74 6.79 1.23 -9.67
CA ASN A 74 8.23 0.96 -9.65
C ASN A 74 8.51 -0.39 -9.00
N ARG A 75 7.72 -0.71 -7.98
CA ARG A 75 7.88 -1.99 -7.30
C ARG A 75 7.60 -3.14 -8.25
N VAL A 76 6.57 -2.98 -9.08
CA VAL A 76 6.22 -3.99 -10.06
C VAL A 76 7.22 -4.03 -11.21
N ALA A 77 7.86 -2.89 -11.46
CA ALA A 77 8.84 -2.79 -12.54
C ALA A 77 9.83 -3.93 -12.47
N ASP A 78 10.86 -3.87 -13.31
CA ASP A 78 11.87 -4.91 -13.34
C ASP A 78 12.78 -4.83 -12.11
N ASP A 79 14.02 -5.30 -12.26
CA ASP A 79 14.96 -5.28 -11.16
C ASP A 79 15.11 -3.87 -10.60
N GLN A 80 14.49 -2.91 -11.26
CA GLN A 80 14.55 -1.51 -10.81
C GLN A 80 13.45 -1.24 -9.80
N GLY A 81 13.84 -0.95 -8.56
CA GLY A 81 12.88 -0.65 -7.51
C GLY A 81 12.35 -1.93 -6.87
N PHE A 82 13.20 -2.59 -6.09
CA PHE A 82 12.80 -3.81 -5.40
C PHE A 82 13.44 -3.89 -4.02
N LEU A 83 12.73 -4.52 -3.09
CA LEU A 83 13.25 -4.68 -1.74
C LEU A 83 14.12 -5.94 -1.65
N ARG A 84 13.54 -7.02 -1.15
CA ARG A 84 14.27 -8.29 -1.03
C ARG A 84 14.65 -8.78 -2.39
N GLN A 85 13.71 -8.71 -3.35
CA GLN A 85 13.96 -9.15 -4.73
C GLN A 85 13.57 -10.61 -4.92
N TRP A 86 12.34 -10.95 -4.54
CA TRP A 86 11.84 -12.31 -4.68
C TRP A 86 10.89 -12.41 -5.88
N SER A 87 10.54 -11.26 -6.45
CA SER A 87 9.62 -11.21 -7.59
C SER A 87 10.25 -11.89 -8.80
N LYS A 88 11.57 -11.76 -8.92
CA LYS A 88 12.29 -12.36 -10.03
C LYS A 88 11.88 -13.82 -10.20
N VAL A 89 11.39 -14.42 -9.13
CA VAL A 89 10.96 -15.81 -9.17
C VAL A 89 9.69 -15.97 -10.00
N ALA A 90 8.72 -15.08 -9.76
CA ALA A 90 7.46 -15.12 -10.48
C ALA A 90 7.70 -14.93 -11.98
N LYS A 91 8.48 -13.91 -12.30
CA LYS A 91 8.79 -13.63 -13.71
C LYS A 91 9.54 -14.79 -14.34
N GLU A 92 10.44 -15.39 -13.55
CA GLU A 92 11.24 -16.51 -14.05
C GLU A 92 10.33 -17.59 -14.60
N ARG A 93 9.15 -17.74 -14.00
CA ARG A 93 8.19 -18.74 -14.44
C ARG A 93 7.30 -18.20 -15.51
N LYS A 94 7.53 -16.94 -15.90
CA LYS A 94 6.74 -16.28 -16.94
C LYS A 94 5.44 -15.74 -16.37
N LEU A 95 4.74 -16.57 -15.62
CA LEU A 95 3.46 -16.17 -15.00
C LEU A 95 3.65 -14.84 -14.36
N GLN A 96 2.54 -14.06 -14.23
CA GLN A 96 2.57 -12.71 -13.65
C GLN A 96 2.04 -11.67 -14.64
N ARG A 97 0.74 -11.41 -14.59
CA ARG A 97 0.13 -10.44 -15.49
C ARG A 97 0.49 -9.01 -15.06
N LEU A 98 0.70 -8.14 -16.02
CA LEU A 98 1.07 -6.75 -15.73
C LEU A 98 0.23 -5.80 -16.53
N TYR A 99 -0.98 -6.24 -16.90
CA TYR A 99 -1.88 -5.40 -17.68
C TYR A 99 -3.32 -5.56 -17.19
N ILE A 100 -4.03 -4.45 -17.09
CA ILE A 100 -5.42 -4.46 -16.64
C ILE A 100 -6.27 -3.54 -17.50
N GLY A 101 -7.59 -3.70 -17.41
CA GLY A 101 -8.51 -2.87 -18.19
C GLY A 101 -9.74 -3.69 -18.59
N GLU A 102 -9.56 -4.98 -18.75
CA GLU A 102 -10.68 -5.87 -19.13
C GLU A 102 -10.45 -7.28 -18.60
N PRO A 103 -10.56 -7.44 -17.31
CA PRO A 103 -10.35 -8.76 -16.64
C PRO A 103 -11.34 -9.81 -17.14
N SER A 104 -10.87 -11.06 -17.22
CA SER A 104 -11.72 -12.15 -17.69
C SER A 104 -11.57 -13.37 -16.78
N ALA A 105 -12.69 -14.00 -16.46
CA ALA A 105 -12.68 -15.18 -15.60
C ALA A 105 -12.01 -16.36 -16.31
N GLU A 106 -12.27 -16.46 -17.61
CA GLU A 106 -11.69 -17.55 -18.40
C GLU A 106 -10.17 -17.44 -18.45
N ALA A 107 -9.68 -16.22 -18.63
CA ALA A 107 -8.24 -15.99 -18.70
C ALA A 107 -7.58 -16.38 -17.39
N VAL A 108 -8.22 -16.04 -16.28
CA VAL A 108 -7.69 -16.37 -14.97
C VAL A 108 -7.63 -17.90 -14.80
N ALA A 109 -8.69 -18.56 -15.22
CA ALA A 109 -8.77 -20.02 -15.11
C ALA A 109 -7.66 -20.67 -15.93
N ALA A 110 -7.33 -20.06 -17.06
CA ALA A 110 -6.29 -20.57 -17.94
C ALA A 110 -4.95 -20.59 -17.21
N GLN A 111 -4.86 -19.81 -16.14
CA GLN A 111 -3.62 -19.74 -15.36
C GLN A 111 -3.59 -20.84 -14.31
N MET A 112 -4.69 -21.58 -14.19
CA MET A 112 -4.77 -22.66 -13.21
C MET A 112 -4.26 -22.20 -11.85
N PRO A 113 -4.84 -21.15 -11.32
CA PRO A 113 -4.44 -20.60 -9.99
C PRO A 113 -4.85 -21.52 -8.85
N ASP A 114 -4.08 -21.50 -7.77
CA ASP A 114 -4.39 -22.33 -6.61
C ASP A 114 -5.05 -21.50 -5.52
N LEU A 115 -4.25 -20.65 -4.86
CA LEU A 115 -4.78 -19.80 -3.79
C LEU A 115 -4.76 -18.35 -4.24
N ILE A 116 -5.95 -17.76 -4.38
CA ILE A 116 -6.06 -16.37 -4.81
C ILE A 116 -6.39 -15.48 -3.61
N LEU A 117 -5.58 -14.44 -3.42
CA LEU A 117 -5.78 -13.51 -2.30
C LEU A 117 -6.25 -12.16 -2.82
N ILE A 118 -7.28 -11.61 -2.18
CA ILE A 118 -7.86 -10.32 -2.57
C ILE A 118 -7.75 -9.32 -1.42
N SER A 119 -7.41 -8.08 -1.76
CA SER A 119 -7.30 -7.03 -0.74
C SER A 119 -8.67 -6.43 -0.43
N ALA A 120 -8.73 -5.64 0.63
CA ALA A 120 -9.99 -5.01 1.03
C ALA A 120 -10.49 -4.09 -0.09
N THR A 121 -9.57 -3.42 -0.76
CA THR A 121 -9.93 -2.50 -1.84
C THR A 121 -8.94 -2.64 -2.99
N GLY A 122 -9.37 -2.22 -4.18
CA GLY A 122 -8.51 -2.30 -5.36
C GLY A 122 -8.96 -1.28 -6.41
N GLY A 123 -8.21 -1.22 -7.52
CA GLY A 123 -8.53 -0.29 -8.59
C GLY A 123 -9.89 -0.59 -9.19
N ASP A 124 -10.25 -1.86 -9.23
CA ASP A 124 -11.55 -2.29 -9.77
C ASP A 124 -12.32 -3.11 -8.76
N SER A 125 -13.65 -3.07 -8.85
CA SER A 125 -14.50 -3.81 -7.93
C SER A 125 -14.26 -5.31 -8.09
N ALA A 126 -14.26 -6.02 -6.97
CA ALA A 126 -14.05 -7.47 -6.98
C ALA A 126 -15.25 -8.19 -6.38
N LEU A 127 -16.33 -7.46 -6.16
CA LEU A 127 -17.53 -8.04 -5.57
C LEU A 127 -18.07 -9.14 -6.48
N ALA A 128 -18.01 -8.91 -7.78
CA ALA A 128 -18.50 -9.90 -8.76
C ALA A 128 -17.42 -10.95 -9.03
N LEU A 129 -16.18 -10.52 -9.06
CA LEU A 129 -15.06 -11.41 -9.29
C LEU A 129 -14.84 -12.33 -8.11
N TYR A 130 -15.08 -11.80 -6.92
CA TYR A 130 -14.87 -12.59 -5.70
C TYR A 130 -15.42 -13.99 -5.86
N ASP A 131 -16.73 -14.10 -6.06
CA ASP A 131 -17.36 -15.40 -6.19
C ASP A 131 -16.89 -16.12 -7.46
N GLN A 132 -16.79 -15.36 -8.55
CA GLN A 132 -16.36 -15.94 -9.82
C GLN A 132 -14.94 -16.48 -9.70
N LEU A 133 -14.13 -15.81 -8.87
CA LEU A 133 -12.76 -16.24 -8.64
C LEU A 133 -12.71 -17.49 -7.78
N SER A 134 -13.58 -17.52 -6.75
CA SER A 134 -13.60 -18.66 -5.84
C SER A 134 -13.89 -19.94 -6.60
N THR A 135 -14.90 -19.92 -7.45
CA THR A 135 -15.27 -21.09 -8.23
C THR A 135 -14.05 -21.59 -9.00
N ILE A 136 -13.29 -20.67 -9.57
CA ILE A 136 -12.09 -21.03 -10.32
C ILE A 136 -11.03 -21.64 -9.39
N ALA A 137 -10.86 -21.03 -8.22
CA ALA A 137 -9.88 -21.51 -7.27
C ALA A 137 -10.05 -20.82 -5.92
N PRO A 138 -9.66 -21.46 -4.85
CA PRO A 138 -9.77 -20.90 -3.48
C PRO A 138 -9.44 -19.40 -3.45
N THR A 139 -10.48 -18.58 -3.28
CA THR A 139 -10.30 -17.14 -3.22
C THR A 139 -10.54 -16.63 -1.80
N LEU A 140 -9.52 -15.98 -1.24
CA LEU A 140 -9.62 -15.45 0.12
C LEU A 140 -9.57 -13.93 0.10
N ILE A 141 -10.18 -13.31 1.10
CA ILE A 141 -10.20 -11.85 1.20
C ILE A 141 -9.74 -11.40 2.57
N ILE A 142 -8.81 -10.46 2.60
CA ILE A 142 -8.28 -9.93 3.86
C ILE A 142 -8.64 -8.47 4.03
N ASN A 143 -9.23 -8.15 5.18
CA ASN A 143 -9.63 -6.78 5.47
C ASN A 143 -8.61 -6.11 6.39
N TYR A 144 -7.79 -5.22 5.82
CA TYR A 144 -6.77 -4.52 6.58
C TYR A 144 -7.21 -3.11 6.93
N ASP A 145 -8.30 -2.67 6.31
CA ASP A 145 -8.82 -1.34 6.55
C ASP A 145 -9.30 -1.20 7.99
N ASP A 146 -9.83 -2.28 8.54
CA ASP A 146 -10.34 -2.28 9.91
C ASP A 146 -9.33 -2.89 10.86
N LYS A 147 -8.13 -3.17 10.35
CA LYS A 147 -7.08 -3.76 11.17
C LYS A 147 -5.75 -3.06 10.93
N SER A 148 -4.89 -3.08 11.95
CA SER A 148 -3.59 -2.43 11.86
C SER A 148 -2.64 -3.27 11.01
N TRP A 149 -1.52 -2.67 10.61
CA TRP A 149 -0.54 -3.37 9.78
C TRP A 149 -0.04 -4.62 10.51
N GLN A 150 0.34 -4.45 11.77
CA GLN A 150 0.85 -5.57 12.55
C GLN A 150 -0.15 -6.72 12.52
N SER A 151 -1.42 -6.39 12.70
CA SER A 151 -2.48 -7.40 12.66
C SER A 151 -2.54 -8.06 11.27
N LEU A 152 -2.40 -7.23 10.24
CA LEU A 152 -2.45 -7.74 8.88
C LEU A 152 -1.33 -8.75 8.66
N LEU A 153 -0.15 -8.43 9.13
CA LEU A 153 0.98 -9.34 8.97
C LEU A 153 0.70 -10.67 9.67
N THR A 154 0.15 -10.57 10.88
CA THR A 154 -0.16 -11.77 11.65
C THR A 154 -1.05 -12.69 10.81
N GLN A 155 -2.07 -12.13 10.18
CA GLN A 155 -2.97 -12.92 9.35
C GLN A 155 -2.21 -13.56 8.20
N LEU A 156 -1.30 -12.81 7.60
CA LEU A 156 -0.50 -13.33 6.50
C LEU A 156 0.34 -14.50 6.93
N GLY A 157 0.95 -14.37 8.10
CA GLY A 157 1.78 -15.43 8.62
C GLY A 157 0.94 -16.66 8.94
N GLU A 158 -0.25 -16.43 9.51
CA GLU A 158 -1.13 -17.54 9.86
C GLU A 158 -1.72 -18.19 8.62
N ILE A 159 -2.19 -17.36 7.70
CA ILE A 159 -2.76 -17.87 6.46
C ILE A 159 -1.72 -18.61 5.62
N THR A 160 -0.53 -18.01 5.52
CA THR A 160 0.55 -18.60 4.73
C THR A 160 1.44 -19.47 5.61
N GLY A 161 1.22 -19.40 6.92
CA GLY A 161 2.02 -20.19 7.85
C GLY A 161 3.47 -19.74 7.85
N HIS A 162 3.69 -18.47 7.49
CA HIS A 162 5.05 -17.92 7.44
C HIS A 162 5.34 -17.06 8.66
N GLU A 163 5.07 -17.62 9.84
CA GLU A 163 5.31 -16.90 11.09
C GLU A 163 6.81 -16.74 11.33
N LYS A 164 7.57 -17.77 11.01
CA LYS A 164 9.01 -17.73 11.21
C LYS A 164 9.63 -16.58 10.42
N GLN A 165 9.24 -16.47 9.16
CA GLN A 165 9.77 -15.43 8.30
C GLN A 165 9.43 -14.05 8.88
N ALA A 166 8.22 -13.93 9.42
CA ALA A 166 7.79 -12.66 10.02
C ALA A 166 8.68 -12.31 11.21
N ALA A 167 9.02 -13.32 12.01
CA ALA A 167 9.87 -13.10 13.17
C ALA A 167 11.26 -12.61 12.74
N GLU A 168 11.67 -13.02 11.54
CA GLU A 168 12.97 -12.60 11.02
C GLU A 168 12.94 -11.14 10.58
N ARG A 169 12.00 -10.81 9.71
CA ARG A 169 11.87 -9.44 9.23
C ARG A 169 11.51 -8.49 10.36
N ILE A 170 10.59 -8.93 11.22
CA ILE A 170 10.16 -8.11 12.34
C ILE A 170 11.33 -7.82 13.28
N ALA A 171 12.12 -8.85 13.57
CA ALA A 171 13.27 -8.67 14.45
C ALA A 171 14.26 -7.68 13.85
N GLN A 172 14.75 -7.99 12.66
CA GLN A 172 15.72 -7.14 12.00
C GLN A 172 15.16 -5.74 11.83
N PHE A 173 13.86 -5.64 11.62
CA PHE A 173 13.21 -4.35 11.48
C PHE A 173 12.95 -3.71 12.83
N ASP A 174 12.62 -4.53 13.81
CA ASP A 174 12.32 -4.03 15.15
C ASP A 174 13.48 -3.19 15.67
N LYS A 175 14.69 -3.67 15.44
CA LYS A 175 15.87 -2.94 15.89
C LYS A 175 15.95 -1.57 15.21
N GLN A 176 15.65 -1.54 13.92
CA GLN A 176 15.69 -0.28 13.16
C GLN A 176 14.63 0.67 13.68
N LEU A 177 13.47 0.13 14.03
CA LEU A 177 12.39 0.95 14.55
C LEU A 177 12.79 1.62 15.85
N ALA A 178 13.47 0.87 16.71
CA ALA A 178 13.90 1.42 17.99
C ALA A 178 14.88 2.58 17.77
N ALA A 179 15.92 2.33 17.00
CA ALA A 179 16.92 3.36 16.71
C ALA A 179 16.30 4.47 15.89
N ALA A 180 15.49 4.11 14.90
CA ALA A 180 14.84 5.08 14.04
C ALA A 180 13.89 5.96 14.85
N LYS A 181 13.17 5.35 15.77
CA LYS A 181 12.23 6.07 16.62
C LYS A 181 12.96 7.08 17.47
N GLU A 182 14.18 6.75 17.87
CA GLU A 182 14.98 7.66 18.70
C GLU A 182 15.90 8.53 17.83
N GLN A 183 16.17 8.07 16.61
CA GLN A 183 17.04 8.82 15.71
C GLN A 183 16.40 10.15 15.33
N ILE A 184 15.10 10.13 15.07
CA ILE A 184 14.38 11.34 14.70
C ILE A 184 14.14 12.22 15.91
N LYS A 185 14.38 13.52 15.78
CA LYS A 185 14.18 14.45 16.88
C LYS A 185 13.30 15.61 16.43
N LEU A 186 12.06 15.61 16.90
CA LEU A 186 11.14 16.67 16.54
C LEU A 186 9.79 16.49 17.29
N PRO A 187 9.33 17.51 17.96
CA PRO A 187 8.05 17.44 18.71
C PRO A 187 6.93 16.74 17.93
N PRO A 188 6.00 16.13 18.61
CA PRO A 188 4.86 15.42 17.97
C PRO A 188 3.90 16.38 17.27
N GLN A 189 3.38 15.96 16.13
CA GLN A 189 2.44 16.78 15.40
C GLN A 189 1.82 15.99 14.23
N PRO A 190 0.58 16.26 13.91
CA PRO A 190 -0.11 15.58 12.77
C PRO A 190 0.47 15.98 11.42
N VAL A 191 0.31 15.10 10.43
CA VAL A 191 0.81 15.37 9.09
C VAL A 191 -0.21 14.92 8.05
N THR A 192 -0.05 15.41 6.82
CA THR A 192 -0.95 15.05 5.73
C THR A 192 -0.17 14.93 4.41
N ALA A 193 -0.84 14.41 3.38
CA ALA A 193 -0.22 14.26 2.08
C ALA A 193 -1.25 14.41 0.98
N ILE A 194 -0.90 15.13 -0.08
CA ILE A 194 -1.81 15.35 -1.20
C ILE A 194 -1.09 15.14 -2.52
N VAL A 195 -1.81 14.63 -3.51
CA VAL A 195 -1.25 14.40 -4.83
C VAL A 195 -2.17 14.92 -5.92
N TYR A 196 -1.61 15.68 -6.85
CA TYR A 196 -2.40 16.23 -7.95
C TYR A 196 -1.53 16.43 -9.18
N THR A 197 -2.16 16.41 -10.36
CA THR A 197 -1.42 16.60 -11.61
C THR A 197 -1.99 17.81 -12.36
N ALA A 198 -1.12 18.77 -12.66
CA ALA A 198 -1.54 19.97 -13.37
C ALA A 198 -2.08 19.60 -14.75
N ALA A 199 -1.62 18.47 -15.28
CA ALA A 199 -2.07 18.01 -16.59
C ALA A 199 -3.49 17.44 -16.51
N ALA A 200 -3.72 16.56 -15.55
CA ALA A 200 -5.02 15.94 -15.38
C ALA A 200 -6.01 16.94 -14.78
N HIS A 201 -5.49 18.09 -14.36
CA HIS A 201 -6.34 19.11 -13.77
C HIS A 201 -7.29 18.51 -12.75
N SER A 202 -6.76 17.61 -11.92
CA SER A 202 -7.58 16.96 -10.88
C SER A 202 -6.82 16.90 -9.57
N ALA A 203 -7.55 17.03 -8.46
CA ALA A 203 -6.93 17.00 -7.13
C ALA A 203 -7.34 15.74 -6.40
N ASN A 204 -6.38 14.85 -6.15
CA ASN A 204 -6.65 13.60 -5.44
C ASN A 204 -5.82 13.53 -4.17
N LEU A 205 -6.48 13.15 -3.07
CA LEU A 205 -5.80 13.04 -1.79
C LEU A 205 -5.71 11.60 -1.33
N TRP A 206 -4.62 11.26 -0.65
CA TRP A 206 -4.43 9.90 -0.15
C TRP A 206 -4.82 9.83 1.32
N THR A 207 -5.67 8.88 1.65
CA THR A 207 -6.12 8.71 3.04
C THR A 207 -5.26 7.67 3.76
N PRO A 208 -5.16 7.78 5.07
CA PRO A 208 -4.39 6.82 5.91
C PRO A 208 -5.03 5.44 5.93
N GLU A 209 -6.31 5.37 5.56
CA GLU A 209 -7.03 4.11 5.56
C GLU A 209 -6.23 3.04 4.83
N SER A 210 -5.28 3.48 4.01
CA SER A 210 -4.44 2.55 3.26
C SER A 210 -3.40 1.91 4.17
N ALA A 211 -2.73 0.88 3.68
CA ALA A 211 -1.72 0.18 4.46
C ALA A 211 -0.59 1.13 4.85
N GLN A 212 -0.27 2.05 3.95
CA GLN A 212 0.79 3.03 4.21
C GLN A 212 0.51 3.80 5.49
N GLY A 213 -0.75 4.17 5.69
CA GLY A 213 -1.14 4.92 6.88
C GLY A 213 -0.82 4.14 8.15
N GLN A 214 -1.13 2.85 8.15
CA GLN A 214 -0.87 2.01 9.31
C GLN A 214 0.63 1.92 9.59
N MET A 215 1.41 1.80 8.51
CA MET A 215 2.86 1.70 8.66
C MET A 215 3.41 2.97 9.31
N LEU A 216 2.90 4.12 8.89
CA LEU A 216 3.35 5.38 9.47
C LEU A 216 3.02 5.45 10.95
N GLU A 217 1.79 5.13 11.30
CA GLU A 217 1.37 5.16 12.70
C GLU A 217 2.29 4.30 13.55
N GLN A 218 2.82 3.25 12.93
CA GLN A 218 3.73 2.35 13.64
C GLN A 218 5.07 3.03 13.89
N LEU A 219 5.34 4.09 13.12
CA LEU A 219 6.59 4.83 13.25
C LEU A 219 6.48 5.91 14.31
N GLY A 220 5.26 6.13 14.81
CA GLY A 220 5.03 7.14 15.83
C GLY A 220 4.47 8.41 15.21
N PHE A 221 4.22 8.39 13.91
CA PHE A 221 3.68 9.54 13.22
C PHE A 221 2.16 9.52 13.25
N THR A 222 1.54 10.70 13.20
CA THR A 222 0.08 10.81 13.22
C THR A 222 -0.42 11.37 11.90
N LEU A 223 -1.38 10.66 11.31
CA LEU A 223 -1.96 11.08 10.03
C LEU A 223 -3.19 11.94 10.24
N ALA A 224 -3.39 12.90 9.36
CA ALA A 224 -4.54 13.79 9.45
C ALA A 224 -5.81 13.03 9.14
N LYS A 225 -6.92 13.47 9.73
CA LYS A 225 -8.22 12.83 9.50
C LYS A 225 -9.28 13.87 9.18
N LEU A 226 -10.03 13.62 8.11
CA LEU A 226 -11.09 14.55 7.68
C LEU A 226 -12.47 13.91 7.86
N PRO A 227 -13.10 14.11 8.98
CA PRO A 227 -14.45 13.54 9.26
C PRO A 227 -15.45 13.93 8.17
N ALA A 228 -16.29 12.99 7.78
CA ALA A 228 -17.30 13.24 6.74
C ALA A 228 -16.62 13.60 5.42
N GLY A 229 -15.40 14.12 5.51
CA GLY A 229 -14.65 14.50 4.31
C GLY A 229 -14.18 13.26 3.55
N LEU A 230 -13.58 12.32 4.26
CA LEU A 230 -13.06 11.11 3.63
C LEU A 230 -14.17 10.42 2.87
N ASN A 231 -15.38 10.47 3.41
CA ASN A 231 -16.52 9.84 2.74
C ASN A 231 -16.85 10.57 1.44
N ALA A 232 -15.82 11.04 0.74
CA ALA A 232 -16.00 11.75 -0.51
C ALA A 232 -17.22 12.67 -0.44
N SER A 233 -16.99 13.89 0.02
CA SER A 233 -18.08 14.87 0.15
C SER A 233 -18.35 15.52 -1.20
N GLN A 234 -17.41 15.37 -2.12
CA GLN A 234 -17.56 15.97 -3.46
C GLN A 234 -18.24 14.98 -4.41
N SER A 235 -17.85 13.72 -4.32
CA SER A 235 -18.44 12.69 -5.17
C SER A 235 -19.90 12.47 -4.84
N GLN A 236 -20.31 12.94 -3.66
CA GLN A 236 -21.70 12.79 -3.22
C GLN A 236 -22.09 11.31 -3.23
N GLY A 237 -21.21 10.46 -2.74
CA GLY A 237 -21.47 9.04 -2.70
C GLY A 237 -20.31 8.28 -2.06
N LYS A 238 -20.08 7.06 -2.53
CA LYS A 238 -18.98 6.23 -2.01
C LYS A 238 -18.06 5.81 -3.13
N ARG A 239 -16.76 5.78 -2.83
CA ARG A 239 -15.77 5.39 -3.84
C ARG A 239 -14.55 4.77 -3.16
N HIS A 240 -13.89 3.84 -3.87
CA HIS A 240 -12.71 3.19 -3.33
C HIS A 240 -11.44 3.81 -3.91
N ASP A 241 -10.38 3.02 -3.99
CA ASP A 241 -9.12 3.50 -4.54
C ASP A 241 -8.64 4.71 -3.76
N ILE A 242 -9.01 5.89 -4.24
CA ILE A 242 -8.62 7.14 -3.61
C ILE A 242 -9.83 8.01 -3.31
N ILE A 243 -9.60 9.13 -2.64
CA ILE A 243 -10.68 10.05 -2.27
C ILE A 243 -10.44 11.43 -2.86
N GLN A 244 -11.51 12.07 -3.32
CA GLN A 244 -11.41 13.41 -3.91
C GLN A 244 -11.81 14.46 -2.88
N LEU A 245 -11.54 15.72 -3.21
CA LEU A 245 -11.89 16.84 -2.33
C LEU A 245 -12.25 18.08 -3.12
N GLY A 246 -13.11 18.92 -2.53
CA GLY A 246 -13.53 20.14 -3.20
C GLY A 246 -12.35 21.08 -3.41
N GLY A 247 -11.46 21.15 -2.41
CA GLY A 247 -10.30 22.01 -2.48
C GLY A 247 -10.17 22.86 -1.23
N GLU A 248 -11.06 22.63 -0.27
CA GLU A 248 -11.03 23.38 0.98
C GLU A 248 -9.91 22.88 1.89
N ASN A 249 -9.96 21.59 2.23
CA ASN A 249 -8.97 20.99 3.10
C ASN A 249 -7.59 21.07 2.46
N LEU A 250 -7.55 20.90 1.13
CA LEU A 250 -6.27 20.96 0.41
C LEU A 250 -5.52 22.23 0.76
N ALA A 251 -6.05 23.37 0.33
CA ALA A 251 -5.40 24.65 0.59
C ALA A 251 -5.12 24.80 2.08
N ALA A 252 -6.09 24.41 2.90
CA ALA A 252 -5.93 24.51 4.34
C ALA A 252 -4.99 23.44 4.86
N GLY A 253 -4.19 22.87 3.95
CA GLY A 253 -3.24 21.82 4.32
C GLY A 253 -3.75 20.98 5.48
N LEU A 254 -5.00 20.54 5.37
CA LEU A 254 -5.63 19.74 6.42
C LEU A 254 -5.22 20.26 7.80
N ASN A 255 -4.41 19.49 8.50
CA ASN A 255 -3.97 19.87 9.84
C ASN A 255 -3.19 21.17 9.77
N GLY A 256 -2.29 21.29 8.80
CA GLY A 256 -1.49 22.50 8.65
C GLY A 256 -0.27 22.48 9.55
N GLU A 257 -0.04 21.33 10.20
CA GLU A 257 1.11 21.20 11.10
C GLU A 257 2.27 20.49 10.40
N SER A 258 1.98 19.90 9.24
CA SER A 258 3.01 19.20 8.49
C SER A 258 2.41 18.54 7.26
N LEU A 259 3.16 18.57 6.16
CA LEU A 259 2.70 17.96 4.92
C LEU A 259 3.86 17.39 4.12
N PHE A 260 3.76 16.11 3.75
CA PHE A 260 4.80 15.46 2.94
C PHE A 260 4.38 15.42 1.49
N LEU A 261 5.36 15.61 0.61
CA LEU A 261 5.10 15.60 -0.82
C LEU A 261 5.32 14.23 -1.41
N PHE A 262 4.23 13.54 -1.73
CA PHE A 262 4.33 12.20 -2.31
C PHE A 262 4.08 12.26 -3.82
N ALA A 263 3.59 13.40 -4.28
CA ALA A 263 3.31 13.58 -5.71
C ALA A 263 4.62 13.56 -6.52
N GLY A 264 5.64 14.20 -5.96
CA GLY A 264 6.94 14.26 -6.64
C GLY A 264 7.96 15.01 -5.80
N ASP A 265 9.21 15.02 -6.25
CA ASP A 265 10.27 15.69 -5.53
C ASP A 265 10.15 17.21 -5.70
N GLN A 266 11.12 17.81 -6.39
CA GLN A 266 11.12 19.24 -6.61
C GLN A 266 9.96 19.65 -7.52
N LYS A 267 9.55 18.73 -8.39
CA LYS A 267 8.48 19.02 -9.33
C LYS A 267 7.21 19.38 -8.57
N ASP A 268 6.91 18.63 -7.53
CA ASP A 268 5.72 18.89 -6.73
C ASP A 268 5.85 20.26 -6.05
N ALA A 269 7.02 20.54 -5.49
CA ALA A 269 7.25 21.81 -4.82
C ALA A 269 6.86 22.97 -5.72
N ASP A 270 7.52 23.05 -6.88
CA ASP A 270 7.25 24.12 -7.84
C ASP A 270 5.75 24.20 -8.12
N ALA A 271 5.13 23.03 -8.29
CA ALA A 271 3.70 22.98 -8.58
C ALA A 271 2.94 23.72 -7.48
N ILE A 272 3.32 23.48 -6.23
CA ILE A 272 2.65 24.14 -5.10
C ILE A 272 2.87 25.65 -5.16
N TYR A 273 4.10 26.05 -5.45
CA TYR A 273 4.43 27.47 -5.51
C TYR A 273 3.54 28.16 -6.53
N ALA A 274 3.25 27.48 -7.62
CA ALA A 274 2.40 28.04 -8.66
C ALA A 274 0.94 27.99 -8.24
N ASN A 275 0.69 27.47 -7.02
CA ASN A 275 -0.67 27.35 -6.51
C ASN A 275 -0.84 28.25 -5.28
N PRO A 276 -1.27 29.48 -5.48
CA PRO A 276 -1.49 30.45 -4.37
C PRO A 276 -2.37 29.85 -3.26
N LEU A 277 -3.22 28.91 -3.64
CA LEU A 277 -4.10 28.29 -2.68
C LEU A 277 -3.31 27.53 -1.63
N LEU A 278 -2.27 26.84 -2.07
CA LEU A 278 -1.43 26.05 -1.16
C LEU A 278 -0.22 26.88 -0.73
N ALA A 279 -0.17 28.12 -1.15
CA ALA A 279 0.93 29.01 -0.79
C ALA A 279 0.86 29.38 0.70
N HIS A 280 -0.36 29.55 1.20
CA HIS A 280 -0.57 29.93 2.59
C HIS A 280 -0.41 28.73 3.50
N LEU A 281 -0.03 27.60 2.91
CA LEU A 281 0.14 26.39 3.68
C LEU A 281 1.35 26.52 4.61
N PRO A 282 1.16 26.38 5.91
CA PRO A 282 2.27 26.49 6.89
C PRO A 282 3.50 25.68 6.48
N ALA A 283 3.27 24.51 5.92
CA ALA A 283 4.37 23.65 5.49
C ALA A 283 5.25 24.37 4.48
N VAL A 284 4.61 25.06 3.54
CA VAL A 284 5.35 25.80 2.53
C VAL A 284 6.11 26.96 3.17
N GLN A 285 5.45 27.66 4.08
CA GLN A 285 6.07 28.80 4.76
C GLN A 285 7.23 28.33 5.61
N ASN A 286 7.06 27.20 6.29
CA ASN A 286 8.11 26.65 7.15
C ASN A 286 9.01 25.72 6.35
N LYS A 287 8.57 25.36 5.15
CA LYS A 287 9.35 24.47 4.30
C LYS A 287 9.53 23.09 4.95
N GLN A 288 8.54 22.69 5.75
CA GLN A 288 8.59 21.40 6.42
C GLN A 288 8.00 20.31 5.53
N VAL A 289 8.37 20.33 4.27
CA VAL A 289 7.88 19.34 3.30
C VAL A 289 8.96 18.33 2.97
N TYR A 290 8.59 17.05 2.95
CA TYR A 290 9.53 15.98 2.63
C TYR A 290 9.12 15.28 1.35
N ALA A 291 10.09 15.07 0.46
CA ALA A 291 9.82 14.41 -0.81
C ALA A 291 9.85 12.89 -0.64
N LEU A 292 8.71 12.32 -0.29
CA LEU A 292 8.61 10.88 -0.12
C LEU A 292 8.88 10.15 -1.43
N GLY A 293 8.33 10.68 -2.51
CA GLY A 293 8.52 10.06 -3.83
C GLY A 293 7.57 8.90 -4.02
N THR A 294 7.44 8.44 -5.25
CA THR A 294 6.56 7.31 -5.56
C THR A 294 7.18 5.99 -5.11
N GLU A 295 8.52 5.97 -5.04
CA GLU A 295 9.23 4.77 -4.62
C GLU A 295 8.97 4.48 -3.15
N THR A 296 8.83 5.53 -2.37
CA THR A 296 8.60 5.38 -0.93
C THR A 296 7.17 4.87 -0.68
N PHE A 297 6.57 4.27 -1.69
CA PHE A 297 5.22 3.77 -1.53
C PHE A 297 5.15 2.78 -0.38
N ARG A 298 6.04 1.80 -0.40
CA ARG A 298 6.11 0.79 0.66
C ARG A 298 7.33 1.02 1.51
N LEU A 299 7.21 0.66 2.80
CA LEU A 299 8.32 0.83 3.73
C LEU A 299 8.80 -0.51 4.24
N ASP A 300 10.11 -0.75 4.11
CA ASP A 300 10.70 -2.01 4.57
C ASP A 300 12.15 -1.80 4.99
N TYR A 301 12.71 -2.78 5.67
CA TYR A 301 14.09 -2.68 6.15
C TYR A 301 15.01 -2.25 5.01
N TYR A 302 14.75 -2.75 3.81
CA TYR A 302 15.56 -2.40 2.65
C TYR A 302 15.32 -0.96 2.21
N SER A 303 14.10 -0.69 1.75
CA SER A 303 13.76 0.65 1.29
C SER A 303 13.91 1.69 2.41
N ALA A 304 13.65 1.25 3.63
CA ALA A 304 13.74 2.14 4.78
C ALA A 304 15.11 2.80 4.84
N MET A 305 16.11 2.13 4.26
CA MET A 305 17.46 2.68 4.27
C MET A 305 17.52 4.00 3.49
N GLN A 306 16.84 4.03 2.35
CA GLN A 306 16.82 5.24 1.53
C GLN A 306 15.87 6.29 2.11
N VAL A 307 14.70 5.84 2.52
CA VAL A 307 13.71 6.74 3.10
C VAL A 307 14.22 7.30 4.43
N LEU A 308 14.81 6.43 5.24
CA LEU A 308 15.29 6.84 6.54
C LEU A 308 16.35 7.93 6.39
N ASP A 309 17.30 7.72 5.49
CA ASP A 309 18.34 8.72 5.26
C ASP A 309 17.76 9.96 4.58
N ARG A 310 16.86 9.73 3.64
CA ARG A 310 16.24 10.82 2.90
C ARG A 310 15.49 11.75 3.84
N LEU A 311 14.83 11.15 4.83
CA LEU A 311 14.08 11.93 5.81
C LEU A 311 14.97 12.38 6.95
N LYS A 312 16.25 12.08 6.85
CA LYS A 312 17.21 12.46 7.89
C LYS A 312 18.17 13.53 7.37
N ALA A 313 18.14 13.75 6.06
CA ALA A 313 19.00 14.76 5.45
C ALA A 313 18.67 16.15 5.99
N LEU A 314 17.38 16.41 6.22
CA LEU A 314 16.97 17.69 6.73
C LEU A 314 17.59 17.96 8.09
N PHE A 315 17.50 16.98 8.98
CA PHE A 315 18.07 17.12 10.32
C PHE A 315 19.57 16.88 10.28
N ALA A 24 1.20 -24.42 7.48
CA ALA A 24 1.58 -25.67 8.21
C ALA A 24 2.26 -26.63 7.24
N ASP A 25 2.66 -27.79 7.76
CA ASP A 25 3.33 -28.79 6.92
C ASP A 25 2.31 -29.73 6.31
N TRP A 26 1.04 -29.53 6.65
CA TRP A 26 -0.02 -30.39 6.14
C TRP A 26 -1.29 -29.58 5.91
N PRO A 27 -2.33 -30.20 5.42
CA PRO A 27 -3.64 -29.54 5.16
C PRO A 27 -4.26 -28.96 6.42
N ARG A 28 -4.92 -27.83 6.28
CA ARG A 28 -5.56 -27.18 7.42
C ARG A 28 -6.71 -26.29 6.96
N GLN A 29 -7.36 -25.63 7.91
CA GLN A 29 -8.48 -24.75 7.60
C GLN A 29 -8.14 -23.31 7.96
N ILE A 30 -8.48 -22.38 7.07
CA ILE A 30 -8.21 -20.96 7.29
C ILE A 30 -9.49 -20.15 7.20
N THR A 31 -9.57 -19.08 7.99
CA THR A 31 -10.75 -18.22 7.97
C THR A 31 -10.38 -16.79 7.59
N ASP A 32 -11.19 -16.19 6.72
CA ASP A 32 -10.93 -14.82 6.28
C ASP A 32 -11.81 -13.84 7.05
N SER A 33 -12.27 -12.80 6.37
CA SER A 33 -13.12 -11.80 7.00
C SER A 33 -14.43 -12.42 7.46
N ARG A 34 -14.95 -13.35 6.65
CA ARG A 34 -16.21 -14.02 6.97
C ARG A 34 -16.20 -15.45 6.43
N GLY A 35 -16.22 -15.57 5.10
CA GLY A 35 -16.23 -16.88 4.47
C GLY A 35 -15.02 -17.70 4.90
N THR A 36 -15.22 -19.00 5.08
CA THR A 36 -14.13 -19.88 5.50
C THR A 36 -13.77 -20.85 4.38
N HIS A 37 -12.48 -20.96 4.08
CA HIS A 37 -12.01 -21.85 3.03
C HIS A 37 -11.07 -22.91 3.60
N THR A 38 -11.34 -24.16 3.28
CA THR A 38 -10.52 -25.26 3.77
C THR A 38 -9.33 -25.48 2.84
N LEU A 39 -8.14 -25.57 3.43
CA LEU A 39 -6.92 -25.79 2.64
C LEU A 39 -6.57 -27.28 2.61
N GLU A 40 -7.26 -28.03 1.77
CA GLU A 40 -7.02 -29.46 1.65
C GLU A 40 -5.63 -29.72 1.08
N SER A 41 -5.18 -28.83 0.21
CA SER A 41 -3.86 -28.97 -0.39
C SER A 41 -3.63 -27.86 -1.41
N GLN A 42 -2.71 -26.94 -1.08
CA GLN A 42 -2.41 -25.82 -1.97
C GLN A 42 -0.91 -25.80 -2.30
N PRO A 43 -0.52 -26.45 -3.36
CA PRO A 43 0.90 -26.49 -3.81
C PRO A 43 1.46 -25.10 -4.02
N GLN A 44 2.77 -24.94 -3.79
CA GLN A 44 3.42 -23.64 -3.96
C GLN A 44 2.89 -22.92 -5.19
N ARG A 45 1.76 -22.25 -5.04
CA ARG A 45 1.15 -21.53 -6.14
C ARG A 45 0.33 -20.36 -5.62
N ILE A 46 1.01 -19.38 -5.04
CA ILE A 46 0.33 -18.21 -4.48
C ILE A 46 -0.07 -17.25 -5.59
N VAL A 47 -1.33 -16.81 -5.56
CA VAL A 47 -1.84 -15.89 -6.58
C VAL A 47 -2.37 -14.63 -5.91
N SER A 48 -2.26 -13.50 -6.60
CA SER A 48 -2.73 -12.22 -6.07
C SER A 48 -3.47 -11.43 -7.14
N THR A 49 -4.53 -10.73 -6.73
CA THR A 49 -5.31 -9.93 -7.67
C THR A 49 -4.90 -8.47 -7.59
N SER A 50 -5.04 -7.88 -6.40
CA SER A 50 -4.68 -6.48 -6.22
C SER A 50 -3.17 -6.32 -6.06
N VAL A 51 -2.67 -5.13 -6.35
CA VAL A 51 -1.24 -4.86 -6.23
C VAL A 51 -0.85 -4.70 -4.77
N THR A 52 -1.84 -4.38 -3.93
CA THR A 52 -1.57 -4.17 -2.51
C THR A 52 -0.99 -5.43 -1.88
N LEU A 53 -1.67 -6.56 -2.08
CA LEU A 53 -1.19 -7.82 -1.57
C LEU A 53 0.11 -8.24 -2.26
N THR A 54 0.15 -8.04 -3.57
CA THR A 54 1.32 -8.42 -4.35
C THR A 54 2.59 -8.01 -3.63
N GLY A 55 2.68 -6.73 -3.28
CA GLY A 55 3.84 -6.22 -2.56
C GLY A 55 3.87 -6.74 -1.12
N SER A 56 2.69 -6.82 -0.51
CA SER A 56 2.59 -7.29 0.86
C SER A 56 3.08 -8.74 0.96
N LEU A 57 2.67 -9.57 0.01
CA LEU A 57 3.08 -10.97 -0.01
C LEU A 57 4.57 -11.08 -0.24
N LEU A 58 5.08 -10.28 -1.16
CA LEU A 58 6.50 -10.31 -1.48
C LEU A 58 7.35 -9.91 -0.28
N ALA A 59 6.86 -8.93 0.47
CA ALA A 59 7.60 -8.44 1.63
C ALA A 59 7.78 -9.56 2.66
N ILE A 60 6.77 -10.40 2.79
CA ILE A 60 6.82 -11.49 3.77
C ILE A 60 7.38 -12.76 3.15
N ASP A 61 8.23 -12.59 2.13
CA ASP A 61 8.84 -13.73 1.47
C ASP A 61 7.77 -14.68 0.93
N ALA A 62 6.84 -14.14 0.16
CA ALA A 62 5.77 -14.95 -0.41
C ALA A 62 5.49 -14.52 -1.85
N PRO A 63 6.34 -14.89 -2.76
CA PRO A 63 6.20 -14.51 -4.19
C PRO A 63 4.95 -15.09 -4.82
N VAL A 64 4.38 -14.36 -5.78
CA VAL A 64 3.17 -14.81 -6.46
C VAL A 64 3.47 -15.15 -7.92
N ILE A 65 2.93 -16.27 -8.38
CA ILE A 65 3.13 -16.69 -9.76
C ILE A 65 2.39 -15.78 -10.73
N ALA A 66 1.15 -15.43 -10.39
CA ALA A 66 0.32 -14.58 -11.25
C ALA A 66 -0.16 -13.36 -10.48
N SER A 67 0.01 -12.19 -11.07
CA SER A 67 -0.42 -10.95 -10.44
C SER A 67 -0.69 -9.88 -11.49
N GLY A 68 -1.30 -8.78 -11.07
CA GLY A 68 -1.62 -7.69 -11.99
C GLY A 68 -0.73 -6.49 -11.72
N ALA A 69 -0.95 -5.40 -12.47
CA ALA A 69 -0.18 -4.18 -12.29
C ALA A 69 -1.09 -2.97 -12.24
N THR A 70 -0.53 -1.81 -11.93
CA THR A 70 -1.30 -0.58 -11.85
C THR A 70 -0.59 0.54 -12.60
N THR A 71 -0.12 1.54 -11.87
CA THR A 71 0.56 2.68 -12.47
C THR A 71 2.07 2.54 -12.30
N PRO A 72 2.81 3.50 -12.80
CA PRO A 72 4.30 3.50 -12.70
C PRO A 72 4.78 3.54 -11.25
N ASN A 73 4.37 2.55 -10.47
CA ASN A 73 4.74 2.47 -9.07
C ASN A 73 6.24 2.28 -8.94
N ASN A 74 6.84 1.55 -9.90
CA ASN A 74 8.28 1.29 -9.88
C ASN A 74 8.55 -0.05 -9.20
N ARG A 75 7.76 -0.36 -8.19
CA ARG A 75 7.91 -1.63 -7.47
C ARG A 75 7.64 -2.80 -8.40
N VAL A 76 6.63 -2.65 -9.26
CA VAL A 76 6.27 -3.70 -10.21
C VAL A 76 7.29 -3.75 -11.34
N ALA A 77 7.95 -2.62 -11.59
CA ALA A 77 8.94 -2.54 -12.67
C ALA A 77 9.92 -3.70 -12.58
N ASP A 78 10.97 -3.64 -13.37
CA ASP A 78 11.97 -4.70 -13.39
C ASP A 78 12.83 -4.65 -12.14
N ASP A 79 14.05 -5.18 -12.24
CA ASP A 79 14.96 -5.20 -11.10
C ASP A 79 15.10 -3.81 -10.50
N GLN A 80 14.53 -2.82 -11.18
CA GLN A 80 14.59 -1.44 -10.69
C GLN A 80 13.46 -1.17 -9.70
N GLY A 81 13.83 -0.90 -8.46
CA GLY A 81 12.84 -0.62 -7.42
C GLY A 81 12.31 -1.90 -6.80
N PHE A 82 13.16 -2.57 -6.02
CA PHE A 82 12.77 -3.81 -5.35
C PHE A 82 13.44 -3.90 -3.98
N LEU A 83 12.74 -4.54 -3.04
CA LEU A 83 13.27 -4.73 -1.70
C LEU A 83 14.14 -5.99 -1.64
N ARG A 84 13.55 -7.09 -1.16
CA ARG A 84 14.28 -8.35 -1.07
C ARG A 84 14.65 -8.83 -2.44
N GLN A 85 13.70 -8.73 -3.39
CA GLN A 85 13.94 -9.14 -4.78
C GLN A 85 13.53 -10.59 -4.99
N TRP A 86 12.29 -10.91 -4.61
CA TRP A 86 11.79 -12.27 -4.77
C TRP A 86 10.84 -12.34 -5.98
N SER A 87 10.52 -11.18 -6.54
CA SER A 87 9.62 -11.12 -7.69
C SER A 87 10.25 -11.80 -8.90
N LYS A 88 11.58 -11.67 -9.00
CA LYS A 88 12.30 -12.28 -10.11
C LYS A 88 11.88 -13.73 -10.30
N VAL A 89 11.40 -14.34 -9.22
CA VAL A 89 10.95 -15.73 -9.26
C VAL A 89 9.68 -15.87 -10.11
N ALA A 90 8.73 -14.97 -9.87
CA ALA A 90 7.46 -15.01 -10.60
C ALA A 90 7.72 -14.81 -12.09
N LYS A 91 8.51 -13.80 -12.43
CA LYS A 91 8.82 -13.52 -13.82
C LYS A 91 9.56 -14.70 -14.44
N GLU A 92 10.45 -15.31 -13.67
CA GLU A 92 11.22 -16.45 -14.15
C GLU A 92 10.29 -17.52 -14.71
N ARG A 93 9.11 -17.64 -14.11
CA ARG A 93 8.14 -18.64 -14.56
C ARG A 93 7.25 -18.06 -15.62
N LYS A 94 7.49 -16.79 -15.99
CA LYS A 94 6.71 -16.12 -17.04
C LYS A 94 5.43 -15.56 -16.44
N LEU A 95 4.72 -16.38 -15.67
CA LEU A 95 3.46 -15.97 -15.06
C LEU A 95 3.66 -14.63 -14.42
N GLN A 96 2.56 -13.85 -14.30
CA GLN A 96 2.60 -12.48 -13.73
C GLN A 96 2.08 -11.47 -14.72
N ARG A 97 0.77 -11.19 -14.66
CA ARG A 97 0.17 -10.22 -15.56
C ARG A 97 0.53 -8.80 -15.14
N LEU A 98 0.76 -7.92 -16.11
CA LEU A 98 1.14 -6.55 -15.83
C LEU A 98 0.28 -5.59 -16.63
N TYR A 99 -0.92 -6.02 -16.98
CA TYR A 99 -1.83 -5.18 -17.77
C TYR A 99 -3.25 -5.34 -17.27
N ILE A 100 -3.97 -4.22 -17.18
CA ILE A 100 -5.36 -4.22 -16.72
C ILE A 100 -6.20 -3.30 -17.58
N GLY A 101 -7.52 -3.44 -17.47
CA GLY A 101 -8.44 -2.61 -18.25
C GLY A 101 -9.67 -3.40 -18.65
N GLU A 102 -9.51 -4.72 -18.81
CA GLU A 102 -10.62 -5.58 -19.20
C GLU A 102 -10.40 -7.00 -18.67
N PRO A 103 -10.51 -7.16 -17.38
CA PRO A 103 -10.32 -8.48 -16.72
C PRO A 103 -11.31 -9.53 -17.23
N SER A 104 -10.85 -10.78 -17.31
CA SER A 104 -11.71 -11.87 -17.79
C SER A 104 -11.56 -13.08 -16.88
N ALA A 105 -12.69 -13.71 -16.56
CA ALA A 105 -12.68 -14.89 -15.72
C ALA A 105 -12.02 -16.07 -16.43
N GLU A 106 -12.28 -16.18 -17.73
CA GLU A 106 -11.71 -17.26 -18.52
C GLU A 106 -10.19 -17.15 -18.57
N ALA A 107 -9.69 -15.94 -18.75
CA ALA A 107 -8.25 -15.71 -18.82
C ALA A 107 -7.59 -16.11 -17.51
N VAL A 108 -8.22 -15.77 -16.39
CA VAL A 108 -7.70 -16.11 -15.08
C VAL A 108 -7.65 -17.63 -14.91
N ALA A 109 -8.71 -18.29 -15.33
CA ALA A 109 -8.78 -19.74 -15.23
C ALA A 109 -7.68 -20.40 -16.05
N ALA A 110 -7.36 -19.78 -17.19
CA ALA A 110 -6.32 -20.31 -18.07
C ALA A 110 -4.98 -20.33 -17.34
N GLN A 111 -4.88 -19.56 -16.26
CA GLN A 111 -3.64 -19.50 -15.48
C GLN A 111 -3.62 -20.61 -14.44
N MET A 112 -4.71 -21.33 -14.31
CA MET A 112 -4.80 -22.42 -13.35
C MET A 112 -4.29 -21.97 -11.98
N PRO A 113 -4.86 -20.91 -11.46
CA PRO A 113 -4.47 -20.37 -10.13
C PRO A 113 -4.89 -21.28 -8.98
N ASP A 114 -4.11 -21.27 -7.90
CA ASP A 114 -4.42 -22.11 -6.74
C ASP A 114 -5.07 -21.28 -5.64
N LEU A 115 -4.28 -20.44 -4.98
CA LEU A 115 -4.79 -19.59 -3.91
C LEU A 115 -4.78 -18.13 -4.35
N ILE A 116 -5.96 -17.55 -4.51
CA ILE A 116 -6.07 -16.15 -4.93
C ILE A 116 -6.39 -15.27 -3.74
N LEU A 117 -5.58 -14.23 -3.54
CA LEU A 117 -5.77 -13.31 -2.42
C LEU A 117 -6.23 -11.95 -2.92
N ILE A 118 -7.25 -11.40 -2.28
CA ILE A 118 -7.80 -10.10 -2.66
C ILE A 118 -7.70 -9.11 -1.51
N SER A 119 -7.36 -7.87 -1.83
CA SER A 119 -7.24 -6.82 -0.81
C SER A 119 -8.60 -6.22 -0.50
N ALA A 120 -8.67 -5.45 0.59
CA ALA A 120 -9.93 -4.81 0.98
C ALA A 120 -10.40 -3.87 -0.12
N THR A 121 -9.47 -3.20 -0.77
CA THR A 121 -9.81 -2.26 -1.84
C THR A 121 -8.85 -2.40 -3.01
N GLY A 122 -9.29 -1.98 -4.19
CA GLY A 122 -8.45 -2.07 -5.38
C GLY A 122 -8.88 -1.05 -6.43
N GLY A 123 -8.13 -0.96 -7.51
CA GLY A 123 -8.43 -0.02 -8.58
C GLY A 123 -9.79 -0.31 -9.20
N ASP A 124 -10.15 -1.60 -9.26
CA ASP A 124 -11.43 -2.01 -9.84
C ASP A 124 -12.22 -2.83 -8.83
N SER A 125 -13.54 -2.77 -8.95
CA SER A 125 -14.41 -3.50 -8.04
C SER A 125 -14.20 -5.00 -8.21
N ALA A 126 -14.20 -5.73 -7.09
CA ALA A 126 -14.01 -7.18 -7.13
C ALA A 126 -15.20 -7.90 -6.51
N LEU A 127 -16.28 -7.15 -6.29
CA LEU A 127 -17.48 -7.73 -5.70
C LEU A 127 -18.04 -8.84 -6.59
N ALA A 128 -17.98 -8.61 -7.89
CA ALA A 128 -18.48 -9.60 -8.85
C ALA A 128 -17.41 -10.66 -9.14
N LEU A 129 -16.16 -10.23 -9.16
CA LEU A 129 -15.05 -11.13 -9.41
C LEU A 129 -14.83 -12.05 -8.22
N TYR A 130 -15.05 -11.52 -7.03
CA TYR A 130 -14.86 -12.29 -5.81
C TYR A 130 -15.40 -13.70 -5.95
N ASP A 131 -16.71 -13.81 -6.15
CA ASP A 131 -17.36 -15.11 -6.28
C ASP A 131 -16.89 -15.82 -7.54
N GLN A 132 -16.80 -15.07 -8.64
CA GLN A 132 -16.38 -15.65 -9.92
C GLN A 132 -14.97 -16.19 -9.79
N LEU A 133 -14.15 -15.53 -8.98
CA LEU A 133 -12.78 -15.97 -8.76
C LEU A 133 -12.74 -17.22 -7.88
N SER A 134 -13.59 -17.25 -6.86
CA SER A 134 -13.62 -18.38 -5.95
C SER A 134 -13.91 -19.67 -6.71
N THR A 135 -14.94 -19.64 -7.55
CA THR A 135 -15.30 -20.81 -8.34
C THR A 135 -14.08 -21.32 -9.11
N ILE A 136 -13.32 -20.39 -9.68
CA ILE A 136 -12.13 -20.76 -10.42
C ILE A 136 -11.06 -21.37 -9.50
N ALA A 137 -10.89 -20.76 -8.34
CA ALA A 137 -9.91 -21.23 -7.38
C ALA A 137 -10.07 -20.53 -6.03
N PRO A 138 -9.69 -21.19 -4.96
CA PRO A 138 -9.80 -20.61 -3.60
C PRO A 138 -9.47 -19.13 -3.56
N THR A 139 -10.51 -18.31 -3.38
CA THR A 139 -10.32 -16.86 -3.32
C THR A 139 -10.55 -16.35 -1.91
N LEU A 140 -9.52 -15.72 -1.34
CA LEU A 140 -9.61 -15.19 0.03
C LEU A 140 -9.52 -13.68 0.01
N ILE A 141 -10.10 -13.05 1.02
CA ILE A 141 -10.09 -11.59 1.12
C ILE A 141 -9.64 -11.16 2.51
N ILE A 142 -8.66 -10.26 2.55
CA ILE A 142 -8.14 -9.77 3.83
C ILE A 142 -8.53 -8.30 4.03
N ASN A 143 -9.21 -8.03 5.14
CA ASN A 143 -9.63 -6.67 5.45
C ASN A 143 -8.71 -6.05 6.49
N TYR A 144 -7.86 -5.14 6.04
CA TYR A 144 -6.92 -4.48 6.95
C TYR A 144 -7.42 -3.10 7.37
N ASP A 145 -8.59 -2.74 6.86
CA ASP A 145 -9.17 -1.44 7.18
C ASP A 145 -9.52 -1.34 8.67
N ASP A 146 -9.93 -2.46 9.25
CA ASP A 146 -10.31 -2.49 10.65
C ASP A 146 -9.20 -3.09 11.50
N LYS A 147 -8.04 -3.30 10.89
CA LYS A 147 -6.89 -3.88 11.59
C LYS A 147 -5.63 -3.09 11.30
N SER A 148 -4.73 -3.04 12.28
CA SER A 148 -3.47 -2.33 12.13
C SER A 148 -2.49 -3.13 11.29
N TRP A 149 -1.39 -2.49 10.89
CA TRP A 149 -0.39 -3.17 10.07
C TRP A 149 0.14 -4.41 10.79
N GLN A 150 0.54 -4.22 12.05
CA GLN A 150 1.07 -5.33 12.83
C GLN A 150 0.08 -6.50 12.84
N SER A 151 -1.19 -6.17 13.08
CA SER A 151 -2.23 -7.19 13.08
C SER A 151 -2.36 -7.81 11.68
N LEU A 152 -2.27 -6.98 10.66
CA LEU A 152 -2.39 -7.46 9.29
C LEU A 152 -1.28 -8.47 8.99
N LEU A 153 -0.06 -8.15 9.41
CA LEU A 153 1.06 -9.04 9.16
C LEU A 153 0.82 -10.38 9.85
N THR A 154 0.34 -10.31 11.10
CA THR A 154 0.07 -11.54 11.86
C THR A 154 -0.85 -12.45 11.05
N GLN A 155 -1.91 -11.88 10.47
CA GLN A 155 -2.85 -12.66 9.68
C GLN A 155 -2.14 -13.27 8.47
N LEU A 156 -1.25 -12.50 7.86
CA LEU A 156 -0.50 -13.00 6.71
C LEU A 156 0.35 -14.19 7.08
N GLY A 157 0.99 -14.11 8.23
CA GLY A 157 1.82 -15.21 8.69
C GLY A 157 0.97 -16.43 8.98
N GLU A 158 -0.21 -16.21 9.56
CA GLU A 158 -1.11 -17.32 9.88
C GLU A 158 -1.69 -17.94 8.62
N ILE A 159 -2.14 -17.09 7.71
CA ILE A 159 -2.72 -17.56 6.46
C ILE A 159 -1.67 -18.29 5.62
N THR A 160 -0.48 -17.71 5.54
CA THR A 160 0.60 -18.30 4.74
C THR A 160 1.47 -19.18 5.61
N GLY A 161 1.25 -19.14 6.91
CA GLY A 161 2.02 -19.96 7.84
C GLY A 161 3.48 -19.53 7.85
N HIS A 162 3.72 -18.26 7.52
CA HIS A 162 5.09 -17.73 7.49
C HIS A 162 5.38 -16.90 8.73
N GLU A 163 5.08 -17.46 9.90
CA GLU A 163 5.31 -16.77 11.15
C GLU A 163 6.82 -16.63 11.43
N LYS A 164 7.56 -17.69 11.10
CA LYS A 164 9.00 -17.68 11.32
C LYS A 164 9.65 -16.53 10.55
N GLN A 165 9.29 -16.41 9.27
CA GLN A 165 9.84 -15.35 8.43
C GLN A 165 9.51 -13.99 9.02
N ALA A 166 8.30 -13.84 9.54
CA ALA A 166 7.88 -12.57 10.13
C ALA A 166 8.75 -12.24 11.34
N ALA A 167 9.06 -13.25 12.14
CA ALA A 167 9.89 -13.06 13.32
C ALA A 167 11.29 -12.60 12.91
N GLU A 168 11.72 -13.02 11.72
CA GLU A 168 13.03 -12.63 11.22
C GLU A 168 13.04 -11.17 10.77
N ARG A 169 12.11 -10.82 9.88
CA ARG A 169 12.01 -9.47 9.38
C ARG A 169 11.66 -8.49 10.51
N ILE A 170 10.72 -8.90 11.35
CA ILE A 170 10.29 -8.07 12.46
C ILE A 170 11.45 -7.81 13.42
N ALA A 171 12.20 -8.87 13.73
CA ALA A 171 13.33 -8.73 14.62
C ALA A 171 14.37 -7.77 14.05
N GLN A 172 14.90 -8.12 12.88
CA GLN A 172 15.91 -7.28 12.23
C GLN A 172 15.39 -5.86 12.06
N PHE A 173 14.10 -5.74 11.82
CA PHE A 173 13.47 -4.42 11.65
C PHE A 173 13.20 -3.77 13.00
N ASP A 174 12.85 -4.59 13.98
CA ASP A 174 12.54 -4.08 15.31
C ASP A 174 13.71 -3.25 15.84
N LYS A 175 14.92 -3.72 15.61
CA LYS A 175 16.10 -2.99 16.06
C LYS A 175 16.18 -1.62 15.39
N GLN A 176 15.89 -1.58 14.10
CA GLN A 176 15.92 -0.34 13.34
C GLN A 176 14.85 0.61 13.86
N LEU A 177 13.70 0.07 14.22
CA LEU A 177 12.61 0.89 14.74
C LEU A 177 13.03 1.57 16.04
N ALA A 178 13.70 0.82 16.90
CA ALA A 178 14.14 1.38 18.18
C ALA A 178 15.11 2.55 17.94
N ALA A 179 16.15 2.29 17.16
CA ALA A 179 17.14 3.32 16.86
C ALA A 179 16.50 4.44 16.03
N ALA A 180 15.67 4.06 15.06
CA ALA A 180 15.01 5.03 14.20
C ALA A 180 14.06 5.90 15.02
N LYS A 181 13.36 5.28 15.96
CA LYS A 181 12.42 6.00 16.80
C LYS A 181 13.15 7.04 17.63
N GLU A 182 14.38 6.73 18.01
CA GLU A 182 15.17 7.67 18.82
C GLU A 182 16.04 8.56 17.93
N GLN A 183 16.30 8.09 16.70
CA GLN A 183 17.13 8.84 15.77
C GLN A 183 16.45 10.15 15.39
N ILE A 184 15.15 10.08 15.16
CA ILE A 184 14.39 11.28 14.78
C ILE A 184 14.12 12.16 15.99
N LYS A 185 14.35 13.46 15.83
CA LYS A 185 14.14 14.41 16.92
C LYS A 185 13.26 15.55 16.47
N LEU A 186 12.01 15.56 16.92
CA LEU A 186 11.08 16.60 16.54
C LEU A 186 9.73 16.42 17.27
N PRO A 187 9.26 17.45 17.93
CA PRO A 187 7.97 17.40 18.66
C PRO A 187 6.87 16.69 17.88
N PRO A 188 5.93 16.08 18.56
CA PRO A 188 4.80 15.37 17.90
C PRO A 188 3.84 16.32 17.20
N GLN A 189 3.33 15.90 16.06
CA GLN A 189 2.40 16.71 15.31
C GLN A 189 1.77 15.91 14.16
N PRO A 190 0.53 16.19 13.82
CA PRO A 190 -0.16 15.50 12.71
C PRO A 190 0.40 15.89 11.34
N VAL A 191 0.24 15.00 10.37
CA VAL A 191 0.74 15.25 9.02
C VAL A 191 -0.27 14.78 7.99
N THR A 192 -0.11 15.26 6.75
CA THR A 192 -1.01 14.88 5.67
C THR A 192 -0.25 14.74 4.35
N ALA A 193 -0.91 14.20 3.33
CA ALA A 193 -0.29 14.04 2.02
C ALA A 193 -1.34 14.17 0.93
N ILE A 194 -0.97 14.88 -0.14
CA ILE A 194 -1.90 15.07 -1.26
C ILE A 194 -1.18 14.83 -2.59
N VAL A 195 -1.91 14.29 -3.55
CA VAL A 195 -1.33 14.04 -4.88
C VAL A 195 -2.27 14.55 -5.97
N TYR A 196 -1.71 15.31 -6.91
CA TYR A 196 -2.49 15.83 -8.01
C TYR A 196 -1.63 16.04 -9.24
N THR A 197 -2.25 16.04 -10.42
CA THR A 197 -1.51 16.24 -11.66
C THR A 197 -2.06 17.45 -12.42
N ALA A 198 -1.18 18.41 -12.68
CA ALA A 198 -1.57 19.61 -13.40
C ALA A 198 -2.11 19.27 -14.78
N ALA A 199 -1.66 18.15 -15.32
CA ALA A 199 -2.12 17.70 -16.64
C ALA A 199 -3.53 17.14 -16.57
N ALA A 200 -3.77 16.25 -15.60
CA ALA A 200 -5.08 15.65 -15.44
C ALA A 200 -6.04 16.63 -14.77
N HIS A 201 -5.50 17.73 -14.28
CA HIS A 201 -6.31 18.73 -13.61
C HIS A 201 -7.28 18.08 -12.63
N SER A 202 -6.75 17.16 -11.83
CA SER A 202 -7.58 16.46 -10.84
C SER A 202 -6.89 16.46 -9.48
N ALA A 203 -7.68 16.59 -8.42
CA ALA A 203 -7.14 16.60 -7.06
C ALA A 203 -7.48 15.31 -6.34
N ASN A 204 -6.47 14.45 -6.16
CA ASN A 204 -6.69 13.17 -5.47
C ASN A 204 -5.87 13.12 -4.19
N LEU A 205 -6.52 12.76 -3.10
CA LEU A 205 -5.84 12.68 -1.81
C LEU A 205 -5.75 11.23 -1.35
N TRP A 206 -4.65 10.90 -0.66
CA TRP A 206 -4.46 9.54 -0.16
C TRP A 206 -4.84 9.48 1.32
N THR A 207 -5.71 8.53 1.65
CA THR A 207 -6.16 8.37 3.02
C THR A 207 -5.29 7.37 3.78
N PRO A 208 -5.20 7.52 5.08
CA PRO A 208 -4.40 6.60 5.94
C PRO A 208 -5.01 5.20 6.00
N GLU A 209 -6.27 5.09 5.61
CA GLU A 209 -6.96 3.80 5.64
C GLU A 209 -6.12 2.74 4.95
N SER A 210 -5.17 3.18 4.13
CA SER A 210 -4.29 2.25 3.41
C SER A 210 -3.27 1.65 4.37
N ALA A 211 -2.64 0.56 3.94
CA ALA A 211 -1.63 -0.09 4.75
C ALA A 211 -0.49 0.86 5.09
N GLN A 212 -0.27 1.84 4.22
CA GLN A 212 0.77 2.83 4.44
C GLN A 212 0.49 3.65 5.70
N GLY A 213 -0.76 4.05 5.86
CA GLY A 213 -1.15 4.85 7.02
C GLY A 213 -0.88 4.08 8.32
N GLN A 214 -1.22 2.80 8.34
CA GLN A 214 -1.01 1.99 9.53
C GLN A 214 0.49 1.86 9.82
N MET A 215 1.28 1.73 8.77
CA MET A 215 2.72 1.61 8.93
C MET A 215 3.28 2.86 9.59
N LEU A 216 2.80 4.03 9.16
CA LEU A 216 3.26 5.28 9.73
C LEU A 216 2.89 5.37 11.21
N GLU A 217 1.63 5.09 11.52
CA GLU A 217 1.16 5.14 12.90
C GLU A 217 2.07 4.29 13.79
N GLN A 218 2.58 3.21 13.22
CA GLN A 218 3.48 2.32 13.96
C GLN A 218 4.83 3.00 14.19
N LEU A 219 5.13 4.01 13.38
CA LEU A 219 6.40 4.73 13.50
C LEU A 219 6.27 5.87 14.50
N GLY A 220 5.06 6.10 14.98
CA GLY A 220 4.82 7.18 15.95
C GLY A 220 4.24 8.41 15.26
N PHE A 221 4.19 8.37 13.93
CA PHE A 221 3.65 9.50 13.18
C PHE A 221 2.13 9.49 13.22
N THR A 222 1.53 10.68 13.18
CA THR A 222 0.07 10.80 13.21
C THR A 222 -0.45 11.33 11.89
N LEU A 223 -1.40 10.62 11.30
CA LEU A 223 -1.98 11.02 10.02
C LEU A 223 -3.21 11.87 10.24
N ALA A 224 -3.42 12.83 9.33
CA ALA A 224 -4.56 13.71 9.41
C ALA A 224 -5.85 12.95 9.12
N LYS A 225 -6.95 13.39 9.72
CA LYS A 225 -8.25 12.74 9.50
C LYS A 225 -9.31 13.77 9.17
N LEU A 226 -10.07 13.51 8.10
CA LEU A 226 -11.13 14.44 7.68
C LEU A 226 -12.50 13.78 7.87
N PRO A 227 -13.14 14.00 8.99
CA PRO A 227 -14.48 13.44 9.27
C PRO A 227 -15.49 13.79 8.19
N ALA A 228 -16.32 12.83 7.81
CA ALA A 228 -17.31 13.04 6.77
C ALA A 228 -16.64 13.40 5.44
N GLY A 229 -15.42 13.95 5.52
CA GLY A 229 -14.68 14.34 4.34
C GLY A 229 -14.18 13.11 3.58
N LEU A 230 -13.54 12.20 4.30
CA LEU A 230 -13.00 10.99 3.69
C LEU A 230 -14.09 10.26 2.94
N ASN A 231 -15.31 10.29 3.48
CA ASN A 231 -16.43 9.63 2.83
C ASN A 231 -16.78 10.32 1.52
N ALA A 232 -15.76 10.79 0.80
CA ALA A 232 -15.97 11.47 -0.47
C ALA A 232 -17.20 12.38 -0.41
N SER A 233 -16.99 13.61 0.03
CA SER A 233 -18.08 14.57 0.14
C SER A 233 -18.37 15.20 -1.22
N GLN A 234 -17.45 15.01 -2.16
CA GLN A 234 -17.63 15.57 -3.51
C GLN A 234 -18.31 14.56 -4.42
N SER A 235 -17.96 13.29 -4.27
CA SER A 235 -18.54 12.24 -5.09
C SER A 235 -20.02 12.07 -4.76
N GLN A 236 -20.43 12.60 -3.61
CA GLN A 236 -21.82 12.49 -3.18
C GLN A 236 -22.25 11.03 -3.13
N GLY A 237 -21.38 10.18 -2.58
CA GLY A 237 -21.68 8.76 -2.47
C GLY A 237 -20.53 8.01 -1.84
N LYS A 238 -20.32 6.77 -2.27
CA LYS A 238 -19.23 5.94 -1.73
C LYS A 238 -18.29 5.51 -2.85
N ARG A 239 -17.00 5.48 -2.55
CA ARG A 239 -16.00 5.09 -3.54
C ARG A 239 -14.78 4.49 -2.85
N HIS A 240 -14.12 3.56 -3.54
CA HIS A 240 -12.93 2.91 -2.99
C HIS A 240 -11.66 3.49 -3.61
N ASP A 241 -10.63 2.67 -3.73
CA ASP A 241 -9.37 3.12 -4.30
C ASP A 241 -8.85 4.35 -3.57
N ILE A 242 -9.20 5.53 -4.08
CA ILE A 242 -8.76 6.78 -3.47
C ILE A 242 -9.94 7.69 -3.20
N ILE A 243 -9.69 8.81 -2.53
CA ILE A 243 -10.74 9.76 -2.20
C ILE A 243 -10.44 11.13 -2.77
N GLN A 244 -11.49 11.80 -3.27
CA GLN A 244 -11.32 13.13 -3.86
C GLN A 244 -11.73 14.20 -2.87
N LEU A 245 -11.48 15.47 -3.22
CA LEU A 245 -11.82 16.59 -2.36
C LEU A 245 -12.22 17.81 -3.18
N GLY A 246 -13.11 18.62 -2.62
CA GLY A 246 -13.56 19.82 -3.31
C GLY A 246 -12.42 20.78 -3.54
N GLY A 247 -11.53 20.91 -2.55
CA GLY A 247 -10.39 21.81 -2.64
C GLY A 247 -10.25 22.65 -1.39
N GLU A 248 -11.12 22.42 -0.42
CA GLU A 248 -11.09 23.17 0.83
C GLU A 248 -9.99 22.63 1.76
N ASN A 249 -10.07 21.35 2.07
CA ASN A 249 -9.08 20.72 2.95
C ASN A 249 -7.71 20.79 2.31
N LEU A 250 -7.66 20.63 0.99
CA LEU A 250 -6.38 20.68 0.28
C LEU A 250 -5.61 21.95 0.61
N ALA A 251 -6.14 23.08 0.17
CA ALA A 251 -5.49 24.36 0.41
C ALA A 251 -5.22 24.54 1.90
N ALA A 252 -6.18 24.16 2.72
CA ALA A 252 -6.04 24.28 4.17
C ALA A 252 -5.08 23.22 4.69
N GLY A 253 -4.27 22.65 3.80
CA GLY A 253 -3.31 21.62 4.18
C GLY A 253 -3.83 20.78 5.35
N LEU A 254 -5.08 20.34 5.25
CA LEU A 254 -5.70 19.55 6.31
C LEU A 254 -5.29 20.09 7.68
N ASN A 255 -4.49 19.31 8.39
CA ASN A 255 -4.06 19.72 9.72
C ASN A 255 -3.28 21.03 9.65
N GLY A 256 -2.38 21.12 8.68
CA GLY A 256 -1.58 22.33 8.51
C GLY A 256 -0.36 22.32 9.41
N GLU A 257 -0.11 21.19 10.07
CA GLU A 257 1.02 21.07 10.97
C GLU A 257 2.18 20.37 10.27
N SER A 258 1.91 19.78 9.11
CA SER A 258 2.94 19.07 8.36
C SER A 258 2.33 18.39 7.14
N LEU A 259 3.08 18.40 6.04
CA LEU A 259 2.61 17.78 4.81
C LEU A 259 3.78 17.20 4.02
N PHE A 260 3.68 15.91 3.67
CA PHE A 260 4.73 15.26 2.87
C PHE A 260 4.32 15.18 1.42
N LEU A 261 5.29 15.35 0.53
CA LEU A 261 5.02 15.33 -0.90
C LEU A 261 5.25 13.93 -1.46
N PHE A 262 4.16 13.24 -1.77
CA PHE A 262 4.24 11.89 -2.33
C PHE A 262 4.00 11.93 -3.83
N ALA A 263 3.50 13.07 -4.32
CA ALA A 263 3.23 13.22 -5.74
C ALA A 263 4.53 13.20 -6.55
N GLY A 264 5.56 13.85 -6.02
CA GLY A 264 6.84 13.91 -6.69
C GLY A 264 7.87 14.67 -5.86
N ASP A 265 9.11 14.66 -6.31
CA ASP A 265 10.18 15.35 -5.59
C ASP A 265 10.07 16.86 -5.76
N GLN A 266 11.03 17.44 -6.46
CA GLN A 266 11.03 18.88 -6.69
C GLN A 266 9.89 19.28 -7.61
N LYS A 267 9.48 18.36 -8.48
CA LYS A 267 8.41 18.64 -9.42
C LYS A 267 7.14 19.01 -8.67
N ASP A 268 6.84 18.26 -7.63
CA ASP A 268 5.64 18.54 -6.83
C ASP A 268 5.76 19.91 -6.16
N ALA A 269 6.93 20.19 -5.60
CA ALA A 269 7.15 21.47 -4.93
C ALA A 269 6.78 22.63 -5.85
N ASP A 270 7.44 22.70 -7.00
CA ASP A 270 7.17 23.75 -7.97
C ASP A 270 5.68 23.83 -8.26
N ALA A 271 5.06 22.66 -8.43
CA ALA A 271 3.63 22.61 -8.71
C ALA A 271 2.85 23.37 -7.63
N ILE A 272 3.23 23.14 -6.37
CA ILE A 272 2.57 23.81 -5.26
C ILE A 272 2.79 25.32 -5.33
N TYR A 273 4.02 25.72 -5.62
CA TYR A 273 4.36 27.13 -5.71
C TYR A 273 3.46 27.82 -6.74
N ALA A 274 3.16 27.12 -7.82
CA ALA A 274 2.31 27.68 -8.87
C ALA A 274 0.85 27.63 -8.44
N ASN A 275 0.61 27.12 -7.22
CA ASN A 275 -0.75 27.01 -6.70
C ASN A 275 -0.92 27.93 -5.48
N PRO A 276 -1.35 29.15 -5.70
CA PRO A 276 -1.56 30.14 -4.60
C PRO A 276 -2.44 29.56 -3.49
N LEU A 277 -3.30 28.62 -3.85
CA LEU A 277 -4.19 28.01 -2.88
C LEU A 277 -3.40 27.26 -1.83
N LEU A 278 -2.37 26.56 -2.27
CA LEU A 278 -1.53 25.78 -1.35
C LEU A 278 -0.31 26.59 -0.93
N ALA A 279 -0.26 27.84 -1.35
CA ALA A 279 0.85 28.72 -1.00
C ALA A 279 0.78 29.12 0.47
N HIS A 280 -0.44 29.29 0.97
CA HIS A 280 -0.65 29.70 2.35
C HIS A 280 -0.48 28.50 3.29
N LEU A 281 -0.11 27.36 2.72
CA LEU A 281 0.07 26.17 3.49
C LEU A 281 1.29 26.30 4.42
N PRO A 282 1.10 26.19 5.72
CA PRO A 282 2.21 26.32 6.70
C PRO A 282 3.44 25.49 6.30
N ALA A 283 3.20 24.31 5.75
CA ALA A 283 4.29 23.44 5.32
C ALA A 283 5.18 24.15 4.30
N VAL A 284 4.55 24.83 3.36
CA VAL A 284 5.28 25.57 2.34
C VAL A 284 6.05 26.72 2.97
N GLN A 285 5.39 27.44 3.86
CA GLN A 285 6.01 28.58 4.53
C GLN A 285 7.18 28.12 5.40
N ASN A 286 6.99 27.00 6.08
CA ASN A 286 8.04 26.46 6.95
C ASN A 286 8.94 25.52 6.16
N LYS A 287 8.50 25.14 4.97
CA LYS A 287 9.27 24.23 4.13
C LYS A 287 9.46 22.88 4.80
N GLN A 288 8.46 22.48 5.59
CA GLN A 288 8.52 21.20 6.28
C GLN A 288 7.94 20.10 5.41
N VAL A 289 8.30 20.10 4.14
CA VAL A 289 7.81 19.10 3.18
C VAL A 289 8.89 18.07 2.89
N TYR A 290 8.50 16.80 2.88
CA TYR A 290 9.45 15.72 2.59
C TYR A 290 9.04 14.99 1.32
N ALA A 291 9.99 14.78 0.43
CA ALA A 291 9.73 14.08 -0.83
C ALA A 291 9.77 12.57 -0.62
N LEU A 292 8.63 12.00 -0.27
CA LEU A 292 8.54 10.56 -0.06
C LEU A 292 8.82 9.80 -1.35
N GLY A 293 8.28 10.31 -2.45
CA GLY A 293 8.48 9.66 -3.75
C GLY A 293 7.52 8.49 -3.91
N THR A 294 7.39 8.01 -5.15
CA THR A 294 6.51 6.87 -5.42
C THR A 294 7.14 5.56 -4.96
N GLU A 295 8.47 5.55 -4.89
CA GLU A 295 9.19 4.36 -4.46
C GLU A 295 8.94 4.09 -2.99
N THR A 296 8.78 5.15 -2.22
CA THR A 296 8.56 5.02 -0.78
C THR A 296 7.14 4.52 -0.50
N PHE A 297 6.54 3.89 -1.51
CA PHE A 297 5.18 3.38 -1.34
C PHE A 297 5.13 2.42 -0.17
N ARG A 298 6.02 1.45 -0.16
CA ARG A 298 6.09 0.46 0.93
C ARG A 298 7.32 0.71 1.76
N LEU A 299 7.24 0.37 3.05
CA LEU A 299 8.37 0.56 3.96
C LEU A 299 8.89 -0.77 4.47
N ASP A 300 10.18 -1.02 4.28
CA ASP A 300 10.80 -2.26 4.72
C ASP A 300 12.25 -2.02 5.13
N TYR A 301 12.83 -2.99 5.83
CA TYR A 301 14.21 -2.87 6.27
C TYR A 301 15.11 -2.45 5.12
N TYR A 302 14.84 -2.97 3.93
CA TYR A 302 15.63 -2.66 2.75
C TYR A 302 15.39 -1.21 2.31
N SER A 303 14.17 -0.94 1.86
CA SER A 303 13.83 0.39 1.39
C SER A 303 13.98 1.42 2.50
N ALA A 304 13.72 1.00 3.73
CA ALA A 304 13.82 1.90 4.87
C ALA A 304 15.18 2.58 4.90
N MET A 305 16.18 1.92 4.32
CA MET A 305 17.53 2.48 4.29
C MET A 305 17.57 3.78 3.50
N GLN A 306 16.84 3.80 2.38
CA GLN A 306 16.80 5.00 1.53
C GLN A 306 15.86 6.05 2.13
N VAL A 307 14.70 5.61 2.58
CA VAL A 307 13.72 6.51 3.17
C VAL A 307 14.26 7.07 4.48
N LEU A 308 14.87 6.21 5.29
CA LEU A 308 15.38 6.63 6.57
C LEU A 308 16.42 7.74 6.39
N ASP A 309 17.35 7.53 5.48
CA ASP A 309 18.38 8.53 5.22
C ASP A 309 17.77 9.76 4.54
N ARG A 310 16.84 9.51 3.62
CA ARG A 310 16.21 10.59 2.88
C ARG A 310 15.46 11.51 3.84
N LEU A 311 14.84 10.93 4.85
CA LEU A 311 14.08 11.70 5.83
C LEU A 311 14.99 12.15 6.96
N LYS A 312 16.28 11.88 6.83
CA LYS A 312 17.26 12.28 7.85
C LYS A 312 18.20 13.35 7.30
N ALA A 313 18.15 13.56 5.99
CA ALA A 313 18.99 14.56 5.36
C ALA A 313 18.65 15.96 5.88
N LEU A 314 17.36 16.20 6.12
CA LEU A 314 16.93 17.50 6.61
C LEU A 314 17.57 17.79 7.95
N PHE A 315 17.49 16.83 8.87
CA PHE A 315 18.07 17.01 10.20
C PHE A 315 19.58 16.76 10.15
N ALA A 24 1.19 -24.46 7.46
CA ALA A 24 1.58 -25.70 8.19
C ALA A 24 2.27 -26.66 7.22
N ASP A 25 2.66 -27.82 7.74
CA ASP A 25 3.33 -28.82 6.90
C ASP A 25 2.32 -29.77 6.28
N TRP A 26 1.05 -29.57 6.64
CA TRP A 26 -0.02 -30.42 6.11
C TRP A 26 -1.29 -29.61 5.88
N PRO A 27 -2.32 -30.24 5.39
CA PRO A 27 -3.62 -29.58 5.12
C PRO A 27 -4.24 -29.00 6.39
N ARG A 28 -4.92 -27.87 6.24
CA ARG A 28 -5.55 -27.21 7.38
C ARG A 28 -6.70 -26.33 6.92
N GLN A 29 -7.36 -25.67 7.87
CA GLN A 29 -8.48 -24.78 7.55
C GLN A 29 -8.13 -23.35 7.92
N ILE A 30 -8.47 -22.42 7.03
CA ILE A 30 -8.19 -21.00 7.25
C ILE A 30 -9.48 -20.19 7.16
N THR A 31 -9.58 -19.14 7.96
CA THR A 31 -10.76 -18.28 7.97
C THR A 31 -10.38 -16.85 7.59
N ASP A 32 -11.19 -16.24 6.72
CA ASP A 32 -10.95 -14.86 6.28
C ASP A 32 -11.82 -13.89 7.07
N SER A 33 -12.27 -12.84 6.40
CA SER A 33 -13.13 -11.85 7.05
C SER A 33 -14.43 -12.47 7.49
N ARG A 34 -14.95 -13.40 6.68
CA ARG A 34 -16.21 -14.07 7.00
C ARG A 34 -16.18 -15.51 6.48
N GLY A 35 -16.24 -15.66 5.16
CA GLY A 35 -16.25 -16.98 4.55
C GLY A 35 -15.01 -17.76 4.95
N THR A 36 -15.18 -19.07 5.13
CA THR A 36 -14.07 -19.94 5.53
C THR A 36 -13.72 -20.89 4.40
N HIS A 37 -12.43 -20.95 4.08
CA HIS A 37 -11.95 -21.84 3.00
C HIS A 37 -11.04 -22.91 3.56
N THR A 38 -11.32 -24.16 3.22
CA THR A 38 -10.52 -25.28 3.69
C THR A 38 -9.33 -25.51 2.77
N LEU A 39 -8.13 -25.62 3.36
CA LEU A 39 -6.93 -25.85 2.57
C LEU A 39 -6.57 -27.33 2.57
N GLU A 40 -7.27 -28.11 1.74
CA GLU A 40 -7.03 -29.53 1.65
C GLU A 40 -5.65 -29.81 1.07
N SER A 41 -5.19 -28.92 0.18
CA SER A 41 -3.90 -29.08 -0.45
C SER A 41 -3.65 -27.96 -1.45
N GLN A 42 -2.75 -27.04 -1.11
CA GLN A 42 -2.44 -25.91 -1.99
C GLN A 42 -0.94 -25.88 -2.31
N PRO A 43 -0.54 -26.53 -3.37
CA PRO A 43 0.90 -26.57 -3.80
C PRO A 43 1.45 -25.17 -4.01
N GLN A 44 2.75 -25.00 -3.77
CA GLN A 44 3.41 -23.70 -3.91
C GLN A 44 2.89 -22.97 -5.15
N ARG A 45 1.75 -22.31 -5.00
CA ARG A 45 1.14 -21.58 -6.11
C ARG A 45 0.32 -20.41 -5.58
N ILE A 46 1.00 -19.43 -4.99
CA ILE A 46 0.32 -18.27 -4.44
C ILE A 46 -0.08 -17.31 -5.56
N VAL A 47 -1.34 -16.87 -5.54
CA VAL A 47 -1.86 -15.95 -6.55
C VAL A 47 -2.39 -14.69 -5.89
N SER A 48 -2.27 -13.56 -6.58
CA SER A 48 -2.75 -12.29 -6.05
C SER A 48 -3.47 -11.50 -7.12
N THR A 49 -4.53 -10.79 -6.72
CA THR A 49 -5.31 -9.98 -7.66
C THR A 49 -4.91 -8.52 -7.57
N SER A 50 -5.05 -7.93 -6.39
CA SER A 50 -4.70 -6.53 -6.19
C SER A 50 -3.20 -6.38 -6.02
N VAL A 51 -2.69 -5.18 -6.33
CA VAL A 51 -1.27 -4.91 -6.20
C VAL A 51 -0.88 -4.75 -4.73
N THR A 52 -1.87 -4.43 -3.90
CA THR A 52 -1.59 -4.23 -2.48
C THR A 52 -1.01 -5.49 -1.85
N LEU A 53 -1.68 -6.61 -2.06
CA LEU A 53 -1.21 -7.88 -1.55
C LEU A 53 0.09 -8.29 -2.23
N THR A 54 0.12 -8.09 -3.55
CA THR A 54 1.31 -8.47 -4.33
C THR A 54 2.57 -8.04 -3.60
N GLY A 55 2.66 -6.77 -3.26
CA GLY A 55 3.81 -6.26 -2.53
C GLY A 55 3.85 -6.79 -1.10
N SER A 56 2.67 -6.87 -0.49
CA SER A 56 2.57 -7.35 0.89
C SER A 56 3.06 -8.78 0.99
N LEU A 57 2.65 -9.62 0.03
CA LEU A 57 3.06 -11.02 0.01
C LEU A 57 4.56 -11.12 -0.23
N LEU A 58 5.06 -10.32 -1.14
CA LEU A 58 6.48 -10.34 -1.48
C LEU A 58 7.33 -9.95 -0.27
N ALA A 59 6.85 -8.97 0.48
CA ALA A 59 7.58 -8.49 1.64
C ALA A 59 7.77 -9.59 2.67
N ILE A 60 6.77 -10.45 2.82
CA ILE A 60 6.82 -11.53 3.78
C ILE A 60 7.38 -12.80 3.15
N ASP A 61 8.22 -12.63 2.13
CA ASP A 61 8.84 -13.77 1.46
C ASP A 61 7.77 -14.72 0.93
N ALA A 62 6.82 -14.19 0.17
CA ALA A 62 5.75 -15.00 -0.40
C ALA A 62 5.47 -14.56 -1.83
N PRO A 63 6.33 -14.93 -2.75
CA PRO A 63 6.18 -14.54 -4.19
C PRO A 63 4.92 -15.13 -4.81
N VAL A 64 4.35 -14.41 -5.77
CA VAL A 64 3.14 -14.86 -6.44
C VAL A 64 3.45 -15.20 -7.91
N ILE A 65 2.91 -16.33 -8.35
CA ILE A 65 3.11 -16.76 -9.73
C ILE A 65 2.36 -15.85 -10.70
N ALA A 66 1.12 -15.51 -10.37
CA ALA A 66 0.29 -14.67 -11.23
C ALA A 66 -0.21 -13.44 -10.47
N SER A 67 -0.03 -12.28 -11.07
CA SER A 67 -0.47 -11.04 -10.43
C SER A 67 -0.74 -9.97 -11.48
N GLY A 68 -1.35 -8.87 -11.07
CA GLY A 68 -1.66 -7.78 -11.99
C GLY A 68 -0.77 -6.58 -11.72
N ALA A 69 -0.99 -5.50 -12.46
CA ALA A 69 -0.21 -4.26 -12.28
C ALA A 69 -1.13 -3.05 -12.22
N THR A 70 -0.56 -1.90 -11.89
CA THR A 70 -1.33 -0.67 -11.78
C THR A 70 -0.62 0.46 -12.49
N THR A 71 -0.12 1.42 -11.71
CA THR A 71 0.57 2.57 -12.28
C THR A 71 2.08 2.42 -12.10
N PRO A 72 2.83 3.38 -12.57
CA PRO A 72 4.32 3.38 -12.45
C PRO A 72 4.78 3.36 -10.99
N ASN A 73 4.36 2.34 -10.26
CA ASN A 73 4.73 2.20 -8.87
C ASN A 73 6.22 2.02 -8.71
N ASN A 74 6.83 1.31 -9.68
CA ASN A 74 8.27 1.03 -9.66
C ASN A 74 8.54 -0.32 -9.03
N ARG A 75 7.77 -0.66 -8.01
CA ARG A 75 7.91 -1.95 -7.34
C ARG A 75 7.62 -3.09 -8.31
N VAL A 76 6.60 -2.90 -9.14
CA VAL A 76 6.23 -3.90 -10.13
C VAL A 76 7.24 -3.94 -11.27
N ALA A 77 7.90 -2.81 -11.50
CA ALA A 77 8.90 -2.72 -12.56
C ALA A 77 9.88 -3.87 -12.50
N ASP A 78 10.93 -3.81 -13.31
CA ASP A 78 11.93 -4.87 -13.33
C ASP A 78 12.82 -4.79 -12.10
N ASP A 79 14.05 -5.29 -12.23
CA ASP A 79 14.99 -5.28 -11.12
C ASP A 79 15.14 -3.87 -10.55
N GLN A 80 14.53 -2.89 -11.21
CA GLN A 80 14.60 -1.51 -10.76
C GLN A 80 13.49 -1.23 -9.75
N GLY A 81 13.89 -0.96 -8.51
CA GLY A 81 12.92 -0.66 -7.47
C GLY A 81 12.37 -1.92 -6.83
N PHE A 82 13.21 -2.61 -6.04
CA PHE A 82 12.80 -3.83 -5.37
C PHE A 82 13.43 -3.93 -4.00
N LEU A 83 12.72 -4.56 -3.07
CA LEU A 83 13.23 -4.74 -1.71
C LEU A 83 14.09 -5.98 -1.64
N ARG A 84 13.51 -7.08 -1.14
CA ARG A 84 14.23 -8.34 -1.04
C ARG A 84 14.62 -8.84 -2.41
N GLN A 85 13.68 -8.75 -3.37
CA GLN A 85 13.93 -9.17 -4.74
C GLN A 85 13.53 -10.63 -4.95
N TRP A 86 12.29 -10.95 -4.58
CA TRP A 86 11.78 -12.32 -4.75
C TRP A 86 10.84 -12.40 -5.95
N SER A 87 10.50 -11.25 -6.51
CA SER A 87 9.61 -11.19 -7.66
C SER A 87 10.25 -11.87 -8.87
N LYS A 88 11.56 -11.74 -8.97
CA LYS A 88 12.29 -12.34 -10.08
C LYS A 88 11.88 -13.80 -10.25
N VAL A 89 11.39 -14.40 -9.18
CA VAL A 89 10.94 -15.79 -9.24
C VAL A 89 9.67 -15.93 -10.07
N ALA A 90 8.71 -15.04 -9.82
CA ALA A 90 7.45 -15.07 -10.55
C ALA A 90 7.69 -14.87 -12.04
N LYS A 91 8.47 -13.85 -12.37
CA LYS A 91 8.78 -13.58 -13.78
C LYS A 91 9.53 -14.76 -14.40
N GLU A 92 10.42 -15.35 -13.62
CA GLU A 92 11.21 -16.48 -14.11
C GLU A 92 10.29 -17.57 -14.66
N ARG A 93 9.11 -17.69 -14.07
CA ARG A 93 8.14 -18.69 -14.52
C ARG A 93 7.25 -18.12 -15.58
N LYS A 94 7.48 -16.86 -15.95
CA LYS A 94 6.69 -16.20 -16.99
C LYS A 94 5.41 -15.64 -16.40
N LEU A 95 4.70 -16.47 -15.64
CA LEU A 95 3.44 -16.05 -15.01
C LEU A 95 3.64 -14.72 -14.38
N GLN A 96 2.54 -13.93 -14.26
CA GLN A 96 2.58 -12.57 -13.69
C GLN A 96 2.05 -11.55 -14.70
N ARG A 97 0.75 -11.28 -14.64
CA ARG A 97 0.14 -10.31 -15.54
C ARG A 97 0.51 -8.88 -15.12
N LEU A 98 0.73 -8.02 -16.09
CA LEU A 98 1.10 -6.63 -15.81
C LEU A 98 0.25 -5.67 -16.63
N TYR A 99 -0.95 -6.11 -16.99
CA TYR A 99 -1.86 -5.28 -17.78
C TYR A 99 -3.28 -5.43 -17.29
N ILE A 100 -3.99 -4.32 -17.17
CA ILE A 100 -5.38 -4.32 -16.72
C ILE A 100 -6.22 -3.39 -17.57
N GLY A 101 -7.54 -3.54 -17.48
CA GLY A 101 -8.46 -2.70 -18.25
C GLY A 101 -9.69 -3.49 -18.66
N GLU A 102 -9.53 -4.80 -18.82
CA GLU A 102 -10.65 -5.66 -19.20
C GLU A 102 -10.44 -7.07 -18.65
N PRO A 103 -10.56 -7.23 -17.36
CA PRO A 103 -10.37 -8.56 -16.70
C PRO A 103 -11.35 -9.60 -17.21
N SER A 104 -10.89 -10.84 -17.28
CA SER A 104 -11.76 -11.93 -17.74
C SER A 104 -11.60 -13.16 -16.85
N ALA A 105 -12.72 -13.79 -16.54
CA ALA A 105 -12.70 -14.98 -15.69
C ALA A 105 -12.04 -16.15 -16.40
N GLU A 106 -12.29 -16.25 -17.70
CA GLU A 106 -11.72 -17.33 -18.50
C GLU A 106 -10.20 -17.21 -18.55
N ALA A 107 -9.71 -16.00 -18.72
CA ALA A 107 -8.27 -15.76 -18.78
C ALA A 107 -7.60 -16.17 -17.47
N VAL A 108 -8.25 -15.83 -16.36
CA VAL A 108 -7.72 -16.17 -15.05
C VAL A 108 -7.66 -17.69 -14.88
N ALA A 109 -8.72 -18.36 -15.31
CA ALA A 109 -8.79 -19.82 -15.20
C ALA A 109 -7.68 -20.46 -16.03
N ALA A 110 -7.36 -19.84 -17.17
CA ALA A 110 -6.31 -20.35 -18.03
C ALA A 110 -4.98 -20.38 -17.31
N GLN A 111 -4.88 -19.60 -16.23
CA GLN A 111 -3.64 -19.54 -15.45
C GLN A 111 -3.61 -20.65 -14.41
N MET A 112 -4.72 -21.38 -14.29
CA MET A 112 -4.81 -22.47 -13.32
C MET A 112 -4.29 -22.02 -11.95
N PRO A 113 -4.86 -20.97 -11.43
CA PRO A 113 -4.47 -20.42 -10.08
C PRO A 113 -4.88 -21.35 -8.95
N ASP A 114 -4.11 -21.34 -7.87
CA ASP A 114 -4.42 -22.18 -6.71
C ASP A 114 -5.08 -21.35 -5.62
N LEU A 115 -4.29 -20.49 -4.97
CA LEU A 115 -4.81 -19.64 -3.90
C LEU A 115 -4.79 -18.18 -4.34
N ILE A 116 -5.98 -17.60 -4.49
CA ILE A 116 -6.08 -16.20 -4.91
C ILE A 116 -6.39 -15.31 -3.71
N LEU A 117 -5.58 -14.28 -3.52
CA LEU A 117 -5.77 -13.36 -2.40
C LEU A 117 -6.22 -11.99 -2.90
N ILE A 118 -7.25 -11.44 -2.26
CA ILE A 118 -7.79 -10.15 -2.65
C ILE A 118 -7.70 -9.15 -1.49
N SER A 119 -7.35 -7.91 -1.80
CA SER A 119 -7.25 -6.87 -0.79
C SER A 119 -8.61 -6.27 -0.48
N ALA A 120 -8.67 -5.49 0.60
CA ALA A 120 -9.92 -4.87 1.00
C ALA A 120 -10.41 -3.92 -0.11
N THR A 121 -9.48 -3.25 -0.76
CA THR A 121 -9.83 -2.32 -1.83
C THR A 121 -8.86 -2.45 -3.01
N GLY A 122 -9.29 -2.02 -4.18
CA GLY A 122 -8.46 -2.11 -5.37
C GLY A 122 -8.89 -1.09 -6.41
N GLY A 123 -8.14 -1.02 -7.51
CA GLY A 123 -8.45 -0.07 -8.57
C GLY A 123 -9.82 -0.36 -9.18
N ASP A 124 -10.17 -1.65 -9.24
CA ASP A 124 -11.46 -2.07 -9.81
C ASP A 124 -12.24 -2.89 -8.80
N SER A 125 -13.56 -2.83 -8.89
CA SER A 125 -14.43 -3.57 -7.98
C SER A 125 -14.21 -5.07 -8.17
N ALA A 126 -14.21 -5.80 -7.06
CA ALA A 126 -14.02 -7.25 -7.09
C ALA A 126 -15.21 -7.98 -6.47
N LEU A 127 -16.28 -7.24 -6.24
CA LEU A 127 -17.48 -7.81 -5.63
C LEU A 127 -18.03 -8.92 -6.53
N ALA A 128 -18.00 -8.69 -7.84
CA ALA A 128 -18.51 -9.68 -8.79
C ALA A 128 -17.43 -10.74 -9.09
N LEU A 129 -16.18 -10.30 -9.12
CA LEU A 129 -15.08 -11.20 -9.38
C LEU A 129 -14.85 -12.12 -8.19
N TYR A 130 -15.06 -11.59 -6.99
CA TYR A 130 -14.85 -12.37 -5.78
C TYR A 130 -15.40 -13.78 -5.92
N ASP A 131 -16.71 -13.88 -6.11
CA ASP A 131 -17.35 -15.19 -6.23
C ASP A 131 -16.88 -15.90 -7.51
N GLN A 132 -16.81 -15.14 -8.61
CA GLN A 132 -16.40 -15.72 -9.88
C GLN A 132 -14.97 -16.26 -9.77
N LEU A 133 -14.16 -15.60 -8.96
CA LEU A 133 -12.78 -16.04 -8.74
C LEU A 133 -12.73 -17.29 -7.87
N SER A 134 -13.58 -17.31 -6.84
CA SER A 134 -13.60 -18.44 -5.93
C SER A 134 -13.89 -19.73 -6.69
N THR A 135 -14.92 -19.71 -7.53
CA THR A 135 -15.28 -20.88 -8.31
C THR A 135 -14.06 -21.39 -9.08
N ILE A 136 -13.31 -20.47 -9.65
CA ILE A 136 -12.11 -20.83 -10.40
C ILE A 136 -11.06 -21.43 -9.48
N ALA A 137 -10.88 -20.83 -8.32
CA ALA A 137 -9.90 -21.31 -7.36
C ALA A 137 -10.08 -20.63 -6.00
N PRO A 138 -9.69 -21.28 -4.94
CA PRO A 138 -9.81 -20.72 -3.56
C PRO A 138 -9.46 -19.24 -3.52
N THR A 139 -10.49 -18.41 -3.35
CA THR A 139 -10.29 -16.96 -3.29
C THR A 139 -10.52 -16.46 -1.87
N LEU A 140 -9.51 -15.82 -1.30
CA LEU A 140 -9.60 -15.28 0.06
C LEU A 140 -9.50 -13.76 0.04
N ILE A 141 -10.08 -13.13 1.05
CA ILE A 141 -10.06 -11.68 1.15
C ILE A 141 -9.59 -11.24 2.53
N ILE A 142 -8.61 -10.34 2.56
CA ILE A 142 -8.07 -9.84 3.83
C ILE A 142 -8.46 -8.37 4.03
N ASN A 143 -9.12 -8.10 5.14
CA ASN A 143 -9.54 -6.74 5.45
C ASN A 143 -8.61 -6.12 6.48
N TYR A 144 -7.75 -5.22 6.03
CA TYR A 144 -6.79 -4.56 6.91
C TYR A 144 -7.30 -3.18 7.34
N ASP A 145 -8.48 -2.83 6.86
CA ASP A 145 -9.06 -1.53 7.19
C ASP A 145 -9.38 -1.44 8.68
N ASP A 146 -9.81 -2.57 9.25
CA ASP A 146 -10.16 -2.61 10.67
C ASP A 146 -9.04 -3.23 11.49
N LYS A 147 -7.88 -3.45 10.86
CA LYS A 147 -6.74 -4.04 11.54
C LYS A 147 -5.47 -3.25 11.24
N SER A 148 -4.57 -3.20 12.22
CA SER A 148 -3.31 -2.47 12.05
C SER A 148 -2.32 -3.31 11.24
N TRP A 149 -1.21 -2.69 10.85
CA TRP A 149 -0.20 -3.39 10.06
C TRP A 149 0.30 -4.62 10.80
N GLN A 150 0.67 -4.44 12.08
CA GLN A 150 1.16 -5.55 12.88
C GLN A 150 0.15 -6.69 12.88
N SER A 151 -1.11 -6.36 13.12
CA SER A 151 -2.18 -7.36 13.09
C SER A 151 -2.31 -7.97 11.70
N LEU A 152 -2.19 -7.13 10.68
CA LEU A 152 -2.31 -7.60 9.32
C LEU A 152 -1.22 -8.61 9.02
N LEU A 153 0.00 -8.32 9.44
CA LEU A 153 1.10 -9.22 9.20
C LEU A 153 0.85 -10.57 9.88
N THR A 154 0.34 -10.51 11.10
CA THR A 154 0.05 -11.74 11.84
C THR A 154 -0.87 -12.64 11.03
N GLN A 155 -1.93 -12.04 10.47
CA GLN A 155 -2.87 -12.80 9.66
C GLN A 155 -2.16 -13.40 8.45
N LEU A 156 -1.28 -12.63 7.85
CA LEU A 156 -0.54 -13.10 6.68
C LEU A 156 0.31 -14.31 7.03
N GLY A 157 0.95 -14.26 8.18
CA GLY A 157 1.77 -15.37 8.63
C GLY A 157 0.92 -16.59 8.89
N GLU A 158 -0.26 -16.37 9.46
CA GLU A 158 -1.17 -17.48 9.76
C GLU A 158 -1.75 -18.07 8.49
N ILE A 159 -2.19 -17.19 7.58
CA ILE A 159 -2.77 -17.64 6.32
C ILE A 159 -1.74 -18.37 5.47
N THR A 160 -0.53 -17.81 5.41
CA THR A 160 0.54 -18.41 4.61
C THR A 160 1.41 -19.32 5.48
N GLY A 161 1.17 -19.28 6.78
CA GLY A 161 1.94 -20.11 7.71
C GLY A 161 3.41 -19.69 7.73
N HIS A 162 3.65 -18.42 7.40
CA HIS A 162 5.02 -17.90 7.37
C HIS A 162 5.31 -17.04 8.61
N GLU A 163 5.02 -17.61 9.78
CA GLU A 163 5.25 -16.91 11.03
C GLU A 163 6.74 -16.74 11.30
N LYS A 164 7.50 -17.78 10.97
CA LYS A 164 8.94 -17.75 11.19
C LYS A 164 9.57 -16.60 10.41
N GLN A 165 9.20 -16.48 9.14
CA GLN A 165 9.74 -15.41 8.30
C GLN A 165 9.38 -14.05 8.87
N ALA A 166 8.15 -13.93 9.38
CA ALA A 166 7.70 -12.68 9.96
C ALA A 166 8.54 -12.32 11.18
N ALA A 167 8.87 -13.32 11.98
CA ALA A 167 9.68 -13.11 13.18
C ALA A 167 11.07 -12.61 12.79
N GLU A 168 11.52 -13.01 11.60
CA GLU A 168 12.83 -12.59 11.11
C GLU A 168 12.81 -11.13 10.66
N ARG A 169 11.86 -10.80 9.78
CA ARG A 169 11.76 -9.44 9.28
C ARG A 169 11.41 -8.49 10.41
N ILE A 170 10.49 -8.89 11.28
CA ILE A 170 10.09 -8.05 12.39
C ILE A 170 11.25 -7.80 13.33
N ALA A 171 12.02 -8.85 13.62
CA ALA A 171 13.17 -8.72 14.51
C ALA A 171 14.19 -7.74 13.92
N GLN A 172 14.71 -8.09 12.74
CA GLN A 172 15.71 -7.25 12.09
C GLN A 172 15.18 -5.82 11.93
N PHE A 173 13.88 -5.70 11.68
CA PHE A 173 13.27 -4.40 11.52
C PHE A 173 13.00 -3.75 12.88
N ASP A 174 12.66 -4.56 13.87
CA ASP A 174 12.36 -4.06 15.20
C ASP A 174 13.53 -3.22 15.72
N LYS A 175 14.75 -3.70 15.46
CA LYS A 175 15.93 -2.98 15.91
C LYS A 175 16.01 -1.60 15.25
N GLN A 176 15.70 -1.56 13.96
CA GLN A 176 15.73 -0.30 13.22
C GLN A 176 14.67 0.66 13.76
N LEU A 177 13.52 0.11 14.10
CA LEU A 177 12.43 0.92 14.64
C LEU A 177 12.85 1.58 15.94
N ALA A 178 13.52 0.83 16.80
CA ALA A 178 13.97 1.37 18.07
C ALA A 178 14.94 2.53 17.86
N ALA A 179 15.98 2.27 17.08
CA ALA A 179 16.97 3.31 16.79
C ALA A 179 16.35 4.43 15.96
N ALA A 180 15.54 4.06 14.99
CA ALA A 180 14.88 5.04 14.13
C ALA A 180 13.93 5.91 14.95
N LYS A 181 13.22 5.30 15.88
CA LYS A 181 12.29 6.03 16.73
C LYS A 181 13.02 7.05 17.57
N GLU A 182 14.26 6.73 17.95
CA GLU A 182 15.06 7.65 18.77
C GLU A 182 15.95 8.52 17.89
N GLN A 183 16.22 8.05 16.67
CA GLN A 183 17.06 8.80 15.75
C GLN A 183 16.41 10.13 15.37
N ILE A 184 15.11 10.09 15.12
CA ILE A 184 14.38 11.29 14.74
C ILE A 184 14.12 12.17 15.96
N LYS A 185 14.38 13.47 15.81
CA LYS A 185 14.17 14.42 16.91
C LYS A 185 13.29 15.57 16.45
N LEU A 186 12.05 15.57 16.92
CA LEU A 186 11.13 16.63 16.55
C LEU A 186 9.78 16.45 17.27
N PRO A 187 9.31 17.47 17.93
CA PRO A 187 8.02 17.41 18.68
C PRO A 187 6.91 16.71 17.88
N PRO A 188 5.97 16.10 18.57
CA PRO A 188 4.83 15.39 17.91
C PRO A 188 3.88 16.34 17.22
N GLN A 189 3.37 15.91 16.07
CA GLN A 189 2.43 16.74 15.33
C GLN A 189 1.81 15.95 14.17
N PRO A 190 0.57 16.22 13.85
CA PRO A 190 -0.14 15.53 12.73
C PRO A 190 0.43 15.92 11.37
N VAL A 191 0.28 15.03 10.39
CA VAL A 191 0.77 15.28 9.04
C VAL A 191 -0.25 14.82 8.00
N THR A 192 -0.08 15.29 6.78
CA THR A 192 -0.98 14.92 5.69
C THR A 192 -0.22 14.79 4.38
N ALA A 193 -0.89 14.25 3.36
CA ALA A 193 -0.26 14.08 2.05
C ALA A 193 -1.30 14.22 0.95
N ILE A 194 -0.95 14.94 -0.11
CA ILE A 194 -1.86 15.13 -1.24
C ILE A 194 -1.14 14.90 -2.55
N VAL A 195 -1.87 14.38 -3.54
CA VAL A 195 -1.29 14.13 -4.86
C VAL A 195 -2.22 14.65 -5.95
N TYR A 196 -1.65 15.39 -6.89
CA TYR A 196 -2.44 15.93 -8.00
C TYR A 196 -1.56 16.12 -9.23
N THR A 197 -2.19 16.10 -10.40
CA THR A 197 -1.45 16.28 -11.66
C THR A 197 -2.01 17.46 -12.43
N ALA A 198 -1.14 18.42 -12.73
CA ALA A 198 -1.55 19.61 -13.47
C ALA A 198 -2.10 19.22 -14.84
N ALA A 199 -1.66 18.09 -15.35
CA ALA A 199 -2.11 17.60 -16.64
C ALA A 199 -3.52 17.05 -16.57
N ALA A 200 -3.74 16.17 -15.59
CA ALA A 200 -5.05 15.56 -15.40
C ALA A 200 -6.04 16.57 -14.83
N HIS A 201 -5.53 17.71 -14.40
CA HIS A 201 -6.38 18.75 -13.83
C HIS A 201 -7.33 18.15 -12.81
N SER A 202 -6.80 17.26 -11.97
CA SER A 202 -7.61 16.63 -10.93
C SER A 202 -6.85 16.58 -9.61
N ALA A 203 -7.58 16.72 -8.50
CA ALA A 203 -6.96 16.70 -7.18
C ALA A 203 -7.38 15.44 -6.43
N ASN A 204 -6.40 14.57 -6.17
CA ASN A 204 -6.68 13.32 -5.45
C ASN A 204 -5.86 13.26 -4.17
N LEU A 205 -6.51 12.89 -3.08
CA LEU A 205 -5.84 12.80 -1.79
C LEU A 205 -5.75 11.36 -1.33
N TRP A 206 -4.66 11.02 -0.63
CA TRP A 206 -4.48 9.67 -0.13
C TRP A 206 -4.85 9.61 1.36
N THR A 207 -5.70 8.67 1.70
CA THR A 207 -6.16 8.51 3.08
C THR A 207 -5.27 7.50 3.83
N PRO A 208 -5.18 7.63 5.12
CA PRO A 208 -4.39 6.70 5.97
C PRO A 208 -5.00 5.30 6.01
N GLU A 209 -6.27 5.20 5.65
CA GLU A 209 -6.96 3.91 5.66
C GLU A 209 -6.13 2.86 4.94
N SER A 210 -5.18 3.30 4.13
CA SER A 210 -4.31 2.38 3.41
C SER A 210 -3.27 1.78 4.34
N ALA A 211 -2.59 0.74 3.87
CA ALA A 211 -1.57 0.08 4.67
C ALA A 211 -0.46 1.05 5.04
N GLN A 212 -0.15 1.97 4.12
CA GLN A 212 0.89 2.95 4.37
C GLN A 212 0.61 3.75 5.65
N GLY A 213 -0.65 4.11 5.84
CA GLY A 213 -1.04 4.87 7.02
C GLY A 213 -0.71 4.09 8.31
N GLN A 214 -0.98 2.80 8.31
CA GLN A 214 -0.70 1.97 9.48
C GLN A 214 0.80 1.92 9.75
N MET A 215 1.59 1.83 8.68
CA MET A 215 3.03 1.78 8.82
C MET A 215 3.55 3.06 9.47
N LEU A 216 3.00 4.19 9.05
CA LEU A 216 3.41 5.47 9.62
C LEU A 216 3.07 5.53 11.10
N GLU A 217 1.84 5.21 11.44
CA GLU A 217 1.41 5.22 12.84
C GLU A 217 2.37 4.40 13.68
N GLN A 218 2.91 3.34 13.08
CA GLN A 218 3.85 2.48 13.79
C GLN A 218 5.19 3.20 14.00
N LEU A 219 5.43 4.24 13.20
CA LEU A 219 6.68 4.99 13.29
C LEU A 219 6.55 6.10 14.32
N GLY A 220 5.34 6.29 14.84
CA GLY A 220 5.12 7.33 15.84
C GLY A 220 4.52 8.59 15.21
N PHE A 221 4.25 8.51 13.91
CA PHE A 221 3.68 9.65 13.18
C PHE A 221 2.15 9.60 13.24
N THR A 222 1.53 10.77 13.18
CA THR A 222 0.07 10.86 13.21
C THR A 222 -0.47 11.40 11.89
N LEU A 223 -1.41 10.66 11.32
CA LEU A 223 -2.01 11.05 10.05
C LEU A 223 -3.25 11.90 10.26
N ALA A 224 -3.46 12.87 9.36
CA ALA A 224 -4.61 13.74 9.46
C ALA A 224 -5.89 12.97 9.15
N LYS A 225 -6.99 13.41 9.75
CA LYS A 225 -8.29 12.75 9.53
C LYS A 225 -9.35 13.77 9.18
N LEU A 226 -10.11 13.50 8.12
CA LEU A 226 -11.16 14.41 7.67
C LEU A 226 -12.53 13.75 7.85
N PRO A 227 -13.17 13.97 8.97
CA PRO A 227 -14.52 13.40 9.24
C PRO A 227 -15.52 13.76 8.15
N ALA A 228 -16.35 12.80 7.77
CA ALA A 228 -17.34 13.03 6.72
C ALA A 228 -16.67 13.39 5.41
N GLY A 229 -15.45 13.93 5.48
CA GLY A 229 -14.70 14.30 4.30
C GLY A 229 -14.22 13.07 3.55
N LEU A 230 -13.60 12.15 4.27
CA LEU A 230 -13.07 10.94 3.64
C LEU A 230 -14.18 10.23 2.88
N ASN A 231 -15.38 10.26 3.42
CA ASN A 231 -16.53 9.63 2.76
C ASN A 231 -16.86 10.34 1.45
N ALA A 232 -15.83 10.82 0.75
CA ALA A 232 -16.04 11.52 -0.52
C ALA A 232 -17.25 12.43 -0.45
N SER A 233 -17.03 13.65 0.02
CA SER A 233 -18.12 14.62 0.13
C SER A 233 -18.40 15.27 -1.22
N GLN A 234 -17.47 15.10 -2.15
CA GLN A 234 -17.64 15.67 -3.49
C GLN A 234 -18.33 14.68 -4.42
N SER A 235 -17.94 13.42 -4.32
CA SER A 235 -18.51 12.37 -5.15
C SER A 235 -19.99 12.16 -4.81
N GLN A 236 -20.40 12.67 -3.65
CA GLN A 236 -21.77 12.53 -3.21
C GLN A 236 -22.19 11.05 -3.18
N GLY A 237 -21.29 10.21 -2.66
CA GLY A 237 -21.57 8.79 -2.58
C GLY A 237 -20.39 8.04 -1.96
N LYS A 238 -20.16 6.82 -2.43
CA LYS A 238 -19.05 6.01 -1.91
C LYS A 238 -18.12 5.59 -3.06
N ARG A 239 -16.82 5.56 -2.76
CA ARG A 239 -15.83 5.19 -3.77
C ARG A 239 -14.61 4.56 -3.10
N HIS A 240 -13.98 3.63 -3.81
CA HIS A 240 -12.79 2.95 -3.28
C HIS A 240 -11.52 3.57 -3.86
N ASP A 241 -10.47 2.77 -3.95
CA ASP A 241 -9.20 3.24 -4.49
C ASP A 241 -8.72 4.47 -3.72
N ILE A 242 -9.08 5.65 -4.21
CA ILE A 242 -8.68 6.90 -3.57
C ILE A 242 -9.88 7.77 -3.29
N ILE A 243 -9.65 8.89 -2.61
CA ILE A 243 -10.72 9.82 -2.25
C ILE A 243 -10.48 11.20 -2.85
N GLN A 244 -11.55 11.82 -3.33
CA GLN A 244 -11.46 13.15 -3.93
C GLN A 244 -11.85 14.22 -2.92
N LEU A 245 -11.59 15.48 -3.27
CA LEU A 245 -11.93 16.60 -2.39
C LEU A 245 -12.29 17.84 -3.20
N GLY A 246 -13.15 18.68 -2.63
CA GLY A 246 -13.58 19.89 -3.31
C GLY A 246 -12.40 20.84 -3.52
N GLY A 247 -11.53 20.92 -2.52
CA GLY A 247 -10.35 21.79 -2.60
C GLY A 247 -10.24 22.65 -1.35
N GLU A 248 -11.12 22.41 -0.39
CA GLU A 248 -11.10 23.17 0.86
C GLU A 248 -9.98 22.68 1.77
N ASN A 249 -10.04 21.40 2.12
CA ASN A 249 -9.03 20.81 2.99
C ASN A 249 -7.66 20.88 2.35
N LEU A 250 -7.61 20.71 1.03
CA LEU A 250 -6.34 20.76 0.31
C LEU A 250 -5.58 22.05 0.64
N ALA A 251 -6.13 23.18 0.21
CA ALA A 251 -5.47 24.46 0.47
C ALA A 251 -5.20 24.62 1.96
N ALA A 252 -6.17 24.23 2.78
CA ALA A 252 -6.02 24.34 4.22
C ALA A 252 -5.07 23.28 4.74
N GLY A 253 -4.27 22.70 3.84
CA GLY A 253 -3.31 21.66 4.22
C GLY A 253 -3.82 20.83 5.38
N LEU A 254 -5.07 20.39 5.29
CA LEU A 254 -5.68 19.60 6.35
C LEU A 254 -5.28 20.14 7.72
N ASN A 255 -4.47 19.36 8.43
CA ASN A 255 -4.03 19.77 9.76
C ASN A 255 -3.25 21.07 9.68
N GLY A 256 -2.34 21.17 8.71
CA GLY A 256 -1.54 22.38 8.54
C GLY A 256 -0.33 22.37 9.45
N GLU A 257 -0.08 21.23 10.10
CA GLU A 257 1.06 21.11 11.00
C GLU A 257 2.23 20.40 10.31
N SER A 258 1.94 19.81 9.15
CA SER A 258 2.97 19.10 8.40
C SER A 258 2.37 18.44 7.17
N LEU A 259 3.12 18.44 6.07
CA LEU A 259 2.65 17.83 4.84
C LEU A 259 3.81 17.26 4.03
N PHE A 260 3.72 15.97 3.69
CA PHE A 260 4.77 15.32 2.88
C PHE A 260 4.34 15.26 1.44
N LEU A 261 5.32 15.44 0.55
CA LEU A 261 5.05 15.43 -0.88
C LEU A 261 5.30 14.04 -1.46
N PHE A 262 4.20 13.34 -1.78
CA PHE A 262 4.30 12.00 -2.35
C PHE A 262 4.04 12.06 -3.86
N ALA A 263 3.55 13.20 -4.33
CA ALA A 263 3.26 13.36 -5.75
C ALA A 263 4.56 13.35 -6.57
N GLY A 264 5.59 13.99 -6.03
CA GLY A 264 6.87 14.05 -6.71
C GLY A 264 7.90 14.79 -5.87
N ASP A 265 9.15 14.80 -6.34
CA ASP A 265 10.22 15.48 -5.62
C ASP A 265 10.10 17.00 -5.79
N GLN A 266 11.06 17.59 -6.48
CA GLN A 266 11.06 19.03 -6.70
C GLN A 266 9.92 19.43 -7.61
N LYS A 267 9.51 18.51 -8.48
CA LYS A 267 8.42 18.80 -9.42
C LYS A 267 7.16 19.16 -8.67
N ASP A 268 6.86 18.41 -7.62
CA ASP A 268 5.67 18.68 -6.82
C ASP A 268 5.78 20.05 -6.14
N ALA A 269 6.96 20.33 -5.58
CA ALA A 269 7.19 21.60 -4.92
C ALA A 269 6.81 22.75 -5.84
N ASP A 270 7.47 22.84 -6.99
CA ASP A 270 7.19 23.90 -7.94
C ASP A 270 5.70 23.97 -8.23
N ALA A 271 5.08 22.81 -8.41
CA ALA A 271 3.65 22.76 -8.69
C ALA A 271 2.88 23.50 -7.60
N ILE A 272 3.25 23.26 -6.34
CA ILE A 272 2.59 23.93 -5.22
C ILE A 272 2.81 25.43 -5.28
N TYR A 273 4.04 25.83 -5.57
CA TYR A 273 4.38 27.25 -5.64
C TYR A 273 3.48 27.95 -6.65
N ALA A 274 3.19 27.25 -7.75
CA ALA A 274 2.33 27.82 -8.78
C ALA A 274 0.88 27.75 -8.37
N ASN A 275 0.63 27.24 -7.15
CA ASN A 275 -0.73 27.13 -6.63
C ASN A 275 -0.91 28.03 -5.41
N PRO A 276 -1.35 29.24 -5.62
CA PRO A 276 -1.58 30.22 -4.52
C PRO A 276 -2.45 29.64 -3.41
N LEU A 277 -3.30 28.69 -3.78
CA LEU A 277 -4.19 28.06 -2.81
C LEU A 277 -3.38 27.32 -1.76
N LEU A 278 -2.34 26.63 -2.20
CA LEU A 278 -1.50 25.86 -1.29
C LEU A 278 -0.29 26.68 -0.86
N ALA A 279 -0.25 27.93 -1.30
CA ALA A 279 0.85 28.81 -0.95
C ALA A 279 0.79 29.21 0.53
N HIS A 280 -0.44 29.38 1.03
CA HIS A 280 -0.64 29.78 2.42
C HIS A 280 -0.49 28.57 3.35
N LEU A 281 -0.11 27.44 2.77
CA LEU A 281 0.06 26.24 3.54
C LEU A 281 1.26 26.37 4.48
N PRO A 282 1.06 26.24 5.77
CA PRO A 282 2.17 26.36 6.77
C PRO A 282 3.41 25.54 6.36
N ALA A 283 3.18 24.36 5.81
CA ALA A 283 4.28 23.50 5.39
C ALA A 283 5.16 24.23 4.37
N VAL A 284 4.53 24.90 3.43
CA VAL A 284 5.26 25.64 2.41
C VAL A 284 6.02 26.80 3.04
N GLN A 285 5.34 27.52 3.94
CA GLN A 285 5.95 28.65 4.61
C GLN A 285 7.12 28.21 5.48
N ASN A 286 6.95 27.09 6.16
CA ASN A 286 7.99 26.55 7.03
C ASN A 286 8.90 25.62 6.25
N LYS A 287 8.47 25.24 5.05
CA LYS A 287 9.26 24.35 4.20
C LYS A 287 9.45 22.98 4.87
N GLN A 288 8.44 22.58 5.65
CA GLN A 288 8.49 21.28 6.33
C GLN A 288 7.92 20.19 5.44
N VAL A 289 8.31 20.21 4.17
CA VAL A 289 7.82 19.22 3.21
C VAL A 289 8.92 18.21 2.88
N TYR A 290 8.54 16.94 2.87
CA TYR A 290 9.50 15.87 2.57
C TYR A 290 9.09 15.15 1.29
N ALA A 291 10.05 14.95 0.39
CA ALA A 291 9.79 14.28 -0.88
C ALA A 291 9.82 12.76 -0.69
N LEU A 292 8.69 12.19 -0.34
CA LEU A 292 8.59 10.74 -0.15
C LEU A 292 8.86 10.01 -1.46
N GLY A 293 8.32 10.52 -2.55
CA GLY A 293 8.50 9.91 -3.86
C GLY A 293 7.56 8.72 -4.02
N THR A 294 7.44 8.23 -5.25
CA THR A 294 6.56 7.10 -5.53
C THR A 294 7.20 5.79 -5.05
N GLU A 295 8.53 5.79 -4.98
CA GLU A 295 9.26 4.60 -4.54
C GLU A 295 8.99 4.33 -3.07
N THR A 296 8.84 5.41 -2.30
CA THR A 296 8.60 5.27 -0.86
C THR A 296 7.19 4.76 -0.60
N PHE A 297 6.56 4.19 -1.62
CA PHE A 297 5.21 3.69 -1.47
C PHE A 297 5.15 2.67 -0.34
N ARG A 298 6.04 1.69 -0.39
CA ARG A 298 6.11 0.66 0.65
C ARG A 298 7.33 0.89 1.53
N LEU A 299 7.20 0.55 2.81
CA LEU A 299 8.30 0.72 3.75
C LEU A 299 8.78 -0.62 4.26
N ASP A 300 10.08 -0.87 4.13
CA ASP A 300 10.68 -2.12 4.59
C ASP A 300 12.12 -1.90 5.02
N TYR A 301 12.67 -2.89 5.71
CA TYR A 301 14.06 -2.78 6.18
C TYR A 301 14.98 -2.35 5.05
N TYR A 302 14.72 -2.87 3.84
CA TYR A 302 15.54 -2.53 2.69
C TYR A 302 15.30 -1.09 2.23
N SER A 303 14.08 -0.81 1.78
CA SER A 303 13.74 0.52 1.31
C SER A 303 13.90 1.55 2.43
N ALA A 304 13.63 1.12 3.65
CA ALA A 304 13.72 2.01 4.80
C ALA A 304 15.09 2.67 4.86
N MET A 305 16.10 2.01 4.29
CA MET A 305 17.44 2.55 4.28
C MET A 305 17.50 3.86 3.50
N GLN A 306 16.81 3.89 2.37
CA GLN A 306 16.79 5.09 1.53
C GLN A 306 15.86 6.14 2.12
N VAL A 307 14.68 5.71 2.55
CA VAL A 307 13.70 6.62 3.13
C VAL A 307 14.21 7.17 4.45
N LEU A 308 14.81 6.30 5.26
CA LEU A 308 15.31 6.71 6.56
C LEU A 308 16.36 7.80 6.40
N ASP A 309 17.30 7.59 5.48
CA ASP A 309 18.34 8.59 5.24
C ASP A 309 17.76 9.83 4.56
N ARG A 310 16.84 9.59 3.64
CA ARG A 310 16.22 10.68 2.89
C ARG A 310 15.48 11.61 3.84
N LEU A 311 14.84 11.02 4.84
CA LEU A 311 14.08 11.80 5.82
C LEU A 311 14.98 12.24 6.96
N LYS A 312 16.26 11.95 6.85
CA LYS A 312 17.24 12.33 7.88
C LYS A 312 18.18 13.41 7.35
N ALA A 313 18.15 13.62 6.04
CA ALA A 313 19.01 14.62 5.43
C ALA A 313 18.67 16.02 5.96
N LEU A 314 17.38 16.26 6.18
CA LEU A 314 16.96 17.57 6.67
C LEU A 314 17.58 17.85 8.03
N PHE A 315 17.49 16.87 8.93
CA PHE A 315 18.06 17.04 10.27
C PHE A 315 19.57 16.79 10.23
N ALA A 24 1.17 -24.67 7.52
CA ALA A 24 1.55 -25.91 8.24
C ALA A 24 2.24 -26.87 7.28
N ASP A 25 2.64 -28.03 7.80
CA ASP A 25 3.31 -29.03 6.96
C ASP A 25 2.29 -29.97 6.34
N TRP A 26 1.03 -29.77 6.68
CA TRP A 26 -0.03 -30.63 6.15
C TRP A 26 -1.31 -29.82 5.93
N PRO A 27 -2.34 -30.45 5.44
CA PRO A 27 -3.64 -29.79 5.17
C PRO A 27 -4.27 -29.21 6.44
N ARG A 28 -4.94 -28.08 6.29
CA ARG A 28 -5.59 -27.44 7.43
C ARG A 28 -6.74 -26.55 6.98
N GLN A 29 -7.40 -25.90 7.93
CA GLN A 29 -8.52 -25.01 7.61
C GLN A 29 -8.18 -23.57 7.97
N ILE A 30 -8.51 -22.65 7.07
CA ILE A 30 -8.24 -21.23 7.31
C ILE A 30 -9.53 -20.43 7.22
N THR A 31 -9.62 -19.37 8.03
CA THR A 31 -10.81 -18.52 8.04
C THR A 31 -10.44 -17.08 7.68
N ASP A 32 -11.26 -16.47 6.82
CA ASP A 32 -11.01 -15.09 6.41
C ASP A 32 -11.91 -14.13 7.20
N SER A 33 -12.39 -13.09 6.52
CA SER A 33 -13.26 -12.11 7.16
C SER A 33 -14.56 -12.77 7.61
N ARG A 34 -15.05 -13.71 6.81
CA ARG A 34 -16.29 -14.42 7.14
C ARG A 34 -16.29 -15.81 6.53
N GLY A 35 -16.20 -15.86 5.20
CA GLY A 35 -16.19 -17.14 4.49
C GLY A 35 -15.01 -17.99 4.94
N THR A 36 -15.24 -19.29 5.09
CA THR A 36 -14.18 -20.20 5.52
C THR A 36 -13.82 -21.15 4.39
N HIS A 37 -12.52 -21.27 4.11
CA HIS A 37 -12.05 -22.15 3.05
C HIS A 37 -11.10 -23.21 3.61
N THR A 38 -11.37 -24.47 3.29
CA THR A 38 -10.55 -25.56 3.76
C THR A 38 -9.35 -25.77 2.84
N LEU A 39 -8.16 -25.84 3.42
CA LEU A 39 -6.94 -26.05 2.65
C LEU A 39 -6.57 -27.53 2.61
N GLU A 40 -7.26 -28.28 1.76
CA GLU A 40 -7.00 -29.71 1.64
C GLU A 40 -5.60 -29.96 1.09
N SER A 41 -5.14 -29.05 0.24
CA SER A 41 -3.81 -29.18 -0.36
C SER A 41 -3.58 -28.06 -1.37
N GLN A 42 -2.69 -27.13 -1.01
CA GLN A 42 -2.39 -25.99 -1.88
C GLN A 42 -0.89 -25.97 -2.22
N PRO A 43 -0.51 -26.60 -3.29
CA PRO A 43 0.91 -26.63 -3.74
C PRO A 43 1.47 -25.24 -3.94
N GLN A 44 2.78 -25.09 -3.71
CA GLN A 44 3.44 -23.80 -3.85
C GLN A 44 2.93 -23.06 -5.09
N ARG A 45 1.78 -22.39 -4.94
CA ARG A 45 1.19 -21.65 -6.06
C ARG A 45 0.37 -20.48 -5.52
N ILE A 46 1.06 -19.51 -4.94
CA ILE A 46 0.39 -18.33 -4.39
C ILE A 46 -0.04 -17.39 -5.51
N VAL A 47 -1.30 -16.96 -5.45
CA VAL A 47 -1.84 -16.05 -6.47
C VAL A 47 -2.37 -14.80 -5.80
N SER A 48 -2.25 -13.66 -6.50
CA SER A 48 -2.72 -12.39 -5.97
C SER A 48 -3.47 -11.61 -7.04
N THR A 49 -4.53 -10.91 -6.62
CA THR A 49 -5.33 -10.11 -7.56
C THR A 49 -4.91 -8.64 -7.49
N SER A 50 -5.05 -8.05 -6.30
CA SER A 50 -4.69 -6.65 -6.12
C SER A 50 -3.19 -6.49 -5.97
N VAL A 51 -2.68 -5.32 -6.32
CA VAL A 51 -1.26 -5.04 -6.20
C VAL A 51 -0.87 -4.85 -4.74
N THR A 52 -1.85 -4.51 -3.91
CA THR A 52 -1.57 -4.27 -2.49
C THR A 52 -0.98 -5.52 -1.84
N LEU A 53 -1.68 -6.65 -2.02
CA LEU A 53 -1.19 -7.91 -1.48
C LEU A 53 0.09 -8.34 -2.16
N THR A 54 0.12 -8.18 -3.48
CA THR A 54 1.29 -8.58 -4.27
C THR A 54 2.57 -8.15 -3.56
N GLY A 55 2.66 -6.87 -3.24
CA GLY A 55 3.83 -6.35 -2.53
C GLY A 55 3.86 -6.85 -1.09
N SER A 56 2.69 -6.94 -0.47
CA SER A 56 2.60 -7.40 0.91
C SER A 56 3.11 -8.83 1.03
N LEU A 57 2.69 -9.69 0.10
CA LEU A 57 3.12 -11.09 0.11
C LEU A 57 4.61 -11.19 -0.17
N LEU A 58 5.08 -10.40 -1.12
CA LEU A 58 6.49 -10.42 -1.49
C LEU A 58 7.37 -10.01 -0.32
N ALA A 59 6.92 -9.01 0.42
CA ALA A 59 7.70 -8.51 1.55
C ALA A 59 7.92 -9.61 2.58
N ILE A 60 6.93 -10.47 2.75
CA ILE A 60 7.01 -11.54 3.73
C ILE A 60 7.58 -12.81 3.09
N ASP A 61 8.40 -12.64 2.07
CA ASP A 61 9.02 -13.77 1.40
C ASP A 61 7.95 -14.74 0.89
N ALA A 62 6.98 -14.20 0.15
CA ALA A 62 5.90 -15.03 -0.39
C ALA A 62 5.56 -14.58 -1.81
N PRO A 63 6.39 -14.90 -2.77
CA PRO A 63 6.19 -14.49 -4.18
C PRO A 63 4.93 -15.12 -4.79
N VAL A 64 4.34 -14.43 -5.75
CA VAL A 64 3.14 -14.92 -6.41
C VAL A 64 3.43 -15.25 -7.88
N ILE A 65 2.90 -16.37 -8.33
CA ILE A 65 3.09 -16.79 -9.71
C ILE A 65 2.35 -15.88 -10.67
N ALA A 66 1.11 -15.53 -10.34
CA ALA A 66 0.28 -14.69 -11.18
C ALA A 66 -0.22 -13.48 -10.41
N SER A 67 -0.05 -12.30 -11.00
CA SER A 67 -0.48 -11.07 -10.36
C SER A 67 -0.75 -9.99 -11.39
N GLY A 68 -1.36 -8.89 -10.96
CA GLY A 68 -1.67 -7.78 -11.87
C GLY A 68 -0.79 -6.58 -11.57
N ALA A 69 -1.02 -5.50 -12.30
CA ALA A 69 -0.24 -4.27 -12.11
C ALA A 69 -1.16 -3.06 -12.03
N THR A 70 -0.59 -1.91 -11.70
CA THR A 70 -1.36 -0.67 -11.60
C THR A 70 -0.65 0.47 -12.29
N THR A 71 -0.15 1.41 -11.51
CA THR A 71 0.54 2.56 -12.06
C THR A 71 2.04 2.41 -11.90
N PRO A 72 2.80 3.38 -12.36
CA PRO A 72 4.29 3.37 -12.25
C PRO A 72 4.76 3.34 -10.80
N ASN A 73 4.35 2.32 -10.07
CA ASN A 73 4.72 2.17 -8.68
C ASN A 73 6.21 1.99 -8.54
N ASN A 74 6.83 1.28 -9.52
CA ASN A 74 8.27 1.03 -9.50
C ASN A 74 8.54 -0.34 -8.87
N ARG A 75 7.78 -0.68 -7.84
CA ARG A 75 7.93 -1.96 -7.17
C ARG A 75 7.63 -3.10 -8.15
N VAL A 76 6.61 -2.91 -8.97
CA VAL A 76 6.23 -3.92 -9.96
C VAL A 76 7.22 -3.95 -11.11
N ALA A 77 7.87 -2.81 -11.35
CA ALA A 77 8.85 -2.70 -12.44
C ALA A 77 9.85 -3.85 -12.37
N ASP A 78 10.86 -3.79 -13.22
CA ASP A 78 11.88 -4.83 -13.26
C ASP A 78 12.80 -4.76 -12.04
N ASP A 79 14.02 -5.22 -12.19
CA ASP A 79 14.98 -5.20 -11.10
C ASP A 79 15.13 -3.80 -10.54
N GLN A 80 14.49 -2.83 -11.19
CA GLN A 80 14.55 -1.44 -10.74
C GLN A 80 13.47 -1.17 -9.71
N GLY A 81 13.88 -0.90 -8.47
CA GLY A 81 12.93 -0.60 -7.41
C GLY A 81 12.40 -1.89 -6.79
N PHE A 82 13.25 -2.55 -6.00
CA PHE A 82 12.85 -3.79 -5.33
C PHE A 82 13.49 -3.88 -3.94
N LEU A 83 12.79 -4.52 -3.02
CA LEU A 83 13.32 -4.69 -1.66
C LEU A 83 14.19 -5.94 -1.59
N ARG A 84 13.61 -7.04 -1.10
CA ARG A 84 14.35 -8.30 -1.00
C ARG A 84 14.71 -8.80 -2.39
N GLN A 85 13.76 -8.70 -3.33
CA GLN A 85 13.98 -9.12 -4.71
C GLN A 85 13.58 -10.58 -4.91
N TRP A 86 12.36 -10.91 -4.52
CA TRP A 86 11.85 -12.28 -4.68
C TRP A 86 10.90 -12.36 -5.86
N SER A 87 10.54 -11.20 -6.41
CA SER A 87 9.63 -11.16 -7.55
C SER A 87 10.25 -11.82 -8.77
N LYS A 88 11.57 -11.69 -8.90
CA LYS A 88 12.28 -12.28 -10.02
C LYS A 88 11.87 -13.74 -10.20
N VAL A 89 11.39 -14.34 -9.12
CA VAL A 89 10.97 -15.74 -9.17
C VAL A 89 9.69 -15.89 -10.01
N ALA A 90 8.72 -15.00 -9.76
CA ALA A 90 7.46 -15.05 -10.48
C ALA A 90 7.69 -14.84 -11.97
N LYS A 91 8.48 -13.82 -12.30
CA LYS A 91 8.77 -13.53 -13.70
C LYS A 91 9.53 -14.69 -14.33
N GLU A 92 10.43 -15.29 -13.56
CA GLU A 92 11.23 -16.41 -14.06
C GLU A 92 10.31 -17.50 -14.61
N ARG A 93 9.13 -17.62 -14.03
CA ARG A 93 8.17 -18.63 -14.47
C ARG A 93 7.28 -18.07 -15.54
N LYS A 94 7.51 -16.81 -15.92
CA LYS A 94 6.72 -16.15 -16.96
C LYS A 94 5.43 -15.59 -16.37
N LEU A 95 4.72 -16.43 -15.62
CA LEU A 95 3.45 -16.02 -15.01
C LEU A 95 3.64 -14.69 -14.36
N GLN A 96 2.53 -13.91 -14.22
CA GLN A 96 2.56 -12.56 -13.63
C GLN A 96 2.04 -11.53 -14.63
N ARG A 97 0.74 -11.26 -14.56
CA ARG A 97 0.14 -10.28 -15.45
C ARG A 97 0.50 -8.86 -15.00
N LEU A 98 0.71 -7.97 -15.96
CA LEU A 98 1.08 -6.59 -15.66
C LEU A 98 0.22 -5.63 -16.45
N TYR A 99 -0.98 -6.06 -16.81
CA TYR A 99 -1.90 -5.21 -17.58
C TYR A 99 -3.32 -5.38 -17.08
N ILE A 100 -4.05 -4.27 -16.99
CA ILE A 100 -5.44 -4.30 -16.53
C ILE A 100 -6.29 -3.38 -17.40
N GLY A 101 -7.61 -3.54 -17.29
CA GLY A 101 -8.54 -2.72 -18.07
C GLY A 101 -9.76 -3.52 -18.47
N GLU A 102 -9.59 -4.83 -18.63
CA GLU A 102 -10.69 -5.70 -19.01
C GLU A 102 -10.45 -7.12 -18.50
N PRO A 103 -10.56 -7.30 -17.21
CA PRO A 103 -10.34 -8.63 -16.57
C PRO A 103 -11.32 -9.68 -17.08
N SER A 104 -10.84 -10.92 -17.17
CA SER A 104 -11.69 -12.02 -17.64
C SER A 104 -11.53 -13.24 -16.74
N ALA A 105 -12.67 -13.87 -16.42
CA ALA A 105 -12.66 -15.05 -15.56
C ALA A 105 -11.99 -16.22 -16.28
N GLU A 106 -12.26 -16.34 -17.59
CA GLU A 106 -11.69 -17.42 -18.37
C GLU A 106 -10.17 -17.31 -18.43
N ALA A 107 -9.67 -16.09 -18.61
CA ALA A 107 -8.24 -15.87 -18.68
C ALA A 107 -7.57 -16.27 -17.37
N VAL A 108 -8.20 -15.92 -16.25
CA VAL A 108 -7.66 -16.26 -14.94
C VAL A 108 -7.63 -17.78 -14.77
N ALA A 109 -8.69 -18.45 -15.19
CA ALA A 109 -8.76 -19.91 -15.08
C ALA A 109 -7.65 -20.55 -15.90
N ALA A 110 -7.34 -19.94 -17.04
CA ALA A 110 -6.29 -20.46 -17.91
C ALA A 110 -4.95 -20.48 -17.19
N GLN A 111 -4.86 -19.70 -16.11
CA GLN A 111 -3.62 -19.63 -15.34
C GLN A 111 -3.57 -20.74 -14.30
N MET A 112 -4.67 -21.47 -14.17
CA MET A 112 -4.75 -22.56 -13.21
C MET A 112 -4.24 -22.10 -11.83
N PRO A 113 -4.82 -21.05 -11.31
CA PRO A 113 -4.44 -20.50 -9.97
C PRO A 113 -4.86 -21.43 -8.84
N ASP A 114 -4.08 -21.41 -7.76
CA ASP A 114 -4.39 -22.25 -6.59
C ASP A 114 -5.04 -21.41 -5.50
N LEU A 115 -4.25 -20.58 -4.84
CA LEU A 115 -4.78 -19.74 -3.77
C LEU A 115 -4.77 -18.28 -4.21
N ILE A 116 -5.96 -17.71 -4.37
CA ILE A 116 -6.07 -16.30 -4.80
C ILE A 116 -6.38 -15.41 -3.61
N LEU A 117 -5.57 -14.39 -3.41
CA LEU A 117 -5.76 -13.46 -2.29
C LEU A 117 -6.24 -12.11 -2.81
N ILE A 118 -7.27 -11.57 -2.15
CA ILE A 118 -7.84 -10.28 -2.55
C ILE A 118 -7.75 -9.28 -1.39
N SER A 119 -7.40 -8.04 -1.73
CA SER A 119 -7.29 -6.99 -0.72
C SER A 119 -8.66 -6.39 -0.41
N ALA A 120 -8.72 -5.60 0.67
CA ALA A 120 -9.98 -4.97 1.06
C ALA A 120 -10.49 -4.07 -0.07
N THR A 121 -9.57 -3.39 -0.74
CA THR A 121 -9.95 -2.49 -1.83
C THR A 121 -8.96 -2.62 -2.99
N GLY A 122 -9.39 -2.20 -4.17
CA GLY A 122 -8.54 -2.28 -5.36
C GLY A 122 -8.99 -1.27 -6.41
N GLY A 123 -8.24 -1.20 -7.51
CA GLY A 123 -8.55 -0.27 -8.59
C GLY A 123 -9.92 -0.57 -9.17
N ASP A 124 -10.29 -1.85 -9.21
CA ASP A 124 -11.59 -2.25 -9.76
C ASP A 124 -12.36 -3.08 -8.74
N SER A 125 -13.69 -3.02 -8.83
CA SER A 125 -14.53 -3.76 -7.91
C SER A 125 -14.31 -5.26 -8.06
N ALA A 126 -14.30 -5.97 -6.94
CA ALA A 126 -14.09 -7.42 -6.95
C ALA A 126 -15.28 -8.15 -6.35
N LEU A 127 -16.36 -7.41 -6.12
CA LEU A 127 -17.56 -8.00 -5.53
C LEU A 127 -18.10 -9.10 -6.44
N ALA A 128 -18.05 -8.87 -7.74
CA ALA A 128 -18.54 -9.86 -8.70
C ALA A 128 -17.46 -10.91 -8.99
N LEU A 129 -16.22 -10.48 -9.01
CA LEU A 129 -15.10 -11.37 -9.26
C LEU A 129 -14.88 -12.29 -8.07
N TYR A 130 -15.10 -11.76 -6.88
CA TYR A 130 -14.89 -12.54 -5.66
C TYR A 130 -15.44 -13.95 -5.81
N ASP A 131 -16.75 -14.06 -6.01
CA ASP A 131 -17.39 -15.36 -6.15
C ASP A 131 -16.91 -16.08 -7.41
N GLN A 132 -16.82 -15.33 -8.50
CA GLN A 132 -16.39 -15.90 -9.77
C GLN A 132 -14.97 -16.43 -9.65
N LEU A 133 -14.16 -15.77 -8.83
CA LEU A 133 -12.78 -16.19 -8.61
C LEU A 133 -12.73 -17.44 -7.74
N SER A 134 -13.58 -17.46 -6.71
CA SER A 134 -13.60 -18.61 -5.79
C SER A 134 -13.89 -19.88 -6.56
N THR A 135 -14.92 -19.86 -7.39
CA THR A 135 -15.28 -21.02 -8.19
C THR A 135 -14.06 -21.53 -8.96
N ILE A 136 -13.30 -20.61 -9.53
CA ILE A 136 -12.11 -20.97 -10.28
C ILE A 136 -11.05 -21.58 -9.36
N ALA A 137 -10.87 -20.98 -8.19
CA ALA A 137 -9.89 -21.47 -7.24
C ALA A 137 -10.05 -20.77 -5.89
N PRO A 138 -9.64 -21.42 -4.82
CA PRO A 138 -9.74 -20.85 -3.46
C PRO A 138 -9.42 -19.36 -3.43
N THR A 139 -10.46 -18.55 -3.24
CA THR A 139 -10.29 -17.09 -3.18
C THR A 139 -10.52 -16.59 -1.77
N LEU A 140 -9.50 -15.95 -1.21
CA LEU A 140 -9.59 -15.41 0.16
C LEU A 140 -9.53 -13.90 0.13
N ILE A 141 -10.14 -13.27 1.14
CA ILE A 141 -10.15 -11.82 1.24
C ILE A 141 -9.67 -11.38 2.61
N ILE A 142 -8.75 -10.42 2.63
CA ILE A 142 -8.20 -9.91 3.89
C ILE A 142 -8.57 -8.44 4.07
N ASN A 143 -9.16 -8.12 5.22
CA ASN A 143 -9.56 -6.75 5.52
C ASN A 143 -8.55 -6.10 6.46
N TYR A 144 -7.70 -5.23 5.91
CA TYR A 144 -6.69 -4.56 6.71
C TYR A 144 -7.11 -3.13 7.03
N ASP A 145 -8.17 -2.67 6.37
CA ASP A 145 -8.67 -1.32 6.59
C ASP A 145 -9.19 -1.17 8.01
N ASP A 146 -9.75 -2.24 8.54
CA ASP A 146 -10.30 -2.21 9.90
C ASP A 146 -9.31 -2.80 10.90
N LYS A 147 -8.09 -3.07 10.42
CA LYS A 147 -7.06 -3.65 11.29
C LYS A 147 -5.72 -2.95 11.06
N SER A 148 -4.86 -2.99 12.06
CA SER A 148 -3.56 -2.34 11.97
C SER A 148 -2.62 -3.15 11.08
N TRP A 149 -1.51 -2.53 10.68
CA TRP A 149 -0.56 -3.20 9.80
C TRP A 149 -0.02 -4.46 10.47
N GLN A 150 0.41 -4.33 11.72
CA GLN A 150 0.94 -5.47 12.46
C GLN A 150 -0.05 -6.63 12.43
N SER A 151 -1.33 -6.31 12.61
CA SER A 151 -2.37 -7.31 12.59
C SER A 151 -2.44 -7.98 11.21
N LEU A 152 -2.29 -7.17 10.16
CA LEU A 152 -2.34 -7.69 8.81
C LEU A 152 -1.23 -8.71 8.59
N LEU A 153 -0.04 -8.40 9.06
CA LEU A 153 1.09 -9.30 8.92
C LEU A 153 0.80 -10.61 9.64
N THR A 154 0.25 -10.51 10.84
CA THR A 154 -0.08 -11.70 11.62
C THR A 154 -0.97 -12.63 10.81
N GLN A 155 -1.99 -12.06 10.16
CA GLN A 155 -2.90 -12.86 9.34
C GLN A 155 -2.14 -13.51 8.19
N LEU A 156 -1.23 -12.77 7.59
CA LEU A 156 -0.45 -13.30 6.48
C LEU A 156 0.39 -14.49 6.93
N GLY A 157 1.00 -14.36 8.09
CA GLY A 157 1.81 -15.44 8.62
C GLY A 157 0.96 -16.66 8.93
N GLU A 158 -0.22 -16.43 9.50
CA GLU A 158 -1.12 -17.52 9.84
C GLU A 158 -1.71 -18.16 8.59
N ILE A 159 -2.17 -17.32 7.67
CA ILE A 159 -2.76 -17.81 6.43
C ILE A 159 -1.72 -18.54 5.59
N THR A 160 -0.53 -17.97 5.50
CA THR A 160 0.54 -18.56 4.70
C THR A 160 1.43 -19.44 5.57
N GLY A 161 1.21 -19.38 6.87
CA GLY A 161 2.01 -20.18 7.81
C GLY A 161 3.46 -19.74 7.80
N HIS A 162 3.69 -18.47 7.43
CA HIS A 162 5.05 -17.94 7.38
C HIS A 162 5.33 -17.07 8.61
N GLU A 163 5.07 -17.63 9.79
CA GLU A 163 5.30 -16.91 11.03
C GLU A 163 6.81 -16.73 11.27
N LYS A 164 7.57 -17.77 10.95
CA LYS A 164 9.02 -17.72 11.16
C LYS A 164 9.62 -16.57 10.36
N GLN A 165 9.23 -16.46 9.10
CA GLN A 165 9.75 -15.40 8.24
C GLN A 165 9.38 -14.03 8.80
N ALA A 166 8.17 -13.93 9.33
CA ALA A 166 7.70 -12.68 9.90
C ALA A 166 8.56 -12.29 11.11
N ALA A 167 8.91 -13.28 11.92
CA ALA A 167 9.74 -13.04 13.10
C ALA A 167 11.13 -12.56 12.68
N GLU A 168 11.55 -12.95 11.48
CA GLU A 168 12.86 -12.55 10.97
C GLU A 168 12.83 -11.09 10.52
N ARG A 169 11.89 -10.77 9.64
CA ARG A 169 11.76 -9.41 9.13
C ARG A 169 11.42 -8.44 10.26
N ILE A 170 10.50 -8.85 11.13
CA ILE A 170 10.10 -8.00 12.23
C ILE A 170 11.26 -7.75 13.18
N ALA A 171 12.02 -8.80 13.48
CA ALA A 171 13.16 -8.67 14.38
C ALA A 171 14.18 -7.70 13.79
N GLN A 172 14.71 -8.05 12.63
CA GLN A 172 15.72 -7.22 11.98
C GLN A 172 15.21 -5.80 11.81
N PHE A 173 13.92 -5.68 11.55
CA PHE A 173 13.29 -4.37 11.38
C PHE A 173 13.03 -3.70 12.73
N ASP A 174 12.68 -4.52 13.71
CA ASP A 174 12.36 -4.00 15.04
C ASP A 174 13.54 -3.20 15.58
N LYS A 175 14.75 -3.69 15.33
CA LYS A 175 15.94 -2.99 15.80
C LYS A 175 16.05 -1.60 15.15
N GLN A 176 15.77 -1.56 13.85
CA GLN A 176 15.83 -0.29 13.11
C GLN A 176 14.76 0.67 13.62
N LEU A 177 13.59 0.13 13.94
CA LEU A 177 12.51 0.95 14.44
C LEU A 177 12.89 1.61 15.75
N ALA A 178 13.54 0.85 16.63
CA ALA A 178 13.95 1.39 17.91
C ALA A 178 14.95 2.54 17.73
N ALA A 179 16.01 2.27 16.97
CA ALA A 179 17.00 3.29 16.71
C ALA A 179 16.42 4.42 15.88
N ALA A 180 15.62 4.06 14.88
CA ALA A 180 14.99 5.05 14.01
C ALA A 180 14.03 5.93 14.80
N LYS A 181 13.29 5.31 15.71
CA LYS A 181 12.34 6.04 16.54
C LYS A 181 13.06 7.06 17.41
N GLU A 182 14.28 6.72 17.82
CA GLU A 182 15.06 7.63 18.66
C GLU A 182 15.98 8.50 17.81
N GLN A 183 16.28 8.05 16.60
CA GLN A 183 17.16 8.79 15.71
C GLN A 183 16.51 10.12 15.31
N ILE A 184 15.22 10.09 15.04
CA ILE A 184 14.50 11.29 14.65
C ILE A 184 14.20 12.17 15.86
N LYS A 185 14.41 13.47 15.72
CA LYS A 185 14.15 14.40 16.82
C LYS A 185 13.25 15.53 16.36
N LEU A 186 12.01 15.52 16.83
CA LEU A 186 11.07 16.55 16.46
C LEU A 186 9.74 16.37 17.21
N PRO A 187 9.27 17.38 17.89
CA PRO A 187 8.00 17.31 18.65
C PRO A 187 6.88 16.62 17.88
N PRO A 188 5.95 16.01 18.57
CA PRO A 188 4.80 15.30 17.94
C PRO A 188 3.84 16.27 17.24
N GLN A 189 3.32 15.85 16.09
CA GLN A 189 2.39 16.67 15.35
C GLN A 189 1.77 15.89 14.20
N PRO A 190 0.54 16.16 13.86
CA PRO A 190 -0.15 15.49 12.73
C PRO A 190 0.42 15.89 11.38
N VAL A 191 0.26 15.00 10.40
CA VAL A 191 0.76 15.27 9.05
C VAL A 191 -0.25 14.83 8.00
N THR A 192 -0.09 15.32 6.77
CA THR A 192 -0.98 14.96 5.68
C THR A 192 -0.23 14.84 4.37
N ALA A 193 -0.89 14.33 3.35
CA ALA A 193 -0.26 14.18 2.04
C ALA A 193 -1.31 14.34 0.93
N ILE A 194 -0.93 15.07 -0.12
CA ILE A 194 -1.84 15.30 -1.24
C ILE A 194 -1.12 15.07 -2.56
N VAL A 195 -1.86 14.56 -3.55
CA VAL A 195 -1.28 14.33 -4.87
C VAL A 195 -2.20 14.87 -5.96
N TYR A 196 -1.63 15.62 -6.88
CA TYR A 196 -2.41 16.18 -7.99
C TYR A 196 -1.54 16.39 -9.21
N THR A 197 -2.16 16.39 -10.39
CA THR A 197 -1.42 16.59 -11.64
C THR A 197 -1.98 17.80 -12.39
N ALA A 198 -1.11 18.76 -12.68
CA ALA A 198 -1.51 19.96 -13.39
C ALA A 198 -2.06 19.60 -14.78
N ALA A 199 -1.61 18.46 -15.30
CA ALA A 199 -2.06 18.01 -16.61
C ALA A 199 -3.48 17.45 -16.54
N ALA A 200 -3.71 16.57 -15.58
CA ALA A 200 -5.03 15.95 -15.41
C ALA A 200 -6.02 16.96 -14.84
N HIS A 201 -5.49 18.08 -14.35
CA HIS A 201 -6.34 19.11 -13.78
C HIS A 201 -7.30 18.52 -12.76
N SER A 202 -6.79 17.60 -11.95
CA SER A 202 -7.60 16.96 -10.91
C SER A 202 -6.84 16.88 -9.61
N ALA A 203 -7.55 17.02 -8.49
CA ALA A 203 -6.93 16.97 -7.16
C ALA A 203 -7.36 15.71 -6.44
N ASN A 204 -6.39 14.82 -6.19
CA ASN A 204 -6.67 13.57 -5.48
C ASN A 204 -5.86 13.48 -4.21
N LEU A 205 -6.52 13.11 -3.12
CA LEU A 205 -5.85 13.00 -1.84
C LEU A 205 -5.76 11.54 -1.40
N TRP A 206 -4.67 11.19 -0.71
CA TRP A 206 -4.49 9.82 -0.21
C TRP A 206 -4.88 9.75 1.26
N THR A 207 -5.72 8.77 1.59
CA THR A 207 -6.17 8.60 2.96
C THR A 207 -5.31 7.56 3.68
N PRO A 208 -5.22 7.66 4.99
CA PRO A 208 -4.44 6.70 5.82
C PRO A 208 -5.08 5.31 5.83
N GLU A 209 -6.35 5.24 5.45
CA GLU A 209 -7.06 3.98 5.44
C GLU A 209 -6.25 2.91 4.71
N SER A 210 -5.28 3.36 3.92
CA SER A 210 -4.42 2.43 3.18
C SER A 210 -3.39 1.79 4.11
N ALA A 211 -2.76 0.73 3.64
CA ALA A 211 -1.76 0.03 4.45
C ALA A 211 -0.62 0.98 4.82
N GLN A 212 -0.39 1.97 3.97
CA GLN A 212 0.67 2.93 4.22
C GLN A 212 0.38 3.73 5.50
N GLY A 213 -0.86 4.12 5.68
CA GLY A 213 -1.25 4.89 6.86
C GLY A 213 -0.96 4.12 8.14
N GLN A 214 -1.31 2.83 8.15
CA GLN A 214 -1.07 2.00 9.33
C GLN A 214 0.43 1.86 9.58
N MET A 215 1.20 1.73 8.50
CA MET A 215 2.64 1.58 8.63
C MET A 215 3.24 2.82 9.28
N LEU A 216 2.76 4.00 8.88
CA LEU A 216 3.26 5.23 9.45
C LEU A 216 2.93 5.31 10.94
N GLU A 217 1.70 5.00 11.29
CA GLU A 217 1.28 5.02 12.69
C GLU A 217 2.20 4.15 13.53
N GLN A 218 2.72 3.09 12.93
CA GLN A 218 3.62 2.20 13.62
C GLN A 218 4.97 2.87 13.86
N LEU A 219 5.23 3.94 13.11
CA LEU A 219 6.49 4.66 13.24
C LEU A 219 6.38 5.74 14.30
N GLY A 220 5.17 5.98 14.79
CA GLY A 220 4.94 6.99 15.81
C GLY A 220 4.39 8.27 15.20
N PHE A 221 4.15 8.24 13.89
CA PHE A 221 3.61 9.41 13.20
C PHE A 221 2.09 9.39 13.21
N THR A 222 1.49 10.57 13.15
CA THR A 222 0.02 10.68 13.16
C THR A 222 -0.48 11.25 11.84
N LEU A 223 -1.43 10.55 11.24
CA LEU A 223 -2.00 10.98 9.96
C LEU A 223 -3.23 11.84 10.18
N ALA A 224 -3.43 12.82 9.30
CA ALA A 224 -4.58 13.71 9.40
C ALA A 224 -5.86 12.95 9.08
N LYS A 225 -6.96 13.39 9.66
CA LYS A 225 -8.26 12.75 9.43
C LYS A 225 -9.32 13.80 9.11
N LEU A 226 -10.08 13.56 8.04
CA LEU A 226 -11.13 14.49 7.62
C LEU A 226 -12.50 13.84 7.78
N PRO A 227 -13.14 14.05 8.91
CA PRO A 227 -14.50 13.48 9.18
C PRO A 227 -15.49 13.88 8.10
N ALA A 228 -16.33 12.93 7.71
CA ALA A 228 -17.33 13.17 6.67
C ALA A 228 -16.65 13.53 5.34
N GLY A 229 -15.43 14.07 5.43
CA GLY A 229 -14.68 14.44 4.25
C GLY A 229 -14.22 13.22 3.47
N LEU A 230 -13.60 12.29 4.18
CA LEU A 230 -13.09 11.06 3.56
C LEU A 230 -14.20 10.38 2.78
N ASN A 231 -15.41 10.42 3.32
CA ASN A 231 -16.55 9.80 2.65
C ASN A 231 -16.89 10.53 1.36
N ALA A 232 -15.85 11.01 0.66
CA ALA A 232 -16.04 11.72 -0.59
C ALA A 232 -17.26 12.64 -0.51
N SER A 233 -17.04 13.87 -0.05
CA SER A 233 -18.12 14.83 0.07
C SER A 233 -18.40 15.49 -1.27
N GLN A 234 -17.47 15.33 -2.21
CA GLN A 234 -17.63 15.91 -3.54
C GLN A 234 -18.31 14.93 -4.48
N SER A 235 -17.92 13.66 -4.39
CA SER A 235 -18.50 12.63 -5.25
C SER A 235 -19.97 12.42 -4.90
N GLN A 236 -20.37 12.89 -3.72
CA GLN A 236 -21.74 12.74 -3.28
C GLN A 236 -22.14 11.26 -3.27
N GLY A 237 -21.25 10.41 -2.77
CA GLY A 237 -21.51 8.99 -2.72
C GLY A 237 -20.34 8.24 -2.10
N LYS A 238 -20.12 7.01 -2.55
CA LYS A 238 -19.01 6.20 -2.03
C LYS A 238 -18.08 5.79 -3.16
N ARG A 239 -16.78 5.74 -2.87
CA ARG A 239 -15.80 5.36 -3.87
C ARG A 239 -14.58 4.74 -3.21
N HIS A 240 -13.93 3.82 -3.91
CA HIS A 240 -12.73 3.16 -3.38
C HIS A 240 -11.47 3.78 -3.97
N ASP A 241 -10.41 2.98 -4.06
CA ASP A 241 -9.15 3.47 -4.61
C ASP A 241 -8.67 4.69 -3.84
N ILE A 242 -9.04 5.87 -4.33
CA ILE A 242 -8.65 7.12 -3.68
C ILE A 242 -9.86 7.98 -3.38
N ILE A 243 -9.62 9.10 -2.71
CA ILE A 243 -10.70 10.02 -2.36
C ILE A 243 -10.46 11.41 -2.93
N GLN A 244 -11.53 12.04 -3.39
CA GLN A 244 -11.43 13.39 -3.97
C GLN A 244 -11.83 14.44 -2.94
N LEU A 245 -11.58 15.70 -3.27
CA LEU A 245 -11.91 16.81 -2.38
C LEU A 245 -12.27 18.06 -3.17
N GLY A 246 -13.14 18.88 -2.58
CA GLY A 246 -13.56 20.12 -3.24
C GLY A 246 -12.38 21.06 -3.44
N GLY A 247 -11.50 21.12 -2.44
CA GLY A 247 -10.33 21.99 -2.52
C GLY A 247 -10.20 22.83 -1.25
N GLU A 248 -11.08 22.59 -0.29
CA GLU A 248 -11.05 23.34 0.96
C GLU A 248 -9.94 22.83 1.87
N ASN A 249 -10.00 21.54 2.19
CA ASN A 249 -8.99 20.93 3.06
C ASN A 249 -7.61 21.02 2.41
N LEU A 250 -7.58 20.86 1.09
CA LEU A 250 -6.30 20.92 0.38
C LEU A 250 -5.54 22.19 0.73
N ALA A 251 -6.07 23.33 0.30
CA ALA A 251 -5.42 24.60 0.56
C ALA A 251 -5.14 24.75 2.05
N ALA A 252 -6.11 24.37 2.87
CA ALA A 252 -5.96 24.45 4.33
C ALA A 252 -5.01 23.37 4.83
N GLY A 253 -4.22 22.79 3.92
CA GLY A 253 -3.27 21.75 4.28
C GLY A 253 -3.80 20.90 5.44
N LEU A 254 -5.05 20.46 5.33
CA LEU A 254 -5.67 19.67 6.38
C LEU A 254 -5.26 20.19 7.76
N ASN A 255 -4.45 19.39 8.47
CA ASN A 255 -4.02 19.78 9.80
C ASN A 255 -3.23 21.09 9.74
N GLY A 256 -2.32 21.19 8.77
CA GLY A 256 -1.53 22.40 8.61
C GLY A 256 -0.31 22.38 9.53
N GLU A 257 -0.07 21.23 10.17
CA GLU A 257 1.07 21.09 11.07
C GLU A 257 2.22 20.39 10.37
N SER A 258 1.95 19.80 9.21
CA SER A 258 2.97 19.09 8.46
C SER A 258 2.37 18.45 7.23
N LEU A 259 3.13 18.46 6.13
CA LEU A 259 2.66 17.86 4.90
C LEU A 259 3.82 17.29 4.08
N PHE A 260 3.72 16.01 3.73
CA PHE A 260 4.75 15.36 2.92
C PHE A 260 4.35 15.32 1.46
N LEU A 261 5.33 15.50 0.58
CA LEU A 261 5.06 15.49 -0.86
C LEU A 261 5.28 14.11 -1.44
N PHE A 262 4.18 13.43 -1.76
CA PHE A 262 4.27 12.09 -2.34
C PHE A 262 4.03 12.16 -3.85
N ALA A 263 3.55 13.30 -4.32
CA ALA A 263 3.28 13.48 -5.74
C ALA A 263 4.57 13.45 -6.54
N GLY A 264 5.61 14.08 -6.00
CA GLY A 264 6.90 14.13 -6.67
C GLY A 264 7.93 14.87 -5.82
N ASP A 265 9.18 14.88 -6.29
CA ASP A 265 10.24 15.56 -5.57
C ASP A 265 10.13 17.07 -5.72
N GLN A 266 11.10 17.66 -6.41
CA GLN A 266 11.10 19.10 -6.62
C GLN A 266 9.96 19.52 -7.54
N LYS A 267 9.56 18.61 -8.42
CA LYS A 267 8.48 18.89 -9.36
C LYS A 267 7.21 19.26 -8.61
N ASP A 268 6.90 18.50 -7.57
CA ASP A 268 5.71 18.77 -6.76
C ASP A 268 5.82 20.14 -6.09
N ALA A 269 7.00 20.41 -5.52
CA ALA A 269 7.23 21.68 -4.83
C ALA A 269 6.85 22.84 -5.75
N ASP A 270 7.52 22.92 -6.89
CA ASP A 270 7.25 24.00 -7.86
C ASP A 270 5.75 24.07 -8.15
N ALA A 271 5.14 22.91 -8.33
CA ALA A 271 3.71 22.86 -8.63
C ALA A 271 2.92 23.59 -7.53
N ILE A 272 3.29 23.36 -6.28
CA ILE A 272 2.62 24.00 -5.16
C ILE A 272 2.84 25.51 -5.20
N TYR A 273 4.08 25.92 -5.48
CA TYR A 273 4.42 27.33 -5.54
C TYR A 273 3.52 28.04 -6.56
N ALA A 274 3.23 27.35 -7.65
CA ALA A 274 2.38 27.93 -8.70
C ALA A 274 0.93 27.88 -8.27
N ASN A 275 0.68 27.37 -7.06
CA ASN A 275 -0.68 27.26 -6.54
C ASN A 275 -0.84 28.17 -5.32
N PRO A 276 -1.27 29.39 -5.52
CA PRO A 276 -1.49 30.36 -4.41
C PRO A 276 -2.37 29.78 -3.31
N LEU A 277 -3.23 28.85 -3.68
CA LEU A 277 -4.13 28.24 -2.72
C LEU A 277 -3.34 27.47 -1.67
N LEU A 278 -2.30 26.77 -2.11
CA LEU A 278 -1.47 25.99 -1.20
C LEU A 278 -0.25 26.79 -0.76
N ALA A 279 -0.20 28.05 -1.17
CA ALA A 279 0.91 28.92 -0.81
C ALA A 279 0.84 29.30 0.67
N HIS A 280 -0.39 29.46 1.17
CA HIS A 280 -0.59 29.85 2.56
C HIS A 280 -0.44 28.63 3.47
N LEU A 281 -0.06 27.50 2.88
CA LEU A 281 0.11 26.30 3.66
C LEU A 281 1.32 26.41 4.58
N PRO A 282 1.13 26.27 5.87
CA PRO A 282 2.24 26.39 6.85
C PRO A 282 3.47 25.57 6.45
N ALA A 283 3.23 24.40 5.88
CA ALA A 283 4.33 23.53 5.45
C ALA A 283 5.21 24.26 4.44
N VAL A 284 4.57 24.95 3.49
CA VAL A 284 5.31 25.69 2.47
C VAL A 284 6.07 26.84 3.12
N GLN A 285 5.41 27.55 4.03
CA GLN A 285 6.03 28.68 4.70
C GLN A 285 7.21 28.22 5.55
N ASN A 286 7.02 27.10 6.22
CA ASN A 286 8.07 26.54 7.08
C ASN A 286 8.98 25.61 6.30
N LYS A 287 8.53 25.24 5.10
CA LYS A 287 9.31 24.35 4.24
C LYS A 287 9.50 22.99 4.91
N GLN A 288 8.51 22.58 5.70
CA GLN A 288 8.57 21.30 6.38
C GLN A 288 7.98 20.20 5.50
N VAL A 289 8.35 20.23 4.22
CA VAL A 289 7.84 19.24 3.27
C VAL A 289 8.92 18.21 2.94
N TYR A 290 8.54 16.94 2.92
CA TYR A 290 9.49 15.86 2.62
C TYR A 290 9.08 15.15 1.33
N ALA A 291 10.04 14.94 0.45
CA ALA A 291 9.78 14.26 -0.81
C ALA A 291 9.82 12.75 -0.64
N LEU A 292 8.69 12.16 -0.29
CA LEU A 292 8.61 10.72 -0.10
C LEU A 292 8.86 10.00 -1.42
N GLY A 293 8.31 10.52 -2.50
CA GLY A 293 8.48 9.91 -3.81
C GLY A 293 7.54 8.72 -3.96
N THR A 294 7.43 8.22 -5.20
CA THR A 294 6.57 7.08 -5.46
C THR A 294 7.22 5.78 -4.98
N GLU A 295 8.56 5.79 -4.92
CA GLU A 295 9.29 4.61 -4.50
C GLU A 295 9.03 4.34 -3.01
N THR A 296 8.86 5.40 -2.24
CA THR A 296 8.63 5.26 -0.81
C THR A 296 7.22 4.75 -0.55
N PHE A 297 6.61 4.13 -1.56
CA PHE A 297 5.26 3.62 -1.40
C PHE A 297 5.20 2.63 -0.24
N ARG A 298 6.11 1.66 -0.26
CA ARG A 298 6.18 0.66 0.81
C ARG A 298 7.40 0.90 1.67
N LEU A 299 7.30 0.56 2.95
CA LEU A 299 8.41 0.74 3.87
C LEU A 299 8.92 -0.61 4.38
N ASP A 300 10.22 -0.84 4.21
CA ASP A 300 10.82 -2.10 4.66
C ASP A 300 12.27 -1.87 5.07
N TYR A 301 12.86 -2.85 5.74
CA TYR A 301 14.24 -2.74 6.20
C TYR A 301 15.14 -2.30 5.05
N TYR A 302 14.86 -2.82 3.85
CA TYR A 302 15.66 -2.47 2.68
C TYR A 302 15.41 -1.03 2.24
N SER A 303 14.19 -0.76 1.80
CA SER A 303 13.83 0.57 1.33
C SER A 303 13.99 1.60 2.45
N ALA A 304 13.74 1.17 3.68
CA ALA A 304 13.84 2.06 4.82
C ALA A 304 15.20 2.73 4.87
N MET A 305 16.20 2.08 4.29
CA MET A 305 17.55 2.63 4.27
C MET A 305 17.60 3.94 3.49
N GLN A 306 16.88 3.97 2.36
CA GLN A 306 16.85 5.18 1.54
C GLN A 306 15.89 6.21 2.12
N VAL A 307 14.72 5.76 2.56
CA VAL A 307 13.73 6.65 3.15
C VAL A 307 14.25 7.21 4.46
N LEU A 308 14.86 6.34 5.28
CA LEU A 308 15.36 6.77 6.57
C LEU A 308 16.40 7.87 6.41
N ASP A 309 17.34 7.66 5.50
CA ASP A 309 18.37 8.66 5.26
C ASP A 309 17.78 9.89 4.58
N ARG A 310 16.86 9.66 3.64
CA ARG A 310 16.23 10.76 2.91
C ARG A 310 15.48 11.67 3.86
N LEU A 311 14.84 11.07 4.85
CA LEU A 311 14.07 11.83 5.84
C LEU A 311 14.96 12.28 6.97
N LYS A 312 16.26 12.01 6.86
CA LYS A 312 17.23 12.39 7.89
C LYS A 312 18.18 13.47 7.36
N ALA A 313 18.13 13.69 6.05
CA ALA A 313 18.99 14.70 5.43
C ALA A 313 18.65 16.08 5.96
N LEU A 314 17.36 16.33 6.19
CA LEU A 314 16.93 17.62 6.69
C LEU A 314 17.56 17.90 8.04
N PHE A 315 17.47 16.93 8.94
CA PHE A 315 18.04 17.10 10.28
C PHE A 315 19.55 16.86 10.24
N ALA A 24 1.25 -24.73 7.51
CA ALA A 24 1.62 -26.00 8.22
C ALA A 24 2.29 -26.95 7.23
N ASP A 25 2.68 -28.11 7.71
CA ASP A 25 3.33 -29.11 6.87
C ASP A 25 2.31 -30.04 6.24
N TRP A 26 1.04 -29.84 6.60
CA TRP A 26 -0.02 -30.67 6.07
C TRP A 26 -1.29 -29.85 5.86
N PRO A 27 -2.33 -30.48 5.37
CA PRO A 27 -3.64 -29.80 5.12
C PRO A 27 -4.24 -29.22 6.39
N ARG A 28 -4.91 -28.08 6.27
CA ARG A 28 -5.54 -27.44 7.42
C ARG A 28 -6.68 -26.54 6.97
N GLN A 29 -7.33 -25.89 7.94
CA GLN A 29 -8.44 -25.00 7.63
C GLN A 29 -8.10 -23.57 8.02
N ILE A 30 -8.44 -22.63 7.14
CA ILE A 30 -8.16 -21.22 7.39
C ILE A 30 -9.44 -20.40 7.29
N THR A 31 -9.52 -19.35 8.11
CA THR A 31 -10.71 -18.49 8.12
C THR A 31 -10.33 -17.06 7.75
N ASP A 32 -11.14 -16.44 6.90
CA ASP A 32 -10.88 -15.06 6.48
C ASP A 32 -11.75 -14.09 7.28
N SER A 33 -12.20 -13.03 6.62
CA SER A 33 -13.05 -12.04 7.28
C SER A 33 -14.37 -12.67 7.72
N ARG A 34 -14.88 -13.58 6.91
CA ARG A 34 -16.14 -14.25 7.21
C ARG A 34 -16.13 -15.68 6.68
N GLY A 35 -16.20 -15.82 5.37
CA GLY A 35 -16.21 -17.14 4.74
C GLY A 35 -14.97 -17.93 5.13
N THR A 36 -15.15 -19.23 5.31
CA THR A 36 -14.03 -20.11 5.68
C THR A 36 -13.68 -21.05 4.55
N HIS A 37 -12.40 -21.12 4.21
CA HIS A 37 -11.93 -21.99 3.14
C HIS A 37 -11.02 -23.08 3.68
N THR A 38 -11.31 -24.32 3.33
CA THR A 38 -10.51 -25.45 3.79
C THR A 38 -9.32 -25.67 2.85
N LEU A 39 -8.12 -25.79 3.43
CA LEU A 39 -6.92 -26.02 2.63
C LEU A 39 -6.58 -27.50 2.60
N GLU A 40 -7.28 -28.25 1.76
CA GLU A 40 -7.04 -29.68 1.64
C GLU A 40 -5.66 -29.94 1.06
N SER A 41 -5.21 -29.05 0.19
CA SER A 41 -3.89 -29.21 -0.43
C SER A 41 -3.66 -28.08 -1.43
N GLN A 42 -2.75 -27.17 -1.09
CA GLN A 42 -2.45 -26.04 -1.97
C GLN A 42 -0.95 -26.02 -2.29
N PRO A 43 -0.55 -26.64 -3.36
CA PRO A 43 0.87 -26.68 -3.80
C PRO A 43 1.43 -25.28 -4.00
N GLN A 44 2.74 -25.14 -3.76
CA GLN A 44 3.39 -23.84 -3.89
C GLN A 44 2.89 -23.10 -5.13
N ARG A 45 1.75 -22.42 -4.97
CA ARG A 45 1.16 -21.67 -6.08
C ARG A 45 0.35 -20.49 -5.55
N ILE A 46 1.05 -19.53 -4.97
CA ILE A 46 0.39 -18.35 -4.42
C ILE A 46 -0.05 -17.41 -5.53
N VAL A 47 -1.31 -16.98 -5.47
CA VAL A 47 -1.85 -16.07 -6.48
C VAL A 47 -2.39 -14.81 -5.82
N SER A 48 -2.26 -13.68 -6.52
CA SER A 48 -2.74 -12.41 -5.98
C SER A 48 -3.49 -11.62 -7.05
N THR A 49 -4.54 -10.92 -6.62
CA THR A 49 -5.33 -10.11 -7.56
C THR A 49 -4.91 -8.65 -7.50
N SER A 50 -5.04 -8.05 -6.32
CA SER A 50 -4.68 -6.65 -6.12
C SER A 50 -3.17 -6.50 -5.98
N VAL A 51 -2.67 -5.32 -6.31
CA VAL A 51 -1.24 -5.05 -6.20
C VAL A 51 -0.84 -4.87 -4.74
N THR A 52 -1.82 -4.53 -3.90
CA THR A 52 -1.55 -4.29 -2.49
C THR A 52 -0.96 -5.55 -1.84
N LEU A 53 -1.65 -6.68 -2.02
CA LEU A 53 -1.18 -7.94 -1.48
C LEU A 53 0.10 -8.37 -2.18
N THR A 54 0.13 -8.21 -3.50
CA THR A 54 1.29 -8.61 -4.28
C THR A 54 2.58 -8.19 -3.57
N GLY A 55 2.67 -6.91 -3.25
CA GLY A 55 3.84 -6.40 -2.54
C GLY A 55 3.88 -6.90 -1.10
N SER A 56 2.71 -6.99 -0.48
CA SER A 56 2.63 -7.45 0.90
C SER A 56 3.13 -8.88 1.02
N LEU A 57 2.70 -9.74 0.09
CA LEU A 57 3.12 -11.13 0.10
C LEU A 57 4.61 -11.25 -0.19
N LEU A 58 5.08 -10.46 -1.14
CA LEU A 58 6.49 -10.49 -1.52
C LEU A 58 7.38 -10.08 -0.35
N ALA A 59 6.94 -9.07 0.38
CA ALA A 59 7.71 -8.56 1.50
C ALA A 59 7.95 -9.66 2.54
N ILE A 60 6.95 -10.52 2.72
CA ILE A 60 7.04 -11.60 3.70
C ILE A 60 7.60 -12.85 3.06
N ASP A 61 8.43 -12.68 2.04
CA ASP A 61 9.04 -13.82 1.37
C ASP A 61 7.98 -14.78 0.85
N ALA A 62 7.01 -14.25 0.12
CA ALA A 62 5.92 -15.07 -0.43
C ALA A 62 5.58 -14.60 -1.83
N PRO A 63 6.39 -14.92 -2.81
CA PRO A 63 6.17 -14.50 -4.22
C PRO A 63 4.92 -15.12 -4.82
N VAL A 64 4.32 -14.44 -5.79
CA VAL A 64 3.12 -14.93 -6.44
C VAL A 64 3.42 -15.24 -7.91
N ILE A 65 2.88 -16.37 -8.37
CA ILE A 65 3.07 -16.78 -9.75
C ILE A 65 2.33 -15.87 -10.71
N ALA A 66 1.09 -15.53 -10.37
CA ALA A 66 0.27 -14.67 -11.21
C ALA A 66 -0.24 -13.46 -10.43
N SER A 67 -0.08 -12.28 -11.02
CA SER A 67 -0.51 -11.06 -10.37
C SER A 67 -0.78 -9.98 -11.41
N GLY A 68 -1.39 -8.88 -10.97
CA GLY A 68 -1.71 -7.78 -11.87
C GLY A 68 -0.83 -6.57 -11.58
N ALA A 69 -1.06 -5.48 -12.31
CA ALA A 69 -0.29 -4.25 -12.11
C ALA A 69 -1.22 -3.05 -12.04
N THR A 70 -0.65 -1.90 -11.70
CA THR A 70 -1.43 -0.67 -11.59
C THR A 70 -0.74 0.47 -12.32
N THR A 71 -0.28 1.46 -11.57
CA THR A 71 0.39 2.61 -12.17
C THR A 71 1.89 2.49 -12.01
N PRO A 72 2.63 3.46 -12.51
CA PRO A 72 4.12 3.48 -12.41
C PRO A 72 4.61 3.49 -10.95
N ASN A 73 4.21 2.49 -10.20
CA ASN A 73 4.59 2.38 -8.80
C ASN A 73 6.08 2.21 -8.68
N ASN A 74 6.68 1.50 -9.65
CA ASN A 74 8.13 1.24 -9.65
C ASN A 74 8.42 -0.11 -8.99
N ARG A 75 7.65 -0.43 -7.95
CA ARG A 75 7.82 -1.70 -7.26
C ARG A 75 7.53 -2.86 -8.21
N VAL A 76 6.52 -2.69 -9.06
CA VAL A 76 6.16 -3.72 -10.03
C VAL A 76 7.17 -3.76 -11.17
N ALA A 77 7.82 -2.63 -11.41
CA ALA A 77 8.80 -2.53 -12.49
C ALA A 77 9.78 -3.69 -12.43
N ASP A 78 10.81 -3.62 -13.25
CA ASP A 78 11.82 -4.68 -13.29
C ASP A 78 12.72 -4.62 -12.05
N ASP A 79 13.94 -5.11 -12.19
CA ASP A 79 14.88 -5.12 -11.07
C ASP A 79 15.02 -3.73 -10.48
N GLN A 80 14.41 -2.75 -11.14
CA GLN A 80 14.46 -1.37 -10.65
C GLN A 80 13.35 -1.11 -9.64
N GLY A 81 13.74 -0.84 -8.40
CA GLY A 81 12.77 -0.57 -7.36
C GLY A 81 12.26 -1.86 -6.72
N PHE A 82 13.12 -2.52 -5.98
CA PHE A 82 12.76 -3.77 -5.31
C PHE A 82 13.42 -3.87 -3.94
N LEU A 83 12.73 -4.50 -2.99
CA LEU A 83 13.29 -4.68 -1.66
C LEU A 83 14.16 -5.93 -1.60
N ARG A 84 13.58 -7.03 -1.12
CA ARG A 84 14.32 -8.29 -1.03
C ARG A 84 14.68 -8.77 -2.43
N GLN A 85 13.72 -8.67 -3.35
CA GLN A 85 13.95 -9.08 -4.75
C GLN A 85 13.54 -10.53 -4.95
N TRP A 86 12.31 -10.86 -4.56
CA TRP A 86 11.80 -12.23 -4.73
C TRP A 86 10.85 -12.30 -5.93
N SER A 87 10.51 -11.14 -6.48
CA SER A 87 9.60 -11.08 -7.62
C SER A 87 10.22 -11.75 -8.84
N LYS A 88 11.54 -11.62 -8.95
CA LYS A 88 12.26 -12.22 -10.07
C LYS A 88 11.85 -13.68 -10.25
N VAL A 89 11.37 -14.28 -9.17
CA VAL A 89 10.94 -15.68 -9.22
C VAL A 89 9.68 -15.83 -10.06
N ALA A 90 8.71 -14.95 -9.81
CA ALA A 90 7.44 -14.99 -10.54
C ALA A 90 7.69 -14.79 -12.03
N LYS A 91 8.47 -13.76 -12.35
CA LYS A 91 8.77 -13.47 -13.75
C LYS A 91 9.54 -14.64 -14.38
N GLU A 92 10.43 -15.24 -13.61
CA GLU A 92 11.23 -16.36 -14.10
C GLU A 92 10.31 -17.44 -14.66
N ARG A 93 9.12 -17.57 -14.07
CA ARG A 93 8.17 -18.58 -14.52
C ARG A 93 7.26 -18.01 -15.59
N LYS A 94 7.50 -16.75 -15.96
CA LYS A 94 6.71 -16.09 -17.00
C LYS A 94 5.41 -15.54 -16.41
N LEU A 95 4.70 -16.38 -15.67
CA LEU A 95 3.44 -15.98 -15.05
C LEU A 95 3.61 -14.64 -14.40
N GLN A 96 2.51 -13.88 -14.25
CA GLN A 96 2.54 -12.54 -13.66
C GLN A 96 2.01 -11.51 -14.65
N ARG A 97 0.72 -11.23 -14.58
CA ARG A 97 0.10 -10.25 -15.47
C ARG A 97 0.46 -8.84 -15.02
N LEU A 98 0.66 -7.94 -15.98
CA LEU A 98 1.02 -6.56 -15.68
C LEU A 98 0.16 -5.59 -16.47
N TYR A 99 -1.04 -6.04 -16.82
CA TYR A 99 -1.95 -5.19 -17.60
C TYR A 99 -3.38 -5.36 -17.10
N ILE A 100 -4.10 -4.24 -17.00
CA ILE A 100 -5.48 -4.27 -16.55
C ILE A 100 -6.34 -3.34 -17.40
N GLY A 101 -7.66 -3.50 -17.30
CA GLY A 101 -8.59 -2.68 -18.08
C GLY A 101 -9.81 -3.49 -18.49
N GLU A 102 -9.63 -4.80 -18.65
CA GLU A 102 -10.73 -5.67 -19.03
C GLU A 102 -10.50 -7.09 -18.51
N PRO A 103 -10.60 -7.26 -17.23
CA PRO A 103 -10.39 -8.60 -16.58
C PRO A 103 -11.36 -9.65 -17.10
N SER A 104 -10.88 -10.89 -17.20
CA SER A 104 -11.73 -11.98 -17.67
C SER A 104 -11.58 -13.21 -16.78
N ALA A 105 -12.71 -13.83 -16.46
CA ALA A 105 -12.70 -15.01 -15.61
C ALA A 105 -12.04 -16.18 -16.32
N GLU A 106 -12.29 -16.29 -17.62
CA GLU A 106 -11.73 -17.38 -18.42
C GLU A 106 -10.21 -17.27 -18.47
N ALA A 107 -9.71 -16.05 -18.63
CA ALA A 107 -8.28 -15.83 -18.71
C ALA A 107 -7.60 -16.23 -17.40
N VAL A 108 -8.25 -15.89 -16.28
CA VAL A 108 -7.72 -16.24 -14.97
C VAL A 108 -7.67 -17.76 -14.80
N ALA A 109 -8.74 -18.42 -15.22
CA ALA A 109 -8.81 -19.87 -15.11
C ALA A 109 -7.71 -20.53 -15.94
N ALA A 110 -7.39 -19.91 -17.07
CA ALA A 110 -6.35 -20.44 -17.95
C ALA A 110 -5.01 -20.46 -17.24
N GLN A 111 -4.91 -19.69 -16.15
CA GLN A 111 -3.67 -19.62 -15.38
C GLN A 111 -3.63 -20.74 -14.33
N MET A 112 -4.74 -21.46 -14.20
CA MET A 112 -4.81 -22.55 -13.24
C MET A 112 -4.30 -22.10 -11.88
N PRO A 113 -4.87 -21.05 -11.34
CA PRO A 113 -4.48 -20.50 -10.01
C PRO A 113 -4.89 -21.43 -8.87
N ASP A 114 -4.11 -21.41 -7.79
CA ASP A 114 -4.41 -22.26 -6.64
C ASP A 114 -5.07 -21.44 -5.54
N LEU A 115 -4.28 -20.60 -4.87
CA LEU A 115 -4.80 -19.76 -3.80
C LEU A 115 -4.78 -18.29 -4.23
N ILE A 116 -5.97 -17.72 -4.40
CA ILE A 116 -6.07 -16.33 -4.81
C ILE A 116 -6.39 -15.45 -3.62
N LEU A 117 -5.57 -14.41 -3.43
CA LEU A 117 -5.75 -13.49 -2.31
C LEU A 117 -6.23 -12.14 -2.82
N ILE A 118 -7.27 -11.61 -2.16
CA ILE A 118 -7.84 -10.32 -2.54
C ILE A 118 -7.76 -9.33 -1.39
N SER A 119 -7.42 -8.08 -1.71
CA SER A 119 -7.30 -7.04 -0.70
C SER A 119 -8.66 -6.43 -0.38
N ALA A 120 -8.72 -5.65 0.69
CA ALA A 120 -9.97 -5.02 1.09
C ALA A 120 -10.49 -4.11 -0.03
N THR A 121 -9.57 -3.44 -0.71
CA THR A 121 -9.94 -2.53 -1.80
C THR A 121 -8.95 -2.65 -2.95
N GLY A 122 -9.39 -2.23 -4.13
CA GLY A 122 -8.53 -2.30 -5.31
C GLY A 122 -8.98 -1.28 -6.36
N GLY A 123 -8.24 -1.24 -7.48
CA GLY A 123 -8.56 -0.30 -8.55
C GLY A 123 -9.94 -0.59 -9.12
N ASP A 124 -10.32 -1.87 -9.15
CA ASP A 124 -11.61 -2.27 -9.69
C ASP A 124 -12.38 -3.09 -8.66
N SER A 125 -13.71 -3.05 -8.75
CA SER A 125 -14.54 -3.80 -7.82
C SER A 125 -14.31 -5.29 -7.98
N ALA A 126 -14.30 -6.01 -6.86
CA ALA A 126 -14.09 -7.46 -6.88
C ALA A 126 -15.28 -8.18 -6.28
N LEU A 127 -16.36 -7.45 -6.03
CA LEU A 127 -17.56 -8.04 -5.45
C LEU A 127 -18.10 -9.14 -6.36
N ALA A 128 -18.05 -8.91 -7.66
CA ALA A 128 -18.54 -9.89 -8.62
C ALA A 128 -17.47 -10.95 -8.92
N LEU A 129 -16.23 -10.51 -8.95
CA LEU A 129 -15.11 -11.41 -9.20
C LEU A 129 -14.88 -12.33 -8.01
N TYR A 130 -15.09 -11.80 -6.82
CA TYR A 130 -14.88 -12.58 -5.60
C TYR A 130 -15.43 -13.99 -5.75
N ASP A 131 -16.74 -14.09 -5.94
CA ASP A 131 -17.38 -15.40 -6.06
C ASP A 131 -16.92 -16.11 -7.33
N GLN A 132 -16.84 -15.36 -8.42
CA GLN A 132 -16.43 -15.94 -9.70
C GLN A 132 -14.99 -16.47 -9.59
N LEU A 133 -14.18 -15.80 -8.78
CA LEU A 133 -12.81 -16.23 -8.57
C LEU A 133 -12.75 -17.48 -7.71
N SER A 134 -13.58 -17.51 -6.67
CA SER A 134 -13.59 -18.64 -5.75
C SER A 134 -13.89 -19.92 -6.51
N THR A 135 -14.93 -19.90 -7.33
CA THR A 135 -15.31 -21.07 -8.13
C THR A 135 -14.11 -21.57 -8.92
N ILE A 136 -13.35 -20.65 -9.49
CA ILE A 136 -12.18 -21.01 -10.27
C ILE A 136 -11.10 -21.64 -9.37
N ALA A 137 -10.91 -21.04 -8.20
CA ALA A 137 -9.90 -21.53 -7.27
C ALA A 137 -10.05 -20.85 -5.90
N PRO A 138 -9.62 -21.50 -4.86
CA PRO A 138 -9.70 -20.96 -3.48
C PRO A 138 -9.38 -19.46 -3.44
N THR A 139 -10.40 -18.65 -3.26
CA THR A 139 -10.22 -17.20 -3.19
C THR A 139 -10.47 -16.69 -1.79
N LEU A 140 -9.46 -16.03 -1.21
CA LEU A 140 -9.56 -15.50 0.14
C LEU A 140 -9.50 -13.97 0.12
N ILE A 141 -10.10 -13.35 1.13
CA ILE A 141 -10.11 -11.90 1.22
C ILE A 141 -9.66 -11.45 2.60
N ILE A 142 -8.73 -10.49 2.62
CA ILE A 142 -8.21 -9.97 3.89
C ILE A 142 -8.59 -8.51 4.07
N ASN A 143 -9.19 -8.20 5.22
CA ASN A 143 -9.60 -6.83 5.51
C ASN A 143 -8.60 -6.16 6.45
N TYR A 144 -7.77 -5.28 5.89
CA TYR A 144 -6.75 -4.59 6.68
C TYR A 144 -7.20 -3.17 7.01
N ASP A 145 -8.27 -2.73 6.36
CA ASP A 145 -8.78 -1.38 6.58
C ASP A 145 -9.30 -1.23 8.01
N ASP A 146 -9.84 -2.31 8.55
CA ASP A 146 -10.38 -2.29 9.91
C ASP A 146 -9.36 -2.86 10.90
N LYS A 147 -8.15 -3.12 10.41
CA LYS A 147 -7.10 -3.69 11.26
C LYS A 147 -5.78 -2.96 11.02
N SER A 148 -4.90 -3.00 12.02
CA SER A 148 -3.61 -2.34 11.92
C SER A 148 -2.66 -3.14 11.03
N TRP A 149 -1.56 -2.51 10.63
CA TRP A 149 -0.59 -3.18 9.76
C TRP A 149 -0.04 -4.43 10.45
N GLN A 150 0.38 -4.29 11.69
CA GLN A 150 0.92 -5.41 12.45
C GLN A 150 -0.07 -6.58 12.44
N SER A 151 -1.35 -6.26 12.62
CA SER A 151 -2.39 -7.28 12.60
C SER A 151 -2.45 -7.94 11.22
N LEU A 152 -2.32 -7.14 10.17
CA LEU A 152 -2.38 -7.66 8.82
C LEU A 152 -1.26 -8.68 8.59
N LEU A 153 -0.06 -8.34 9.06
CA LEU A 153 1.08 -9.24 8.91
C LEU A 153 0.81 -10.55 9.63
N THR A 154 0.28 -10.45 10.84
CA THR A 154 -0.02 -11.63 11.64
C THR A 154 -0.91 -12.58 10.83
N GLN A 155 -1.94 -12.02 10.19
CA GLN A 155 -2.84 -12.83 9.38
C GLN A 155 -2.10 -13.50 8.23
N LEU A 156 -1.20 -12.74 7.61
CA LEU A 156 -0.41 -13.29 6.51
C LEU A 156 0.44 -14.46 6.96
N GLY A 157 1.05 -14.31 8.12
CA GLY A 157 1.88 -15.38 8.65
C GLY A 157 1.03 -16.60 8.99
N GLU A 158 -0.14 -16.37 9.56
CA GLU A 158 -1.03 -17.47 9.93
C GLU A 158 -1.63 -18.12 8.69
N ILE A 159 -2.10 -17.29 7.77
CA ILE A 159 -2.68 -17.80 6.53
C ILE A 159 -1.65 -18.54 5.70
N THR A 160 -0.46 -17.96 5.59
CA THR A 160 0.61 -18.57 4.79
C THR A 160 1.49 -19.44 5.67
N GLY A 161 1.28 -19.36 6.98
CA GLY A 161 2.07 -20.15 7.92
C GLY A 161 3.53 -19.71 7.90
N HIS A 162 3.75 -18.44 7.54
CA HIS A 162 5.11 -17.91 7.48
C HIS A 162 5.41 -17.05 8.71
N GLU A 163 5.16 -17.62 9.89
CA GLU A 163 5.41 -16.90 11.14
C GLU A 163 6.91 -16.73 11.37
N LYS A 164 7.67 -17.77 11.04
CA LYS A 164 9.11 -17.74 11.24
C LYS A 164 9.73 -16.59 10.44
N GLN A 165 9.34 -16.49 9.17
CA GLN A 165 9.85 -15.44 8.31
C GLN A 165 9.53 -14.07 8.88
N ALA A 166 8.31 -13.94 9.42
CA ALA A 166 7.88 -12.68 10.01
C ALA A 166 8.76 -12.32 11.20
N ALA A 167 9.11 -13.32 12.01
CA ALA A 167 9.95 -13.09 13.17
C ALA A 167 11.34 -12.61 12.74
N GLU A 168 11.75 -13.01 11.54
CA GLU A 168 13.04 -12.60 11.01
C GLU A 168 13.03 -11.14 10.57
N ARG A 169 12.07 -10.81 9.71
CA ARG A 169 11.95 -9.45 9.20
C ARG A 169 11.57 -8.50 10.34
N ILE A 170 10.64 -8.93 11.19
CA ILE A 170 10.19 -8.11 12.29
C ILE A 170 11.34 -7.82 13.24
N ALA A 171 12.14 -8.84 13.54
CA ALA A 171 13.27 -8.66 14.45
C ALA A 171 14.27 -7.67 13.86
N GLN A 172 14.76 -7.97 12.66
CA GLN A 172 15.75 -7.12 12.01
C GLN A 172 15.18 -5.71 11.84
N PHE A 173 13.88 -5.63 11.62
CA PHE A 173 13.22 -4.33 11.45
C PHE A 173 12.93 -3.69 12.80
N ASP A 174 12.58 -4.51 13.77
CA ASP A 174 12.26 -4.01 15.10
C ASP A 174 13.41 -3.19 15.65
N LYS A 175 14.64 -3.68 15.44
CA LYS A 175 15.81 -2.98 15.92
C LYS A 175 15.94 -1.61 15.25
N GLN A 176 15.68 -1.56 13.95
CA GLN A 176 15.77 -0.31 13.20
C GLN A 176 14.69 0.66 13.67
N LEU A 177 13.52 0.12 13.99
CA LEU A 177 12.42 0.96 14.48
C LEU A 177 12.79 1.63 15.79
N ALA A 178 13.43 0.87 16.67
CA ALA A 178 13.83 1.42 17.96
C ALA A 178 14.83 2.56 17.79
N ALA A 179 15.89 2.29 17.03
CA ALA A 179 16.90 3.32 16.78
C ALA A 179 16.32 4.44 15.94
N ALA A 180 15.53 4.08 14.93
CA ALA A 180 14.92 5.07 14.05
C ALA A 180 13.95 5.95 14.83
N LYS A 181 13.21 5.34 15.74
CA LYS A 181 12.25 6.07 16.56
C LYS A 181 12.95 7.08 17.43
N GLU A 182 14.18 6.75 17.85
CA GLU A 182 14.96 7.64 18.70
C GLU A 182 15.89 8.52 17.86
N GLN A 183 16.20 8.05 16.65
CA GLN A 183 17.09 8.79 15.77
C GLN A 183 16.46 10.12 15.37
N ILE A 184 15.17 10.09 15.08
CA ILE A 184 14.45 11.30 14.68
C ILE A 184 14.17 12.18 15.88
N LYS A 185 14.39 13.49 15.73
CA LYS A 185 14.15 14.43 16.82
C LYS A 185 13.23 15.56 16.36
N LEU A 186 11.99 15.54 16.84
CA LEU A 186 11.03 16.55 16.46
C LEU A 186 9.71 16.35 17.21
N PRO A 187 9.24 17.37 17.90
CA PRO A 187 7.97 17.29 18.67
C PRO A 187 6.85 16.60 17.89
N PRO A 188 5.93 15.99 18.58
CA PRO A 188 4.78 15.29 17.94
C PRO A 188 3.82 16.25 17.24
N GLN A 189 3.31 15.82 16.09
CA GLN A 189 2.38 16.66 15.36
C GLN A 189 1.76 15.87 14.19
N PRO A 190 0.53 16.15 13.85
CA PRO A 190 -0.16 15.47 12.72
C PRO A 190 0.42 15.86 11.37
N VAL A 191 0.26 14.98 10.39
CA VAL A 191 0.77 15.25 9.04
C VAL A 191 -0.24 14.80 7.99
N THR A 192 -0.07 15.29 6.77
CA THR A 192 -0.96 14.93 5.67
C THR A 192 -0.19 14.82 4.37
N ALA A 193 -0.87 14.32 3.33
CA ALA A 193 -0.24 14.16 2.03
C ALA A 193 -1.28 14.34 0.92
N ILE A 194 -0.90 15.06 -0.14
CA ILE A 194 -1.81 15.29 -1.26
C ILE A 194 -1.10 15.07 -2.58
N VAL A 195 -1.82 14.57 -3.57
CA VAL A 195 -1.25 14.34 -4.89
C VAL A 195 -2.17 14.89 -5.98
N TYR A 196 -1.60 15.64 -6.91
CA TYR A 196 -2.38 16.21 -8.01
C TYR A 196 -1.50 16.41 -9.23
N THR A 197 -2.13 16.42 -10.40
CA THR A 197 -1.38 16.63 -11.65
C THR A 197 -1.94 17.83 -12.41
N ALA A 198 -1.07 18.79 -12.69
CA ALA A 198 -1.47 20.00 -13.41
C ALA A 198 -2.02 19.64 -14.79
N ALA A 199 -1.58 18.50 -15.32
CA ALA A 199 -2.03 18.05 -16.63
C ALA A 199 -3.44 17.48 -16.55
N ALA A 200 -3.68 16.60 -15.59
CA ALA A 200 -4.99 16.00 -15.42
C ALA A 200 -5.97 16.99 -14.84
N HIS A 201 -5.46 18.15 -14.41
CA HIS A 201 -6.29 19.18 -13.83
C HIS A 201 -7.25 18.58 -12.80
N SER A 202 -6.73 17.66 -11.99
CA SER A 202 -7.55 17.01 -10.96
C SER A 202 -6.79 16.94 -9.65
N ALA A 203 -7.51 17.05 -8.53
CA ALA A 203 -6.89 17.00 -7.22
C ALA A 203 -7.31 15.74 -6.48
N ASN A 204 -6.36 14.85 -6.24
CA ASN A 204 -6.65 13.60 -5.54
C ASN A 204 -5.84 13.51 -4.25
N LEU A 205 -6.50 13.14 -3.16
CA LEU A 205 -5.83 13.02 -1.88
C LEU A 205 -5.77 11.56 -1.44
N TRP A 206 -4.68 11.21 -0.75
CA TRP A 206 -4.50 9.84 -0.26
C TRP A 206 -4.89 9.75 1.21
N THR A 207 -5.74 8.79 1.54
CA THR A 207 -6.19 8.61 2.92
C THR A 207 -5.34 7.57 3.63
N PRO A 208 -5.24 7.68 4.94
CA PRO A 208 -4.47 6.71 5.77
C PRO A 208 -5.11 5.33 5.78
N GLU A 209 -6.38 5.26 5.40
CA GLU A 209 -7.10 4.00 5.40
C GLU A 209 -6.29 2.93 4.67
N SER A 210 -5.32 3.36 3.88
CA SER A 210 -4.47 2.43 3.14
C SER A 210 -3.45 1.80 4.08
N ALA A 211 -2.83 0.71 3.63
CA ALA A 211 -1.82 0.01 4.42
C ALA A 211 -0.68 0.96 4.78
N GLN A 212 -0.44 1.95 3.93
CA GLN A 212 0.63 2.91 4.17
C GLN A 212 0.35 3.71 5.43
N GLY A 213 -0.91 4.10 5.62
CA GLY A 213 -1.28 4.89 6.79
C GLY A 213 -0.98 4.12 8.08
N GLN A 214 -1.35 2.84 8.10
CA GLN A 214 -1.11 2.01 9.27
C GLN A 214 0.39 1.85 9.53
N MET A 215 1.16 1.72 8.45
CA MET A 215 2.60 1.57 8.57
C MET A 215 3.20 2.81 9.22
N LEU A 216 2.72 3.99 8.82
CA LEU A 216 3.22 5.23 9.41
C LEU A 216 2.91 5.29 10.89
N GLU A 217 1.67 4.99 11.24
CA GLU A 217 1.24 5.01 12.64
C GLU A 217 2.18 4.15 13.48
N GLN A 218 2.69 3.09 12.87
CA GLN A 218 3.60 2.18 13.58
C GLN A 218 4.96 2.86 13.80
N LEU A 219 5.21 3.94 13.05
CA LEU A 219 6.48 4.65 13.18
C LEU A 219 6.37 5.73 14.24
N GLY A 220 5.15 5.95 14.74
CA GLY A 220 4.94 6.97 15.77
C GLY A 220 4.37 8.24 15.18
N PHE A 221 4.14 8.23 13.87
CA PHE A 221 3.60 9.41 13.18
C PHE A 221 2.07 9.37 13.20
N THR A 222 1.47 10.55 13.12
CA THR A 222 0.01 10.65 13.13
C THR A 222 -0.50 11.22 11.82
N LEU A 223 -1.45 10.53 11.21
CA LEU A 223 -2.03 10.97 9.94
C LEU A 223 -3.26 11.83 10.16
N ALA A 224 -3.45 12.81 9.27
CA ALA A 224 -4.60 13.69 9.38
C ALA A 224 -5.88 12.94 9.06
N LYS A 225 -7.00 13.39 9.64
CA LYS A 225 -8.28 12.75 9.40
C LYS A 225 -9.35 13.80 9.07
N LEU A 226 -10.09 13.56 7.99
CA LEU A 226 -11.14 14.49 7.57
C LEU A 226 -12.51 13.84 7.72
N PRO A 227 -13.16 14.05 8.85
CA PRO A 227 -14.52 13.49 9.11
C PRO A 227 -15.50 13.89 8.03
N ALA A 228 -16.36 12.94 7.63
CA ALA A 228 -17.34 13.21 6.59
C ALA A 228 -16.66 13.56 5.27
N GLY A 229 -15.44 14.09 5.36
CA GLY A 229 -14.68 14.47 4.18
C GLY A 229 -14.22 13.24 3.41
N LEU A 230 -13.61 12.31 4.12
CA LEU A 230 -13.10 11.09 3.50
C LEU A 230 -14.21 10.41 2.72
N ASN A 231 -15.42 10.45 3.26
CA ASN A 231 -16.56 9.83 2.59
C ASN A 231 -16.89 10.56 1.30
N ALA A 232 -15.86 11.03 0.59
CA ALA A 232 -16.05 11.74 -0.66
C ALA A 232 -17.26 12.66 -0.58
N SER A 233 -17.04 13.89 -0.12
CA SER A 233 -18.14 14.86 -0.01
C SER A 233 -18.42 15.50 -1.35
N GLN A 234 -17.51 15.31 -2.31
CA GLN A 234 -17.68 15.89 -3.64
C GLN A 234 -18.37 14.89 -4.56
N SER A 235 -17.96 13.62 -4.47
CA SER A 235 -18.55 12.58 -5.30
C SER A 235 -20.01 12.35 -4.94
N GLN A 236 -20.40 12.84 -3.76
CA GLN A 236 -21.77 12.67 -3.29
C GLN A 236 -22.16 11.20 -3.28
N GLY A 237 -21.26 10.35 -2.78
CA GLY A 237 -21.51 8.92 -2.73
C GLY A 237 -20.33 8.18 -2.11
N LYS A 238 -20.13 6.94 -2.54
CA LYS A 238 -19.03 6.14 -2.03
C LYS A 238 -18.09 5.73 -3.16
N ARG A 239 -16.79 5.70 -2.87
CA ARG A 239 -15.80 5.33 -3.87
C ARG A 239 -14.57 4.73 -3.21
N HIS A 240 -13.91 3.81 -3.92
CA HIS A 240 -12.72 3.17 -3.38
C HIS A 240 -11.46 3.79 -3.99
N ASP A 241 -10.39 2.99 -4.08
CA ASP A 241 -9.14 3.48 -4.64
C ASP A 241 -8.66 4.70 -3.88
N ILE A 242 -9.04 5.89 -4.36
CA ILE A 242 -8.64 7.14 -3.73
C ILE A 242 -9.85 8.01 -3.43
N ILE A 243 -9.62 9.13 -2.78
CA ILE A 243 -10.70 10.05 -2.42
C ILE A 243 -10.45 11.44 -2.99
N GLN A 244 -11.52 12.09 -3.44
CA GLN A 244 -11.41 13.42 -4.01
C GLN A 244 -11.81 14.48 -2.99
N LEU A 245 -11.55 15.74 -3.30
CA LEU A 245 -11.88 16.84 -2.41
C LEU A 245 -12.25 18.10 -3.19
N GLY A 246 -13.10 18.93 -2.61
CA GLY A 246 -13.52 20.16 -3.26
C GLY A 246 -12.33 21.10 -3.47
N GLY A 247 -11.45 21.16 -2.47
CA GLY A 247 -10.28 22.02 -2.54
C GLY A 247 -10.15 22.86 -1.29
N GLU A 248 -11.03 22.62 -0.32
CA GLU A 248 -11.00 23.38 0.93
C GLU A 248 -9.89 22.87 1.84
N ASN A 249 -9.95 21.58 2.17
CA ASN A 249 -8.95 20.97 3.03
C ASN A 249 -7.57 21.04 2.38
N LEU A 250 -7.54 20.89 1.06
CA LEU A 250 -6.26 20.94 0.34
C LEU A 250 -5.50 22.21 0.69
N ALA A 251 -6.03 23.35 0.27
CA ALA A 251 -5.37 24.62 0.55
C ALA A 251 -5.09 24.76 2.04
N ALA A 252 -6.07 24.38 2.86
CA ALA A 252 -5.92 24.46 4.30
C ALA A 252 -4.98 23.38 4.81
N GLY A 253 -4.20 22.81 3.90
CA GLY A 253 -3.25 21.75 4.26
C GLY A 253 -3.78 20.91 5.42
N LEU A 254 -5.02 20.47 5.30
CA LEU A 254 -5.65 19.67 6.35
C LEU A 254 -5.24 20.18 7.73
N ASN A 255 -4.44 19.40 8.44
CA ASN A 255 -4.00 19.79 9.77
C ASN A 255 -3.21 21.08 9.71
N GLY A 256 -2.30 21.19 8.74
CA GLY A 256 -1.50 22.39 8.59
C GLY A 256 -0.28 22.36 9.51
N GLU A 257 -0.06 21.22 10.15
CA GLU A 257 1.07 21.08 11.06
C GLU A 257 2.24 20.37 10.36
N SER A 258 1.96 19.77 9.21
CA SER A 258 2.98 19.06 8.46
C SER A 258 2.38 18.42 7.22
N LEU A 259 3.13 18.43 6.12
CA LEU A 259 2.67 17.83 4.89
C LEU A 259 3.83 17.26 4.08
N PHE A 260 3.75 15.98 3.74
CA PHE A 260 4.79 15.34 2.92
C PHE A 260 4.38 15.28 1.47
N LEU A 261 5.36 15.45 0.59
CA LEU A 261 5.08 15.45 -0.84
C LEU A 261 5.32 14.06 -1.43
N PHE A 262 4.22 13.38 -1.74
CA PHE A 262 4.32 12.04 -2.33
C PHE A 262 4.08 12.10 -3.83
N ALA A 263 3.59 13.25 -4.30
CA ALA A 263 3.33 13.42 -5.73
C ALA A 263 4.63 13.39 -6.53
N GLY A 264 5.66 14.04 -5.98
CA GLY A 264 6.95 14.09 -6.65
C GLY A 264 7.98 14.84 -5.81
N ASP A 265 9.22 14.83 -6.25
CA ASP A 265 10.29 15.51 -5.52
C ASP A 265 10.18 17.02 -5.68
N GLN A 266 11.15 17.62 -6.36
CA GLN A 266 11.16 19.06 -6.58
C GLN A 266 10.03 19.47 -7.50
N LYS A 267 9.62 18.56 -8.38
CA LYS A 267 8.55 18.84 -9.34
C LYS A 267 7.28 19.20 -8.60
N ASP A 268 6.97 18.45 -7.55
CA ASP A 268 5.77 18.72 -6.77
C ASP A 268 5.88 20.09 -6.08
N ALA A 269 7.05 20.36 -5.52
CA ALA A 269 7.28 21.64 -4.84
C ALA A 269 6.91 22.80 -5.76
N ASP A 270 7.60 22.89 -6.90
CA ASP A 270 7.33 23.95 -7.86
C ASP A 270 5.84 24.03 -8.16
N ALA A 271 5.22 22.86 -8.36
CA ALA A 271 3.78 22.81 -8.65
C ALA A 271 3.00 23.55 -7.57
N ILE A 272 3.37 23.31 -6.31
CA ILE A 272 2.69 23.97 -5.19
C ILE A 272 2.91 25.48 -5.24
N TYR A 273 4.15 25.89 -5.52
CA TYR A 273 4.49 27.30 -5.58
C TYR A 273 3.59 28.00 -6.59
N ALA A 274 3.30 27.32 -7.70
CA ALA A 274 2.45 27.89 -8.73
C ALA A 274 1.00 27.84 -8.30
N ASN A 275 0.74 27.33 -7.10
CA ASN A 275 -0.61 27.24 -6.57
C ASN A 275 -0.77 28.14 -5.35
N PRO A 276 -1.20 29.37 -5.56
CA PRO A 276 -1.40 30.35 -4.45
C PRO A 276 -2.29 29.77 -3.35
N LEU A 277 -3.15 28.84 -3.72
CA LEU A 277 -4.06 28.23 -2.75
C LEU A 277 -3.27 27.46 -1.70
N LEU A 278 -2.24 26.76 -2.14
CA LEU A 278 -1.41 25.97 -1.24
C LEU A 278 -0.18 26.77 -0.80
N ALA A 279 -0.13 28.03 -1.20
CA ALA A 279 0.98 28.90 -0.84
C ALA A 279 0.91 29.27 0.64
N HIS A 280 -0.31 29.44 1.13
CA HIS A 280 -0.51 29.83 2.53
C HIS A 280 -0.37 28.61 3.44
N LEU A 281 -0.01 27.48 2.86
CA LEU A 281 0.16 26.27 3.62
C LEU A 281 1.38 26.38 4.54
N PRO A 282 1.18 26.25 5.84
CA PRO A 282 2.29 26.36 6.83
C PRO A 282 3.51 25.53 6.42
N ALA A 283 3.28 24.36 5.85
CA ALA A 283 4.36 23.49 5.42
C ALA A 283 5.25 24.22 4.40
N VAL A 284 4.62 24.90 3.46
CA VAL A 284 5.36 25.65 2.44
C VAL A 284 6.12 26.81 3.07
N GLN A 285 5.45 27.52 3.99
CA GLN A 285 6.07 28.65 4.65
C GLN A 285 7.24 28.19 5.51
N ASN A 286 7.06 27.07 6.19
CA ASN A 286 8.10 26.52 7.06
C ASN A 286 9.01 25.59 6.28
N LYS A 287 8.57 25.21 5.08
CA LYS A 287 9.35 24.31 4.23
C LYS A 287 9.53 22.95 4.90
N GLN A 288 8.54 22.54 5.68
CA GLN A 288 8.59 21.26 6.37
C GLN A 288 8.00 20.16 5.48
N VAL A 289 8.37 20.18 4.21
CA VAL A 289 7.87 19.18 3.26
C VAL A 289 8.94 18.15 2.95
N TYR A 290 8.55 16.88 2.94
CA TYR A 290 9.49 15.80 2.65
C TYR A 290 9.08 15.07 1.37
N ALA A 291 10.05 14.85 0.49
CA ALA A 291 9.78 14.16 -0.77
C ALA A 291 9.83 12.65 -0.57
N LEU A 292 8.68 12.06 -0.23
CA LEU A 292 8.60 10.62 -0.04
C LEU A 292 8.90 9.88 -1.33
N GLY A 293 8.37 10.39 -2.43
CA GLY A 293 8.57 9.76 -3.73
C GLY A 293 7.62 8.59 -3.92
N THR A 294 7.50 8.13 -5.16
CA THR A 294 6.62 7.01 -5.46
C THR A 294 7.24 5.69 -5.00
N GLU A 295 8.56 5.67 -4.93
CA GLU A 295 9.27 4.47 -4.51
C GLU A 295 9.01 4.19 -3.04
N THR A 296 8.86 5.24 -2.26
CA THR A 296 8.63 5.09 -0.83
C THR A 296 7.21 4.61 -0.56
N PHE A 297 6.62 3.93 -1.55
CA PHE A 297 5.25 3.44 -1.40
C PHE A 297 5.16 2.51 -0.20
N ARG A 298 6.07 1.54 -0.14
CA ARG A 298 6.11 0.60 0.98
C ARG A 298 7.35 0.85 1.82
N LEU A 299 7.27 0.49 3.11
CA LEU A 299 8.40 0.67 4.00
C LEU A 299 8.92 -0.67 4.50
N ASP A 300 10.22 -0.90 4.30
CA ASP A 300 10.84 -2.15 4.74
C ASP A 300 12.29 -1.92 5.14
N TYR A 301 12.87 -2.89 5.83
CA TYR A 301 14.25 -2.78 6.27
C TYR A 301 15.15 -2.35 5.12
N TYR A 302 14.87 -2.86 3.93
CA TYR A 302 15.67 -2.53 2.76
C TYR A 302 15.42 -1.10 2.31
N SER A 303 14.20 -0.81 1.86
CA SER A 303 13.85 0.53 1.40
C SER A 303 14.01 1.55 2.52
N ALA A 304 13.76 1.12 3.75
CA ALA A 304 13.86 2.01 4.89
C ALA A 304 15.22 2.68 4.94
N MET A 305 16.22 2.03 4.35
CA MET A 305 17.57 2.58 4.33
C MET A 305 17.62 3.90 3.55
N GLN A 306 16.90 3.94 2.43
CA GLN A 306 16.86 5.13 1.61
C GLN A 306 15.92 6.17 2.18
N VAL A 307 14.75 5.72 2.61
CA VAL A 307 13.75 6.61 3.20
C VAL A 307 14.26 7.18 4.52
N LEU A 308 14.87 6.32 5.34
CA LEU A 308 15.37 6.74 6.63
C LEU A 308 16.41 7.84 6.46
N ASP A 309 17.35 7.63 5.56
CA ASP A 309 18.39 8.63 5.31
C ASP A 309 17.79 9.87 4.63
N ARG A 310 16.87 9.63 3.70
CA ARG A 310 16.24 10.71 2.96
C ARG A 310 15.49 11.63 3.91
N LEU A 311 14.84 11.03 4.90
CA LEU A 311 14.07 11.80 5.88
C LEU A 311 14.97 12.26 7.02
N LYS A 312 16.27 11.99 6.90
CA LYS A 312 17.23 12.38 7.93
C LYS A 312 18.18 13.44 7.40
N ALA A 313 18.14 13.66 6.08
CA ALA A 313 19.00 14.66 5.46
C ALA A 313 18.66 16.06 5.98
N LEU A 314 17.37 16.30 6.20
CA LEU A 314 16.94 17.61 6.68
C LEU A 314 17.57 17.89 8.04
N PHE A 315 17.48 16.93 8.95
CA PHE A 315 18.06 17.10 10.29
C PHE A 315 19.58 16.92 10.24
N ALA A 24 1.21 -24.72 7.45
CA ALA A 24 1.61 -25.96 8.16
C ALA A 24 2.27 -26.91 7.17
N ASP A 25 2.68 -28.08 7.66
CA ASP A 25 3.33 -29.08 6.81
C ASP A 25 2.31 -30.01 6.19
N TRP A 26 1.04 -29.82 6.56
CA TRP A 26 -0.02 -30.66 6.03
C TRP A 26 -1.30 -29.85 5.83
N PRO A 27 -2.33 -30.48 5.34
CA PRO A 27 -3.64 -29.81 5.09
C PRO A 27 -4.25 -29.23 6.37
N ARG A 28 -4.91 -28.09 6.23
CA ARG A 28 -5.53 -27.44 7.38
C ARG A 28 -6.68 -26.54 6.93
N GLN A 29 -7.32 -25.90 7.89
CA GLN A 29 -8.45 -25.00 7.59
C GLN A 29 -8.10 -23.57 7.98
N ILE A 30 -8.45 -22.63 7.10
CA ILE A 30 -8.18 -21.21 7.36
C ILE A 30 -9.45 -20.40 7.26
N THR A 31 -9.54 -19.36 8.09
CA THR A 31 -10.73 -18.49 8.10
C THR A 31 -10.35 -17.06 7.76
N ASP A 32 -11.16 -16.43 6.90
CA ASP A 32 -10.90 -15.05 6.49
C ASP A 32 -11.77 -14.09 7.30
N SER A 33 -12.21 -13.02 6.66
CA SER A 33 -13.05 -12.03 7.33
C SER A 33 -14.37 -12.66 7.77
N ARG A 34 -14.89 -13.56 6.95
CA ARG A 34 -16.16 -14.23 7.26
C ARG A 34 -16.15 -15.66 6.71
N GLY A 35 -16.21 -15.79 5.40
CA GLY A 35 -16.23 -17.11 4.77
C GLY A 35 -15.00 -17.90 5.15
N THR A 36 -15.17 -19.21 5.32
CA THR A 36 -14.06 -20.08 5.70
C THR A 36 -13.72 -21.03 4.56
N HIS A 37 -12.43 -21.08 4.22
CA HIS A 37 -11.97 -21.95 3.14
C HIS A 37 -11.05 -23.04 3.68
N THR A 38 -11.34 -24.29 3.31
CA THR A 38 -10.54 -25.41 3.77
C THR A 38 -9.36 -25.64 2.81
N LEU A 39 -8.16 -25.78 3.39
CA LEU A 39 -6.97 -26.02 2.59
C LEU A 39 -6.61 -27.50 2.57
N GLU A 40 -7.32 -28.26 1.74
CA GLU A 40 -7.08 -29.69 1.63
C GLU A 40 -5.69 -29.95 1.05
N SER A 41 -5.23 -29.06 0.18
CA SER A 41 -3.92 -29.21 -0.43
C SER A 41 -3.68 -28.10 -1.44
N GLN A 42 -2.78 -27.19 -1.11
CA GLN A 42 -2.47 -26.06 -1.99
C GLN A 42 -0.97 -26.03 -2.31
N PRO A 43 -0.56 -26.66 -3.37
CA PRO A 43 0.86 -26.69 -3.80
C PRO A 43 1.42 -25.30 -4.00
N GLN A 44 2.72 -25.14 -3.76
CA GLN A 44 3.38 -23.84 -3.89
C GLN A 44 2.87 -23.10 -5.13
N ARG A 45 1.73 -22.43 -4.97
CA ARG A 45 1.13 -21.69 -6.08
C ARG A 45 0.32 -20.52 -5.55
N ILE A 46 1.01 -19.54 -4.96
CA ILE A 46 0.34 -18.37 -4.41
C ILE A 46 -0.07 -17.42 -5.51
N VAL A 47 -1.33 -16.98 -5.48
CA VAL A 47 -1.86 -16.06 -6.49
C VAL A 47 -2.40 -14.81 -5.82
N SER A 48 -2.28 -13.68 -6.52
CA SER A 48 -2.77 -12.41 -5.98
C SER A 48 -3.52 -11.62 -7.05
N THR A 49 -4.58 -10.92 -6.63
CA THR A 49 -5.37 -10.13 -7.58
C THR A 49 -4.97 -8.66 -7.50
N SER A 50 -5.11 -8.07 -6.31
CA SER A 50 -4.75 -6.67 -6.13
C SER A 50 -3.25 -6.50 -5.97
N VAL A 51 -2.74 -5.32 -6.30
CA VAL A 51 -1.32 -5.05 -6.18
C VAL A 51 -0.93 -4.88 -4.71
N THR A 52 -1.91 -4.56 -3.88
CA THR A 52 -1.64 -4.33 -2.46
C THR A 52 -1.05 -5.59 -1.83
N LEU A 53 -1.74 -6.72 -2.02
CA LEU A 53 -1.25 -7.98 -1.50
C LEU A 53 0.03 -8.41 -2.20
N THR A 54 0.07 -8.22 -3.51
CA THR A 54 1.23 -8.61 -4.30
C THR A 54 2.51 -8.18 -3.59
N GLY A 55 2.60 -6.90 -3.25
CA GLY A 55 3.76 -6.38 -2.54
C GLY A 55 3.80 -6.90 -1.10
N SER A 56 2.63 -7.02 -0.49
CA SER A 56 2.55 -7.50 0.88
C SER A 56 3.07 -8.93 0.98
N LEU A 57 2.66 -9.78 0.04
CA LEU A 57 3.09 -11.16 0.02
C LEU A 57 4.59 -11.25 -0.24
N LEU A 58 5.07 -10.44 -1.17
CA LEU A 58 6.47 -10.45 -1.53
C LEU A 58 7.33 -10.05 -0.35
N ALA A 59 6.88 -9.06 0.40
CA ALA A 59 7.63 -8.56 1.55
C ALA A 59 7.85 -9.67 2.58
N ILE A 60 6.85 -10.52 2.73
CA ILE A 60 6.93 -11.61 3.70
C ILE A 60 7.51 -12.87 3.08
N ASP A 61 8.34 -12.68 2.05
CA ASP A 61 8.96 -13.82 1.39
C ASP A 61 7.91 -14.79 0.86
N ALA A 62 6.94 -14.27 0.12
CA ALA A 62 5.88 -15.10 -0.44
C ALA A 62 5.55 -14.65 -1.86
N PRO A 63 6.39 -15.00 -2.80
CA PRO A 63 6.21 -14.61 -4.23
C PRO A 63 4.95 -15.22 -4.83
N VAL A 64 4.35 -14.50 -5.79
CA VAL A 64 3.15 -14.97 -6.45
C VAL A 64 3.44 -15.30 -7.91
N ILE A 65 2.89 -16.43 -8.37
CA ILE A 65 3.07 -16.85 -9.75
C ILE A 65 2.32 -15.92 -10.71
N ALA A 66 1.09 -15.58 -10.37
CA ALA A 66 0.27 -14.72 -11.21
C ALA A 66 -0.22 -13.51 -10.42
N SER A 67 -0.07 -12.34 -11.01
CA SER A 67 -0.50 -11.10 -10.36
C SER A 67 -0.76 -10.02 -11.40
N GLY A 68 -1.38 -8.93 -10.97
CA GLY A 68 -1.69 -7.82 -11.87
C GLY A 68 -0.80 -6.62 -11.58
N ALA A 69 -1.04 -5.53 -12.31
CA ALA A 69 -0.26 -4.31 -12.11
C ALA A 69 -1.18 -3.09 -12.04
N THR A 70 -0.62 -1.94 -11.70
CA THR A 70 -1.40 -0.71 -11.59
C THR A 70 -0.68 0.43 -12.29
N THR A 71 -0.18 1.38 -11.51
CA THR A 71 0.51 2.53 -12.06
C THR A 71 2.01 2.39 -11.89
N PRO A 72 2.76 3.35 -12.35
CA PRO A 72 4.25 3.34 -12.24
C PRO A 72 4.73 3.31 -10.79
N ASN A 73 4.32 2.29 -10.07
CA ASN A 73 4.69 2.13 -8.67
C ASN A 73 6.18 1.95 -8.54
N ASN A 74 6.80 1.26 -9.52
CA ASN A 74 8.24 1.00 -9.50
C ASN A 74 8.52 -0.36 -8.88
N ARG A 75 7.76 -0.71 -7.85
CA ARG A 75 7.91 -2.00 -7.19
C ARG A 75 7.62 -3.13 -8.16
N VAL A 76 6.59 -2.94 -9.00
CA VAL A 76 6.21 -3.94 -9.99
C VAL A 76 7.21 -3.97 -11.13
N ALA A 77 7.87 -2.83 -11.36
CA ALA A 77 8.84 -2.72 -12.45
C ALA A 77 9.84 -3.87 -12.38
N ASP A 78 10.87 -3.79 -13.21
CA ASP A 78 11.89 -4.85 -13.25
C ASP A 78 12.79 -4.76 -12.03
N ASP A 79 14.03 -5.24 -12.18
CA ASP A 79 14.98 -5.23 -11.09
C ASP A 79 15.12 -3.83 -10.51
N GLN A 80 14.49 -2.85 -11.17
CA GLN A 80 14.57 -1.47 -10.72
C GLN A 80 13.47 -1.20 -9.69
N GLY A 81 13.88 -0.94 -8.45
CA GLY A 81 12.92 -0.64 -7.39
C GLY A 81 12.39 -1.93 -6.76
N PHE A 82 13.23 -2.59 -5.99
CA PHE A 82 12.83 -3.82 -5.31
C PHE A 82 13.47 -3.92 -3.94
N LEU A 83 12.76 -4.56 -3.00
CA LEU A 83 13.29 -4.74 -1.66
C LEU A 83 14.17 -5.99 -1.59
N ARG A 84 13.59 -7.09 -1.10
CA ARG A 84 14.33 -8.35 -1.01
C ARG A 84 14.70 -8.83 -2.39
N GLN A 85 13.75 -8.74 -3.33
CA GLN A 85 13.99 -9.16 -4.72
C GLN A 85 13.59 -10.62 -4.91
N TRP A 86 12.36 -10.95 -4.54
CA TRP A 86 11.86 -12.32 -4.70
C TRP A 86 10.91 -12.39 -5.89
N SER A 87 10.55 -11.23 -6.44
CA SER A 87 9.64 -11.18 -7.58
C SER A 87 10.27 -11.84 -8.80
N LYS A 88 11.59 -11.71 -8.92
CA LYS A 88 12.30 -12.31 -10.04
C LYS A 88 11.89 -13.77 -10.23
N VAL A 89 11.40 -14.38 -9.16
CA VAL A 89 10.97 -15.77 -9.21
C VAL A 89 9.69 -15.91 -10.05
N ALA A 90 8.73 -15.03 -9.79
CA ALA A 90 7.46 -15.06 -10.51
C ALA A 90 7.70 -14.86 -12.00
N LYS A 91 8.48 -13.82 -12.33
CA LYS A 91 8.77 -13.52 -13.73
C LYS A 91 9.53 -14.69 -14.37
N GLU A 92 10.43 -15.29 -13.60
CA GLU A 92 11.23 -16.40 -14.10
C GLU A 92 10.31 -17.49 -14.66
N ARG A 93 9.13 -17.63 -14.07
CA ARG A 93 8.18 -18.63 -14.52
C ARG A 93 7.27 -18.07 -15.58
N LYS A 94 7.51 -16.80 -15.96
CA LYS A 94 6.72 -16.14 -17.00
C LYS A 94 5.43 -15.59 -16.41
N LEU A 95 4.71 -16.43 -15.66
CA LEU A 95 3.45 -16.03 -15.05
C LEU A 95 3.62 -14.69 -14.40
N GLN A 96 2.51 -13.94 -14.25
CA GLN A 96 2.55 -12.59 -13.65
C GLN A 96 2.02 -11.56 -14.64
N ARG A 97 0.73 -11.29 -14.58
CA ARG A 97 0.11 -10.30 -15.46
C ARG A 97 0.47 -8.89 -15.02
N LEU A 98 0.69 -8.00 -15.98
CA LEU A 98 1.06 -6.62 -15.67
C LEU A 98 0.21 -5.65 -16.46
N TYR A 99 -0.99 -6.09 -16.83
CA TYR A 99 -1.91 -5.24 -17.60
C TYR A 99 -3.33 -5.40 -17.11
N ILE A 100 -4.06 -4.29 -17.01
CA ILE A 100 -5.45 -4.32 -16.56
C ILE A 100 -6.30 -3.39 -17.42
N GLY A 101 -7.62 -3.56 -17.33
CA GLY A 101 -8.54 -2.73 -18.11
C GLY A 101 -9.76 -3.53 -18.52
N GLU A 102 -9.58 -4.84 -18.68
CA GLU A 102 -10.70 -5.71 -19.07
C GLU A 102 -10.47 -7.12 -18.54
N PRO A 103 -10.59 -7.29 -17.25
CA PRO A 103 -10.38 -8.61 -16.59
C PRO A 103 -11.35 -9.67 -17.10
N SER A 104 -10.88 -10.91 -17.19
CA SER A 104 -11.73 -12.01 -17.66
C SER A 104 -11.58 -13.23 -16.77
N ALA A 105 -12.70 -13.86 -16.44
CA ALA A 105 -12.69 -15.05 -15.59
C ALA A 105 -12.02 -16.21 -16.31
N GLU A 106 -12.28 -16.32 -17.61
CA GLU A 106 -11.72 -17.41 -18.41
C GLU A 106 -10.20 -17.29 -18.47
N ALA A 107 -9.71 -16.07 -18.63
CA ALA A 107 -8.26 -15.84 -18.71
C ALA A 107 -7.60 -16.25 -17.40
N VAL A 108 -8.23 -15.91 -16.28
CA VAL A 108 -7.69 -16.25 -14.97
C VAL A 108 -7.65 -17.77 -14.81
N ALA A 109 -8.72 -18.44 -15.23
CA ALA A 109 -8.79 -19.90 -15.12
C ALA A 109 -7.69 -20.54 -15.95
N ALA A 110 -7.37 -19.92 -17.08
CA ALA A 110 -6.33 -20.45 -17.96
C ALA A 110 -4.99 -20.47 -17.25
N GLN A 111 -4.89 -19.70 -16.17
CA GLN A 111 -3.64 -19.63 -15.40
C GLN A 111 -3.60 -20.74 -14.35
N MET A 112 -4.70 -21.48 -14.23
CA MET A 112 -4.78 -22.58 -13.26
C MET A 112 -4.27 -22.12 -11.90
N PRO A 113 -4.86 -21.07 -11.37
CA PRO A 113 -4.47 -20.53 -10.03
C PRO A 113 -4.89 -21.45 -8.89
N ASP A 114 -4.11 -21.43 -7.81
CA ASP A 114 -4.42 -22.28 -6.66
C ASP A 114 -5.08 -21.46 -5.56
N LEU A 115 -4.27 -20.62 -4.90
CA LEU A 115 -4.80 -19.77 -3.83
C LEU A 115 -4.78 -18.31 -4.26
N ILE A 116 -5.96 -17.73 -4.40
CA ILE A 116 -6.07 -16.33 -4.81
C ILE A 116 -6.40 -15.44 -3.62
N LEU A 117 -5.59 -14.40 -3.42
CA LEU A 117 -5.78 -13.49 -2.30
C LEU A 117 -6.26 -12.13 -2.80
N ILE A 118 -7.29 -11.59 -2.15
CA ILE A 118 -7.86 -10.31 -2.54
C ILE A 118 -7.76 -9.32 -1.39
N SER A 119 -7.42 -8.06 -1.71
CA SER A 119 -7.31 -7.02 -0.70
C SER A 119 -8.68 -6.42 -0.38
N ALA A 120 -8.74 -5.65 0.69
CA ALA A 120 -9.99 -5.01 1.09
C ALA A 120 -10.50 -4.09 -0.01
N THR A 121 -9.58 -3.41 -0.69
CA THR A 121 -9.94 -2.50 -1.77
C THR A 121 -8.95 -2.62 -2.92
N GLY A 122 -9.39 -2.20 -4.11
CA GLY A 122 -8.54 -2.27 -5.29
C GLY A 122 -8.98 -1.26 -6.34
N GLY A 123 -8.23 -1.18 -7.44
CA GLY A 123 -8.54 -0.25 -8.51
C GLY A 123 -9.92 -0.53 -9.10
N ASP A 124 -10.28 -1.81 -9.14
CA ASP A 124 -11.57 -2.22 -9.70
C ASP A 124 -12.36 -3.05 -8.69
N SER A 125 -13.68 -3.01 -8.78
CA SER A 125 -14.53 -3.75 -7.86
C SER A 125 -14.30 -5.25 -8.03
N ALA A 126 -14.29 -5.97 -6.91
CA ALA A 126 -14.07 -7.41 -6.93
C ALA A 126 -15.27 -8.15 -6.34
N LEU A 127 -16.35 -7.42 -6.11
CA LEU A 127 -17.55 -8.00 -5.52
C LEU A 127 -18.09 -9.10 -6.43
N ALA A 128 -18.03 -8.87 -7.73
CA ALA A 128 -18.53 -9.85 -8.69
C ALA A 128 -17.45 -10.90 -8.99
N LEU A 129 -16.20 -10.46 -9.01
CA LEU A 129 -15.09 -11.36 -9.26
C LEU A 129 -14.87 -12.29 -8.08
N TYR A 130 -15.09 -11.76 -6.89
CA TYR A 130 -14.88 -12.54 -5.67
C TYR A 130 -15.43 -13.95 -5.82
N ASP A 131 -16.74 -14.06 -6.02
CA ASP A 131 -17.38 -15.37 -6.16
C ASP A 131 -16.91 -16.07 -7.43
N GLN A 132 -16.82 -15.32 -8.51
CA GLN A 132 -16.38 -15.89 -9.79
C GLN A 132 -14.96 -16.41 -9.67
N LEU A 133 -14.15 -15.76 -8.85
CA LEU A 133 -12.78 -16.18 -8.63
C LEU A 133 -12.73 -17.43 -7.77
N SER A 134 -13.57 -17.47 -6.74
CA SER A 134 -13.61 -18.61 -5.82
C SER A 134 -13.89 -19.89 -6.59
N THR A 135 -14.93 -19.86 -7.42
CA THR A 135 -15.30 -21.02 -8.23
C THR A 135 -14.08 -21.53 -9.00
N ILE A 136 -13.32 -20.59 -9.58
CA ILE A 136 -12.14 -20.96 -10.33
C ILE A 136 -11.07 -21.59 -9.42
N ALA A 137 -10.89 -20.99 -8.24
CA ALA A 137 -9.90 -21.49 -7.31
C ALA A 137 -10.06 -20.81 -5.95
N PRO A 138 -9.65 -21.46 -4.89
CA PRO A 138 -9.74 -20.91 -3.52
C PRO A 138 -9.42 -19.43 -3.47
N THR A 139 -10.45 -18.61 -3.28
CA THR A 139 -10.26 -17.15 -3.22
C THR A 139 -10.51 -16.66 -1.81
N LEU A 140 -9.49 -16.00 -1.23
CA LEU A 140 -9.60 -15.47 0.13
C LEU A 140 -9.54 -13.96 0.11
N ILE A 141 -10.14 -13.34 1.12
CA ILE A 141 -10.15 -11.88 1.22
C ILE A 141 -9.69 -11.44 2.60
N ILE A 142 -8.76 -10.48 2.62
CA ILE A 142 -8.23 -9.97 3.88
C ILE A 142 -8.61 -8.50 4.07
N ASN A 143 -9.20 -8.19 5.22
CA ASN A 143 -9.61 -6.82 5.52
C ASN A 143 -8.61 -6.16 6.44
N TYR A 144 -7.79 -5.28 5.88
CA TYR A 144 -6.76 -4.58 6.67
C TYR A 144 -7.22 -3.16 7.01
N ASP A 145 -8.30 -2.73 6.38
CA ASP A 145 -8.83 -1.38 6.62
C ASP A 145 -9.31 -1.26 8.07
N ASP A 146 -9.84 -2.35 8.61
CA ASP A 146 -10.34 -2.34 9.98
C ASP A 146 -9.31 -2.93 10.93
N LYS A 147 -8.11 -3.17 10.43
CA LYS A 147 -7.03 -3.74 11.25
C LYS A 147 -5.73 -3.00 11.00
N SER A 148 -4.85 -3.01 12.00
CA SER A 148 -3.57 -2.33 11.90
C SER A 148 -2.61 -3.14 11.03
N TRP A 149 -1.52 -2.51 10.62
CA TRP A 149 -0.53 -3.17 9.76
C TRP A 149 0.02 -4.41 10.46
N GLN A 150 0.43 -4.25 11.71
CA GLN A 150 0.97 -5.37 12.48
C GLN A 150 -0.01 -6.54 12.48
N SER A 151 -1.29 -6.22 12.68
CA SER A 151 -2.34 -7.25 12.66
C SER A 151 -2.40 -7.92 11.30
N LEU A 152 -2.29 -7.11 10.25
CA LEU A 152 -2.36 -7.63 8.89
C LEU A 152 -1.24 -8.65 8.66
N LEU A 153 -0.04 -8.31 9.11
CA LEU A 153 1.10 -9.20 8.93
C LEU A 153 0.84 -10.52 9.68
N THR A 154 0.31 -10.41 10.89
CA THR A 154 0.02 -11.60 11.68
C THR A 154 -0.88 -12.54 10.89
N GLN A 155 -1.91 -11.98 10.26
CA GLN A 155 -2.84 -12.80 9.48
C GLN A 155 -2.11 -13.45 8.31
N LEU A 156 -1.22 -12.71 7.68
CA LEU A 156 -0.45 -13.24 6.56
C LEU A 156 0.40 -14.41 6.99
N GLY A 157 1.03 -14.28 8.14
CA GLY A 157 1.87 -15.35 8.65
C GLY A 157 1.03 -16.58 8.99
N GLU A 158 -0.15 -16.35 9.56
CA GLU A 158 -1.03 -17.46 9.93
C GLU A 158 -1.62 -18.10 8.69
N ILE A 159 -2.09 -17.28 7.76
CA ILE A 159 -2.69 -17.78 6.53
C ILE A 159 -1.65 -18.52 5.69
N THR A 160 -0.46 -17.94 5.58
CA THR A 160 0.61 -18.54 4.79
C THR A 160 1.51 -19.40 5.66
N GLY A 161 1.29 -19.34 6.97
CA GLY A 161 2.08 -20.12 7.91
C GLY A 161 3.54 -19.67 7.90
N HIS A 162 3.76 -18.40 7.54
CA HIS A 162 5.12 -17.86 7.48
C HIS A 162 5.41 -17.02 8.71
N GLU A 163 5.15 -17.58 9.89
CA GLU A 163 5.40 -16.88 11.14
C GLU A 163 6.90 -16.72 11.37
N LYS A 164 7.66 -17.75 11.05
CA LYS A 164 9.11 -17.73 11.25
C LYS A 164 9.72 -16.59 10.46
N GLN A 165 9.34 -16.49 9.19
CA GLN A 165 9.87 -15.43 8.32
C GLN A 165 9.54 -14.06 8.90
N ALA A 166 8.33 -13.93 9.43
CA ALA A 166 7.91 -12.66 10.02
C ALA A 166 8.79 -12.31 11.21
N ALA A 167 9.10 -13.31 12.03
CA ALA A 167 9.95 -13.09 13.20
C ALA A 167 11.34 -12.62 12.78
N GLU A 168 11.76 -13.02 11.58
CA GLU A 168 13.06 -12.62 11.06
C GLU A 168 13.05 -11.16 10.62
N ARG A 169 12.10 -10.83 9.74
CA ARG A 169 11.99 -9.46 9.24
C ARG A 169 11.60 -8.51 10.37
N ILE A 170 10.66 -8.94 11.20
CA ILE A 170 10.21 -8.12 12.32
C ILE A 170 11.35 -7.82 13.27
N ALA A 171 12.13 -8.85 13.58
CA ALA A 171 13.26 -8.68 14.50
C ALA A 171 14.27 -7.70 13.91
N GLN A 172 14.78 -8.01 12.72
CA GLN A 172 15.77 -7.17 12.08
C GLN A 172 15.22 -5.76 11.90
N PHE A 173 13.92 -5.66 11.65
CA PHE A 173 13.29 -4.37 11.46
C PHE A 173 12.97 -3.71 12.80
N ASP A 174 12.62 -4.52 13.78
CA ASP A 174 12.27 -4.02 15.10
C ASP A 174 13.42 -3.18 15.65
N LYS A 175 14.64 -3.67 15.45
CA LYS A 175 15.82 -2.95 15.94
C LYS A 175 15.93 -1.58 15.26
N GLN A 176 15.67 -1.56 13.95
CA GLN A 176 15.74 -0.32 13.19
C GLN A 176 14.66 0.66 13.66
N LEU A 177 13.49 0.12 13.97
CA LEU A 177 12.39 0.95 14.44
C LEU A 177 12.75 1.63 15.75
N ALA A 178 13.39 0.88 16.65
CA ALA A 178 13.78 1.43 17.94
C ALA A 178 14.77 2.58 17.76
N ALA A 179 15.84 2.31 17.02
CA ALA A 179 16.85 3.34 16.77
C ALA A 179 16.28 4.46 15.92
N ALA A 180 15.49 4.09 14.91
CA ALA A 180 14.89 5.09 14.02
C ALA A 180 13.91 5.96 14.80
N LYS A 181 13.16 5.34 15.70
CA LYS A 181 12.19 6.08 16.51
C LYS A 181 12.90 7.09 17.39
N GLU A 182 14.12 6.76 17.81
CA GLU A 182 14.88 7.66 18.67
C GLU A 182 15.83 8.52 17.83
N GLN A 183 16.14 8.06 16.63
CA GLN A 183 17.04 8.80 15.75
C GLN A 183 16.42 10.13 15.35
N ILE A 184 15.13 10.11 15.05
CA ILE A 184 14.42 11.32 14.65
C ILE A 184 14.16 12.22 15.85
N LYS A 185 14.40 13.52 15.67
CA LYS A 185 14.19 14.48 16.76
C LYS A 185 13.26 15.60 16.30
N LEU A 186 12.03 15.57 16.80
CA LEU A 186 11.06 16.60 16.42
C LEU A 186 9.75 16.39 17.18
N PRO A 187 9.26 17.39 17.88
CA PRO A 187 8.01 17.31 18.64
C PRO A 187 6.89 16.62 17.87
N PRO A 188 5.97 16.00 18.56
CA PRO A 188 4.83 15.29 17.91
C PRO A 188 3.85 16.25 17.23
N GLN A 189 3.33 15.83 16.08
CA GLN A 189 2.40 16.66 15.34
C GLN A 189 1.79 15.87 14.19
N PRO A 190 0.55 16.15 13.85
CA PRO A 190 -0.15 15.48 12.72
C PRO A 190 0.43 15.87 11.37
N VAL A 191 0.27 15.00 10.38
CA VAL A 191 0.78 15.26 9.03
C VAL A 191 -0.24 14.83 7.99
N THR A 192 -0.07 15.32 6.76
CA THR A 192 -0.97 14.97 5.67
C THR A 192 -0.21 14.85 4.36
N ALA A 193 -0.88 14.33 3.33
CA ALA A 193 -0.25 14.19 2.02
C ALA A 193 -1.29 14.34 0.92
N ILE A 194 -0.92 15.08 -0.14
CA ILE A 194 -1.84 15.30 -1.26
C ILE A 194 -1.12 15.08 -2.58
N VAL A 195 -1.86 14.59 -3.57
CA VAL A 195 -1.28 14.37 -4.90
C VAL A 195 -2.21 14.92 -5.98
N TYR A 196 -1.64 15.67 -6.90
CA TYR A 196 -2.44 16.23 -8.01
C TYR A 196 -1.57 16.44 -9.23
N THR A 197 -2.20 16.44 -10.41
CA THR A 197 -1.46 16.64 -11.66
C THR A 197 -2.02 17.85 -12.40
N ALA A 198 -1.15 18.82 -12.68
CA ALA A 198 -1.55 20.02 -13.39
C ALA A 198 -2.08 19.66 -14.78
N ALA A 199 -1.64 18.54 -15.31
CA ALA A 199 -2.07 18.09 -16.63
C ALA A 199 -3.50 17.54 -16.57
N ALA A 200 -3.74 16.65 -15.62
CA ALA A 200 -5.05 16.03 -15.47
C ALA A 200 -6.03 17.04 -14.86
N HIS A 201 -5.50 18.17 -14.40
CA HIS A 201 -6.34 19.20 -13.78
C HIS A 201 -7.29 18.58 -12.77
N SER A 202 -6.77 17.66 -11.96
CA SER A 202 -7.59 17.00 -10.94
C SER A 202 -6.84 16.93 -9.62
N ALA A 203 -7.57 17.05 -8.52
CA ALA A 203 -6.95 17.01 -7.19
C ALA A 203 -7.38 15.74 -6.46
N ASN A 204 -6.41 14.85 -6.22
CA ASN A 204 -6.69 13.59 -5.52
C ASN A 204 -5.87 13.51 -4.24
N LEU A 205 -6.53 13.13 -3.15
CA LEU A 205 -5.85 13.02 -1.87
C LEU A 205 -5.77 11.56 -1.43
N TRP A 206 -4.68 11.21 -0.75
CA TRP A 206 -4.50 9.85 -0.25
C TRP A 206 -4.88 9.76 1.22
N THR A 207 -5.73 8.80 1.55
CA THR A 207 -6.17 8.63 2.91
C THR A 207 -5.32 7.58 3.64
N PRO A 208 -5.24 7.68 4.95
CA PRO A 208 -4.45 6.71 5.78
C PRO A 208 -5.09 5.32 5.78
N GLU A 209 -6.36 5.25 5.39
CA GLU A 209 -7.06 3.98 5.37
C GLU A 209 -6.24 2.93 4.65
N SER A 210 -5.28 3.37 3.85
CA SER A 210 -4.41 2.46 3.12
C SER A 210 -3.40 1.82 4.05
N ALA A 211 -2.76 0.74 3.58
CA ALA A 211 -1.77 0.04 4.39
C ALA A 211 -0.63 0.99 4.77
N GLN A 212 -0.39 1.98 3.92
CA GLN A 212 0.68 2.95 4.18
C GLN A 212 0.38 3.74 5.46
N GLY A 213 -0.87 4.13 5.63
CA GLY A 213 -1.26 4.90 6.81
C GLY A 213 -0.97 4.14 8.08
N GLN A 214 -1.32 2.85 8.09
CA GLN A 214 -1.08 2.01 9.27
C GLN A 214 0.42 1.87 9.53
N MET A 215 1.20 1.74 8.45
CA MET A 215 2.63 1.59 8.58
C MET A 215 3.23 2.83 9.24
N LEU A 216 2.74 4.01 8.84
CA LEU A 216 3.24 5.26 9.41
C LEU A 216 2.93 5.31 10.90
N GLU A 217 1.68 5.00 11.25
CA GLU A 217 1.26 5.03 12.65
C GLU A 217 2.20 4.16 13.50
N GLN A 218 2.72 3.10 12.89
CA GLN A 218 3.63 2.21 13.58
C GLN A 218 4.97 2.89 13.82
N LEU A 219 5.24 3.95 13.05
CA LEU A 219 6.50 4.67 13.17
C LEU A 219 6.39 5.75 14.24
N GLY A 220 5.17 5.98 14.73
CA GLY A 220 4.96 6.99 15.76
C GLY A 220 4.39 8.27 15.15
N PHE A 221 4.15 8.24 13.85
CA PHE A 221 3.61 9.41 13.16
C PHE A 221 2.09 9.39 13.18
N THR A 222 1.47 10.57 13.11
CA THR A 222 0.02 10.68 13.13
C THR A 222 -0.49 11.25 11.81
N LEU A 223 -1.44 10.56 11.21
CA LEU A 223 -2.01 11.00 9.94
C LEU A 223 -3.24 11.86 10.16
N ALA A 224 -3.45 12.83 9.27
CA ALA A 224 -4.59 13.72 9.38
C ALA A 224 -5.87 12.97 9.06
N LYS A 225 -6.98 13.41 9.65
CA LYS A 225 -8.28 12.76 9.41
C LYS A 225 -9.33 13.80 9.09
N LEU A 226 -10.09 13.57 8.01
CA LEU A 226 -11.14 14.49 7.60
C LEU A 226 -12.51 13.84 7.76
N PRO A 227 -13.15 14.05 8.89
CA PRO A 227 -14.51 13.48 9.16
C PRO A 227 -15.50 13.88 8.08
N ALA A 228 -16.35 12.93 7.68
CA ALA A 228 -17.34 13.19 6.65
C ALA A 228 -16.66 13.56 5.32
N GLY A 229 -15.45 14.09 5.41
CA GLY A 229 -14.69 14.47 4.23
C GLY A 229 -14.23 13.24 3.45
N LEU A 230 -13.62 12.30 4.16
CA LEU A 230 -13.11 11.09 3.53
C LEU A 230 -14.22 10.41 2.75
N ASN A 231 -15.43 10.45 3.29
CA ASN A 231 -16.57 9.83 2.63
C ASN A 231 -16.91 10.57 1.33
N ALA A 232 -15.87 11.05 0.63
CA ALA A 232 -16.06 11.76 -0.62
C ALA A 232 -17.25 12.71 -0.53
N SER A 233 -17.02 13.91 -0.04
CA SER A 233 -18.08 14.90 0.10
C SER A 233 -18.37 15.55 -1.25
N GLN A 234 -17.46 15.39 -2.19
CA GLN A 234 -17.62 15.97 -3.52
C GLN A 234 -18.31 14.97 -4.46
N SER A 235 -17.89 13.71 -4.38
CA SER A 235 -18.47 12.68 -5.22
C SER A 235 -19.94 12.45 -4.88
N GLN A 236 -20.34 12.92 -3.71
CA GLN A 236 -21.73 12.77 -3.27
C GLN A 236 -22.12 11.29 -3.27
N GLY A 237 -21.23 10.44 -2.79
CA GLY A 237 -21.50 9.01 -2.74
C GLY A 237 -20.34 8.26 -2.13
N LYS A 238 -20.12 7.03 -2.58
CA LYS A 238 -19.02 6.20 -2.06
C LYS A 238 -18.09 5.79 -3.19
N ARG A 239 -16.79 5.75 -2.90
CA ARG A 239 -15.81 5.38 -3.90
C ARG A 239 -14.58 4.75 -3.24
N HIS A 240 -13.93 3.83 -3.94
CA HIS A 240 -12.74 3.17 -3.40
C HIS A 240 -11.48 3.80 -3.99
N ASP A 241 -10.42 2.99 -4.08
CA ASP A 241 -9.15 3.48 -4.63
C ASP A 241 -8.67 4.71 -3.86
N ILE A 242 -9.06 5.88 -4.35
CA ILE A 242 -8.65 7.14 -3.71
C ILE A 242 -9.87 8.00 -3.41
N ILE A 243 -9.63 9.13 -2.74
CA ILE A 243 -10.71 10.04 -2.39
C ILE A 243 -10.47 11.43 -2.96
N GLN A 244 -11.55 12.07 -3.41
CA GLN A 244 -11.44 13.41 -3.99
C GLN A 244 -11.84 14.46 -2.96
N LEU A 245 -11.57 15.73 -3.28
CA LEU A 245 -11.91 16.83 -2.39
C LEU A 245 -12.28 18.08 -3.17
N GLY A 246 -13.13 18.91 -2.58
CA GLY A 246 -13.54 20.14 -3.24
C GLY A 246 -12.37 21.09 -3.44
N GLY A 247 -11.48 21.14 -2.45
CA GLY A 247 -10.31 22.00 -2.52
C GLY A 247 -10.18 22.86 -1.26
N GLU A 248 -11.06 22.62 -0.29
CA GLU A 248 -11.04 23.36 0.95
C GLU A 248 -9.93 22.85 1.87
N ASN A 249 -9.98 21.57 2.19
CA ASN A 249 -8.98 20.96 3.06
C ASN A 249 -7.60 21.05 2.41
N LEU A 250 -7.57 20.88 1.09
CA LEU A 250 -6.30 20.93 0.37
C LEU A 250 -5.52 22.20 0.72
N ALA A 251 -6.05 23.34 0.30
CA ALA A 251 -5.40 24.61 0.57
C ALA A 251 -5.12 24.76 2.06
N ALA A 252 -6.10 24.37 2.87
CA ALA A 252 -5.94 24.46 4.32
C ALA A 252 -5.00 23.38 4.83
N GLY A 253 -4.22 22.80 3.92
CA GLY A 253 -3.27 21.75 4.28
C GLY A 253 -3.79 20.91 5.44
N LEU A 254 -5.04 20.46 5.32
CA LEU A 254 -5.66 19.67 6.37
C LEU A 254 -5.25 20.17 7.75
N ASN A 255 -4.45 19.39 8.46
CA ASN A 255 -4.00 19.78 9.79
C ASN A 255 -3.22 21.08 9.73
N GLY A 256 -2.31 21.19 8.76
CA GLY A 256 -1.52 22.40 8.61
C GLY A 256 -0.30 22.37 9.52
N GLU A 257 -0.07 21.23 10.16
CA GLU A 257 1.08 21.09 11.06
C GLU A 257 2.23 20.38 10.37
N SER A 258 1.95 19.79 9.21
CA SER A 258 2.97 19.09 8.45
C SER A 258 2.37 18.45 7.21
N LEU A 259 3.13 18.45 6.12
CA LEU A 259 2.66 17.86 4.88
C LEU A 259 3.83 17.30 4.07
N PHE A 260 3.73 16.01 3.72
CA PHE A 260 4.77 15.36 2.90
C PHE A 260 4.36 15.31 1.45
N LEU A 261 5.34 15.50 0.58
CA LEU A 261 5.06 15.48 -0.87
C LEU A 261 5.30 14.10 -1.45
N PHE A 262 4.20 13.41 -1.76
CA PHE A 262 4.30 12.06 -2.34
C PHE A 262 4.07 12.12 -3.85
N ALA A 263 3.58 13.27 -4.32
CA ALA A 263 3.32 13.44 -5.75
C ALA A 263 4.61 13.42 -6.54
N GLY A 264 5.65 14.06 -6.00
CA GLY A 264 6.94 14.12 -6.67
C GLY A 264 7.96 14.87 -5.83
N ASP A 265 9.21 14.88 -6.29
CA ASP A 265 10.27 15.56 -5.56
C ASP A 265 10.15 17.08 -5.72
N GLN A 266 11.11 17.67 -6.41
CA GLN A 266 11.11 19.11 -6.63
C GLN A 266 9.97 19.51 -7.55
N LYS A 267 9.57 18.59 -8.43
CA LYS A 267 8.49 18.88 -9.37
C LYS A 267 7.22 19.24 -8.62
N ASP A 268 6.91 18.48 -7.58
CA ASP A 268 5.72 18.76 -6.77
C ASP A 268 5.84 20.13 -6.10
N ALA A 269 7.01 20.41 -5.54
CA ALA A 269 7.24 21.69 -4.86
C ALA A 269 6.86 22.84 -5.78
N ASP A 270 7.53 22.92 -6.92
CA ASP A 270 7.26 23.99 -7.89
C ASP A 270 5.77 24.07 -8.18
N ALA A 271 5.15 22.90 -8.36
CA ALA A 271 3.71 22.85 -8.66
C ALA A 271 2.94 23.59 -7.56
N ILE A 272 3.31 23.35 -6.31
CA ILE A 272 2.64 23.99 -5.18
C ILE A 272 2.87 25.50 -5.22
N TYR A 273 4.10 25.91 -5.50
CA TYR A 273 4.44 27.33 -5.56
C TYR A 273 3.54 28.03 -6.58
N ALA A 274 3.25 27.35 -7.67
CA ALA A 274 2.41 27.93 -8.71
C ALA A 274 0.95 27.88 -8.29
N ASN A 275 0.70 27.36 -7.08
CA ASN A 275 -0.66 27.27 -6.56
C ASN A 275 -0.83 28.16 -5.34
N PRO A 276 -1.25 29.39 -5.54
CA PRO A 276 -1.47 30.37 -4.43
C PRO A 276 -2.35 29.78 -3.33
N LEU A 277 -3.22 28.85 -3.70
CA LEU A 277 -4.11 28.23 -2.73
C LEU A 277 -3.31 27.47 -1.69
N LEU A 278 -2.28 26.77 -2.13
CA LEU A 278 -1.44 25.98 -1.23
C LEU A 278 -0.23 26.78 -0.78
N ALA A 279 -0.17 28.05 -1.20
CA ALA A 279 0.94 28.92 -0.83
C ALA A 279 0.85 29.29 0.65
N HIS A 280 -0.37 29.46 1.15
CA HIS A 280 -0.57 29.85 2.53
C HIS A 280 -0.42 28.64 3.45
N LEU A 281 -0.05 27.50 2.86
CA LEU A 281 0.11 26.29 3.63
C LEU A 281 1.33 26.41 4.56
N PRO A 282 1.14 26.27 5.84
CA PRO A 282 2.24 26.37 6.83
C PRO A 282 3.47 25.55 6.42
N ALA A 283 3.23 24.38 5.85
CA ALA A 283 4.33 23.53 5.42
C ALA A 283 5.21 24.26 4.40
N VAL A 284 4.57 24.93 3.45
CA VAL A 284 5.30 25.68 2.44
C VAL A 284 6.06 26.83 3.08
N GLN A 285 5.40 27.54 3.99
CA GLN A 285 6.02 28.67 4.66
C GLN A 285 7.20 28.22 5.51
N ASN A 286 7.02 27.08 6.19
CA ASN A 286 8.08 26.55 7.04
C ASN A 286 8.98 25.61 6.25
N LYS A 287 8.54 25.25 5.05
CA LYS A 287 9.31 24.35 4.19
C LYS A 287 9.50 22.99 4.86
N GLN A 288 8.52 22.59 5.66
CA GLN A 288 8.59 21.30 6.34
C GLN A 288 8.00 20.21 5.47
N VAL A 289 8.36 20.22 4.19
CA VAL A 289 7.85 19.23 3.24
C VAL A 289 8.93 18.21 2.92
N TYR A 290 8.54 16.93 2.90
CA TYR A 290 9.49 15.86 2.61
C TYR A 290 9.08 15.14 1.32
N ALA A 291 10.04 14.92 0.44
CA ALA A 291 9.78 14.24 -0.82
C ALA A 291 9.82 12.73 -0.64
N LEU A 292 8.68 12.15 -0.30
CA LEU A 292 8.59 10.71 -0.11
C LEU A 292 8.87 9.97 -1.41
N GLY A 293 8.33 10.49 -2.50
CA GLY A 293 8.51 9.88 -3.82
C GLY A 293 7.58 8.68 -3.98
N THR A 294 7.46 8.19 -5.21
CA THR A 294 6.60 7.05 -5.49
C THR A 294 7.24 5.76 -5.02
N GLU A 295 8.57 5.76 -4.95
CA GLU A 295 9.31 4.58 -4.53
C GLU A 295 9.05 4.30 -3.04
N THR A 296 8.87 5.36 -2.27
CA THR A 296 8.65 5.22 -0.84
C THR A 296 7.24 4.72 -0.58
N PHE A 297 6.62 4.10 -1.59
CA PHE A 297 5.27 3.59 -1.43
C PHE A 297 5.21 2.61 -0.27
N ARG A 298 6.12 1.63 -0.28
CA ARG A 298 6.17 0.64 0.79
C ARG A 298 7.40 0.88 1.65
N LEU A 299 7.30 0.53 2.93
CA LEU A 299 8.41 0.70 3.85
C LEU A 299 8.91 -0.64 4.36
N ASP A 300 10.21 -0.87 4.20
CA ASP A 300 10.82 -2.13 4.66
C ASP A 300 12.27 -1.91 5.06
N TYR A 301 12.84 -2.89 5.74
CA TYR A 301 14.22 -2.78 6.19
C TYR A 301 15.13 -2.34 5.05
N TYR A 302 14.85 -2.84 3.85
CA TYR A 302 15.65 -2.50 2.70
C TYR A 302 15.41 -1.06 2.25
N SER A 303 14.18 -0.79 1.81
CA SER A 303 13.83 0.54 1.34
C SER A 303 13.99 1.57 2.46
N ALA A 304 13.74 1.13 3.69
CA ALA A 304 13.84 2.03 4.83
C ALA A 304 15.20 2.70 4.89
N MET A 305 16.20 2.04 4.30
CA MET A 305 17.55 2.59 4.29
C MET A 305 17.60 3.90 3.50
N GLN A 306 16.89 3.95 2.38
CA GLN A 306 16.87 5.15 1.56
C GLN A 306 15.91 6.18 2.13
N VAL A 307 14.74 5.73 2.56
CA VAL A 307 13.76 6.63 3.14
C VAL A 307 14.26 7.19 4.46
N LEU A 308 14.86 6.33 5.28
CA LEU A 308 15.36 6.75 6.57
C LEU A 308 16.40 7.85 6.42
N ASP A 309 17.34 7.64 5.51
CA ASP A 309 18.38 8.64 5.27
C ASP A 309 17.78 9.88 4.59
N ARG A 310 16.86 9.64 3.66
CA ARG A 310 16.25 10.73 2.92
C ARG A 310 15.48 11.64 3.87
N LEU A 311 14.83 11.04 4.86
CA LEU A 311 14.06 11.80 5.84
C LEU A 311 14.95 12.26 6.99
N LYS A 312 16.25 11.98 6.87
CA LYS A 312 17.21 12.38 7.91
C LYS A 312 18.16 13.44 7.37
N ALA A 313 18.13 13.65 6.06
CA ALA A 313 19.00 14.65 5.45
C ALA A 313 18.66 16.05 5.96
N LEU A 314 17.38 16.30 6.18
CA LEU A 314 16.94 17.59 6.66
C LEU A 314 17.57 17.89 8.02
N PHE A 315 17.48 16.92 8.92
CA PHE A 315 18.05 17.09 10.27
C PHE A 315 19.56 16.89 10.22
N ALA A 24 1.19 -24.75 7.50
CA ALA A 24 1.57 -26.01 8.22
C ALA A 24 2.24 -26.96 7.24
N ASP A 25 2.64 -28.13 7.74
CA ASP A 25 3.30 -29.13 6.90
C ASP A 25 2.28 -30.06 6.27
N TRP A 26 1.01 -29.86 6.62
CA TRP A 26 -0.06 -30.70 6.09
C TRP A 26 -1.32 -29.87 5.87
N PRO A 27 -2.35 -30.50 5.38
CA PRO A 27 -3.67 -29.83 5.11
C PRO A 27 -4.28 -29.25 6.38
N ARG A 28 -4.95 -28.12 6.25
CA ARG A 28 -5.59 -27.47 7.39
C ARG A 28 -6.73 -26.59 6.95
N GLN A 29 -7.38 -25.93 7.90
CA GLN A 29 -8.49 -25.04 7.59
C GLN A 29 -8.15 -23.60 7.96
N ILE A 30 -8.49 -22.67 7.07
CA ILE A 30 -8.22 -21.25 7.31
C ILE A 30 -9.50 -20.44 7.23
N THR A 31 -9.57 -19.38 8.03
CA THR A 31 -10.76 -18.52 8.03
C THR A 31 -10.39 -17.09 7.67
N ASP A 32 -11.20 -16.48 6.81
CA ASP A 32 -10.95 -15.10 6.38
C ASP A 32 -11.83 -14.13 7.16
N SER A 33 -12.29 -13.08 6.48
CA SER A 33 -13.15 -12.10 7.12
C SER A 33 -14.46 -12.73 7.57
N ARG A 34 -14.97 -13.66 6.76
CA ARG A 34 -16.22 -14.35 7.09
C ARG A 34 -16.22 -15.75 6.53
N GLY A 35 -16.22 -15.86 5.20
CA GLY A 35 -16.23 -17.16 4.55
C GLY A 35 -15.02 -17.99 4.97
N THR A 36 -15.22 -19.28 5.14
CA THR A 36 -14.14 -20.18 5.54
C THR A 36 -13.78 -21.13 4.41
N HIS A 37 -12.49 -21.24 4.12
CA HIS A 37 -12.02 -22.12 3.05
C HIS A 37 -11.08 -23.18 3.60
N THR A 38 -11.36 -24.43 3.27
CA THR A 38 -10.54 -25.55 3.75
C THR A 38 -9.35 -25.76 2.83
N LEU A 39 -8.16 -25.84 3.40
CA LEU A 39 -6.94 -26.05 2.62
C LEU A 39 -6.58 -27.53 2.58
N GLU A 40 -7.28 -28.28 1.73
CA GLU A 40 -7.03 -29.71 1.60
C GLU A 40 -5.63 -29.95 1.04
N SER A 41 -5.17 -29.04 0.19
CA SER A 41 -3.85 -29.18 -0.42
C SER A 41 -3.62 -28.07 -1.42
N GLN A 42 -2.71 -27.14 -1.07
CA GLN A 42 -2.41 -26.02 -1.94
C GLN A 42 -0.91 -25.99 -2.28
N PRO A 43 -0.53 -26.62 -3.36
CA PRO A 43 0.89 -26.65 -3.79
C PRO A 43 1.45 -25.26 -4.00
N GLN A 44 2.76 -25.11 -3.77
CA GLN A 44 3.41 -23.81 -3.90
C GLN A 44 2.90 -23.07 -5.13
N ARG A 45 1.76 -22.40 -4.98
CA ARG A 45 1.16 -21.65 -6.08
C ARG A 45 0.36 -20.48 -5.55
N ILE A 46 1.06 -19.51 -4.97
CA ILE A 46 0.40 -18.33 -4.41
C ILE A 46 -0.03 -17.39 -5.52
N VAL A 47 -1.29 -16.96 -5.47
CA VAL A 47 -1.82 -16.03 -6.47
C VAL A 47 -2.35 -14.77 -5.82
N SER A 48 -2.22 -13.64 -6.50
CA SER A 48 -2.70 -12.37 -5.96
C SER A 48 -3.45 -11.58 -7.03
N THR A 49 -4.49 -10.88 -6.61
CA THR A 49 -5.29 -10.07 -7.55
C THR A 49 -4.87 -8.60 -7.47
N SER A 50 -5.00 -8.01 -6.29
CA SER A 50 -4.64 -6.61 -6.10
C SER A 50 -3.13 -6.46 -5.94
N VAL A 51 -2.63 -5.28 -6.27
CA VAL A 51 -1.20 -5.01 -6.17
C VAL A 51 -0.80 -4.84 -4.71
N THR A 52 -1.78 -4.50 -3.86
CA THR A 52 -1.51 -4.29 -2.44
C THR A 52 -0.92 -5.55 -1.81
N LEU A 53 -1.62 -6.66 -1.99
CA LEU A 53 -1.14 -7.93 -1.47
C LEU A 53 0.13 -8.37 -2.17
N THR A 54 0.16 -8.19 -3.49
CA THR A 54 1.31 -8.60 -4.27
C THR A 54 2.60 -8.18 -3.58
N GLY A 55 2.70 -6.91 -3.23
CA GLY A 55 3.88 -6.40 -2.54
C GLY A 55 3.92 -6.91 -1.09
N SER A 56 2.75 -7.00 -0.47
CA SER A 56 2.66 -7.46 0.91
C SER A 56 3.16 -8.90 1.02
N LEU A 57 2.74 -9.74 0.09
CA LEU A 57 3.15 -11.14 0.09
C LEU A 57 4.64 -11.26 -0.19
N LEU A 58 5.11 -10.46 -1.14
CA LEU A 58 6.51 -10.49 -1.52
C LEU A 58 7.41 -10.08 -0.35
N ALA A 59 6.97 -9.08 0.39
CA ALA A 59 7.74 -8.58 1.52
C ALA A 59 7.96 -9.68 2.56
N ILE A 60 6.96 -10.54 2.73
CA ILE A 60 7.05 -11.61 3.70
C ILE A 60 7.61 -12.88 3.07
N ASP A 61 8.44 -12.70 2.06
CA ASP A 61 9.05 -13.84 1.38
C ASP A 61 7.98 -14.80 0.87
N ALA A 62 7.02 -14.27 0.12
CA ALA A 62 5.94 -15.09 -0.43
C ALA A 62 5.59 -14.62 -1.83
N PRO A 63 6.42 -14.94 -2.79
CA PRO A 63 6.21 -14.54 -4.21
C PRO A 63 4.96 -15.14 -4.81
N VAL A 64 4.37 -14.44 -5.78
CA VAL A 64 3.16 -14.93 -6.43
C VAL A 64 3.45 -15.25 -7.91
N ILE A 65 2.91 -16.38 -8.36
CA ILE A 65 3.10 -16.80 -9.74
C ILE A 65 2.35 -15.87 -10.70
N ALA A 66 1.11 -15.53 -10.36
CA ALA A 66 0.29 -14.67 -11.20
C ALA A 66 -0.20 -13.46 -10.42
N SER A 67 -0.04 -12.28 -11.01
CA SER A 67 -0.47 -11.05 -10.36
C SER A 67 -0.73 -9.97 -11.39
N GLY A 68 -1.35 -8.88 -10.96
CA GLY A 68 -1.66 -7.77 -11.87
C GLY A 68 -0.78 -6.56 -11.57
N ALA A 69 -1.01 -5.47 -12.29
CA ALA A 69 -0.23 -4.24 -12.09
C ALA A 69 -1.16 -3.04 -12.02
N THR A 70 -0.59 -1.88 -11.69
CA THR A 70 -1.37 -0.65 -11.59
C THR A 70 -0.68 0.49 -12.33
N THR A 71 -0.21 1.47 -11.57
CA THR A 71 0.47 2.62 -12.17
C THR A 71 1.97 2.49 -12.01
N PRO A 72 2.71 3.45 -12.50
CA PRO A 72 4.20 3.46 -12.40
C PRO A 72 4.69 3.48 -10.95
N ASN A 73 4.28 2.47 -10.19
CA ASN A 73 4.68 2.37 -8.80
C ASN A 73 6.16 2.18 -8.68
N ASN A 74 6.76 1.48 -9.65
CA ASN A 74 8.20 1.21 -9.65
C ASN A 74 8.49 -0.14 -8.98
N ARG A 75 7.72 -0.45 -7.95
CA ARG A 75 7.87 -1.72 -7.24
C ARG A 75 7.60 -2.89 -8.19
N VAL A 76 6.59 -2.73 -9.03
CA VAL A 76 6.24 -3.77 -9.99
C VAL A 76 7.24 -3.81 -11.14
N ALA A 77 7.89 -2.68 -11.39
CA ALA A 77 8.87 -2.58 -12.46
C ALA A 77 9.86 -3.74 -12.40
N ASP A 78 10.90 -3.68 -13.21
CA ASP A 78 11.90 -4.73 -13.24
C ASP A 78 12.80 -4.66 -12.00
N ASP A 79 14.03 -5.15 -12.13
CA ASP A 79 14.96 -5.16 -11.02
C ASP A 79 15.09 -3.76 -10.42
N GLN A 80 14.48 -2.78 -11.08
CA GLN A 80 14.53 -1.40 -10.60
C GLN A 80 13.41 -1.15 -9.60
N GLY A 81 13.79 -0.87 -8.36
CA GLY A 81 12.82 -0.60 -7.31
C GLY A 81 12.30 -1.89 -6.69
N PHE A 82 13.17 -2.55 -5.94
CA PHE A 82 12.80 -3.80 -5.27
C PHE A 82 13.46 -3.90 -3.90
N LEU A 83 12.77 -4.54 -2.95
CA LEU A 83 13.31 -4.71 -1.62
C LEU A 83 14.18 -5.96 -1.56
N ARG A 84 13.60 -7.06 -1.08
CA ARG A 84 14.34 -8.32 -0.99
C ARG A 84 14.71 -8.81 -2.38
N GLN A 85 13.75 -8.70 -3.31
CA GLN A 85 13.99 -9.11 -4.70
C GLN A 85 13.58 -10.57 -4.91
N TRP A 86 12.35 -10.90 -4.55
CA TRP A 86 11.83 -12.25 -4.72
C TRP A 86 10.89 -12.33 -5.90
N SER A 87 10.54 -11.16 -6.46
CA SER A 87 9.63 -11.11 -7.60
C SER A 87 10.27 -11.77 -8.82
N LYS A 88 11.58 -11.65 -8.93
CA LYS A 88 12.31 -12.24 -10.05
C LYS A 88 11.89 -13.69 -10.24
N VAL A 89 11.41 -14.31 -9.16
CA VAL A 89 10.98 -15.71 -9.22
C VAL A 89 9.70 -15.84 -10.05
N ALA A 90 8.74 -14.95 -9.80
CA ALA A 90 7.48 -14.98 -10.52
C ALA A 90 7.71 -14.79 -12.01
N LYS A 91 8.50 -13.77 -12.35
CA LYS A 91 8.80 -13.48 -13.75
C LYS A 91 9.56 -14.65 -14.37
N GLU A 92 10.46 -15.25 -13.60
CA GLU A 92 11.25 -16.37 -14.09
C GLU A 92 10.34 -17.46 -14.64
N ARG A 93 9.14 -17.59 -14.05
CA ARG A 93 8.18 -18.59 -14.50
C ARG A 93 7.28 -18.02 -15.58
N LYS A 94 7.53 -16.76 -15.96
CA LYS A 94 6.74 -16.11 -16.99
C LYS A 94 5.44 -15.55 -16.40
N LEU A 95 4.73 -16.40 -15.66
CA LEU A 95 3.47 -15.98 -15.05
C LEU A 95 3.64 -14.65 -14.40
N GLN A 96 2.54 -13.89 -14.24
CA GLN A 96 2.57 -12.54 -13.65
C GLN A 96 2.04 -11.51 -14.64
N ARG A 97 0.75 -11.23 -14.57
CA ARG A 97 0.13 -10.24 -15.45
C ARG A 97 0.50 -8.83 -15.00
N LEU A 98 0.71 -7.94 -15.96
CA LEU A 98 1.07 -6.56 -15.66
C LEU A 98 0.22 -5.59 -16.46
N TYR A 99 -0.99 -6.02 -16.81
CA TYR A 99 -1.89 -5.18 -17.58
C TYR A 99 -3.33 -5.34 -17.08
N ILE A 100 -4.05 -4.22 -16.99
CA ILE A 100 -5.44 -4.24 -16.53
C ILE A 100 -6.29 -3.33 -17.39
N GLY A 101 -7.61 -3.48 -17.29
CA GLY A 101 -8.54 -2.66 -18.06
C GLY A 101 -9.76 -3.46 -18.46
N GLU A 102 -9.58 -4.77 -18.62
CA GLU A 102 -10.69 -5.64 -19.00
C GLU A 102 -10.47 -7.06 -18.48
N PRO A 103 -10.57 -7.23 -17.20
CA PRO A 103 -10.36 -8.56 -16.55
C PRO A 103 -11.33 -9.62 -17.07
N SER A 104 -10.87 -10.86 -17.15
CA SER A 104 -11.71 -11.95 -17.63
C SER A 104 -11.56 -13.17 -16.73
N ALA A 105 -12.68 -13.80 -16.40
CA ALA A 105 -12.67 -14.99 -15.55
C ALA A 105 -12.02 -16.15 -16.27
N GLU A 106 -12.29 -16.27 -17.57
CA GLU A 106 -11.73 -17.36 -18.37
C GLU A 106 -10.21 -17.25 -18.44
N ALA A 107 -9.72 -16.03 -18.61
CA ALA A 107 -8.27 -15.80 -18.70
C ALA A 107 -7.60 -16.21 -17.39
N VAL A 108 -8.23 -15.86 -16.27
CA VAL A 108 -7.68 -16.20 -14.96
C VAL A 108 -7.65 -17.72 -14.80
N ALA A 109 -8.72 -18.39 -15.21
CA ALA A 109 -8.79 -19.84 -15.10
C ALA A 109 -7.69 -20.50 -15.93
N ALA A 110 -7.37 -19.88 -17.07
CA ALA A 110 -6.34 -20.40 -17.95
C ALA A 110 -4.99 -20.43 -17.23
N GLN A 111 -4.89 -19.67 -16.15
CA GLN A 111 -3.64 -19.60 -15.38
C GLN A 111 -3.61 -20.72 -14.33
N MET A 112 -4.72 -21.44 -14.21
CA MET A 112 -4.80 -22.52 -13.24
C MET A 112 -4.28 -22.08 -11.88
N PRO A 113 -4.85 -21.02 -11.35
CA PRO A 113 -4.46 -20.48 -10.01
C PRO A 113 -4.88 -21.40 -8.88
N ASP A 114 -4.10 -21.38 -7.80
CA ASP A 114 -4.40 -22.22 -6.63
C ASP A 114 -5.05 -21.40 -5.54
N LEU A 115 -4.25 -20.58 -4.86
CA LEU A 115 -4.78 -19.73 -3.79
C LEU A 115 -4.75 -18.27 -4.22
N ILE A 116 -5.94 -17.68 -4.38
CA ILE A 116 -6.04 -16.28 -4.80
C ILE A 116 -6.35 -15.39 -3.60
N LEU A 117 -5.53 -14.37 -3.41
CA LEU A 117 -5.72 -13.45 -2.29
C LEU A 117 -6.19 -12.09 -2.79
N ILE A 118 -7.22 -11.55 -2.14
CA ILE A 118 -7.77 -10.25 -2.52
C ILE A 118 -7.67 -9.26 -1.37
N SER A 119 -7.34 -8.02 -1.68
CA SER A 119 -7.21 -6.98 -0.67
C SER A 119 -8.58 -6.38 -0.35
N ALA A 120 -8.64 -5.59 0.71
CA ALA A 120 -9.90 -4.95 1.11
C ALA A 120 -10.41 -4.05 0.00
N THR A 121 -9.50 -3.37 -0.68
CA THR A 121 -9.87 -2.46 -1.77
C THR A 121 -8.88 -2.59 -2.93
N GLY A 122 -9.32 -2.17 -4.12
CA GLY A 122 -8.47 -2.25 -5.30
C GLY A 122 -8.91 -1.22 -6.35
N GLY A 123 -8.17 -1.17 -7.45
CA GLY A 123 -8.48 -0.23 -8.51
C GLY A 123 -9.85 -0.52 -9.11
N ASP A 124 -10.22 -1.80 -9.14
CA ASP A 124 -11.52 -2.21 -9.69
C ASP A 124 -12.30 -3.02 -8.66
N SER A 125 -13.62 -2.97 -8.75
CA SER A 125 -14.47 -3.71 -7.83
C SER A 125 -14.24 -5.21 -7.98
N ALA A 126 -14.24 -5.93 -6.85
CA ALA A 126 -14.03 -7.37 -6.88
C ALA A 126 -15.23 -8.10 -6.27
N LEU A 127 -16.30 -7.36 -6.04
CA LEU A 127 -17.50 -7.94 -5.46
C LEU A 127 -18.05 -9.03 -6.36
N ALA A 128 -17.99 -8.81 -7.67
CA ALA A 128 -18.49 -9.79 -8.64
C ALA A 128 -17.42 -10.84 -8.93
N LEU A 129 -16.17 -10.41 -8.96
CA LEU A 129 -15.06 -11.32 -9.22
C LEU A 129 -14.83 -12.24 -8.03
N TYR A 130 -15.06 -11.72 -6.83
CA TYR A 130 -14.85 -12.49 -5.62
C TYR A 130 -15.40 -13.90 -5.77
N ASP A 131 -16.71 -14.01 -5.96
CA ASP A 131 -17.35 -15.31 -6.09
C ASP A 131 -16.89 -16.01 -7.37
N GLN A 132 -16.80 -15.26 -8.46
CA GLN A 132 -16.39 -15.83 -9.73
C GLN A 132 -14.96 -16.37 -9.63
N LEU A 133 -14.15 -15.72 -8.80
CA LEU A 133 -12.77 -16.15 -8.60
C LEU A 133 -12.73 -17.40 -7.74
N SER A 134 -13.57 -17.44 -6.71
CA SER A 134 -13.60 -18.57 -5.79
C SER A 134 -13.89 -19.85 -6.57
N THR A 135 -14.92 -19.82 -7.40
CA THR A 135 -15.30 -20.98 -8.20
C THR A 135 -14.09 -21.49 -8.98
N ILE A 136 -13.32 -20.56 -9.55
CA ILE A 136 -12.13 -20.92 -10.30
C ILE A 136 -11.07 -21.55 -9.39
N ALA A 137 -10.89 -20.96 -8.21
CA ALA A 137 -9.91 -21.45 -7.27
C ALA A 137 -10.06 -20.76 -5.92
N PRO A 138 -9.63 -21.41 -4.85
CA PRO A 138 -9.71 -20.84 -3.48
C PRO A 138 -9.40 -19.36 -3.45
N THR A 139 -10.44 -18.55 -3.26
CA THR A 139 -10.26 -17.10 -3.21
C THR A 139 -10.49 -16.60 -1.80
N LEU A 140 -9.48 -15.94 -1.22
CA LEU A 140 -9.57 -15.42 0.14
C LEU A 140 -9.51 -13.89 0.11
N ILE A 141 -10.12 -13.27 1.12
CA ILE A 141 -10.13 -11.82 1.22
C ILE A 141 -9.67 -11.38 2.60
N ILE A 142 -8.75 -10.42 2.63
CA ILE A 142 -8.22 -9.91 3.90
C ILE A 142 -8.60 -8.44 4.08
N ASN A 143 -9.19 -8.13 5.23
CA ASN A 143 -9.59 -6.76 5.52
C ASN A 143 -8.58 -6.11 6.46
N TYR A 144 -7.74 -5.24 5.91
CA TYR A 144 -6.73 -4.55 6.70
C TYR A 144 -7.16 -3.13 7.02
N ASP A 145 -8.21 -2.67 6.36
CA ASP A 145 -8.72 -1.32 6.57
C ASP A 145 -9.24 -1.17 8.00
N ASP A 146 -9.80 -2.24 8.54
CA ASP A 146 -10.34 -2.22 9.90
C ASP A 146 -9.34 -2.80 10.89
N LYS A 147 -8.12 -3.06 10.42
CA LYS A 147 -7.08 -3.63 11.27
C LYS A 147 -5.76 -2.92 11.03
N SER A 148 -4.89 -2.96 12.04
CA SER A 148 -3.58 -2.32 11.93
C SER A 148 -2.65 -3.12 11.04
N TRP A 149 -1.55 -2.51 10.63
CA TRP A 149 -0.59 -3.17 9.76
C TRP A 149 -0.05 -4.43 10.44
N GLN A 150 0.39 -4.29 11.68
CA GLN A 150 0.92 -5.43 12.43
C GLN A 150 -0.07 -6.59 12.41
N SER A 151 -1.34 -6.27 12.58
CA SER A 151 -2.39 -7.29 12.56
C SER A 151 -2.45 -7.95 11.18
N LEU A 152 -2.31 -7.14 10.14
CA LEU A 152 -2.36 -7.67 8.78
C LEU A 152 -1.25 -8.68 8.56
N LEU A 153 -0.05 -8.35 9.03
CA LEU A 153 1.08 -9.24 8.87
C LEU A 153 0.81 -10.55 9.61
N THR A 154 0.27 -10.45 10.81
CA THR A 154 -0.03 -11.64 11.61
C THR A 154 -0.93 -12.58 10.80
N GLN A 155 -1.95 -12.02 10.15
CA GLN A 155 -2.86 -12.83 9.35
C GLN A 155 -2.11 -13.49 8.20
N LEU A 156 -1.20 -12.75 7.58
CA LEU A 156 -0.42 -13.30 6.48
C LEU A 156 0.42 -14.47 6.94
N GLY A 157 1.03 -14.33 8.10
CA GLY A 157 1.85 -15.39 8.65
C GLY A 157 1.01 -16.61 8.97
N GLU A 158 -0.17 -16.37 9.55
CA GLU A 158 -1.06 -17.47 9.90
C GLU A 158 -1.64 -18.13 8.66
N ILE A 159 -2.11 -17.31 7.73
CA ILE A 159 -2.70 -17.82 6.50
C ILE A 159 -1.64 -18.57 5.67
N THR A 160 -0.46 -17.98 5.57
CA THR A 160 0.61 -18.58 4.78
C THR A 160 1.51 -19.45 5.66
N GLY A 161 1.28 -19.37 6.97
CA GLY A 161 2.07 -20.16 7.92
C GLY A 161 3.52 -19.70 7.91
N HIS A 162 3.75 -18.44 7.55
CA HIS A 162 5.11 -17.90 7.50
C HIS A 162 5.39 -17.05 8.72
N GLU A 163 5.13 -17.60 9.90
CA GLU A 163 5.37 -16.88 11.15
C GLU A 163 6.86 -16.72 11.41
N LYS A 164 7.62 -17.77 11.09
CA LYS A 164 9.07 -17.74 11.30
C LYS A 164 9.70 -16.60 10.50
N GLN A 165 9.31 -16.50 9.22
CA GLN A 165 9.84 -15.45 8.36
C GLN A 165 9.50 -14.07 8.93
N ALA A 166 8.31 -13.94 9.47
CA ALA A 166 7.88 -12.67 10.05
C ALA A 166 8.76 -12.31 11.24
N ALA A 167 9.07 -13.31 12.06
CA ALA A 167 9.92 -13.09 13.22
C ALA A 167 11.31 -12.61 12.80
N GLU A 168 11.73 -13.02 11.61
CA GLU A 168 13.03 -12.62 11.08
C GLU A 168 13.01 -11.17 10.64
N ARG A 169 12.07 -10.83 9.76
CA ARG A 169 11.95 -9.47 9.25
C ARG A 169 11.58 -8.51 10.38
N ILE A 170 10.64 -8.94 11.23
CA ILE A 170 10.19 -8.11 12.33
C ILE A 170 11.34 -7.82 13.28
N ALA A 171 12.13 -8.84 13.59
CA ALA A 171 13.26 -8.67 14.50
C ALA A 171 14.27 -7.69 13.91
N GLN A 172 14.76 -8.01 12.73
CA GLN A 172 15.76 -7.18 12.06
C GLN A 172 15.21 -5.76 11.88
N PHE A 173 13.91 -5.66 11.64
CA PHE A 173 13.28 -4.37 11.45
C PHE A 173 12.97 -3.71 12.80
N ASP A 174 12.61 -4.52 13.78
CA ASP A 174 12.28 -4.01 15.11
C ASP A 174 13.43 -3.19 15.65
N LYS A 175 14.66 -3.68 15.45
CA LYS A 175 15.84 -2.97 15.93
C LYS A 175 15.96 -1.60 15.26
N GLN A 176 15.71 -1.57 13.94
CA GLN A 176 15.79 -0.33 13.18
C GLN A 176 14.72 0.65 13.66
N LEU A 177 13.54 0.12 13.97
CA LEU A 177 12.44 0.95 14.44
C LEU A 177 12.81 1.63 15.75
N ALA A 178 13.45 0.89 16.64
CA ALA A 178 13.84 1.43 17.93
C ALA A 178 14.85 2.58 17.74
N ALA A 179 15.91 2.30 17.00
CA ALA A 179 16.92 3.32 16.74
C ALA A 179 16.35 4.45 15.89
N ALA A 180 15.55 4.09 14.89
CA ALA A 180 14.94 5.08 14.01
C ALA A 180 13.98 5.96 14.79
N LYS A 181 13.23 5.35 15.71
CA LYS A 181 12.26 6.09 16.51
C LYS A 181 12.98 7.10 17.40
N GLU A 182 14.21 6.76 17.81
CA GLU A 182 14.98 7.66 18.67
C GLU A 182 15.91 8.53 17.82
N GLN A 183 16.22 8.06 16.62
CA GLN A 183 17.11 8.81 15.73
C GLN A 183 16.48 10.13 15.33
N ILE A 184 15.18 10.11 15.04
CA ILE A 184 14.47 11.31 14.64
C ILE A 184 14.19 12.19 15.85
N LYS A 185 14.40 13.50 15.68
CA LYS A 185 14.16 14.45 16.78
C LYS A 185 13.24 15.56 16.32
N LEU A 186 12.01 15.55 16.80
CA LEU A 186 11.05 16.58 16.42
C LEU A 186 9.73 16.38 17.18
N PRO A 187 9.26 17.38 17.87
CA PRO A 187 7.99 17.32 18.64
C PRO A 187 6.87 16.63 17.87
N PRO A 188 5.95 16.01 18.56
CA PRO A 188 4.80 15.30 17.93
C PRO A 188 3.84 16.27 17.23
N GLN A 189 3.32 15.85 16.08
CA GLN A 189 2.38 16.66 15.34
C GLN A 189 1.77 15.88 14.18
N PRO A 190 0.54 16.15 13.85
CA PRO A 190 -0.16 15.47 12.72
C PRO A 190 0.42 15.87 11.37
N VAL A 191 0.26 14.98 10.39
CA VAL A 191 0.76 15.25 9.04
C VAL A 191 -0.25 14.81 7.99
N THR A 192 -0.08 15.30 6.76
CA THR A 192 -0.98 14.94 5.67
C THR A 192 -0.22 14.82 4.36
N ALA A 193 -0.89 14.32 3.33
CA ALA A 193 -0.27 14.18 2.02
C ALA A 193 -1.31 14.33 0.92
N ILE A 194 -0.95 15.05 -0.14
CA ILE A 194 -1.86 15.26 -1.26
C ILE A 194 -1.15 15.04 -2.59
N VAL A 195 -1.88 14.54 -3.57
CA VAL A 195 -1.31 14.32 -4.90
C VAL A 195 -2.23 14.86 -5.99
N TYR A 196 -1.66 15.62 -6.91
CA TYR A 196 -2.45 16.18 -8.00
C TYR A 196 -1.57 16.39 -9.23
N THR A 197 -2.19 16.40 -10.41
CA THR A 197 -1.46 16.60 -11.66
C THR A 197 -2.01 17.80 -12.40
N ALA A 198 -1.13 18.77 -12.67
CA ALA A 198 -1.53 19.98 -13.39
C ALA A 198 -2.09 19.63 -14.77
N ALA A 199 -1.64 18.50 -15.31
CA ALA A 199 -2.11 18.06 -16.62
C ALA A 199 -3.53 17.51 -16.55
N ALA A 200 -3.76 16.62 -15.58
CA ALA A 200 -5.08 16.01 -15.42
C ALA A 200 -6.06 17.02 -14.84
N HIS A 201 -5.53 18.15 -14.37
CA HIS A 201 -6.38 19.18 -13.79
C HIS A 201 -7.34 18.59 -12.77
N SER A 202 -6.81 17.67 -11.95
CA SER A 202 -7.63 17.02 -10.92
C SER A 202 -6.87 16.93 -9.62
N ALA A 203 -7.57 17.07 -8.50
CA ALA A 203 -6.95 17.02 -7.18
C ALA A 203 -7.37 15.75 -6.45
N ASN A 204 -6.42 14.85 -6.21
CA ASN A 204 -6.71 13.59 -5.51
C ASN A 204 -5.90 13.50 -4.23
N LEU A 205 -6.56 13.13 -3.14
CA LEU A 205 -5.89 13.01 -1.86
C LEU A 205 -5.81 11.55 -1.42
N TRP A 206 -4.73 11.20 -0.74
CA TRP A 206 -4.55 9.82 -0.26
C TRP A 206 -4.92 9.75 1.22
N THR A 207 -5.77 8.77 1.55
CA THR A 207 -6.22 8.60 2.93
C THR A 207 -5.36 7.56 3.64
N PRO A 208 -5.26 7.65 4.95
CA PRO A 208 -4.48 6.70 5.78
C PRO A 208 -5.12 5.31 5.79
N GLU A 209 -6.39 5.24 5.42
CA GLU A 209 -7.11 3.97 5.40
C GLU A 209 -6.29 2.91 4.69
N SER A 210 -5.33 3.35 3.88
CA SER A 210 -4.48 2.42 3.14
C SER A 210 -3.45 1.79 4.08
N ALA A 211 -2.82 0.71 3.61
CA ALA A 211 -1.82 0.02 4.41
C ALA A 211 -0.67 0.96 4.77
N GLN A 212 -0.44 1.96 3.92
CA GLN A 212 0.62 2.93 4.16
C GLN A 212 0.34 3.72 5.43
N GLY A 213 -0.91 4.12 5.62
CA GLY A 213 -1.29 4.89 6.79
C GLY A 213 -0.99 4.12 8.08
N GLN A 214 -1.35 2.84 8.10
CA GLN A 214 -1.11 2.01 9.27
C GLN A 214 0.39 1.86 9.52
N MET A 215 1.16 1.72 8.44
CA MET A 215 2.60 1.57 8.56
C MET A 215 3.20 2.81 9.22
N LEU A 216 2.72 3.99 8.82
CA LEU A 216 3.22 5.23 9.41
C LEU A 216 2.91 5.29 10.90
N GLU A 217 1.66 4.98 11.24
CA GLU A 217 1.25 5.00 12.65
C GLU A 217 2.19 4.14 13.48
N GLN A 218 2.71 3.07 12.87
CA GLN A 218 3.63 2.18 13.56
C GLN A 218 4.97 2.86 13.79
N LEU A 219 5.23 3.93 13.03
CA LEU A 219 6.49 4.66 13.14
C LEU A 219 6.39 5.74 14.21
N GLY A 220 5.17 5.96 14.71
CA GLY A 220 4.96 6.97 15.74
C GLY A 220 4.39 8.25 15.13
N PHE A 221 4.15 8.23 13.83
CA PHE A 221 3.60 9.40 13.14
C PHE A 221 2.08 9.37 13.17
N THR A 222 1.47 10.55 13.09
CA THR A 222 0.02 10.65 13.11
C THR A 222 -0.49 11.23 11.80
N LEU A 223 -1.45 10.53 11.20
CA LEU A 223 -2.03 10.97 9.93
C LEU A 223 -3.25 11.84 10.15
N ALA A 224 -3.45 12.82 9.27
CA ALA A 224 -4.60 13.70 9.39
C ALA A 224 -5.88 12.96 9.07
N LYS A 225 -6.99 13.40 9.65
CA LYS A 225 -8.29 12.77 9.42
C LYS A 225 -9.34 13.81 9.09
N LEU A 226 -10.10 13.57 8.03
CA LEU A 226 -11.15 14.50 7.60
C LEU A 226 -12.52 13.86 7.76
N PRO A 227 -13.16 14.07 8.89
CA PRO A 227 -14.52 13.51 9.16
C PRO A 227 -15.52 13.91 8.08
N ALA A 228 -16.36 12.97 7.69
CA ALA A 228 -17.36 13.22 6.65
C ALA A 228 -16.67 13.57 5.33
N GLY A 229 -15.45 14.10 5.41
CA GLY A 229 -14.70 14.47 4.23
C GLY A 229 -14.24 13.24 3.45
N LEU A 230 -13.62 12.31 4.18
CA LEU A 230 -13.13 11.09 3.55
C LEU A 230 -14.24 10.40 2.77
N ASN A 231 -15.45 10.45 3.32
CA ASN A 231 -16.59 9.82 2.66
C ASN A 231 -16.93 10.56 1.36
N ALA A 232 -15.90 11.03 0.66
CA ALA A 232 -16.09 11.74 -0.60
C ALA A 232 -17.30 12.66 -0.51
N SER A 233 -17.08 13.89 -0.06
CA SER A 233 -18.17 14.85 0.07
C SER A 233 -18.47 15.49 -1.28
N GLN A 234 -17.56 15.31 -2.23
CA GLN A 234 -17.74 15.88 -3.56
C GLN A 234 -18.42 14.88 -4.49
N SER A 235 -18.02 13.61 -4.39
CA SER A 235 -18.61 12.56 -5.22
C SER A 235 -20.07 12.34 -4.85
N GLN A 236 -20.46 12.82 -3.68
CA GLN A 236 -21.84 12.66 -3.21
C GLN A 236 -22.22 11.18 -3.19
N GLY A 237 -21.32 10.35 -2.70
CA GLY A 237 -21.57 8.92 -2.63
C GLY A 237 -20.40 8.18 -2.03
N LYS A 238 -20.19 6.94 -2.46
CA LYS A 238 -19.08 6.13 -1.96
C LYS A 238 -18.15 5.72 -3.10
N ARG A 239 -16.85 5.70 -2.81
CA ARG A 239 -15.86 5.33 -3.82
C ARG A 239 -14.64 4.71 -3.16
N HIS A 240 -13.98 3.80 -3.87
CA HIS A 240 -12.77 3.16 -3.35
C HIS A 240 -11.52 3.78 -3.95
N ASP A 241 -10.46 2.99 -4.05
CA ASP A 241 -9.21 3.47 -4.61
C ASP A 241 -8.72 4.70 -3.85
N ILE A 242 -9.10 5.88 -4.33
CA ILE A 242 -8.70 7.13 -3.70
C ILE A 242 -9.91 7.99 -3.40
N ILE A 243 -9.67 9.12 -2.73
CA ILE A 243 -10.75 10.04 -2.37
C ILE A 243 -10.50 11.43 -2.95
N GLN A 244 -11.58 12.07 -3.39
CA GLN A 244 -11.47 13.41 -3.97
C GLN A 244 -11.87 14.46 -2.95
N LEU A 245 -11.60 15.73 -3.27
CA LEU A 245 -11.94 16.83 -2.37
C LEU A 245 -12.29 18.09 -3.16
N GLY A 246 -13.15 18.92 -2.57
CA GLY A 246 -13.56 20.15 -3.23
C GLY A 246 -12.39 21.09 -3.43
N GLY A 247 -11.50 21.15 -2.44
CA GLY A 247 -10.33 22.01 -2.52
C GLY A 247 -10.18 22.86 -1.26
N GLU A 248 -11.07 22.62 -0.29
CA GLU A 248 -11.04 23.37 0.95
C GLU A 248 -9.92 22.86 1.86
N ASN A 249 -9.99 21.57 2.19
CA ASN A 249 -8.98 20.96 3.05
C ASN A 249 -7.61 21.04 2.41
N LEU A 250 -7.57 20.88 1.08
CA LEU A 250 -6.30 20.92 0.36
C LEU A 250 -5.54 22.20 0.71
N ALA A 251 -6.06 23.34 0.28
CA ALA A 251 -5.40 24.61 0.55
C ALA A 251 -5.12 24.76 2.04
N ALA A 252 -6.09 24.37 2.87
CA ALA A 252 -5.93 24.46 4.31
C ALA A 252 -4.99 23.37 4.82
N GLY A 253 -4.22 22.79 3.91
CA GLY A 253 -3.27 21.74 4.27
C GLY A 253 -3.79 20.90 5.42
N LEU A 254 -5.04 20.46 5.31
CA LEU A 254 -5.68 19.66 6.36
C LEU A 254 -5.26 20.19 7.74
N ASN A 255 -4.46 19.39 8.45
CA ASN A 255 -4.01 19.78 9.78
C ASN A 255 -3.22 21.08 9.71
N GLY A 256 -2.31 21.18 8.74
CA GLY A 256 -1.51 22.39 8.58
C GLY A 256 -0.29 22.36 9.50
N GLU A 257 -0.06 21.23 10.15
CA GLU A 257 1.08 21.09 11.05
C GLU A 257 2.23 20.38 10.35
N SER A 258 1.95 19.78 9.20
CA SER A 258 2.97 19.07 8.44
C SER A 258 2.37 18.41 7.21
N LEU A 259 3.12 18.43 6.11
CA LEU A 259 2.65 17.83 4.88
C LEU A 259 3.81 17.26 4.07
N PHE A 260 3.71 15.98 3.72
CA PHE A 260 4.75 15.33 2.91
C PHE A 260 4.34 15.28 1.46
N LEU A 261 5.31 15.44 0.57
CA LEU A 261 5.03 15.43 -0.86
C LEU A 261 5.26 14.05 -1.44
N PHE A 262 4.16 13.36 -1.75
CA PHE A 262 4.24 12.02 -2.33
C PHE A 262 4.01 12.09 -3.84
N ALA A 263 3.53 13.23 -4.31
CA ALA A 263 3.27 13.40 -5.74
C ALA A 263 4.57 13.38 -6.53
N GLY A 264 5.60 14.01 -5.99
CA GLY A 264 6.89 14.06 -6.66
C GLY A 264 7.92 14.81 -5.82
N ASP A 265 9.17 14.80 -6.27
CA ASP A 265 10.23 15.48 -5.55
C ASP A 265 10.12 16.99 -5.71
N GLN A 266 11.09 17.58 -6.40
CA GLN A 266 11.09 19.02 -6.63
C GLN A 266 9.95 19.44 -7.55
N LYS A 267 9.55 18.51 -8.42
CA LYS A 267 8.47 18.80 -9.37
C LYS A 267 7.20 19.17 -8.62
N ASP A 268 6.89 18.41 -7.57
CA ASP A 268 5.70 18.70 -6.78
C ASP A 268 5.81 20.06 -6.11
N ALA A 269 6.98 20.35 -5.55
CA ALA A 269 7.21 21.61 -4.87
C ALA A 269 6.85 22.78 -5.79
N ASP A 270 7.51 22.86 -6.93
CA ASP A 270 7.25 23.92 -7.89
C ASP A 270 5.76 23.99 -8.20
N ALA A 271 5.14 22.83 -8.38
CA ALA A 271 3.71 22.79 -8.66
C ALA A 271 2.92 23.53 -7.58
N ILE A 272 3.30 23.30 -6.33
CA ILE A 272 2.62 23.96 -5.21
C ILE A 272 2.85 25.46 -5.26
N TYR A 273 4.08 25.86 -5.54
CA TYR A 273 4.41 27.28 -5.62
C TYR A 273 3.52 27.98 -6.64
N ALA A 274 3.23 27.28 -7.72
CA ALA A 274 2.38 27.85 -8.77
C ALA A 274 0.92 27.81 -8.33
N ASN A 275 0.67 27.31 -7.12
CA ASN A 275 -0.68 27.22 -6.58
C ASN A 275 -0.84 28.12 -5.37
N PRO A 276 -1.25 29.34 -5.57
CA PRO A 276 -1.47 30.32 -4.46
C PRO A 276 -2.35 29.75 -3.36
N LEU A 277 -3.22 28.82 -3.73
CA LEU A 277 -4.11 28.21 -2.76
C LEU A 277 -3.32 27.45 -1.71
N LEU A 278 -2.29 26.75 -2.15
CA LEU A 278 -1.46 25.95 -1.24
C LEU A 278 -0.23 26.75 -0.81
N ALA A 279 -0.18 28.01 -1.22
CA ALA A 279 0.94 28.87 -0.86
C ALA A 279 0.87 29.25 0.62
N HIS A 280 -0.35 29.43 1.12
CA HIS A 280 -0.55 29.82 2.51
C HIS A 280 -0.40 28.62 3.43
N LEU A 281 -0.03 27.48 2.84
CA LEU A 281 0.14 26.27 3.62
C LEU A 281 1.36 26.37 4.53
N PRO A 282 1.17 26.25 5.82
CA PRO A 282 2.28 26.36 6.80
C PRO A 282 3.50 25.53 6.40
N ALA A 283 3.26 24.37 5.82
CA ALA A 283 4.35 23.50 5.39
C ALA A 283 5.23 24.21 4.38
N VAL A 284 4.59 24.90 3.43
CA VAL A 284 5.33 25.64 2.41
C VAL A 284 6.10 26.79 3.05
N GLN A 285 5.44 27.51 3.96
CA GLN A 285 6.07 28.64 4.62
C GLN A 285 7.23 28.17 5.48
N ASN A 286 7.06 27.04 6.16
CA ASN A 286 8.11 26.49 7.01
C ASN A 286 9.01 25.55 6.23
N LYS A 287 8.56 25.19 5.03
CA LYS A 287 9.34 24.29 4.17
C LYS A 287 9.52 22.93 4.85
N GLN A 288 8.54 22.54 5.65
CA GLN A 288 8.60 21.25 6.33
C GLN A 288 8.01 20.15 5.46
N VAL A 289 8.36 20.17 4.18
CA VAL A 289 7.84 19.17 3.24
C VAL A 289 8.92 18.14 2.92
N TYR A 290 8.52 16.86 2.92
CA TYR A 290 9.46 15.78 2.62
C TYR A 290 9.05 15.06 1.35
N ALA A 291 10.01 14.84 0.46
CA ALA A 291 9.74 14.15 -0.80
C ALA A 291 9.79 12.63 -0.61
N LEU A 292 8.66 12.05 -0.24
CA LEU A 292 8.58 10.61 -0.05
C LEU A 292 8.85 9.87 -1.35
N GLY A 293 8.30 10.39 -2.44
CA GLY A 293 8.48 9.77 -3.75
C GLY A 293 7.53 8.58 -3.92
N THR A 294 7.41 8.10 -5.14
CA THR A 294 6.54 6.96 -5.43
C THR A 294 7.18 5.66 -4.95
N GLU A 295 8.51 5.65 -4.89
CA GLU A 295 9.23 4.47 -4.45
C GLU A 295 8.97 4.20 -2.98
N THR A 296 8.82 5.26 -2.20
CA THR A 296 8.59 5.12 -0.77
C THR A 296 7.17 4.63 -0.50
N PHE A 297 6.59 3.94 -1.47
CA PHE A 297 5.23 3.43 -1.32
C PHE A 297 5.15 2.52 -0.11
N ARG A 298 6.06 1.55 -0.04
CA ARG A 298 6.11 0.62 1.10
C ARG A 298 7.35 0.86 1.92
N LEU A 299 7.30 0.50 3.19
CA LEU A 299 8.45 0.67 4.07
C LEU A 299 8.98 -0.67 4.56
N ASP A 300 10.26 -0.92 4.34
CA ASP A 300 10.88 -2.17 4.77
C ASP A 300 12.34 -1.94 5.15
N TYR A 301 12.93 -2.92 5.83
CA TYR A 301 14.31 -2.81 6.26
C TYR A 301 15.21 -2.37 5.10
N TYR A 302 14.91 -2.87 3.91
CA TYR A 302 15.70 -2.53 2.73
C TYR A 302 15.43 -1.10 2.29
N SER A 303 14.20 -0.83 1.86
CA SER A 303 13.84 0.50 1.39
C SER A 303 14.01 1.53 2.51
N ALA A 304 13.77 1.10 3.74
CA ALA A 304 13.88 2.00 4.89
C ALA A 304 15.24 2.67 4.91
N MET A 305 16.24 2.03 4.31
CA MET A 305 17.58 2.57 4.28
C MET A 305 17.62 3.89 3.50
N GLN A 306 16.89 3.92 2.38
CA GLN A 306 16.84 5.11 1.55
C GLN A 306 15.90 6.15 2.14
N VAL A 307 14.73 5.69 2.58
CA VAL A 307 13.74 6.58 3.17
C VAL A 307 14.26 7.16 4.49
N LEU A 308 14.88 6.30 5.30
CA LEU A 308 15.39 6.73 6.59
C LEU A 308 16.41 7.83 6.42
N ASP A 309 17.36 7.63 5.50
CA ASP A 309 18.39 8.62 5.24
C ASP A 309 17.78 9.86 4.56
N ARG A 310 16.86 9.61 3.65
CA ARG A 310 16.22 10.70 2.91
C ARG A 310 15.47 11.61 3.86
N LEU A 311 14.83 11.01 4.87
CA LEU A 311 14.07 11.78 5.84
C LEU A 311 14.97 12.24 6.97
N LYS A 312 16.27 11.96 6.85
CA LYS A 312 17.23 12.35 7.88
C LYS A 312 18.18 13.43 7.34
N ALA A 313 18.13 13.64 6.02
CA ALA A 313 18.98 14.64 5.40
C ALA A 313 18.65 16.03 5.91
N LEU A 314 17.36 16.28 6.15
CA LEU A 314 16.92 17.58 6.63
C LEU A 314 17.56 17.88 7.98
N PHE A 315 17.48 16.91 8.89
CA PHE A 315 18.07 17.09 10.23
C PHE A 315 19.57 16.88 10.17
N ALA A 24 1.26 -24.76 7.47
CA ALA A 24 1.63 -26.01 8.19
C ALA A 24 2.31 -26.97 7.22
N ASP A 25 2.71 -28.13 7.72
CA ASP A 25 3.38 -29.13 6.89
C ASP A 25 2.36 -30.06 6.26
N TRP A 26 1.08 -29.86 6.60
CA TRP A 26 0.02 -30.69 6.06
C TRP A 26 -1.25 -29.87 5.84
N PRO A 27 -2.28 -30.50 5.34
CA PRO A 27 -3.58 -29.83 5.08
C PRO A 27 -4.21 -29.26 6.36
N ARG A 28 -4.88 -28.12 6.22
CA ARG A 28 -5.51 -27.48 7.37
C ARG A 28 -6.66 -26.59 6.92
N GLN A 29 -7.31 -25.95 7.87
CA GLN A 29 -8.43 -25.06 7.56
C GLN A 29 -8.10 -23.63 7.95
N ILE A 30 -8.46 -22.69 7.07
CA ILE A 30 -8.18 -21.28 7.31
C ILE A 30 -9.47 -20.47 7.23
N THR A 31 -9.56 -19.41 8.02
CA THR A 31 -10.75 -18.55 8.03
C THR A 31 -10.37 -17.12 7.66
N ASP A 32 -11.19 -16.51 6.80
CA ASP A 32 -10.94 -15.13 6.38
C ASP A 32 -11.82 -14.17 7.17
N SER A 33 -12.28 -13.11 6.49
CA SER A 33 -13.14 -12.12 7.14
C SER A 33 -14.45 -12.76 7.58
N ARG A 34 -14.96 -13.68 6.77
CA ARG A 34 -16.21 -14.36 7.09
C ARG A 34 -16.21 -15.78 6.54
N GLY A 35 -16.22 -15.89 5.21
CA GLY A 35 -16.23 -17.20 4.57
C GLY A 35 -15.02 -18.01 4.98
N THR A 36 -15.20 -19.31 5.15
CA THR A 36 -14.11 -20.20 5.55
C THR A 36 -13.75 -21.15 4.42
N HIS A 37 -12.46 -21.25 4.13
CA HIS A 37 -11.99 -22.13 3.05
C HIS A 37 -11.05 -23.19 3.61
N THR A 38 -11.32 -24.45 3.28
CA THR A 38 -10.50 -25.54 3.76
C THR A 38 -9.31 -25.76 2.81
N LEU A 39 -8.12 -25.85 3.39
CA LEU A 39 -6.91 -26.07 2.59
C LEU A 39 -6.54 -27.55 2.57
N GLU A 40 -7.24 -28.31 1.72
CA GLU A 40 -6.98 -29.73 1.60
C GLU A 40 -5.59 -29.97 1.03
N SER A 41 -5.13 -29.06 0.17
CA SER A 41 -3.81 -29.20 -0.43
C SER A 41 -3.58 -28.08 -1.44
N GLN A 42 -2.70 -27.15 -1.09
CA GLN A 42 -2.40 -26.03 -1.97
C GLN A 42 -0.90 -26.00 -2.31
N PRO A 43 -0.52 -26.61 -3.39
CA PRO A 43 0.90 -26.65 -3.83
C PRO A 43 1.47 -25.24 -4.03
N GLN A 44 2.76 -25.10 -3.80
CA GLN A 44 3.42 -23.79 -3.93
C GLN A 44 2.90 -23.05 -5.15
N ARG A 45 1.77 -22.38 -5.00
CA ARG A 45 1.17 -21.63 -6.09
C ARG A 45 0.37 -20.46 -5.56
N ILE A 46 1.06 -19.49 -4.98
CA ILE A 46 0.39 -18.32 -4.42
C ILE A 46 -0.04 -17.37 -5.52
N VAL A 47 -1.30 -16.94 -5.47
CA VAL A 47 -1.84 -16.02 -6.48
C VAL A 47 -2.37 -14.77 -5.81
N SER A 48 -2.24 -13.63 -6.50
CA SER A 48 -2.71 -12.36 -5.96
C SER A 48 -3.46 -11.56 -7.02
N THR A 49 -4.51 -10.87 -6.60
CA THR A 49 -5.30 -10.06 -7.53
C THR A 49 -4.90 -8.60 -7.46
N SER A 50 -5.03 -8.00 -6.28
CA SER A 50 -4.67 -6.60 -6.10
C SER A 50 -3.16 -6.45 -5.94
N VAL A 51 -2.66 -5.27 -6.27
CA VAL A 51 -1.23 -5.00 -6.16
C VAL A 51 -0.83 -4.82 -4.70
N THR A 52 -1.81 -4.49 -3.86
CA THR A 52 -1.53 -4.27 -2.44
C THR A 52 -0.96 -5.53 -1.81
N LEU A 53 -1.65 -6.65 -1.99
CA LEU A 53 -1.18 -7.92 -1.47
C LEU A 53 0.10 -8.35 -2.16
N THR A 54 0.13 -8.17 -3.49
CA THR A 54 1.29 -8.57 -4.27
C THR A 54 2.58 -8.15 -3.57
N GLY A 55 2.68 -6.87 -3.23
CA GLY A 55 3.84 -6.37 -2.52
C GLY A 55 3.88 -6.88 -1.09
N SER A 56 2.71 -6.97 -0.47
CA SER A 56 2.62 -7.43 0.91
C SER A 56 3.13 -8.88 1.02
N LEU A 57 2.71 -9.72 0.09
CA LEU A 57 3.12 -11.11 0.09
C LEU A 57 4.62 -11.23 -0.19
N LEU A 58 5.09 -10.43 -1.14
CA LEU A 58 6.50 -10.45 -1.51
C LEU A 58 7.38 -10.05 -0.34
N ALA A 59 6.94 -9.04 0.39
CA ALA A 59 7.71 -8.54 1.52
C ALA A 59 7.93 -9.63 2.56
N ILE A 60 6.94 -10.49 2.73
CA ILE A 60 7.02 -11.58 3.70
C ILE A 60 7.59 -12.84 3.08
N ASP A 61 8.42 -12.67 2.06
CA ASP A 61 9.03 -13.81 1.39
C ASP A 61 7.96 -14.77 0.87
N ALA A 62 7.00 -14.23 0.13
CA ALA A 62 5.92 -15.06 -0.42
C ALA A 62 5.58 -14.60 -1.83
N PRO A 63 6.40 -14.91 -2.80
CA PRO A 63 6.19 -14.51 -4.21
C PRO A 63 4.93 -15.12 -4.81
N VAL A 64 4.34 -14.42 -5.78
CA VAL A 64 3.14 -14.90 -6.43
C VAL A 64 3.43 -15.22 -7.91
N ILE A 65 2.90 -16.35 -8.36
CA ILE A 65 3.09 -16.78 -9.74
C ILE A 65 2.34 -15.86 -10.70
N ALA A 66 1.10 -15.52 -10.36
CA ALA A 66 0.28 -14.67 -11.20
C ALA A 66 -0.22 -13.46 -10.44
N SER A 67 -0.07 -12.29 -11.02
CA SER A 67 -0.50 -11.05 -10.38
C SER A 67 -0.77 -9.98 -11.41
N GLY A 68 -1.38 -8.87 -10.98
CA GLY A 68 -1.70 -7.77 -11.89
C GLY A 68 -0.81 -6.56 -11.60
N ALA A 69 -1.05 -5.48 -12.33
CA ALA A 69 -0.28 -4.25 -12.14
C ALA A 69 -1.21 -3.05 -12.07
N THR A 70 -0.65 -1.89 -11.75
CA THR A 70 -1.43 -0.66 -11.65
C THR A 70 -0.74 0.48 -12.39
N THR A 71 -0.27 1.46 -11.63
CA THR A 71 0.40 2.61 -12.23
C THR A 71 1.90 2.50 -12.07
N PRO A 72 2.64 3.45 -12.57
CA PRO A 72 4.12 3.48 -12.47
C PRO A 72 4.61 3.50 -11.01
N ASN A 73 4.21 2.48 -10.26
CA ASN A 73 4.60 2.39 -8.86
C ASN A 73 6.09 2.21 -8.74
N ASN A 74 6.70 1.51 -9.71
CA ASN A 74 8.14 1.25 -9.70
C ASN A 74 8.43 -0.09 -9.04
N ARG A 75 7.66 -0.42 -8.01
CA ARG A 75 7.83 -1.69 -7.30
C ARG A 75 7.56 -2.85 -8.24
N VAL A 76 6.54 -2.69 -9.09
CA VAL A 76 6.18 -3.72 -10.05
C VAL A 76 7.19 -3.76 -11.20
N ALA A 77 7.84 -2.64 -11.44
CA ALA A 77 8.82 -2.54 -12.52
C ALA A 77 9.81 -3.70 -12.45
N ASP A 78 10.85 -3.64 -13.27
CA ASP A 78 11.85 -4.69 -13.30
C ASP A 78 12.74 -4.63 -12.06
N ASP A 79 13.96 -5.14 -12.18
CA ASP A 79 14.89 -5.15 -11.06
C ASP A 79 15.03 -3.75 -10.47
N GLN A 80 14.44 -2.76 -11.14
CA GLN A 80 14.49 -1.39 -10.65
C GLN A 80 13.38 -1.12 -9.65
N GLY A 81 13.75 -0.85 -8.40
CA GLY A 81 12.78 -0.57 -7.37
C GLY A 81 12.27 -1.86 -6.74
N PHE A 82 13.14 -2.53 -5.99
CA PHE A 82 12.75 -3.77 -5.32
C PHE A 82 13.43 -3.87 -3.95
N LEU A 83 12.73 -4.50 -3.00
CA LEU A 83 13.28 -4.68 -1.66
C LEU A 83 14.15 -5.93 -1.61
N ARG A 84 13.58 -7.03 -1.12
CA ARG A 84 14.31 -8.28 -1.03
C ARG A 84 14.68 -8.77 -2.42
N GLN A 85 13.73 -8.67 -3.35
CA GLN A 85 13.95 -9.09 -4.74
C GLN A 85 13.55 -10.54 -4.94
N TRP A 86 12.31 -10.87 -4.56
CA TRP A 86 11.82 -12.23 -4.73
C TRP A 86 10.86 -12.31 -5.93
N SER A 87 10.53 -11.15 -6.48
CA SER A 87 9.62 -11.09 -7.62
C SER A 87 10.25 -11.76 -8.84
N LYS A 88 11.56 -11.64 -8.96
CA LYS A 88 12.28 -12.24 -10.07
C LYS A 88 11.88 -13.70 -10.25
N VAL A 89 11.39 -14.30 -9.17
CA VAL A 89 10.95 -15.69 -9.22
C VAL A 89 9.68 -15.84 -10.06
N ALA A 90 8.72 -14.95 -9.81
CA ALA A 90 7.45 -15.00 -10.54
C ALA A 90 7.70 -14.80 -12.03
N LYS A 91 8.49 -13.77 -12.36
CA LYS A 91 8.79 -13.49 -13.76
C LYS A 91 9.54 -14.65 -14.39
N GLU A 92 10.44 -15.25 -13.62
CA GLU A 92 11.22 -16.37 -14.11
C GLU A 92 10.31 -17.47 -14.66
N ARG A 93 9.13 -17.59 -14.07
CA ARG A 93 8.16 -18.59 -14.51
C ARG A 93 7.27 -18.03 -15.58
N LYS A 94 7.50 -16.77 -15.96
CA LYS A 94 6.70 -16.11 -17.00
C LYS A 94 5.41 -15.56 -16.40
N LEU A 95 4.71 -16.40 -15.65
CA LEU A 95 3.45 -15.99 -15.04
C LEU A 95 3.62 -14.66 -14.39
N GLN A 96 2.51 -13.90 -14.24
CA GLN A 96 2.55 -12.55 -13.65
C GLN A 96 2.02 -11.51 -14.65
N ARG A 97 0.72 -11.24 -14.58
CA ARG A 97 0.11 -10.25 -15.47
C ARG A 97 0.47 -8.84 -15.03
N LEU A 98 0.68 -7.95 -15.99
CA LEU A 98 1.04 -6.58 -15.69
C LEU A 98 0.18 -5.61 -16.49
N TYR A 99 -1.03 -6.04 -16.84
CA TYR A 99 -1.94 -5.21 -17.62
C TYR A 99 -3.36 -5.37 -17.12
N ILE A 100 -4.09 -4.26 -17.02
CA ILE A 100 -5.48 -4.28 -16.58
C ILE A 100 -6.33 -3.36 -17.43
N GLY A 101 -7.65 -3.52 -17.34
CA GLY A 101 -8.57 -2.69 -18.12
C GLY A 101 -9.80 -3.50 -18.52
N GLU A 102 -9.63 -4.81 -18.67
CA GLU A 102 -10.74 -5.68 -19.05
C GLU A 102 -10.51 -7.09 -18.52
N PRO A 103 -10.62 -7.27 -17.24
CA PRO A 103 -10.41 -8.59 -16.58
C PRO A 103 -11.38 -9.65 -17.10
N SER A 104 -10.91 -10.89 -17.19
CA SER A 104 -11.75 -11.98 -17.66
C SER A 104 -11.60 -13.20 -16.77
N ALA A 105 -12.72 -13.83 -16.44
CA ALA A 105 -12.71 -15.02 -15.59
C ALA A 105 -12.05 -16.19 -16.31
N GLU A 106 -12.31 -16.29 -17.60
CA GLU A 106 -11.74 -17.38 -18.40
C GLU A 106 -10.22 -17.27 -18.44
N ALA A 107 -9.73 -16.05 -18.63
CA ALA A 107 -8.29 -15.83 -18.69
C ALA A 107 -7.62 -16.23 -17.39
N VAL A 108 -8.26 -15.87 -16.28
CA VAL A 108 -7.72 -16.22 -14.96
C VAL A 108 -7.67 -17.74 -14.79
N ALA A 109 -8.73 -18.40 -15.21
CA ALA A 109 -8.81 -19.87 -15.10
C ALA A 109 -7.70 -20.50 -15.92
N ALA A 110 -7.39 -19.89 -17.06
CA ALA A 110 -6.34 -20.41 -17.93
C ALA A 110 -4.99 -20.43 -17.22
N GLN A 111 -4.90 -19.65 -16.14
CA GLN A 111 -3.67 -19.59 -15.36
C GLN A 111 -3.62 -20.70 -14.32
N MET A 112 -4.72 -21.43 -14.20
CA MET A 112 -4.80 -22.52 -13.23
C MET A 112 -4.28 -22.07 -11.87
N PRO A 113 -4.86 -21.03 -11.33
CA PRO A 113 -4.46 -20.47 -10.00
C PRO A 113 -4.88 -21.40 -8.87
N ASP A 114 -4.10 -21.38 -7.79
CA ASP A 114 -4.40 -22.22 -6.62
C ASP A 114 -5.05 -21.40 -5.53
N LEU A 115 -4.25 -20.57 -4.85
CA LEU A 115 -4.77 -19.73 -3.78
C LEU A 115 -4.76 -18.26 -4.21
N ILE A 116 -5.94 -17.68 -4.36
CA ILE A 116 -6.06 -16.29 -4.79
C ILE A 116 -6.37 -15.40 -3.60
N LEU A 117 -5.55 -14.37 -3.40
CA LEU A 117 -5.74 -13.45 -2.28
C LEU A 117 -6.21 -12.10 -2.78
N ILE A 118 -7.25 -11.57 -2.12
CA ILE A 118 -7.82 -10.28 -2.52
C ILE A 118 -7.72 -9.28 -1.36
N SER A 119 -7.39 -8.04 -1.69
CA SER A 119 -7.27 -6.98 -0.68
C SER A 119 -8.64 -6.39 -0.37
N ALA A 120 -8.70 -5.60 0.69
CA ALA A 120 -9.96 -4.96 1.09
C ALA A 120 -10.46 -4.06 -0.02
N THR A 121 -9.55 -3.38 -0.71
CA THR A 121 -9.91 -2.49 -1.79
C THR A 121 -8.93 -2.62 -2.96
N GLY A 122 -9.37 -2.21 -4.14
CA GLY A 122 -8.52 -2.28 -5.32
C GLY A 122 -8.95 -1.28 -6.37
N GLY A 123 -8.23 -1.22 -7.48
CA GLY A 123 -8.54 -0.30 -8.56
C GLY A 123 -9.91 -0.59 -9.14
N ASP A 124 -10.29 -1.87 -9.17
CA ASP A 124 -11.59 -2.28 -9.71
C ASP A 124 -12.35 -3.10 -8.68
N SER A 125 -13.68 -3.05 -8.77
CA SER A 125 -14.52 -3.79 -7.84
C SER A 125 -14.30 -5.29 -8.00
N ALA A 126 -14.29 -6.01 -6.87
CA ALA A 126 -14.08 -7.45 -6.89
C ALA A 126 -15.28 -8.18 -6.28
N LEU A 127 -16.35 -7.43 -6.05
CA LEU A 127 -17.55 -8.02 -5.45
C LEU A 127 -18.10 -9.11 -6.35
N ALA A 128 -18.06 -8.89 -7.66
CA ALA A 128 -18.55 -9.86 -8.62
C ALA A 128 -17.48 -10.92 -8.92
N LEU A 129 -16.23 -10.49 -8.95
CA LEU A 129 -15.13 -11.40 -9.20
C LEU A 129 -14.89 -12.32 -8.01
N TYR A 130 -15.10 -11.78 -6.81
CA TYR A 130 -14.90 -12.56 -5.60
C TYR A 130 -15.45 -13.98 -5.74
N ASP A 131 -16.75 -14.07 -5.94
CA ASP A 131 -17.39 -15.39 -6.07
C ASP A 131 -16.92 -16.10 -7.33
N GLN A 132 -16.85 -15.34 -8.43
CA GLN A 132 -16.42 -15.93 -9.70
C GLN A 132 -15.00 -16.45 -9.59
N LEU A 133 -14.18 -15.79 -8.78
CA LEU A 133 -12.81 -16.21 -8.56
C LEU A 133 -12.75 -17.45 -7.70
N SER A 134 -13.59 -17.49 -6.66
CA SER A 134 -13.61 -18.62 -5.74
C SER A 134 -13.90 -19.91 -6.51
N THR A 135 -14.93 -19.88 -7.34
CA THR A 135 -15.30 -21.05 -8.13
C THR A 135 -14.10 -21.56 -8.91
N ILE A 136 -13.34 -20.64 -9.49
CA ILE A 136 -12.16 -20.99 -10.26
C ILE A 136 -11.09 -21.60 -9.35
N ALA A 137 -10.90 -20.99 -8.18
CA ALA A 137 -9.90 -21.47 -7.24
C ALA A 137 -10.06 -20.78 -5.89
N PRO A 138 -9.62 -21.42 -4.82
CA PRO A 138 -9.70 -20.86 -3.46
C PRO A 138 -9.40 -19.36 -3.43
N THR A 139 -10.44 -18.55 -3.23
CA THR A 139 -10.27 -17.10 -3.18
C THR A 139 -10.50 -16.60 -1.77
N LEU A 140 -9.49 -15.95 -1.21
CA LEU A 140 -9.58 -15.41 0.16
C LEU A 140 -9.52 -13.90 0.13
N ILE A 141 -10.13 -13.27 1.14
CA ILE A 141 -10.14 -11.82 1.23
C ILE A 141 -9.68 -11.37 2.61
N ILE A 142 -8.76 -10.42 2.64
CA ILE A 142 -8.23 -9.91 3.91
C ILE A 142 -8.60 -8.44 4.09
N ASN A 143 -9.19 -8.13 5.24
CA ASN A 143 -9.60 -6.75 5.53
C ASN A 143 -8.60 -6.10 6.47
N TYR A 144 -7.75 -5.23 5.92
CA TYR A 144 -6.73 -4.55 6.72
C TYR A 144 -7.18 -3.12 7.04
N ASP A 145 -8.23 -2.67 6.37
CA ASP A 145 -8.73 -1.32 6.58
C ASP A 145 -9.25 -1.16 8.01
N ASP A 146 -9.81 -2.23 8.56
CA ASP A 146 -10.36 -2.21 9.91
C ASP A 146 -9.36 -2.79 10.90
N LYS A 147 -8.15 -3.05 10.43
CA LYS A 147 -7.11 -3.63 11.29
C LYS A 147 -5.78 -2.91 11.05
N SER A 148 -4.91 -2.96 12.06
CA SER A 148 -3.60 -2.32 11.96
C SER A 148 -2.67 -3.12 11.06
N TRP A 149 -1.56 -2.51 10.66
CA TRP A 149 -0.60 -3.18 9.79
C TRP A 149 -0.07 -4.43 10.47
N GLN A 150 0.35 -4.30 11.72
CA GLN A 150 0.90 -5.43 12.46
C GLN A 150 -0.10 -6.59 12.44
N SER A 151 -1.38 -6.27 12.61
CA SER A 151 -2.42 -7.30 12.58
C SER A 151 -2.48 -7.95 11.21
N LEU A 152 -2.33 -7.14 10.16
CA LEU A 152 -2.38 -7.66 8.80
C LEU A 152 -1.27 -8.68 8.58
N LEU A 153 -0.07 -8.34 9.05
CA LEU A 153 1.06 -9.24 8.90
C LEU A 153 0.80 -10.56 9.63
N THR A 154 0.25 -10.45 10.84
CA THR A 154 -0.05 -11.64 11.62
C THR A 154 -0.94 -12.58 10.82
N GLN A 155 -1.96 -12.02 10.17
CA GLN A 155 -2.87 -12.84 9.36
C GLN A 155 -2.12 -13.49 8.21
N LEU A 156 -1.21 -12.75 7.59
CA LEU A 156 -0.42 -13.29 6.49
C LEU A 156 0.43 -14.46 6.95
N GLY A 157 1.03 -14.31 8.11
CA GLY A 157 1.86 -15.38 8.65
C GLY A 157 1.02 -16.61 8.98
N GLU A 158 -0.15 -16.37 9.55
CA GLU A 158 -1.05 -17.47 9.91
C GLU A 158 -1.63 -18.13 8.67
N ILE A 159 -2.10 -17.31 7.75
CA ILE A 159 -2.69 -17.82 6.51
C ILE A 159 -1.65 -18.55 5.68
N THR A 160 -0.46 -17.97 5.57
CA THR A 160 0.61 -18.57 4.78
C THR A 160 1.50 -19.43 5.66
N GLY A 161 1.28 -19.36 6.96
CA GLY A 161 2.08 -20.14 7.91
C GLY A 161 3.54 -19.69 7.89
N HIS A 162 3.76 -18.42 7.54
CA HIS A 162 5.11 -17.88 7.48
C HIS A 162 5.41 -17.03 8.71
N GLU A 163 5.14 -17.59 9.89
CA GLU A 163 5.39 -16.87 11.14
C GLU A 163 6.89 -16.71 11.37
N LYS A 164 7.65 -17.75 11.06
CA LYS A 164 9.09 -17.72 11.27
C LYS A 164 9.71 -16.58 10.46
N GLN A 165 9.33 -16.48 9.19
CA GLN A 165 9.86 -15.43 8.32
C GLN A 165 9.52 -14.05 8.90
N ALA A 166 8.31 -13.92 9.44
CA ALA A 166 7.89 -12.65 10.02
C ALA A 166 8.77 -12.30 11.21
N ALA A 167 9.10 -13.30 12.02
CA ALA A 167 9.95 -13.08 13.19
C ALA A 167 11.34 -12.60 12.76
N GLU A 168 11.75 -13.01 11.57
CA GLU A 168 13.05 -12.59 11.04
C GLU A 168 13.03 -11.14 10.60
N ARG A 169 12.08 -10.81 9.72
CA ARG A 169 11.96 -9.44 9.22
C ARG A 169 11.58 -8.49 10.35
N ILE A 170 10.65 -8.93 11.20
CA ILE A 170 10.21 -8.09 12.31
C ILE A 170 11.35 -7.80 13.26
N ALA A 171 12.14 -8.82 13.56
CA ALA A 171 13.27 -8.65 14.47
C ALA A 171 14.28 -7.66 13.87
N GLN A 172 14.78 -7.98 12.68
CA GLN A 172 15.77 -7.13 12.03
C GLN A 172 15.21 -5.72 11.86
N PHE A 173 13.90 -5.62 11.64
CA PHE A 173 13.26 -4.33 11.46
C PHE A 173 12.98 -3.69 12.82
N ASP A 174 12.62 -4.50 13.79
CA ASP A 174 12.30 -4.00 15.12
C ASP A 174 13.45 -3.17 15.67
N LYS A 175 14.68 -3.66 15.46
CA LYS A 175 15.85 -2.95 15.93
C LYS A 175 15.97 -1.59 15.26
N GLN A 176 15.71 -1.55 13.95
CA GLN A 176 15.78 -0.31 13.20
C GLN A 176 14.71 0.67 13.67
N LEU A 177 13.54 0.14 13.99
CA LEU A 177 12.44 0.97 14.47
C LEU A 177 12.82 1.64 15.78
N ALA A 178 13.46 0.88 16.67
CA ALA A 178 13.87 1.44 17.96
C ALA A 178 14.86 2.59 17.77
N ALA A 179 15.92 2.32 17.02
CA ALA A 179 16.93 3.34 16.75
C ALA A 179 16.34 4.47 15.91
N ALA A 180 15.55 4.10 14.91
CA ALA A 180 14.93 5.09 14.04
C ALA A 180 13.97 5.97 14.82
N LYS A 181 13.22 5.35 15.73
CA LYS A 181 12.27 6.09 16.55
C LYS A 181 12.98 7.10 17.43
N GLU A 182 14.20 6.77 17.84
CA GLU A 182 14.99 7.67 18.68
C GLU A 182 15.91 8.54 17.84
N GLN A 183 16.22 8.07 16.63
CA GLN A 183 17.11 8.81 15.74
C GLN A 183 16.48 10.14 15.34
N ILE A 184 15.19 10.12 15.06
CA ILE A 184 14.47 11.33 14.66
C ILE A 184 14.19 12.20 15.86
N LYS A 185 14.40 13.51 15.70
CA LYS A 185 14.16 14.45 16.80
C LYS A 185 13.24 15.57 16.34
N LEU A 186 12.00 15.56 16.82
CA LEU A 186 11.05 16.58 16.44
C LEU A 186 9.72 16.38 17.20
N PRO A 187 9.25 17.40 17.89
CA PRO A 187 7.99 17.31 18.65
C PRO A 187 6.87 16.62 17.87
N PRO A 188 5.94 16.02 18.56
CA PRO A 188 4.80 15.30 17.92
C PRO A 188 3.84 16.27 17.22
N GLN A 189 3.32 15.85 16.08
CA GLN A 189 2.39 16.67 15.33
C GLN A 189 1.78 15.87 14.17
N PRO A 190 0.55 16.15 13.83
CA PRO A 190 -0.15 15.48 12.71
C PRO A 190 0.43 15.86 11.35
N VAL A 191 0.26 14.98 10.37
CA VAL A 191 0.78 15.24 9.02
C VAL A 191 -0.24 14.79 7.98
N THR A 192 -0.07 15.28 6.75
CA THR A 192 -0.97 14.92 5.66
C THR A 192 -0.20 14.80 4.35
N ALA A 193 -0.88 14.30 3.32
CA ALA A 193 -0.26 14.15 2.01
C ALA A 193 -1.29 14.31 0.90
N ILE A 194 -0.92 15.03 -0.15
CA ILE A 194 -1.83 15.26 -1.27
C ILE A 194 -1.12 15.04 -2.60
N VAL A 195 -1.85 14.54 -3.59
CA VAL A 195 -1.27 14.33 -4.91
C VAL A 195 -2.20 14.87 -6.00
N TYR A 196 -1.63 15.62 -6.92
CA TYR A 196 -2.41 16.19 -8.02
C TYR A 196 -1.55 16.39 -9.25
N THR A 197 -2.16 16.39 -10.42
CA THR A 197 -1.43 16.59 -11.67
C THR A 197 -1.98 17.79 -12.43
N ALA A 198 -1.11 18.75 -12.72
CA ALA A 198 -1.51 19.96 -13.43
C ALA A 198 -2.06 19.60 -14.82
N ALA A 199 -1.61 18.46 -15.34
CA ALA A 199 -2.06 18.01 -16.65
C ALA A 199 -3.48 17.44 -16.58
N ALA A 200 -3.71 16.56 -15.61
CA ALA A 200 -5.02 15.95 -15.45
C ALA A 200 -6.01 16.95 -14.86
N HIS A 201 -5.49 18.09 -14.41
CA HIS A 201 -6.34 19.13 -13.84
C HIS A 201 -7.29 18.53 -12.81
N SER A 202 -6.76 17.61 -12.00
CA SER A 202 -7.58 16.97 -10.96
C SER A 202 -6.82 16.89 -9.66
N ALA A 203 -7.54 17.03 -8.54
CA ALA A 203 -6.91 16.98 -7.21
C ALA A 203 -7.33 15.72 -6.48
N ASN A 204 -6.39 14.83 -6.24
CA ASN A 204 -6.67 13.58 -5.53
C ASN A 204 -5.86 13.49 -4.25
N LEU A 205 -6.52 13.12 -3.16
CA LEU A 205 -5.85 13.00 -1.88
C LEU A 205 -5.77 11.55 -1.44
N TRP A 206 -4.69 11.20 -0.75
CA TRP A 206 -4.52 9.83 -0.26
C TRP A 206 -4.90 9.75 1.22
N THR A 207 -5.74 8.78 1.54
CA THR A 207 -6.18 8.60 2.92
C THR A 207 -5.34 7.56 3.64
N PRO A 208 -5.25 7.66 4.95
CA PRO A 208 -4.48 6.70 5.78
C PRO A 208 -5.12 5.31 5.79
N GLU A 209 -6.38 5.25 5.41
CA GLU A 209 -7.10 3.98 5.40
C GLU A 209 -6.28 2.91 4.68
N SER A 210 -5.32 3.35 3.88
CA SER A 210 -4.47 2.42 3.15
C SER A 210 -3.44 1.79 4.08
N ALA A 211 -2.82 0.71 3.63
CA ALA A 211 -1.81 0.02 4.43
C ALA A 211 -0.67 0.96 4.79
N GLN A 212 -0.44 1.96 3.94
CA GLN A 212 0.63 2.92 4.18
C GLN A 212 0.35 3.72 5.45
N GLY A 213 -0.90 4.11 5.63
CA GLY A 213 -1.28 4.89 6.81
C GLY A 213 -0.99 4.13 8.09
N GLN A 214 -1.34 2.84 8.11
CA GLN A 214 -1.11 2.02 9.29
C GLN A 214 0.39 1.86 9.54
N MET A 215 1.16 1.72 8.46
CA MET A 215 2.60 1.57 8.58
C MET A 215 3.20 2.81 9.23
N LEU A 216 2.72 3.99 8.83
CA LEU A 216 3.22 5.23 9.41
C LEU A 216 2.91 5.31 10.89
N GLU A 217 1.67 4.99 11.25
CA GLU A 217 1.25 5.02 12.65
C GLU A 217 2.18 4.15 13.49
N GLN A 218 2.69 3.09 12.89
CA GLN A 218 3.61 2.19 13.59
C GLN A 218 4.95 2.87 13.82
N LEU A 219 5.22 3.93 13.05
CA LEU A 219 6.49 4.66 13.18
C LEU A 219 6.38 5.73 14.24
N GLY A 220 5.16 5.97 14.74
CA GLY A 220 4.94 6.98 15.77
C GLY A 220 4.38 8.25 15.18
N PHE A 221 4.15 8.24 13.86
CA PHE A 221 3.60 9.42 13.18
C PHE A 221 2.08 9.38 13.19
N THR A 222 1.47 10.56 13.11
CA THR A 222 0.01 10.66 13.12
C THR A 222 -0.50 11.23 11.81
N LEU A 223 -1.46 10.54 11.20
CA LEU A 223 -2.02 10.98 9.93
C LEU A 223 -3.25 11.84 10.15
N ALA A 224 -3.45 12.82 9.27
CA ALA A 224 -4.60 13.70 9.37
C ALA A 224 -5.89 12.95 9.05
N LYS A 225 -6.99 13.40 9.64
CA LYS A 225 -8.29 12.77 9.40
C LYS A 225 -9.34 13.80 9.07
N LEU A 226 -10.10 13.57 8.00
CA LEU A 226 -11.14 14.49 7.58
C LEU A 226 -12.51 13.84 7.73
N PRO A 227 -13.15 14.06 8.85
CA PRO A 227 -14.51 13.50 9.12
C PRO A 227 -15.51 13.89 8.03
N ALA A 228 -16.36 12.94 7.64
CA ALA A 228 -17.34 13.20 6.60
C ALA A 228 -16.66 13.56 5.28
N GLY A 229 -15.44 14.08 5.37
CA GLY A 229 -14.69 14.46 4.18
C GLY A 229 -14.23 13.23 3.41
N LEU A 230 -13.61 12.30 4.13
CA LEU A 230 -13.10 11.08 3.51
C LEU A 230 -14.22 10.39 2.73
N ASN A 231 -15.42 10.43 3.27
CA ASN A 231 -16.57 9.82 2.61
C ASN A 231 -16.90 10.55 1.31
N ALA A 232 -15.86 11.01 0.60
CA ALA A 232 -16.06 11.72 -0.65
C ALA A 232 -17.27 12.65 -0.57
N SER A 233 -17.05 13.87 -0.12
CA SER A 233 -18.14 14.84 0.00
C SER A 233 -18.43 15.48 -1.35
N GLN A 234 -17.51 15.30 -2.29
CA GLN A 234 -17.69 15.87 -3.64
C GLN A 234 -18.37 14.86 -4.55
N SER A 235 -17.97 13.61 -4.46
CA SER A 235 -18.55 12.56 -5.29
C SER A 235 -20.02 12.33 -4.93
N GLN A 236 -20.40 12.81 -3.75
CA GLN A 236 -21.78 12.66 -3.29
C GLN A 236 -22.17 11.18 -3.28
N GLY A 237 -21.27 10.35 -2.78
CA GLY A 237 -21.53 8.91 -2.72
C GLY A 237 -20.35 8.18 -2.10
N LYS A 238 -20.14 6.93 -2.53
CA LYS A 238 -19.03 6.12 -2.01
C LYS A 238 -18.10 5.71 -3.14
N ARG A 239 -16.81 5.69 -2.85
CA ARG A 239 -15.81 5.31 -3.86
C ARG A 239 -14.59 4.71 -3.20
N HIS A 240 -13.93 3.79 -3.90
CA HIS A 240 -12.73 3.14 -3.36
C HIS A 240 -11.48 3.77 -3.96
N ASP A 241 -10.40 2.97 -4.06
CA ASP A 241 -9.15 3.46 -4.62
C ASP A 241 -8.67 4.69 -3.86
N ILE A 242 -9.05 5.87 -4.35
CA ILE A 242 -8.65 7.12 -3.71
C ILE A 242 -9.86 7.98 -3.42
N ILE A 243 -9.63 9.12 -2.75
CA ILE A 243 -10.71 10.03 -2.41
C ILE A 243 -10.46 11.42 -2.98
N GLN A 244 -11.53 12.07 -3.43
CA GLN A 244 -11.42 13.40 -4.01
C GLN A 244 -11.82 14.46 -2.98
N LEU A 245 -11.56 15.72 -3.30
CA LEU A 245 -11.89 16.83 -2.41
C LEU A 245 -12.25 18.08 -3.20
N GLY A 246 -13.10 18.91 -2.62
CA GLY A 246 -13.52 20.14 -3.27
C GLY A 246 -12.34 21.08 -3.48
N GLY A 247 -11.46 21.14 -2.48
CA GLY A 247 -10.29 22.00 -2.55
C GLY A 247 -10.16 22.85 -1.30
N GLU A 248 -11.04 22.62 -0.33
CA GLU A 248 -11.02 23.37 0.92
C GLU A 248 -9.91 22.85 1.83
N ASN A 249 -9.97 21.57 2.16
CA ASN A 249 -8.96 20.96 3.02
C ASN A 249 -7.59 21.04 2.38
N LEU A 250 -7.55 20.88 1.06
CA LEU A 250 -6.28 20.93 0.34
C LEU A 250 -5.50 22.20 0.68
N ALA A 251 -6.03 23.34 0.27
CA ALA A 251 -5.38 24.62 0.54
C ALA A 251 -5.10 24.76 2.03
N ALA A 252 -6.07 24.37 2.85
CA ALA A 252 -5.92 24.46 4.29
C ALA A 252 -4.98 23.38 4.80
N GLY A 253 -4.20 22.79 3.89
CA GLY A 253 -3.25 21.74 4.25
C GLY A 253 -3.77 20.90 5.41
N LEU A 254 -5.02 20.46 5.29
CA LEU A 254 -5.66 19.67 6.34
C LEU A 254 -5.24 20.18 7.72
N ASN A 255 -4.43 19.39 8.43
CA ASN A 255 -3.99 19.78 9.76
C ASN A 255 -3.21 21.08 9.70
N GLY A 256 -2.30 21.19 8.73
CA GLY A 256 -1.50 22.39 8.57
C GLY A 256 -0.28 22.37 9.49
N GLU A 257 -0.06 21.23 10.13
CA GLU A 257 1.08 21.08 11.03
C GLU A 257 2.24 20.38 10.34
N SER A 258 1.96 19.78 9.19
CA SER A 258 2.99 19.07 8.43
C SER A 258 2.38 18.41 7.20
N LEU A 259 3.13 18.43 6.10
CA LEU A 259 2.67 17.82 4.87
C LEU A 259 3.83 17.25 4.06
N PHE A 260 3.73 15.97 3.72
CA PHE A 260 4.77 15.32 2.90
C PHE A 260 4.37 15.26 1.45
N LEU A 261 5.35 15.42 0.58
CA LEU A 261 5.07 15.42 -0.86
C LEU A 261 5.31 14.04 -1.44
N PHE A 262 4.21 13.35 -1.75
CA PHE A 262 4.30 12.01 -2.33
C PHE A 262 4.07 12.07 -3.84
N ALA A 263 3.59 13.22 -4.32
CA ALA A 263 3.32 13.39 -5.74
C ALA A 263 4.62 13.37 -6.53
N GLY A 264 5.65 14.01 -6.00
CA GLY A 264 6.94 14.07 -6.67
C GLY A 264 7.97 14.81 -5.83
N ASP A 265 9.21 14.81 -6.28
CA ASP A 265 10.28 15.49 -5.55
C ASP A 265 10.17 17.01 -5.72
N GLN A 266 11.15 17.59 -6.40
CA GLN A 266 11.15 19.03 -6.62
C GLN A 266 10.00 19.43 -7.54
N LYS A 267 9.61 18.52 -8.42
CA LYS A 267 8.54 18.81 -9.36
C LYS A 267 7.26 19.18 -8.62
N ASP A 268 6.95 18.41 -7.58
CA ASP A 268 5.75 18.69 -6.78
C ASP A 268 5.86 20.05 -6.11
N ALA A 269 7.04 20.34 -5.54
CA ALA A 269 7.25 21.62 -4.86
C ALA A 269 6.89 22.77 -5.79
N ASP A 270 7.57 22.86 -6.93
CA ASP A 270 7.30 23.92 -7.90
C ASP A 270 5.81 23.99 -8.20
N ALA A 271 5.19 22.83 -8.38
CA ALA A 271 3.76 22.78 -8.68
C ALA A 271 2.97 23.52 -7.59
N ILE A 272 3.35 23.29 -6.34
CA ILE A 272 2.67 23.95 -5.21
C ILE A 272 2.89 25.46 -5.26
N TYR A 273 4.13 25.86 -5.54
CA TYR A 273 4.45 27.27 -5.62
C TYR A 273 3.57 27.97 -6.64
N ALA A 274 3.27 27.29 -7.72
CA ALA A 274 2.42 27.84 -8.77
C ALA A 274 0.96 27.81 -8.34
N ASN A 275 0.72 27.31 -7.12
CA ASN A 275 -0.64 27.21 -6.60
C ASN A 275 -0.81 28.12 -5.38
N PRO A 276 -1.22 29.33 -5.58
CA PRO A 276 -1.44 30.32 -4.48
C PRO A 276 -2.32 29.75 -3.38
N LEU A 277 -3.18 28.82 -3.75
CA LEU A 277 -4.07 28.19 -2.78
C LEU A 277 -3.28 27.43 -1.72
N LEU A 278 -2.25 26.73 -2.17
CA LEU A 278 -1.42 25.95 -1.26
C LEU A 278 -0.20 26.75 -0.82
N ALA A 279 -0.14 28.01 -1.24
CA ALA A 279 0.97 28.88 -0.88
C ALA A 279 0.90 29.26 0.60
N HIS A 280 -0.32 29.43 1.09
CA HIS A 280 -0.52 29.82 2.49
C HIS A 280 -0.37 28.61 3.40
N LEU A 281 -0.01 27.48 2.83
CA LEU A 281 0.16 26.27 3.59
C LEU A 281 1.37 26.38 4.53
N PRO A 282 1.18 26.25 5.81
CA PRO A 282 2.29 26.36 6.80
C PRO A 282 3.51 25.54 6.40
N ALA A 283 3.27 24.37 5.82
CA ALA A 283 4.37 23.50 5.40
C ALA A 283 5.24 24.22 4.38
N VAL A 284 4.62 24.90 3.43
CA VAL A 284 5.34 25.65 2.42
C VAL A 284 6.11 26.80 3.05
N GLN A 285 5.45 27.52 3.96
CA GLN A 285 6.07 28.65 4.62
C GLN A 285 7.24 28.19 5.48
N ASN A 286 7.06 27.07 6.17
CA ASN A 286 8.10 26.53 7.03
C ASN A 286 9.01 25.59 6.25
N LYS A 287 8.57 25.20 5.06
CA LYS A 287 9.35 24.31 4.20
C LYS A 287 9.53 22.95 4.88
N GLN A 288 8.53 22.54 5.65
CA GLN A 288 8.59 21.26 6.35
C GLN A 288 8.00 20.16 5.46
N VAL A 289 8.36 20.18 4.19
CA VAL A 289 7.86 19.18 3.24
C VAL A 289 8.94 18.15 2.92
N TYR A 290 8.55 16.88 2.91
CA TYR A 290 9.48 15.80 2.63
C TYR A 290 9.07 15.07 1.35
N ALA A 291 10.04 14.85 0.47
CA ALA A 291 9.77 14.16 -0.79
C ALA A 291 9.83 12.64 -0.59
N LEU A 292 8.68 12.06 -0.25
CA LEU A 292 8.60 10.62 -0.06
C LEU A 292 8.89 9.87 -1.35
N GLY A 293 8.36 10.39 -2.45
CA GLY A 293 8.55 9.77 -3.76
C GLY A 293 7.60 8.60 -3.93
N THR A 294 7.47 8.13 -5.18
CA THR A 294 6.59 7.01 -5.47
C THR A 294 7.21 5.70 -5.02
N GLU A 295 8.54 5.67 -4.95
CA GLU A 295 9.25 4.47 -4.53
C GLU A 295 8.99 4.19 -3.06
N THR A 296 8.85 5.24 -2.27
CA THR A 296 8.62 5.09 -0.84
C THR A 296 7.19 4.61 -0.57
N PHE A 297 6.60 3.94 -1.56
CA PHE A 297 5.24 3.44 -1.41
C PHE A 297 5.15 2.51 -0.21
N ARG A 298 6.06 1.54 -0.15
CA ARG A 298 6.10 0.60 0.97
C ARG A 298 7.34 0.85 1.81
N LEU A 299 7.26 0.50 3.10
CA LEU A 299 8.40 0.68 3.99
C LEU A 299 8.92 -0.65 4.49
N ASP A 300 10.21 -0.90 4.29
CA ASP A 300 10.83 -2.14 4.74
C ASP A 300 12.28 -1.91 5.14
N TYR A 301 12.86 -2.88 5.82
CA TYR A 301 14.24 -2.77 6.27
C TYR A 301 15.14 -2.34 5.11
N TYR A 302 14.86 -2.86 3.92
CA TYR A 302 15.66 -2.51 2.76
C TYR A 302 15.41 -1.08 2.30
N SER A 303 14.19 -0.81 1.87
CA SER A 303 13.85 0.52 1.39
C SER A 303 14.00 1.55 2.50
N ALA A 304 13.75 1.12 3.74
CA ALA A 304 13.85 2.02 4.88
C ALA A 304 15.21 2.69 4.93
N MET A 305 16.21 2.03 4.35
CA MET A 305 17.56 2.59 4.32
C MET A 305 17.60 3.89 3.54
N GLN A 306 16.89 3.93 2.41
CA GLN A 306 16.86 5.12 1.58
C GLN A 306 15.91 6.16 2.16
N VAL A 307 14.74 5.71 2.59
CA VAL A 307 13.75 6.61 3.17
C VAL A 307 14.27 7.17 4.49
N LEU A 308 14.87 6.32 5.31
CA LEU A 308 15.36 6.75 6.60
C LEU A 308 16.41 7.85 6.43
N ASP A 309 17.35 7.63 5.53
CA ASP A 309 18.38 8.63 5.28
C ASP A 309 17.78 9.86 4.59
N ARG A 310 16.87 9.62 3.66
CA ARG A 310 16.24 10.70 2.92
C ARG A 310 15.48 11.62 3.86
N LEU A 311 14.84 11.02 4.86
CA LEU A 311 14.07 11.80 5.83
C LEU A 311 14.97 12.26 6.97
N LYS A 312 16.27 11.98 6.85
CA LYS A 312 17.22 12.38 7.89
C LYS A 312 18.17 13.45 7.35
N ALA A 313 18.13 13.66 6.04
CA ALA A 313 18.98 14.67 5.41
C ALA A 313 18.65 16.06 5.94
N LEU A 314 17.36 16.31 6.17
CA LEU A 314 16.93 17.61 6.66
C LEU A 314 17.56 17.89 8.01
N PHE A 315 17.48 16.92 8.92
CA PHE A 315 18.05 17.08 10.26
C PHE A 315 19.56 16.90 10.20
N ALA A 24 1.25 -24.71 7.48
CA ALA A 24 1.62 -25.96 8.21
C ALA A 24 2.30 -26.93 7.24
N ASP A 25 2.69 -28.09 7.74
CA ASP A 25 3.36 -29.09 6.91
C ASP A 25 2.34 -30.03 6.29
N TRP A 26 1.07 -29.82 6.63
CA TRP A 26 0.00 -30.66 6.09
C TRP A 26 -1.27 -29.84 5.88
N PRO A 27 -2.29 -30.46 5.37
CA PRO A 27 -3.60 -29.79 5.11
C PRO A 27 -4.22 -29.22 6.39
N ARG A 28 -4.89 -28.08 6.26
CA ARG A 28 -5.53 -27.44 7.40
C ARG A 28 -6.68 -26.56 6.95
N GLN A 29 -7.33 -25.91 7.90
CA GLN A 29 -8.45 -25.02 7.59
C GLN A 29 -8.11 -23.58 7.97
N ILE A 30 -8.46 -22.65 7.08
CA ILE A 30 -8.19 -21.24 7.32
C ILE A 30 -9.48 -20.43 7.23
N THR A 31 -9.55 -19.35 8.02
CA THR A 31 -10.74 -18.50 8.02
C THR A 31 -10.36 -17.08 7.64
N ASP A 32 -11.18 -16.47 6.77
CA ASP A 32 -10.93 -15.09 6.33
C ASP A 32 -11.81 -14.12 7.11
N SER A 33 -12.29 -13.08 6.42
CA SER A 33 -13.14 -12.09 7.05
C SER A 33 -14.45 -12.73 7.50
N ARG A 34 -14.96 -13.65 6.70
CA ARG A 34 -16.21 -14.34 7.04
C ARG A 34 -16.20 -15.76 6.49
N GLY A 35 -16.22 -15.88 5.16
CA GLY A 35 -16.23 -17.19 4.52
C GLY A 35 -15.00 -18.00 4.94
N THR A 36 -15.19 -19.30 5.12
CA THR A 36 -14.10 -20.19 5.52
C THR A 36 -13.74 -21.13 4.40
N HIS A 37 -12.45 -21.24 4.11
CA HIS A 37 -11.97 -22.13 3.03
C HIS A 37 -11.04 -23.18 3.59
N THR A 38 -11.31 -24.44 3.27
CA THR A 38 -10.49 -25.55 3.76
C THR A 38 -9.30 -25.76 2.82
N LEU A 39 -8.10 -25.83 3.41
CA LEU A 39 -6.88 -26.04 2.62
C LEU A 39 -6.52 -27.52 2.58
N GLU A 40 -7.22 -28.27 1.73
CA GLU A 40 -6.98 -29.70 1.60
C GLU A 40 -5.59 -29.95 1.04
N SER A 41 -5.13 -29.04 0.18
CA SER A 41 -3.81 -29.18 -0.42
C SER A 41 -3.58 -28.06 -1.43
N GLN A 42 -2.68 -27.14 -1.08
CA GLN A 42 -2.38 -26.00 -1.96
C GLN A 42 -0.89 -25.98 -2.30
N PRO A 43 -0.50 -26.61 -3.37
CA PRO A 43 0.92 -26.64 -3.82
C PRO A 43 1.48 -25.24 -4.02
N GLN A 44 2.78 -25.08 -3.78
CA GLN A 44 3.43 -23.79 -3.92
C GLN A 44 2.92 -23.05 -5.15
N ARG A 45 1.77 -22.38 -4.99
CA ARG A 45 1.17 -21.63 -6.09
C ARG A 45 0.36 -20.47 -5.56
N ILE A 46 1.05 -19.49 -4.98
CA ILE A 46 0.38 -18.33 -4.42
C ILE A 46 -0.03 -17.37 -5.52
N VAL A 47 -1.29 -16.93 -5.48
CA VAL A 47 -1.82 -16.01 -6.48
C VAL A 47 -2.35 -14.76 -5.82
N SER A 48 -2.23 -13.62 -6.51
CA SER A 48 -2.70 -12.35 -5.96
C SER A 48 -3.45 -11.56 -7.03
N THR A 49 -4.50 -10.85 -6.61
CA THR A 49 -5.29 -10.05 -7.55
C THR A 49 -4.87 -8.58 -7.47
N SER A 50 -5.02 -7.99 -6.29
CA SER A 50 -4.65 -6.59 -6.09
C SER A 50 -3.13 -6.44 -5.95
N VAL A 51 -2.64 -5.26 -6.26
CA VAL A 51 -1.21 -4.99 -6.14
C VAL A 51 -0.81 -4.82 -4.68
N THR A 52 -1.79 -4.49 -3.84
CA THR A 52 -1.51 -4.27 -2.42
C THR A 52 -0.93 -5.53 -1.79
N LEU A 53 -1.63 -6.65 -1.98
CA LEU A 53 -1.15 -7.93 -1.46
C LEU A 53 0.13 -8.35 -2.17
N THR A 54 0.16 -8.17 -3.48
CA THR A 54 1.32 -8.57 -4.28
C THR A 54 2.61 -8.16 -3.57
N GLY A 55 2.71 -6.88 -3.22
CA GLY A 55 3.87 -6.38 -2.52
C GLY A 55 3.92 -6.89 -1.07
N SER A 56 2.75 -6.98 -0.45
CA SER A 56 2.66 -7.45 0.93
C SER A 56 3.15 -8.88 1.03
N LEU A 57 2.73 -9.72 0.10
CA LEU A 57 3.14 -11.12 0.09
C LEU A 57 4.63 -11.24 -0.18
N LEU A 58 5.11 -10.44 -1.12
CA LEU A 58 6.52 -10.47 -1.49
C LEU A 58 7.40 -10.08 -0.32
N ALA A 59 6.96 -9.08 0.43
CA ALA A 59 7.73 -8.59 1.56
C ALA A 59 7.93 -9.69 2.60
N ILE A 60 6.92 -10.53 2.76
CA ILE A 60 7.00 -11.62 3.74
C ILE A 60 7.56 -12.89 3.12
N ASP A 61 8.39 -12.72 2.09
CA ASP A 61 9.01 -13.86 1.42
C ASP A 61 7.94 -14.81 0.90
N ALA A 62 6.98 -14.28 0.15
CA ALA A 62 5.90 -15.09 -0.40
C ALA A 62 5.58 -14.63 -1.82
N PRO A 63 6.41 -14.97 -2.77
CA PRO A 63 6.21 -14.56 -4.19
C PRO A 63 4.95 -15.16 -4.80
N VAL A 64 4.37 -14.46 -5.76
CA VAL A 64 3.16 -14.92 -6.42
C VAL A 64 3.45 -15.24 -7.90
N ILE A 65 2.92 -16.36 -8.35
CA ILE A 65 3.10 -16.77 -9.73
C ILE A 65 2.36 -15.86 -10.69
N ALA A 66 1.12 -15.51 -10.35
CA ALA A 66 0.30 -14.65 -11.19
C ALA A 66 -0.19 -13.44 -10.42
N SER A 67 -0.02 -12.26 -11.00
CA SER A 67 -0.45 -11.03 -10.35
C SER A 67 -0.72 -9.95 -11.38
N GLY A 68 -1.34 -8.85 -10.96
CA GLY A 68 -1.66 -7.75 -11.86
C GLY A 68 -0.76 -6.54 -11.57
N ALA A 69 -1.00 -5.45 -12.30
CA ALA A 69 -0.22 -4.23 -12.10
C ALA A 69 -1.13 -3.02 -12.05
N THR A 70 -0.56 -1.86 -11.73
CA THR A 70 -1.34 -0.62 -11.64
C THR A 70 -0.65 0.49 -12.39
N THR A 71 -0.18 1.50 -11.65
CA THR A 71 0.49 2.64 -12.26
C THR A 71 2.00 2.51 -12.10
N PRO A 72 2.73 3.47 -12.60
CA PRO A 72 4.22 3.49 -12.52
C PRO A 72 4.71 3.52 -11.06
N ASN A 73 4.31 2.54 -10.29
CA ASN A 73 4.69 2.46 -8.89
C ASN A 73 6.18 2.27 -8.77
N ASN A 74 6.79 1.55 -9.73
CA ASN A 74 8.23 1.29 -9.73
C ASN A 74 8.51 -0.06 -9.05
N ARG A 75 7.72 -0.37 -8.02
CA ARG A 75 7.89 -1.63 -7.30
C ARG A 75 7.61 -2.81 -8.24
N VAL A 76 6.60 -2.65 -9.09
CA VAL A 76 6.24 -3.70 -10.05
C VAL A 76 7.24 -3.74 -11.19
N ALA A 77 7.89 -2.61 -11.44
CA ALA A 77 8.87 -2.52 -12.52
C ALA A 77 9.86 -3.69 -12.46
N ASP A 78 10.88 -3.63 -13.29
CA ASP A 78 11.88 -4.69 -13.32
C ASP A 78 12.78 -4.63 -12.08
N ASP A 79 14.00 -5.14 -12.20
CA ASP A 79 14.93 -5.15 -11.09
C ASP A 79 15.07 -3.76 -10.49
N GLN A 80 14.47 -2.77 -11.15
CA GLN A 80 14.52 -1.40 -10.66
C GLN A 80 13.40 -1.14 -9.66
N GLY A 81 13.78 -0.87 -8.42
CA GLY A 81 12.79 -0.60 -7.38
C GLY A 81 12.28 -1.89 -6.75
N PHE A 82 13.15 -2.56 -6.00
CA PHE A 82 12.77 -3.80 -5.33
C PHE A 82 13.44 -3.91 -3.96
N LEU A 83 12.74 -4.54 -3.02
CA LEU A 83 13.28 -4.72 -1.67
C LEU A 83 14.15 -5.97 -1.62
N ARG A 84 13.57 -7.07 -1.14
CA ARG A 84 14.30 -8.33 -1.05
C ARG A 84 14.67 -8.81 -2.43
N GLN A 85 13.72 -8.70 -3.37
CA GLN A 85 13.96 -9.12 -4.77
C GLN A 85 13.54 -10.57 -4.97
N TRP A 86 12.30 -10.89 -4.60
CA TRP A 86 11.80 -12.25 -4.77
C TRP A 86 10.85 -12.32 -5.98
N SER A 87 10.52 -11.16 -6.53
CA SER A 87 9.62 -11.08 -7.68
C SER A 87 10.25 -11.75 -8.89
N LYS A 88 11.57 -11.64 -9.00
CA LYS A 88 12.29 -12.24 -10.11
C LYS A 88 11.89 -13.69 -10.29
N VAL A 89 11.41 -14.30 -9.21
CA VAL A 89 10.98 -15.70 -9.27
C VAL A 89 9.71 -15.83 -10.10
N ALA A 90 8.74 -14.94 -9.85
CA ALA A 90 7.47 -14.99 -10.58
C ALA A 90 7.72 -14.79 -12.06
N LYS A 91 8.50 -13.77 -12.41
CA LYS A 91 8.80 -13.50 -13.80
C LYS A 91 9.56 -14.66 -14.43
N GLU A 92 10.45 -15.26 -13.66
CA GLU A 92 11.23 -16.39 -14.15
C GLU A 92 10.31 -17.47 -14.70
N ARG A 93 9.13 -17.61 -14.10
CA ARG A 93 8.16 -18.61 -14.54
C ARG A 93 7.26 -18.04 -15.60
N LYS A 94 7.50 -16.78 -15.97
CA LYS A 94 6.71 -16.11 -17.02
C LYS A 94 5.42 -15.55 -16.41
N LEU A 95 4.71 -16.40 -15.66
CA LEU A 95 3.45 -15.98 -15.04
C LEU A 95 3.64 -14.66 -14.39
N GLN A 96 2.54 -13.89 -14.24
CA GLN A 96 2.57 -12.53 -13.66
C GLN A 96 2.04 -11.50 -14.64
N ARG A 97 0.75 -11.22 -14.56
CA ARG A 97 0.14 -10.23 -15.44
C ARG A 97 0.50 -8.82 -15.00
N LEU A 98 0.71 -7.93 -15.97
CA LEU A 98 1.08 -6.55 -15.67
C LEU A 98 0.22 -5.59 -16.47
N TYR A 99 -0.98 -6.02 -16.82
CA TYR A 99 -1.89 -5.17 -17.59
C TYR A 99 -3.32 -5.33 -17.08
N ILE A 100 -4.03 -4.21 -16.98
CA ILE A 100 -5.42 -4.24 -16.52
C ILE A 100 -6.28 -3.31 -17.38
N GLY A 101 -7.60 -3.46 -17.28
CA GLY A 101 -8.52 -2.63 -18.04
C GLY A 101 -9.75 -3.44 -18.45
N GLU A 102 -9.58 -4.74 -18.60
CA GLU A 102 -10.69 -5.61 -18.99
C GLU A 102 -10.45 -7.03 -18.48
N PRO A 103 -10.56 -7.22 -17.19
CA PRO A 103 -10.34 -8.55 -16.55
C PRO A 103 -11.32 -9.59 -17.07
N SER A 104 -10.85 -10.83 -17.16
CA SER A 104 -11.70 -11.93 -17.64
C SER A 104 -11.55 -13.15 -16.74
N ALA A 105 -12.68 -13.79 -16.42
CA ALA A 105 -12.67 -14.97 -15.57
C ALA A 105 -12.00 -16.14 -16.30
N GLU A 106 -12.27 -16.24 -17.60
CA GLU A 106 -11.71 -17.33 -18.39
C GLU A 106 -10.19 -17.22 -18.45
N ALA A 107 -9.70 -16.00 -18.63
CA ALA A 107 -8.26 -15.78 -18.71
C ALA A 107 -7.58 -16.19 -17.40
N VAL A 108 -8.22 -15.85 -16.28
CA VAL A 108 -7.68 -16.19 -14.97
C VAL A 108 -7.64 -17.70 -14.80
N ALA A 109 -8.70 -18.38 -15.22
CA ALA A 109 -8.78 -19.82 -15.11
C ALA A 109 -7.68 -20.48 -15.94
N ALA A 110 -7.36 -19.86 -17.08
CA ALA A 110 -6.32 -20.39 -17.95
C ALA A 110 -4.97 -20.41 -17.24
N GLN A 111 -4.88 -19.64 -16.16
CA GLN A 111 -3.64 -19.57 -15.39
C GLN A 111 -3.60 -20.69 -14.35
N MET A 112 -4.70 -21.42 -14.22
CA MET A 112 -4.78 -22.51 -13.25
C MET A 112 -4.27 -22.06 -11.89
N PRO A 113 -4.84 -21.01 -11.36
CA PRO A 113 -4.45 -20.47 -10.02
C PRO A 113 -4.86 -21.39 -8.89
N ASP A 114 -4.09 -21.38 -7.81
CA ASP A 114 -4.39 -22.22 -6.65
C ASP A 114 -5.04 -21.40 -5.55
N LEU A 115 -4.25 -20.56 -4.88
CA LEU A 115 -4.76 -19.71 -3.81
C LEU A 115 -4.74 -18.26 -4.24
N ILE A 116 -5.92 -17.67 -4.39
CA ILE A 116 -6.04 -16.27 -4.80
C ILE A 116 -6.35 -15.38 -3.61
N LEU A 117 -5.53 -14.35 -3.41
CA LEU A 117 -5.73 -13.43 -2.29
C LEU A 117 -6.19 -12.07 -2.79
N ILE A 118 -7.21 -11.53 -2.14
CA ILE A 118 -7.77 -10.23 -2.52
C ILE A 118 -7.67 -9.24 -1.37
N SER A 119 -7.34 -8.00 -1.69
CA SER A 119 -7.22 -6.96 -0.67
C SER A 119 -8.58 -6.36 -0.36
N ALA A 120 -8.64 -5.57 0.71
CA ALA A 120 -9.90 -4.93 1.10
C ALA A 120 -10.42 -4.02 -0.01
N THR A 121 -9.50 -3.35 -0.68
CA THR A 121 -9.86 -2.45 -1.78
C THR A 121 -8.88 -2.57 -2.93
N GLY A 122 -9.31 -2.15 -4.12
CA GLY A 122 -8.46 -2.23 -5.30
C GLY A 122 -8.90 -1.21 -6.35
N GLY A 123 -8.16 -1.15 -7.46
CA GLY A 123 -8.48 -0.21 -8.52
C GLY A 123 -9.84 -0.51 -9.11
N ASP A 124 -10.20 -1.78 -9.15
CA ASP A 124 -11.51 -2.19 -9.71
C ASP A 124 -12.28 -3.02 -8.68
N SER A 125 -13.61 -2.96 -8.78
CA SER A 125 -14.46 -3.70 -7.86
C SER A 125 -14.23 -5.20 -8.01
N ALA A 126 -14.23 -5.91 -6.89
CA ALA A 126 -14.03 -7.37 -6.91
C ALA A 126 -15.22 -8.09 -6.30
N LEU A 127 -16.30 -7.35 -6.08
CA LEU A 127 -17.50 -7.93 -5.49
C LEU A 127 -18.05 -9.03 -6.39
N ALA A 128 -17.99 -8.80 -7.70
CA ALA A 128 -18.49 -9.78 -8.66
C ALA A 128 -17.42 -10.84 -8.95
N LEU A 129 -16.17 -10.41 -8.98
CA LEU A 129 -15.06 -11.31 -9.23
C LEU A 129 -14.84 -12.22 -8.05
N TYR A 130 -15.05 -11.70 -6.85
CA TYR A 130 -14.84 -12.48 -5.64
C TYR A 130 -15.39 -13.89 -5.78
N ASP A 131 -16.70 -13.99 -5.97
CA ASP A 131 -17.35 -15.30 -6.10
C ASP A 131 -16.89 -16.01 -7.38
N GLN A 132 -16.80 -15.25 -8.47
CA GLN A 132 -16.39 -15.83 -9.74
C GLN A 132 -14.95 -16.36 -9.64
N LEU A 133 -14.14 -15.70 -8.81
CA LEU A 133 -12.77 -16.14 -8.61
C LEU A 133 -12.71 -17.39 -7.74
N SER A 134 -13.56 -17.42 -6.71
CA SER A 134 -13.58 -18.56 -5.80
C SER A 134 -13.87 -19.84 -6.57
N THR A 135 -14.91 -19.80 -7.40
CA THR A 135 -15.28 -20.97 -8.19
C THR A 135 -14.07 -21.47 -8.97
N ILE A 136 -13.31 -20.55 -9.54
CA ILE A 136 -12.12 -20.92 -10.30
C ILE A 136 -11.06 -21.54 -9.39
N ALA A 137 -10.88 -20.94 -8.21
CA ALA A 137 -9.88 -21.43 -7.27
C ALA A 137 -10.05 -20.73 -5.92
N PRO A 138 -9.63 -21.38 -4.85
CA PRO A 138 -9.71 -20.82 -3.49
C PRO A 138 -9.40 -19.33 -3.45
N THR A 139 -10.42 -18.51 -3.27
CA THR A 139 -10.24 -17.06 -3.21
C THR A 139 -10.48 -16.56 -1.80
N LEU A 140 -9.48 -15.91 -1.23
CA LEU A 140 -9.57 -15.38 0.14
C LEU A 140 -9.51 -13.86 0.11
N ILE A 141 -10.12 -13.25 1.12
CA ILE A 141 -10.14 -11.78 1.22
C ILE A 141 -9.68 -11.34 2.60
N ILE A 142 -8.75 -10.39 2.63
CA ILE A 142 -8.23 -9.89 3.90
C ILE A 142 -8.60 -8.42 4.08
N ASN A 143 -9.19 -8.11 5.23
CA ASN A 143 -9.59 -6.74 5.53
C ASN A 143 -8.58 -6.08 6.47
N TYR A 144 -7.74 -5.22 5.92
CA TYR A 144 -6.73 -4.53 6.72
C TYR A 144 -7.16 -3.10 7.04
N ASP A 145 -8.21 -2.65 6.37
CA ASP A 145 -8.71 -1.31 6.58
C ASP A 145 -9.23 -1.14 8.01
N ASP A 146 -9.79 -2.21 8.55
CA ASP A 146 -10.34 -2.17 9.91
C ASP A 146 -9.34 -2.75 10.89
N LYS A 147 -8.13 -3.02 10.43
CA LYS A 147 -7.09 -3.60 11.28
C LYS A 147 -5.76 -2.89 11.04
N SER A 148 -4.89 -2.94 12.05
CA SER A 148 -3.58 -2.29 11.95
C SER A 148 -2.65 -3.11 11.06
N TRP A 149 -1.54 -2.50 10.65
CA TRP A 149 -0.59 -3.17 9.78
C TRP A 149 -0.04 -4.42 10.47
N GLN A 150 0.38 -4.28 11.71
CA GLN A 150 0.92 -5.41 12.46
C GLN A 150 -0.07 -6.58 12.44
N SER A 151 -1.36 -6.25 12.62
CA SER A 151 -2.40 -7.26 12.60
C SER A 151 -2.46 -7.93 11.23
N LEU A 152 -2.33 -7.13 10.18
CA LEU A 152 -2.37 -7.65 8.82
C LEU A 152 -1.26 -8.67 8.61
N LEU A 153 -0.07 -8.34 9.07
CA LEU A 153 1.06 -9.24 8.92
C LEU A 153 0.79 -10.55 9.65
N THR A 154 0.25 -10.44 10.86
CA THR A 154 -0.06 -11.63 11.65
C THR A 154 -0.94 -12.56 10.85
N GLN A 155 -1.97 -12.01 10.20
CA GLN A 155 -2.88 -12.81 9.40
C GLN A 155 -2.14 -13.48 8.25
N LEU A 156 -1.22 -12.73 7.64
CA LEU A 156 -0.44 -13.28 6.53
C LEU A 156 0.41 -14.46 6.98
N GLY A 157 1.01 -14.32 8.14
CA GLY A 157 1.84 -15.38 8.69
C GLY A 157 0.99 -16.60 9.01
N GLU A 158 -0.19 -16.36 9.58
CA GLU A 158 -1.09 -17.45 9.94
C GLU A 158 -1.67 -18.12 8.68
N ILE A 159 -2.13 -17.28 7.75
CA ILE A 159 -2.71 -17.80 6.51
C ILE A 159 -1.67 -18.55 5.69
N THR A 160 -0.47 -17.96 5.59
CA THR A 160 0.60 -18.57 4.81
C THR A 160 1.48 -19.43 5.70
N GLY A 161 1.26 -19.35 7.02
CA GLY A 161 2.04 -20.15 7.96
C GLY A 161 3.49 -19.70 7.96
N HIS A 162 3.72 -18.44 7.60
CA HIS A 162 5.09 -17.90 7.54
C HIS A 162 5.37 -17.05 8.78
N GLU A 163 5.10 -17.60 9.95
CA GLU A 163 5.33 -16.89 11.19
C GLU A 163 6.83 -16.73 11.45
N LYS A 164 7.59 -17.77 11.14
CA LYS A 164 9.03 -17.74 11.35
C LYS A 164 9.66 -16.61 10.55
N GLN A 165 9.28 -16.50 9.29
CA GLN A 165 9.82 -15.45 8.43
C GLN A 165 9.49 -14.08 9.00
N ALA A 166 8.27 -13.94 9.52
CA ALA A 166 7.85 -12.67 10.10
C ALA A 166 8.73 -12.32 11.31
N ALA A 167 9.04 -13.31 12.12
CA ALA A 167 9.88 -13.10 13.30
C ALA A 167 11.28 -12.63 12.87
N GLU A 168 11.69 -13.04 11.68
CA GLU A 168 13.00 -12.65 11.17
C GLU A 168 13.00 -11.19 10.72
N ARG A 169 12.06 -10.86 9.84
CA ARG A 169 11.95 -9.50 9.33
C ARG A 169 11.57 -8.53 10.45
N ILE A 170 10.63 -8.96 11.29
CA ILE A 170 10.18 -8.11 12.39
C ILE A 170 11.33 -7.83 13.35
N ALA A 171 12.10 -8.86 13.67
CA ALA A 171 13.23 -8.69 14.58
C ALA A 171 14.24 -7.73 14.01
N GLN A 172 14.77 -8.06 12.83
CA GLN A 172 15.77 -7.23 12.17
C GLN A 172 15.24 -5.81 11.99
N PHE A 173 13.94 -5.71 11.74
CA PHE A 173 13.31 -4.41 11.54
C PHE A 173 13.02 -3.74 12.88
N ASP A 174 12.64 -4.55 13.87
CA ASP A 174 12.31 -4.03 15.19
C ASP A 174 13.46 -3.20 15.73
N LYS A 175 14.68 -3.69 15.54
CA LYS A 175 15.85 -2.97 16.02
C LYS A 175 15.97 -1.62 15.33
N GLN A 176 15.72 -1.60 14.02
CA GLN A 176 15.79 -0.37 13.25
C GLN A 176 14.73 0.62 13.71
N LEU A 177 13.55 0.10 14.03
CA LEU A 177 12.45 0.94 14.50
C LEU A 177 12.82 1.62 15.81
N ALA A 178 13.47 0.87 16.70
CA ALA A 178 13.87 1.44 17.99
C ALA A 178 14.86 2.59 17.79
N ALA A 179 15.93 2.31 17.04
CA ALA A 179 16.93 3.33 16.76
C ALA A 179 16.35 4.45 15.92
N ALA A 180 15.55 4.08 14.92
CA ALA A 180 14.93 5.07 14.04
C ALA A 180 13.96 5.95 14.82
N LYS A 181 13.23 5.33 15.74
CA LYS A 181 12.26 6.07 16.55
C LYS A 181 12.98 7.09 17.42
N GLU A 182 14.19 6.76 17.84
CA GLU A 182 14.98 7.67 18.68
C GLU A 182 15.90 8.54 17.82
N GLN A 183 16.20 8.07 16.62
CA GLN A 183 17.08 8.81 15.72
C GLN A 183 16.44 10.14 15.32
N ILE A 184 15.14 10.11 15.05
CA ILE A 184 14.43 11.32 14.65
C ILE A 184 14.15 12.21 15.85
N LYS A 185 14.38 13.50 15.70
CA LYS A 185 14.15 14.45 16.79
C LYS A 185 13.25 15.58 16.32
N LEU A 186 12.01 15.57 16.80
CA LEU A 186 11.05 16.60 16.43
C LEU A 186 9.73 16.41 17.19
N PRO A 187 9.26 17.42 17.87
CA PRO A 187 8.00 17.36 18.63
C PRO A 187 6.88 16.67 17.86
N PRO A 188 5.94 16.06 18.55
CA PRO A 188 4.80 15.36 17.92
C PRO A 188 3.85 16.31 17.22
N GLN A 189 3.32 15.88 16.07
CA GLN A 189 2.39 16.70 15.33
C GLN A 189 1.78 15.90 14.17
N PRO A 190 0.54 16.17 13.83
CA PRO A 190 -0.15 15.50 12.71
C PRO A 190 0.42 15.89 11.35
N VAL A 191 0.26 15.01 10.37
CA VAL A 191 0.76 15.27 9.02
C VAL A 191 -0.26 14.82 7.98
N THR A 192 -0.09 15.31 6.75
CA THR A 192 -0.98 14.95 5.66
C THR A 192 -0.22 14.82 4.35
N ALA A 193 -0.89 14.32 3.32
CA ALA A 193 -0.27 14.17 2.01
C ALA A 193 -1.31 14.32 0.91
N ILE A 194 -0.94 15.04 -0.15
CA ILE A 194 -1.86 15.25 -1.28
C ILE A 194 -1.14 15.03 -2.60
N VAL A 195 -1.87 14.53 -3.59
CA VAL A 195 -1.30 14.31 -4.91
C VAL A 195 -2.23 14.85 -6.00
N TYR A 196 -1.65 15.60 -6.92
CA TYR A 196 -2.43 16.16 -8.03
C TYR A 196 -1.56 16.36 -9.25
N THR A 197 -2.18 16.37 -10.43
CA THR A 197 -1.45 16.57 -11.68
C THR A 197 -2.00 17.77 -12.43
N ALA A 198 -1.13 18.73 -12.71
CA ALA A 198 -1.53 19.93 -13.43
C ALA A 198 -2.08 19.57 -14.80
N ALA A 199 -1.65 18.44 -15.34
CA ALA A 199 -2.11 17.99 -16.64
C ALA A 199 -3.53 17.43 -16.56
N ALA A 200 -3.75 16.56 -15.58
CA ALA A 200 -5.06 15.94 -15.40
C ALA A 200 -6.05 16.95 -14.83
N HIS A 201 -5.53 18.09 -14.39
CA HIS A 201 -6.37 19.13 -13.81
C HIS A 201 -7.32 18.53 -12.79
N SER A 202 -6.80 17.62 -11.96
CA SER A 202 -7.62 16.98 -10.94
C SER A 202 -6.86 16.91 -9.63
N ALA A 203 -7.58 17.04 -8.52
CA ALA A 203 -6.95 16.98 -7.19
C ALA A 203 -7.37 15.72 -6.46
N ASN A 204 -6.42 14.83 -6.22
CA ASN A 204 -6.71 13.58 -5.52
C ASN A 204 -5.89 13.50 -4.24
N LEU A 205 -6.55 13.12 -3.14
CA LEU A 205 -5.87 13.00 -1.86
C LEU A 205 -5.79 11.55 -1.43
N TRP A 206 -4.71 11.20 -0.73
CA TRP A 206 -4.53 9.83 -0.25
C TRP A 206 -4.91 9.75 1.22
N THR A 207 -5.76 8.79 1.56
CA THR A 207 -6.19 8.60 2.94
C THR A 207 -5.35 7.56 3.65
N PRO A 208 -5.25 7.66 4.96
CA PRO A 208 -4.48 6.70 5.79
C PRO A 208 -5.13 5.32 5.80
N GLU A 209 -6.40 5.25 5.43
CA GLU A 209 -7.11 3.98 5.42
C GLU A 209 -6.31 2.92 4.70
N SER A 210 -5.34 3.36 3.91
CA SER A 210 -4.49 2.43 3.16
C SER A 210 -3.46 1.79 4.10
N ALA A 211 -2.83 0.72 3.63
CA ALA A 211 -1.83 0.03 4.43
C ALA A 211 -0.69 0.97 4.78
N GLN A 212 -0.46 1.97 3.93
CA GLN A 212 0.60 2.94 4.16
C GLN A 212 0.33 3.73 5.43
N GLY A 213 -0.93 4.11 5.63
CA GLY A 213 -1.29 4.89 6.80
C GLY A 213 -0.99 4.12 8.08
N GLN A 214 -1.34 2.84 8.11
CA GLN A 214 -1.10 2.01 9.28
C GLN A 214 0.40 1.87 9.52
N MET A 215 1.16 1.74 8.44
CA MET A 215 2.61 1.59 8.55
C MET A 215 3.22 2.83 9.20
N LEU A 216 2.73 4.01 8.80
CA LEU A 216 3.23 5.25 9.37
C LEU A 216 2.92 5.31 10.86
N GLU A 217 1.68 4.99 11.22
CA GLU A 217 1.27 5.02 12.63
C GLU A 217 2.20 4.15 13.46
N GLN A 218 2.72 3.10 12.85
CA GLN A 218 3.64 2.19 13.54
C GLN A 218 4.99 2.88 13.77
N LEU A 219 5.24 3.93 13.01
CA LEU A 219 6.50 4.66 13.13
C LEU A 219 6.40 5.74 14.20
N GLY A 220 5.19 5.97 14.69
CA GLY A 220 4.97 6.98 15.73
C GLY A 220 4.40 8.26 15.13
N PHE A 221 4.17 8.24 13.83
CA PHE A 221 3.61 9.41 13.14
C PHE A 221 2.10 9.38 13.17
N THR A 222 1.48 10.57 13.09
CA THR A 222 0.02 10.67 13.11
C THR A 222 -0.49 11.24 11.79
N LEU A 223 -1.46 10.55 11.19
CA LEU A 223 -2.03 10.99 9.92
C LEU A 223 -3.26 11.85 10.15
N ALA A 224 -3.46 12.83 9.27
CA ALA A 224 -4.60 13.71 9.38
C ALA A 224 -5.88 12.96 9.07
N LYS A 225 -7.00 13.41 9.66
CA LYS A 225 -8.29 12.77 9.43
C LYS A 225 -9.34 13.80 9.10
N LEU A 226 -10.10 13.56 8.03
CA LEU A 226 -11.15 14.49 7.61
C LEU A 226 -12.52 13.84 7.78
N PRO A 227 -13.16 14.07 8.90
CA PRO A 227 -14.52 13.51 9.17
C PRO A 227 -15.52 13.90 8.08
N ALA A 228 -16.36 12.95 7.70
CA ALA A 228 -17.35 13.19 6.66
C ALA A 228 -16.67 13.55 5.33
N GLY A 229 -15.45 14.08 5.42
CA GLY A 229 -14.70 14.46 4.23
C GLY A 229 -14.23 13.23 3.46
N LEU A 230 -13.63 12.29 4.18
CA LEU A 230 -13.12 11.07 3.55
C LEU A 230 -14.24 10.39 2.77
N ASN A 231 -15.45 10.44 3.31
CA ASN A 231 -16.60 9.83 2.66
C ASN A 231 -16.93 10.55 1.35
N ALA A 232 -15.89 11.01 0.65
CA ALA A 232 -16.07 11.72 -0.61
C ALA A 232 -17.27 12.66 -0.53
N SER A 233 -17.02 13.87 -0.06
CA SER A 233 -18.10 14.87 0.07
C SER A 233 -18.38 15.51 -1.28
N GLN A 234 -17.47 15.33 -2.23
CA GLN A 234 -17.64 15.89 -3.56
C GLN A 234 -18.32 14.89 -4.49
N SER A 235 -17.92 13.62 -4.38
CA SER A 235 -18.50 12.58 -5.22
C SER A 235 -19.96 12.36 -4.87
N GLN A 236 -20.36 12.85 -3.69
CA GLN A 236 -21.75 12.70 -3.26
C GLN A 236 -22.15 11.23 -3.25
N GLY A 237 -21.25 10.37 -2.75
CA GLY A 237 -21.54 8.94 -2.70
C GLY A 237 -20.36 8.20 -2.08
N LYS A 238 -20.14 6.96 -2.53
CA LYS A 238 -19.04 6.14 -2.01
C LYS A 238 -18.11 5.73 -3.14
N ARG A 239 -16.82 5.69 -2.85
CA ARG A 239 -15.83 5.31 -3.85
C ARG A 239 -14.60 4.70 -3.18
N HIS A 240 -13.94 3.79 -3.88
CA HIS A 240 -12.74 3.13 -3.35
C HIS A 240 -11.49 3.76 -3.95
N ASP A 241 -10.43 2.97 -4.04
CA ASP A 241 -9.17 3.44 -4.59
C ASP A 241 -8.68 4.67 -3.84
N ILE A 242 -9.07 5.85 -4.32
CA ILE A 242 -8.67 7.10 -3.69
C ILE A 242 -9.89 7.97 -3.40
N ILE A 243 -9.65 9.09 -2.73
CA ILE A 243 -10.74 10.01 -2.37
C ILE A 243 -10.49 11.40 -2.96
N GLN A 244 -11.57 12.04 -3.40
CA GLN A 244 -11.46 13.38 -3.98
C GLN A 244 -11.86 14.43 -2.96
N LEU A 245 -11.60 15.70 -3.29
CA LEU A 245 -11.93 16.81 -2.39
C LEU A 245 -12.29 18.05 -3.17
N GLY A 246 -13.15 18.89 -2.59
CA GLY A 246 -13.57 20.12 -3.26
C GLY A 246 -12.38 21.06 -3.46
N GLY A 247 -11.50 21.12 -2.46
CA GLY A 247 -10.32 21.98 -2.55
C GLY A 247 -10.19 22.83 -1.28
N GLU A 248 -11.07 22.60 -0.32
CA GLU A 248 -11.05 23.35 0.92
C GLU A 248 -9.93 22.84 1.84
N ASN A 249 -9.99 21.55 2.17
CA ASN A 249 -8.99 20.95 3.03
C ASN A 249 -7.61 21.03 2.38
N LEU A 250 -7.58 20.85 1.07
CA LEU A 250 -6.31 20.90 0.34
C LEU A 250 -5.54 22.17 0.68
N ALA A 251 -6.07 23.31 0.25
CA ALA A 251 -5.40 24.59 0.51
C ALA A 251 -5.13 24.73 2.00
N ALA A 252 -6.09 24.36 2.83
CA ALA A 252 -5.94 24.45 4.27
C ALA A 252 -5.00 23.37 4.78
N GLY A 253 -4.21 22.79 3.88
CA GLY A 253 -3.27 21.73 4.24
C GLY A 253 -3.78 20.89 5.40
N LEU A 254 -5.04 20.46 5.29
CA LEU A 254 -5.67 19.67 6.34
C LEU A 254 -5.26 20.19 7.72
N ASN A 255 -4.45 19.40 8.43
CA ASN A 255 -4.00 19.80 9.76
C ASN A 255 -3.22 21.09 9.69
N GLY A 256 -2.32 21.20 8.73
CA GLY A 256 -1.52 22.41 8.56
C GLY A 256 -0.30 22.38 9.47
N GLU A 257 -0.07 21.24 10.12
CA GLU A 257 1.08 21.10 11.02
C GLU A 257 2.24 20.40 10.32
N SER A 258 1.95 19.79 9.17
CA SER A 258 2.97 19.09 8.41
C SER A 258 2.37 18.44 7.18
N LEU A 259 3.12 18.44 6.08
CA LEU A 259 2.65 17.84 4.85
C LEU A 259 3.81 17.27 4.04
N PHE A 260 3.71 15.98 3.70
CA PHE A 260 4.75 15.33 2.89
C PHE A 260 4.34 15.28 1.44
N LEU A 261 5.32 15.45 0.55
CA LEU A 261 5.03 15.43 -0.88
C LEU A 261 5.26 14.05 -1.46
N PHE A 262 4.15 13.36 -1.77
CA PHE A 262 4.23 12.02 -2.34
C PHE A 262 3.99 12.08 -3.85
N ALA A 263 3.53 13.23 -4.32
CA ALA A 263 3.27 13.40 -5.75
C ALA A 263 4.57 13.37 -6.55
N GLY A 264 5.61 13.99 -6.01
CA GLY A 264 6.89 14.04 -6.68
C GLY A 264 7.93 14.80 -5.84
N ASP A 265 9.17 14.79 -6.31
CA ASP A 265 10.23 15.48 -5.58
C ASP A 265 10.12 16.99 -5.76
N GLN A 266 11.08 17.58 -6.44
CA GLN A 266 11.09 19.01 -6.68
C GLN A 266 9.94 19.41 -7.60
N LYS A 267 9.54 18.49 -8.46
CA LYS A 267 8.47 18.77 -9.42
C LYS A 267 7.20 19.15 -8.67
N ASP A 268 6.88 18.39 -7.61
CA ASP A 268 5.69 18.69 -6.82
C ASP A 268 5.81 20.05 -6.16
N ALA A 269 6.99 20.33 -5.59
CA ALA A 269 7.22 21.60 -4.92
C ALA A 269 6.85 22.76 -5.84
N ASP A 270 7.52 22.84 -6.98
CA ASP A 270 7.25 23.91 -7.95
C ASP A 270 5.76 23.98 -8.25
N ALA A 271 5.14 22.82 -8.42
CA ALA A 271 3.71 22.77 -8.71
C ALA A 271 2.92 23.51 -7.62
N ILE A 272 3.30 23.28 -6.37
CA ILE A 272 2.62 23.94 -5.25
C ILE A 272 2.85 25.45 -5.31
N TYR A 273 4.08 25.84 -5.59
CA TYR A 273 4.42 27.26 -5.66
C TYR A 273 3.52 27.96 -6.67
N ALA A 274 3.23 27.27 -7.77
CA ALA A 274 2.37 27.83 -8.81
C ALA A 274 0.91 27.79 -8.37
N ASN A 275 0.67 27.28 -7.16
CA ASN A 275 -0.68 27.18 -6.62
C ASN A 275 -0.84 28.10 -5.41
N PRO A 276 -1.27 29.32 -5.62
CA PRO A 276 -1.48 30.30 -4.51
C PRO A 276 -2.35 29.73 -3.40
N LEU A 277 -3.22 28.80 -3.77
CA LEU A 277 -4.11 28.18 -2.80
C LEU A 277 -3.32 27.43 -1.75
N LEU A 278 -2.29 26.72 -2.20
CA LEU A 278 -1.46 25.94 -1.28
C LEU A 278 -0.23 26.73 -0.86
N ALA A 279 -0.18 27.99 -1.27
CA ALA A 279 0.94 28.86 -0.91
C ALA A 279 0.87 29.25 0.56
N HIS A 280 -0.35 29.42 1.07
CA HIS A 280 -0.55 29.81 2.45
C HIS A 280 -0.40 28.61 3.38
N LEU A 281 -0.04 27.47 2.79
CA LEU A 281 0.13 26.27 3.57
C LEU A 281 1.36 26.39 4.50
N PRO A 282 1.17 26.26 5.78
CA PRO A 282 2.28 26.37 6.76
C PRO A 282 3.50 25.54 6.36
N ALA A 283 3.26 24.37 5.80
CA ALA A 283 4.35 23.50 5.37
C ALA A 283 5.23 24.22 4.36
N VAL A 284 4.60 24.91 3.40
CA VAL A 284 5.34 25.64 2.39
C VAL A 284 6.11 26.80 3.02
N GLN A 285 5.44 27.51 3.93
CA GLN A 285 6.07 28.65 4.59
C GLN A 285 7.24 28.19 5.45
N ASN A 286 7.05 27.06 6.13
CA ASN A 286 8.10 26.52 7.00
C ASN A 286 9.00 25.58 6.22
N LYS A 287 8.56 25.20 5.02
CA LYS A 287 9.34 24.30 4.17
C LYS A 287 9.51 22.94 4.84
N GLN A 288 8.53 22.54 5.63
CA GLN A 288 8.59 21.25 6.32
C GLN A 288 7.99 20.16 5.43
N VAL A 289 8.34 20.17 4.16
CA VAL A 289 7.85 19.18 3.21
C VAL A 289 8.91 18.15 2.89
N TYR A 290 8.52 16.88 2.88
CA TYR A 290 9.46 15.79 2.59
C TYR A 290 9.04 15.07 1.32
N ALA A 291 10.00 14.86 0.43
CA ALA A 291 9.74 14.17 -0.84
C ALA A 291 9.78 12.66 -0.65
N LEU A 292 8.64 12.08 -0.28
CA LEU A 292 8.56 10.64 -0.09
C LEU A 292 8.81 9.90 -1.40
N GLY A 293 8.26 10.42 -2.48
CA GLY A 293 8.43 9.80 -3.80
C GLY A 293 7.49 8.61 -3.95
N THR A 294 7.36 8.12 -5.18
CA THR A 294 6.49 6.98 -5.45
C THR A 294 7.14 5.68 -4.98
N GLU A 295 8.47 5.68 -4.90
CA GLU A 295 9.20 4.50 -4.47
C GLU A 295 8.93 4.22 -2.99
N THR A 296 8.78 5.29 -2.22
CA THR A 296 8.55 5.17 -0.78
C THR A 296 7.13 4.68 -0.52
N PHE A 297 6.54 3.99 -1.50
CA PHE A 297 5.18 3.49 -1.34
C PHE A 297 5.11 2.57 -0.13
N ARG A 298 6.01 1.59 -0.07
CA ARG A 298 6.05 0.65 1.05
C ARG A 298 7.30 0.88 1.87
N LEU A 299 7.25 0.51 3.15
CA LEU A 299 8.39 0.67 4.02
C LEU A 299 8.90 -0.68 4.50
N ASP A 300 10.20 -0.94 4.29
CA ASP A 300 10.81 -2.20 4.72
C ASP A 300 12.25 -1.97 5.12
N TYR A 301 12.82 -2.96 5.81
CA TYR A 301 14.21 -2.87 6.25
C TYR A 301 15.11 -2.44 5.11
N TYR A 302 14.84 -2.94 3.92
CA TYR A 302 15.64 -2.61 2.75
C TYR A 302 15.38 -1.18 2.29
N SER A 303 14.16 -0.91 1.85
CA SER A 303 13.80 0.41 1.37
C SER A 303 13.97 1.46 2.47
N ALA A 304 13.75 1.03 3.71
CA ALA A 304 13.87 1.95 4.84
C ALA A 304 15.23 2.62 4.85
N MET A 305 16.22 1.97 4.25
CA MET A 305 17.56 2.53 4.20
C MET A 305 17.58 3.84 3.41
N GLN A 306 16.84 3.87 2.31
CA GLN A 306 16.78 5.07 1.47
C GLN A 306 15.84 6.10 2.08
N VAL A 307 14.68 5.65 2.54
CA VAL A 307 13.70 6.54 3.14
C VAL A 307 14.23 7.10 4.46
N LEU A 308 14.86 6.24 5.25
CA LEU A 308 15.38 6.66 6.54
C LEU A 308 16.41 7.76 6.36
N ASP A 309 17.34 7.55 5.44
CA ASP A 309 18.38 8.55 5.18
C ASP A 309 17.77 9.79 4.51
N ARG A 310 16.84 9.55 3.59
CA ARG A 310 16.20 10.64 2.86
C ARG A 310 15.46 11.55 3.82
N LEU A 311 14.83 10.96 4.83
CA LEU A 311 14.08 11.73 5.81
C LEU A 311 14.99 12.19 6.94
N LYS A 312 16.28 11.90 6.80
CA LYS A 312 17.25 12.30 7.83
C LYS A 312 18.20 13.36 7.28
N ALA A 313 18.15 13.57 5.97
CA ALA A 313 19.01 14.58 5.34
C ALA A 313 18.67 15.97 5.86
N LEU A 314 17.38 16.22 6.09
CA LEU A 314 16.95 17.52 6.58
C LEU A 314 17.59 17.80 7.93
N PHE A 315 17.50 16.84 8.84
CA PHE A 315 18.08 17.01 10.18
C PHE A 315 19.59 16.82 10.12
N ALA A 24 1.18 -24.68 7.54
CA ALA A 24 1.56 -25.93 8.26
C ALA A 24 2.26 -26.88 7.29
N ASP A 25 2.65 -28.04 7.80
CA ASP A 25 3.33 -29.03 6.96
C ASP A 25 2.30 -29.99 6.34
N TRP A 26 1.04 -29.79 6.69
CA TRP A 26 -0.02 -30.65 6.16
C TRP A 26 -1.29 -29.84 5.94
N PRO A 27 -2.32 -30.48 5.46
CA PRO A 27 -3.63 -29.82 5.19
C PRO A 27 -4.25 -29.24 6.45
N ARG A 28 -4.93 -28.10 6.31
CA ARG A 28 -5.57 -27.45 7.45
C ARG A 28 -6.71 -26.57 6.99
N GLN A 29 -7.37 -25.92 7.95
CA GLN A 29 -8.49 -25.03 7.63
C GLN A 29 -8.15 -23.59 7.99
N ILE A 30 -8.49 -22.66 7.09
CA ILE A 30 -8.22 -21.25 7.33
C ILE A 30 -9.50 -20.44 7.24
N THR A 31 -9.59 -19.38 8.03
CA THR A 31 -10.78 -18.52 8.03
C THR A 31 -10.41 -17.09 7.66
N ASP A 32 -11.22 -16.48 6.79
CA ASP A 32 -10.97 -15.11 6.36
C ASP A 32 -11.85 -14.14 7.13
N SER A 33 -12.32 -13.10 6.45
CA SER A 33 -13.19 -12.11 7.09
C SER A 33 -14.50 -12.75 7.53
N ARG A 34 -15.00 -13.68 6.72
CA ARG A 34 -16.25 -14.37 7.04
C ARG A 34 -16.23 -15.78 6.48
N GLY A 35 -16.24 -15.89 5.15
CA GLY A 35 -16.24 -17.20 4.51
C GLY A 35 -15.03 -18.01 4.94
N THR A 36 -15.23 -19.31 5.11
CA THR A 36 -14.14 -20.20 5.53
C THR A 36 -13.78 -21.16 4.40
N HIS A 37 -12.49 -21.26 4.11
CA HIS A 37 -12.00 -22.14 3.05
C HIS A 37 -11.07 -23.20 3.61
N THR A 38 -11.34 -24.46 3.29
CA THR A 38 -10.51 -25.56 3.78
C THR A 38 -9.32 -25.77 2.85
N LEU A 39 -8.13 -25.85 3.44
CA LEU A 39 -6.91 -26.06 2.66
C LEU A 39 -6.55 -27.53 2.63
N GLU A 40 -7.24 -28.29 1.78
CA GLU A 40 -6.99 -29.71 1.66
C GLU A 40 -5.59 -29.97 1.09
N SER A 41 -5.13 -29.06 0.24
CA SER A 41 -3.82 -29.19 -0.37
C SER A 41 -3.59 -28.08 -1.37
N GLN A 42 -2.70 -27.15 -1.02
CA GLN A 42 -2.40 -26.01 -1.89
C GLN A 42 -0.90 -25.99 -2.23
N PRO A 43 -0.52 -26.62 -3.31
CA PRO A 43 0.91 -26.65 -3.75
C PRO A 43 1.47 -25.26 -3.96
N GLN A 44 2.76 -25.10 -3.73
CA GLN A 44 3.43 -23.82 -3.87
C GLN A 44 2.91 -23.07 -5.11
N ARG A 45 1.77 -22.41 -4.96
CA ARG A 45 1.18 -21.67 -6.07
C ARG A 45 0.37 -20.49 -5.54
N ILE A 46 1.06 -19.52 -4.96
CA ILE A 46 0.39 -18.34 -4.41
C ILE A 46 -0.03 -17.40 -5.53
N VAL A 47 -1.30 -16.97 -5.47
CA VAL A 47 -1.85 -16.06 -6.48
C VAL A 47 -2.38 -14.81 -5.82
N SER A 48 -2.24 -13.68 -6.52
CA SER A 48 -2.71 -12.40 -5.98
C SER A 48 -3.45 -11.61 -7.05
N THR A 49 -4.51 -10.91 -6.64
CA THR A 49 -5.30 -10.11 -7.57
C THR A 49 -4.89 -8.64 -7.50
N SER A 50 -5.01 -8.05 -6.32
CA SER A 50 -4.66 -6.64 -6.14
C SER A 50 -3.15 -6.49 -5.98
N VAL A 51 -2.64 -5.31 -6.32
CA VAL A 51 -1.22 -5.04 -6.20
C VAL A 51 -0.82 -4.85 -4.74
N THR A 52 -1.80 -4.51 -3.91
CA THR A 52 -1.53 -4.26 -2.50
C THR A 52 -0.95 -5.52 -1.85
N LEU A 53 -1.64 -6.64 -2.02
CA LEU A 53 -1.16 -7.90 -1.47
C LEU A 53 0.12 -8.33 -2.17
N THR A 54 0.15 -8.18 -3.49
CA THR A 54 1.31 -8.59 -4.27
C THR A 54 2.60 -8.16 -3.56
N GLY A 55 2.69 -6.88 -3.23
CA GLY A 55 3.86 -6.37 -2.53
C GLY A 55 3.90 -6.87 -1.08
N SER A 56 2.72 -6.96 -0.46
CA SER A 56 2.63 -7.41 0.92
C SER A 56 3.12 -8.85 1.04
N LEU A 57 2.70 -9.70 0.11
CA LEU A 57 3.11 -11.10 0.12
C LEU A 57 4.61 -11.21 -0.16
N LEU A 58 5.08 -10.42 -1.11
CA LEU A 58 6.48 -10.45 -1.48
C LEU A 58 7.37 -10.05 -0.31
N ALA A 59 6.93 -9.05 0.43
CA ALA A 59 7.70 -8.54 1.56
C ALA A 59 7.93 -9.64 2.59
N ILE A 60 6.93 -10.50 2.76
CA ILE A 60 7.01 -11.57 3.74
C ILE A 60 7.58 -12.84 3.10
N ASP A 61 8.41 -12.67 2.09
CA ASP A 61 9.02 -13.81 1.41
C ASP A 61 7.95 -14.77 0.90
N ALA A 62 6.98 -14.23 0.15
CA ALA A 62 5.90 -15.05 -0.39
C ALA A 62 5.56 -14.59 -1.80
N PRO A 63 6.38 -14.92 -2.77
CA PRO A 63 6.18 -14.51 -4.18
C PRO A 63 4.93 -15.14 -4.79
N VAL A 64 4.34 -14.45 -5.76
CA VAL A 64 3.14 -14.95 -6.42
C VAL A 64 3.44 -15.26 -7.89
N ILE A 65 2.91 -16.39 -8.35
CA ILE A 65 3.11 -16.81 -9.72
C ILE A 65 2.37 -15.89 -10.69
N ALA A 66 1.12 -15.55 -10.36
CA ALA A 66 0.30 -14.71 -11.21
C ALA A 66 -0.21 -13.50 -10.44
N SER A 67 -0.04 -12.32 -11.02
CA SER A 67 -0.47 -11.08 -10.38
C SER A 67 -0.72 -10.01 -11.41
N GLY A 68 -1.35 -8.91 -10.98
CA GLY A 68 -1.65 -7.80 -11.89
C GLY A 68 -0.77 -6.61 -11.60
N ALA A 69 -0.99 -5.51 -12.33
CA ALA A 69 -0.21 -4.29 -12.13
C ALA A 69 -1.13 -3.08 -12.05
N THR A 70 -0.56 -1.93 -11.72
CA THR A 70 -1.34 -0.70 -11.60
C THR A 70 -0.63 0.44 -12.30
N THR A 71 -0.14 1.40 -11.52
CA THR A 71 0.56 2.56 -12.09
C THR A 71 2.06 2.41 -11.91
N PRO A 72 2.81 3.37 -12.39
CA PRO A 72 4.30 3.36 -12.28
C PRO A 72 4.78 3.33 -10.82
N ASN A 73 4.37 2.31 -10.09
CA ASN A 73 4.74 2.18 -8.71
C ASN A 73 6.23 1.99 -8.57
N ASN A 74 6.84 1.28 -9.54
CA ASN A 74 8.28 1.02 -9.53
C ASN A 74 8.56 -0.35 -8.90
N ARG A 75 7.79 -0.68 -7.87
CA ARG A 75 7.94 -1.98 -7.21
C ARG A 75 7.65 -3.11 -8.18
N VAL A 76 6.62 -2.92 -9.01
CA VAL A 76 6.25 -3.92 -10.00
C VAL A 76 7.25 -3.96 -11.15
N ALA A 77 7.90 -2.82 -11.37
CA ALA A 77 8.88 -2.72 -12.45
C ALA A 77 9.88 -3.88 -12.39
N ASP A 78 10.91 -3.81 -13.22
CA ASP A 78 11.92 -4.86 -13.25
C ASP A 78 12.83 -4.77 -12.03
N ASP A 79 14.06 -5.25 -12.18
CA ASP A 79 15.01 -5.23 -11.07
C ASP A 79 15.15 -3.83 -10.51
N GLN A 80 14.53 -2.86 -11.16
CA GLN A 80 14.60 -1.47 -10.72
C GLN A 80 13.49 -1.19 -9.69
N GLY A 81 13.90 -0.93 -8.46
CA GLY A 81 12.94 -0.63 -7.40
C GLY A 81 12.41 -1.90 -6.78
N PHE A 82 13.25 -2.58 -5.99
CA PHE A 82 12.86 -3.81 -5.32
C PHE A 82 13.48 -3.90 -3.94
N LEU A 83 12.77 -4.53 -3.00
CA LEU A 83 13.29 -4.70 -1.65
C LEU A 83 14.17 -5.96 -1.58
N ARG A 84 13.59 -7.05 -1.09
CA ARG A 84 14.32 -8.31 -0.99
C ARG A 84 14.69 -8.81 -2.37
N GLN A 85 13.75 -8.72 -3.30
CA GLN A 85 13.98 -9.14 -4.69
C GLN A 85 13.58 -10.60 -4.88
N TRP A 86 12.35 -10.93 -4.51
CA TRP A 86 11.85 -12.29 -4.67
C TRP A 86 10.89 -12.37 -5.85
N SER A 87 10.55 -11.22 -6.41
CA SER A 87 9.63 -11.17 -7.55
C SER A 87 10.26 -11.83 -8.77
N LYS A 88 11.57 -11.71 -8.88
CA LYS A 88 12.30 -12.30 -10.00
C LYS A 88 11.89 -13.76 -10.19
N VAL A 89 11.40 -14.37 -9.11
CA VAL A 89 10.96 -15.76 -9.16
C VAL A 89 9.69 -15.90 -10.00
N ALA A 90 8.73 -15.02 -9.75
CA ALA A 90 7.46 -15.05 -10.48
C ALA A 90 7.71 -14.86 -11.97
N LYS A 91 8.49 -13.82 -12.30
CA LYS A 91 8.80 -13.54 -13.70
C LYS A 91 9.56 -14.71 -14.33
N GLU A 92 10.45 -15.31 -13.55
CA GLU A 92 11.25 -16.43 -14.04
C GLU A 92 10.33 -17.52 -14.59
N ARG A 93 9.14 -17.65 -14.01
CA ARG A 93 8.18 -18.66 -14.46
C ARG A 93 7.29 -18.08 -15.54
N LYS A 94 7.53 -16.83 -15.91
CA LYS A 94 6.74 -16.17 -16.96
C LYS A 94 5.45 -15.61 -16.38
N LEU A 95 4.74 -16.45 -15.63
CA LEU A 95 3.47 -16.03 -15.02
C LEU A 95 3.66 -14.70 -14.37
N GLN A 96 2.55 -13.94 -14.23
CA GLN A 96 2.59 -12.58 -13.65
C GLN A 96 2.07 -11.55 -14.64
N ARG A 97 0.77 -11.27 -14.58
CA ARG A 97 0.15 -10.30 -15.47
C ARG A 97 0.52 -8.88 -15.02
N LEU A 98 0.74 -7.99 -15.99
CA LEU A 98 1.10 -6.61 -15.68
C LEU A 98 0.24 -5.64 -16.49
N TYR A 99 -0.96 -6.08 -16.84
CA TYR A 99 -1.88 -5.23 -17.61
C TYR A 99 -3.30 -5.40 -17.11
N ILE A 100 -4.02 -4.29 -17.01
CA ILE A 100 -5.41 -4.31 -16.55
C ILE A 100 -6.26 -3.39 -17.41
N GLY A 101 -7.58 -3.55 -17.31
CA GLY A 101 -8.51 -2.72 -18.08
C GLY A 101 -9.74 -3.53 -18.49
N GLU A 102 -9.56 -4.84 -18.64
CA GLU A 102 -10.67 -5.71 -19.02
C GLU A 102 -10.43 -7.12 -18.51
N PRO A 103 -10.52 -7.31 -17.22
CA PRO A 103 -10.31 -8.63 -16.58
C PRO A 103 -11.29 -9.68 -17.09
N SER A 104 -10.82 -10.92 -17.18
CA SER A 104 -11.67 -12.02 -17.65
C SER A 104 -11.53 -13.24 -16.75
N ALA A 105 -12.66 -13.87 -16.43
CA ALA A 105 -12.64 -15.06 -15.58
C ALA A 105 -11.99 -16.22 -16.30
N GLU A 106 -12.24 -16.33 -17.60
CA GLU A 106 -11.67 -17.42 -18.38
C GLU A 106 -10.15 -17.31 -18.44
N ALA A 107 -9.66 -16.09 -18.62
CA ALA A 107 -8.22 -15.86 -18.69
C ALA A 107 -7.55 -16.27 -17.38
N VAL A 108 -8.19 -15.92 -16.27
CA VAL A 108 -7.66 -16.27 -14.95
C VAL A 108 -7.61 -17.79 -14.78
N ALA A 109 -8.68 -18.45 -15.20
CA ALA A 109 -8.76 -19.90 -15.09
C ALA A 109 -7.65 -20.56 -15.91
N ALA A 110 -7.32 -19.95 -17.05
CA ALA A 110 -6.28 -20.47 -17.91
C ALA A 110 -4.94 -20.49 -17.19
N GLN A 111 -4.85 -19.71 -16.11
CA GLN A 111 -3.61 -19.64 -15.34
C GLN A 111 -3.58 -20.75 -14.30
N MET A 112 -4.68 -21.48 -14.17
CA MET A 112 -4.75 -22.57 -13.21
C MET A 112 -4.25 -22.11 -11.83
N PRO A 113 -4.84 -21.06 -11.31
CA PRO A 113 -4.46 -20.51 -9.97
C PRO A 113 -4.87 -21.43 -8.84
N ASP A 114 -4.10 -21.41 -7.76
CA ASP A 114 -4.40 -22.25 -6.59
C ASP A 114 -5.06 -21.43 -5.50
N LEU A 115 -4.27 -20.58 -4.84
CA LEU A 115 -4.80 -19.73 -3.77
C LEU A 115 -4.78 -18.27 -4.21
N ILE A 116 -5.97 -17.70 -4.38
CA ILE A 116 -6.08 -16.30 -4.82
C ILE A 116 -6.39 -15.41 -3.62
N LEU A 117 -5.56 -14.38 -3.43
CA LEU A 117 -5.75 -13.46 -2.31
C LEU A 117 -6.22 -12.11 -2.83
N ILE A 118 -7.25 -11.57 -2.17
CA ILE A 118 -7.81 -10.27 -2.57
C ILE A 118 -7.72 -9.28 -1.41
N SER A 119 -7.39 -8.04 -1.74
CA SER A 119 -7.27 -6.99 -0.73
C SER A 119 -8.65 -6.39 -0.42
N ALA A 120 -8.70 -5.60 0.64
CA ALA A 120 -9.96 -4.97 1.04
C ALA A 120 -10.47 -4.06 -0.07
N THR A 121 -9.55 -3.38 -0.75
CA THR A 121 -9.91 -2.47 -1.83
C THR A 121 -8.93 -2.61 -3.00
N GLY A 122 -9.37 -2.19 -4.17
CA GLY A 122 -8.53 -2.28 -5.36
C GLY A 122 -8.96 -1.27 -6.41
N GLY A 123 -8.22 -1.20 -7.52
CA GLY A 123 -8.54 -0.26 -8.59
C GLY A 123 -9.91 -0.56 -9.18
N ASP A 124 -10.28 -1.84 -9.21
CA ASP A 124 -11.56 -2.25 -9.76
C ASP A 124 -12.35 -3.07 -8.75
N SER A 125 -13.67 -3.01 -8.83
CA SER A 125 -14.52 -3.76 -7.91
C SER A 125 -14.29 -5.25 -8.07
N ALA A 126 -14.29 -5.97 -6.95
CA ALA A 126 -14.08 -7.42 -6.96
C ALA A 126 -15.27 -8.15 -6.36
N LEU A 127 -16.35 -7.41 -6.12
CA LEU A 127 -17.55 -7.99 -5.52
C LEU A 127 -18.10 -9.09 -6.43
N ALA A 128 -18.05 -8.86 -7.73
CA ALA A 128 -18.55 -9.85 -8.69
C ALA A 128 -17.47 -10.90 -8.99
N LEU A 129 -16.22 -10.46 -9.01
CA LEU A 129 -15.11 -11.37 -9.27
C LEU A 129 -14.89 -12.29 -8.09
N TYR A 130 -15.10 -11.76 -6.89
CA TYR A 130 -14.90 -12.54 -5.67
C TYR A 130 -15.44 -13.95 -5.82
N ASP A 131 -16.75 -14.06 -6.01
CA ASP A 131 -17.39 -15.36 -6.14
C ASP A 131 -16.92 -16.07 -7.40
N GLN A 132 -16.84 -15.32 -8.50
CA GLN A 132 -16.42 -15.89 -9.78
C GLN A 132 -14.99 -16.42 -9.66
N LEU A 133 -14.17 -15.76 -8.84
CA LEU A 133 -12.81 -16.19 -8.63
C LEU A 133 -12.76 -17.44 -7.76
N SER A 134 -13.60 -17.47 -6.72
CA SER A 134 -13.62 -18.60 -5.81
C SER A 134 -13.91 -19.89 -6.57
N THR A 135 -14.94 -19.87 -7.41
CA THR A 135 -15.30 -21.03 -8.20
C THR A 135 -14.08 -21.55 -8.97
N ILE A 136 -13.32 -20.62 -9.54
CA ILE A 136 -12.11 -20.99 -10.28
C ILE A 136 -11.06 -21.59 -9.37
N ALA A 137 -10.88 -20.98 -8.19
CA ALA A 137 -9.89 -21.45 -7.24
C ALA A 137 -10.07 -20.76 -5.90
N PRO A 138 -9.66 -21.40 -4.83
CA PRO A 138 -9.77 -20.83 -3.46
C PRO A 138 -9.46 -19.34 -3.43
N THR A 139 -10.49 -18.52 -3.25
CA THR A 139 -10.31 -17.07 -3.19
C THR A 139 -10.53 -16.58 -1.77
N LEU A 140 -9.52 -15.93 -1.22
CA LEU A 140 -9.59 -15.40 0.15
C LEU A 140 -9.53 -13.87 0.12
N ILE A 141 -10.13 -13.25 1.13
CA ILE A 141 -10.13 -11.79 1.23
C ILE A 141 -9.66 -11.35 2.61
N ILE A 142 -8.73 -10.40 2.63
CA ILE A 142 -8.20 -9.89 3.89
C ILE A 142 -8.57 -8.43 4.08
N ASN A 143 -9.14 -8.11 5.22
CA ASN A 143 -9.54 -6.73 5.53
C ASN A 143 -8.53 -6.09 6.46
N TYR A 144 -7.69 -5.23 5.91
CA TYR A 144 -6.67 -4.54 6.72
C TYR A 144 -7.09 -3.12 7.04
N ASP A 145 -8.15 -2.66 6.38
CA ASP A 145 -8.64 -1.31 6.60
C ASP A 145 -9.17 -1.15 8.01
N ASP A 146 -9.73 -2.22 8.55
CA ASP A 146 -10.27 -2.19 9.91
C ASP A 146 -9.28 -2.78 10.91
N LYS A 147 -8.07 -3.06 10.43
CA LYS A 147 -7.03 -3.64 11.28
C LYS A 147 -5.70 -2.94 11.06
N SER A 148 -4.84 -2.98 12.07
CA SER A 148 -3.53 -2.33 11.97
C SER A 148 -2.60 -3.14 11.08
N TRP A 149 -1.48 -2.52 10.68
CA TRP A 149 -0.52 -3.19 9.81
C TRP A 149 0.01 -4.44 10.47
N GLN A 150 0.44 -4.31 11.73
CA GLN A 150 0.98 -5.45 12.46
C GLN A 150 -0.02 -6.61 12.45
N SER A 151 -1.30 -6.28 12.63
CA SER A 151 -2.35 -7.30 12.61
C SER A 151 -2.41 -7.96 11.23
N LEU A 152 -2.27 -7.15 10.18
CA LEU A 152 -2.32 -7.69 8.83
C LEU A 152 -1.21 -8.70 8.61
N LEU A 153 -0.02 -8.38 9.09
CA LEU A 153 1.11 -9.29 8.94
C LEU A 153 0.83 -10.60 9.66
N THR A 154 0.27 -10.51 10.87
CA THR A 154 -0.05 -11.69 11.65
C THR A 154 -0.94 -12.62 10.84
N GLN A 155 -1.97 -12.05 10.20
CA GLN A 155 -2.88 -12.84 9.39
C GLN A 155 -2.14 -13.50 8.23
N LEU A 156 -1.23 -12.76 7.62
CA LEU A 156 -0.45 -13.30 6.51
C LEU A 156 0.38 -14.48 6.95
N GLY A 157 1.00 -14.36 8.11
CA GLY A 157 1.82 -15.43 8.64
C GLY A 157 0.97 -16.65 8.96
N GLU A 158 -0.21 -16.42 9.52
CA GLU A 158 -1.11 -17.53 9.87
C GLU A 158 -1.70 -18.16 8.62
N ILE A 159 -2.16 -17.32 7.69
CA ILE A 159 -2.75 -17.81 6.46
C ILE A 159 -1.71 -18.56 5.63
N THR A 160 -0.51 -17.97 5.52
CA THR A 160 0.54 -18.58 4.73
C THR A 160 1.44 -19.45 5.61
N GLY A 161 1.22 -19.40 6.91
CA GLY A 161 2.00 -20.19 7.85
C GLY A 161 3.45 -19.75 7.85
N HIS A 162 3.69 -18.50 7.47
CA HIS A 162 5.05 -17.96 7.43
C HIS A 162 5.33 -17.10 8.65
N GLU A 163 5.08 -17.65 9.83
CA GLU A 163 5.32 -16.92 11.07
C GLU A 163 6.82 -16.74 11.31
N LYS A 164 7.58 -17.78 10.99
CA LYS A 164 9.02 -17.73 11.19
C LYS A 164 9.64 -16.57 10.39
N GLN A 165 9.24 -16.47 9.13
CA GLN A 165 9.76 -15.41 8.27
C GLN A 165 9.38 -14.05 8.82
N ALA A 166 8.17 -13.94 9.35
CA ALA A 166 7.70 -12.68 9.92
C ALA A 166 8.56 -12.30 11.12
N ALA A 167 8.91 -13.28 11.94
CA ALA A 167 9.74 -13.04 13.12
C ALA A 167 11.12 -12.55 12.69
N GLU A 168 11.55 -12.95 11.50
CA GLU A 168 12.85 -12.54 10.98
C GLU A 168 12.83 -11.09 10.52
N ARG A 169 11.89 -10.78 9.65
CA ARG A 169 11.76 -9.42 9.14
C ARG A 169 11.42 -8.44 10.26
N ILE A 170 10.49 -8.85 11.13
CA ILE A 170 10.08 -8.00 12.24
C ILE A 170 11.25 -7.75 13.18
N ALA A 171 12.00 -8.81 13.48
CA ALA A 171 13.13 -8.68 14.38
C ALA A 171 14.17 -7.71 13.80
N GLN A 172 14.70 -8.06 12.64
CA GLN A 172 15.71 -7.22 12.00
C GLN A 172 15.20 -5.81 11.83
N PHE A 173 13.90 -5.68 11.56
CA PHE A 173 13.29 -4.37 11.39
C PHE A 173 13.01 -3.71 12.73
N ASP A 174 12.67 -4.53 13.72
CA ASP A 174 12.35 -4.01 15.05
C ASP A 174 13.52 -3.20 15.59
N LYS A 175 14.73 -3.69 15.34
CA LYS A 175 15.92 -2.99 15.81
C LYS A 175 16.04 -1.61 15.15
N GLN A 176 15.76 -1.56 13.86
CA GLN A 176 15.82 -0.30 13.11
C GLN A 176 14.75 0.66 13.61
N LEU A 177 13.58 0.13 13.94
CA LEU A 177 12.49 0.94 14.44
C LEU A 177 12.87 1.62 15.75
N ALA A 178 13.52 0.86 16.63
CA ALA A 178 13.94 1.39 17.92
C ALA A 178 14.93 2.54 17.73
N ALA A 179 16.00 2.27 16.96
CA ALA A 179 17.00 3.30 16.71
C ALA A 179 16.41 4.43 15.87
N ALA A 180 15.61 4.06 14.87
CA ALA A 180 14.98 5.06 14.01
C ALA A 180 14.02 5.94 14.80
N LYS A 181 13.28 5.32 15.71
CA LYS A 181 12.32 6.05 16.54
C LYS A 181 13.05 7.06 17.41
N GLU A 182 14.27 6.73 17.81
CA GLU A 182 15.05 7.63 18.66
C GLU A 182 15.97 8.51 17.81
N GLN A 183 16.27 8.05 16.59
CA GLN A 183 17.15 8.80 15.70
C GLN A 183 16.50 10.13 15.32
N ILE A 184 15.21 10.10 15.04
CA ILE A 184 14.49 11.30 14.65
C ILE A 184 14.19 12.17 15.86
N LYS A 185 14.42 13.48 15.71
CA LYS A 185 14.17 14.41 16.82
C LYS A 185 13.27 15.54 16.35
N LEU A 186 12.02 15.54 16.84
CA LEU A 186 11.07 16.57 16.46
C LEU A 186 9.74 16.37 17.22
N PRO A 187 9.28 17.40 17.89
CA PRO A 187 8.01 17.33 18.66
C PRO A 187 6.89 16.63 17.89
N PRO A 188 5.97 16.03 18.59
CA PRO A 188 4.82 15.32 17.94
C PRO A 188 3.86 16.28 17.26
N GLN A 189 3.34 15.86 16.11
CA GLN A 189 2.40 16.68 15.37
C GLN A 189 1.79 15.89 14.21
N PRO A 190 0.56 16.17 13.87
CA PRO A 190 -0.14 15.49 12.74
C PRO A 190 0.44 15.89 11.39
N VAL A 191 0.27 15.01 10.41
CA VAL A 191 0.78 15.27 9.06
C VAL A 191 -0.24 14.84 8.01
N THR A 192 -0.07 15.33 6.79
CA THR A 192 -0.97 14.97 5.69
C THR A 192 -0.20 14.85 4.38
N ALA A 193 -0.87 14.34 3.36
CA ALA A 193 -0.25 14.19 2.05
C ALA A 193 -1.28 14.34 0.94
N ILE A 194 -0.92 15.06 -0.12
CA ILE A 194 -1.83 15.28 -1.24
C ILE A 194 -1.12 15.06 -2.56
N VAL A 195 -1.85 14.55 -3.55
CA VAL A 195 -1.27 14.33 -4.87
C VAL A 195 -2.20 14.87 -5.96
N TYR A 196 -1.62 15.62 -6.89
CA TYR A 196 -2.40 16.18 -7.98
C TYR A 196 -1.52 16.38 -9.21
N THR A 197 -2.15 16.39 -10.38
CA THR A 197 -1.40 16.60 -11.63
C THR A 197 -1.96 17.79 -12.39
N ALA A 198 -1.09 18.76 -12.67
CA ALA A 198 -1.50 19.95 -13.39
C ALA A 198 -2.05 19.59 -14.77
N ALA A 199 -1.60 18.46 -15.29
CA ALA A 199 -2.06 18.00 -16.60
C ALA A 199 -3.47 17.44 -16.53
N ALA A 200 -3.70 16.56 -15.56
CA ALA A 200 -5.02 15.95 -15.40
C ALA A 200 -6.01 16.95 -14.84
N HIS A 201 -5.49 18.08 -14.34
CA HIS A 201 -6.34 19.11 -13.77
C HIS A 201 -7.30 18.52 -12.75
N SER A 202 -6.79 17.60 -11.94
CA SER A 202 -7.60 16.97 -10.90
C SER A 202 -6.84 16.89 -9.59
N ALA A 203 -7.56 17.03 -8.48
CA ALA A 203 -6.93 16.98 -7.16
C ALA A 203 -7.35 15.72 -6.43
N ASN A 204 -6.39 14.83 -6.19
CA ASN A 204 -6.67 13.58 -5.48
C ASN A 204 -5.86 13.49 -4.20
N LEU A 205 -6.51 13.11 -3.12
CA LEU A 205 -5.83 13.00 -1.83
C LEU A 205 -5.76 11.54 -1.39
N TRP A 206 -4.67 11.19 -0.70
CA TRP A 206 -4.49 9.82 -0.21
C TRP A 206 -4.87 9.75 1.27
N THR A 207 -5.72 8.77 1.60
CA THR A 207 -6.16 8.60 2.97
C THR A 207 -5.30 7.56 3.69
N PRO A 208 -5.22 7.66 5.00
CA PRO A 208 -4.44 6.70 5.83
C PRO A 208 -5.07 5.31 5.84
N GLU A 209 -6.34 5.24 5.44
CA GLU A 209 -7.05 3.96 5.43
C GLU A 209 -6.22 2.90 4.70
N SER A 210 -5.25 3.35 3.92
CA SER A 210 -4.39 2.44 3.18
C SER A 210 -3.37 1.80 4.11
N ALA A 211 -2.72 0.73 3.64
CA ALA A 211 -1.72 0.04 4.44
C ALA A 211 -0.59 1.00 4.82
N GLN A 212 -0.35 1.99 3.98
CA GLN A 212 0.70 2.97 4.24
C GLN A 212 0.41 3.74 5.51
N GLY A 213 -0.85 4.14 5.69
CA GLY A 213 -1.23 4.90 6.87
C GLY A 213 -0.94 4.13 8.14
N GLN A 214 -1.30 2.85 8.16
CA GLN A 214 -1.05 2.02 9.33
C GLN A 214 0.44 1.88 9.59
N MET A 215 1.22 1.74 8.51
CA MET A 215 2.66 1.60 8.64
C MET A 215 3.26 2.84 9.29
N LEU A 216 2.78 4.01 8.90
CA LEU A 216 3.27 5.25 9.47
C LEU A 216 2.95 5.32 10.96
N GLU A 217 1.71 5.00 11.31
CA GLU A 217 1.29 5.03 12.71
C GLU A 217 2.22 4.17 13.56
N GLN A 218 2.74 3.11 12.94
CA GLN A 218 3.64 2.21 13.64
C GLN A 218 4.99 2.89 13.89
N LEU A 219 5.25 3.95 13.13
CA LEU A 219 6.51 4.68 13.26
C LEU A 219 6.40 5.76 14.32
N GLY A 220 5.18 5.99 14.81
CA GLY A 220 4.96 7.01 15.83
C GLY A 220 4.39 8.28 15.22
N PHE A 221 4.16 8.25 13.91
CA PHE A 221 3.63 9.42 13.21
C PHE A 221 2.10 9.40 13.23
N THR A 222 1.50 10.57 13.16
CA THR A 222 0.04 10.69 13.17
C THR A 222 -0.46 11.25 11.85
N LEU A 223 -1.42 10.55 11.24
CA LEU A 223 -1.98 10.99 9.97
C LEU A 223 -3.22 11.85 10.19
N ALA A 224 -3.41 12.82 9.31
CA ALA A 224 -4.57 13.71 9.40
C ALA A 224 -5.85 12.96 9.09
N LYS A 225 -6.96 13.41 9.68
CA LYS A 225 -8.24 12.76 9.45
C LYS A 225 -9.31 13.80 9.13
N LEU A 226 -10.06 13.56 8.06
CA LEU A 226 -11.12 14.48 7.64
C LEU A 226 -12.49 13.84 7.80
N PRO A 227 -13.12 14.05 8.92
CA PRO A 227 -14.48 13.48 9.20
C PRO A 227 -15.48 13.87 8.12
N ALA A 228 -16.32 12.92 7.73
CA ALA A 228 -17.32 13.18 6.69
C ALA A 228 -16.64 13.54 5.37
N GLY A 229 -15.42 14.07 5.45
CA GLY A 229 -14.67 14.44 4.27
C GLY A 229 -14.20 13.21 3.49
N LEU A 230 -13.59 12.27 4.20
CA LEU A 230 -13.08 11.06 3.58
C LEU A 230 -14.20 10.37 2.80
N ASN A 231 -15.41 10.42 3.34
CA ASN A 231 -16.55 9.81 2.67
C ASN A 231 -16.88 10.53 1.38
N ALA A 232 -15.84 11.00 0.68
CA ALA A 232 -16.03 11.72 -0.58
C ALA A 232 -17.25 12.64 -0.50
N SER A 233 -17.02 13.86 -0.04
CA SER A 233 -18.10 14.83 0.08
C SER A 233 -18.39 15.48 -1.26
N GLN A 234 -17.47 15.31 -2.21
CA GLN A 234 -17.62 15.89 -3.53
C GLN A 234 -18.30 14.91 -4.47
N SER A 235 -17.92 13.63 -4.37
CA SER A 235 -18.49 12.60 -5.22
C SER A 235 -19.96 12.38 -4.87
N GLN A 236 -20.36 12.87 -3.70
CA GLN A 236 -21.74 12.72 -3.27
C GLN A 236 -22.14 11.25 -3.25
N GLY A 237 -21.25 10.39 -2.74
CA GLY A 237 -21.51 8.97 -2.68
C GLY A 237 -20.35 8.22 -2.07
N LYS A 238 -20.11 6.99 -2.52
CA LYS A 238 -19.02 6.18 -2.00
C LYS A 238 -18.09 5.77 -3.13
N ARG A 239 -16.79 5.73 -2.85
CA ARG A 239 -15.79 5.35 -3.84
C ARG A 239 -14.58 4.73 -3.18
N HIS A 240 -13.92 3.80 -3.88
CA HIS A 240 -12.74 3.14 -3.35
C HIS A 240 -11.46 3.76 -3.94
N ASP A 241 -10.42 2.96 -4.03
CA ASP A 241 -9.14 3.44 -4.58
C ASP A 241 -8.67 4.67 -3.81
N ILE A 242 -9.05 5.85 -4.30
CA ILE A 242 -8.64 7.10 -3.66
C ILE A 242 -9.85 7.97 -3.36
N ILE A 243 -9.61 9.09 -2.70
CA ILE A 243 -10.70 10.01 -2.34
C ILE A 243 -10.46 11.39 -2.91
N GLN A 244 -11.53 12.03 -3.38
CA GLN A 244 -11.42 13.37 -3.96
C GLN A 244 -11.83 14.42 -2.93
N LEU A 245 -11.56 15.68 -3.26
CA LEU A 245 -11.90 16.80 -2.38
C LEU A 245 -12.26 18.04 -3.16
N GLY A 246 -13.13 18.88 -2.58
CA GLY A 246 -13.54 20.11 -3.24
C GLY A 246 -12.35 21.05 -3.44
N GLY A 247 -11.47 21.10 -2.45
CA GLY A 247 -10.30 21.97 -2.51
C GLY A 247 -10.18 22.82 -1.25
N GLU A 248 -11.07 22.58 -0.29
CA GLU A 248 -11.04 23.34 0.96
C GLU A 248 -9.93 22.83 1.87
N ASN A 249 -9.99 21.54 2.20
CA ASN A 249 -8.98 20.94 3.06
C ASN A 249 -7.60 21.01 2.43
N LEU A 250 -7.56 20.86 1.10
CA LEU A 250 -6.29 20.91 0.39
C LEU A 250 -5.53 22.18 0.73
N ALA A 251 -6.06 23.32 0.30
CA ALA A 251 -5.41 24.60 0.56
C ALA A 251 -5.13 24.75 2.05
N ALA A 252 -6.09 24.35 2.88
CA ALA A 252 -5.94 24.44 4.32
C ALA A 252 -4.99 23.37 4.83
N GLY A 253 -4.20 22.80 3.93
CA GLY A 253 -3.26 21.75 4.29
C GLY A 253 -3.78 20.90 5.45
N LEU A 254 -5.03 20.46 5.33
CA LEU A 254 -5.65 19.68 6.38
C LEU A 254 -5.25 20.18 7.76
N ASN A 255 -4.44 19.40 8.48
CA ASN A 255 -4.00 19.79 9.81
C ASN A 255 -3.21 21.09 9.74
N GLY A 256 -2.30 21.19 8.77
CA GLY A 256 -1.50 22.40 8.62
C GLY A 256 -0.28 22.38 9.53
N GLU A 257 -0.06 21.24 10.16
CA GLU A 257 1.08 21.10 11.07
C GLU A 257 2.24 20.39 10.38
N SER A 258 1.96 19.80 9.22
CA SER A 258 2.99 19.10 8.46
C SER A 258 2.39 18.45 7.23
N LEU A 259 3.14 18.47 6.13
CA LEU A 259 2.67 17.87 4.89
C LEU A 259 3.83 17.30 4.08
N PHE A 260 3.74 16.01 3.74
CA PHE A 260 4.78 15.37 2.92
C PHE A 260 4.37 15.32 1.47
N LEU A 261 5.34 15.51 0.59
CA LEU A 261 5.07 15.49 -0.85
C LEU A 261 5.29 14.11 -1.43
N PHE A 262 4.20 13.43 -1.74
CA PHE A 262 4.29 12.09 -2.33
C PHE A 262 4.05 12.15 -3.83
N ALA A 263 3.57 13.30 -4.31
CA ALA A 263 3.30 13.47 -5.73
C ALA A 263 4.59 13.45 -6.53
N GLY A 264 5.63 14.09 -5.99
CA GLY A 264 6.91 14.15 -6.67
C GLY A 264 7.94 14.89 -5.83
N ASP A 265 9.19 14.90 -6.29
CA ASP A 265 10.26 15.57 -5.56
C ASP A 265 10.14 17.08 -5.71
N GLN A 266 11.10 17.67 -6.41
CA GLN A 266 11.11 19.11 -6.62
C GLN A 266 9.96 19.53 -7.54
N LYS A 267 9.56 18.62 -8.42
CA LYS A 267 8.49 18.91 -9.35
C LYS A 267 7.21 19.28 -8.60
N ASP A 268 6.90 18.51 -7.57
CA ASP A 268 5.72 18.79 -6.76
C ASP A 268 5.83 20.15 -6.08
N ALA A 269 7.00 20.43 -5.52
CA ALA A 269 7.23 21.69 -4.83
C ALA A 269 6.86 22.86 -5.75
N ASP A 270 7.52 22.94 -6.89
CA ASP A 270 7.26 24.01 -7.85
C ASP A 270 5.76 24.09 -8.15
N ALA A 271 5.14 22.93 -8.33
CA ALA A 271 3.71 22.88 -8.62
C ALA A 271 2.93 23.61 -7.52
N ILE A 272 3.30 23.38 -6.26
CA ILE A 272 2.63 24.02 -5.14
C ILE A 272 2.86 25.53 -5.19
N TYR A 273 4.10 25.93 -5.47
CA TYR A 273 4.43 27.35 -5.54
C TYR A 273 3.54 28.06 -6.56
N ALA A 274 3.25 27.37 -7.65
CA ALA A 274 2.40 27.93 -8.69
C ALA A 274 0.94 27.89 -8.27
N ASN A 275 0.70 27.38 -7.05
CA ASN A 275 -0.67 27.27 -6.54
C ASN A 275 -0.84 28.17 -5.31
N PRO A 276 -1.27 29.40 -5.52
CA PRO A 276 -1.48 30.37 -4.41
C PRO A 276 -2.37 29.79 -3.31
N LEU A 277 -3.22 28.85 -3.68
CA LEU A 277 -4.12 28.23 -2.71
C LEU A 277 -3.33 27.48 -1.67
N LEU A 278 -2.28 26.78 -2.11
CA LEU A 278 -1.46 26.00 -1.20
C LEU A 278 -0.24 26.80 -0.76
N ALA A 279 -0.19 28.05 -1.16
CA ALA A 279 0.92 28.93 -0.80
C ALA A 279 0.84 29.31 0.67
N HIS A 280 -0.37 29.47 1.18
CA HIS A 280 -0.57 29.86 2.57
C HIS A 280 -0.43 28.64 3.48
N LEU A 281 -0.06 27.51 2.89
CA LEU A 281 0.12 26.30 3.67
C LEU A 281 1.34 26.42 4.59
N PRO A 282 1.15 26.29 5.87
CA PRO A 282 2.26 26.40 6.86
C PRO A 282 3.48 25.58 6.46
N ALA A 283 3.25 24.41 5.88
CA ALA A 283 4.35 23.56 5.46
C ALA A 283 5.23 24.28 4.44
N VAL A 284 4.59 24.96 3.50
CA VAL A 284 5.33 25.70 2.48
C VAL A 284 6.09 26.86 3.12
N GLN A 285 5.42 27.56 4.04
CA GLN A 285 6.04 28.71 4.70
C GLN A 285 7.21 28.25 5.56
N ASN A 286 7.03 27.11 6.23
CA ASN A 286 8.10 26.58 7.09
C ASN A 286 8.99 25.64 6.31
N LYS A 287 8.54 25.27 5.10
CA LYS A 287 9.32 24.37 4.25
C LYS A 287 9.49 23.01 4.92
N GLN A 288 8.51 22.61 5.70
CA GLN A 288 8.56 21.31 6.38
C GLN A 288 7.98 20.23 5.49
N VAL A 289 8.34 20.24 4.22
CA VAL A 289 7.85 19.25 3.27
C VAL A 289 8.93 18.23 2.94
N TYR A 290 8.56 16.96 2.92
CA TYR A 290 9.50 15.89 2.62
C TYR A 290 9.09 15.17 1.33
N ALA A 291 10.06 14.97 0.44
CA ALA A 291 9.80 14.29 -0.83
C ALA A 291 9.83 12.78 -0.65
N LEU A 292 8.69 12.20 -0.29
CA LEU A 292 8.60 10.76 -0.11
C LEU A 292 8.87 10.02 -1.42
N GLY A 293 8.32 10.55 -2.50
CA GLY A 293 8.50 9.93 -3.82
C GLY A 293 7.56 8.74 -3.97
N THR A 294 7.45 8.25 -5.21
CA THR A 294 6.59 7.11 -5.48
C THR A 294 7.24 5.81 -5.01
N GLU A 295 8.56 5.81 -4.94
CA GLU A 295 9.29 4.63 -4.51
C GLU A 295 9.03 4.36 -3.02
N THR A 296 8.87 5.42 -2.25
CA THR A 296 8.63 5.28 -0.82
C THR A 296 7.22 4.78 -0.56
N PHE A 297 6.61 4.17 -1.58
CA PHE A 297 5.25 3.66 -1.43
C PHE A 297 5.19 2.66 -0.27
N ARG A 298 6.09 1.68 -0.30
CA ARG A 298 6.16 0.68 0.77
C ARG A 298 7.38 0.92 1.63
N LEU A 299 7.27 0.57 2.91
CA LEU A 299 8.38 0.76 3.84
C LEU A 299 8.89 -0.59 4.35
N ASP A 300 10.18 -0.84 4.19
CA ASP A 300 10.78 -2.08 4.65
C ASP A 300 12.23 -1.87 5.06
N TYR A 301 12.81 -2.84 5.75
CA TYR A 301 14.19 -2.74 6.20
C TYR A 301 15.10 -2.30 5.06
N TYR A 302 14.82 -2.81 3.86
CA TYR A 302 15.63 -2.47 2.70
C TYR A 302 15.38 -1.04 2.26
N SER A 303 14.16 -0.76 1.81
CA SER A 303 13.81 0.57 1.33
C SER A 303 13.96 1.60 2.45
N ALA A 304 13.71 1.17 3.69
CA ALA A 304 13.81 2.06 4.83
C ALA A 304 15.18 2.73 4.88
N MET A 305 16.17 2.06 4.30
CA MET A 305 17.52 2.61 4.29
C MET A 305 17.58 3.92 3.50
N GLN A 306 16.87 3.95 2.37
CA GLN A 306 16.84 5.15 1.54
C GLN A 306 15.90 6.20 2.12
N VAL A 307 14.72 5.75 2.55
CA VAL A 307 13.74 6.65 3.13
C VAL A 307 14.26 7.22 4.45
N LEU A 308 14.86 6.35 5.27
CA LEU A 308 15.36 6.77 6.56
C LEU A 308 16.41 7.87 6.40
N ASP A 309 17.35 7.65 5.50
CA ASP A 309 18.38 8.65 5.25
C ASP A 309 17.79 9.89 4.57
N ARG A 310 16.88 9.65 3.63
CA ARG A 310 16.25 10.74 2.90
C ARG A 310 15.50 11.66 3.84
N LEU A 311 14.85 11.06 4.84
CA LEU A 311 14.09 11.83 5.82
C LEU A 311 14.99 12.28 6.96
N LYS A 312 16.29 12.01 6.84
CA LYS A 312 17.24 12.40 7.87
C LYS A 312 18.19 13.47 7.34
N ALA A 313 18.15 13.69 6.03
CA ALA A 313 19.01 14.70 5.41
C ALA A 313 18.67 16.08 5.93
N LEU A 314 17.38 16.33 6.17
CA LEU A 314 16.95 17.62 6.66
C LEU A 314 17.59 17.91 8.02
N PHE A 315 17.50 16.94 8.92
CA PHE A 315 18.07 17.10 10.26
C PHE A 315 19.58 16.88 10.21
N ALA A 24 1.25 -24.73 7.52
CA ALA A 24 1.61 -25.98 8.24
C ALA A 24 2.29 -26.94 7.27
N ASP A 25 2.70 -28.11 7.77
CA ASP A 25 3.36 -29.10 6.94
C ASP A 25 2.35 -30.04 6.32
N TRP A 26 1.07 -29.84 6.66
CA TRP A 26 0.01 -30.68 6.12
C TRP A 26 -1.26 -29.86 5.90
N PRO A 27 -2.29 -30.49 5.40
CA PRO A 27 -3.60 -29.82 5.14
C PRO A 27 -4.22 -29.25 6.42
N ARG A 28 -4.90 -28.12 6.28
CA ARG A 28 -5.53 -27.48 7.42
C ARG A 28 -6.69 -26.60 6.97
N GLN A 29 -7.33 -25.95 7.92
CA GLN A 29 -8.46 -25.06 7.62
C GLN A 29 -8.11 -23.62 7.99
N ILE A 30 -8.46 -22.69 7.10
CA ILE A 30 -8.19 -21.27 7.34
C ILE A 30 -9.47 -20.47 7.25
N THR A 31 -9.55 -19.40 8.03
CA THR A 31 -10.74 -18.53 8.04
C THR A 31 -10.37 -17.12 7.66
N ASP A 32 -11.17 -16.50 6.80
CA ASP A 32 -10.93 -15.13 6.37
C ASP A 32 -11.81 -14.16 7.15
N SER A 33 -12.27 -13.11 6.47
CA SER A 33 -13.14 -12.12 7.10
C SER A 33 -14.44 -12.76 7.54
N ARG A 34 -14.95 -13.69 6.74
CA ARG A 34 -16.21 -14.37 7.07
C ARG A 34 -16.19 -15.80 6.51
N GLY A 35 -16.20 -15.90 5.19
CA GLY A 35 -16.21 -17.21 4.55
C GLY A 35 -15.00 -18.02 4.96
N THR A 36 -15.20 -19.33 5.14
CA THR A 36 -14.11 -20.21 5.54
C THR A 36 -13.75 -21.16 4.42
N HIS A 37 -12.46 -21.27 4.13
CA HIS A 37 -11.98 -22.16 3.06
C HIS A 37 -11.04 -23.21 3.62
N THR A 38 -11.32 -24.47 3.29
CA THR A 38 -10.50 -25.58 3.78
C THR A 38 -9.30 -25.78 2.85
N LEU A 39 -8.11 -25.86 3.43
CA LEU A 39 -6.90 -26.07 2.64
C LEU A 39 -6.53 -27.55 2.61
N GLU A 40 -7.23 -28.31 1.77
CA GLU A 40 -6.97 -29.73 1.64
C GLU A 40 -5.58 -29.99 1.07
N SER A 41 -5.13 -29.07 0.22
CA SER A 41 -3.81 -29.21 -0.40
C SER A 41 -3.58 -28.09 -1.40
N GLN A 42 -2.70 -27.16 -1.05
CA GLN A 42 -2.39 -26.02 -1.93
C GLN A 42 -0.90 -26.00 -2.27
N PRO A 43 -0.52 -26.62 -3.34
CA PRO A 43 0.90 -26.65 -3.79
C PRO A 43 1.46 -25.26 -4.00
N GLN A 44 2.77 -25.11 -3.77
CA GLN A 44 3.42 -23.82 -3.91
C GLN A 44 2.91 -23.07 -5.14
N ARG A 45 1.76 -22.40 -4.98
CA ARG A 45 1.16 -21.66 -6.08
C ARG A 45 0.36 -20.48 -5.55
N ILE A 46 1.05 -19.52 -4.97
CA ILE A 46 0.40 -18.33 -4.41
C ILE A 46 -0.03 -17.39 -5.52
N VAL A 47 -1.29 -16.96 -5.47
CA VAL A 47 -1.83 -16.05 -6.48
C VAL A 47 -2.36 -14.79 -5.81
N SER A 48 -2.24 -13.66 -6.51
CA SER A 48 -2.72 -12.39 -5.97
C SER A 48 -3.46 -11.59 -7.03
N THR A 49 -4.51 -10.89 -6.62
CA THR A 49 -5.29 -10.08 -7.55
C THR A 49 -4.89 -8.62 -7.48
N SER A 50 -5.02 -8.03 -6.29
CA SER A 50 -4.67 -6.63 -6.10
C SER A 50 -3.16 -6.48 -5.95
N VAL A 51 -2.66 -5.29 -6.29
CA VAL A 51 -1.23 -5.01 -6.17
C VAL A 51 -0.83 -4.84 -4.71
N THR A 52 -1.80 -4.51 -3.87
CA THR A 52 -1.52 -4.27 -2.46
C THR A 52 -0.95 -5.53 -1.82
N LEU A 53 -1.64 -6.66 -2.00
CA LEU A 53 -1.16 -7.92 -1.47
C LEU A 53 0.12 -8.34 -2.17
N THR A 54 0.14 -8.18 -3.49
CA THR A 54 1.30 -8.59 -4.27
C THR A 54 2.59 -8.16 -3.57
N GLY A 55 2.69 -6.88 -3.23
CA GLY A 55 3.86 -6.37 -2.53
C GLY A 55 3.91 -6.88 -1.09
N SER A 56 2.73 -6.97 -0.47
CA SER A 56 2.64 -7.42 0.91
C SER A 56 3.14 -8.86 1.03
N LEU A 57 2.72 -9.71 0.10
CA LEU A 57 3.13 -11.11 0.11
C LEU A 57 4.63 -11.22 -0.17
N LEU A 58 5.10 -10.42 -1.12
CA LEU A 58 6.51 -10.45 -1.49
C LEU A 58 7.39 -10.05 -0.33
N ALA A 59 6.95 -9.05 0.41
CA ALA A 59 7.72 -8.54 1.54
C ALA A 59 7.94 -9.64 2.58
N ILE A 60 6.95 -10.50 2.75
CA ILE A 60 7.03 -11.58 3.72
C ILE A 60 7.59 -12.85 3.09
N ASP A 61 8.43 -12.68 2.07
CA ASP A 61 9.03 -13.81 1.40
C ASP A 61 7.97 -14.76 0.89
N ALA A 62 7.00 -14.23 0.14
CA ALA A 62 5.92 -15.05 -0.41
C ALA A 62 5.57 -14.58 -1.81
N PRO A 63 6.40 -14.91 -2.78
CA PRO A 63 6.19 -14.49 -4.19
C PRO A 63 4.95 -15.12 -4.80
N VAL A 64 4.35 -14.43 -5.77
CA VAL A 64 3.15 -14.92 -6.43
C VAL A 64 3.44 -15.24 -7.90
N ILE A 65 2.91 -16.37 -8.35
CA ILE A 65 3.11 -16.78 -9.73
C ILE A 65 2.36 -15.87 -10.69
N ALA A 66 1.12 -15.53 -10.36
CA ALA A 66 0.29 -14.68 -11.20
C ALA A 66 -0.20 -13.47 -10.43
N SER A 67 -0.05 -12.29 -11.02
CA SER A 67 -0.48 -11.06 -10.37
C SER A 67 -0.75 -9.99 -11.40
N GLY A 68 -1.37 -8.89 -10.97
CA GLY A 68 -1.68 -7.78 -11.88
C GLY A 68 -0.80 -6.58 -11.59
N ALA A 69 -1.03 -5.48 -12.32
CA ALA A 69 -0.26 -4.26 -12.12
C ALA A 69 -1.19 -3.05 -12.06
N THR A 70 -0.62 -1.89 -11.74
CA THR A 70 -1.40 -0.66 -11.64
C THR A 70 -0.70 0.46 -12.39
N THR A 71 -0.24 1.46 -11.64
CA THR A 71 0.43 2.60 -12.25
C THR A 71 1.94 2.48 -12.08
N PRO A 72 2.67 3.44 -12.58
CA PRO A 72 4.16 3.46 -12.48
C PRO A 72 4.65 3.49 -11.03
N ASN A 73 4.24 2.48 -10.27
CA ASN A 73 4.62 2.38 -8.87
C ASN A 73 6.11 2.21 -8.74
N ASN A 74 6.73 1.51 -9.72
CA ASN A 74 8.17 1.26 -9.71
C ASN A 74 8.45 -0.09 -9.04
N ARG A 75 7.68 -0.42 -8.01
CA ARG A 75 7.86 -1.68 -7.30
C ARG A 75 7.58 -2.84 -8.25
N VAL A 76 6.57 -2.68 -9.09
CA VAL A 76 6.20 -3.72 -10.05
C VAL A 76 7.21 -3.76 -11.20
N ALA A 77 7.87 -2.63 -11.45
CA ALA A 77 8.84 -2.54 -12.52
C ALA A 77 9.83 -3.70 -12.45
N ASP A 78 10.89 -3.63 -13.26
CA ASP A 78 11.89 -4.69 -13.28
C ASP A 78 12.78 -4.62 -12.05
N ASP A 79 14.00 -5.12 -12.16
CA ASP A 79 14.93 -5.12 -11.05
C ASP A 79 15.06 -3.72 -10.46
N GLN A 80 14.46 -2.75 -11.12
CA GLN A 80 14.52 -1.37 -10.64
C GLN A 80 13.39 -1.11 -9.64
N GLY A 81 13.79 -0.83 -8.40
CA GLY A 81 12.81 -0.55 -7.35
C GLY A 81 12.29 -1.83 -6.73
N PHE A 82 13.16 -2.51 -5.97
CA PHE A 82 12.78 -3.74 -5.29
C PHE A 82 13.44 -3.84 -3.93
N LEU A 83 12.75 -4.48 -2.98
CA LEU A 83 13.30 -4.66 -1.64
C LEU A 83 14.17 -5.91 -1.59
N ARG A 84 13.60 -7.01 -1.11
CA ARG A 84 14.32 -8.28 -1.02
C ARG A 84 14.68 -8.76 -2.40
N GLN A 85 13.74 -8.65 -3.34
CA GLN A 85 13.96 -9.07 -4.73
C GLN A 85 13.55 -10.52 -4.93
N TRP A 86 12.32 -10.85 -4.56
CA TRP A 86 11.81 -12.21 -4.72
C TRP A 86 10.87 -12.29 -5.92
N SER A 87 10.53 -11.12 -6.47
CA SER A 87 9.62 -11.07 -7.61
C SER A 87 10.25 -11.74 -8.83
N LYS A 88 11.57 -11.62 -8.94
CA LYS A 88 12.29 -12.22 -10.05
C LYS A 88 11.89 -13.68 -10.23
N VAL A 89 11.40 -14.28 -9.15
CA VAL A 89 10.96 -15.68 -9.20
C VAL A 89 9.69 -15.83 -10.04
N ALA A 90 8.73 -14.93 -9.80
CA ALA A 90 7.47 -14.98 -10.53
C ALA A 90 7.71 -14.79 -12.01
N LYS A 91 8.50 -13.77 -12.35
CA LYS A 91 8.81 -13.49 -13.75
C LYS A 91 9.56 -14.66 -14.37
N GLU A 92 10.46 -15.26 -13.59
CA GLU A 92 11.25 -16.39 -14.07
C GLU A 92 10.33 -17.47 -14.63
N ARG A 93 9.15 -17.60 -14.04
CA ARG A 93 8.19 -18.61 -14.48
C ARG A 93 7.29 -18.03 -15.56
N LYS A 94 7.53 -16.77 -15.93
CA LYS A 94 6.74 -16.11 -16.98
C LYS A 94 5.45 -15.56 -16.39
N LEU A 95 4.74 -16.40 -15.64
CA LEU A 95 3.48 -15.99 -15.03
C LEU A 95 3.65 -14.66 -14.39
N GLN A 96 2.53 -13.90 -14.24
CA GLN A 96 2.57 -12.54 -13.65
C GLN A 96 2.04 -11.52 -14.65
N ARG A 97 0.75 -11.24 -14.57
CA ARG A 97 0.12 -10.26 -15.46
C ARG A 97 0.48 -8.84 -15.02
N LEU A 98 0.69 -7.95 -15.98
CA LEU A 98 1.05 -6.58 -15.68
C LEU A 98 0.19 -5.62 -16.48
N TYR A 99 -1.01 -6.06 -16.84
CA TYR A 99 -1.93 -5.22 -17.61
C TYR A 99 -3.36 -5.38 -17.11
N ILE A 100 -4.08 -4.26 -17.01
CA ILE A 100 -5.46 -4.29 -16.55
C ILE A 100 -6.32 -3.36 -17.40
N GLY A 101 -7.63 -3.51 -17.29
CA GLY A 101 -8.56 -2.69 -18.06
C GLY A 101 -9.79 -3.48 -18.47
N GLU A 102 -9.62 -4.80 -18.63
CA GLU A 102 -10.72 -5.67 -19.01
C GLU A 102 -10.49 -7.08 -18.49
N PRO A 103 -10.60 -7.26 -17.20
CA PRO A 103 -10.39 -8.58 -16.54
C PRO A 103 -11.37 -9.64 -17.06
N SER A 104 -10.90 -10.88 -17.14
CA SER A 104 -11.73 -11.98 -17.62
C SER A 104 -11.58 -13.20 -16.73
N ALA A 105 -12.71 -13.84 -16.41
CA ALA A 105 -12.69 -15.02 -15.56
C ALA A 105 -12.02 -16.19 -16.28
N GLU A 106 -12.28 -16.29 -17.58
CA GLU A 106 -11.72 -17.37 -18.38
C GLU A 106 -10.20 -17.26 -18.43
N ALA A 107 -9.71 -16.04 -18.60
CA ALA A 107 -8.27 -15.81 -18.68
C ALA A 107 -7.60 -16.22 -17.37
N VAL A 108 -8.24 -15.88 -16.25
CA VAL A 108 -7.71 -16.24 -14.94
C VAL A 108 -7.65 -17.75 -14.78
N ALA A 109 -8.72 -18.42 -15.21
CA ALA A 109 -8.79 -19.87 -15.10
C ALA A 109 -7.67 -20.51 -15.93
N ALA A 110 -7.35 -19.90 -17.06
CA ALA A 110 -6.31 -20.41 -17.93
C ALA A 110 -4.97 -20.43 -17.21
N GLN A 111 -4.87 -19.66 -16.13
CA GLN A 111 -3.64 -19.59 -15.35
C GLN A 111 -3.60 -20.71 -14.30
N MET A 112 -4.70 -21.43 -14.19
CA MET A 112 -4.79 -22.53 -13.22
C MET A 112 -4.27 -22.08 -11.86
N PRO A 113 -4.85 -21.03 -11.33
CA PRO A 113 -4.46 -20.49 -9.99
C PRO A 113 -4.87 -21.41 -8.86
N ASP A 114 -4.10 -21.40 -7.77
CA ASP A 114 -4.41 -22.24 -6.62
C ASP A 114 -5.06 -21.42 -5.52
N LEU A 115 -4.27 -20.58 -4.86
CA LEU A 115 -4.80 -19.73 -3.79
C LEU A 115 -4.77 -18.28 -4.22
N ILE A 116 -5.95 -17.69 -4.38
CA ILE A 116 -6.06 -16.29 -4.80
C ILE A 116 -6.37 -15.40 -3.61
N LEU A 117 -5.54 -14.37 -3.41
CA LEU A 117 -5.74 -13.45 -2.29
C LEU A 117 -6.21 -12.10 -2.80
N ILE A 118 -7.23 -11.55 -2.14
CA ILE A 118 -7.80 -10.26 -2.52
C ILE A 118 -7.70 -9.28 -1.36
N SER A 119 -7.36 -8.02 -1.69
CA SER A 119 -7.25 -6.98 -0.68
C SER A 119 -8.62 -6.39 -0.36
N ALA A 120 -8.68 -5.60 0.70
CA ALA A 120 -9.94 -4.96 1.10
C ALA A 120 -10.44 -4.06 -0.01
N THR A 121 -9.52 -3.37 -0.68
CA THR A 121 -9.89 -2.46 -1.77
C THR A 121 -8.91 -2.59 -2.93
N GLY A 122 -9.34 -2.17 -4.12
CA GLY A 122 -8.50 -2.25 -5.30
C GLY A 122 -8.94 -1.24 -6.35
N GLY A 123 -8.20 -1.18 -7.45
CA GLY A 123 -8.51 -0.24 -8.52
C GLY A 123 -9.88 -0.53 -9.12
N ASP A 124 -10.24 -1.81 -9.15
CA ASP A 124 -11.54 -2.22 -9.71
C ASP A 124 -12.31 -3.05 -8.68
N SER A 125 -13.64 -2.99 -8.77
CA SER A 125 -14.49 -3.73 -7.84
C SER A 125 -14.26 -5.22 -8.01
N ALA A 126 -14.27 -5.94 -6.88
CA ALA A 126 -14.05 -7.39 -6.91
C ALA A 126 -15.24 -8.12 -6.30
N LEU A 127 -16.32 -7.38 -6.07
CA LEU A 127 -17.52 -7.96 -5.48
C LEU A 127 -18.07 -9.06 -6.38
N ALA A 128 -18.02 -8.83 -7.68
CA ALA A 128 -18.53 -9.81 -8.64
C ALA A 128 -17.45 -10.86 -8.94
N LEU A 129 -16.20 -10.43 -8.97
CA LEU A 129 -15.09 -11.33 -9.23
C LEU A 129 -14.87 -12.25 -8.05
N TYR A 130 -15.08 -11.73 -6.86
CA TYR A 130 -14.87 -12.51 -5.64
C TYR A 130 -15.42 -13.92 -5.79
N ASP A 131 -16.73 -14.02 -5.98
CA ASP A 131 -17.37 -15.33 -6.11
C ASP A 131 -16.90 -16.03 -7.38
N GLN A 132 -16.83 -15.28 -8.47
CA GLN A 132 -16.41 -15.85 -9.75
C GLN A 132 -14.99 -16.39 -9.63
N LEU A 133 -14.17 -15.73 -8.82
CA LEU A 133 -12.79 -16.16 -8.61
C LEU A 133 -12.74 -17.40 -7.75
N SER A 134 -13.58 -17.44 -6.71
CA SER A 134 -13.60 -18.58 -5.79
C SER A 134 -13.89 -19.86 -6.57
N THR A 135 -14.93 -19.83 -7.39
CA THR A 135 -15.29 -21.00 -8.19
C THR A 135 -14.09 -21.51 -8.97
N ILE A 136 -13.32 -20.58 -9.54
CA ILE A 136 -12.13 -20.95 -10.29
C ILE A 136 -11.07 -21.56 -9.38
N ALA A 137 -10.88 -20.96 -8.20
CA ALA A 137 -9.90 -21.44 -7.26
C ALA A 137 -10.06 -20.75 -5.91
N PRO A 138 -9.65 -21.40 -4.84
CA PRO A 138 -9.75 -20.84 -3.47
C PRO A 138 -9.43 -19.35 -3.44
N THR A 139 -10.46 -18.52 -3.25
CA THR A 139 -10.27 -17.08 -3.19
C THR A 139 -10.50 -16.58 -1.78
N LEU A 140 -9.48 -15.93 -1.21
CA LEU A 140 -9.58 -15.40 0.15
C LEU A 140 -9.52 -13.89 0.13
N ILE A 141 -10.12 -13.27 1.14
CA ILE A 141 -10.14 -11.81 1.24
C ILE A 141 -9.68 -11.36 2.62
N ILE A 142 -8.75 -10.41 2.64
CA ILE A 142 -8.23 -9.90 3.91
C ILE A 142 -8.60 -8.44 4.10
N ASN A 143 -9.19 -8.12 5.25
CA ASN A 143 -9.59 -6.75 5.54
C ASN A 143 -8.59 -6.10 6.48
N TYR A 144 -7.74 -5.23 5.93
CA TYR A 144 -6.73 -4.54 6.73
C TYR A 144 -7.16 -3.12 7.05
N ASP A 145 -8.22 -2.67 6.39
CA ASP A 145 -8.72 -1.32 6.60
C ASP A 145 -9.25 -1.15 8.03
N ASP A 146 -9.80 -2.23 8.57
CA ASP A 146 -10.35 -2.20 9.93
C ASP A 146 -9.35 -2.78 10.91
N LYS A 147 -8.14 -3.06 10.44
CA LYS A 147 -7.10 -3.63 11.30
C LYS A 147 -5.77 -2.93 11.07
N SER A 148 -4.91 -2.97 12.08
CA SER A 148 -3.60 -2.32 11.99
C SER A 148 -2.67 -3.13 11.10
N TRP A 149 -1.56 -2.51 10.69
CA TRP A 149 -0.60 -3.18 9.81
C TRP A 149 -0.05 -4.44 10.49
N GLN A 150 0.37 -4.30 11.75
CA GLN A 150 0.91 -5.44 12.48
C GLN A 150 -0.09 -6.60 12.46
N SER A 151 -1.37 -6.29 12.63
CA SER A 151 -2.42 -7.29 12.60
C SER A 151 -2.47 -7.96 11.23
N LEU A 152 -2.34 -7.15 10.17
CA LEU A 152 -2.38 -7.67 8.81
C LEU A 152 -1.26 -8.68 8.60
N LEU A 153 -0.06 -8.35 9.06
CA LEU A 153 1.07 -9.26 8.92
C LEU A 153 0.80 -10.57 9.64
N THR A 154 0.25 -10.47 10.85
CA THR A 154 -0.05 -11.65 11.64
C THR A 154 -0.93 -12.59 10.83
N GLN A 155 -1.96 -12.03 10.18
CA GLN A 155 -2.86 -12.84 9.38
C GLN A 155 -2.11 -13.50 8.23
N LEU A 156 -1.22 -12.76 7.61
CA LEU A 156 -0.43 -13.30 6.51
C LEU A 156 0.42 -14.46 6.96
N GLY A 157 1.04 -14.32 8.12
CA GLY A 157 1.87 -15.38 8.66
C GLY A 157 1.03 -16.61 9.00
N GLU A 158 -0.15 -16.37 9.57
CA GLU A 158 -1.04 -17.47 9.94
C GLU A 158 -1.62 -18.14 8.70
N ILE A 159 -2.10 -17.32 7.77
CA ILE A 159 -2.68 -17.83 6.54
C ILE A 159 -1.64 -18.57 5.71
N THR A 160 -0.46 -17.98 5.60
CA THR A 160 0.62 -18.58 4.81
C THR A 160 1.51 -19.45 5.69
N GLY A 161 1.30 -19.36 7.00
CA GLY A 161 2.09 -20.14 7.95
C GLY A 161 3.54 -19.70 7.93
N HIS A 162 3.76 -18.43 7.57
CA HIS A 162 5.12 -17.89 7.51
C HIS A 162 5.41 -17.03 8.74
N GLU A 163 5.15 -17.59 9.92
CA GLU A 163 5.39 -16.88 11.17
C GLU A 163 6.89 -16.71 11.40
N LYS A 164 7.65 -17.75 11.09
CA LYS A 164 9.10 -17.72 11.30
C LYS A 164 9.72 -16.57 10.50
N GLN A 165 9.32 -16.48 9.22
CA GLN A 165 9.85 -15.42 8.36
C GLN A 165 9.51 -14.05 8.93
N ALA A 166 8.30 -13.92 9.47
CA ALA A 166 7.88 -12.65 10.06
C ALA A 166 8.77 -12.29 11.25
N ALA A 167 9.10 -13.30 12.06
CA ALA A 167 9.95 -13.08 13.23
C ALA A 167 11.33 -12.59 12.80
N GLU A 168 11.74 -13.00 11.60
CA GLU A 168 13.05 -12.59 11.08
C GLU A 168 13.03 -11.13 10.64
N ARG A 169 12.08 -10.80 9.76
CA ARG A 169 11.95 -9.44 9.26
C ARG A 169 11.58 -8.49 10.40
N ILE A 170 10.65 -8.92 11.25
CA ILE A 170 10.20 -8.09 12.36
C ILE A 170 11.36 -7.80 13.30
N ALA A 171 12.14 -8.83 13.61
CA ALA A 171 13.27 -8.66 14.52
C ALA A 171 14.28 -7.67 13.92
N GLN A 172 14.79 -8.00 12.73
CA GLN A 172 15.77 -7.16 12.08
C GLN A 172 15.23 -5.74 11.90
N PHE A 173 13.93 -5.64 11.67
CA PHE A 173 13.29 -4.35 11.49
C PHE A 173 13.00 -3.69 12.84
N ASP A 174 12.65 -4.51 13.82
CA ASP A 174 12.31 -4.01 15.15
C ASP A 174 13.46 -3.18 15.69
N LYS A 175 14.69 -3.66 15.48
CA LYS A 175 15.86 -2.95 15.96
C LYS A 175 15.98 -1.59 15.28
N GLN A 176 15.73 -1.56 13.98
CA GLN A 176 15.80 -0.32 13.21
C GLN A 176 14.73 0.66 13.69
N LEU A 177 13.56 0.13 14.01
CA LEU A 177 12.46 0.96 14.48
C LEU A 177 12.83 1.64 15.79
N ALA A 178 13.46 0.88 16.68
CA ALA A 178 13.87 1.44 17.98
C ALA A 178 14.86 2.59 17.78
N ALA A 179 15.93 2.31 17.03
CA ALA A 179 16.94 3.33 16.77
C ALA A 179 16.35 4.46 15.93
N ALA A 180 15.56 4.10 14.92
CA ALA A 180 14.94 5.09 14.05
C ALA A 180 13.98 5.96 14.83
N LYS A 181 13.23 5.35 15.74
CA LYS A 181 12.28 6.09 16.55
C LYS A 181 12.99 7.10 17.44
N GLU A 182 14.21 6.76 17.85
CA GLU A 182 14.99 7.67 18.69
C GLU A 182 15.92 8.54 17.85
N GLN A 183 16.22 8.07 16.65
CA GLN A 183 17.11 8.81 15.76
C GLN A 183 16.49 10.14 15.36
N ILE A 184 15.19 10.12 15.07
CA ILE A 184 14.48 11.32 14.66
C ILE A 184 14.20 12.20 15.87
N LYS A 185 14.42 13.51 15.70
CA LYS A 185 14.18 14.46 16.80
C LYS A 185 13.27 15.57 16.33
N LEU A 186 12.03 15.57 16.82
CA LEU A 186 11.07 16.58 16.44
C LEU A 186 9.74 16.38 17.20
N PRO A 187 9.27 17.39 17.88
CA PRO A 187 8.00 17.32 18.64
C PRO A 187 6.88 16.62 17.88
N PRO A 188 5.96 16.02 18.57
CA PRO A 188 4.81 15.31 17.93
C PRO A 188 3.85 16.27 17.23
N GLN A 189 3.34 15.84 16.09
CA GLN A 189 2.40 16.67 15.34
C GLN A 189 1.79 15.87 14.19
N PRO A 190 0.56 16.16 13.85
CA PRO A 190 -0.14 15.47 12.72
C PRO A 190 0.44 15.87 11.37
N VAL A 191 0.28 14.98 10.39
CA VAL A 191 0.78 15.24 9.04
C VAL A 191 -0.24 14.79 7.99
N THR A 192 -0.06 15.28 6.77
CA THR A 192 -0.96 14.92 5.68
C THR A 192 -0.20 14.80 4.37
N ALA A 193 -0.87 14.30 3.34
CA ALA A 193 -0.24 14.15 2.03
C ALA A 193 -1.29 14.31 0.92
N ILE A 194 -0.91 15.03 -0.14
CA ILE A 194 -1.82 15.26 -1.26
C ILE A 194 -1.11 15.04 -2.58
N VAL A 195 -1.84 14.54 -3.57
CA VAL A 195 -1.26 14.31 -4.89
C VAL A 195 -2.19 14.85 -5.98
N TYR A 196 -1.61 15.61 -6.91
CA TYR A 196 -2.40 16.18 -8.00
C TYR A 196 -1.53 16.38 -9.23
N THR A 197 -2.14 16.40 -10.40
CA THR A 197 -1.41 16.60 -11.65
C THR A 197 -1.95 17.80 -12.41
N ALA A 198 -1.08 18.76 -12.69
CA ALA A 198 -1.49 19.96 -13.40
C ALA A 198 -2.03 19.60 -14.79
N ALA A 199 -1.59 18.46 -15.31
CA ALA A 199 -2.05 18.02 -16.62
C ALA A 199 -3.47 17.45 -16.55
N ALA A 200 -3.69 16.57 -15.58
CA ALA A 200 -5.00 15.95 -15.42
C ALA A 200 -6.00 16.96 -14.86
N HIS A 201 -5.49 18.08 -14.36
CA HIS A 201 -6.34 19.11 -13.80
C HIS A 201 -7.30 18.53 -12.78
N SER A 202 -6.79 17.60 -11.96
CA SER A 202 -7.60 16.97 -10.93
C SER A 202 -6.84 16.88 -9.62
N ALA A 203 -7.55 17.04 -8.50
CA ALA A 203 -6.91 16.98 -7.18
C ALA A 203 -7.33 15.72 -6.46
N ASN A 204 -6.38 14.83 -6.21
CA ASN A 204 -6.66 13.57 -5.51
C ASN A 204 -5.85 13.48 -4.23
N LEU A 205 -6.51 13.11 -3.14
CA LEU A 205 -5.83 13.00 -1.86
C LEU A 205 -5.76 11.54 -1.42
N TRP A 206 -4.67 11.19 -0.73
CA TRP A 206 -4.51 9.83 -0.24
C TRP A 206 -4.89 9.74 1.24
N THR A 207 -5.74 8.78 1.57
CA THR A 207 -6.17 8.60 2.94
C THR A 207 -5.32 7.57 3.67
N PRO A 208 -5.23 7.67 4.97
CA PRO A 208 -4.45 6.71 5.81
C PRO A 208 -5.09 5.31 5.82
N GLU A 209 -6.37 5.25 5.43
CA GLU A 209 -7.08 3.98 5.43
C GLU A 209 -6.26 2.92 4.70
N SER A 210 -5.29 3.36 3.91
CA SER A 210 -4.44 2.43 3.17
C SER A 210 -3.41 1.80 4.10
N ALA A 211 -2.79 0.72 3.64
CA ALA A 211 -1.79 0.03 4.45
C ALA A 211 -0.65 0.96 4.82
N GLN A 212 -0.41 1.95 3.96
CA GLN A 212 0.65 2.92 4.21
C GLN A 212 0.37 3.71 5.48
N GLY A 213 -0.88 4.11 5.66
CA GLY A 213 -1.26 4.89 6.83
C GLY A 213 -0.97 4.13 8.11
N GLN A 214 -1.33 2.84 8.13
CA GLN A 214 -1.09 2.01 9.31
C GLN A 214 0.40 1.86 9.57
N MET A 215 1.17 1.72 8.49
CA MET A 215 2.62 1.57 8.62
C MET A 215 3.22 2.81 9.27
N LEU A 216 2.74 3.99 8.87
CA LEU A 216 3.24 5.23 9.44
C LEU A 216 2.92 5.29 10.93
N GLU A 217 1.69 4.98 11.28
CA GLU A 217 1.27 5.01 12.68
C GLU A 217 2.20 4.14 13.53
N GLN A 218 2.72 3.08 12.92
CA GLN A 218 3.63 2.19 13.61
C GLN A 218 4.97 2.87 13.84
N LEU A 219 5.24 3.93 13.09
CA LEU A 219 6.50 4.66 13.21
C LEU A 219 6.40 5.74 14.27
N GLY A 220 5.17 5.97 14.76
CA GLY A 220 4.95 6.99 15.79
C GLY A 220 4.39 8.26 15.18
N PHE A 221 4.16 8.24 13.88
CA PHE A 221 3.62 9.41 13.18
C PHE A 221 2.10 9.37 13.20
N THR A 222 1.49 10.56 13.12
CA THR A 222 0.03 10.67 13.14
C THR A 222 -0.47 11.23 11.82
N LEU A 223 -1.44 10.54 11.22
CA LEU A 223 -2.01 10.98 9.95
C LEU A 223 -3.24 11.84 10.17
N ALA A 224 -3.44 12.81 9.29
CA ALA A 224 -4.58 13.70 9.40
C ALA A 224 -5.87 12.94 9.08
N LYS A 225 -6.97 13.39 9.67
CA LYS A 225 -8.27 12.75 9.44
C LYS A 225 -9.32 13.80 9.11
N LEU A 226 -10.08 13.55 8.04
CA LEU A 226 -11.13 14.47 7.61
C LEU A 226 -12.50 13.83 7.77
N PRO A 227 -13.15 14.05 8.89
CA PRO A 227 -14.50 13.49 9.16
C PRO A 227 -15.49 13.89 8.07
N ALA A 228 -16.33 12.94 7.68
CA ALA A 228 -17.33 13.18 6.64
C ALA A 228 -16.64 13.54 5.32
N GLY A 229 -15.42 14.08 5.41
CA GLY A 229 -14.67 14.46 4.22
C GLY A 229 -14.20 13.22 3.45
N LEU A 230 -13.59 12.28 4.16
CA LEU A 230 -13.10 11.07 3.53
C LEU A 230 -14.21 10.39 2.76
N ASN A 231 -15.42 10.43 3.30
CA ASN A 231 -16.57 9.83 2.63
C ASN A 231 -16.89 10.56 1.33
N ALA A 232 -15.86 11.02 0.63
CA ALA A 232 -16.04 11.73 -0.62
C ALA A 232 -17.24 12.68 -0.54
N SER A 233 -17.00 13.88 -0.06
CA SER A 233 -18.06 14.88 0.07
C SER A 233 -18.36 15.52 -1.28
N GLN A 234 -17.44 15.33 -2.23
CA GLN A 234 -17.62 15.91 -3.56
C GLN A 234 -18.29 14.90 -4.49
N SER A 235 -17.89 13.64 -4.39
CA SER A 235 -18.46 12.59 -5.22
C SER A 235 -19.93 12.37 -4.87
N GLN A 236 -20.34 12.85 -3.70
CA GLN A 236 -21.72 12.70 -3.26
C GLN A 236 -22.11 11.22 -3.25
N GLY A 237 -21.22 10.37 -2.76
CA GLY A 237 -21.49 8.95 -2.70
C GLY A 237 -20.31 8.20 -2.08
N LYS A 238 -20.11 6.96 -2.53
CA LYS A 238 -19.00 6.14 -2.01
C LYS A 238 -18.07 5.72 -3.14
N ARG A 239 -16.77 5.69 -2.85
CA ARG A 239 -15.79 5.31 -3.85
C ARG A 239 -14.56 4.69 -3.19
N HIS A 240 -13.90 3.78 -3.88
CA HIS A 240 -12.71 3.13 -3.35
C HIS A 240 -11.45 3.75 -3.95
N ASP A 241 -10.38 2.96 -4.04
CA ASP A 241 -9.14 3.44 -4.60
C ASP A 241 -8.65 4.67 -3.83
N ILE A 242 -9.04 5.85 -4.33
CA ILE A 242 -8.63 7.10 -3.70
C ILE A 242 -9.84 7.97 -3.39
N ILE A 243 -9.61 9.10 -2.74
CA ILE A 243 -10.69 10.01 -2.38
C ILE A 243 -10.45 11.40 -2.95
N GLN A 244 -11.52 12.05 -3.41
CA GLN A 244 -11.42 13.38 -3.99
C GLN A 244 -11.82 14.43 -2.96
N LEU A 245 -11.55 15.70 -3.28
CA LEU A 245 -11.90 16.80 -2.40
C LEU A 245 -12.25 18.06 -3.18
N GLY A 246 -13.11 18.89 -2.59
CA GLY A 246 -13.52 20.12 -3.25
C GLY A 246 -12.35 21.06 -3.45
N GLY A 247 -11.46 21.11 -2.46
CA GLY A 247 -10.29 21.98 -2.53
C GLY A 247 -10.16 22.82 -1.28
N GLU A 248 -11.04 22.60 -0.31
CA GLU A 248 -11.01 23.35 0.94
C GLU A 248 -9.89 22.83 1.85
N ASN A 249 -9.95 21.54 2.18
CA ASN A 249 -8.95 20.94 3.04
C ASN A 249 -7.58 21.02 2.40
N LEU A 250 -7.54 20.86 1.08
CA LEU A 250 -6.26 20.92 0.35
C LEU A 250 -5.51 22.18 0.71
N ALA A 251 -6.04 23.32 0.28
CA ALA A 251 -5.37 24.60 0.55
C ALA A 251 -5.10 24.74 2.04
N ALA A 252 -6.07 24.36 2.86
CA ALA A 252 -5.90 24.45 4.31
C ALA A 252 -4.97 23.36 4.81
N GLY A 253 -4.19 22.78 3.90
CA GLY A 253 -3.25 21.72 4.26
C GLY A 253 -3.77 20.88 5.42
N LEU A 254 -5.01 20.45 5.31
CA LEU A 254 -5.65 19.66 6.36
C LEU A 254 -5.24 20.18 7.74
N ASN A 255 -4.43 19.39 8.45
CA ASN A 255 -3.99 19.78 9.78
C ASN A 255 -3.21 21.08 9.71
N GLY A 256 -2.30 21.19 8.74
CA GLY A 256 -1.50 22.39 8.59
C GLY A 256 -0.28 22.37 9.50
N GLU A 257 -0.05 21.22 10.14
CA GLU A 257 1.09 21.08 11.05
C GLU A 257 2.24 20.39 10.35
N SER A 258 1.96 19.78 9.20
CA SER A 258 2.99 19.08 8.44
C SER A 258 2.38 18.42 7.21
N LEU A 259 3.14 18.43 6.11
CA LEU A 259 2.67 17.83 4.88
C LEU A 259 3.83 17.26 4.07
N PHE A 260 3.74 15.97 3.73
CA PHE A 260 4.78 15.33 2.91
C PHE A 260 4.37 15.27 1.47
N LEU A 261 5.35 15.44 0.59
CA LEU A 261 5.07 15.43 -0.85
C LEU A 261 5.30 14.04 -1.43
N PHE A 262 4.20 13.35 -1.74
CA PHE A 262 4.30 12.01 -2.31
C PHE A 262 4.07 12.07 -3.82
N ALA A 263 3.58 13.21 -4.30
CA ALA A 263 3.32 13.38 -5.73
C ALA A 263 4.62 13.36 -6.52
N GLY A 264 5.65 14.00 -5.98
CA GLY A 264 6.94 14.07 -6.65
C GLY A 264 7.96 14.82 -5.81
N ASP A 265 9.21 14.80 -6.26
CA ASP A 265 10.27 15.49 -5.53
C ASP A 265 10.16 17.00 -5.69
N GLN A 266 11.12 17.59 -6.38
CA GLN A 266 11.14 19.03 -6.61
C GLN A 266 9.99 19.44 -7.53
N LYS A 267 9.60 18.52 -8.41
CA LYS A 267 8.53 18.81 -9.36
C LYS A 267 7.25 19.17 -8.62
N ASP A 268 6.94 18.42 -7.57
CA ASP A 268 5.74 18.69 -6.78
C ASP A 268 5.85 20.06 -6.11
N ALA A 269 7.03 20.35 -5.54
CA ALA A 269 7.24 21.62 -4.87
C ALA A 269 6.88 22.78 -5.79
N ASP A 270 7.56 22.86 -6.93
CA ASP A 270 7.29 23.92 -7.90
C ASP A 270 5.80 24.00 -8.20
N ALA A 271 5.18 22.83 -8.38
CA ALA A 271 3.75 22.78 -8.68
C ALA A 271 2.96 23.52 -7.59
N ILE A 272 3.33 23.28 -6.35
CA ILE A 272 2.66 23.94 -5.22
C ILE A 272 2.88 25.45 -5.28
N TYR A 273 4.11 25.86 -5.55
CA TYR A 273 4.44 27.28 -5.63
C TYR A 273 3.55 27.97 -6.64
N ALA A 274 3.26 27.28 -7.73
CA ALA A 274 2.40 27.85 -8.78
C ALA A 274 0.94 27.80 -8.34
N ASN A 275 0.70 27.30 -7.13
CA ASN A 275 -0.65 27.19 -6.60
C ASN A 275 -0.81 28.10 -5.38
N PRO A 276 -1.24 29.33 -5.59
CA PRO A 276 -1.45 30.30 -4.48
C PRO A 276 -2.34 29.74 -3.38
N LEU A 277 -3.19 28.80 -3.74
CA LEU A 277 -4.09 28.19 -2.77
C LEU A 277 -3.30 27.43 -1.73
N LEU A 278 -2.27 26.73 -2.17
CA LEU A 278 -1.43 25.94 -1.26
C LEU A 278 -0.21 26.74 -0.82
N ALA A 279 -0.15 27.99 -1.24
CA ALA A 279 0.95 28.86 -0.87
C ALA A 279 0.89 29.25 0.60
N HIS A 280 -0.33 29.41 1.11
CA HIS A 280 -0.54 29.80 2.49
C HIS A 280 -0.39 28.60 3.42
N LEU A 281 -0.02 27.46 2.83
CA LEU A 281 0.15 26.26 3.59
C LEU A 281 1.37 26.38 4.53
N PRO A 282 1.18 26.25 5.81
CA PRO A 282 2.28 26.35 6.79
C PRO A 282 3.51 25.53 6.39
N ALA A 283 3.28 24.36 5.82
CA ALA A 283 4.36 23.50 5.39
C ALA A 283 5.24 24.22 4.37
N VAL A 284 4.61 24.90 3.42
CA VAL A 284 5.34 25.64 2.41
C VAL A 284 6.10 26.80 3.04
N GLN A 285 5.44 27.51 3.95
CA GLN A 285 6.06 28.65 4.61
C GLN A 285 7.23 28.19 5.47
N ASN A 286 7.05 27.06 6.16
CA ASN A 286 8.10 26.53 7.02
C ASN A 286 9.00 25.59 6.24
N LYS A 287 8.56 25.21 5.04
CA LYS A 287 9.34 24.32 4.19
C LYS A 287 9.52 22.95 4.87
N GLN A 288 8.54 22.55 5.65
CA GLN A 288 8.59 21.26 6.34
C GLN A 288 8.00 20.17 5.46
N VAL A 289 8.36 20.19 4.19
CA VAL A 289 7.86 19.18 3.24
C VAL A 289 8.94 18.15 2.93
N TYR A 290 8.54 16.88 2.93
CA TYR A 290 9.47 15.80 2.64
C TYR A 290 9.07 15.06 1.36
N ALA A 291 10.04 14.85 0.49
CA ALA A 291 9.76 14.15 -0.77
C ALA A 291 9.81 12.64 -0.58
N LEU A 292 8.68 12.05 -0.23
CA LEU A 292 8.59 10.62 -0.03
C LEU A 292 8.88 9.87 -1.34
N GLY A 293 8.34 10.39 -2.43
CA GLY A 293 8.55 9.75 -3.74
C GLY A 293 7.59 8.58 -3.91
N THR A 294 7.46 8.12 -5.16
CA THR A 294 6.59 6.99 -5.45
C THR A 294 7.21 5.67 -4.99
N GLU A 295 8.53 5.66 -4.92
CA GLU A 295 9.26 4.46 -4.50
C GLU A 295 8.99 4.17 -3.03
N THR A 296 8.84 5.23 -2.25
CA THR A 296 8.61 5.09 -0.82
C THR A 296 7.19 4.60 -0.55
N PHE A 297 6.60 3.93 -1.53
CA PHE A 297 5.24 3.43 -1.39
C PHE A 297 5.16 2.50 -0.19
N ARG A 298 6.07 1.53 -0.13
CA ARG A 298 6.10 0.58 0.99
C ARG A 298 7.34 0.83 1.82
N LEU A 299 7.28 0.48 3.11
CA LEU A 299 8.40 0.66 4.00
C LEU A 299 8.92 -0.68 4.50
N ASP A 300 10.22 -0.91 4.31
CA ASP A 300 10.83 -2.16 4.76
C ASP A 300 12.29 -1.92 5.16
N TYR A 301 12.87 -2.89 5.84
CA TYR A 301 14.25 -2.78 6.29
C TYR A 301 15.15 -2.35 5.13
N TYR A 302 14.87 -2.87 3.94
CA TYR A 302 15.66 -2.54 2.78
C TYR A 302 15.42 -1.09 2.32
N SER A 303 14.21 -0.82 1.87
CA SER A 303 13.86 0.51 1.41
C SER A 303 14.01 1.54 2.53
N ALA A 304 13.76 1.12 3.76
CA ALA A 304 13.86 2.01 4.89
C ALA A 304 15.22 2.67 4.95
N MET A 305 16.22 2.03 4.37
CA MET A 305 17.57 2.57 4.34
C MET A 305 17.61 3.89 3.55
N GLN A 306 16.89 3.92 2.43
CA GLN A 306 16.86 5.12 1.60
C GLN A 306 15.92 6.16 2.18
N VAL A 307 14.75 5.71 2.61
CA VAL A 307 13.75 6.60 3.19
C VAL A 307 14.26 7.18 4.51
N LEU A 308 14.87 6.31 5.33
CA LEU A 308 15.36 6.74 6.62
C LEU A 308 16.41 7.84 6.45
N ASP A 309 17.35 7.63 5.55
CA ASP A 309 18.38 8.63 5.30
C ASP A 309 17.79 9.86 4.62
N ARG A 310 16.87 9.62 3.69
CA ARG A 310 16.25 10.70 2.94
C ARG A 310 15.48 11.62 3.88
N LEU A 311 14.84 11.03 4.89
CA LEU A 311 14.08 11.80 5.86
C LEU A 311 14.97 12.26 7.00
N LYS A 312 16.27 11.99 6.88
CA LYS A 312 17.24 12.38 7.92
C LYS A 312 18.18 13.45 7.37
N ALA A 313 18.14 13.66 6.06
CA ALA A 313 19.00 14.66 5.44
C ALA A 313 18.66 16.05 5.95
N LEU A 314 17.37 16.30 6.18
CA LEU A 314 16.94 17.60 6.65
C LEU A 314 17.57 17.90 8.01
N PHE A 315 17.50 16.94 8.92
CA PHE A 315 18.07 17.12 10.26
C PHE A 315 19.58 16.91 10.21
N ALA A 24 1.19 -24.69 7.46
CA ALA A 24 1.57 -25.93 8.19
C ALA A 24 2.25 -26.89 7.22
N ASP A 25 2.64 -28.05 7.73
CA ASP A 25 3.31 -29.05 6.89
C ASP A 25 2.29 -30.00 6.27
N TRP A 26 1.02 -29.80 6.62
CA TRP A 26 -0.03 -30.65 6.09
C TRP A 26 -1.31 -29.83 5.88
N PRO A 27 -2.34 -30.47 5.39
CA PRO A 27 -3.65 -29.80 5.13
C PRO A 27 -4.26 -29.23 6.40
N ARG A 28 -4.94 -28.10 6.26
CA ARG A 28 -5.57 -27.44 7.40
C ARG A 28 -6.72 -26.56 6.94
N GLN A 29 -7.38 -25.90 7.91
CA GLN A 29 -8.50 -25.02 7.59
C GLN A 29 -8.16 -23.58 7.96
N ILE A 30 -8.51 -22.65 7.07
CA ILE A 30 -8.24 -21.24 7.30
C ILE A 30 -9.52 -20.43 7.22
N THR A 31 -9.60 -19.37 8.02
CA THR A 31 -10.79 -18.51 8.01
C THR A 31 -10.42 -17.08 7.63
N ASP A 32 -11.24 -16.48 6.77
CA ASP A 32 -10.99 -15.10 6.34
C ASP A 32 -11.87 -14.13 7.11
N SER A 33 -12.35 -13.10 6.43
CA SER A 33 -13.21 -12.11 7.06
C SER A 33 -14.52 -12.74 7.51
N ARG A 34 -15.03 -13.68 6.71
CA ARG A 34 -16.27 -14.37 7.04
C ARG A 34 -16.25 -15.78 6.48
N GLY A 35 -16.27 -15.90 5.15
CA GLY A 35 -16.27 -17.21 4.52
C GLY A 35 -15.06 -18.02 4.93
N THR A 36 -15.24 -19.32 5.11
CA THR A 36 -14.15 -20.20 5.52
C THR A 36 -13.79 -21.16 4.39
N HIS A 37 -12.50 -21.26 4.09
CA HIS A 37 -12.02 -22.14 3.03
C HIS A 37 -11.08 -23.20 3.58
N THR A 38 -11.36 -24.46 3.26
CA THR A 38 -10.52 -25.56 3.75
C THR A 38 -9.33 -25.77 2.83
N LEU A 39 -8.15 -25.84 3.40
CA LEU A 39 -6.93 -26.04 2.62
C LEU A 39 -6.56 -27.52 2.59
N GLU A 40 -7.26 -28.27 1.73
CA GLU A 40 -7.00 -29.70 1.60
C GLU A 40 -5.61 -29.94 1.04
N SER A 41 -5.14 -29.04 0.20
CA SER A 41 -3.82 -29.17 -0.40
C SER A 41 -3.59 -28.05 -1.41
N GLN A 42 -2.69 -27.12 -1.05
CA GLN A 42 -2.39 -25.99 -1.92
C GLN A 42 -0.89 -25.96 -2.26
N PRO A 43 -0.50 -26.59 -3.34
CA PRO A 43 0.91 -26.63 -3.79
C PRO A 43 1.48 -25.22 -3.98
N GLN A 44 2.78 -25.07 -3.74
CA GLN A 44 3.43 -23.77 -3.88
C GLN A 44 2.92 -23.04 -5.11
N ARG A 45 1.79 -22.36 -4.95
CA ARG A 45 1.18 -21.62 -6.06
C ARG A 45 0.38 -20.44 -5.52
N ILE A 46 1.06 -19.48 -4.94
CA ILE A 46 0.40 -18.30 -4.39
C ILE A 46 -0.02 -17.35 -5.49
N VAL A 47 -1.28 -16.92 -5.44
CA VAL A 47 -1.82 -16.01 -6.45
C VAL A 47 -2.36 -14.75 -5.79
N SER A 48 -2.23 -13.62 -6.48
CA SER A 48 -2.72 -12.35 -5.94
C SER A 48 -3.46 -11.56 -7.01
N THR A 49 -4.51 -10.85 -6.60
CA THR A 49 -5.30 -10.05 -7.54
C THR A 49 -4.89 -8.58 -7.46
N SER A 50 -5.02 -8.00 -6.28
CA SER A 50 -4.66 -6.60 -6.09
C SER A 50 -3.15 -6.45 -5.94
N VAL A 51 -2.64 -5.27 -6.27
CA VAL A 51 -1.22 -5.00 -6.15
C VAL A 51 -0.82 -4.82 -4.69
N THR A 52 -1.80 -4.48 -3.85
CA THR A 52 -1.53 -4.26 -2.43
C THR A 52 -0.94 -5.52 -1.79
N LEU A 53 -1.63 -6.64 -1.98
CA LEU A 53 -1.16 -7.90 -1.45
C LEU A 53 0.12 -8.33 -2.15
N THR A 54 0.15 -8.16 -3.47
CA THR A 54 1.32 -8.56 -4.26
C THR A 54 2.60 -8.14 -3.55
N GLY A 55 2.69 -6.86 -3.21
CA GLY A 55 3.86 -6.35 -2.51
C GLY A 55 3.91 -6.85 -1.06
N SER A 56 2.73 -6.94 -0.45
CA SER A 56 2.64 -7.40 0.94
C SER A 56 3.14 -8.83 1.05
N LEU A 57 2.72 -9.69 0.13
CA LEU A 57 3.13 -11.07 0.13
C LEU A 57 4.63 -11.20 -0.15
N LEU A 58 5.10 -10.40 -1.10
CA LEU A 58 6.51 -10.43 -1.47
C LEU A 58 7.39 -10.03 -0.31
N ALA A 59 6.95 -9.02 0.44
CA ALA A 59 7.72 -8.53 1.57
C ALA A 59 7.94 -9.61 2.60
N ILE A 60 6.94 -10.47 2.78
CA ILE A 60 7.02 -11.55 3.75
C ILE A 60 7.59 -12.82 3.12
N ASP A 61 8.42 -12.65 2.11
CA ASP A 61 9.03 -13.79 1.44
C ASP A 61 7.96 -14.75 0.92
N ALA A 62 6.99 -14.22 0.17
CA ALA A 62 5.91 -15.03 -0.38
C ALA A 62 5.58 -14.57 -1.78
N PRO A 63 6.40 -14.90 -2.75
CA PRO A 63 6.20 -14.49 -4.16
C PRO A 63 4.94 -15.10 -4.77
N VAL A 64 4.36 -14.41 -5.73
CA VAL A 64 3.16 -14.89 -6.40
C VAL A 64 3.45 -15.21 -7.86
N ILE A 65 2.90 -16.34 -8.32
CA ILE A 65 3.10 -16.76 -9.69
C ILE A 65 2.36 -15.84 -10.66
N ALA A 66 1.12 -15.49 -10.32
CA ALA A 66 0.30 -14.64 -11.16
C ALA A 66 -0.20 -13.43 -10.39
N SER A 67 -0.03 -12.26 -10.98
CA SER A 67 -0.46 -11.02 -10.33
C SER A 67 -0.72 -9.94 -11.36
N GLY A 68 -1.34 -8.84 -10.94
CA GLY A 68 -1.65 -7.74 -11.84
C GLY A 68 -0.75 -6.53 -11.55
N ALA A 69 -0.99 -5.44 -12.27
CA ALA A 69 -0.21 -4.22 -12.07
C ALA A 69 -1.12 -3.01 -12.02
N THR A 70 -0.56 -1.85 -11.70
CA THR A 70 -1.34 -0.62 -11.60
C THR A 70 -0.63 0.51 -12.34
N THR A 71 -0.15 1.49 -11.58
CA THR A 71 0.53 2.64 -12.18
C THR A 71 2.04 2.50 -12.01
N PRO A 72 2.78 3.45 -12.51
CA PRO A 72 4.27 3.45 -12.41
C PRO A 72 4.76 3.48 -10.95
N ASN A 73 4.34 2.48 -10.19
CA ASN A 73 4.72 2.38 -8.80
C ASN A 73 6.21 2.20 -8.67
N ASN A 74 6.82 1.48 -9.62
CA ASN A 74 8.26 1.21 -9.62
C ASN A 74 8.53 -0.13 -8.95
N ARG A 75 7.75 -0.44 -7.92
CA ARG A 75 7.91 -1.72 -7.21
C ARG A 75 7.63 -2.88 -8.16
N VAL A 76 6.61 -2.72 -9.00
CA VAL A 76 6.25 -3.76 -9.96
C VAL A 76 7.24 -3.80 -11.11
N ALA A 77 7.89 -2.67 -11.37
CA ALA A 77 8.87 -2.58 -12.44
C ALA A 77 9.85 -3.73 -12.38
N ASP A 78 10.89 -3.67 -13.20
CA ASP A 78 11.91 -4.72 -13.23
C ASP A 78 12.80 -4.65 -12.00
N ASP A 79 14.03 -5.15 -12.13
CA ASP A 79 14.96 -5.14 -11.01
C ASP A 79 15.10 -3.75 -10.42
N GLN A 80 14.49 -2.77 -11.08
CA GLN A 80 14.54 -1.39 -10.62
C GLN A 80 13.43 -1.12 -9.61
N GLY A 81 13.83 -0.86 -8.36
CA GLY A 81 12.86 -0.58 -7.31
C GLY A 81 12.35 -1.86 -6.68
N PHE A 82 13.20 -2.53 -5.91
CA PHE A 82 12.81 -3.76 -5.24
C PHE A 82 13.48 -3.87 -3.88
N LEU A 83 12.78 -4.51 -2.94
CA LEU A 83 13.32 -4.68 -1.59
C LEU A 83 14.20 -5.93 -1.54
N ARG A 84 13.62 -7.04 -1.05
CA ARG A 84 14.35 -8.30 -0.96
C ARG A 84 14.72 -8.79 -2.35
N GLN A 85 13.76 -8.68 -3.29
CA GLN A 85 13.99 -9.10 -4.68
C GLN A 85 13.58 -10.55 -4.89
N TRP A 86 12.35 -10.87 -4.51
CA TRP A 86 11.84 -12.24 -4.67
C TRP A 86 10.90 -12.31 -5.86
N SER A 87 10.55 -11.15 -6.41
CA SER A 87 9.65 -11.09 -7.55
C SER A 87 10.26 -11.76 -8.77
N LYS A 88 11.59 -11.64 -8.89
CA LYS A 88 12.30 -12.24 -10.01
C LYS A 88 11.89 -13.70 -10.18
N VAL A 89 11.40 -14.30 -9.10
CA VAL A 89 10.96 -15.70 -9.15
C VAL A 89 9.69 -15.83 -9.98
N ALA A 90 8.74 -14.94 -9.74
CA ALA A 90 7.47 -14.99 -10.47
C ALA A 90 7.71 -14.80 -11.96
N LYS A 91 8.50 -13.77 -12.30
CA LYS A 91 8.80 -13.49 -13.69
C LYS A 91 9.56 -14.66 -14.32
N GLU A 92 10.46 -15.27 -13.54
CA GLU A 92 11.24 -16.39 -14.03
C GLU A 92 10.32 -17.47 -14.58
N ARG A 93 9.13 -17.59 -14.00
CA ARG A 93 8.18 -18.60 -14.45
C ARG A 93 7.28 -18.03 -15.52
N LYS A 94 7.52 -16.77 -15.89
CA LYS A 94 6.74 -16.11 -16.94
C LYS A 94 5.45 -15.55 -16.35
N LEU A 95 4.73 -16.39 -15.60
CA LEU A 95 3.47 -15.97 -14.99
C LEU A 95 3.65 -14.64 -14.34
N GLN A 96 2.55 -13.88 -14.21
CA GLN A 96 2.58 -12.52 -13.61
C GLN A 96 2.06 -11.49 -14.60
N ARG A 97 0.76 -11.21 -14.53
CA ARG A 97 0.15 -10.23 -15.42
C ARG A 97 0.52 -8.81 -14.98
N LEU A 98 0.72 -7.92 -15.94
CA LEU A 98 1.09 -6.54 -15.64
C LEU A 98 0.23 -5.58 -16.44
N TYR A 99 -0.97 -6.01 -16.79
CA TYR A 99 -1.89 -5.17 -17.56
C TYR A 99 -3.31 -5.33 -17.06
N ILE A 100 -4.03 -4.21 -16.96
CA ILE A 100 -5.42 -4.24 -16.50
C ILE A 100 -6.27 -3.32 -17.37
N GLY A 101 -7.59 -3.48 -17.26
CA GLY A 101 -8.52 -2.65 -18.03
C GLY A 101 -9.74 -3.45 -18.45
N GLU A 102 -9.57 -4.76 -18.60
CA GLU A 102 -10.67 -5.63 -18.98
C GLU A 102 -10.43 -7.05 -18.47
N PRO A 103 -10.54 -7.24 -17.19
CA PRO A 103 -10.31 -8.57 -16.55
C PRO A 103 -11.29 -9.63 -17.07
N SER A 104 -10.82 -10.86 -17.17
CA SER A 104 -11.66 -11.96 -17.65
C SER A 104 -11.51 -13.18 -16.75
N ALA A 105 -12.64 -13.81 -16.43
CA ALA A 105 -12.62 -15.00 -15.59
C ALA A 105 -11.97 -16.17 -16.31
N GLU A 106 -12.23 -16.27 -17.60
CA GLU A 106 -11.67 -17.35 -18.40
C GLU A 106 -10.15 -17.25 -18.45
N ALA A 107 -9.66 -16.02 -18.63
CA ALA A 107 -8.21 -15.80 -18.69
C ALA A 107 -7.55 -16.21 -17.38
N VAL A 108 -8.18 -15.87 -16.27
CA VAL A 108 -7.66 -16.22 -14.96
C VAL A 108 -7.61 -17.73 -14.79
N ALA A 109 -8.68 -18.40 -15.21
CA ALA A 109 -8.75 -19.86 -15.11
C ALA A 109 -7.65 -20.50 -15.92
N ALA A 110 -7.33 -19.89 -17.06
CA ALA A 110 -6.29 -20.41 -17.93
C ALA A 110 -4.94 -20.44 -17.21
N GLN A 111 -4.84 -19.66 -16.13
CA GLN A 111 -3.60 -19.59 -15.36
C GLN A 111 -3.57 -20.71 -14.32
N MET A 112 -4.68 -21.43 -14.19
CA MET A 112 -4.76 -22.52 -13.22
C MET A 112 -4.26 -22.06 -11.85
N PRO A 113 -4.82 -21.02 -11.33
CA PRO A 113 -4.44 -20.46 -10.00
C PRO A 113 -4.85 -21.39 -8.85
N ASP A 114 -4.07 -21.37 -7.78
CA ASP A 114 -4.37 -22.21 -6.61
C ASP A 114 -5.04 -21.38 -5.52
N LEU A 115 -4.24 -20.56 -4.84
CA LEU A 115 -4.78 -19.70 -3.77
C LEU A 115 -4.76 -18.25 -4.21
N ILE A 116 -5.94 -17.67 -4.36
CA ILE A 116 -6.05 -16.27 -4.79
C ILE A 116 -6.37 -15.39 -3.60
N LEU A 117 -5.55 -14.35 -3.40
CA LEU A 117 -5.75 -13.43 -2.28
C LEU A 117 -6.22 -12.08 -2.78
N ILE A 118 -7.25 -11.53 -2.13
CA ILE A 118 -7.81 -10.24 -2.52
C ILE A 118 -7.71 -9.25 -1.36
N SER A 119 -7.37 -8.01 -1.69
CA SER A 119 -7.25 -6.96 -0.68
C SER A 119 -8.62 -6.36 -0.36
N ALA A 120 -8.69 -5.57 0.70
CA ALA A 120 -9.93 -4.93 1.10
C ALA A 120 -10.44 -4.03 -0.01
N THR A 121 -9.52 -3.35 -0.69
CA THR A 121 -9.89 -2.44 -1.79
C THR A 121 -8.91 -2.58 -2.94
N GLY A 122 -9.35 -2.16 -4.13
CA GLY A 122 -8.50 -2.24 -5.31
C GLY A 122 -8.93 -1.22 -6.36
N GLY A 123 -8.19 -1.16 -7.45
CA GLY A 123 -8.50 -0.22 -8.52
C GLY A 123 -9.87 -0.51 -9.13
N ASP A 124 -10.23 -1.79 -9.17
CA ASP A 124 -11.52 -2.20 -9.73
C ASP A 124 -12.30 -3.02 -8.71
N SER A 125 -13.62 -2.97 -8.81
CA SER A 125 -14.48 -3.71 -7.89
C SER A 125 -14.26 -5.21 -8.05
N ALA A 126 -14.25 -5.93 -6.92
CA ALA A 126 -14.04 -7.37 -6.95
C ALA A 126 -15.24 -8.10 -6.34
N LEU A 127 -16.32 -7.37 -6.11
CA LEU A 127 -17.52 -7.94 -5.53
C LEU A 127 -18.07 -9.04 -6.43
N ALA A 128 -18.00 -8.82 -7.74
CA ALA A 128 -18.49 -9.79 -8.70
C ALA A 128 -17.43 -10.85 -8.99
N LEU A 129 -16.18 -10.42 -9.01
CA LEU A 129 -15.07 -11.32 -9.26
C LEU A 129 -14.85 -12.24 -8.07
N TYR A 130 -15.07 -11.71 -6.88
CA TYR A 130 -14.86 -12.49 -5.66
C TYR A 130 -15.41 -13.91 -5.82
N ASP A 131 -16.73 -14.00 -6.01
CA ASP A 131 -17.36 -15.31 -6.15
C ASP A 131 -16.89 -16.02 -7.41
N GLN A 132 -16.80 -15.27 -8.51
CA GLN A 132 -16.37 -15.84 -9.77
C GLN A 132 -14.95 -16.38 -9.66
N LEU A 133 -14.14 -15.71 -8.84
CA LEU A 133 -12.77 -16.15 -8.62
C LEU A 133 -12.72 -17.40 -7.75
N SER A 134 -13.57 -17.43 -6.73
CA SER A 134 -13.60 -18.57 -5.82
C SER A 134 -13.89 -19.84 -6.58
N THR A 135 -14.92 -19.81 -7.42
CA THR A 135 -15.29 -20.98 -8.21
C THR A 135 -14.08 -21.49 -8.98
N ILE A 136 -13.31 -20.57 -9.55
CA ILE A 136 -12.11 -20.93 -10.30
C ILE A 136 -11.06 -21.55 -9.38
N ALA A 137 -10.88 -20.95 -8.20
CA ALA A 137 -9.90 -21.43 -7.26
C ALA A 137 -10.06 -20.74 -5.91
N PRO A 138 -9.65 -21.38 -4.84
CA PRO A 138 -9.74 -20.82 -3.47
C PRO A 138 -9.42 -19.34 -3.44
N THR A 139 -10.46 -18.52 -3.25
CA THR A 139 -10.28 -17.07 -3.19
C THR A 139 -10.51 -16.57 -1.79
N LEU A 140 -9.49 -15.93 -1.21
CA LEU A 140 -9.58 -15.39 0.15
C LEU A 140 -9.53 -13.87 0.13
N ILE A 141 -10.13 -13.25 1.14
CA ILE A 141 -10.15 -11.80 1.23
C ILE A 141 -9.68 -11.35 2.61
N ILE A 142 -8.76 -10.40 2.64
CA ILE A 142 -8.23 -9.89 3.91
C ILE A 142 -8.60 -8.42 4.09
N ASN A 143 -9.20 -8.11 5.24
CA ASN A 143 -9.60 -6.73 5.53
C ASN A 143 -8.59 -6.08 6.48
N TYR A 144 -7.73 -5.22 5.92
CA TYR A 144 -6.72 -4.53 6.72
C TYR A 144 -7.15 -3.11 7.04
N ASP A 145 -8.20 -2.66 6.38
CA ASP A 145 -8.70 -1.31 6.59
C ASP A 145 -9.22 -1.14 8.01
N ASP A 146 -9.78 -2.21 8.56
CA ASP A 146 -10.32 -2.18 9.91
C ASP A 146 -9.33 -2.77 10.90
N LYS A 147 -8.11 -3.04 10.43
CA LYS A 147 -7.08 -3.62 11.29
C LYS A 147 -5.74 -2.92 11.06
N SER A 148 -4.88 -2.96 12.07
CA SER A 148 -3.57 -2.33 11.97
C SER A 148 -2.64 -3.14 11.08
N TRP A 149 -1.52 -2.53 10.68
CA TRP A 149 -0.56 -3.20 9.81
C TRP A 149 -0.04 -4.46 10.49
N GLN A 150 0.38 -4.33 11.73
CA GLN A 150 0.92 -5.47 12.48
C GLN A 150 -0.08 -6.63 12.46
N SER A 151 -1.36 -6.30 12.63
CA SER A 151 -2.41 -7.31 12.59
C SER A 151 -2.46 -7.97 11.22
N LEU A 152 -2.32 -7.17 10.17
CA LEU A 152 -2.36 -7.68 8.81
C LEU A 152 -1.26 -8.71 8.60
N LEU A 153 -0.07 -8.39 9.08
CA LEU A 153 1.06 -9.30 8.93
C LEU A 153 0.77 -10.62 9.65
N THR A 154 0.21 -10.51 10.85
CA THR A 154 -0.11 -11.70 11.64
C THR A 154 -0.99 -12.63 10.81
N GLN A 155 -2.01 -12.06 10.15
CA GLN A 155 -2.93 -12.86 9.33
C GLN A 155 -2.16 -13.51 8.19
N LEU A 156 -1.25 -12.77 7.59
CA LEU A 156 -0.46 -13.31 6.48
C LEU A 156 0.37 -14.48 6.93
N GLY A 157 0.97 -14.36 8.09
CA GLY A 157 1.79 -15.43 8.63
C GLY A 157 0.94 -16.65 8.95
N GLU A 158 -0.24 -16.42 9.51
CA GLU A 158 -1.14 -17.51 9.86
C GLU A 158 -1.72 -18.15 8.61
N ILE A 159 -2.19 -17.32 7.69
CA ILE A 159 -2.78 -17.81 6.45
C ILE A 159 -1.74 -18.55 5.62
N THR A 160 -0.55 -17.97 5.52
CA THR A 160 0.51 -18.57 4.72
C THR A 160 1.40 -19.45 5.59
N GLY A 161 1.19 -19.38 6.90
CA GLY A 161 1.97 -20.19 7.84
C GLY A 161 3.43 -19.75 7.83
N HIS A 162 3.66 -18.48 7.46
CA HIS A 162 5.03 -17.95 7.41
C HIS A 162 5.30 -17.08 8.63
N GLU A 163 5.05 -17.63 9.82
CA GLU A 163 5.29 -16.90 11.06
C GLU A 163 6.79 -16.73 11.29
N LYS A 164 7.55 -17.77 10.99
CA LYS A 164 8.99 -17.73 11.19
C LYS A 164 9.60 -16.57 10.39
N GLN A 165 9.22 -16.47 9.13
CA GLN A 165 9.74 -15.42 8.26
C GLN A 165 9.37 -14.05 8.82
N ALA A 166 8.16 -13.94 9.34
CA ALA A 166 7.69 -12.68 9.91
C ALA A 166 8.55 -12.30 11.12
N ALA A 167 8.89 -13.28 11.94
CA ALA A 167 9.72 -13.04 13.12
C ALA A 167 11.11 -12.56 12.70
N GLU A 168 11.54 -12.97 11.50
CA GLU A 168 12.84 -12.56 11.00
C GLU A 168 12.82 -11.10 10.54
N ARG A 169 11.88 -10.78 9.67
CA ARG A 169 11.77 -9.42 9.15
C ARG A 169 11.42 -8.45 10.28
N ILE A 170 10.50 -8.86 11.14
CA ILE A 170 10.08 -8.01 12.25
C ILE A 170 11.25 -7.76 13.20
N ALA A 171 12.00 -8.81 13.50
CA ALA A 171 13.13 -8.68 14.40
C ALA A 171 14.16 -7.71 13.82
N GLN A 172 14.70 -8.07 12.66
CA GLN A 172 15.71 -7.23 12.02
C GLN A 172 15.20 -5.82 11.84
N PHE A 173 13.91 -5.68 11.58
CA PHE A 173 13.30 -4.38 11.40
C PHE A 173 13.03 -3.71 12.75
N ASP A 174 12.67 -4.53 13.73
CA ASP A 174 12.35 -4.02 15.06
C ASP A 174 13.52 -3.21 15.60
N LYS A 175 14.73 -3.71 15.37
CA LYS A 175 15.92 -3.00 15.85
C LYS A 175 16.04 -1.63 15.19
N GLN A 176 15.78 -1.59 13.89
CA GLN A 176 15.87 -0.34 13.14
C GLN A 176 14.81 0.64 13.63
N LEU A 177 13.62 0.11 13.94
CA LEU A 177 12.54 0.95 14.43
C LEU A 177 12.91 1.61 15.74
N ALA A 178 13.55 0.85 16.62
CA ALA A 178 13.96 1.40 17.91
C ALA A 178 14.95 2.53 17.73
N ALA A 179 16.02 2.27 16.97
CA ALA A 179 17.03 3.28 16.72
C ALA A 179 16.45 4.42 15.88
N ALA A 180 15.65 4.06 14.88
CA ALA A 180 15.04 5.06 14.00
C ALA A 180 14.07 5.93 14.78
N LYS A 181 13.33 5.32 15.70
CA LYS A 181 12.36 6.05 16.52
C LYS A 181 13.08 7.07 17.39
N GLU A 182 14.30 6.73 17.80
CA GLU A 182 15.08 7.64 18.65
C GLU A 182 16.00 8.51 17.80
N GLN A 183 16.30 8.05 16.59
CA GLN A 183 17.18 8.80 15.70
C GLN A 183 16.55 10.13 15.30
N ILE A 184 15.25 10.09 15.03
CA ILE A 184 14.53 11.29 14.63
C ILE A 184 14.24 12.17 15.84
N LYS A 185 14.45 13.48 15.68
CA LYS A 185 14.19 14.42 16.77
C LYS A 185 13.28 15.54 16.31
N LEU A 186 12.04 15.53 16.79
CA LEU A 186 11.10 16.56 16.41
C LEU A 186 9.77 16.36 17.17
N PRO A 187 9.30 17.39 17.84
CA PRO A 187 8.03 17.32 18.61
C PRO A 187 6.91 16.62 17.83
N PRO A 188 5.99 16.01 18.54
CA PRO A 188 4.83 15.31 17.89
C PRO A 188 3.87 16.27 17.21
N GLN A 189 3.35 15.85 16.07
CA GLN A 189 2.41 16.66 15.33
C GLN A 189 1.79 15.87 14.18
N PRO A 190 0.55 16.15 13.84
CA PRO A 190 -0.15 15.48 12.72
C PRO A 190 0.43 15.86 11.36
N VAL A 191 0.27 14.98 10.38
CA VAL A 191 0.77 15.24 9.04
C VAL A 191 -0.24 14.80 7.99
N THR A 192 -0.07 15.28 6.76
CA THR A 192 -0.98 14.93 5.67
C THR A 192 -0.22 14.81 4.36
N ALA A 193 -0.89 14.30 3.33
CA ALA A 193 -0.26 14.15 2.02
C ALA A 193 -1.31 14.31 0.93
N ILE A 194 -0.94 15.03 -0.13
CA ILE A 194 -1.86 15.24 -1.26
C ILE A 194 -1.16 15.03 -2.58
N VAL A 195 -1.88 14.53 -3.57
CA VAL A 195 -1.31 14.29 -4.89
C VAL A 195 -2.23 14.84 -5.98
N TYR A 196 -1.66 15.59 -6.91
CA TYR A 196 -2.44 16.16 -8.00
C TYR A 196 -1.57 16.36 -9.22
N THR A 197 -2.19 16.37 -10.41
CA THR A 197 -1.45 16.58 -11.66
C THR A 197 -2.01 17.78 -12.41
N ALA A 198 -1.14 18.74 -12.69
CA ALA A 198 -1.54 19.94 -13.42
C ALA A 198 -2.08 19.57 -14.80
N ALA A 199 -1.64 18.44 -15.33
CA ALA A 199 -2.08 17.98 -16.63
C ALA A 199 -3.50 17.42 -16.57
N ALA A 200 -3.73 16.54 -15.59
CA ALA A 200 -5.03 15.92 -15.43
C ALA A 200 -6.03 16.92 -14.85
N HIS A 201 -5.50 18.05 -14.39
CA HIS A 201 -6.35 19.09 -13.81
C HIS A 201 -7.31 18.48 -12.79
N SER A 202 -6.80 17.56 -11.97
CA SER A 202 -7.61 16.92 -10.95
C SER A 202 -6.85 16.84 -9.63
N ALA A 203 -7.57 17.00 -8.53
CA ALA A 203 -6.95 16.95 -7.20
C ALA A 203 -7.38 15.69 -6.47
N ASN A 204 -6.42 14.80 -6.21
CA ASN A 204 -6.70 13.56 -5.51
C ASN A 204 -5.90 13.47 -4.23
N LEU A 205 -6.55 13.10 -3.13
CA LEU A 205 -5.87 12.98 -1.85
C LEU A 205 -5.80 11.53 -1.41
N TRP A 206 -4.72 11.17 -0.72
CA TRP A 206 -4.55 9.80 -0.24
C TRP A 206 -4.92 9.72 1.24
N THR A 207 -5.77 8.76 1.57
CA THR A 207 -6.20 8.58 2.95
C THR A 207 -5.35 7.53 3.67
N PRO A 208 -5.25 7.64 4.97
CA PRO A 208 -4.48 6.67 5.80
C PRO A 208 -5.12 5.28 5.81
N GLU A 209 -6.40 5.23 5.44
CA GLU A 209 -7.12 3.95 5.42
C GLU A 209 -6.30 2.89 4.70
N SER A 210 -5.33 3.33 3.90
CA SER A 210 -4.47 2.40 3.17
C SER A 210 -3.45 1.77 4.10
N ALA A 211 -2.82 0.70 3.63
CA ALA A 211 -1.82 0.00 4.42
C ALA A 211 -0.68 0.95 4.79
N GLN A 212 -0.43 1.93 3.94
CA GLN A 212 0.63 2.89 4.19
C GLN A 212 0.36 3.70 5.45
N GLY A 213 -0.90 4.08 5.64
CA GLY A 213 -1.29 4.86 6.81
C GLY A 213 -0.98 4.09 8.10
N GLN A 214 -1.34 2.81 8.12
CA GLN A 214 -1.10 1.98 9.29
C GLN A 214 0.40 1.84 9.54
N MET A 215 1.17 1.70 8.47
CA MET A 215 2.62 1.56 8.59
C MET A 215 3.22 2.80 9.23
N LEU A 216 2.74 3.97 8.83
CA LEU A 216 3.24 5.22 9.39
C LEU A 216 2.92 5.29 10.88
N GLU A 217 1.67 4.98 11.24
CA GLU A 217 1.27 5.01 12.65
C GLU A 217 2.19 4.14 13.49
N GLN A 218 2.71 3.08 12.88
CA GLN A 218 3.63 2.19 13.57
C GLN A 218 4.97 2.87 13.81
N LEU A 219 5.23 3.93 13.05
CA LEU A 219 6.49 4.65 13.17
C LEU A 219 6.39 5.73 14.24
N GLY A 220 5.17 5.96 14.73
CA GLY A 220 4.95 6.97 15.77
C GLY A 220 4.39 8.25 15.16
N PHE A 221 4.14 8.23 13.86
CA PHE A 221 3.59 9.40 13.17
C PHE A 221 2.08 9.37 13.20
N THR A 222 1.47 10.55 13.13
CA THR A 222 0.01 10.65 13.14
C THR A 222 -0.50 11.22 11.83
N LEU A 223 -1.46 10.52 11.22
CA LEU A 223 -2.03 10.96 9.95
C LEU A 223 -3.26 11.82 10.17
N ALA A 224 -3.45 12.80 9.29
CA ALA A 224 -4.60 13.69 9.39
C ALA A 224 -5.88 12.94 9.07
N LYS A 225 -7.00 13.39 9.65
CA LYS A 225 -8.29 12.76 9.42
C LYS A 225 -9.34 13.80 9.10
N LEU A 226 -10.10 13.57 8.04
CA LEU A 226 -11.15 14.50 7.61
C LEU A 226 -12.52 13.86 7.78
N PRO A 227 -13.16 14.07 8.90
CA PRO A 227 -14.52 13.51 9.17
C PRO A 227 -15.51 13.91 8.09
N ALA A 228 -16.36 12.96 7.70
CA ALA A 228 -17.35 13.20 6.66
C ALA A 228 -16.67 13.56 5.33
N GLY A 229 -15.44 14.10 5.42
CA GLY A 229 -14.70 14.48 4.24
C GLY A 229 -14.23 13.24 3.47
N LEU A 230 -13.61 12.31 4.18
CA LEU A 230 -13.11 11.10 3.55
C LEU A 230 -14.22 10.40 2.79
N ASN A 231 -15.42 10.45 3.34
CA ASN A 231 -16.56 9.82 2.68
C ASN A 231 -16.91 10.54 1.37
N ALA A 232 -15.87 11.00 0.67
CA ALA A 232 -16.07 11.71 -0.59
C ALA A 232 -17.29 12.62 -0.52
N SER A 233 -17.06 13.86 -0.06
CA SER A 233 -18.15 14.82 0.06
C SER A 233 -18.45 15.46 -1.30
N GLN A 234 -17.53 15.28 -2.24
CA GLN A 234 -17.69 15.85 -3.58
C GLN A 234 -18.38 14.86 -4.50
N SER A 235 -17.99 13.60 -4.40
CA SER A 235 -18.56 12.55 -5.24
C SER A 235 -20.03 12.33 -4.87
N GLN A 236 -20.43 12.82 -3.71
CA GLN A 236 -21.80 12.67 -3.24
C GLN A 236 -22.19 11.19 -3.22
N GLY A 237 -21.29 10.36 -2.72
CA GLY A 237 -21.55 8.92 -2.65
C GLY A 237 -20.37 8.19 -2.04
N LYS A 238 -20.16 6.94 -2.47
CA LYS A 238 -19.05 6.14 -1.96
C LYS A 238 -18.12 5.73 -3.09
N ARG A 239 -16.83 5.70 -2.80
CA ARG A 239 -15.84 5.33 -3.81
C ARG A 239 -14.61 4.72 -3.14
N HIS A 240 -13.96 3.79 -3.86
CA HIS A 240 -12.76 3.14 -3.33
C HIS A 240 -11.51 3.76 -3.93
N ASP A 241 -10.45 2.97 -4.03
CA ASP A 241 -9.19 3.45 -4.58
C ASP A 241 -8.70 4.68 -3.82
N ILE A 242 -9.09 5.86 -4.30
CA ILE A 242 -8.68 7.11 -3.68
C ILE A 242 -9.89 7.98 -3.38
N ILE A 243 -9.65 9.11 -2.72
CA ILE A 243 -10.74 10.02 -2.36
C ILE A 243 -10.49 11.40 -2.95
N GLN A 244 -11.56 12.05 -3.39
CA GLN A 244 -11.46 13.39 -3.98
C GLN A 244 -11.85 14.44 -2.96
N LEU A 245 -11.59 15.70 -3.29
CA LEU A 245 -11.91 16.81 -2.40
C LEU A 245 -12.27 18.07 -3.19
N GLY A 246 -13.13 18.90 -2.60
CA GLY A 246 -13.54 20.13 -3.27
C GLY A 246 -12.37 21.07 -3.47
N GLY A 247 -11.48 21.13 -2.48
CA GLY A 247 -10.31 21.99 -2.55
C GLY A 247 -10.18 22.83 -1.29
N GLU A 248 -11.06 22.60 -0.32
CA GLU A 248 -11.03 23.36 0.93
C GLU A 248 -9.92 22.84 1.84
N ASN A 249 -9.98 21.56 2.16
CA ASN A 249 -8.98 20.95 3.03
C ASN A 249 -7.60 21.02 2.39
N LEU A 250 -7.57 20.87 1.06
CA LEU A 250 -6.29 20.92 0.35
C LEU A 250 -5.53 22.19 0.70
N ALA A 251 -6.06 23.33 0.28
CA ALA A 251 -5.40 24.60 0.55
C ALA A 251 -5.12 24.74 2.05
N ALA A 252 -6.08 24.35 2.86
CA ALA A 252 -5.93 24.44 4.31
C ALA A 252 -4.99 23.36 4.81
N GLY A 253 -4.21 22.78 3.90
CA GLY A 253 -3.26 21.72 4.26
C GLY A 253 -3.78 20.88 5.42
N LEU A 254 -5.03 20.44 5.31
CA LEU A 254 -5.66 19.66 6.36
C LEU A 254 -5.25 20.17 7.74
N ASN A 255 -4.44 19.38 8.45
CA ASN A 255 -4.00 19.78 9.78
C ASN A 255 -3.21 21.08 9.71
N GLY A 256 -2.30 21.18 8.74
CA GLY A 256 -1.50 22.39 8.58
C GLY A 256 -0.29 22.36 9.49
N GLU A 257 -0.05 21.22 10.13
CA GLU A 257 1.08 21.08 11.04
C GLU A 257 2.24 20.37 10.34
N SER A 258 1.95 19.77 9.19
CA SER A 258 2.98 19.06 8.43
C SER A 258 2.38 18.41 7.20
N LEU A 259 3.12 18.43 6.10
CA LEU A 259 2.66 17.83 4.87
C LEU A 259 3.81 17.25 4.07
N PHE A 260 3.72 15.97 3.71
CA PHE A 260 4.76 15.31 2.90
C PHE A 260 4.35 15.26 1.45
N LEU A 261 5.31 15.44 0.56
CA LEU A 261 5.03 15.42 -0.87
C LEU A 261 5.25 14.04 -1.45
N PHE A 262 4.15 13.36 -1.76
CA PHE A 262 4.23 12.02 -2.33
C PHE A 262 3.99 12.08 -3.84
N ALA A 263 3.53 13.22 -4.31
CA ALA A 263 3.27 13.39 -5.74
C ALA A 263 4.56 13.36 -6.54
N GLY A 264 5.60 13.99 -6.00
CA GLY A 264 6.89 14.03 -6.66
C GLY A 264 7.91 14.79 -5.83
N ASP A 265 9.16 14.79 -6.29
CA ASP A 265 10.23 15.48 -5.57
C ASP A 265 10.11 17.00 -5.74
N GLN A 266 11.08 17.59 -6.43
CA GLN A 266 11.07 19.02 -6.66
C GLN A 266 9.93 19.42 -7.58
N LYS A 267 9.52 18.50 -8.44
CA LYS A 267 8.45 18.77 -9.39
C LYS A 267 7.18 19.15 -8.64
N ASP A 268 6.87 18.40 -7.58
CA ASP A 268 5.68 18.68 -6.79
C ASP A 268 5.81 20.04 -6.12
N ALA A 269 6.98 20.32 -5.56
CA ALA A 269 7.21 21.60 -4.88
C ALA A 269 6.85 22.75 -5.80
N ASP A 270 7.52 22.84 -6.95
CA ASP A 270 7.25 23.91 -7.90
C ASP A 270 5.75 23.98 -8.21
N ALA A 271 5.13 22.82 -8.39
CA ALA A 271 3.70 22.78 -8.67
C ALA A 271 2.93 23.51 -7.59
N ILE A 272 3.30 23.29 -6.33
CA ILE A 272 2.63 23.94 -5.21
C ILE A 272 2.86 25.45 -5.26
N TYR A 273 4.09 25.85 -5.55
CA TYR A 273 4.43 27.26 -5.62
C TYR A 273 3.53 27.97 -6.64
N ALA A 274 3.24 27.28 -7.72
CA ALA A 274 2.39 27.85 -8.77
C ALA A 274 0.93 27.81 -8.34
N ASN A 275 0.68 27.29 -7.12
CA ASN A 275 -0.67 27.19 -6.60
C ASN A 275 -0.84 28.10 -5.38
N PRO A 276 -1.26 29.33 -5.58
CA PRO A 276 -1.48 30.30 -4.48
C PRO A 276 -2.35 29.73 -3.37
N LEU A 277 -3.22 28.80 -3.74
CA LEU A 277 -4.11 28.19 -2.77
C LEU A 277 -3.31 27.42 -1.72
N LEU A 278 -2.28 26.72 -2.17
CA LEU A 278 -1.44 25.94 -1.26
C LEU A 278 -0.23 26.73 -0.82
N ALA A 279 -0.18 27.99 -1.24
CA ALA A 279 0.94 28.86 -0.88
C ALA A 279 0.87 29.24 0.59
N HIS A 280 -0.36 29.41 1.10
CA HIS A 280 -0.55 29.81 2.49
C HIS A 280 -0.40 28.60 3.41
N LEU A 281 -0.03 27.46 2.82
CA LEU A 281 0.14 26.26 3.59
C LEU A 281 1.36 26.37 4.52
N PRO A 282 1.17 26.25 5.81
CA PRO A 282 2.28 26.35 6.79
C PRO A 282 3.51 25.53 6.39
N ALA A 283 3.27 24.36 5.82
CA ALA A 283 4.36 23.49 5.39
C ALA A 283 5.24 24.21 4.37
N VAL A 284 4.60 24.90 3.42
CA VAL A 284 5.34 25.64 2.41
C VAL A 284 6.11 26.79 3.04
N GLN A 285 5.44 27.51 3.95
CA GLN A 285 6.07 28.64 4.61
C GLN A 285 7.24 28.18 5.47
N ASN A 286 7.06 27.04 6.15
CA ASN A 286 8.10 26.51 7.01
C ASN A 286 9.01 25.56 6.23
N LYS A 287 8.56 25.20 5.03
CA LYS A 287 9.34 24.29 4.18
C LYS A 287 9.52 22.93 4.86
N GLN A 288 8.53 22.53 5.64
CA GLN A 288 8.58 21.24 6.33
C GLN A 288 7.99 20.14 5.46
N VAL A 289 8.35 20.16 4.17
CA VAL A 289 7.84 19.17 3.22
C VAL A 289 8.92 18.14 2.91
N TYR A 290 8.52 16.87 2.90
CA TYR A 290 9.45 15.78 2.60
C TYR A 290 9.05 15.06 1.33
N ALA A 291 10.01 14.85 0.44
CA ALA A 291 9.74 14.16 -0.82
C ALA A 291 9.80 12.65 -0.64
N LEU A 292 8.68 12.05 -0.26
CA LEU A 292 8.61 10.62 -0.08
C LEU A 292 8.84 9.88 -1.38
N GLY A 293 8.28 10.42 -2.46
CA GLY A 293 8.42 9.79 -3.78
C GLY A 293 7.49 8.60 -3.91
N THR A 294 7.37 8.08 -5.13
CA THR A 294 6.52 6.94 -5.39
C THR A 294 7.18 5.65 -4.91
N GLU A 295 8.51 5.66 -4.86
CA GLU A 295 9.25 4.49 -4.42
C GLU A 295 9.00 4.22 -2.94
N THR A 296 8.84 5.29 -2.18
CA THR A 296 8.61 5.16 -0.74
C THR A 296 7.20 4.65 -0.46
N PHE A 297 6.62 3.96 -1.44
CA PHE A 297 5.26 3.44 -1.28
C PHE A 297 5.18 2.53 -0.06
N ARG A 298 6.10 1.57 0.01
CA ARG A 298 6.15 0.64 1.14
C ARG A 298 7.41 0.88 1.95
N LEU A 299 7.36 0.52 3.24
CA LEU A 299 8.50 0.69 4.12
C LEU A 299 9.02 -0.65 4.59
N ASP A 300 10.31 -0.90 4.35
CA ASP A 300 10.94 -2.14 4.78
C ASP A 300 12.40 -1.91 5.15
N TYR A 301 13.00 -2.89 5.82
CA TYR A 301 14.39 -2.78 6.24
C TYR A 301 15.26 -2.34 5.07
N TYR A 302 14.96 -2.84 3.88
CA TYR A 302 15.74 -2.50 2.70
C TYR A 302 15.46 -1.06 2.26
N SER A 303 14.24 -0.80 1.84
CA SER A 303 13.86 0.52 1.38
C SER A 303 14.04 1.56 2.49
N ALA A 304 13.82 1.14 3.72
CA ALA A 304 13.93 2.03 4.86
C ALA A 304 15.29 2.70 4.88
N MET A 305 16.28 2.05 4.27
CA MET A 305 17.63 2.61 4.23
C MET A 305 17.66 3.93 3.45
N GLN A 306 16.92 3.97 2.34
CA GLN A 306 16.86 5.17 1.53
C GLN A 306 15.91 6.19 2.12
N VAL A 307 14.75 5.73 2.56
CA VAL A 307 13.76 6.60 3.16
C VAL A 307 14.28 7.17 4.47
N LEU A 308 14.90 6.32 5.27
CA LEU A 308 15.42 6.76 6.57
C LEU A 308 16.44 7.86 6.39
N ASP A 309 17.39 7.65 5.46
CA ASP A 309 18.41 8.65 5.21
C ASP A 309 17.80 9.88 4.54
N ARG A 310 16.87 9.64 3.61
CA ARG A 310 16.23 10.72 2.88
C ARG A 310 15.48 11.63 3.84
N LEU A 311 14.84 11.02 4.84
CA LEU A 311 14.08 11.78 5.82
C LEU A 311 14.98 12.24 6.96
N LYS A 312 16.28 11.97 6.84
CA LYS A 312 17.24 12.37 7.86
C LYS A 312 18.18 13.44 7.32
N ALA A 313 18.13 13.65 6.00
CA ALA A 313 18.99 14.65 5.38
C ALA A 313 18.64 16.05 5.90
N LEU A 314 17.36 16.29 6.13
CA LEU A 314 16.93 17.59 6.62
C LEU A 314 17.56 17.88 7.97
N PHE A 315 17.48 16.92 8.88
CA PHE A 315 18.07 17.09 10.22
C PHE A 315 19.58 16.91 10.15
N ALA A 24 1.14 -24.68 7.54
CA ALA A 24 1.53 -25.93 8.26
C ALA A 24 2.21 -26.87 7.29
N ASP A 25 2.62 -28.04 7.81
CA ASP A 25 3.30 -29.03 6.97
C ASP A 25 2.28 -29.98 6.35
N TRP A 26 1.01 -29.78 6.68
CA TRP A 26 -0.06 -30.63 6.16
C TRP A 26 -1.33 -29.81 5.93
N PRO A 27 -2.36 -30.45 5.44
CA PRO A 27 -3.67 -29.79 5.17
C PRO A 27 -4.29 -29.21 6.43
N ARG A 28 -4.98 -28.09 6.29
CA ARG A 28 -5.62 -27.45 7.43
C ARG A 28 -6.77 -26.56 6.97
N GLN A 29 -7.41 -25.89 7.92
CA GLN A 29 -8.54 -25.01 7.60
C GLN A 29 -8.19 -23.57 7.96
N ILE A 30 -8.53 -22.64 7.08
CA ILE A 30 -8.25 -21.23 7.30
C ILE A 30 -9.54 -20.41 7.21
N THR A 31 -9.62 -19.35 8.02
CA THR A 31 -10.80 -18.49 8.02
C THR A 31 -10.44 -17.07 7.64
N ASP A 32 -11.25 -16.46 6.77
CA ASP A 32 -11.00 -15.08 6.34
C ASP A 32 -11.89 -14.12 7.11
N SER A 33 -12.35 -13.07 6.44
CA SER A 33 -13.21 -12.08 7.07
C SER A 33 -14.53 -12.73 7.52
N ARG A 34 -15.03 -13.66 6.72
CA ARG A 34 -16.27 -14.35 7.05
C ARG A 34 -16.27 -15.76 6.48
N GLY A 35 -16.26 -15.87 5.15
CA GLY A 35 -16.26 -17.17 4.50
C GLY A 35 -15.05 -17.99 4.93
N THR A 36 -15.26 -19.28 5.10
CA THR A 36 -14.17 -20.18 5.52
C THR A 36 -13.82 -21.14 4.39
N HIS A 37 -12.52 -21.24 4.10
CA HIS A 37 -12.04 -22.12 3.04
C HIS A 37 -11.11 -23.19 3.60
N THR A 38 -11.38 -24.44 3.28
CA THR A 38 -10.56 -25.55 3.76
C THR A 38 -9.37 -25.75 2.84
N LEU A 39 -8.18 -25.84 3.42
CA LEU A 39 -6.96 -26.05 2.64
C LEU A 39 -6.60 -27.52 2.61
N GLU A 40 -7.29 -28.28 1.77
CA GLU A 40 -7.03 -29.71 1.65
C GLU A 40 -5.63 -29.96 1.09
N SER A 41 -5.17 -29.05 0.24
CA SER A 41 -3.86 -29.18 -0.37
C SER A 41 -3.62 -28.06 -1.36
N GLN A 42 -2.72 -27.14 -1.02
CA GLN A 42 -2.40 -26.01 -1.88
C GLN A 42 -0.92 -25.98 -2.21
N PRO A 43 -0.52 -26.62 -3.29
CA PRO A 43 0.90 -26.65 -3.73
C PRO A 43 1.46 -25.25 -3.93
N GLN A 44 2.76 -25.10 -3.70
CA GLN A 44 3.42 -23.80 -3.84
C GLN A 44 2.91 -23.06 -5.07
N ARG A 45 1.77 -22.39 -4.92
CA ARG A 45 1.18 -21.66 -6.02
C ARG A 45 0.37 -20.46 -5.50
N ILE A 46 1.07 -19.50 -4.92
CA ILE A 46 0.40 -18.32 -4.37
C ILE A 46 -0.02 -17.37 -5.48
N VAL A 47 -1.28 -16.95 -5.44
CA VAL A 47 -1.82 -16.03 -6.45
C VAL A 47 -2.35 -14.77 -5.80
N SER A 48 -2.22 -13.64 -6.49
CA SER A 48 -2.69 -12.37 -5.95
C SER A 48 -3.44 -11.58 -7.02
N THR A 49 -4.49 -10.86 -6.61
CA THR A 49 -5.27 -10.07 -7.55
C THR A 49 -4.87 -8.59 -7.46
N SER A 50 -5.00 -8.01 -6.27
CA SER A 50 -4.65 -6.61 -6.08
C SER A 50 -3.14 -6.46 -5.92
N VAL A 51 -2.64 -5.28 -6.26
CA VAL A 51 -1.21 -5.00 -6.14
C VAL A 51 -0.82 -4.83 -4.67
N THR A 52 -1.79 -4.50 -3.84
CA THR A 52 -1.52 -4.27 -2.42
C THR A 52 -0.94 -5.53 -1.78
N LEU A 53 -1.63 -6.66 -1.97
CA LEU A 53 -1.15 -7.91 -1.45
C LEU A 53 0.13 -8.34 -2.15
N THR A 54 0.16 -8.17 -3.47
CA THR A 54 1.31 -8.57 -4.26
C THR A 54 2.61 -8.15 -3.54
N GLY A 55 2.70 -6.87 -3.20
CA GLY A 55 3.87 -6.36 -2.50
C GLY A 55 3.91 -6.87 -1.06
N SER A 56 2.73 -6.96 -0.43
CA SER A 56 2.65 -7.41 0.94
C SER A 56 3.15 -8.85 1.06
N LEU A 57 2.73 -9.70 0.13
CA LEU A 57 3.14 -11.10 0.13
C LEU A 57 4.63 -11.21 -0.15
N LEU A 58 5.11 -10.42 -1.10
CA LEU A 58 6.51 -10.44 -1.47
C LEU A 58 7.41 -10.03 -0.31
N ALA A 59 6.96 -9.04 0.43
CA ALA A 59 7.73 -8.52 1.56
C ALA A 59 7.96 -9.62 2.60
N ILE A 60 6.95 -10.47 2.77
CA ILE A 60 7.04 -11.55 3.75
C ILE A 60 7.61 -12.82 3.12
N ASP A 61 8.43 -12.66 2.11
CA ASP A 61 9.04 -13.79 1.44
C ASP A 61 7.98 -14.75 0.91
N ALA A 62 7.01 -14.22 0.17
CA ALA A 62 5.94 -15.05 -0.38
C ALA A 62 5.60 -14.58 -1.78
N PRO A 63 6.42 -14.91 -2.74
CA PRO A 63 6.22 -14.51 -4.17
C PRO A 63 4.97 -15.13 -4.76
N VAL A 64 4.37 -14.43 -5.73
CA VAL A 64 3.18 -14.92 -6.40
C VAL A 64 3.47 -15.24 -7.86
N ILE A 65 2.93 -16.36 -8.32
CA ILE A 65 3.12 -16.78 -9.69
C ILE A 65 2.38 -15.87 -10.66
N ALA A 66 1.14 -15.52 -10.32
CA ALA A 66 0.32 -14.68 -11.17
C ALA A 66 -0.18 -13.46 -10.40
N SER A 67 -0.01 -12.29 -10.98
CA SER A 67 -0.44 -11.05 -10.34
C SER A 67 -0.71 -9.98 -11.38
N GLY A 68 -1.31 -8.88 -10.95
CA GLY A 68 -1.62 -7.77 -11.86
C GLY A 68 -0.74 -6.57 -11.57
N ALA A 69 -0.97 -5.47 -12.29
CA ALA A 69 -0.20 -4.26 -12.09
C ALA A 69 -1.12 -3.05 -12.03
N THR A 70 -0.54 -1.89 -11.70
CA THR A 70 -1.33 -0.65 -11.60
C THR A 70 -0.63 0.48 -12.33
N THR A 71 -0.15 1.46 -11.59
CA THR A 71 0.52 2.61 -12.18
C THR A 71 2.03 2.48 -12.01
N PRO A 72 2.77 3.44 -12.51
CA PRO A 72 4.26 3.45 -12.41
C PRO A 72 4.74 3.46 -10.95
N ASN A 73 4.33 2.46 -10.19
CA ASN A 73 4.72 2.37 -8.80
C ASN A 73 6.20 2.18 -8.68
N ASN A 74 6.81 1.46 -9.63
CA ASN A 74 8.25 1.20 -9.64
C ASN A 74 8.53 -0.15 -8.97
N ARG A 75 7.74 -0.47 -7.93
CA ARG A 75 7.91 -1.74 -7.22
C ARG A 75 7.64 -2.90 -8.17
N VAL A 76 6.62 -2.74 -9.02
CA VAL A 76 6.27 -3.78 -9.98
C VAL A 76 7.27 -3.83 -11.12
N ALA A 77 7.93 -2.69 -11.37
CA ALA A 77 8.91 -2.61 -12.45
C ALA A 77 9.89 -3.76 -12.38
N ASP A 78 10.94 -3.70 -13.19
CA ASP A 78 11.94 -4.76 -13.22
C ASP A 78 12.83 -4.69 -11.99
N ASP A 79 14.06 -5.19 -12.11
CA ASP A 79 14.99 -5.19 -11.00
C ASP A 79 15.12 -3.79 -10.41
N GLN A 80 14.52 -2.82 -11.07
CA GLN A 80 14.57 -1.43 -10.60
C GLN A 80 13.46 -1.17 -9.60
N GLY A 81 13.83 -0.89 -8.35
CA GLY A 81 12.86 -0.61 -7.31
C GLY A 81 12.34 -1.90 -6.68
N PHE A 82 13.21 -2.57 -5.92
CA PHE A 82 12.83 -3.81 -5.25
C PHE A 82 13.50 -3.91 -3.88
N LEU A 83 12.80 -4.53 -2.94
CA LEU A 83 13.33 -4.71 -1.60
C LEU A 83 14.22 -5.95 -1.54
N ARG A 84 13.64 -7.06 -1.05
CA ARG A 84 14.38 -8.32 -0.96
C ARG A 84 14.74 -8.81 -2.34
N GLN A 85 13.80 -8.70 -3.28
CA GLN A 85 14.02 -9.11 -4.67
C GLN A 85 13.61 -10.57 -4.87
N TRP A 86 12.38 -10.90 -4.49
CA TRP A 86 11.88 -12.26 -4.66
C TRP A 86 10.93 -12.34 -5.84
N SER A 87 10.58 -11.18 -6.40
CA SER A 87 9.68 -11.12 -7.54
C SER A 87 10.30 -11.79 -8.76
N LYS A 88 11.62 -11.67 -8.88
CA LYS A 88 12.33 -12.27 -9.99
C LYS A 88 11.92 -13.72 -10.17
N VAL A 89 11.44 -14.33 -9.09
CA VAL A 89 10.99 -15.72 -9.15
C VAL A 89 9.72 -15.85 -9.98
N ALA A 90 8.76 -14.96 -9.73
CA ALA A 90 7.49 -15.01 -10.46
C ALA A 90 7.74 -14.82 -11.94
N LYS A 91 8.52 -13.79 -12.29
CA LYS A 91 8.83 -13.51 -13.68
C LYS A 91 9.59 -14.69 -14.30
N GLU A 92 10.48 -15.29 -13.53
CA GLU A 92 11.27 -16.41 -14.01
C GLU A 92 10.35 -17.49 -14.56
N ARG A 93 9.16 -17.63 -13.98
CA ARG A 93 8.20 -18.62 -14.42
C ARG A 93 7.32 -18.06 -15.50
N LYS A 94 7.55 -16.80 -15.89
CA LYS A 94 6.77 -16.14 -16.93
C LYS A 94 5.48 -15.59 -16.35
N LEU A 95 4.77 -16.42 -15.60
CA LEU A 95 3.50 -16.00 -14.99
C LEU A 95 3.68 -14.67 -14.34
N GLN A 96 2.58 -13.91 -14.20
CA GLN A 96 2.60 -12.55 -13.62
C GLN A 96 2.08 -11.53 -14.61
N ARG A 97 0.79 -11.25 -14.54
CA ARG A 97 0.18 -10.26 -15.43
C ARG A 97 0.55 -8.85 -14.99
N LEU A 98 0.75 -7.96 -15.95
CA LEU A 98 1.11 -6.58 -15.64
C LEU A 98 0.27 -5.61 -16.45
N TYR A 99 -0.94 -6.04 -16.80
CA TYR A 99 -1.85 -5.20 -17.58
C TYR A 99 -3.28 -5.37 -17.09
N ILE A 100 -4.00 -4.25 -16.99
CA ILE A 100 -5.39 -4.28 -16.54
C ILE A 100 -6.24 -3.35 -17.40
N GLY A 101 -7.55 -3.51 -17.30
CA GLY A 101 -8.48 -2.68 -18.07
C GLY A 101 -9.71 -3.49 -18.49
N GLU A 102 -9.53 -4.80 -18.64
CA GLU A 102 -10.63 -5.67 -19.04
C GLU A 102 -10.40 -7.08 -18.50
N PRO A 103 -10.50 -7.25 -17.22
CA PRO A 103 -10.30 -8.58 -16.56
C PRO A 103 -11.28 -9.63 -17.07
N SER A 104 -10.82 -10.87 -17.15
CA SER A 104 -11.68 -11.96 -17.62
C SER A 104 -11.53 -13.18 -16.71
N ALA A 105 -12.65 -13.81 -16.39
CA ALA A 105 -12.63 -15.00 -15.55
C ALA A 105 -11.98 -16.17 -16.26
N GLU A 106 -12.24 -16.28 -17.56
CA GLU A 106 -11.68 -17.36 -18.35
C GLU A 106 -10.16 -17.25 -18.41
N ALA A 107 -9.66 -16.03 -18.59
CA ALA A 107 -8.22 -15.81 -18.66
C ALA A 107 -7.55 -16.21 -17.35
N VAL A 108 -8.19 -15.87 -16.23
CA VAL A 108 -7.65 -16.21 -14.93
C VAL A 108 -7.60 -17.72 -14.77
N ALA A 109 -8.67 -18.40 -15.18
CA ALA A 109 -8.74 -19.85 -15.08
C ALA A 109 -7.64 -20.49 -15.90
N ALA A 110 -7.33 -19.88 -17.03
CA ALA A 110 -6.28 -20.40 -17.91
C ALA A 110 -4.94 -20.43 -17.19
N GLN A 111 -4.84 -19.65 -16.10
CA GLN A 111 -3.60 -19.59 -15.33
C GLN A 111 -3.57 -20.70 -14.29
N MET A 112 -4.68 -21.42 -14.16
CA MET A 112 -4.75 -22.52 -13.20
C MET A 112 -4.25 -22.07 -11.83
N PRO A 113 -4.82 -21.02 -11.30
CA PRO A 113 -4.44 -20.47 -9.97
C PRO A 113 -4.86 -21.39 -8.83
N ASP A 114 -4.08 -21.38 -7.75
CA ASP A 114 -4.40 -22.22 -6.59
C ASP A 114 -5.04 -21.39 -5.50
N LEU A 115 -4.25 -20.56 -4.83
CA LEU A 115 -4.77 -19.70 -3.76
C LEU A 115 -4.76 -18.25 -4.19
N ILE A 116 -5.94 -17.67 -4.36
CA ILE A 116 -6.05 -16.27 -4.79
C ILE A 116 -6.36 -15.38 -3.59
N LEU A 117 -5.53 -14.36 -3.40
CA LEU A 117 -5.72 -13.43 -2.28
C LEU A 117 -6.18 -12.07 -2.78
N ILE A 118 -7.21 -11.52 -2.13
CA ILE A 118 -7.76 -10.23 -2.52
C ILE A 118 -7.66 -9.24 -1.36
N SER A 119 -7.33 -8.00 -1.68
CA SER A 119 -7.22 -6.95 -0.66
C SER A 119 -8.58 -6.35 -0.35
N ALA A 120 -8.64 -5.56 0.72
CA ALA A 120 -9.90 -4.92 1.11
C ALA A 120 -10.41 -4.03 0.00
N THR A 121 -9.48 -3.34 -0.69
CA THR A 121 -9.86 -2.45 -1.78
C THR A 121 -8.86 -2.57 -2.93
N GLY A 122 -9.30 -2.15 -4.12
CA GLY A 122 -8.45 -2.22 -5.29
C GLY A 122 -8.88 -1.21 -6.35
N GLY A 123 -8.14 -1.16 -7.45
CA GLY A 123 -8.46 -0.22 -8.53
C GLY A 123 -9.83 -0.51 -9.11
N ASP A 124 -10.19 -1.79 -9.14
CA ASP A 124 -11.49 -2.20 -9.69
C ASP A 124 -12.27 -3.02 -8.66
N SER A 125 -13.60 -2.96 -8.76
CA SER A 125 -14.44 -3.71 -7.83
C SER A 125 -14.22 -5.20 -8.00
N ALA A 126 -14.22 -5.93 -6.86
CA ALA A 126 -14.01 -7.37 -6.89
C ALA A 126 -15.21 -8.10 -6.28
N LEU A 127 -16.29 -7.35 -6.05
CA LEU A 127 -17.49 -7.94 -5.46
C LEU A 127 -18.05 -9.03 -6.37
N ALA A 128 -17.99 -8.80 -7.68
CA ALA A 128 -18.49 -9.78 -8.64
C ALA A 128 -17.41 -10.83 -8.93
N LEU A 129 -16.17 -10.41 -8.97
CA LEU A 129 -15.06 -11.31 -9.22
C LEU A 129 -14.84 -12.23 -8.03
N TYR A 130 -15.05 -11.71 -6.84
CA TYR A 130 -14.85 -12.49 -5.63
C TYR A 130 -15.40 -13.90 -5.78
N ASP A 131 -16.72 -14.00 -5.97
CA ASP A 131 -17.35 -15.31 -6.10
C ASP A 131 -16.89 -16.01 -7.38
N GLN A 132 -16.80 -15.26 -8.47
CA GLN A 132 -16.38 -15.83 -9.74
C GLN A 132 -14.95 -16.37 -9.63
N LEU A 133 -14.14 -15.71 -8.81
CA LEU A 133 -12.77 -16.15 -8.60
C LEU A 133 -12.73 -17.40 -7.73
N SER A 134 -13.58 -17.43 -6.70
CA SER A 134 -13.60 -18.57 -5.80
C SER A 134 -13.89 -19.84 -6.57
N THR A 135 -14.91 -19.82 -7.40
CA THR A 135 -15.28 -20.98 -8.20
C THR A 135 -14.07 -21.49 -8.96
N ILE A 136 -13.30 -20.57 -9.53
CA ILE A 136 -12.10 -20.93 -10.27
C ILE A 136 -11.05 -21.56 -9.36
N ALA A 137 -10.87 -20.96 -8.18
CA ALA A 137 -9.89 -21.46 -7.23
C ALA A 137 -10.06 -20.76 -5.88
N PRO A 138 -9.63 -21.40 -4.82
CA PRO A 138 -9.72 -20.83 -3.45
C PRO A 138 -9.41 -19.34 -3.42
N THR A 139 -10.45 -18.53 -3.24
CA THR A 139 -10.27 -17.08 -3.19
C THR A 139 -10.51 -16.57 -1.78
N LEU A 140 -9.49 -15.92 -1.21
CA LEU A 140 -9.59 -15.38 0.15
C LEU A 140 -9.53 -13.86 0.12
N ILE A 141 -10.14 -13.24 1.12
CA ILE A 141 -10.16 -11.78 1.22
C ILE A 141 -9.70 -11.33 2.60
N ILE A 142 -8.73 -10.41 2.62
CA ILE A 142 -8.21 -9.90 3.89
C ILE A 142 -8.58 -8.44 4.07
N ASN A 143 -9.18 -8.13 5.22
CA ASN A 143 -9.59 -6.75 5.51
C ASN A 143 -8.59 -6.09 6.46
N TYR A 144 -7.74 -5.24 5.91
CA TYR A 144 -6.72 -4.56 6.70
C TYR A 144 -7.16 -3.13 7.03
N ASP A 145 -8.21 -2.67 6.36
CA ASP A 145 -8.72 -1.32 6.57
C ASP A 145 -9.23 -1.16 8.01
N ASP A 146 -9.79 -2.23 8.55
CA ASP A 146 -10.33 -2.20 9.91
C ASP A 146 -9.34 -2.79 10.89
N LYS A 147 -8.12 -3.06 10.42
CA LYS A 147 -7.09 -3.64 11.28
C LYS A 147 -5.75 -2.93 11.04
N SER A 148 -4.88 -2.98 12.05
CA SER A 148 -3.58 -2.34 11.95
C SER A 148 -2.65 -3.15 11.05
N TRP A 149 -1.54 -2.53 10.66
CA TRP A 149 -0.58 -3.21 9.78
C TRP A 149 -0.05 -4.46 10.46
N GLN A 150 0.38 -4.33 11.70
CA GLN A 150 0.91 -5.48 12.45
C GLN A 150 -0.08 -6.63 12.43
N SER A 151 -1.36 -6.30 12.60
CA SER A 151 -2.41 -7.32 12.57
C SER A 151 -2.47 -7.98 11.20
N LEU A 152 -2.32 -7.17 10.15
CA LEU A 152 -2.37 -7.69 8.79
C LEU A 152 -1.26 -8.72 8.57
N LEU A 153 -0.07 -8.39 9.05
CA LEU A 153 1.06 -9.31 8.91
C LEU A 153 0.76 -10.62 9.62
N THR A 154 0.21 -10.52 10.83
CA THR A 154 -0.11 -11.70 11.61
C THR A 154 -1.00 -12.64 10.79
N GLN A 155 -2.01 -12.07 10.13
CA GLN A 155 -2.92 -12.87 9.31
C GLN A 155 -2.17 -13.51 8.16
N LEU A 156 -1.25 -12.77 7.56
CA LEU A 156 -0.46 -13.31 6.46
C LEU A 156 0.38 -14.49 6.91
N GLY A 157 0.97 -14.36 8.08
CA GLY A 157 1.79 -15.44 8.62
C GLY A 157 0.94 -16.65 8.94
N GLU A 158 -0.25 -16.42 9.49
CA GLU A 158 -1.15 -17.51 9.84
C GLU A 158 -1.73 -18.15 8.58
N ILE A 159 -2.18 -17.31 7.66
CA ILE A 159 -2.77 -17.81 6.42
C ILE A 159 -1.73 -18.55 5.59
N THR A 160 -0.53 -17.97 5.50
CA THR A 160 0.53 -18.57 4.71
C THR A 160 1.41 -19.45 5.58
N GLY A 161 1.19 -19.39 6.89
CA GLY A 161 1.96 -20.19 7.83
C GLY A 161 3.42 -19.75 7.83
N HIS A 162 3.67 -18.50 7.46
CA HIS A 162 5.03 -17.97 7.41
C HIS A 162 5.31 -17.10 8.63
N GLU A 163 5.05 -17.64 9.81
CA GLU A 163 5.29 -16.90 11.05
C GLU A 163 6.78 -16.72 11.29
N LYS A 164 7.55 -17.77 10.99
CA LYS A 164 9.00 -17.72 11.19
C LYS A 164 9.60 -16.57 10.40
N GLN A 165 9.22 -16.47 9.13
CA GLN A 165 9.74 -15.42 8.26
C GLN A 165 9.37 -14.05 8.81
N ALA A 166 8.15 -13.93 9.34
CA ALA A 166 7.68 -12.68 9.92
C ALA A 166 8.54 -12.28 11.11
N ALA A 167 8.89 -13.27 11.93
CA ALA A 167 9.73 -13.02 13.10
C ALA A 167 11.11 -12.55 12.68
N GLU A 168 11.54 -12.96 11.49
CA GLU A 168 12.85 -12.55 10.97
C GLU A 168 12.83 -11.10 10.51
N ARG A 169 11.88 -10.78 9.64
CA ARG A 169 11.77 -9.42 9.12
C ARG A 169 11.43 -8.45 10.24
N ILE A 170 10.50 -8.85 11.11
CA ILE A 170 10.10 -8.00 12.21
C ILE A 170 11.26 -7.74 13.16
N ALA A 171 12.02 -8.79 13.46
CA ALA A 171 13.16 -8.67 14.36
C ALA A 171 14.18 -7.70 13.77
N GLN A 172 14.72 -8.04 12.61
CA GLN A 172 15.72 -7.22 11.96
C GLN A 172 15.21 -5.79 11.79
N PHE A 173 13.92 -5.67 11.53
CA PHE A 173 13.30 -4.36 11.36
C PHE A 173 13.04 -3.70 12.70
N ASP A 174 12.68 -4.51 13.69
CA ASP A 174 12.37 -4.00 15.02
C ASP A 174 13.54 -3.19 15.56
N LYS A 175 14.75 -3.69 15.32
CA LYS A 175 15.95 -3.00 15.79
C LYS A 175 16.07 -1.63 15.13
N GLN A 176 15.81 -1.57 13.82
CA GLN A 176 15.89 -0.32 13.09
C GLN A 176 14.82 0.66 13.58
N LEU A 177 13.65 0.13 13.90
CA LEU A 177 12.56 0.96 14.39
C LEU A 177 12.95 1.63 15.70
N ALA A 178 13.58 0.86 16.58
CA ALA A 178 14.00 1.41 17.87
C ALA A 178 14.99 2.55 17.68
N ALA A 179 16.05 2.28 16.92
CA ALA A 179 17.06 3.30 16.66
C ALA A 179 16.48 4.44 15.82
N ALA A 180 15.68 4.08 14.82
CA ALA A 180 15.06 5.07 13.96
C ALA A 180 14.10 5.94 14.75
N LYS A 181 13.36 5.33 15.66
CA LYS A 181 12.40 6.05 16.48
C LYS A 181 13.12 7.07 17.36
N GLU A 182 14.34 6.74 17.76
CA GLU A 182 15.12 7.63 18.61
C GLU A 182 16.05 8.51 17.78
N GLN A 183 16.33 8.05 16.56
CA GLN A 183 17.21 8.81 15.67
C GLN A 183 16.57 10.13 15.27
N ILE A 184 15.27 10.10 15.01
CA ILE A 184 14.55 11.30 14.61
C ILE A 184 14.24 12.16 15.83
N LYS A 185 14.43 13.47 15.68
CA LYS A 185 14.17 14.40 16.79
C LYS A 185 13.26 15.52 16.31
N LEU A 186 12.02 15.51 16.80
CA LEU A 186 11.07 16.54 16.42
C LEU A 186 9.75 16.34 17.18
N PRO A 187 9.27 17.36 17.86
CA PRO A 187 8.01 17.28 18.62
C PRO A 187 6.89 16.59 17.85
N PRO A 188 5.96 15.98 18.54
CA PRO A 188 4.81 15.28 17.91
C PRO A 188 3.85 16.24 17.22
N GLN A 189 3.32 15.81 16.07
CA GLN A 189 2.39 16.64 15.33
C GLN A 189 1.77 15.84 14.18
N PRO A 190 0.54 16.12 13.83
CA PRO A 190 -0.15 15.44 12.71
C PRO A 190 0.43 15.84 11.35
N VAL A 191 0.26 14.96 10.37
CA VAL A 191 0.77 15.22 9.03
C VAL A 191 -0.25 14.79 7.98
N THR A 192 -0.08 15.28 6.76
CA THR A 192 -0.98 14.93 5.66
C THR A 192 -0.22 14.81 4.35
N ALA A 193 -0.89 14.30 3.32
CA ALA A 193 -0.27 14.17 2.01
C ALA A 193 -1.31 14.32 0.91
N ILE A 194 -0.95 15.04 -0.14
CA ILE A 194 -1.86 15.26 -1.27
C ILE A 194 -1.15 15.04 -2.60
N VAL A 195 -1.88 14.54 -3.58
CA VAL A 195 -1.31 14.32 -4.91
C VAL A 195 -2.23 14.87 -5.99
N TYR A 196 -1.67 15.62 -6.92
CA TYR A 196 -2.45 16.19 -8.01
C TYR A 196 -1.57 16.40 -9.23
N THR A 197 -2.20 16.40 -10.42
CA THR A 197 -1.47 16.60 -11.67
C THR A 197 -2.03 17.81 -12.41
N ALA A 198 -1.15 18.77 -12.69
CA ALA A 198 -1.57 19.98 -13.40
C ALA A 198 -2.11 19.63 -14.78
N ALA A 199 -1.65 18.50 -15.32
CA ALA A 199 -2.11 18.05 -16.63
C ALA A 199 -3.53 17.50 -16.55
N ALA A 200 -3.77 16.62 -15.59
CA ALA A 200 -5.09 16.01 -15.43
C ALA A 200 -6.07 17.02 -14.84
N HIS A 201 -5.54 18.15 -14.38
CA HIS A 201 -6.37 19.19 -13.79
C HIS A 201 -7.32 18.59 -12.77
N SER A 202 -6.81 17.68 -11.96
CA SER A 202 -7.63 17.02 -10.92
C SER A 202 -6.86 16.94 -9.62
N ALA A 203 -7.59 17.07 -8.50
CA ALA A 203 -6.96 17.01 -7.18
C ALA A 203 -7.38 15.74 -6.46
N ASN A 204 -6.42 14.84 -6.21
CA ASN A 204 -6.71 13.59 -5.52
C ASN A 204 -5.90 13.50 -4.24
N LEU A 205 -6.55 13.12 -3.15
CA LEU A 205 -5.88 13.00 -1.86
C LEU A 205 -5.81 11.54 -1.43
N TRP A 206 -4.72 11.18 -0.74
CA TRP A 206 -4.56 9.81 -0.25
C TRP A 206 -4.93 9.73 1.21
N THR A 207 -5.77 8.75 1.54
CA THR A 207 -6.21 8.58 2.92
C THR A 207 -5.36 7.53 3.64
N PRO A 208 -5.26 7.62 4.94
CA PRO A 208 -4.49 6.66 5.77
C PRO A 208 -5.12 5.27 5.77
N GLU A 209 -6.39 5.21 5.40
CA GLU A 209 -7.11 3.94 5.38
C GLU A 209 -6.30 2.88 4.67
N SER A 210 -5.32 3.32 3.86
CA SER A 210 -4.47 2.40 3.13
C SER A 210 -3.44 1.76 4.06
N ALA A 211 -2.82 0.68 3.59
CA ALA A 211 -1.81 -0.01 4.39
C ALA A 211 -0.67 0.93 4.76
N GLN A 212 -0.44 1.92 3.91
CA GLN A 212 0.63 2.89 4.16
C GLN A 212 0.35 3.69 5.42
N GLY A 213 -0.91 4.08 5.61
CA GLY A 213 -1.29 4.86 6.78
C GLY A 213 -0.99 4.09 8.07
N GLN A 214 -1.34 2.80 8.09
CA GLN A 214 -1.10 1.98 9.26
C GLN A 214 0.40 1.84 9.51
N MET A 215 1.17 1.70 8.43
CA MET A 215 2.61 1.55 8.55
C MET A 215 3.21 2.79 9.20
N LEU A 216 2.73 3.96 8.80
CA LEU A 216 3.23 5.21 9.37
C LEU A 216 2.92 5.27 10.86
N GLU A 217 1.67 4.96 11.22
CA GLU A 217 1.27 4.98 12.62
C GLU A 217 2.20 4.12 13.46
N GLN A 218 2.72 3.06 12.85
CA GLN A 218 3.64 2.17 13.54
C GLN A 218 4.98 2.85 13.77
N LEU A 219 5.24 3.91 13.01
CA LEU A 219 6.50 4.64 13.13
C LEU A 219 6.40 5.72 14.20
N GLY A 220 5.18 5.94 14.70
CA GLY A 220 4.96 6.95 15.74
C GLY A 220 4.39 8.24 15.13
N PHE A 221 4.16 8.22 13.83
CA PHE A 221 3.61 9.38 13.15
C PHE A 221 2.10 9.35 13.17
N THR A 222 1.47 10.53 13.09
CA THR A 222 0.01 10.64 13.12
C THR A 222 -0.49 11.21 11.80
N LEU A 223 -1.45 10.52 11.20
CA LEU A 223 -2.02 10.95 9.93
C LEU A 223 -3.25 11.82 10.15
N ALA A 224 -3.45 12.79 9.27
CA ALA A 224 -4.59 13.69 9.38
C ALA A 224 -5.88 12.95 9.06
N LYS A 225 -6.99 13.39 9.65
CA LYS A 225 -8.28 12.76 9.41
C LYS A 225 -9.33 13.80 9.09
N LEU A 226 -10.10 13.57 8.02
CA LEU A 226 -11.14 14.50 7.60
C LEU A 226 -12.52 13.86 7.76
N PRO A 227 -13.15 14.07 8.89
CA PRO A 227 -14.51 13.51 9.16
C PRO A 227 -15.51 13.90 8.08
N ALA A 228 -16.35 12.97 7.69
CA ALA A 228 -17.35 13.23 6.66
C ALA A 228 -16.66 13.57 5.33
N GLY A 229 -15.44 14.10 5.41
CA GLY A 229 -14.69 14.47 4.23
C GLY A 229 -14.24 13.22 3.45
N LEU A 230 -13.63 12.29 4.17
CA LEU A 230 -13.13 11.07 3.54
C LEU A 230 -14.25 10.39 2.76
N ASN A 231 -15.46 10.45 3.30
CA ASN A 231 -16.61 9.84 2.64
C ASN A 231 -16.93 10.57 1.34
N ALA A 232 -15.89 11.03 0.64
CA ALA A 232 -16.09 11.75 -0.62
C ALA A 232 -17.27 12.69 -0.53
N SER A 233 -17.03 13.90 -0.05
CA SER A 233 -18.10 14.89 0.09
C SER A 233 -18.39 15.54 -1.25
N GLN A 234 -17.48 15.36 -2.21
CA GLN A 234 -17.65 15.93 -3.54
C GLN A 234 -18.32 14.94 -4.47
N SER A 235 -17.92 13.68 -4.37
CA SER A 235 -18.49 12.63 -5.21
C SER A 235 -19.96 12.42 -4.87
N GLN A 236 -20.37 12.89 -3.70
CA GLN A 236 -21.75 12.74 -3.27
C GLN A 236 -22.15 11.27 -3.26
N GLY A 237 -21.27 10.42 -2.76
CA GLY A 237 -21.54 8.99 -2.71
C GLY A 237 -20.37 8.24 -2.09
N LYS A 238 -20.14 7.02 -2.55
CA LYS A 238 -19.05 6.19 -2.03
C LYS A 238 -18.12 5.77 -3.16
N ARG A 239 -16.82 5.73 -2.87
CA ARG A 239 -15.83 5.33 -3.88
C ARG A 239 -14.62 4.72 -3.21
N HIS A 240 -13.96 3.80 -3.91
CA HIS A 240 -12.77 3.15 -3.37
C HIS A 240 -11.51 3.77 -3.97
N ASP A 241 -10.45 2.97 -4.06
CA ASP A 241 -9.19 3.45 -4.61
C ASP A 241 -8.70 4.68 -3.85
N ILE A 242 -9.09 5.86 -4.33
CA ILE A 242 -8.68 7.11 -3.70
C ILE A 242 -9.89 7.98 -3.40
N ILE A 243 -9.67 9.10 -2.74
CA ILE A 243 -10.75 10.02 -2.37
C ILE A 243 -10.50 11.40 -2.95
N GLN A 244 -11.58 12.05 -3.40
CA GLN A 244 -11.47 13.38 -3.98
C GLN A 244 -11.87 14.43 -2.96
N LEU A 245 -11.60 15.70 -3.28
CA LEU A 245 -11.94 16.80 -2.38
C LEU A 245 -12.30 18.06 -3.16
N GLY A 246 -13.15 18.89 -2.58
CA GLY A 246 -13.57 20.12 -3.24
C GLY A 246 -12.38 21.06 -3.44
N GLY A 247 -11.50 21.12 -2.44
CA GLY A 247 -10.33 21.99 -2.52
C GLY A 247 -10.20 22.83 -1.25
N GLU A 248 -11.08 22.59 -0.29
CA GLU A 248 -11.05 23.34 0.95
C GLU A 248 -9.94 22.83 1.87
N ASN A 249 -10.00 21.54 2.19
CA ASN A 249 -8.99 20.93 3.06
C ASN A 249 -7.62 21.01 2.40
N LEU A 250 -7.59 20.85 1.09
CA LEU A 250 -6.31 20.89 0.36
C LEU A 250 -5.54 22.16 0.71
N ALA A 251 -6.07 23.30 0.28
CA ALA A 251 -5.42 24.58 0.54
C ALA A 251 -5.13 24.72 2.03
N ALA A 252 -6.09 24.34 2.85
CA ALA A 252 -5.94 24.43 4.30
C ALA A 252 -5.00 23.34 4.81
N GLY A 253 -4.22 22.77 3.90
CA GLY A 253 -3.26 21.72 4.26
C GLY A 253 -3.78 20.87 5.42
N LEU A 254 -5.03 20.44 5.31
CA LEU A 254 -5.66 19.66 6.36
C LEU A 254 -5.25 20.16 7.74
N ASN A 255 -4.44 19.38 8.45
CA ASN A 255 -4.00 19.76 9.78
C ASN A 255 -3.21 21.07 9.71
N GLY A 256 -2.31 21.17 8.74
CA GLY A 256 -1.51 22.37 8.58
C GLY A 256 -0.28 22.34 9.50
N GLU A 257 -0.06 21.20 10.14
CA GLU A 257 1.09 21.06 11.04
C GLU A 257 2.24 20.35 10.34
N SER A 258 1.96 19.76 9.19
CA SER A 258 2.98 19.05 8.43
C SER A 258 2.37 18.40 7.20
N LEU A 259 3.13 18.42 6.10
CA LEU A 259 2.66 17.82 4.86
C LEU A 259 3.81 17.25 4.05
N PHE A 260 3.72 15.96 3.70
CA PHE A 260 4.75 15.31 2.89
C PHE A 260 4.34 15.27 1.44
N LEU A 261 5.32 15.45 0.55
CA LEU A 261 5.03 15.44 -0.88
C LEU A 261 5.25 14.06 -1.46
N PHE A 262 4.15 13.39 -1.78
CA PHE A 262 4.23 12.04 -2.36
C PHE A 262 3.99 12.11 -3.87
N ALA A 263 3.52 13.26 -4.33
CA ALA A 263 3.25 13.44 -5.76
C ALA A 263 4.56 13.40 -6.56
N GLY A 264 5.59 14.03 -6.02
CA GLY A 264 6.88 14.09 -6.69
C GLY A 264 7.91 14.84 -5.84
N ASP A 265 9.15 14.82 -6.31
CA ASP A 265 10.23 15.50 -5.58
C ASP A 265 10.11 17.02 -5.74
N GLN A 266 11.07 17.61 -6.43
CA GLN A 266 11.09 19.04 -6.65
C GLN A 266 9.94 19.46 -7.57
N LYS A 267 9.54 18.55 -8.45
CA LYS A 267 8.46 18.83 -9.39
C LYS A 267 7.19 19.20 -8.64
N ASP A 268 6.88 18.44 -7.59
CA ASP A 268 5.69 18.72 -6.79
C ASP A 268 5.81 20.09 -6.12
N ALA A 269 6.99 20.35 -5.55
CA ALA A 269 7.21 21.63 -4.87
C ALA A 269 6.85 22.79 -5.78
N ASP A 270 7.52 22.87 -6.93
CA ASP A 270 7.25 23.94 -7.89
C ASP A 270 5.76 24.02 -8.19
N ALA A 271 5.14 22.86 -8.37
CA ALA A 271 3.71 22.82 -8.66
C ALA A 271 2.93 23.55 -7.58
N ILE A 272 3.31 23.32 -6.32
CA ILE A 272 2.63 23.97 -5.20
C ILE A 272 2.85 25.47 -5.25
N TYR A 273 4.09 25.88 -5.52
CA TYR A 273 4.43 27.29 -5.59
C TYR A 273 3.53 28.00 -6.61
N ALA A 274 3.23 27.32 -7.70
CA ALA A 274 2.39 27.89 -8.74
C ALA A 274 0.93 27.84 -8.31
N ASN A 275 0.69 27.34 -7.09
CA ASN A 275 -0.67 27.22 -6.57
C ASN A 275 -0.84 28.13 -5.34
N PRO A 276 -1.26 29.36 -5.55
CA PRO A 276 -1.47 30.33 -4.44
C PRO A 276 -2.36 29.76 -3.34
N LEU A 277 -3.22 28.83 -3.70
CA LEU A 277 -4.11 28.21 -2.73
C LEU A 277 -3.32 27.44 -1.69
N LEU A 278 -2.29 26.75 -2.14
CA LEU A 278 -1.46 25.95 -1.22
C LEU A 278 -0.23 26.76 -0.79
N ALA A 279 -0.18 28.01 -1.20
CA ALA A 279 0.93 28.89 -0.83
C ALA A 279 0.86 29.26 0.64
N HIS A 280 -0.36 29.42 1.15
CA HIS A 280 -0.56 29.80 2.54
C HIS A 280 -0.41 28.60 3.45
N LEU A 281 -0.04 27.46 2.86
CA LEU A 281 0.14 26.25 3.63
C LEU A 281 1.37 26.37 4.55
N PRO A 282 1.18 26.24 5.84
CA PRO A 282 2.29 26.34 6.81
C PRO A 282 3.50 25.52 6.41
N ALA A 283 3.27 24.35 5.83
CA ALA A 283 4.36 23.48 5.40
C ALA A 283 5.24 24.21 4.39
N VAL A 284 4.61 24.89 3.44
CA VAL A 284 5.35 25.64 2.42
C VAL A 284 6.12 26.78 3.06
N GLN A 285 5.45 27.50 3.97
CA GLN A 285 6.09 28.63 4.64
C GLN A 285 7.25 28.16 5.50
N ASN A 286 7.06 27.03 6.18
CA ASN A 286 8.11 26.49 7.03
C ASN A 286 9.01 25.55 6.25
N LYS A 287 8.56 25.17 5.05
CA LYS A 287 9.34 24.28 4.20
C LYS A 287 9.52 22.92 4.87
N GLN A 288 8.52 22.51 5.65
CA GLN A 288 8.59 21.22 6.34
C GLN A 288 7.99 20.13 5.46
N VAL A 289 8.36 20.15 4.18
CA VAL A 289 7.85 19.15 3.22
C VAL A 289 8.93 18.12 2.91
N TYR A 290 8.52 16.86 2.89
CA TYR A 290 9.46 15.77 2.60
C TYR A 290 9.05 15.05 1.33
N ALA A 291 10.02 14.83 0.44
CA ALA A 291 9.75 14.16 -0.83
C ALA A 291 9.81 12.63 -0.64
N LEU A 292 8.68 12.05 -0.27
CA LEU A 292 8.61 10.61 -0.09
C LEU A 292 8.85 9.88 -1.39
N GLY A 293 8.28 10.40 -2.47
CA GLY A 293 8.44 9.79 -3.79
C GLY A 293 7.51 8.59 -3.94
N THR A 294 7.38 8.09 -5.16
CA THR A 294 6.53 6.94 -5.42
C THR A 294 7.19 5.65 -4.94
N GLU A 295 8.51 5.66 -4.89
CA GLU A 295 9.26 4.48 -4.45
C GLU A 295 9.01 4.22 -2.97
N THR A 296 8.84 5.28 -2.20
CA THR A 296 8.61 5.14 -0.77
C THR A 296 7.19 4.64 -0.49
N PHE A 297 6.62 3.95 -1.46
CA PHE A 297 5.26 3.43 -1.31
C PHE A 297 5.19 2.52 -0.09
N ARG A 298 6.10 1.55 -0.02
CA ARG A 298 6.16 0.63 1.12
C ARG A 298 7.40 0.87 1.92
N LEU A 299 7.36 0.51 3.21
CA LEU A 299 8.51 0.70 4.08
C LEU A 299 9.03 -0.64 4.56
N ASP A 300 10.33 -0.89 4.34
CA ASP A 300 10.95 -2.14 4.77
C ASP A 300 12.41 -1.91 5.14
N TYR A 301 13.01 -2.88 5.81
CA TYR A 301 14.40 -2.76 6.23
C TYR A 301 15.28 -2.32 5.06
N TYR A 302 14.98 -2.84 3.87
CA TYR A 302 15.75 -2.49 2.69
C TYR A 302 15.47 -1.07 2.25
N SER A 303 14.24 -0.81 1.82
CA SER A 303 13.87 0.53 1.36
C SER A 303 14.04 1.56 2.47
N ALA A 304 13.83 1.13 3.70
CA ALA A 304 13.94 2.04 4.83
C ALA A 304 15.30 2.71 4.85
N MET A 305 16.29 2.06 4.25
CA MET A 305 17.64 2.61 4.20
C MET A 305 17.66 3.94 3.42
N GLN A 306 16.92 3.96 2.31
CA GLN A 306 16.86 5.18 1.49
C GLN A 306 15.90 6.20 2.09
N VAL A 307 14.75 5.73 2.54
CA VAL A 307 13.76 6.61 3.14
C VAL A 307 14.28 7.18 4.45
N LEU A 308 14.90 6.32 5.25
CA LEU A 308 15.42 6.76 6.55
C LEU A 308 16.46 7.87 6.37
N ASP A 309 17.39 7.65 5.44
CA ASP A 309 18.41 8.66 5.19
C ASP A 309 17.80 9.89 4.51
N ARG A 310 16.87 9.65 3.59
CA ARG A 310 16.24 10.73 2.86
C ARG A 310 15.49 11.64 3.81
N LEU A 311 14.85 11.04 4.82
CA LEU A 311 14.10 11.80 5.81
C LEU A 311 15.00 12.26 6.94
N LYS A 312 16.29 11.98 6.81
CA LYS A 312 17.27 12.38 7.84
C LYS A 312 18.20 13.46 7.28
N ALA A 313 18.15 13.67 5.98
CA ALA A 313 19.00 14.68 5.36
C ALA A 313 18.65 16.07 5.88
N LEU A 314 17.36 16.32 6.12
CA LEU A 314 16.93 17.61 6.62
C LEU A 314 17.57 17.90 7.96
N PHE A 315 17.50 16.93 8.87
CA PHE A 315 18.08 17.10 10.20
C PHE A 315 19.60 16.91 10.14
N ALA A 24 1.17 -24.68 7.53
CA ALA A 24 1.54 -25.93 8.24
C ALA A 24 2.22 -26.88 7.27
N ASP A 25 2.62 -28.06 7.77
CA ASP A 25 3.29 -29.04 6.93
C ASP A 25 2.27 -29.99 6.31
N TRP A 26 1.00 -29.79 6.65
CA TRP A 26 -0.07 -30.63 6.13
C TRP A 26 -1.34 -29.81 5.90
N PRO A 27 -2.37 -30.45 5.42
CA PRO A 27 -3.67 -29.78 5.15
C PRO A 27 -4.30 -29.21 6.42
N ARG A 28 -4.97 -28.07 6.29
CA ARG A 28 -5.61 -27.43 7.43
C ARG A 28 -6.75 -26.54 6.98
N GLN A 29 -7.40 -25.89 7.94
CA GLN A 29 -8.53 -25.00 7.63
C GLN A 29 -8.18 -23.56 7.99
N ILE A 30 -8.53 -22.63 7.11
CA ILE A 30 -8.25 -21.21 7.34
C ILE A 30 -9.53 -20.40 7.25
N THR A 31 -9.61 -19.34 8.05
CA THR A 31 -10.79 -18.48 8.04
C THR A 31 -10.43 -17.05 7.67
N ASP A 32 -11.24 -16.44 6.80
CA ASP A 32 -10.98 -15.07 6.36
C ASP A 32 -11.87 -14.09 7.14
N SER A 33 -12.34 -13.06 6.46
CA SER A 33 -13.19 -12.07 7.09
C SER A 33 -14.50 -12.70 7.54
N ARG A 34 -15.01 -13.63 6.74
CA ARG A 34 -16.26 -14.32 7.07
C ARG A 34 -16.26 -15.74 6.50
N GLY A 35 -16.26 -15.85 5.18
CA GLY A 35 -16.26 -17.15 4.53
C GLY A 35 -15.05 -17.96 4.95
N THR A 36 -15.25 -19.26 5.12
CA THR A 36 -14.17 -20.15 5.54
C THR A 36 -13.82 -21.11 4.41
N HIS A 37 -12.51 -21.22 4.12
CA HIS A 37 -12.04 -22.11 3.06
C HIS A 37 -11.10 -23.16 3.63
N THR A 38 -11.38 -24.42 3.30
CA THR A 38 -10.56 -25.53 3.78
C THR A 38 -9.36 -25.73 2.86
N LEU A 39 -8.18 -25.81 3.44
CA LEU A 39 -6.95 -26.03 2.66
C LEU A 39 -6.60 -27.50 2.62
N GLU A 40 -7.29 -28.25 1.77
CA GLU A 40 -7.04 -29.68 1.64
C GLU A 40 -5.64 -29.94 1.08
N SER A 41 -5.18 -29.03 0.24
CA SER A 41 -3.86 -29.16 -0.37
C SER A 41 -3.62 -28.04 -1.37
N GLN A 42 -2.72 -27.12 -1.03
CA GLN A 42 -2.41 -25.99 -1.91
C GLN A 42 -0.93 -25.97 -2.23
N PRO A 43 -0.53 -26.60 -3.31
CA PRO A 43 0.90 -26.63 -3.74
C PRO A 43 1.46 -25.23 -3.95
N GLN A 44 2.76 -25.08 -3.71
CA GLN A 44 3.42 -23.79 -3.85
C GLN A 44 2.90 -23.05 -5.09
N ARG A 45 1.76 -22.38 -4.93
CA ARG A 45 1.16 -21.64 -6.04
C ARG A 45 0.36 -20.46 -5.51
N ILE A 46 1.05 -19.49 -4.93
CA ILE A 46 0.38 -18.32 -4.39
C ILE A 46 -0.04 -17.37 -5.49
N VAL A 47 -1.31 -16.93 -5.45
CA VAL A 47 -1.84 -16.03 -6.46
C VAL A 47 -2.38 -14.76 -5.79
N SER A 48 -2.25 -13.64 -6.49
CA SER A 48 -2.73 -12.37 -5.96
C SER A 48 -3.48 -11.58 -7.03
N THR A 49 -4.52 -10.87 -6.61
CA THR A 49 -5.31 -10.06 -7.55
C THR A 49 -4.90 -8.60 -7.48
N SER A 50 -5.03 -8.00 -6.30
CA SER A 50 -4.67 -6.60 -6.12
C SER A 50 -3.16 -6.45 -5.96
N VAL A 51 -2.66 -5.27 -6.28
CA VAL A 51 -1.23 -5.00 -6.17
C VAL A 51 -0.83 -4.82 -4.70
N THR A 52 -1.81 -4.49 -3.87
CA THR A 52 -1.53 -4.26 -2.45
C THR A 52 -0.96 -5.52 -1.81
N LEU A 53 -1.65 -6.64 -1.99
CA LEU A 53 -1.16 -7.91 -1.46
C LEU A 53 0.12 -8.33 -2.17
N THR A 54 0.14 -8.16 -3.48
CA THR A 54 1.30 -8.56 -4.27
C THR A 54 2.59 -8.15 -3.56
N GLY A 55 2.69 -6.87 -3.22
CA GLY A 55 3.86 -6.36 -2.52
C GLY A 55 3.89 -6.87 -1.07
N SER A 56 2.72 -6.94 -0.45
CA SER A 56 2.63 -7.39 0.93
C SER A 56 3.13 -8.83 1.05
N LEU A 57 2.71 -9.68 0.12
CA LEU A 57 3.12 -11.08 0.13
C LEU A 57 4.61 -11.19 -0.15
N LEU A 58 5.09 -10.40 -1.10
CA LEU A 58 6.49 -10.43 -1.47
C LEU A 58 7.38 -10.03 -0.30
N ALA A 59 6.93 -9.02 0.43
CA ALA A 59 7.70 -8.52 1.56
C ALA A 59 7.92 -9.62 2.60
N ILE A 60 6.93 -10.47 2.77
CA ILE A 60 7.01 -11.55 3.75
C ILE A 60 7.58 -12.82 3.12
N ASP A 61 8.41 -12.65 2.10
CA ASP A 61 9.01 -13.79 1.43
C ASP A 61 7.94 -14.74 0.92
N ALA A 62 6.98 -14.21 0.17
CA ALA A 62 5.90 -15.04 -0.37
C ALA A 62 5.57 -14.58 -1.79
N PRO A 63 6.39 -14.91 -2.74
CA PRO A 63 6.20 -14.51 -4.16
C PRO A 63 4.94 -15.12 -4.76
N VAL A 64 4.35 -14.42 -5.73
CA VAL A 64 3.14 -14.90 -6.39
C VAL A 64 3.44 -15.23 -7.86
N ILE A 65 2.90 -16.35 -8.32
CA ILE A 65 3.09 -16.78 -9.69
C ILE A 65 2.34 -15.86 -10.65
N ALA A 66 1.11 -15.51 -10.32
CA ALA A 66 0.28 -14.66 -11.16
C ALA A 66 -0.21 -13.45 -10.39
N SER A 67 -0.05 -12.27 -10.98
CA SER A 67 -0.48 -11.03 -10.34
C SER A 67 -0.74 -9.97 -11.37
N GLY A 68 -1.35 -8.86 -10.95
CA GLY A 68 -1.66 -7.76 -11.85
C GLY A 68 -0.77 -6.56 -11.56
N ALA A 69 -1.01 -5.47 -12.28
CA ALA A 69 -0.24 -4.24 -12.09
C ALA A 69 -1.16 -3.03 -12.01
N THR A 70 -0.60 -1.87 -11.68
CA THR A 70 -1.38 -0.64 -11.59
C THR A 70 -0.67 0.50 -12.31
N THR A 71 -0.20 1.47 -11.55
CA THR A 71 0.48 2.62 -12.13
C THR A 71 1.98 2.48 -11.97
N PRO A 72 2.73 3.44 -12.45
CA PRO A 72 4.22 3.45 -12.36
C PRO A 72 4.70 3.47 -10.91
N ASN A 73 4.29 2.46 -10.15
CA ASN A 73 4.67 2.35 -8.76
C ASN A 73 6.16 2.17 -8.63
N ASN A 74 6.77 1.46 -9.60
CA ASN A 74 8.21 1.18 -9.59
C ASN A 74 8.48 -0.16 -8.93
N ARG A 75 7.70 -0.49 -7.90
CA ARG A 75 7.87 -1.75 -7.20
C ARG A 75 7.59 -2.91 -8.15
N VAL A 76 6.57 -2.76 -8.99
CA VAL A 76 6.21 -3.79 -9.95
C VAL A 76 7.22 -3.84 -11.10
N ALA A 77 7.87 -2.70 -11.34
CA ALA A 77 8.85 -2.60 -12.42
C ALA A 77 9.84 -3.76 -12.35
N ASP A 78 10.89 -3.70 -13.17
CA ASP A 78 11.89 -4.75 -13.18
C ASP A 78 12.79 -4.66 -11.96
N ASP A 79 14.02 -5.16 -12.08
CA ASP A 79 14.95 -5.15 -10.97
C ASP A 79 15.08 -3.75 -10.39
N GLN A 80 14.47 -2.77 -11.05
CA GLN A 80 14.51 -1.40 -10.58
C GLN A 80 13.40 -1.13 -9.57
N GLY A 81 13.79 -0.85 -8.34
CA GLY A 81 12.82 -0.57 -7.29
C GLY A 81 12.30 -1.86 -6.66
N PHE A 82 13.17 -2.53 -5.90
CA PHE A 82 12.79 -3.77 -5.23
C PHE A 82 13.46 -3.87 -3.86
N LEU A 83 12.76 -4.51 -2.92
CA LEU A 83 13.30 -4.68 -1.57
C LEU A 83 14.17 -5.93 -1.52
N ARG A 84 13.61 -7.04 -1.04
CA ARG A 84 14.33 -8.30 -0.95
C ARG A 84 14.70 -8.78 -2.34
N GLN A 85 13.75 -8.68 -3.28
CA GLN A 85 13.98 -9.10 -4.66
C GLN A 85 13.57 -10.55 -4.86
N TRP A 86 12.33 -10.87 -4.49
CA TRP A 86 11.82 -12.23 -4.65
C TRP A 86 10.88 -12.31 -5.85
N SER A 87 10.53 -11.14 -6.41
CA SER A 87 9.63 -11.09 -7.55
C SER A 87 10.25 -11.76 -8.77
N LYS A 88 11.58 -11.63 -8.88
CA LYS A 88 12.29 -12.24 -10.00
C LYS A 88 11.88 -13.70 -10.18
N VAL A 89 11.41 -14.29 -9.10
CA VAL A 89 10.96 -15.70 -9.14
C VAL A 89 9.69 -15.83 -9.98
N ALA A 90 8.73 -14.94 -9.74
CA ALA A 90 7.46 -14.99 -10.46
C ALA A 90 7.71 -14.79 -11.95
N LYS A 91 8.49 -13.77 -12.29
CA LYS A 91 8.80 -13.49 -13.69
C LYS A 91 9.56 -14.66 -14.31
N GLU A 92 10.45 -15.26 -13.53
CA GLU A 92 11.24 -16.39 -14.02
C GLU A 92 10.33 -17.47 -14.57
N ARG A 93 9.13 -17.59 -13.99
CA ARG A 93 8.18 -18.60 -14.43
C ARG A 93 7.28 -18.03 -15.51
N LYS A 94 7.52 -16.78 -15.88
CA LYS A 94 6.74 -16.12 -16.94
C LYS A 94 5.45 -15.56 -16.35
N LEU A 95 4.73 -16.39 -15.60
CA LEU A 95 3.47 -15.99 -15.00
C LEU A 95 3.65 -14.65 -14.35
N GLN A 96 2.54 -13.89 -14.20
CA GLN A 96 2.57 -12.54 -13.61
C GLN A 96 2.04 -11.51 -14.61
N ARG A 97 0.75 -11.23 -14.54
CA ARG A 97 0.14 -10.24 -15.42
C ARG A 97 0.51 -8.83 -14.98
N LEU A 98 0.71 -7.94 -15.94
CA LEU A 98 1.08 -6.56 -15.64
C LEU A 98 0.22 -5.59 -16.44
N TYR A 99 -0.99 -6.02 -16.79
CA TYR A 99 -1.90 -5.19 -17.57
C TYR A 99 -3.32 -5.35 -17.07
N ILE A 100 -4.04 -4.24 -16.98
CA ILE A 100 -5.44 -4.27 -16.52
C ILE A 100 -6.29 -3.34 -17.39
N GLY A 101 -7.61 -3.50 -17.29
CA GLY A 101 -8.53 -2.67 -18.06
C GLY A 101 -9.76 -3.49 -18.46
N GLU A 102 -9.58 -4.80 -18.62
CA GLU A 102 -10.69 -5.67 -19.00
C GLU A 102 -10.45 -7.09 -18.50
N PRO A 103 -10.55 -7.26 -17.21
CA PRO A 103 -10.32 -8.60 -16.57
C PRO A 103 -11.30 -9.65 -17.09
N SER A 104 -10.83 -10.90 -17.18
CA SER A 104 -11.69 -11.99 -17.66
C SER A 104 -11.53 -13.21 -16.76
N ALA A 105 -12.66 -13.84 -16.43
CA ALA A 105 -12.65 -15.02 -15.59
C ALA A 105 -11.99 -16.19 -16.31
N GLU A 106 -12.25 -16.30 -17.60
CA GLU A 106 -11.69 -17.39 -18.39
C GLU A 106 -10.17 -17.27 -18.46
N ALA A 107 -9.67 -16.06 -18.64
CA ALA A 107 -8.24 -15.84 -18.71
C ALA A 107 -7.56 -16.24 -17.40
N VAL A 108 -8.19 -15.89 -16.28
CA VAL A 108 -7.66 -16.23 -14.97
C VAL A 108 -7.62 -17.75 -14.80
N ALA A 109 -8.69 -18.42 -15.22
CA ALA A 109 -8.76 -19.88 -15.10
C ALA A 109 -7.65 -20.52 -15.93
N ALA A 110 -7.33 -19.92 -17.07
CA ALA A 110 -6.29 -20.44 -17.93
C ALA A 110 -4.95 -20.46 -17.21
N GLN A 111 -4.85 -19.68 -16.13
CA GLN A 111 -3.61 -19.62 -15.35
C GLN A 111 -3.58 -20.74 -14.31
N MET A 112 -4.70 -21.45 -14.18
CA MET A 112 -4.78 -22.53 -13.20
C MET A 112 -4.27 -22.08 -11.84
N PRO A 113 -4.85 -21.03 -11.32
CA PRO A 113 -4.45 -20.48 -9.98
C PRO A 113 -4.88 -21.40 -8.84
N ASP A 114 -4.10 -21.38 -7.76
CA ASP A 114 -4.41 -22.22 -6.60
C ASP A 114 -5.07 -21.39 -5.51
N LEU A 115 -4.28 -20.56 -4.84
CA LEU A 115 -4.80 -19.71 -3.77
C LEU A 115 -4.78 -18.25 -4.21
N ILE A 116 -5.97 -17.68 -4.38
CA ILE A 116 -6.08 -16.28 -4.80
C ILE A 116 -6.39 -15.39 -3.61
N LEU A 117 -5.57 -14.35 -3.41
CA LEU A 117 -5.75 -13.43 -2.30
C LEU A 117 -6.22 -12.08 -2.80
N ILE A 118 -7.25 -11.53 -2.14
CA ILE A 118 -7.81 -10.24 -2.54
C ILE A 118 -7.71 -9.25 -1.38
N SER A 119 -7.37 -8.00 -1.71
CA SER A 119 -7.25 -6.96 -0.70
C SER A 119 -8.62 -6.35 -0.39
N ALA A 120 -8.68 -5.57 0.68
CA ALA A 120 -9.94 -4.93 1.08
C ALA A 120 -10.44 -4.03 -0.04
N THR A 121 -9.52 -3.35 -0.72
CA THR A 121 -9.90 -2.45 -1.81
C THR A 121 -8.92 -2.59 -2.97
N GLY A 122 -9.35 -2.17 -4.15
CA GLY A 122 -8.52 -2.26 -5.35
C GLY A 122 -8.95 -1.25 -6.40
N GLY A 123 -8.21 -1.17 -7.49
CA GLY A 123 -8.51 -0.24 -8.56
C GLY A 123 -9.89 -0.54 -9.15
N ASP A 124 -10.26 -1.82 -9.20
CA ASP A 124 -11.54 -2.22 -9.75
C ASP A 124 -12.32 -3.05 -8.73
N SER A 125 -13.64 -2.99 -8.82
CA SER A 125 -14.50 -3.73 -7.90
C SER A 125 -14.28 -5.22 -8.06
N ALA A 126 -14.27 -5.94 -6.94
CA ALA A 126 -14.07 -7.40 -6.97
C ALA A 126 -15.26 -8.12 -6.35
N LEU A 127 -16.34 -7.38 -6.12
CA LEU A 127 -17.54 -7.96 -5.52
C LEU A 127 -18.08 -9.06 -6.43
N ALA A 128 -18.04 -8.83 -7.73
CA ALA A 128 -18.53 -9.81 -8.69
C ALA A 128 -17.47 -10.87 -8.99
N LEU A 129 -16.22 -10.44 -9.02
CA LEU A 129 -15.11 -11.34 -9.27
C LEU A 129 -14.89 -12.26 -8.09
N TYR A 130 -15.10 -11.73 -6.90
CA TYR A 130 -14.89 -12.51 -5.68
C TYR A 130 -15.44 -13.93 -5.83
N ASP A 131 -16.75 -14.03 -6.02
CA ASP A 131 -17.39 -15.34 -6.15
C ASP A 131 -16.92 -16.05 -7.42
N GLN A 132 -16.83 -15.29 -8.51
CA GLN A 132 -16.41 -15.87 -9.78
C GLN A 132 -14.98 -16.41 -9.66
N LEU A 133 -14.18 -15.74 -8.85
CA LEU A 133 -12.80 -16.17 -8.63
C LEU A 133 -12.75 -17.42 -7.77
N SER A 134 -13.60 -17.46 -6.73
CA SER A 134 -13.62 -18.59 -5.81
C SER A 134 -13.91 -19.87 -6.58
N THR A 135 -14.93 -19.84 -7.41
CA THR A 135 -15.30 -21.01 -8.21
C THR A 135 -14.09 -21.52 -8.98
N ILE A 136 -13.32 -20.59 -9.55
CA ILE A 136 -12.13 -20.96 -10.30
C ILE A 136 -11.07 -21.58 -9.38
N ALA A 137 -10.89 -20.97 -8.20
CA ALA A 137 -9.90 -21.45 -7.25
C ALA A 137 -10.08 -20.75 -5.90
N PRO A 138 -9.66 -21.40 -4.84
CA PRO A 138 -9.77 -20.82 -3.47
C PRO A 138 -9.45 -19.34 -3.44
N THR A 139 -10.48 -18.53 -3.25
CA THR A 139 -10.30 -17.07 -3.20
C THR A 139 -10.54 -16.56 -1.78
N LEU A 140 -9.52 -15.93 -1.22
CA LEU A 140 -9.60 -15.39 0.15
C LEU A 140 -9.55 -13.88 0.12
N ILE A 141 -10.16 -13.25 1.12
CA ILE A 141 -10.17 -11.79 1.22
C ILE A 141 -9.70 -11.36 2.60
N ILE A 142 -8.76 -10.40 2.62
CA ILE A 142 -8.23 -9.89 3.88
C ILE A 142 -8.60 -8.42 4.07
N ASN A 143 -9.19 -8.10 5.21
CA ASN A 143 -9.59 -6.73 5.51
C ASN A 143 -8.58 -6.07 6.45
N TYR A 144 -7.73 -5.22 5.90
CA TYR A 144 -6.71 -4.53 6.70
C TYR A 144 -7.14 -3.11 7.01
N ASP A 145 -8.19 -2.65 6.35
CA ASP A 145 -8.70 -1.30 6.56
C ASP A 145 -9.22 -1.13 7.98
N ASP A 146 -9.79 -2.21 8.53
CA ASP A 146 -10.33 -2.17 9.88
C ASP A 146 -9.33 -2.76 10.87
N LYS A 147 -8.13 -3.04 10.41
CA LYS A 147 -7.09 -3.62 11.26
C LYS A 147 -5.76 -2.91 11.03
N SER A 148 -4.89 -2.96 12.04
CA SER A 148 -3.58 -2.31 11.94
C SER A 148 -2.65 -3.13 11.05
N TRP A 149 -1.53 -2.52 10.65
CA TRP A 149 -0.57 -3.20 9.78
C TRP A 149 -0.04 -4.45 10.47
N GLN A 150 0.38 -4.32 11.71
CA GLN A 150 0.91 -5.46 12.46
C GLN A 150 -0.09 -6.61 12.45
N SER A 151 -1.36 -6.29 12.61
CA SER A 151 -2.42 -7.30 12.59
C SER A 151 -2.47 -7.96 11.22
N LEU A 152 -2.33 -7.15 10.16
CA LEU A 152 -2.37 -7.68 8.81
C LEU A 152 -1.27 -8.70 8.59
N LEU A 153 -0.07 -8.38 9.07
CA LEU A 153 1.05 -9.29 8.93
C LEU A 153 0.76 -10.60 9.65
N THR A 154 0.21 -10.50 10.85
CA THR A 154 -0.12 -11.69 11.64
C THR A 154 -1.00 -12.62 10.82
N GLN A 155 -2.01 -12.05 10.16
CA GLN A 155 -2.92 -12.85 9.35
C GLN A 155 -2.17 -13.50 8.20
N LEU A 156 -1.26 -12.76 7.59
CA LEU A 156 -0.47 -13.30 6.49
C LEU A 156 0.37 -14.46 6.94
N GLY A 157 0.97 -14.35 8.10
CA GLY A 157 1.79 -15.42 8.63
C GLY A 157 0.94 -16.64 8.96
N GLU A 158 -0.25 -16.41 9.51
CA GLU A 158 -1.14 -17.50 9.86
C GLU A 158 -1.73 -18.14 8.62
N ILE A 159 -2.19 -17.30 7.69
CA ILE A 159 -2.77 -17.79 6.45
C ILE A 159 -1.74 -18.54 5.62
N THR A 160 -0.55 -17.96 5.52
CA THR A 160 0.52 -18.57 4.73
C THR A 160 1.40 -19.44 5.60
N GLY A 161 1.18 -19.37 6.91
CA GLY A 161 1.96 -20.17 7.85
C GLY A 161 3.42 -19.74 7.85
N HIS A 162 3.65 -18.48 7.47
CA HIS A 162 5.02 -17.94 7.43
C HIS A 162 5.30 -17.07 8.64
N GLU A 163 5.05 -17.63 9.83
CA GLU A 163 5.29 -16.89 11.07
C GLU A 163 6.78 -16.72 11.30
N LYS A 164 7.55 -17.76 10.99
CA LYS A 164 9.00 -17.71 11.19
C LYS A 164 9.61 -16.56 10.40
N GLN A 165 9.21 -16.46 9.13
CA GLN A 165 9.73 -15.40 8.26
C GLN A 165 9.36 -14.03 8.82
N ALA A 166 8.15 -13.92 9.34
CA ALA A 166 7.69 -12.66 9.91
C ALA A 166 8.55 -12.28 11.12
N ALA A 167 8.90 -13.26 11.94
CA ALA A 167 9.73 -13.02 13.11
C ALA A 167 11.12 -12.54 12.69
N GLU A 168 11.53 -12.94 11.50
CA GLU A 168 12.85 -12.54 10.98
C GLU A 168 12.83 -11.09 10.52
N ARG A 169 11.88 -10.76 9.65
CA ARG A 169 11.76 -9.41 9.13
C ARG A 169 11.43 -8.43 10.26
N ILE A 170 10.50 -8.84 11.12
CA ILE A 170 10.09 -7.99 12.22
C ILE A 170 11.27 -7.74 13.17
N ALA A 171 12.01 -8.79 13.47
CA ALA A 171 13.15 -8.66 14.37
C ALA A 171 14.18 -7.69 13.79
N GLN A 172 14.71 -8.04 12.62
CA GLN A 172 15.73 -7.21 11.98
C GLN A 172 15.21 -5.79 11.81
N PHE A 173 13.91 -5.67 11.54
CA PHE A 173 13.30 -4.35 11.37
C PHE A 173 13.03 -3.68 12.72
N ASP A 174 12.69 -4.50 13.70
CA ASP A 174 12.37 -3.98 15.03
C ASP A 174 13.55 -3.19 15.57
N LYS A 175 14.75 -3.69 15.33
CA LYS A 175 15.95 -3.00 15.81
C LYS A 175 16.08 -1.62 15.15
N GLN A 176 15.81 -1.57 13.84
CA GLN A 176 15.90 -0.32 13.11
C GLN A 176 14.83 0.66 13.59
N LEU A 177 13.66 0.14 13.90
CA LEU A 177 12.56 0.96 14.39
C LEU A 177 12.94 1.63 15.70
N ALA A 178 13.57 0.86 16.59
CA ALA A 178 13.98 1.41 17.88
C ALA A 178 14.98 2.55 17.70
N ALA A 179 16.05 2.28 16.94
CA ALA A 179 17.06 3.30 16.68
C ALA A 179 16.47 4.43 15.85
N ALA A 180 15.68 4.08 14.85
CA ALA A 180 15.07 5.07 13.98
C ALA A 180 14.10 5.94 14.76
N LYS A 181 13.35 5.33 15.68
CA LYS A 181 12.40 6.05 16.49
C LYS A 181 13.11 7.08 17.37
N GLU A 182 14.34 6.74 17.79
CA GLU A 182 15.11 7.64 18.64
C GLU A 182 16.03 8.52 17.79
N GLN A 183 16.33 8.06 16.58
CA GLN A 183 17.21 8.81 15.69
C GLN A 183 16.57 10.14 15.29
N ILE A 184 15.26 10.10 15.02
CA ILE A 184 14.54 11.30 14.63
C ILE A 184 14.25 12.17 15.84
N LYS A 185 14.45 13.48 15.69
CA LYS A 185 14.18 14.42 16.79
C LYS A 185 13.27 15.53 16.32
N LEU A 186 12.03 15.52 16.81
CA LEU A 186 11.08 16.54 16.43
C LEU A 186 9.75 16.35 17.18
N PRO A 187 9.28 17.36 17.87
CA PRO A 187 8.01 17.28 18.63
C PRO A 187 6.89 16.60 17.86
N PRO A 188 5.97 15.98 18.54
CA PRO A 188 4.82 15.28 17.89
C PRO A 188 3.86 16.24 17.21
N GLN A 189 3.34 15.82 16.07
CA GLN A 189 2.40 16.64 15.33
C GLN A 189 1.78 15.85 14.17
N PRO A 190 0.54 16.13 13.84
CA PRO A 190 -0.15 15.45 12.71
C PRO A 190 0.42 15.85 11.36
N VAL A 191 0.26 14.97 10.37
CA VAL A 191 0.75 15.23 9.03
C VAL A 191 -0.27 14.79 7.99
N THR A 192 -0.10 15.28 6.76
CA THR A 192 -1.00 14.93 5.66
C THR A 192 -0.24 14.81 4.35
N ALA A 193 -0.91 14.30 3.32
CA ALA A 193 -0.30 14.16 2.01
C ALA A 193 -1.34 14.32 0.92
N ILE A 194 -0.97 15.05 -0.14
CA ILE A 194 -1.88 15.27 -1.27
C ILE A 194 -1.17 15.05 -2.58
N VAL A 195 -1.90 14.56 -3.58
CA VAL A 195 -1.33 14.33 -4.89
C VAL A 195 -2.26 14.87 -5.98
N TYR A 196 -1.69 15.62 -6.92
CA TYR A 196 -2.47 16.18 -8.01
C TYR A 196 -1.60 16.38 -9.24
N THR A 197 -2.22 16.38 -10.43
CA THR A 197 -1.49 16.58 -11.67
C THR A 197 -2.04 17.78 -12.43
N ALA A 198 -1.17 18.74 -12.71
CA ALA A 198 -1.58 19.94 -13.44
C ALA A 198 -2.13 19.57 -14.82
N ALA A 199 -1.68 18.43 -15.34
CA ALA A 199 -2.14 17.97 -16.65
C ALA A 199 -3.56 17.42 -16.57
N ALA A 200 -3.79 16.54 -15.60
CA ALA A 200 -5.10 15.94 -15.43
C ALA A 200 -6.08 16.94 -14.85
N HIS A 201 -5.55 18.06 -14.38
CA HIS A 201 -6.40 19.11 -13.80
C HIS A 201 -7.35 18.51 -12.77
N SER A 202 -6.84 17.59 -11.96
CA SER A 202 -7.65 16.95 -10.93
C SER A 202 -6.89 16.87 -9.62
N ALA A 203 -7.61 17.02 -8.50
CA ALA A 203 -6.99 16.97 -7.19
C ALA A 203 -7.40 15.70 -6.45
N ASN A 204 -6.45 14.81 -6.21
CA ASN A 204 -6.72 13.57 -5.51
C ASN A 204 -5.91 13.49 -4.23
N LEU A 205 -6.57 13.10 -3.13
CA LEU A 205 -5.88 12.99 -1.85
C LEU A 205 -5.81 11.54 -1.41
N TRP A 206 -4.72 11.19 -0.73
CA TRP A 206 -4.53 9.82 -0.24
C TRP A 206 -4.93 9.74 1.23
N THR A 207 -5.76 8.77 1.56
CA THR A 207 -6.20 8.58 2.94
C THR A 207 -5.35 7.53 3.65
N PRO A 208 -5.26 7.65 4.96
CA PRO A 208 -4.49 6.68 5.79
C PRO A 208 -5.12 5.29 5.79
N GLU A 209 -6.40 5.23 5.42
CA GLU A 209 -7.11 3.95 5.40
C GLU A 209 -6.29 2.89 4.68
N SER A 210 -5.32 3.34 3.87
CA SER A 210 -4.47 2.42 3.13
C SER A 210 -3.44 1.78 4.07
N ALA A 211 -2.82 0.70 3.60
CA ALA A 211 -1.83 0.00 4.40
C ALA A 211 -0.68 0.94 4.76
N GLN A 212 -0.44 1.94 3.92
CA GLN A 212 0.62 2.90 4.16
C GLN A 212 0.34 3.69 5.43
N GLY A 213 -0.92 4.09 5.62
CA GLY A 213 -1.29 4.86 6.79
C GLY A 213 -0.99 4.09 8.08
N GLN A 214 -1.34 2.81 8.10
CA GLN A 214 -1.10 1.98 9.27
C GLN A 214 0.40 1.84 9.52
N MET A 215 1.17 1.70 8.44
CA MET A 215 2.62 1.56 8.55
C MET A 215 3.22 2.80 9.20
N LEU A 216 2.72 3.97 8.81
CA LEU A 216 3.23 5.22 9.39
C LEU A 216 2.91 5.28 10.87
N GLU A 217 1.68 4.96 11.23
CA GLU A 217 1.27 4.99 12.63
C GLU A 217 2.20 4.13 13.47
N GLN A 218 2.72 3.07 12.86
CA GLN A 218 3.63 2.17 13.55
C GLN A 218 4.97 2.85 13.78
N LEU A 219 5.24 3.92 13.02
CA LEU A 219 6.50 4.64 13.14
C LEU A 219 6.39 5.73 14.21
N GLY A 220 5.18 5.94 14.71
CA GLY A 220 4.96 6.96 15.74
C GLY A 220 4.39 8.24 15.14
N PHE A 221 4.16 8.22 13.84
CA PHE A 221 3.61 9.38 13.15
C PHE A 221 2.09 9.36 13.18
N THR A 222 1.47 10.54 13.11
CA THR A 222 0.01 10.64 13.13
C THR A 222 -0.50 11.21 11.81
N LEU A 223 -1.46 10.52 11.21
CA LEU A 223 -2.03 10.95 9.94
C LEU A 223 -3.26 11.81 10.16
N ALA A 224 -3.46 12.79 9.28
CA ALA A 224 -4.61 13.68 9.40
C ALA A 224 -5.89 12.93 9.08
N LYS A 225 -7.00 13.37 9.67
CA LYS A 225 -8.30 12.74 9.44
C LYS A 225 -9.35 13.78 9.11
N LEU A 226 -10.11 13.53 8.05
CA LEU A 226 -11.16 14.47 7.62
C LEU A 226 -12.53 13.81 7.79
N PRO A 227 -13.17 14.03 8.91
CA PRO A 227 -14.52 13.47 9.18
C PRO A 227 -15.52 13.86 8.09
N ALA A 228 -16.37 12.92 7.71
CA ALA A 228 -17.36 13.17 6.67
C ALA A 228 -16.68 13.52 5.34
N GLY A 229 -15.46 14.05 5.43
CA GLY A 229 -14.70 14.43 4.25
C GLY A 229 -14.25 13.20 3.48
N LEU A 230 -13.63 12.27 4.19
CA LEU A 230 -13.13 11.05 3.55
C LEU A 230 -14.25 10.36 2.78
N ASN A 231 -15.45 10.40 3.32
CA ASN A 231 -16.60 9.80 2.67
C ASN A 231 -16.94 10.52 1.37
N ALA A 232 -15.90 10.99 0.67
CA ALA A 232 -16.09 11.70 -0.59
C ALA A 232 -17.30 12.62 -0.51
N SER A 233 -17.08 13.84 -0.06
CA SER A 233 -18.16 14.81 0.07
C SER A 233 -18.46 15.46 -1.28
N GLN A 234 -17.53 15.29 -2.22
CA GLN A 234 -17.71 15.86 -3.57
C GLN A 234 -18.39 14.85 -4.49
N SER A 235 -17.99 13.60 -4.40
CA SER A 235 -18.57 12.56 -5.23
C SER A 235 -20.03 12.33 -4.87
N GLN A 236 -20.43 12.81 -3.70
CA GLN A 236 -21.81 12.66 -3.24
C GLN A 236 -22.20 11.18 -3.23
N GLY A 237 -21.30 10.34 -2.73
CA GLY A 237 -21.56 8.91 -2.67
C GLY A 237 -20.38 8.17 -2.05
N LYS A 238 -20.17 6.93 -2.49
CA LYS A 238 -19.06 6.12 -1.98
C LYS A 238 -18.13 5.71 -3.11
N ARG A 239 -16.84 5.68 -2.82
CA ARG A 239 -15.85 5.31 -3.83
C ARG A 239 -14.62 4.69 -3.16
N HIS A 240 -13.96 3.78 -3.87
CA HIS A 240 -12.77 3.12 -3.34
C HIS A 240 -11.51 3.75 -3.94
N ASP A 241 -10.44 2.95 -4.04
CA ASP A 241 -9.19 3.43 -4.59
C ASP A 241 -8.71 4.66 -3.83
N ILE A 242 -9.10 5.85 -4.32
CA ILE A 242 -8.69 7.10 -3.69
C ILE A 242 -9.90 7.96 -3.39
N ILE A 243 -9.67 9.09 -2.73
CA ILE A 243 -10.75 10.01 -2.36
C ILE A 243 -10.50 11.39 -2.94
N GLN A 244 -11.58 12.04 -3.39
CA GLN A 244 -11.47 13.37 -3.97
C GLN A 244 -11.87 14.42 -2.95
N LEU A 245 -11.60 15.69 -3.28
CA LEU A 245 -11.94 16.80 -2.38
C LEU A 245 -12.30 18.05 -3.16
N GLY A 246 -13.16 18.88 -2.58
CA GLY A 246 -13.57 20.11 -3.25
C GLY A 246 -12.39 21.05 -3.44
N GLY A 247 -11.51 21.11 -2.45
CA GLY A 247 -10.33 21.97 -2.53
C GLY A 247 -10.20 22.82 -1.26
N GLU A 248 -11.09 22.58 -0.30
CA GLU A 248 -11.05 23.33 0.94
C GLU A 248 -9.94 22.82 1.86
N ASN A 249 -10.00 21.54 2.18
CA ASN A 249 -8.99 20.93 3.06
C ASN A 249 -7.62 21.01 2.40
N LEU A 250 -7.59 20.85 1.09
CA LEU A 250 -6.31 20.89 0.36
C LEU A 250 -5.55 22.17 0.71
N ALA A 251 -6.08 23.31 0.29
CA ALA A 251 -5.42 24.58 0.54
C ALA A 251 -5.14 24.73 2.03
N ALA A 252 -6.11 24.34 2.85
CA ALA A 252 -5.95 24.44 4.31
C ALA A 252 -5.01 23.35 4.81
N GLY A 253 -4.22 22.77 3.90
CA GLY A 253 -3.28 21.72 4.27
C GLY A 253 -3.80 20.88 5.42
N LEU A 254 -5.05 20.44 5.31
CA LEU A 254 -5.68 19.66 6.37
C LEU A 254 -5.27 20.17 7.74
N ASN A 255 -4.46 19.38 8.45
CA ASN A 255 -4.01 19.77 9.78
C ASN A 255 -3.22 21.07 9.73
N GLY A 256 -2.32 21.17 8.75
CA GLY A 256 -1.52 22.38 8.58
C GLY A 256 -0.30 22.34 9.50
N GLU A 257 -0.07 21.21 10.14
CA GLU A 257 1.08 21.06 11.04
C GLU A 257 2.23 20.36 10.34
N SER A 258 1.95 19.76 9.19
CA SER A 258 2.97 19.06 8.43
C SER A 258 2.37 18.40 7.20
N LEU A 259 3.12 18.42 6.10
CA LEU A 259 2.65 17.82 4.87
C LEU A 259 3.80 17.25 4.06
N PHE A 260 3.70 15.96 3.70
CA PHE A 260 4.73 15.31 2.89
C PHE A 260 4.33 15.27 1.45
N LEU A 261 5.30 15.44 0.56
CA LEU A 261 5.02 15.44 -0.87
C LEU A 261 5.25 14.05 -1.46
N PHE A 262 4.14 13.37 -1.77
CA PHE A 262 4.22 12.02 -2.35
C PHE A 262 3.99 12.09 -3.84
N ALA A 263 3.51 13.24 -4.32
CA ALA A 263 3.25 13.42 -5.75
C ALA A 263 4.55 13.38 -6.55
N GLY A 264 5.58 14.01 -6.01
CA GLY A 264 6.87 14.07 -6.68
C GLY A 264 7.90 14.82 -5.84
N ASP A 265 9.15 14.81 -6.29
CA ASP A 265 10.22 15.50 -5.57
C ASP A 265 10.10 17.01 -5.74
N GLN A 266 11.06 17.60 -6.43
CA GLN A 266 11.07 19.04 -6.66
C GLN A 266 9.92 19.44 -7.57
N LYS A 267 9.52 18.53 -8.44
CA LYS A 267 8.45 18.83 -9.39
C LYS A 267 7.18 19.19 -8.64
N ASP A 268 6.87 18.43 -7.59
CA ASP A 268 5.67 18.71 -6.80
C ASP A 268 5.79 20.07 -6.12
N ALA A 269 6.97 20.35 -5.56
CA ALA A 269 7.21 21.62 -4.88
C ALA A 269 6.84 22.78 -5.79
N ASP A 270 7.50 22.86 -6.94
CA ASP A 270 7.24 23.93 -7.89
C ASP A 270 5.74 24.01 -8.18
N ALA A 271 5.12 22.85 -8.38
CA ALA A 271 3.69 22.81 -8.66
C ALA A 271 2.92 23.54 -7.57
N ILE A 272 3.29 23.30 -6.32
CA ILE A 272 2.62 23.96 -5.20
C ILE A 272 2.85 25.47 -5.24
N TYR A 273 4.08 25.86 -5.52
CA TYR A 273 4.42 27.28 -5.59
C TYR A 273 3.53 27.98 -6.60
N ALA A 274 3.23 27.30 -7.69
CA ALA A 274 2.38 27.87 -8.74
C ALA A 274 0.93 27.83 -8.31
N ASN A 275 0.68 27.33 -7.09
CA ASN A 275 -0.68 27.22 -6.56
C ASN A 275 -0.84 28.13 -5.35
N PRO A 276 -1.27 29.35 -5.55
CA PRO A 276 -1.48 30.33 -4.45
C PRO A 276 -2.37 29.76 -3.34
N LEU A 277 -3.22 28.83 -3.71
CA LEU A 277 -4.12 28.20 -2.74
C LEU A 277 -3.33 27.45 -1.69
N LEU A 278 -2.29 26.75 -2.14
CA LEU A 278 -1.47 25.96 -1.22
C LEU A 278 -0.24 26.76 -0.79
N ALA A 279 -0.19 28.02 -1.20
CA ALA A 279 0.92 28.89 -0.84
C ALA A 279 0.85 29.26 0.64
N HIS A 280 -0.36 29.43 1.14
CA HIS A 280 -0.57 29.81 2.53
C HIS A 280 -0.42 28.60 3.45
N LEU A 281 -0.05 27.46 2.85
CA LEU A 281 0.12 26.25 3.62
C LEU A 281 1.34 26.37 4.55
N PRO A 282 1.16 26.23 5.83
CA PRO A 282 2.27 26.34 6.81
C PRO A 282 3.49 25.52 6.40
N ALA A 283 3.25 24.35 5.83
CA ALA A 283 4.34 23.48 5.40
C ALA A 283 5.22 24.21 4.38
N VAL A 284 4.59 24.89 3.44
CA VAL A 284 5.33 25.63 2.42
C VAL A 284 6.10 26.78 3.07
N GLN A 285 5.43 27.49 3.97
CA GLN A 285 6.06 28.63 4.64
C GLN A 285 7.22 28.16 5.50
N ASN A 286 7.05 27.03 6.18
CA ASN A 286 8.09 26.49 7.04
C ASN A 286 8.99 25.55 6.25
N LYS A 287 8.55 25.18 5.05
CA LYS A 287 9.32 24.28 4.20
C LYS A 287 9.51 22.92 4.87
N GLN A 288 8.51 22.52 5.65
CA GLN A 288 8.56 21.22 6.34
C GLN A 288 7.98 20.14 5.46
N VAL A 289 8.35 20.15 4.18
CA VAL A 289 7.84 19.16 3.23
C VAL A 289 8.92 18.13 2.91
N TYR A 290 8.53 16.86 2.90
CA TYR A 290 9.46 15.77 2.60
C TYR A 290 9.05 15.05 1.33
N ALA A 291 10.02 14.84 0.44
CA ALA A 291 9.75 14.16 -0.82
C ALA A 291 9.80 12.64 -0.64
N LEU A 292 8.68 12.05 -0.26
CA LEU A 292 8.61 10.62 -0.08
C LEU A 292 8.85 9.88 -1.38
N GLY A 293 8.27 10.41 -2.46
CA GLY A 293 8.43 9.79 -3.78
C GLY A 293 7.49 8.60 -3.91
N THR A 294 7.38 8.09 -5.14
CA THR A 294 6.51 6.94 -5.40
C THR A 294 7.17 5.65 -4.92
N GLU A 295 8.50 5.65 -4.87
CA GLU A 295 9.25 4.48 -4.44
C GLU A 295 8.99 4.21 -2.96
N THR A 296 8.83 5.28 -2.19
CA THR A 296 8.60 5.15 -0.76
C THR A 296 7.19 4.64 -0.48
N PHE A 297 6.61 3.94 -1.45
CA PHE A 297 5.25 3.43 -1.29
C PHE A 297 5.19 2.52 -0.07
N ARG A 298 6.10 1.56 0.01
CA ARG A 298 6.16 0.63 1.14
C ARG A 298 7.40 0.87 1.94
N LEU A 299 7.36 0.52 3.23
CA LEU A 299 8.51 0.70 4.10
C LEU A 299 9.04 -0.64 4.59
N ASP A 300 10.33 -0.88 4.36
CA ASP A 300 10.96 -2.14 4.79
C ASP A 300 12.42 -1.90 5.15
N TYR A 301 13.02 -2.87 5.82
CA TYR A 301 14.41 -2.75 6.23
C TYR A 301 15.28 -2.31 5.06
N TYR A 302 14.98 -2.83 3.87
CA TYR A 302 15.75 -2.48 2.69
C TYR A 302 15.48 -1.05 2.25
N SER A 303 14.24 -0.78 1.83
CA SER A 303 13.86 0.54 1.37
C SER A 303 14.04 1.57 2.48
N ALA A 304 13.82 1.15 3.72
CA ALA A 304 13.95 2.05 4.85
C ALA A 304 15.31 2.72 4.87
N MET A 305 16.30 2.08 4.26
CA MET A 305 17.63 2.63 4.21
C MET A 305 17.66 3.95 3.43
N GLN A 306 16.92 3.98 2.33
CA GLN A 306 16.86 5.19 1.50
C GLN A 306 15.90 6.22 2.11
N VAL A 307 14.74 5.74 2.56
CA VAL A 307 13.75 6.62 3.16
C VAL A 307 14.27 7.19 4.47
N LEU A 308 14.91 6.33 5.27
CA LEU A 308 15.41 6.77 6.56
C LEU A 308 16.45 7.87 6.38
N ASP A 309 17.38 7.67 5.45
CA ASP A 309 18.41 8.67 5.20
C ASP A 309 17.80 9.90 4.53
N ARG A 310 16.87 9.66 3.60
CA ARG A 310 16.23 10.75 2.87
C ARG A 310 15.47 11.66 3.83
N LEU A 311 14.84 11.04 4.83
CA LEU A 311 14.08 11.80 5.82
C LEU A 311 14.98 12.27 6.95
N LYS A 312 16.28 12.00 6.82
CA LYS A 312 17.24 12.39 7.85
C LYS A 312 18.18 13.47 7.31
N ALA A 313 18.13 13.68 5.99
CA ALA A 313 18.98 14.69 5.37
C ALA A 313 18.64 16.08 5.89
N LEU A 314 17.35 16.32 6.13
CA LEU A 314 16.92 17.62 6.61
C LEU A 314 17.56 17.92 7.95
N PHE A 315 17.49 16.96 8.87
CA PHE A 315 18.07 17.14 10.20
C PHE A 315 19.59 16.95 10.14
N ALA A 24 1.20 -24.71 7.57
CA ALA A 24 1.57 -25.95 8.30
C ALA A 24 2.25 -26.92 7.33
N ASP A 25 2.65 -28.07 7.85
CA ASP A 25 3.32 -29.07 7.02
C ASP A 25 2.30 -30.01 6.39
N TRP A 26 1.03 -29.82 6.73
CA TRP A 26 -0.03 -30.66 6.20
C TRP A 26 -1.30 -29.84 5.97
N PRO A 27 -2.33 -30.47 5.48
CA PRO A 27 -3.64 -29.80 5.21
C PRO A 27 -4.26 -29.23 6.48
N ARG A 28 -4.93 -28.09 6.33
CA ARG A 28 -5.57 -27.44 7.47
C ARG A 28 -6.72 -26.56 7.01
N GLN A 29 -7.37 -25.90 7.97
CA GLN A 29 -8.49 -25.02 7.65
C GLN A 29 -8.15 -23.58 8.01
N ILE A 30 -8.49 -22.66 7.11
CA ILE A 30 -8.22 -21.24 7.35
C ILE A 30 -9.50 -20.43 7.25
N THR A 31 -9.59 -19.37 8.04
CA THR A 31 -10.77 -18.51 8.03
C THR A 31 -10.41 -17.08 7.66
N ASP A 32 -11.21 -16.48 6.79
CA ASP A 32 -10.97 -15.11 6.35
C ASP A 32 -11.85 -14.13 7.12
N SER A 33 -12.31 -13.09 6.44
CA SER A 33 -13.17 -12.10 7.07
C SER A 33 -14.49 -12.73 7.51
N ARG A 34 -14.99 -13.66 6.71
CA ARG A 34 -16.23 -14.35 7.02
C ARG A 34 -16.23 -15.77 6.47
N GLY A 35 -16.23 -15.88 5.15
CA GLY A 35 -16.24 -17.19 4.51
C GLY A 35 -15.03 -18.00 4.93
N THR A 36 -15.22 -19.31 5.11
CA THR A 36 -14.13 -20.19 5.52
C THR A 36 -13.78 -21.15 4.40
N HIS A 37 -12.48 -21.25 4.12
CA HIS A 37 -12.00 -22.14 3.05
C HIS A 37 -11.06 -23.19 3.62
N THR A 38 -11.33 -24.45 3.31
CA THR A 38 -10.51 -25.55 3.80
C THR A 38 -9.32 -25.76 2.87
N LEU A 39 -8.12 -25.84 3.46
CA LEU A 39 -6.90 -26.06 2.68
C LEU A 39 -6.54 -27.53 2.65
N GLU A 40 -7.25 -28.29 1.80
CA GLU A 40 -7.00 -29.72 1.68
C GLU A 40 -5.60 -29.97 1.10
N SER A 41 -5.15 -29.07 0.25
CA SER A 41 -3.84 -29.21 -0.37
C SER A 41 -3.60 -28.09 -1.37
N GLN A 42 -2.70 -27.16 -1.02
CA GLN A 42 -2.40 -26.03 -1.89
C GLN A 42 -0.91 -26.01 -2.23
N PRO A 43 -0.52 -26.63 -3.31
CA PRO A 43 0.90 -26.67 -3.75
C PRO A 43 1.46 -25.27 -3.95
N GLN A 44 2.76 -25.12 -3.71
CA GLN A 44 3.42 -23.82 -3.85
C GLN A 44 2.92 -23.09 -5.08
N ARG A 45 1.78 -22.41 -4.94
CA ARG A 45 1.18 -21.67 -6.04
C ARG A 45 0.38 -20.49 -5.51
N ILE A 46 1.06 -19.53 -4.94
CA ILE A 46 0.39 -18.35 -4.39
C ILE A 46 -0.03 -17.40 -5.50
N VAL A 47 -1.29 -16.97 -5.45
CA VAL A 47 -1.82 -16.06 -6.46
C VAL A 47 -2.35 -14.80 -5.81
N SER A 48 -2.21 -13.67 -6.49
CA SER A 48 -2.69 -12.39 -5.96
C SER A 48 -3.42 -11.60 -7.03
N THR A 49 -4.48 -10.89 -6.62
CA THR A 49 -5.26 -10.09 -7.56
C THR A 49 -4.85 -8.62 -7.48
N SER A 50 -4.99 -8.03 -6.30
CA SER A 50 -4.63 -6.63 -6.12
C SER A 50 -3.12 -6.48 -5.97
N VAL A 51 -2.61 -5.30 -6.29
CA VAL A 51 -1.19 -5.03 -6.18
C VAL A 51 -0.80 -4.85 -4.71
N THR A 52 -1.77 -4.51 -3.87
CA THR A 52 -1.51 -4.28 -2.46
C THR A 52 -0.93 -5.53 -1.81
N LEU A 53 -1.62 -6.65 -1.99
CA LEU A 53 -1.15 -7.92 -1.46
C LEU A 53 0.13 -8.35 -2.15
N THR A 54 0.17 -8.19 -3.47
CA THR A 54 1.32 -8.59 -4.26
C THR A 54 2.62 -8.18 -3.55
N GLY A 55 2.71 -6.90 -3.21
CA GLY A 55 3.88 -6.39 -2.50
C GLY A 55 3.91 -6.90 -1.06
N SER A 56 2.74 -6.98 -0.44
CA SER A 56 2.65 -7.43 0.94
C SER A 56 3.15 -8.88 1.06
N LEU A 57 2.72 -9.72 0.13
CA LEU A 57 3.14 -11.12 0.13
C LEU A 57 4.63 -11.24 -0.14
N LEU A 58 5.10 -10.44 -1.09
CA LEU A 58 6.51 -10.48 -1.46
C LEU A 58 7.39 -10.07 -0.29
N ALA A 59 6.96 -9.07 0.45
CA ALA A 59 7.72 -8.57 1.58
C ALA A 59 7.94 -9.67 2.62
N ILE A 60 6.94 -10.52 2.78
CA ILE A 60 7.02 -11.61 3.75
C ILE A 60 7.58 -12.88 3.12
N ASP A 61 8.42 -12.71 2.11
CA ASP A 61 9.02 -13.84 1.43
C ASP A 61 7.95 -14.80 0.92
N ALA A 62 6.99 -14.27 0.17
CA ALA A 62 5.91 -15.09 -0.37
C ALA A 62 5.57 -14.62 -1.78
N PRO A 63 6.39 -14.95 -2.74
CA PRO A 63 6.19 -14.55 -4.16
C PRO A 63 4.94 -15.16 -4.77
N VAL A 64 4.36 -14.47 -5.74
CA VAL A 64 3.16 -14.95 -6.40
C VAL A 64 3.46 -15.28 -7.87
N ILE A 65 2.92 -16.40 -8.32
CA ILE A 65 3.12 -16.83 -9.70
C ILE A 65 2.38 -15.91 -10.67
N ALA A 66 1.14 -15.57 -10.34
CA ALA A 66 0.32 -14.72 -11.18
C ALA A 66 -0.18 -13.51 -10.42
N SER A 67 -0.02 -12.33 -11.00
CA SER A 67 -0.45 -11.10 -10.36
C SER A 67 -0.72 -10.02 -11.39
N GLY A 68 -1.34 -8.93 -10.98
CA GLY A 68 -1.64 -7.82 -11.88
C GLY A 68 -0.76 -6.62 -11.59
N ALA A 69 -0.99 -5.53 -12.32
CA ALA A 69 -0.21 -4.31 -12.13
C ALA A 69 -1.13 -3.10 -12.06
N THR A 70 -0.56 -1.95 -11.72
CA THR A 70 -1.33 -0.71 -11.63
C THR A 70 -0.63 0.42 -12.33
N THR A 71 -0.14 1.39 -11.56
CA THR A 71 0.55 2.54 -12.13
C THR A 71 2.05 2.40 -11.96
N PRO A 72 2.80 3.35 -12.44
CA PRO A 72 4.29 3.35 -12.34
C PRO A 72 4.77 3.34 -10.88
N ASN A 73 4.36 2.32 -10.14
CA ASN A 73 4.74 2.20 -8.75
C ASN A 73 6.22 2.01 -8.62
N ASN A 74 6.84 1.31 -9.59
CA ASN A 74 8.28 1.05 -9.57
C ASN A 74 8.56 -0.31 -8.93
N ARG A 75 7.79 -0.65 -7.90
CA ARG A 75 7.95 -1.94 -7.23
C ARG A 75 7.66 -3.08 -8.20
N VAL A 76 6.63 -2.89 -9.02
CA VAL A 76 6.26 -3.91 -10.00
C VAL A 76 7.27 -3.95 -11.15
N ALA A 77 7.92 -2.81 -11.40
CA ALA A 77 8.89 -2.71 -12.47
C ALA A 77 9.88 -3.87 -12.41
N ASP A 78 10.91 -3.80 -13.24
CA ASP A 78 11.93 -4.85 -13.28
C ASP A 78 12.83 -4.77 -12.05
N ASP A 79 14.06 -5.25 -12.20
CA ASP A 79 15.01 -5.23 -11.09
C ASP A 79 15.15 -3.83 -10.52
N GLN A 80 14.53 -2.86 -11.18
CA GLN A 80 14.60 -1.47 -10.74
C GLN A 80 13.51 -1.19 -9.71
N GLY A 81 13.91 -0.92 -8.48
CA GLY A 81 12.96 -0.62 -7.42
C GLY A 81 12.41 -1.89 -6.80
N PHE A 82 13.25 -2.56 -6.01
CA PHE A 82 12.85 -3.79 -5.33
C PHE A 82 13.48 -3.88 -3.95
N LEU A 83 12.77 -4.52 -3.02
CA LEU A 83 13.28 -4.69 -1.67
C LEU A 83 14.15 -5.95 -1.59
N ARG A 84 13.56 -7.04 -1.10
CA ARG A 84 14.29 -8.31 -0.99
C ARG A 84 14.67 -8.80 -2.36
N GLN A 85 13.73 -8.71 -3.31
CA GLN A 85 13.97 -9.14 -4.70
C GLN A 85 13.56 -10.59 -4.89
N TRP A 86 12.33 -10.92 -4.51
CA TRP A 86 11.83 -12.29 -4.66
C TRP A 86 10.88 -12.37 -5.86
N SER A 87 10.54 -11.21 -6.42
CA SER A 87 9.64 -11.16 -7.57
C SER A 87 10.27 -11.83 -8.78
N LYS A 88 11.59 -11.70 -8.90
CA LYS A 88 12.31 -12.30 -10.01
C LYS A 88 11.90 -13.76 -10.20
N VAL A 89 11.42 -14.36 -9.12
CA VAL A 89 10.98 -15.76 -9.17
C VAL A 89 9.71 -15.90 -10.01
N ALA A 90 8.74 -15.01 -9.76
CA ALA A 90 7.48 -15.05 -10.49
C ALA A 90 7.72 -14.85 -11.98
N LYS A 91 8.51 -13.83 -12.32
CA LYS A 91 8.81 -13.55 -13.71
C LYS A 91 9.58 -14.72 -14.34
N GLU A 92 10.47 -15.31 -13.56
CA GLU A 92 11.27 -16.43 -14.05
C GLU A 92 10.36 -17.52 -14.60
N ARG A 93 9.17 -17.65 -14.01
CA ARG A 93 8.22 -18.66 -14.45
C ARG A 93 7.31 -18.10 -15.53
N LYS A 94 7.54 -16.84 -15.90
CA LYS A 94 6.75 -16.18 -16.95
C LYS A 94 5.46 -15.62 -16.36
N LEU A 95 4.75 -16.47 -15.61
CA LEU A 95 3.48 -16.06 -15.00
C LEU A 95 3.66 -14.73 -14.36
N GLN A 96 2.55 -13.96 -14.22
CA GLN A 96 2.59 -12.60 -13.63
C GLN A 96 2.07 -11.58 -14.63
N ARG A 97 0.77 -11.29 -14.56
CA ARG A 97 0.16 -10.32 -15.45
C ARG A 97 0.52 -8.90 -15.02
N LEU A 98 0.74 -8.02 -15.98
CA LEU A 98 1.10 -6.63 -15.68
C LEU A 98 0.24 -5.67 -16.49
N TYR A 99 -0.96 -6.11 -16.84
CA TYR A 99 -1.87 -5.27 -17.62
C TYR A 99 -3.30 -5.43 -17.11
N ILE A 100 -4.01 -4.31 -17.01
CA ILE A 100 -5.40 -4.34 -16.55
C ILE A 100 -6.26 -3.41 -17.41
N GLY A 101 -7.58 -3.56 -17.31
CA GLY A 101 -8.50 -2.73 -18.07
C GLY A 101 -9.73 -3.53 -18.48
N GLU A 102 -9.56 -4.85 -18.63
CA GLU A 102 -10.67 -5.71 -19.01
C GLU A 102 -10.43 -7.12 -18.50
N PRO A 103 -10.53 -7.32 -17.21
CA PRO A 103 -10.31 -8.65 -16.58
C PRO A 103 -11.29 -9.69 -17.09
N SER A 104 -10.82 -10.94 -17.19
CA SER A 104 -11.67 -12.03 -17.66
C SER A 104 -11.52 -13.25 -16.76
N ALA A 105 -12.65 -13.88 -16.44
CA ALA A 105 -12.64 -15.07 -15.59
C ALA A 105 -11.98 -16.24 -16.31
N GLU A 106 -12.24 -16.34 -17.61
CA GLU A 106 -11.67 -17.43 -18.40
C GLU A 106 -10.14 -17.32 -18.45
N ALA A 107 -9.66 -16.10 -18.63
CA ALA A 107 -8.22 -15.88 -18.69
C ALA A 107 -7.55 -16.27 -17.38
N VAL A 108 -8.19 -15.94 -16.27
CA VAL A 108 -7.66 -16.28 -14.95
C VAL A 108 -7.61 -17.79 -14.79
N ALA A 109 -8.68 -18.46 -15.21
CA ALA A 109 -8.75 -19.91 -15.09
C ALA A 109 -7.64 -20.56 -15.91
N ALA A 110 -7.31 -19.96 -17.05
CA ALA A 110 -6.27 -20.47 -17.92
C ALA A 110 -4.93 -20.49 -17.19
N GLN A 111 -4.84 -19.71 -16.11
CA GLN A 111 -3.60 -19.64 -15.33
C GLN A 111 -3.57 -20.75 -14.29
N MET A 112 -4.68 -21.48 -14.16
CA MET A 112 -4.75 -22.56 -13.20
C MET A 112 -4.25 -22.10 -11.83
N PRO A 113 -4.83 -21.06 -11.31
CA PRO A 113 -4.44 -20.50 -9.96
C PRO A 113 -4.86 -21.43 -8.83
N ASP A 114 -4.08 -21.41 -7.75
CA ASP A 114 -4.39 -22.24 -6.59
C ASP A 114 -5.05 -21.42 -5.49
N LEU A 115 -4.26 -20.57 -4.84
CA LEU A 115 -4.78 -19.72 -3.77
C LEU A 115 -4.76 -18.26 -4.21
N ILE A 116 -5.95 -17.68 -4.37
CA ILE A 116 -6.06 -16.29 -4.80
C ILE A 116 -6.36 -15.39 -3.61
N LEU A 117 -5.54 -14.37 -3.42
CA LEU A 117 -5.72 -13.44 -2.30
C LEU A 117 -6.19 -12.08 -2.81
N ILE A 118 -7.21 -11.53 -2.16
CA ILE A 118 -7.76 -10.24 -2.55
C ILE A 118 -7.68 -9.24 -1.40
N SER A 119 -7.34 -7.99 -1.72
CA SER A 119 -7.22 -6.95 -0.71
C SER A 119 -8.59 -6.34 -0.40
N ALA A 120 -8.66 -5.56 0.67
CA ALA A 120 -9.92 -4.93 1.06
C ALA A 120 -10.42 -4.02 -0.06
N THR A 121 -9.50 -3.34 -0.74
CA THR A 121 -9.86 -2.44 -1.82
C THR A 121 -8.88 -2.56 -2.97
N GLY A 122 -9.30 -2.15 -4.16
CA GLY A 122 -8.45 -2.23 -5.34
C GLY A 122 -8.88 -1.21 -6.39
N GLY A 123 -8.14 -1.15 -7.50
CA GLY A 123 -8.46 -0.21 -8.57
C GLY A 123 -9.82 -0.50 -9.16
N ASP A 124 -10.19 -1.78 -9.20
CA ASP A 124 -11.48 -2.18 -9.75
C ASP A 124 -12.27 -3.02 -8.73
N SER A 125 -13.59 -2.95 -8.82
CA SER A 125 -14.44 -3.69 -7.90
C SER A 125 -14.22 -5.19 -8.08
N ALA A 126 -14.23 -5.92 -6.95
CA ALA A 126 -14.01 -7.37 -6.98
C ALA A 126 -15.21 -8.09 -6.38
N LEU A 127 -16.28 -7.36 -6.13
CA LEU A 127 -17.48 -7.93 -5.54
C LEU A 127 -18.04 -9.03 -6.44
N ALA A 128 -17.99 -8.80 -7.75
CA ALA A 128 -18.49 -9.78 -8.71
C ALA A 128 -17.42 -10.83 -9.00
N LEU A 129 -16.17 -10.41 -9.04
CA LEU A 129 -15.06 -11.31 -9.29
C LEU A 129 -14.84 -12.24 -8.10
N TYR A 130 -15.05 -11.70 -6.91
CA TYR A 130 -14.84 -12.48 -5.69
C TYR A 130 -15.40 -13.89 -5.83
N ASP A 131 -16.70 -13.99 -6.02
CA ASP A 131 -17.34 -15.30 -6.16
C ASP A 131 -16.88 -16.01 -7.43
N GLN A 132 -16.79 -15.26 -8.52
CA GLN A 132 -16.37 -15.84 -9.79
C GLN A 132 -14.95 -16.37 -9.68
N LEU A 133 -14.13 -15.72 -8.85
CA LEU A 133 -12.76 -16.14 -8.64
C LEU A 133 -12.72 -17.39 -7.77
N SER A 134 -13.56 -17.42 -6.74
CA SER A 134 -13.59 -18.55 -5.83
C SER A 134 -13.87 -19.84 -6.58
N THR A 135 -14.90 -19.82 -7.42
CA THR A 135 -15.27 -20.98 -8.21
C THR A 135 -14.06 -21.49 -8.97
N ILE A 136 -13.29 -20.57 -9.55
CA ILE A 136 -12.09 -20.94 -10.29
C ILE A 136 -11.03 -21.55 -9.37
N ALA A 137 -10.86 -20.93 -8.21
CA ALA A 137 -9.87 -21.40 -7.25
C ALA A 137 -10.05 -20.71 -5.90
N PRO A 138 -9.66 -21.36 -4.83
CA PRO A 138 -9.77 -20.79 -3.46
C PRO A 138 -9.45 -19.30 -3.43
N THR A 139 -10.47 -18.48 -3.25
CA THR A 139 -10.29 -17.03 -3.19
C THR A 139 -10.52 -16.53 -1.78
N LEU A 140 -9.50 -15.89 -1.21
CA LEU A 140 -9.58 -15.36 0.16
C LEU A 140 -9.52 -13.85 0.13
N ILE A 141 -10.12 -13.22 1.14
CA ILE A 141 -10.13 -11.76 1.24
C ILE A 141 -9.66 -11.32 2.61
N ILE A 142 -8.73 -10.37 2.64
CA ILE A 142 -8.18 -9.86 3.90
C ILE A 142 -8.54 -8.40 4.09
N ASN A 143 -9.13 -8.08 5.23
CA ASN A 143 -9.52 -6.70 5.53
C ASN A 143 -8.51 -6.06 6.48
N TYR A 144 -7.65 -5.20 5.93
CA TYR A 144 -6.64 -4.52 6.73
C TYR A 144 -7.06 -3.09 7.05
N ASP A 145 -8.11 -2.63 6.38
CA ASP A 145 -8.60 -1.28 6.60
C ASP A 145 -9.12 -1.12 8.02
N ASP A 146 -9.69 -2.18 8.56
CA ASP A 146 -10.25 -2.15 9.91
C ASP A 146 -9.26 -2.74 10.90
N LYS A 147 -8.05 -3.02 10.44
CA LYS A 147 -7.02 -3.61 11.30
C LYS A 147 -5.69 -2.91 11.08
N SER A 148 -4.82 -2.96 12.09
CA SER A 148 -3.51 -2.33 12.01
C SER A 148 -2.57 -3.14 11.11
N TRP A 149 -1.46 -2.53 10.70
CA TRP A 149 -0.52 -3.20 9.83
C TRP A 149 0.02 -4.46 10.50
N GLN A 150 0.44 -4.33 11.75
CA GLN A 150 0.97 -5.47 12.49
C GLN A 150 -0.03 -6.63 12.47
N SER A 151 -1.30 -6.29 12.64
CA SER A 151 -2.36 -7.31 12.61
C SER A 151 -2.41 -7.97 11.24
N LEU A 152 -2.27 -7.17 10.19
CA LEU A 152 -2.31 -7.69 8.83
C LEU A 152 -1.21 -8.72 8.62
N LEU A 153 -0.01 -8.39 9.10
CA LEU A 153 1.11 -9.31 8.95
C LEU A 153 0.82 -10.63 9.67
N THR A 154 0.25 -10.52 10.87
CA THR A 154 -0.07 -11.71 11.65
C THR A 154 -0.96 -12.63 10.84
N GLN A 155 -1.97 -12.06 10.19
CA GLN A 155 -2.90 -12.85 9.38
C GLN A 155 -2.15 -13.51 8.23
N LEU A 156 -1.23 -12.77 7.62
CA LEU A 156 -0.45 -13.31 6.51
C LEU A 156 0.38 -14.49 6.95
N GLY A 157 0.98 -14.37 8.12
CA GLY A 157 1.80 -15.45 8.65
C GLY A 157 0.95 -16.66 8.96
N GLU A 158 -0.23 -16.44 9.52
CA GLU A 158 -1.13 -17.53 9.87
C GLU A 158 -1.72 -18.17 8.61
N ILE A 159 -2.17 -17.32 7.69
CA ILE A 159 -2.76 -17.82 6.45
C ILE A 159 -1.73 -18.57 5.62
N THR A 160 -0.53 -17.99 5.52
CA THR A 160 0.53 -18.60 4.73
C THR A 160 1.42 -19.48 5.61
N GLY A 161 1.19 -19.42 6.91
CA GLY A 161 1.97 -20.21 7.86
C GLY A 161 3.42 -19.77 7.85
N HIS A 162 3.66 -18.52 7.48
CA HIS A 162 5.02 -17.99 7.43
C HIS A 162 5.31 -17.12 8.65
N GLU A 163 5.06 -17.67 9.83
CA GLU A 163 5.30 -16.96 11.07
C GLU A 163 6.79 -16.77 11.31
N LYS A 164 7.55 -17.80 10.99
CA LYS A 164 9.00 -17.75 11.19
C LYS A 164 9.61 -16.61 10.40
N GLN A 165 9.21 -16.50 9.13
CA GLN A 165 9.74 -15.45 8.27
C GLN A 165 9.35 -14.07 8.83
N ALA A 166 8.14 -13.97 9.35
CA ALA A 166 7.68 -12.72 9.93
C ALA A 166 8.54 -12.33 11.13
N ALA A 167 8.89 -13.31 11.94
CA ALA A 167 9.72 -13.07 13.12
C ALA A 167 11.10 -12.58 12.70
N GLU A 168 11.52 -12.98 11.50
CA GLU A 168 12.82 -12.55 11.00
C GLU A 168 12.80 -11.11 10.54
N ARG A 169 11.84 -10.79 9.66
CA ARG A 169 11.71 -9.43 9.16
C ARG A 169 11.37 -8.46 10.28
N ILE A 170 10.45 -8.88 11.15
CA ILE A 170 10.04 -8.04 12.27
C ILE A 170 11.21 -7.78 13.21
N ALA A 171 11.97 -8.83 13.50
CA ALA A 171 13.11 -8.69 14.40
C ALA A 171 14.14 -7.71 13.81
N GLN A 172 14.67 -8.07 12.64
CA GLN A 172 15.67 -7.23 12.00
C GLN A 172 15.14 -5.80 11.83
N PHE A 173 13.85 -5.69 11.59
CA PHE A 173 13.22 -4.38 11.42
C PHE A 173 12.96 -3.72 12.77
N ASP A 174 12.61 -4.53 13.75
CA ASP A 174 12.30 -4.03 15.08
C ASP A 174 13.46 -3.21 15.61
N LYS A 175 14.67 -3.71 15.38
CA LYS A 175 15.87 -2.99 15.85
C LYS A 175 15.98 -1.63 15.17
N GLN A 176 15.70 -1.59 13.87
CA GLN A 176 15.78 -0.35 13.13
C GLN A 176 14.72 0.63 13.61
N LEU A 177 13.54 0.10 13.94
CA LEU A 177 12.46 0.94 14.43
C LEU A 177 12.85 1.61 15.74
N ALA A 178 13.49 0.85 16.62
CA ALA A 178 13.91 1.39 17.91
C ALA A 178 14.90 2.54 17.71
N ALA A 179 15.95 2.28 16.95
CA ALA A 179 16.96 3.30 16.68
C ALA A 179 16.37 4.43 15.84
N ALA A 180 15.57 4.06 14.84
CA ALA A 180 14.95 5.05 13.98
C ALA A 180 13.98 5.93 14.77
N LYS A 181 13.24 5.31 15.68
CA LYS A 181 12.28 6.04 16.50
C LYS A 181 13.00 7.06 17.38
N GLU A 182 14.23 6.72 17.78
CA GLU A 182 15.01 7.63 18.63
C GLU A 182 15.93 8.50 17.78
N GLN A 183 16.22 8.04 16.57
CA GLN A 183 17.10 8.79 15.68
C GLN A 183 16.46 10.12 15.29
N ILE A 184 15.16 10.09 15.02
CA ILE A 184 14.45 11.30 14.63
C ILE A 184 14.16 12.17 15.85
N LYS A 185 14.39 13.48 15.72
CA LYS A 185 14.16 14.42 16.82
C LYS A 185 13.27 15.54 16.36
N LEU A 186 12.02 15.55 16.85
CA LEU A 186 11.08 16.59 16.48
C LEU A 186 9.75 16.40 17.23
N PRO A 187 9.28 17.42 17.90
CA PRO A 187 8.02 17.36 18.66
C PRO A 187 6.90 16.66 17.89
N PRO A 188 5.97 16.06 18.59
CA PRO A 188 4.82 15.35 17.94
C PRO A 188 3.86 16.31 17.25
N GLN A 189 3.35 15.88 16.11
CA GLN A 189 2.41 16.71 15.37
C GLN A 189 1.79 15.91 14.21
N PRO A 190 0.55 16.19 13.87
CA PRO A 190 -0.14 15.52 12.75
C PRO A 190 0.43 15.91 11.40
N VAL A 191 0.28 15.03 10.41
CA VAL A 191 0.77 15.29 9.06
C VAL A 191 -0.25 14.84 8.02
N THR A 192 -0.07 15.33 6.79
CA THR A 192 -0.97 14.97 5.70
C THR A 192 -0.21 14.85 4.39
N ALA A 193 -0.88 14.34 3.36
CA ALA A 193 -0.26 14.20 2.05
C ALA A 193 -1.29 14.35 0.95
N ILE A 194 -0.93 15.07 -0.11
CA ILE A 194 -1.85 15.28 -1.23
C ILE A 194 -1.14 15.06 -2.55
N VAL A 195 -1.87 14.55 -3.54
CA VAL A 195 -1.29 14.33 -4.86
C VAL A 195 -2.22 14.86 -5.95
N TYR A 196 -1.66 15.61 -6.88
CA TYR A 196 -2.45 16.16 -7.97
C TYR A 196 -1.58 16.36 -9.20
N THR A 197 -2.20 16.35 -10.38
CA THR A 197 -1.47 16.55 -11.64
C THR A 197 -2.03 17.75 -12.39
N ALA A 198 -1.17 18.71 -12.67
CA ALA A 198 -1.58 19.91 -13.40
C ALA A 198 -2.10 19.54 -14.78
N ALA A 199 -1.65 18.40 -15.30
CA ALA A 199 -2.09 17.95 -16.61
C ALA A 199 -3.52 17.40 -16.55
N ALA A 200 -3.76 16.51 -15.59
CA ALA A 200 -5.07 15.90 -15.44
C ALA A 200 -6.05 16.91 -14.84
N HIS A 201 -5.52 18.04 -14.38
CA HIS A 201 -6.36 19.07 -13.78
C HIS A 201 -7.31 18.47 -12.76
N SER A 202 -6.79 17.56 -11.93
CA SER A 202 -7.61 16.91 -10.91
C SER A 202 -6.86 16.85 -9.59
N ALA A 203 -7.58 16.98 -8.48
CA ALA A 203 -6.97 16.94 -7.16
C ALA A 203 -7.38 15.68 -6.42
N ASN A 204 -6.41 14.80 -6.17
CA ASN A 204 -6.69 13.55 -5.47
C ASN A 204 -5.87 13.47 -4.19
N LEU A 205 -6.53 13.09 -3.10
CA LEU A 205 -5.85 12.99 -1.81
C LEU A 205 -5.77 11.54 -1.37
N TRP A 206 -4.68 11.19 -0.68
CA TRP A 206 -4.50 9.82 -0.19
C TRP A 206 -4.88 9.74 1.29
N THR A 207 -5.72 8.77 1.62
CA THR A 207 -6.16 8.59 2.99
C THR A 207 -5.30 7.55 3.72
N PRO A 208 -5.22 7.65 5.03
CA PRO A 208 -4.44 6.69 5.86
C PRO A 208 -5.07 5.29 5.85
N GLU A 209 -6.33 5.22 5.47
CA GLU A 209 -7.03 3.94 5.45
C GLU A 209 -6.21 2.90 4.72
N SER A 210 -5.24 3.35 3.94
CA SER A 210 -4.37 2.44 3.19
C SER A 210 -3.34 1.80 4.13
N ALA A 211 -2.70 0.74 3.67
CA ALA A 211 -1.70 0.04 4.47
C ALA A 211 -0.57 1.00 4.84
N GLN A 212 -0.34 2.00 4.00
CA GLN A 212 0.71 2.97 4.26
C GLN A 212 0.42 3.76 5.53
N GLY A 213 -0.84 4.14 5.72
CA GLY A 213 -1.23 4.91 6.90
C GLY A 213 -0.94 4.14 8.16
N GLN A 214 -1.27 2.84 8.19
CA GLN A 214 -1.03 2.02 9.35
C GLN A 214 0.47 1.88 9.61
N MET A 215 1.24 1.76 8.53
CA MET A 215 2.68 1.61 8.67
C MET A 215 3.27 2.85 9.31
N LEU A 216 2.79 4.03 8.91
CA LEU A 216 3.28 5.28 9.49
C LEU A 216 2.96 5.34 10.97
N GLU A 217 1.71 5.04 11.32
CA GLU A 217 1.29 5.06 12.72
C GLU A 217 2.22 4.20 13.56
N GLN A 218 2.74 3.13 12.95
CA GLN A 218 3.65 2.23 13.66
C GLN A 218 4.99 2.92 13.90
N LEU A 219 5.25 3.98 13.15
CA LEU A 219 6.51 4.71 13.28
C LEU A 219 6.40 5.79 14.33
N GLY A 220 5.19 6.02 14.82
CA GLY A 220 4.96 7.04 15.85
C GLY A 220 4.40 8.31 15.23
N PHE A 221 4.16 8.29 13.92
CA PHE A 221 3.62 9.45 13.21
C PHE A 221 2.10 9.43 13.24
N THR A 222 1.49 10.61 13.17
CA THR A 222 0.03 10.72 13.19
C THR A 222 -0.47 11.28 11.87
N LEU A 223 -1.43 10.58 11.26
CA LEU A 223 -2.00 11.00 9.99
C LEU A 223 -3.23 11.87 10.21
N ALA A 224 -3.42 12.84 9.33
CA ALA A 224 -4.57 13.73 9.42
C ALA A 224 -5.85 12.98 9.10
N LYS A 225 -6.96 13.43 9.69
CA LYS A 225 -8.26 12.79 9.45
C LYS A 225 -9.31 13.83 9.14
N LEU A 226 -10.08 13.59 8.06
CA LEU A 226 -11.12 14.52 7.65
C LEU A 226 -12.50 13.86 7.82
N PRO A 227 -13.13 14.09 8.94
CA PRO A 227 -14.49 13.52 9.22
C PRO A 227 -15.48 13.92 8.14
N ALA A 228 -16.33 12.97 7.75
CA ALA A 228 -17.33 13.22 6.71
C ALA A 228 -16.64 13.58 5.39
N GLY A 229 -15.43 14.10 5.47
CA GLY A 229 -14.67 14.47 4.28
C GLY A 229 -14.20 13.25 3.52
N LEU A 230 -13.59 12.32 4.23
CA LEU A 230 -13.08 11.11 3.62
C LEU A 230 -14.18 10.40 2.84
N ASN A 231 -15.40 10.44 3.39
CA ASN A 231 -16.54 9.81 2.72
C ASN A 231 -16.87 10.54 1.42
N ALA A 232 -15.83 11.00 0.72
CA ALA A 232 -16.03 11.71 -0.54
C ALA A 232 -17.25 12.63 -0.47
N SER A 233 -17.03 13.86 -0.01
CA SER A 233 -18.13 14.82 0.09
C SER A 233 -18.40 15.46 -1.25
N GLN A 234 -17.47 15.30 -2.19
CA GLN A 234 -17.63 15.87 -3.52
C GLN A 234 -18.31 14.88 -4.46
N SER A 235 -17.92 13.62 -4.35
CA SER A 235 -18.50 12.57 -5.20
C SER A 235 -19.97 12.36 -4.85
N GLN A 236 -20.38 12.85 -3.68
CA GLN A 236 -21.76 12.70 -3.25
C GLN A 236 -22.16 11.23 -3.23
N GLY A 237 -21.28 10.39 -2.72
CA GLY A 237 -21.55 8.95 -2.66
C GLY A 237 -20.38 8.22 -2.02
N LYS A 238 -20.15 6.98 -2.48
CA LYS A 238 -19.05 6.16 -1.95
C LYS A 238 -18.12 5.75 -3.08
N ARG A 239 -16.82 5.71 -2.78
CA ARG A 239 -15.83 5.33 -3.78
C ARG A 239 -14.62 4.71 -3.10
N HIS A 240 -13.95 3.80 -3.81
CA HIS A 240 -12.76 3.13 -3.27
C HIS A 240 -11.50 3.75 -3.86
N ASP A 241 -10.44 2.95 -3.96
CA ASP A 241 -9.18 3.43 -4.50
C ASP A 241 -8.70 4.65 -3.75
N ILE A 242 -9.07 5.83 -4.24
CA ILE A 242 -8.66 7.08 -3.61
C ILE A 242 -9.88 7.95 -3.32
N ILE A 243 -9.64 9.08 -2.65
CA ILE A 243 -10.72 10.00 -2.29
C ILE A 243 -10.47 11.38 -2.88
N GLN A 244 -11.55 12.02 -3.34
CA GLN A 244 -11.45 13.35 -3.93
C GLN A 244 -11.84 14.41 -2.92
N LEU A 245 -11.57 15.68 -3.25
CA LEU A 245 -11.91 16.79 -2.38
C LEU A 245 -12.26 18.03 -3.17
N GLY A 246 -13.13 18.87 -2.59
CA GLY A 246 -13.54 20.10 -3.27
C GLY A 246 -12.36 21.04 -3.47
N GLY A 247 -11.48 21.10 -2.46
CA GLY A 247 -10.31 21.96 -2.54
C GLY A 247 -10.18 22.81 -1.28
N GLU A 248 -11.07 22.57 -0.32
CA GLU A 248 -11.04 23.34 0.92
C GLU A 248 -9.93 22.83 1.85
N ASN A 249 -9.99 21.55 2.17
CA ASN A 249 -8.99 20.94 3.04
C ASN A 249 -7.61 21.01 2.40
N LEU A 250 -7.57 20.85 1.08
CA LEU A 250 -6.29 20.90 0.37
C LEU A 250 -5.53 22.17 0.71
N ALA A 251 -6.06 23.31 0.28
CA ALA A 251 -5.40 24.58 0.54
C ALA A 251 -5.13 24.74 2.03
N ALA A 252 -6.10 24.35 2.85
CA ALA A 252 -5.95 24.44 4.30
C ALA A 252 -5.00 23.37 4.81
N GLY A 253 -4.21 22.80 3.91
CA GLY A 253 -3.26 21.75 4.28
C GLY A 253 -3.77 20.91 5.44
N LEU A 254 -5.02 20.47 5.33
CA LEU A 254 -5.65 19.69 6.39
C LEU A 254 -5.25 20.21 7.76
N ASN A 255 -4.44 19.42 8.48
CA ASN A 255 -4.00 19.81 9.81
C ASN A 255 -3.21 21.12 9.74
N GLY A 256 -2.30 21.21 8.77
CA GLY A 256 -1.51 22.43 8.61
C GLY A 256 -0.29 22.39 9.52
N GLU A 257 -0.05 21.26 10.16
CA GLU A 257 1.09 21.11 11.07
C GLU A 257 2.24 20.40 10.37
N SER A 258 1.97 19.82 9.21
CA SER A 258 2.99 19.10 8.46
C SER A 258 2.38 18.45 7.22
N LEU A 259 3.14 18.47 6.12
CA LEU A 259 2.67 17.87 4.89
C LEU A 259 3.83 17.30 4.08
N PHE A 260 3.72 16.01 3.73
CA PHE A 260 4.76 15.37 2.90
C PHE A 260 4.35 15.32 1.46
N LEU A 261 5.33 15.50 0.58
CA LEU A 261 5.05 15.49 -0.86
C LEU A 261 5.28 14.11 -1.44
N PHE A 262 4.19 13.42 -1.76
CA PHE A 262 4.28 12.08 -2.34
C PHE A 262 4.03 12.15 -3.85
N ALA A 263 3.54 13.29 -4.32
CA ALA A 263 3.28 13.47 -5.74
C ALA A 263 4.58 13.45 -6.55
N GLY A 264 5.60 14.08 -6.01
CA GLY A 264 6.90 14.15 -6.69
C GLY A 264 7.91 14.90 -5.83
N ASP A 265 9.17 14.91 -6.30
CA ASP A 265 10.23 15.58 -5.58
C ASP A 265 10.12 17.10 -5.74
N GLN A 266 11.09 17.69 -6.43
CA GLN A 266 11.10 19.13 -6.65
C GLN A 266 9.94 19.53 -7.56
N LYS A 267 9.53 18.62 -8.43
CA LYS A 267 8.45 18.90 -9.37
C LYS A 267 7.19 19.27 -8.61
N ASP A 268 6.88 18.51 -7.56
CA ASP A 268 5.70 18.78 -6.76
C ASP A 268 5.82 20.15 -6.09
N ALA A 269 7.00 20.43 -5.53
CA ALA A 269 7.23 21.69 -4.84
C ALA A 269 6.86 22.86 -5.75
N ASP A 270 7.52 22.94 -6.90
CA ASP A 270 7.26 24.01 -7.86
C ASP A 270 5.76 24.09 -8.15
N ALA A 271 5.13 22.93 -8.34
CA ALA A 271 3.70 22.89 -8.63
C ALA A 271 2.92 23.63 -7.52
N ILE A 272 3.30 23.38 -6.27
CA ILE A 272 2.64 24.03 -5.15
C ILE A 272 2.87 25.55 -5.19
N TYR A 273 4.10 25.94 -5.47
CA TYR A 273 4.44 27.36 -5.53
C TYR A 273 3.55 28.06 -6.55
N ALA A 274 3.26 27.38 -7.64
CA ALA A 274 2.42 27.95 -8.69
C ALA A 274 0.96 27.90 -8.27
N ASN A 275 0.70 27.39 -7.06
CA ASN A 275 -0.66 27.27 -6.55
C ASN A 275 -0.83 28.18 -5.32
N PRO A 276 -1.25 29.40 -5.52
CA PRO A 276 -1.47 30.38 -4.41
C PRO A 276 -2.36 29.79 -3.31
N LEU A 277 -3.21 28.85 -3.68
CA LEU A 277 -4.11 28.23 -2.72
C LEU A 277 -3.32 27.47 -1.67
N LEU A 278 -2.27 26.78 -2.11
CA LEU A 278 -1.44 25.99 -1.21
C LEU A 278 -0.23 26.80 -0.76
N ALA A 279 -0.18 28.06 -1.19
CA ALA A 279 0.93 28.93 -0.81
C ALA A 279 0.85 29.31 0.66
N HIS A 280 -0.37 29.47 1.16
CA HIS A 280 -0.58 29.85 2.55
C HIS A 280 -0.43 28.65 3.47
N LEU A 281 -0.05 27.52 2.88
CA LEU A 281 0.11 26.31 3.65
C LEU A 281 1.33 26.43 4.58
N PRO A 282 1.14 26.29 5.86
CA PRO A 282 2.24 26.40 6.85
C PRO A 282 3.48 25.58 6.45
N ALA A 283 3.24 24.41 5.88
CA ALA A 283 4.33 23.55 5.45
C ALA A 283 5.22 24.28 4.44
N VAL A 284 4.59 24.95 3.49
CA VAL A 284 5.32 25.69 2.48
C VAL A 284 6.09 26.85 3.12
N GLN A 285 5.42 27.56 4.03
CA GLN A 285 6.04 28.70 4.69
C GLN A 285 7.21 28.23 5.56
N ASN A 286 7.02 27.10 6.23
CA ASN A 286 8.08 26.55 7.09
C ASN A 286 8.99 25.62 6.31
N LYS A 287 8.55 25.26 5.11
CA LYS A 287 9.33 24.37 4.25
C LYS A 287 9.50 23.00 4.91
N GLN A 288 8.51 22.60 5.70
CA GLN A 288 8.56 21.30 6.38
C GLN A 288 7.97 20.22 5.49
N VAL A 289 8.35 20.23 4.21
CA VAL A 289 7.85 19.24 3.26
C VAL A 289 8.93 18.23 2.92
N TYR A 290 8.55 16.96 2.90
CA TYR A 290 9.50 15.88 2.58
C TYR A 290 9.09 15.18 1.31
N ALA A 291 10.06 14.97 0.42
CA ALA A 291 9.80 14.30 -0.86
C ALA A 291 9.84 12.78 -0.68
N LEU A 292 8.69 12.21 -0.32
CA LEU A 292 8.60 10.77 -0.14
C LEU A 292 8.85 10.04 -1.46
N GLY A 293 8.30 10.57 -2.54
CA GLY A 293 8.46 9.97 -3.85
C GLY A 293 7.53 8.76 -4.01
N THR A 294 7.42 8.28 -5.24
CA THR A 294 6.56 7.13 -5.51
C THR A 294 7.21 5.83 -5.03
N GLU A 295 8.53 5.83 -4.96
CA GLU A 295 9.26 4.65 -4.51
C GLU A 295 9.00 4.39 -3.04
N THR A 296 8.84 5.45 -2.27
CA THR A 296 8.60 5.32 -0.84
C THR A 296 7.19 4.80 -0.57
N PHE A 297 6.57 4.21 -1.60
CA PHE A 297 5.21 3.70 -1.44
C PHE A 297 5.16 2.70 -0.30
N ARG A 298 6.06 1.72 -0.31
CA ARG A 298 6.12 0.71 0.74
C ARG A 298 7.34 0.94 1.60
N LEU A 299 7.24 0.60 2.89
CA LEU A 299 8.35 0.77 3.81
C LEU A 299 8.83 -0.57 4.33
N ASP A 300 10.12 -0.83 4.18
CA ASP A 300 10.72 -2.08 4.64
C ASP A 300 12.17 -1.86 5.06
N TYR A 301 12.72 -2.85 5.74
CA TYR A 301 14.11 -2.76 6.20
C TYR A 301 15.03 -2.34 5.07
N TYR A 302 14.76 -2.84 3.87
CA TYR A 302 15.57 -2.50 2.71
C TYR A 302 15.33 -1.07 2.25
N SER A 303 14.11 -0.81 1.79
CA SER A 303 13.75 0.52 1.31
C SER A 303 13.91 1.57 2.42
N ALA A 304 13.69 1.14 3.65
CA ALA A 304 13.80 2.05 4.79
C ALA A 304 15.17 2.72 4.81
N MET A 305 16.16 2.07 4.21
CA MET A 305 17.51 2.61 4.18
C MET A 305 17.54 3.92 3.39
N GLN A 306 16.82 3.96 2.28
CA GLN A 306 16.77 5.16 1.45
C GLN A 306 15.82 6.20 2.06
N VAL A 307 14.66 5.74 2.50
CA VAL A 307 13.68 6.63 3.11
C VAL A 307 14.22 7.19 4.42
N LEU A 308 14.83 6.33 5.22
CA LEU A 308 15.34 6.74 6.51
C LEU A 308 16.38 7.84 6.33
N ASP A 309 17.32 7.64 5.42
CA ASP A 309 18.36 8.63 5.17
C ASP A 309 17.75 9.87 4.50
N ARG A 310 16.82 9.64 3.58
CA ARG A 310 16.20 10.74 2.84
C ARG A 310 15.45 11.64 3.80
N LEU A 311 14.82 11.05 4.80
CA LEU A 311 14.07 11.81 5.79
C LEU A 311 14.97 12.26 6.92
N LYS A 312 16.27 11.98 6.80
CA LYS A 312 17.23 12.36 7.83
C LYS A 312 18.18 13.44 7.30
N ALA A 313 18.14 13.65 5.99
CA ALA A 313 19.00 14.66 5.37
C ALA A 313 18.66 16.04 5.91
N LEU A 314 17.37 16.30 6.14
CA LEU A 314 16.95 17.59 6.63
C LEU A 314 17.59 17.86 7.99
N PHE A 315 17.51 16.89 8.89
CA PHE A 315 18.08 17.05 10.23
C PHE A 315 19.59 16.83 10.17
N ALA A 24 1.15 -24.78 7.49
CA ALA A 24 1.52 -26.02 8.22
C ALA A 24 2.21 -26.99 7.27
N ASP A 25 2.61 -28.15 7.77
CA ASP A 25 3.28 -29.14 6.94
C ASP A 25 2.26 -30.09 6.33
N TRP A 26 0.98 -29.90 6.67
CA TRP A 26 -0.07 -30.75 6.14
C TRP A 26 -1.34 -29.93 5.91
N PRO A 27 -2.37 -30.57 5.42
CA PRO A 27 -3.67 -29.90 5.14
C PRO A 27 -4.30 -29.32 6.41
N ARG A 28 -4.98 -28.18 6.24
CA ARG A 28 -5.62 -27.52 7.38
C ARG A 28 -6.76 -26.64 6.91
N GLN A 29 -7.42 -25.98 7.85
CA GLN A 29 -8.53 -25.09 7.52
C GLN A 29 -8.19 -23.65 7.89
N ILE A 30 -8.54 -22.72 7.01
CA ILE A 30 -8.26 -21.30 7.25
C ILE A 30 -9.55 -20.50 7.15
N THR A 31 -9.64 -19.44 7.95
CA THR A 31 -10.83 -18.58 7.96
C THR A 31 -10.46 -17.15 7.60
N ASP A 32 -11.28 -16.54 6.74
CA ASP A 32 -11.04 -15.16 6.31
C ASP A 32 -11.92 -14.20 7.10
N SER A 33 -12.39 -13.15 6.42
CA SER A 33 -13.26 -12.17 7.05
C SER A 33 -14.57 -12.83 7.52
N ARG A 34 -15.06 -13.78 6.71
CA ARG A 34 -16.30 -14.48 7.05
C ARG A 34 -16.30 -15.88 6.44
N GLY A 35 -16.20 -15.94 5.12
CA GLY A 35 -16.21 -17.21 4.42
C GLY A 35 -15.02 -18.06 4.86
N THR A 36 -15.26 -19.36 5.02
CA THR A 36 -14.21 -20.28 5.44
C THR A 36 -13.84 -21.23 4.32
N HIS A 37 -12.55 -21.34 4.04
CA HIS A 37 -12.06 -22.22 2.97
C HIS A 37 -11.13 -23.28 3.54
N THR A 38 -11.39 -24.53 3.21
CA THR A 38 -10.57 -25.64 3.70
C THR A 38 -9.37 -25.84 2.77
N LEU A 39 -8.18 -25.92 3.37
CA LEU A 39 -6.97 -26.12 2.58
C LEU A 39 -6.59 -27.61 2.56
N GLU A 40 -7.28 -28.37 1.72
CA GLU A 40 -7.02 -29.79 1.61
C GLU A 40 -5.63 -30.04 1.05
N SER A 41 -5.17 -29.13 0.19
CA SER A 41 -3.84 -29.27 -0.41
C SER A 41 -3.61 -28.15 -1.40
N GLN A 42 -2.71 -27.22 -1.05
CA GLN A 42 -2.41 -26.08 -1.91
C GLN A 42 -0.91 -26.05 -2.23
N PRO A 43 -0.51 -26.68 -3.31
CA PRO A 43 0.91 -26.71 -3.74
C PRO A 43 1.47 -25.30 -3.95
N GLN A 44 2.77 -25.15 -3.70
CA GLN A 44 3.42 -23.84 -3.85
C GLN A 44 2.91 -23.11 -5.08
N ARG A 45 1.76 -22.44 -4.94
CA ARG A 45 1.16 -21.72 -6.05
C ARG A 45 0.34 -20.55 -5.53
N ILE A 46 1.01 -19.56 -4.94
CA ILE A 46 0.34 -18.40 -4.40
C ILE A 46 -0.06 -17.45 -5.51
N VAL A 47 -1.33 -17.01 -5.49
CA VAL A 47 -1.85 -16.11 -6.51
C VAL A 47 -2.38 -14.84 -5.85
N SER A 48 -2.27 -13.71 -6.56
CA SER A 48 -2.76 -12.44 -6.03
C SER A 48 -3.50 -11.66 -7.11
N THR A 49 -4.55 -10.96 -6.69
CA THR A 49 -5.34 -10.16 -7.64
C THR A 49 -4.95 -8.70 -7.56
N SER A 50 -5.08 -8.11 -6.38
CA SER A 50 -4.73 -6.70 -6.20
C SER A 50 -3.23 -6.54 -6.04
N VAL A 51 -2.72 -5.36 -6.36
CA VAL A 51 -1.30 -5.07 -6.25
C VAL A 51 -0.91 -4.90 -4.78
N THR A 52 -1.89 -4.58 -3.94
CA THR A 52 -1.63 -4.35 -2.52
C THR A 52 -1.04 -5.60 -1.88
N LEU A 53 -1.73 -6.73 -2.07
CA LEU A 53 -1.24 -7.99 -1.55
C LEU A 53 0.06 -8.41 -2.24
N THR A 54 0.08 -8.24 -3.55
CA THR A 54 1.26 -8.63 -4.34
C THR A 54 2.53 -8.20 -3.63
N GLY A 55 2.62 -6.92 -3.29
CA GLY A 55 3.78 -6.41 -2.58
C GLY A 55 3.82 -6.92 -1.14
N SER A 56 2.65 -7.02 -0.52
CA SER A 56 2.55 -7.49 0.86
C SER A 56 3.06 -8.92 0.97
N LEU A 57 2.65 -9.77 0.02
CA LEU A 57 3.08 -11.16 0.01
C LEU A 57 4.57 -11.27 -0.25
N LEU A 58 5.05 -10.47 -1.18
CA LEU A 58 6.46 -10.49 -1.52
C LEU A 58 7.33 -10.08 -0.34
N ALA A 59 6.87 -9.09 0.40
CA ALA A 59 7.61 -8.60 1.54
C ALA A 59 7.82 -9.69 2.58
N ILE A 60 6.82 -10.54 2.73
CA ILE A 60 6.89 -11.62 3.71
C ILE A 60 7.47 -12.89 3.08
N ASP A 61 8.30 -12.72 2.07
CA ASP A 61 8.92 -13.85 1.41
C ASP A 61 7.87 -14.82 0.89
N ALA A 62 6.90 -14.29 0.13
CA ALA A 62 5.83 -15.12 -0.43
C ALA A 62 5.52 -14.68 -1.86
N PRO A 63 6.36 -15.03 -2.79
CA PRO A 63 6.19 -14.65 -4.22
C PRO A 63 4.92 -15.25 -4.83
N VAL A 64 4.34 -14.54 -5.79
CA VAL A 64 3.13 -15.01 -6.45
C VAL A 64 3.43 -15.35 -7.91
N ILE A 65 2.89 -16.48 -8.37
CA ILE A 65 3.08 -16.92 -9.74
C ILE A 65 2.34 -16.00 -10.71
N ALA A 66 1.10 -15.66 -10.36
CA ALA A 66 0.27 -14.81 -11.23
C ALA A 66 -0.23 -13.60 -10.46
N SER A 67 -0.06 -12.43 -11.06
CA SER A 67 -0.50 -11.19 -10.42
C SER A 67 -0.77 -10.12 -11.47
N GLY A 68 -1.39 -9.02 -11.05
CA GLY A 68 -1.71 -7.93 -11.97
C GLY A 68 -0.82 -6.72 -11.69
N ALA A 69 -1.05 -5.64 -12.43
CA ALA A 69 -0.27 -4.42 -12.25
C ALA A 69 -1.20 -3.21 -12.19
N THR A 70 -0.63 -2.05 -11.86
CA THR A 70 -1.41 -0.82 -11.77
C THR A 70 -0.69 0.32 -12.49
N THR A 71 -0.22 1.29 -11.72
CA THR A 71 0.46 2.44 -12.31
C THR A 71 1.97 2.30 -12.13
N PRO A 72 2.72 3.26 -12.61
CA PRO A 72 4.21 3.27 -12.50
C PRO A 72 4.68 3.26 -11.04
N ASN A 73 4.27 2.26 -10.30
CA ASN A 73 4.65 2.14 -8.90
C ASN A 73 6.13 1.97 -8.77
N ASN A 74 6.75 1.26 -9.73
CA ASN A 74 8.20 1.01 -9.72
C ASN A 74 8.47 -0.35 -9.07
N ARG A 75 7.69 -0.68 -8.04
CA ARG A 75 7.85 -1.97 -7.35
C ARG A 75 7.57 -3.11 -8.31
N VAL A 76 6.55 -2.94 -9.14
CA VAL A 76 6.18 -3.96 -10.12
C VAL A 76 7.18 -3.99 -11.27
N ALA A 77 7.84 -2.86 -11.51
CA ALA A 77 8.81 -2.76 -12.59
C ALA A 77 9.80 -3.92 -12.52
N ASP A 78 10.83 -3.85 -13.36
CA ASP A 78 11.84 -4.90 -13.39
C ASP A 78 12.75 -4.83 -12.16
N ASP A 79 13.98 -5.31 -12.31
CA ASP A 79 14.93 -5.29 -11.20
C ASP A 79 15.07 -3.89 -10.63
N GLN A 80 14.45 -2.92 -11.30
CA GLN A 80 14.51 -1.53 -10.85
C GLN A 80 13.41 -1.24 -9.83
N GLY A 81 13.81 -0.97 -8.60
CA GLY A 81 12.84 -0.67 -7.55
C GLY A 81 12.31 -1.94 -6.92
N PHE A 82 13.15 -2.61 -6.13
CA PHE A 82 12.76 -3.84 -5.45
C PHE A 82 13.40 -3.92 -4.06
N LEU A 83 12.68 -4.55 -3.13
CA LEU A 83 13.20 -4.72 -1.78
C LEU A 83 14.07 -5.96 -1.69
N ARG A 84 13.48 -7.06 -1.21
CA ARG A 84 14.21 -8.32 -1.09
C ARG A 84 14.60 -8.83 -2.46
N GLN A 85 13.65 -8.74 -3.42
CA GLN A 85 13.90 -9.17 -4.80
C GLN A 85 13.50 -10.63 -4.99
N TRP A 86 12.27 -10.96 -4.61
CA TRP A 86 11.77 -12.33 -4.77
C TRP A 86 10.83 -12.41 -5.96
N SER A 87 10.48 -11.26 -6.53
CA SER A 87 9.58 -11.22 -7.67
C SER A 87 10.22 -11.89 -8.90
N LYS A 88 11.54 -11.76 -9.00
CA LYS A 88 12.26 -12.36 -10.11
C LYS A 88 11.86 -13.82 -10.28
N VAL A 89 11.38 -14.43 -9.20
CA VAL A 89 10.96 -15.83 -9.25
C VAL A 89 9.68 -15.98 -10.09
N ALA A 90 8.71 -15.10 -9.84
CA ALA A 90 7.44 -15.14 -10.55
C ALA A 90 7.69 -14.95 -12.04
N LYS A 91 8.46 -13.93 -12.39
CA LYS A 91 8.76 -13.64 -13.79
C LYS A 91 9.53 -14.81 -14.42
N GLU A 92 10.43 -15.40 -13.63
CA GLU A 92 11.23 -16.52 -14.13
C GLU A 92 10.31 -17.61 -14.68
N ARG A 93 9.14 -17.75 -14.08
CA ARG A 93 8.18 -18.76 -14.52
C ARG A 93 7.27 -18.21 -15.58
N LYS A 94 7.50 -16.95 -15.97
CA LYS A 94 6.70 -16.28 -17.01
C LYS A 94 5.41 -15.73 -16.42
N LEU A 95 4.71 -16.57 -15.66
CA LEU A 95 3.45 -16.16 -15.04
C LEU A 95 3.62 -14.83 -14.40
N GLN A 96 2.52 -14.06 -14.27
CA GLN A 96 2.54 -12.71 -13.69
C GLN A 96 2.02 -11.69 -14.69
N ARG A 97 0.71 -11.41 -14.63
CA ARG A 97 0.11 -10.44 -15.53
C ARG A 97 0.46 -9.03 -15.09
N LEU A 98 0.69 -8.14 -16.07
CA LEU A 98 1.05 -6.76 -15.77
C LEU A 98 0.20 -5.80 -16.58
N TYR A 99 -1.00 -6.24 -16.94
CA TYR A 99 -1.92 -5.41 -17.73
C TYR A 99 -3.34 -5.57 -17.24
N ILE A 100 -4.06 -4.45 -17.14
CA ILE A 100 -5.44 -4.47 -16.69
C ILE A 100 -6.30 -3.55 -17.56
N GLY A 101 -7.62 -3.71 -17.47
CA GLY A 101 -8.54 -2.89 -18.25
C GLY A 101 -9.76 -3.69 -18.65
N GLU A 102 -9.60 -5.01 -18.80
CA GLU A 102 -10.70 -5.88 -19.19
C GLU A 102 -10.48 -7.29 -18.64
N PRO A 103 -10.59 -7.44 -17.36
CA PRO A 103 -10.39 -8.76 -16.68
C PRO A 103 -11.36 -9.82 -17.19
N SER A 104 -10.90 -11.07 -17.26
CA SER A 104 -11.74 -12.16 -17.73
C SER A 104 -11.59 -13.38 -16.81
N ALA A 105 -12.71 -14.01 -16.50
CA ALA A 105 -12.70 -15.19 -15.64
C ALA A 105 -12.03 -16.36 -16.35
N GLU A 106 -12.29 -16.48 -17.64
CA GLU A 106 -11.71 -17.56 -18.44
C GLU A 106 -10.20 -17.45 -18.48
N ALA A 107 -9.71 -16.23 -18.67
CA ALA A 107 -8.27 -16.00 -18.73
C ALA A 107 -7.60 -16.40 -17.42
N VAL A 108 -8.24 -16.06 -16.31
CA VAL A 108 -7.71 -16.39 -15.00
C VAL A 108 -7.65 -17.90 -14.83
N ALA A 109 -8.71 -18.58 -15.25
CA ALA A 109 -8.78 -20.03 -15.14
C ALA A 109 -7.67 -20.68 -15.96
N ALA A 110 -7.35 -20.07 -17.09
CA ALA A 110 -6.31 -20.59 -17.97
C ALA A 110 -4.97 -20.60 -17.24
N GLN A 111 -4.87 -19.82 -16.17
CA GLN A 111 -3.64 -19.74 -15.39
C GLN A 111 -3.59 -20.85 -14.34
N MET A 112 -4.69 -21.58 -14.22
CA MET A 112 -4.77 -22.67 -13.24
C MET A 112 -4.26 -22.20 -11.88
N PRO A 113 -4.84 -21.15 -11.35
CA PRO A 113 -4.44 -20.60 -10.02
C PRO A 113 -4.86 -21.52 -8.88
N ASP A 114 -4.09 -21.49 -7.79
CA ASP A 114 -4.40 -22.32 -6.64
C ASP A 114 -5.06 -21.50 -5.55
N LEU A 115 -4.26 -20.65 -4.89
CA LEU A 115 -4.80 -19.80 -3.83
C LEU A 115 -4.77 -18.33 -4.27
N ILE A 116 -5.96 -17.75 -4.41
CA ILE A 116 -6.06 -16.35 -4.84
C ILE A 116 -6.39 -15.46 -3.65
N LEU A 117 -5.58 -14.43 -3.45
CA LEU A 117 -5.78 -13.50 -2.34
C LEU A 117 -6.24 -12.15 -2.86
N ILE A 118 -7.27 -11.60 -2.21
CA ILE A 118 -7.83 -10.30 -2.61
C ILE A 118 -7.74 -9.31 -1.45
N SER A 119 -7.39 -8.06 -1.79
CA SER A 119 -7.27 -7.01 -0.78
C SER A 119 -8.65 -6.41 -0.47
N ALA A 120 -8.71 -5.63 0.61
CA ALA A 120 -9.97 -4.99 1.00
C ALA A 120 -10.47 -4.07 -0.12
N THR A 121 -9.54 -3.40 -0.79
CA THR A 121 -9.90 -2.49 -1.87
C THR A 121 -8.91 -2.62 -3.03
N GLY A 122 -9.34 -2.19 -4.21
CA GLY A 122 -8.49 -2.28 -5.40
C GLY A 122 -8.93 -1.26 -6.45
N GLY A 123 -8.18 -1.19 -7.54
CA GLY A 123 -8.49 -0.25 -8.61
C GLY A 123 -9.85 -0.56 -9.22
N ASP A 124 -10.21 -1.84 -9.26
CA ASP A 124 -11.49 -2.27 -9.82
C ASP A 124 -12.27 -3.08 -8.80
N SER A 125 -13.59 -3.04 -8.91
CA SER A 125 -14.46 -3.78 -7.99
C SER A 125 -14.23 -5.27 -8.14
N ALA A 126 -14.23 -5.99 -7.02
CA ALA A 126 -14.03 -7.44 -7.04
C ALA A 126 -15.23 -8.16 -6.44
N LEU A 127 -16.31 -7.42 -6.22
CA LEU A 127 -17.51 -8.00 -5.64
C LEU A 127 -18.06 -9.10 -6.54
N ALA A 128 -18.00 -8.87 -7.85
CA ALA A 128 -18.49 -9.86 -8.81
C ALA A 128 -17.42 -10.91 -9.09
N LEU A 129 -16.17 -10.48 -9.11
CA LEU A 129 -15.06 -11.38 -9.36
C LEU A 129 -14.84 -12.31 -8.17
N TYR A 130 -15.07 -11.77 -6.98
CA TYR A 130 -14.86 -12.55 -5.75
C TYR A 130 -15.41 -13.96 -5.90
N ASP A 131 -16.72 -14.06 -6.10
CA ASP A 131 -17.36 -15.38 -6.24
C ASP A 131 -16.87 -16.08 -7.50
N GLN A 132 -16.79 -15.33 -8.60
CA GLN A 132 -16.35 -15.91 -9.86
C GLN A 132 -14.93 -16.45 -9.74
N LEU A 133 -14.12 -15.79 -8.91
CA LEU A 133 -12.75 -16.22 -8.69
C LEU A 133 -12.72 -17.46 -7.82
N SER A 134 -13.57 -17.50 -6.79
CA SER A 134 -13.60 -18.63 -5.87
C SER A 134 -13.89 -19.91 -6.64
N THR A 135 -14.90 -19.88 -7.48
CA THR A 135 -15.27 -21.06 -8.26
C THR A 135 -14.06 -21.56 -9.03
N ILE A 136 -13.29 -20.64 -9.61
CA ILE A 136 -12.10 -21.01 -10.35
C ILE A 136 -11.03 -21.61 -9.43
N ALA A 137 -10.86 -21.00 -8.25
CA ALA A 137 -9.88 -21.48 -7.30
C ALA A 137 -10.06 -20.78 -5.95
N PRO A 138 -9.67 -21.43 -4.88
CA PRO A 138 -9.78 -20.86 -3.52
C PRO A 138 -9.45 -19.38 -3.48
N THR A 139 -10.49 -18.56 -3.30
CA THR A 139 -10.30 -17.11 -3.25
C THR A 139 -10.54 -16.60 -1.84
N LEU A 140 -9.52 -15.96 -1.27
CA LEU A 140 -9.61 -15.43 0.09
C LEU A 140 -9.55 -13.91 0.07
N ILE A 141 -10.17 -13.30 1.07
CA ILE A 141 -10.18 -11.83 1.17
C ILE A 141 -9.70 -11.39 2.55
N ILE A 142 -8.77 -10.44 2.56
CA ILE A 142 -8.23 -9.92 3.83
C ILE A 142 -8.60 -8.46 4.01
N ASN A 143 -9.18 -8.13 5.16
CA ASN A 143 -9.57 -6.76 5.46
C ASN A 143 -8.53 -6.10 6.36
N TYR A 144 -7.72 -5.23 5.78
CA TYR A 144 -6.68 -4.54 6.55
C TYR A 144 -7.11 -3.12 6.90
N ASP A 145 -8.20 -2.67 6.29
CA ASP A 145 -8.71 -1.33 6.54
C ASP A 145 -9.19 -1.20 7.98
N ASP A 146 -9.73 -2.29 8.51
CA ASP A 146 -10.25 -2.29 9.88
C ASP A 146 -9.24 -2.91 10.84
N LYS A 147 -8.04 -3.18 10.33
CA LYS A 147 -6.99 -3.79 11.14
C LYS A 147 -5.66 -3.07 10.94
N SER A 148 -4.82 -3.09 11.96
CA SER A 148 -3.51 -2.43 11.88
C SER A 148 -2.54 -3.26 11.05
N TRP A 149 -1.43 -2.64 10.67
CA TRP A 149 -0.43 -3.33 9.84
C TRP A 149 0.06 -4.58 10.56
N GLN A 150 0.44 -4.43 11.83
CA GLN A 150 0.94 -5.56 12.61
C GLN A 150 -0.06 -6.70 12.58
N SER A 151 -1.34 -6.37 12.74
CA SER A 151 -2.40 -7.37 12.70
C SER A 151 -2.46 -8.02 11.32
N LEU A 152 -2.30 -7.19 10.28
CA LEU A 152 -2.36 -7.70 8.92
C LEU A 152 -1.26 -8.72 8.69
N LEU A 153 -0.06 -8.41 9.16
CA LEU A 153 1.06 -9.33 9.00
C LEU A 153 0.77 -10.65 9.70
N THR A 154 0.21 -10.55 10.91
CA THR A 154 -0.10 -11.75 11.69
C THR A 154 -1.00 -12.67 10.86
N GLN A 155 -2.03 -12.10 10.23
CA GLN A 155 -2.94 -12.90 9.41
C GLN A 155 -2.19 -13.53 8.25
N LEU A 156 -1.28 -12.77 7.65
CA LEU A 156 -0.49 -13.31 6.53
C LEU A 156 0.36 -14.47 6.97
N GLY A 157 0.96 -14.35 8.13
CA GLY A 157 1.80 -15.42 8.65
C GLY A 157 0.95 -16.64 8.97
N GLU A 158 -0.23 -16.42 9.53
CA GLU A 158 -1.13 -17.52 9.88
C GLU A 158 -1.70 -18.17 8.63
N ILE A 159 -2.15 -17.35 7.69
CA ILE A 159 -2.72 -17.86 6.46
C ILE A 159 -1.67 -18.59 5.63
N THR A 160 -0.49 -17.99 5.54
CA THR A 160 0.60 -18.59 4.75
C THR A 160 1.48 -19.46 5.64
N GLY A 161 1.26 -19.38 6.95
CA GLY A 161 2.04 -20.17 7.89
C GLY A 161 3.49 -19.72 7.89
N HIS A 162 3.72 -18.46 7.55
CA HIS A 162 5.08 -17.91 7.49
C HIS A 162 5.35 -17.06 8.73
N GLU A 163 5.08 -17.61 9.91
CA GLU A 163 5.32 -16.89 11.15
C GLU A 163 6.80 -16.74 11.41
N LYS A 164 7.56 -17.78 11.10
CA LYS A 164 9.01 -17.75 11.32
C LYS A 164 9.64 -16.61 10.52
N GLN A 165 9.27 -16.51 9.26
CA GLN A 165 9.81 -15.46 8.40
C GLN A 165 9.48 -14.08 8.98
N ALA A 166 8.26 -13.94 9.50
CA ALA A 166 7.84 -12.67 10.09
C ALA A 166 8.71 -12.32 11.29
N ALA A 167 9.03 -13.34 12.10
CA ALA A 167 9.87 -13.13 13.28
C ALA A 167 11.26 -12.66 12.86
N GLU A 168 11.68 -13.07 11.67
CA GLU A 168 13.00 -12.67 11.17
C GLU A 168 12.99 -11.21 10.72
N ARG A 169 12.06 -10.87 9.84
CA ARG A 169 11.95 -9.51 9.34
C ARG A 169 11.58 -8.54 10.47
N ILE A 170 10.66 -8.97 11.32
CA ILE A 170 10.22 -8.14 12.43
C ILE A 170 11.39 -7.85 13.38
N ALA A 171 12.17 -8.89 13.68
CA ALA A 171 13.30 -8.72 14.58
C ALA A 171 14.31 -7.73 13.97
N GLN A 172 14.82 -8.07 12.79
CA GLN A 172 15.80 -7.22 12.13
C GLN A 172 15.26 -5.81 11.96
N PHE A 173 13.96 -5.72 11.74
CA PHE A 173 13.31 -4.41 11.57
C PHE A 173 13.05 -3.76 12.92
N ASP A 174 12.71 -4.58 13.90
CA ASP A 174 12.40 -4.07 15.24
C ASP A 174 13.56 -3.22 15.75
N LYS A 175 14.78 -3.69 15.52
CA LYS A 175 15.95 -2.95 15.97
C LYS A 175 16.02 -1.58 15.29
N GLN A 176 15.71 -1.56 13.99
CA GLN A 176 15.73 -0.31 13.24
C GLN A 176 14.67 0.65 13.77
N LEU A 177 13.51 0.10 14.12
CA LEU A 177 12.42 0.92 14.66
C LEU A 177 12.85 1.60 15.95
N ALA A 178 13.53 0.85 16.82
CA ALA A 178 13.99 1.41 18.08
C ALA A 178 14.95 2.57 17.86
N ALA A 179 15.99 2.31 17.06
CA ALA A 179 16.97 3.35 16.77
C ALA A 179 16.35 4.47 15.94
N ALA A 180 15.52 4.08 14.97
CA ALA A 180 14.86 5.06 14.11
C ALA A 180 13.91 5.93 14.92
N LYS A 181 13.20 5.31 15.85
CA LYS A 181 12.26 6.03 16.70
C LYS A 181 12.99 7.07 17.55
N GLU A 182 14.23 6.75 17.92
CA GLU A 182 15.02 7.67 18.74
C GLU A 182 15.91 8.54 17.86
N GLN A 183 16.17 8.08 16.64
CA GLN A 183 17.02 8.83 15.72
C GLN A 183 16.37 10.15 15.35
N ILE A 184 15.07 10.11 15.10
CA ILE A 184 14.33 11.32 14.72
C ILE A 184 14.10 12.20 15.94
N LYS A 185 14.35 13.50 15.79
CA LYS A 185 14.17 14.45 16.89
C LYS A 185 13.30 15.61 16.44
N LEU A 186 12.06 15.62 16.90
CA LEU A 186 11.14 16.69 16.54
C LEU A 186 9.80 16.52 17.28
N PRO A 187 9.33 17.54 17.94
CA PRO A 187 8.05 17.50 18.69
C PRO A 187 6.94 16.80 17.91
N PRO A 188 6.01 16.19 18.59
CA PRO A 188 4.87 15.48 17.95
C PRO A 188 3.90 16.44 17.26
N GLN A 189 3.38 16.02 16.11
CA GLN A 189 2.44 16.84 15.38
C GLN A 189 1.82 16.04 14.22
N PRO A 190 0.59 16.32 13.89
CA PRO A 190 -0.12 15.64 12.77
C PRO A 190 0.46 16.03 11.41
N VAL A 191 0.31 15.14 10.44
CA VAL A 191 0.80 15.40 9.09
C VAL A 191 -0.21 14.95 8.05
N THR A 192 -0.04 15.43 6.82
CA THR A 192 -0.94 15.06 5.73
C THR A 192 -0.17 14.93 4.41
N ALA A 193 -0.84 14.41 3.39
CA ALA A 193 -0.22 14.25 2.08
C ALA A 193 -1.26 14.39 0.98
N ILE A 194 -0.90 15.10 -0.08
CA ILE A 194 -1.81 15.31 -1.20
C ILE A 194 -1.10 15.08 -2.52
N VAL A 195 -1.81 14.55 -3.50
CA VAL A 195 -1.24 14.32 -4.82
C VAL A 195 -2.16 14.84 -5.92
N TYR A 196 -1.60 15.59 -6.86
CA TYR A 196 -2.39 16.13 -7.96
C TYR A 196 -1.52 16.33 -9.19
N THR A 197 -2.14 16.30 -10.37
CA THR A 197 -1.41 16.50 -11.62
C THR A 197 -1.97 17.69 -12.38
N ALA A 198 -1.10 18.66 -12.67
CA ALA A 198 -1.51 19.85 -13.40
C ALA A 198 -2.05 19.48 -14.77
N ALA A 199 -1.60 18.34 -15.30
CA ALA A 199 -2.05 17.88 -16.60
C ALA A 199 -3.47 17.31 -16.53
N ALA A 200 -3.70 16.44 -15.55
CA ALA A 200 -5.01 15.83 -15.38
C ALA A 200 -6.00 16.83 -14.82
N HIS A 201 -5.48 17.97 -14.36
CA HIS A 201 -6.33 19.00 -13.79
C HIS A 201 -7.28 18.41 -12.76
N SER A 202 -6.76 17.52 -11.93
CA SER A 202 -7.58 16.88 -10.89
C SER A 202 -6.82 16.81 -9.58
N ALA A 203 -7.54 16.96 -8.47
CA ALA A 203 -6.92 16.93 -7.14
C ALA A 203 -7.33 15.67 -6.40
N ASN A 204 -6.36 14.79 -6.15
CA ASN A 204 -6.63 13.54 -5.44
C ASN A 204 -5.82 13.47 -4.15
N LEU A 205 -6.48 13.10 -3.06
CA LEU A 205 -5.80 13.01 -1.77
C LEU A 205 -5.72 11.56 -1.31
N TRP A 206 -4.62 11.22 -0.62
CA TRP A 206 -4.44 9.87 -0.12
C TRP A 206 -4.81 9.81 1.36
N THR A 207 -5.68 8.86 1.69
CA THR A 207 -6.12 8.70 3.08
C THR A 207 -5.26 7.67 3.81
N PRO A 208 -5.16 7.80 5.12
CA PRO A 208 -4.38 6.86 5.97
C PRO A 208 -5.02 5.47 6.00
N GLU A 209 -6.28 5.39 5.63
CA GLU A 209 -7.00 4.11 5.65
C GLU A 209 -6.19 3.04 4.92
N SER A 210 -5.24 3.49 4.11
CA SER A 210 -4.39 2.56 3.35
C SER A 210 -3.36 1.92 4.28
N ALA A 211 -2.69 0.89 3.78
CA ALA A 211 -1.68 0.20 4.57
C ALA A 211 -0.55 1.15 4.95
N GLN A 212 -0.23 2.08 4.05
CA GLN A 212 0.82 3.05 4.30
C GLN A 212 0.54 3.83 5.58
N GLY A 213 -0.72 4.21 5.78
CA GLY A 213 -1.10 4.96 6.96
C GLY A 213 -0.78 4.20 8.22
N GLN A 214 -1.08 2.89 8.23
CA GLN A 214 -0.81 2.06 9.39
C GLN A 214 0.69 1.98 9.67
N MET A 215 1.48 1.88 8.61
CA MET A 215 2.93 1.80 8.76
C MET A 215 3.46 3.08 9.41
N LEU A 216 2.92 4.23 8.99
CA LEU A 216 3.36 5.50 9.57
C LEU A 216 3.02 5.55 11.05
N GLU A 217 1.77 5.24 11.39
CA GLU A 217 1.34 5.26 12.78
C GLU A 217 2.27 4.41 13.63
N GLN A 218 2.81 3.35 13.03
CA GLN A 218 3.72 2.47 13.74
C GLN A 218 5.06 3.15 13.97
N LEU A 219 5.33 4.20 13.18
CA LEU A 219 6.59 4.93 13.30
C LEU A 219 6.47 6.03 14.33
N GLY A 220 5.26 6.24 14.84
CA GLY A 220 5.03 7.27 15.85
C GLY A 220 4.46 8.53 15.20
N PHE A 221 4.21 8.48 13.90
CA PHE A 221 3.66 9.62 13.19
C PHE A 221 2.15 9.62 13.23
N THR A 222 1.55 10.81 13.20
CA THR A 222 0.08 10.93 13.24
C THR A 222 -0.45 11.47 11.92
N LEU A 223 -1.39 10.75 11.34
CA LEU A 223 -1.98 11.16 10.06
C LEU A 223 -3.21 12.02 10.27
N ALA A 224 -3.41 12.97 9.38
CA ALA A 224 -4.57 13.86 9.47
C ALA A 224 -5.84 13.10 9.17
N LYS A 225 -6.95 13.53 9.76
CA LYS A 225 -8.24 12.88 9.54
C LYS A 225 -9.30 13.91 9.21
N LEU A 226 -10.06 13.66 8.14
CA LEU A 226 -11.11 14.57 7.69
C LEU A 226 -12.48 13.91 7.86
N PRO A 227 -13.13 14.14 8.98
CA PRO A 227 -14.47 13.57 9.26
C PRO A 227 -15.47 13.95 8.17
N ALA A 228 -16.31 13.00 7.78
CA ALA A 228 -17.31 13.23 6.75
C ALA A 228 -16.62 13.59 5.42
N GLY A 229 -15.40 14.12 5.51
CA GLY A 229 -14.65 14.49 4.31
C GLY A 229 -14.18 13.26 3.55
N LEU A 230 -13.57 12.32 4.27
CA LEU A 230 -13.06 11.11 3.64
C LEU A 230 -14.16 10.42 2.88
N ASN A 231 -15.37 10.45 3.42
CA ASN A 231 -16.51 9.84 2.75
C ASN A 231 -16.85 10.56 1.45
N ALA A 232 -15.81 11.03 0.75
CA ALA A 232 -16.00 11.73 -0.51
C ALA A 232 -17.21 12.66 -0.44
N SER A 233 -16.98 13.88 0.03
CA SER A 233 -18.07 14.85 0.15
C SER A 233 -18.35 15.50 -1.20
N GLN A 234 -17.42 15.34 -2.13
CA GLN A 234 -17.58 15.91 -3.47
C GLN A 234 -18.27 14.93 -4.40
N SER A 235 -17.87 13.65 -4.31
CA SER A 235 -18.45 12.62 -5.15
C SER A 235 -19.92 12.40 -4.80
N GLN A 236 -20.32 12.90 -3.64
CA GLN A 236 -21.71 12.74 -3.19
C GLN A 236 -22.10 11.27 -3.17
N GLY A 237 -21.21 10.43 -2.66
CA GLY A 237 -21.48 9.00 -2.59
C GLY A 237 -20.31 8.25 -1.98
N LYS A 238 -20.07 7.03 -2.44
CA LYS A 238 -18.97 6.22 -1.93
C LYS A 238 -18.04 5.80 -3.06
N ARG A 239 -16.75 5.76 -2.77
CA ARG A 239 -15.76 5.38 -3.78
C ARG A 239 -14.55 4.74 -3.12
N HIS A 240 -13.90 3.83 -3.82
CA HIS A 240 -12.72 3.15 -3.29
C HIS A 240 -11.45 3.77 -3.88
N ASP A 241 -10.39 2.97 -3.96
CA ASP A 241 -9.12 3.45 -4.50
C ASP A 241 -8.64 4.67 -3.72
N ILE A 242 -9.02 5.85 -4.21
CA ILE A 242 -8.62 7.10 -3.58
C ILE A 242 -9.83 7.97 -3.27
N ILE A 243 -9.59 9.10 -2.61
CA ILE A 243 -10.67 10.01 -2.25
C ILE A 243 -10.43 11.40 -2.84
N GLN A 244 -11.51 12.03 -3.31
CA GLN A 244 -11.41 13.36 -3.90
C GLN A 244 -11.81 14.42 -2.88
N LEU A 245 -11.55 15.68 -3.22
CA LEU A 245 -11.89 16.81 -2.34
C LEU A 245 -12.26 18.04 -3.14
N GLY A 246 -13.13 18.87 -2.56
CA GLY A 246 -13.55 20.09 -3.24
C GLY A 246 -12.37 21.03 -3.43
N GLY A 247 -11.49 21.11 -2.43
CA GLY A 247 -10.33 21.99 -2.52
C GLY A 247 -10.20 22.84 -1.26
N GLU A 248 -11.09 22.61 -0.29
CA GLU A 248 -11.06 23.36 0.95
C GLU A 248 -9.95 22.86 1.86
N ASN A 249 -9.99 21.57 2.20
CA ASN A 249 -8.99 20.99 3.06
C ASN A 249 -7.61 21.07 2.42
N LEU A 250 -7.57 20.90 1.10
CA LEU A 250 -6.31 20.96 0.39
C LEU A 250 -5.55 22.23 0.72
N ALA A 251 -6.09 23.37 0.29
CA ALA A 251 -5.43 24.65 0.54
C ALA A 251 -5.16 24.80 2.03
N ALA A 252 -6.12 24.41 2.86
CA ALA A 252 -5.97 24.51 4.30
C ALA A 252 -5.02 23.44 4.82
N GLY A 253 -4.22 22.87 3.92
CA GLY A 253 -3.26 21.83 4.28
C GLY A 253 -3.78 20.98 5.45
N LEU A 254 -5.03 20.55 5.34
CA LEU A 254 -5.65 19.77 6.40
C LEU A 254 -5.24 20.29 7.77
N ASN A 255 -4.42 19.51 8.48
CA ASN A 255 -3.99 19.90 9.81
C ASN A 255 -3.21 21.21 9.74
N GLY A 256 -2.30 21.31 8.77
CA GLY A 256 -1.51 22.52 8.61
C GLY A 256 -0.29 22.50 9.51
N GLU A 257 -0.05 21.36 10.16
CA GLU A 257 1.10 21.23 11.07
C GLU A 257 2.25 20.53 10.37
N SER A 258 1.97 19.94 9.21
CA SER A 258 3.00 19.23 8.46
C SER A 258 2.39 18.57 7.23
N LEU A 259 3.15 18.58 6.14
CA LEU A 259 2.68 17.97 4.90
C LEU A 259 3.84 17.40 4.10
N PHE A 260 3.75 16.12 3.75
CA PHE A 260 4.79 15.47 2.93
C PHE A 260 4.38 15.42 1.49
N LEU A 261 5.36 15.60 0.60
CA LEU A 261 5.08 15.59 -0.83
C LEU A 261 5.32 14.21 -1.41
N PHE A 262 4.22 13.52 -1.73
CA PHE A 262 4.31 12.18 -2.31
C PHE A 262 4.07 12.24 -3.81
N ALA A 263 3.57 13.38 -4.28
CA ALA A 263 3.31 13.55 -5.71
C ALA A 263 4.60 13.53 -6.51
N GLY A 264 5.63 14.17 -5.97
CA GLY A 264 6.92 14.23 -6.64
C GLY A 264 7.95 14.98 -5.80
N ASP A 265 9.19 14.98 -6.25
CA ASP A 265 10.26 15.67 -5.53
C ASP A 265 10.14 17.18 -5.70
N GLN A 266 11.10 17.77 -6.40
CA GLN A 266 11.10 19.20 -6.62
C GLN A 266 9.95 19.61 -7.54
N LYS A 267 9.55 18.69 -8.41
CA LYS A 267 8.47 18.97 -9.35
C LYS A 267 7.20 19.34 -8.59
N ASP A 268 6.90 18.58 -7.55
CA ASP A 268 5.71 18.86 -6.74
C ASP A 268 5.82 20.23 -6.07
N ALA A 269 7.00 20.50 -5.51
CA ALA A 269 7.22 21.77 -4.83
C ALA A 269 6.85 22.93 -5.75
N ASP A 270 7.51 23.01 -6.90
CA ASP A 270 7.23 24.07 -7.87
C ASP A 270 5.74 24.14 -8.15
N ALA A 271 5.12 22.98 -8.32
CA ALA A 271 3.69 22.93 -8.60
C ALA A 271 2.91 23.67 -7.52
N ILE A 272 3.29 23.45 -6.27
CA ILE A 272 2.63 24.11 -5.14
C ILE A 272 2.84 25.62 -5.20
N TYR A 273 4.08 26.02 -5.49
CA TYR A 273 4.41 27.44 -5.57
C TYR A 273 3.51 28.13 -6.60
N ALA A 274 3.22 27.43 -7.68
CA ALA A 274 2.36 27.99 -8.73
C ALA A 274 0.91 27.94 -8.30
N ASN A 275 0.66 27.42 -7.08
CA ASN A 275 -0.69 27.30 -6.56
C ASN A 275 -0.88 28.20 -5.34
N PRO A 276 -1.31 29.43 -5.54
CA PRO A 276 -1.53 30.39 -4.44
C PRO A 276 -2.40 29.81 -3.33
N LEU A 277 -3.26 28.86 -3.70
CA LEU A 277 -4.14 28.23 -2.73
C LEU A 277 -3.34 27.49 -1.69
N LEU A 278 -2.30 26.80 -2.13
CA LEU A 278 -1.46 26.02 -1.22
C LEU A 278 -0.24 26.84 -0.79
N ALA A 279 -0.20 28.09 -1.20
CA ALA A 279 0.90 28.97 -0.85
C ALA A 279 0.83 29.36 0.62
N HIS A 280 -0.39 29.53 1.12
CA HIS A 280 -0.59 29.92 2.51
C HIS A 280 -0.43 28.72 3.44
N LEU A 281 -0.06 27.59 2.85
CA LEU A 281 0.12 26.38 3.63
C LEU A 281 1.33 26.52 4.57
N PRO A 282 1.14 26.39 5.85
CA PRO A 282 2.24 26.50 6.83
C PRO A 282 3.48 25.69 6.44
N ALA A 283 3.25 24.51 5.87
CA ALA A 283 4.35 23.65 5.45
C ALA A 283 5.23 24.38 4.43
N VAL A 284 4.60 25.06 3.50
CA VAL A 284 5.34 25.81 2.48
C VAL A 284 6.10 26.96 3.12
N GLN A 285 5.43 27.67 4.03
CA GLN A 285 6.05 28.80 4.70
C GLN A 285 7.21 28.33 5.56
N ASN A 286 7.04 27.21 6.24
CA ASN A 286 8.08 26.66 7.10
C ASN A 286 8.99 25.73 6.31
N LYS A 287 8.55 25.36 5.11
CA LYS A 287 9.33 24.46 4.26
C LYS A 287 9.50 23.11 4.93
N GLN A 288 8.52 22.70 5.71
CA GLN A 288 8.57 21.41 6.39
C GLN A 288 7.99 20.32 5.51
N VAL A 289 8.36 20.33 4.24
CA VAL A 289 7.87 19.34 3.27
C VAL A 289 8.95 18.32 2.96
N TYR A 290 8.56 17.05 2.94
CA TYR A 290 9.50 15.97 2.63
C TYR A 290 9.10 15.26 1.35
N ALA A 291 10.07 15.06 0.46
CA ALA A 291 9.80 14.38 -0.81
C ALA A 291 9.83 12.87 -0.63
N LEU A 292 8.68 12.30 -0.28
CA LEU A 292 8.58 10.86 -0.10
C LEU A 292 8.86 10.12 -1.40
N GLY A 293 8.33 10.64 -2.49
CA GLY A 293 8.51 10.02 -3.80
C GLY A 293 7.55 8.85 -3.99
N THR A 294 7.42 8.39 -5.23
CA THR A 294 6.54 7.28 -5.53
C THR A 294 7.17 5.96 -5.08
N GLU A 295 8.49 5.93 -5.01
CA GLU A 295 9.20 4.73 -4.61
C GLU A 295 8.95 4.44 -3.13
N THR A 296 8.81 5.50 -2.34
CA THR A 296 8.58 5.34 -0.91
C THR A 296 7.17 4.83 -0.64
N PHE A 297 6.54 4.26 -1.66
CA PHE A 297 5.18 3.76 -1.52
C PHE A 297 5.13 2.74 -0.39
N ARG A 298 6.02 1.76 -0.42
CA ARG A 298 6.08 0.73 0.62
C ARG A 298 7.30 0.97 1.49
N LEU A 299 7.18 0.61 2.77
CA LEU A 299 8.29 0.78 3.70
C LEU A 299 8.77 -0.58 4.21
N ASP A 300 10.07 -0.82 4.07
CA ASP A 300 10.66 -2.07 4.53
C ASP A 300 12.10 -1.87 4.96
N TYR A 301 12.67 -2.84 5.65
CA TYR A 301 14.04 -2.75 6.11
C TYR A 301 14.97 -2.32 4.99
N TYR A 302 14.70 -2.82 3.78
CA TYR A 302 15.51 -2.48 2.63
C TYR A 302 15.28 -1.04 2.18
N SER A 303 14.07 -0.76 1.73
CA SER A 303 13.73 0.58 1.27
C SER A 303 13.88 1.60 2.39
N ALA A 304 13.62 1.17 3.62
CA ALA A 304 13.72 2.06 4.76
C ALA A 304 15.08 2.71 4.83
N MET A 305 16.08 2.06 4.25
CA MET A 305 17.43 2.59 4.24
C MET A 305 17.51 3.90 3.47
N GLN A 306 16.80 3.95 2.33
CA GLN A 306 16.79 5.15 1.50
C GLN A 306 15.86 6.20 2.10
N VAL A 307 14.68 5.78 2.51
CA VAL A 307 13.70 6.68 3.11
C VAL A 307 14.22 7.23 4.44
N LEU A 308 14.81 6.35 5.24
CA LEU A 308 15.31 6.76 6.54
C LEU A 308 16.36 7.84 6.38
N ASP A 309 17.31 7.64 5.48
CA ASP A 309 18.35 8.63 5.24
C ASP A 309 17.76 9.87 4.56
N ARG A 310 16.85 9.64 3.63
CA ARG A 310 16.24 10.73 2.88
C ARG A 310 15.49 11.66 3.82
N LEU A 311 14.86 11.08 4.82
CA LEU A 311 14.10 11.86 5.80
C LEU A 311 14.99 12.30 6.94
N LYS A 312 16.28 12.01 6.83
CA LYS A 312 17.26 12.39 7.87
C LYS A 312 18.21 13.46 7.33
N ALA A 313 18.18 13.68 6.03
CA ALA A 313 19.05 14.68 5.42
C ALA A 313 18.71 16.07 5.95
N LEU A 314 17.42 16.33 6.18
CA LEU A 314 17.00 17.62 6.68
C LEU A 314 17.63 17.89 8.04
N PHE A 315 17.53 16.91 8.94
CA PHE A 315 18.09 17.07 10.28
C PHE A 315 19.60 16.80 10.24
N ALA A 24 1.24 -24.75 7.47
CA ALA A 24 1.60 -26.00 8.19
C ALA A 24 2.28 -26.96 7.21
N ASP A 25 2.69 -28.12 7.71
CA ASP A 25 3.35 -29.11 6.88
C ASP A 25 2.33 -30.06 6.25
N TRP A 26 1.06 -29.86 6.60
CA TRP A 26 0.00 -30.69 6.06
C TRP A 26 -1.27 -29.88 5.85
N PRO A 27 -2.30 -30.51 5.35
CA PRO A 27 -3.62 -29.84 5.10
C PRO A 27 -4.23 -29.27 6.38
N ARG A 28 -4.90 -28.13 6.24
CA ARG A 28 -5.54 -27.49 7.38
C ARG A 28 -6.69 -26.60 6.93
N GLN A 29 -7.34 -25.96 7.89
CA GLN A 29 -8.45 -25.06 7.59
C GLN A 29 -8.12 -23.63 7.96
N ILE A 30 -8.47 -22.70 7.08
CA ILE A 30 -8.20 -21.28 7.32
C ILE A 30 -9.49 -20.48 7.23
N THR A 31 -9.57 -19.41 8.03
CA THR A 31 -10.75 -18.55 8.03
C THR A 31 -10.39 -17.13 7.66
N ASP A 32 -11.20 -16.51 6.80
CA ASP A 32 -10.95 -15.15 6.37
C ASP A 32 -11.83 -14.17 7.15
N SER A 33 -12.30 -13.13 6.47
CA SER A 33 -13.15 -12.14 7.11
C SER A 33 -14.47 -12.78 7.56
N ARG A 34 -14.98 -13.71 6.76
CA ARG A 34 -16.23 -14.40 7.08
C ARG A 34 -16.22 -15.81 6.52
N GLY A 35 -16.23 -15.92 5.20
CA GLY A 35 -16.24 -17.22 4.55
C GLY A 35 -15.02 -18.03 4.96
N THR A 36 -15.22 -19.34 5.13
CA THR A 36 -14.12 -20.23 5.53
C THR A 36 -13.77 -21.18 4.41
N HIS A 37 -12.47 -21.28 4.11
CA HIS A 37 -11.99 -22.15 3.04
C HIS A 37 -11.06 -23.21 3.60
N THR A 38 -11.33 -24.48 3.27
CA THR A 38 -10.50 -25.58 3.75
C THR A 38 -9.32 -25.78 2.81
N LEU A 39 -8.11 -25.86 3.40
CA LEU A 39 -6.91 -26.07 2.60
C LEU A 39 -6.54 -27.55 2.57
N GLU A 40 -7.24 -28.30 1.72
CA GLU A 40 -6.98 -29.72 1.59
C GLU A 40 -5.59 -29.97 1.03
N SER A 41 -5.12 -29.06 0.17
CA SER A 41 -3.80 -29.19 -0.43
C SER A 41 -3.58 -28.07 -1.43
N GLN A 42 -2.68 -27.15 -1.08
CA GLN A 42 -2.38 -26.02 -1.96
C GLN A 42 -0.89 -25.98 -2.30
N PRO A 43 -0.50 -26.61 -3.37
CA PRO A 43 0.92 -26.63 -3.82
C PRO A 43 1.49 -25.23 -4.01
N GLN A 44 2.78 -25.08 -3.77
CA GLN A 44 3.44 -23.78 -3.91
C GLN A 44 2.92 -23.04 -5.13
N ARG A 45 1.78 -22.37 -4.98
CA ARG A 45 1.17 -21.63 -6.08
C ARG A 45 0.37 -20.45 -5.54
N ILE A 46 1.06 -19.49 -4.96
CA ILE A 46 0.40 -18.31 -4.40
C ILE A 46 -0.03 -17.36 -5.50
N VAL A 47 -1.30 -16.93 -5.45
CA VAL A 47 -1.83 -16.01 -6.46
C VAL A 47 -2.37 -14.76 -5.80
N SER A 48 -2.25 -13.63 -6.48
CA SER A 48 -2.73 -12.36 -5.94
C SER A 48 -3.47 -11.57 -7.00
N THR A 49 -4.53 -10.86 -6.58
CA THR A 49 -5.32 -10.07 -7.51
C THR A 49 -4.91 -8.60 -7.44
N SER A 50 -5.04 -8.01 -6.26
CA SER A 50 -4.69 -6.60 -6.08
C SER A 50 -3.18 -6.44 -5.92
N VAL A 51 -2.67 -5.26 -6.26
CA VAL A 51 -1.25 -4.99 -6.14
C VAL A 51 -0.85 -4.82 -4.68
N THR A 52 -1.83 -4.48 -3.84
CA THR A 52 -1.55 -4.26 -2.42
C THR A 52 -0.97 -5.52 -1.79
N LEU A 53 -1.66 -6.65 -1.97
CA LEU A 53 -1.18 -7.92 -1.45
C LEU A 53 0.11 -8.34 -2.14
N THR A 54 0.13 -8.17 -3.46
CA THR A 54 1.29 -8.55 -4.26
C THR A 54 2.58 -8.14 -3.56
N GLY A 55 2.67 -6.86 -3.22
CA GLY A 55 3.84 -6.35 -2.51
C GLY A 55 3.88 -6.86 -1.07
N SER A 56 2.71 -6.96 -0.46
CA SER A 56 2.63 -7.41 0.93
C SER A 56 3.13 -8.85 1.04
N LEU A 57 2.71 -9.70 0.11
CA LEU A 57 3.13 -11.10 0.11
C LEU A 57 4.62 -11.21 -0.17
N LEU A 58 5.09 -10.42 -1.12
CA LEU A 58 6.50 -10.44 -1.49
C LEU A 58 7.38 -10.04 -0.32
N ALA A 59 6.95 -9.03 0.41
CA ALA A 59 7.71 -8.54 1.54
C ALA A 59 7.94 -9.63 2.58
N ILE A 60 6.94 -10.48 2.74
CA ILE A 60 7.03 -11.57 3.72
C ILE A 60 7.59 -12.84 3.09
N ASP A 61 8.42 -12.67 2.08
CA ASP A 61 9.03 -13.80 1.40
C ASP A 61 7.97 -14.76 0.89
N ALA A 62 7.00 -14.22 0.14
CA ALA A 62 5.92 -15.05 -0.41
C ALA A 62 5.58 -14.57 -1.81
N PRO A 63 6.40 -14.91 -2.78
CA PRO A 63 6.20 -14.50 -4.19
C PRO A 63 4.94 -15.11 -4.79
N VAL A 64 4.35 -14.41 -5.76
CA VAL A 64 3.14 -14.89 -6.41
C VAL A 64 3.43 -15.21 -7.89
N ILE A 65 2.89 -16.34 -8.34
CA ILE A 65 3.09 -16.76 -9.72
C ILE A 65 2.33 -15.85 -10.68
N ALA A 66 1.10 -15.50 -10.34
CA ALA A 66 0.28 -14.65 -11.18
C ALA A 66 -0.23 -13.44 -10.41
N SER A 67 -0.06 -12.27 -11.00
CA SER A 67 -0.49 -11.03 -10.36
C SER A 67 -0.77 -9.96 -11.39
N GLY A 68 -1.38 -8.86 -10.96
CA GLY A 68 -1.70 -7.76 -11.86
C GLY A 68 -0.82 -6.55 -11.58
N ALA A 69 -1.05 -5.46 -12.31
CA ALA A 69 -0.28 -4.23 -12.12
C ALA A 69 -1.21 -3.03 -12.06
N THR A 70 -0.65 -1.87 -11.75
CA THR A 70 -1.43 -0.64 -11.65
C THR A 70 -0.72 0.49 -12.40
N THR A 71 -0.25 1.47 -11.64
CA THR A 71 0.43 2.62 -12.24
C THR A 71 1.93 2.49 -12.08
N PRO A 72 2.67 3.45 -12.57
CA PRO A 72 4.16 3.46 -12.47
C PRO A 72 4.64 3.48 -11.02
N ASN A 73 4.24 2.47 -10.26
CA ASN A 73 4.62 2.38 -8.85
C ASN A 73 6.11 2.20 -8.73
N ASN A 74 6.72 1.49 -9.69
CA ASN A 74 8.17 1.24 -9.67
C ASN A 74 8.45 -0.11 -9.01
N ARG A 75 7.68 -0.44 -7.98
CA ARG A 75 7.84 -1.70 -7.28
C ARG A 75 7.56 -2.86 -8.22
N VAL A 76 6.55 -2.71 -9.07
CA VAL A 76 6.18 -3.74 -10.03
C VAL A 76 7.19 -3.78 -11.19
N ALA A 77 7.85 -2.64 -11.42
CA ALA A 77 8.82 -2.54 -12.51
C ALA A 77 9.80 -3.71 -12.43
N ASP A 78 10.85 -3.64 -13.25
CA ASP A 78 11.85 -4.70 -13.28
C ASP A 78 12.75 -4.64 -12.05
N ASP A 79 13.97 -5.14 -12.18
CA ASP A 79 14.91 -5.15 -11.07
C ASP A 79 15.04 -3.75 -10.48
N GLN A 80 14.44 -2.76 -11.14
CA GLN A 80 14.49 -1.39 -10.66
C GLN A 80 13.39 -1.13 -9.65
N GLY A 81 13.77 -0.86 -8.41
CA GLY A 81 12.79 -0.58 -7.36
C GLY A 81 12.29 -1.86 -6.74
N PHE A 82 13.15 -2.53 -5.99
CA PHE A 82 12.77 -3.78 -5.32
C PHE A 82 13.45 -3.88 -3.96
N LEU A 83 12.74 -4.51 -3.00
CA LEU A 83 13.30 -4.69 -1.66
C LEU A 83 14.18 -5.94 -1.61
N ARG A 84 13.60 -7.04 -1.13
CA ARG A 84 14.33 -8.30 -1.04
C ARG A 84 14.70 -8.78 -2.43
N GLN A 85 13.74 -8.67 -3.36
CA GLN A 85 13.96 -9.09 -4.76
C GLN A 85 13.55 -10.54 -4.96
N TRP A 86 12.33 -10.87 -4.58
CA TRP A 86 11.82 -12.23 -4.73
C TRP A 86 10.87 -12.31 -5.93
N SER A 87 10.53 -11.15 -6.48
CA SER A 87 9.62 -11.09 -7.63
C SER A 87 10.25 -11.76 -8.85
N LYS A 88 11.57 -11.63 -8.96
CA LYS A 88 12.28 -12.24 -10.08
C LYS A 88 11.88 -13.70 -10.26
N VAL A 89 11.39 -14.30 -9.17
CA VAL A 89 10.96 -15.70 -9.22
C VAL A 89 9.68 -15.84 -10.06
N ALA A 90 8.72 -14.95 -9.81
CA ALA A 90 7.45 -15.00 -10.54
C ALA A 90 7.70 -14.80 -12.02
N LYS A 91 8.47 -13.78 -12.36
CA LYS A 91 8.78 -13.50 -13.76
C LYS A 91 9.53 -14.66 -14.39
N GLU A 92 10.43 -15.26 -13.62
CA GLU A 92 11.22 -16.38 -14.11
C GLU A 92 10.30 -17.46 -14.66
N ARG A 93 9.12 -17.60 -14.07
CA ARG A 93 8.16 -18.60 -14.52
C ARG A 93 7.26 -18.03 -15.58
N LYS A 94 7.49 -16.77 -15.95
CA LYS A 94 6.69 -16.10 -16.98
C LYS A 94 5.40 -15.55 -16.39
N LEU A 95 4.70 -16.39 -15.64
CA LEU A 95 3.44 -15.99 -15.02
C LEU A 95 3.61 -14.64 -14.38
N GLN A 96 2.51 -13.88 -14.23
CA GLN A 96 2.54 -12.54 -13.64
C GLN A 96 2.01 -11.51 -14.64
N ARG A 97 0.72 -11.23 -14.56
CA ARG A 97 0.10 -10.25 -15.44
C ARG A 97 0.46 -8.84 -15.00
N LEU A 98 0.66 -7.94 -15.97
CA LEU A 98 1.03 -6.56 -15.67
C LEU A 98 0.17 -5.60 -16.46
N TYR A 99 -1.04 -6.04 -16.81
CA TYR A 99 -1.94 -5.19 -17.58
C TYR A 99 -3.38 -5.36 -17.08
N ILE A 100 -4.09 -4.24 -16.97
CA ILE A 100 -5.48 -4.26 -16.52
C ILE A 100 -6.34 -3.34 -17.37
N GLY A 101 -7.65 -3.49 -17.26
CA GLY A 101 -8.58 -2.66 -18.03
C GLY A 101 -9.81 -3.47 -18.45
N GLU A 102 -9.63 -4.78 -18.61
CA GLU A 102 -10.73 -5.64 -19.01
C GLU A 102 -10.50 -7.06 -18.49
N PRO A 103 -10.61 -7.24 -17.20
CA PRO A 103 -10.39 -8.56 -16.54
C PRO A 103 -11.37 -9.61 -17.06
N SER A 104 -10.90 -10.86 -17.15
CA SER A 104 -11.74 -11.95 -17.63
C SER A 104 -11.60 -13.18 -16.74
N ALA A 105 -12.72 -13.81 -16.42
CA ALA A 105 -12.70 -15.00 -15.57
C ALA A 105 -12.03 -16.16 -16.29
N GLU A 106 -12.29 -16.27 -17.59
CA GLU A 106 -11.73 -17.34 -18.39
C GLU A 106 -10.21 -17.24 -18.44
N ALA A 107 -9.71 -16.01 -18.61
CA ALA A 107 -8.27 -15.78 -18.68
C ALA A 107 -7.60 -16.19 -17.37
N VAL A 108 -8.25 -15.85 -16.26
CA VAL A 108 -7.72 -16.19 -14.94
C VAL A 108 -7.67 -17.71 -14.78
N ALA A 109 -8.73 -18.37 -15.20
CA ALA A 109 -8.80 -19.83 -15.09
C ALA A 109 -7.70 -20.47 -15.92
N ALA A 110 -7.38 -19.85 -17.05
CA ALA A 110 -6.34 -20.38 -17.93
C ALA A 110 -4.99 -20.40 -17.21
N GLN A 111 -4.89 -19.63 -16.13
CA GLN A 111 -3.65 -19.56 -15.36
C GLN A 111 -3.62 -20.68 -14.31
N MET A 112 -4.72 -21.40 -14.19
CA MET A 112 -4.81 -22.50 -13.22
C MET A 112 -4.29 -22.04 -11.86
N PRO A 113 -4.86 -21.00 -11.32
CA PRO A 113 -4.46 -20.46 -9.99
C PRO A 113 -4.87 -21.38 -8.86
N ASP A 114 -4.09 -21.37 -7.78
CA ASP A 114 -4.39 -22.22 -6.62
C ASP A 114 -5.04 -21.40 -5.52
N LEU A 115 -4.24 -20.56 -4.84
CA LEU A 115 -4.76 -19.72 -3.77
C LEU A 115 -4.75 -18.27 -4.20
N ILE A 116 -5.94 -17.68 -4.35
CA ILE A 116 -6.05 -16.29 -4.77
C ILE A 116 -6.37 -15.40 -3.58
N LEU A 117 -5.55 -14.37 -3.38
CA LEU A 117 -5.74 -13.45 -2.26
C LEU A 117 -6.23 -12.10 -2.77
N ILE A 118 -7.26 -11.56 -2.10
CA ILE A 118 -7.82 -10.27 -2.50
C ILE A 118 -7.73 -9.27 -1.34
N SER A 119 -7.39 -8.03 -1.67
CA SER A 119 -7.27 -6.98 -0.66
C SER A 119 -8.65 -6.38 -0.34
N ALA A 120 -8.71 -5.59 0.72
CA ALA A 120 -9.96 -4.96 1.12
C ALA A 120 -10.47 -4.05 0.01
N THR A 121 -9.55 -3.38 -0.67
CA THR A 121 -9.93 -2.48 -1.76
C THR A 121 -8.95 -2.61 -2.91
N GLY A 122 -9.38 -2.20 -4.10
CA GLY A 122 -8.53 -2.27 -5.29
C GLY A 122 -8.98 -1.26 -6.34
N GLY A 123 -8.24 -1.20 -7.45
CA GLY A 123 -8.56 -0.27 -8.52
C GLY A 123 -9.93 -0.56 -9.10
N ASP A 124 -10.29 -1.84 -9.13
CA ASP A 124 -11.59 -2.25 -9.68
C ASP A 124 -12.37 -3.08 -8.66
N SER A 125 -13.69 -3.02 -8.74
CA SER A 125 -14.53 -3.77 -7.81
C SER A 125 -14.30 -5.26 -7.97
N ALA A 126 -14.29 -5.98 -6.85
CA ALA A 126 -14.08 -7.43 -6.87
C ALA A 126 -15.27 -8.16 -6.27
N LEU A 127 -16.36 -7.42 -6.02
CA LEU A 127 -17.55 -8.01 -5.44
C LEU A 127 -18.10 -9.11 -6.35
N ALA A 128 -18.05 -8.88 -7.65
CA ALA A 128 -18.54 -9.86 -8.61
C ALA A 128 -17.47 -10.92 -8.91
N LEU A 129 -16.22 -10.48 -8.94
CA LEU A 129 -15.11 -11.38 -9.20
C LEU A 129 -14.88 -12.30 -8.01
N TYR A 130 -15.09 -11.77 -6.82
CA TYR A 130 -14.88 -12.54 -5.60
C TYR A 130 -15.43 -13.96 -5.74
N ASP A 131 -16.74 -14.07 -5.94
CA ASP A 131 -17.37 -15.37 -6.07
C ASP A 131 -16.90 -16.08 -7.33
N GLN A 132 -16.83 -15.33 -8.42
CA GLN A 132 -16.40 -15.90 -9.70
C GLN A 132 -14.98 -16.44 -9.58
N LEU A 133 -14.16 -15.77 -8.77
CA LEU A 133 -12.79 -16.19 -8.55
C LEU A 133 -12.73 -17.45 -7.69
N SER A 134 -13.57 -17.48 -6.65
CA SER A 134 -13.59 -18.62 -5.74
C SER A 134 -13.89 -19.89 -6.50
N THR A 135 -14.92 -19.87 -7.33
CA THR A 135 -15.29 -21.04 -8.12
C THR A 135 -14.08 -21.54 -8.90
N ILE A 136 -13.33 -20.62 -9.49
CA ILE A 136 -12.14 -20.98 -10.24
C ILE A 136 -11.08 -21.60 -9.34
N ALA A 137 -10.89 -21.00 -8.16
CA ALA A 137 -9.89 -21.48 -7.23
C ALA A 137 -10.05 -20.78 -5.87
N PRO A 138 -9.61 -21.43 -4.81
CA PRO A 138 -9.69 -20.86 -3.45
C PRO A 138 -9.38 -19.37 -3.41
N THR A 139 -10.43 -18.56 -3.22
CA THR A 139 -10.25 -17.11 -3.17
C THR A 139 -10.49 -16.61 -1.76
N LEU A 140 -9.48 -15.96 -1.19
CA LEU A 140 -9.58 -15.42 0.18
C LEU A 140 -9.52 -13.91 0.15
N ILE A 141 -10.12 -13.29 1.16
CA ILE A 141 -10.15 -11.83 1.25
C ILE A 141 -9.68 -11.38 2.64
N ILE A 142 -8.76 -10.43 2.66
CA ILE A 142 -8.23 -9.92 3.93
C ILE A 142 -8.62 -8.45 4.11
N ASN A 143 -9.21 -8.14 5.27
CA ASN A 143 -9.61 -6.76 5.56
C ASN A 143 -8.61 -6.10 6.50
N TYR A 144 -7.76 -5.24 5.95
CA TYR A 144 -6.75 -4.55 6.74
C TYR A 144 -7.18 -3.13 7.06
N ASP A 145 -8.24 -2.68 6.40
CA ASP A 145 -8.74 -1.33 6.62
C ASP A 145 -9.26 -1.17 8.03
N ASP A 146 -9.83 -2.25 8.58
CA ASP A 146 -10.37 -2.22 9.93
C ASP A 146 -9.38 -2.79 10.92
N LYS A 147 -8.17 -3.06 10.45
CA LYS A 147 -7.11 -3.63 11.31
C LYS A 147 -5.79 -2.93 11.08
N SER A 148 -4.92 -2.97 12.09
CA SER A 148 -3.62 -2.33 11.99
C SER A 148 -2.68 -3.14 11.10
N TRP A 149 -1.57 -2.52 10.69
CA TRP A 149 -0.61 -3.19 9.81
C TRP A 149 -0.08 -4.45 10.49
N GLN A 150 0.34 -4.30 11.75
CA GLN A 150 0.89 -5.44 12.49
C GLN A 150 -0.10 -6.61 12.46
N SER A 151 -1.39 -6.29 12.64
CA SER A 151 -2.43 -7.31 12.60
C SER A 151 -2.49 -7.97 11.23
N LEU A 152 -2.35 -7.16 10.17
CA LEU A 152 -2.40 -7.68 8.81
C LEU A 152 -1.27 -8.69 8.59
N LEU A 153 -0.08 -8.36 9.06
CA LEU A 153 1.06 -9.25 8.91
C LEU A 153 0.79 -10.56 9.64
N THR A 154 0.24 -10.47 10.85
CA THR A 154 -0.06 -11.66 11.63
C THR A 154 -0.94 -12.60 10.82
N GLN A 155 -1.97 -12.04 10.18
CA GLN A 155 -2.88 -12.85 9.37
C GLN A 155 -2.13 -13.51 8.22
N LEU A 156 -1.22 -12.76 7.61
CA LEU A 156 -0.43 -13.30 6.50
C LEU A 156 0.42 -14.46 6.95
N GLY A 157 1.02 -14.32 8.11
CA GLY A 157 1.85 -15.39 8.65
C GLY A 157 1.02 -16.61 8.98
N GLU A 158 -0.16 -16.39 9.56
CA GLU A 158 -1.05 -17.48 9.92
C GLU A 158 -1.64 -18.14 8.67
N ILE A 159 -2.11 -17.31 7.75
CA ILE A 159 -2.70 -17.83 6.51
C ILE A 159 -1.66 -18.57 5.68
N THR A 160 -0.47 -17.98 5.57
CA THR A 160 0.61 -18.58 4.78
C THR A 160 1.50 -19.44 5.66
N GLY A 161 1.29 -19.37 6.97
CA GLY A 161 2.08 -20.15 7.92
C GLY A 161 3.53 -19.70 7.90
N HIS A 162 3.76 -18.43 7.54
CA HIS A 162 5.11 -17.89 7.48
C HIS A 162 5.41 -17.04 8.71
N GLU A 163 5.14 -17.60 9.89
CA GLU A 163 5.39 -16.88 11.14
C GLU A 163 6.88 -16.72 11.38
N LYS A 164 7.64 -17.76 11.06
CA LYS A 164 9.08 -17.73 11.27
C LYS A 164 9.70 -16.59 10.47
N GLN A 165 9.32 -16.48 9.20
CA GLN A 165 9.85 -15.42 8.33
C GLN A 165 9.51 -14.06 8.91
N ALA A 166 8.30 -13.92 9.45
CA ALA A 166 7.87 -12.66 10.04
C ALA A 166 8.76 -12.30 11.23
N ALA A 167 9.09 -13.30 12.04
CA ALA A 167 9.94 -13.08 13.20
C ALA A 167 11.33 -12.60 12.78
N GLU A 168 11.73 -13.01 11.58
CA GLU A 168 13.04 -12.60 11.06
C GLU A 168 13.01 -11.14 10.61
N ARG A 169 12.06 -10.81 9.75
CA ARG A 169 11.94 -9.44 9.24
C ARG A 169 11.56 -8.49 10.38
N ILE A 170 10.64 -8.93 11.23
CA ILE A 170 10.20 -8.10 12.34
C ILE A 170 11.34 -7.81 13.28
N ALA A 171 12.13 -8.83 13.59
CA ALA A 171 13.27 -8.66 14.49
C ALA A 171 14.27 -7.68 13.90
N GLN A 172 14.78 -8.00 12.70
CA GLN A 172 15.76 -7.14 12.05
C GLN A 172 15.21 -5.73 11.88
N PHE A 173 13.91 -5.65 11.66
CA PHE A 173 13.26 -4.35 11.48
C PHE A 173 12.97 -3.70 12.83
N ASP A 174 12.62 -4.51 13.81
CA ASP A 174 12.29 -4.01 15.14
C ASP A 174 13.45 -3.19 15.68
N LYS A 175 14.66 -3.68 15.48
CA LYS A 175 15.85 -2.96 15.96
C LYS A 175 15.97 -1.59 15.28
N GLN A 176 15.71 -1.57 13.97
CA GLN A 176 15.78 -0.32 13.22
C GLN A 176 14.71 0.65 13.69
N LEU A 177 13.53 0.12 14.01
CA LEU A 177 12.44 0.96 14.48
C LEU A 177 12.81 1.64 15.79
N ALA A 178 13.45 0.88 16.69
CA ALA A 178 13.86 1.43 17.98
C ALA A 178 14.84 2.57 17.78
N ALA A 179 15.92 2.30 17.04
CA ALA A 179 16.93 3.33 16.77
C ALA A 179 16.34 4.46 15.93
N ALA A 180 15.55 4.09 14.92
CA ALA A 180 14.93 5.08 14.05
C ALA A 180 13.97 5.96 14.83
N LYS A 181 13.22 5.34 15.74
CA LYS A 181 12.26 6.07 16.55
C LYS A 181 12.98 7.09 17.44
N GLU A 182 14.19 6.76 17.84
CA GLU A 182 14.98 7.65 18.70
C GLU A 182 15.90 8.52 17.85
N GLN A 183 16.22 8.06 16.65
CA GLN A 183 17.11 8.80 15.76
C GLN A 183 16.47 10.13 15.36
N ILE A 184 15.18 10.10 15.07
CA ILE A 184 14.47 11.30 14.66
C ILE A 184 14.19 12.19 15.87
N LYS A 185 14.41 13.50 15.70
CA LYS A 185 14.18 14.45 16.78
C LYS A 185 13.26 15.57 16.32
N LEU A 186 12.03 15.55 16.82
CA LEU A 186 11.06 16.57 16.44
C LEU A 186 9.75 16.37 17.20
N PRO A 187 9.27 17.38 17.88
CA PRO A 187 8.01 17.31 18.64
C PRO A 187 6.89 16.61 17.87
N PRO A 188 5.97 16.00 18.56
CA PRO A 188 4.82 15.30 17.92
C PRO A 188 3.86 16.26 17.23
N GLN A 189 3.34 15.84 16.08
CA GLN A 189 2.41 16.65 15.33
C GLN A 189 1.80 15.87 14.18
N PRO A 190 0.56 16.14 13.84
CA PRO A 190 -0.13 15.46 12.72
C PRO A 190 0.44 15.85 11.36
N VAL A 191 0.28 14.97 10.38
CA VAL A 191 0.78 15.23 9.03
C VAL A 191 -0.23 14.79 7.99
N THR A 192 -0.06 15.28 6.76
CA THR A 192 -0.96 14.93 5.67
C THR A 192 -0.20 14.81 4.36
N ALA A 193 -0.87 14.30 3.33
CA ALA A 193 -0.25 14.15 2.02
C ALA A 193 -1.29 14.31 0.92
N ILE A 194 -0.92 15.03 -0.14
CA ILE A 194 -1.84 15.24 -1.26
C ILE A 194 -1.12 15.02 -2.58
N VAL A 195 -1.85 14.53 -3.57
CA VAL A 195 -1.27 14.30 -4.90
C VAL A 195 -2.19 14.85 -5.98
N TYR A 196 -1.62 15.60 -6.92
CA TYR A 196 -2.39 16.17 -8.01
C TYR A 196 -1.52 16.38 -9.23
N THR A 197 -2.13 16.40 -10.41
CA THR A 197 -1.39 16.61 -11.65
C THR A 197 -1.94 17.82 -12.41
N ALA A 198 -1.07 18.77 -12.69
CA ALA A 198 -1.47 19.97 -13.42
C ALA A 198 -2.02 19.61 -14.79
N ALA A 199 -1.58 18.48 -15.32
CA ALA A 199 -2.03 18.03 -16.63
C ALA A 199 -3.45 17.46 -16.55
N ALA A 200 -3.68 16.58 -15.59
CA ALA A 200 -4.98 15.96 -15.42
C ALA A 200 -5.97 16.96 -14.85
N HIS A 201 -5.46 18.10 -14.38
CA HIS A 201 -6.31 19.13 -13.80
C HIS A 201 -7.26 18.52 -12.78
N SER A 202 -6.75 17.60 -11.97
CA SER A 202 -7.56 16.95 -10.94
C SER A 202 -6.81 16.87 -9.64
N ALA A 203 -7.52 17.04 -8.52
CA ALA A 203 -6.90 16.98 -7.21
C ALA A 203 -7.32 15.71 -6.47
N ASN A 204 -6.38 14.82 -6.23
CA ASN A 204 -6.66 13.57 -5.52
C ASN A 204 -5.86 13.48 -4.24
N LEU A 205 -6.53 13.11 -3.16
CA LEU A 205 -5.85 12.99 -1.87
C LEU A 205 -5.79 11.53 -1.43
N TRP A 206 -4.71 11.17 -0.73
CA TRP A 206 -4.54 9.81 -0.25
C TRP A 206 -4.92 9.73 1.22
N THR A 207 -5.77 8.76 1.56
CA THR A 207 -6.21 8.59 2.94
C THR A 207 -5.36 7.55 3.65
N PRO A 208 -5.27 7.66 4.96
CA PRO A 208 -4.49 6.70 5.79
C PRO A 208 -5.13 5.31 5.81
N GLU A 209 -6.40 5.24 5.44
CA GLU A 209 -7.12 3.98 5.43
C GLU A 209 -6.30 2.90 4.72
N SER A 210 -5.34 3.35 3.91
CA SER A 210 -4.49 2.41 3.17
C SER A 210 -3.46 1.78 4.11
N ALA A 211 -2.84 0.70 3.66
CA ALA A 211 -1.84 0.00 4.47
C ALA A 211 -0.70 0.94 4.81
N GLN A 212 -0.46 1.94 3.96
CA GLN A 212 0.60 2.90 4.19
C GLN A 212 0.34 3.71 5.45
N GLY A 213 -0.92 4.09 5.65
CA GLY A 213 -1.29 4.87 6.82
C GLY A 213 -1.00 4.12 8.10
N GLN A 214 -1.36 2.83 8.13
CA GLN A 214 -1.12 2.01 9.30
C GLN A 214 0.38 1.86 9.55
N MET A 215 1.14 1.71 8.48
CA MET A 215 2.59 1.56 8.60
C MET A 215 3.19 2.80 9.25
N LEU A 216 2.71 3.97 8.85
CA LEU A 216 3.21 5.23 9.43
C LEU A 216 2.90 5.29 10.92
N GLU A 217 1.65 4.98 11.27
CA GLU A 217 1.25 5.01 12.67
C GLU A 217 2.17 4.14 13.51
N GLN A 218 2.69 3.08 12.90
CA GLN A 218 3.61 2.19 13.61
C GLN A 218 4.96 2.87 13.83
N LEU A 219 5.22 3.94 13.06
CA LEU A 219 6.47 4.66 13.19
C LEU A 219 6.36 5.74 14.26
N GLY A 220 5.15 5.97 14.74
CA GLY A 220 4.93 6.98 15.77
C GLY A 220 4.37 8.26 15.18
N PHE A 221 4.14 8.24 13.87
CA PHE A 221 3.59 9.40 13.18
C PHE A 221 2.06 9.38 13.19
N THR A 222 1.45 10.55 13.12
CA THR A 222 0.00 10.65 13.12
C THR A 222 -0.51 11.23 11.81
N LEU A 223 -1.48 10.53 11.20
CA LEU A 223 -2.04 10.97 9.93
C LEU A 223 -3.27 11.84 10.16
N ALA A 224 -3.47 12.80 9.27
CA ALA A 224 -4.62 13.70 9.39
C ALA A 224 -5.90 12.96 9.07
N LYS A 225 -7.01 13.40 9.65
CA LYS A 225 -8.30 12.76 9.41
C LYS A 225 -9.35 13.81 9.08
N LEU A 226 -10.11 13.57 8.02
CA LEU A 226 -11.15 14.50 7.59
C LEU A 226 -12.53 13.86 7.75
N PRO A 227 -13.17 14.08 8.87
CA PRO A 227 -14.53 13.53 9.13
C PRO A 227 -15.52 13.92 8.04
N ALA A 228 -16.37 12.97 7.65
CA ALA A 228 -17.35 13.22 6.61
C ALA A 228 -16.66 13.58 5.28
N GLY A 229 -15.44 14.12 5.38
CA GLY A 229 -14.69 14.48 4.20
C GLY A 229 -14.22 13.26 3.42
N LEU A 230 -13.61 12.32 4.13
CA LEU A 230 -13.10 11.11 3.52
C LEU A 230 -14.22 10.42 2.74
N ASN A 231 -15.42 10.46 3.29
CA ASN A 231 -16.57 9.84 2.62
C ASN A 231 -16.90 10.57 1.33
N ALA A 232 -15.87 11.02 0.62
CA ALA A 232 -16.06 11.74 -0.64
C ALA A 232 -17.25 12.68 -0.55
N SER A 233 -17.02 13.89 -0.07
CA SER A 233 -18.08 14.87 0.07
C SER A 233 -18.38 15.52 -1.28
N GLN A 234 -17.46 15.34 -2.23
CA GLN A 234 -17.64 15.91 -3.56
C GLN A 234 -18.32 14.91 -4.50
N SER A 235 -17.91 13.64 -4.39
CA SER A 235 -18.49 12.60 -5.23
C SER A 235 -19.96 12.38 -4.88
N GLN A 236 -20.36 12.87 -3.71
CA GLN A 236 -21.75 12.71 -3.27
C GLN A 236 -22.15 11.24 -3.26
N GLY A 237 -21.25 10.39 -2.76
CA GLY A 237 -21.52 8.96 -2.71
C GLY A 237 -20.35 8.21 -2.10
N LYS A 238 -20.14 6.97 -2.54
CA LYS A 238 -19.04 6.15 -2.02
C LYS A 238 -18.11 5.74 -3.15
N ARG A 239 -16.81 5.70 -2.85
CA ARG A 239 -15.83 5.32 -3.85
C ARG A 239 -14.60 4.71 -3.18
N HIS A 240 -13.94 3.80 -3.88
CA HIS A 240 -12.75 3.15 -3.34
C HIS A 240 -11.49 3.76 -3.95
N ASP A 241 -10.43 2.97 -4.04
CA ASP A 241 -9.16 3.45 -4.60
C ASP A 241 -8.68 4.68 -3.84
N ILE A 242 -9.07 5.86 -4.32
CA ILE A 242 -8.66 7.11 -3.70
C ILE A 242 -9.87 7.98 -3.40
N ILE A 243 -9.63 9.11 -2.74
CA ILE A 243 -10.72 10.03 -2.39
C ILE A 243 -10.46 11.41 -2.97
N GLN A 244 -11.54 12.05 -3.43
CA GLN A 244 -11.43 13.40 -4.01
C GLN A 244 -11.82 14.44 -2.98
N LEU A 245 -11.56 15.71 -3.30
CA LEU A 245 -11.89 16.82 -2.42
C LEU A 245 -12.26 18.07 -3.20
N GLY A 246 -13.11 18.90 -2.62
CA GLY A 246 -13.53 20.13 -3.28
C GLY A 246 -12.35 21.07 -3.48
N GLY A 247 -11.47 21.13 -2.49
CA GLY A 247 -10.29 22.00 -2.56
C GLY A 247 -10.16 22.85 -1.30
N GLU A 248 -11.05 22.61 -0.34
CA GLU A 248 -11.02 23.35 0.92
C GLU A 248 -9.91 22.83 1.83
N ASN A 249 -9.96 21.55 2.15
CA ASN A 249 -8.97 20.93 3.01
C ASN A 249 -7.59 21.01 2.37
N LEU A 250 -7.55 20.86 1.05
CA LEU A 250 -6.28 20.92 0.33
C LEU A 250 -5.52 22.20 0.69
N ALA A 251 -6.04 23.34 0.27
CA ALA A 251 -5.39 24.61 0.55
C ALA A 251 -5.11 24.74 2.04
N ALA A 252 -6.08 24.35 2.86
CA ALA A 252 -5.93 24.44 4.30
C ALA A 252 -4.99 23.35 4.80
N GLY A 253 -4.20 22.77 3.89
CA GLY A 253 -3.26 21.73 4.25
C GLY A 253 -3.77 20.88 5.41
N LEU A 254 -5.02 20.45 5.30
CA LEU A 254 -5.65 19.65 6.35
C LEU A 254 -5.24 20.17 7.73
N ASN A 255 -4.43 19.38 8.44
CA ASN A 255 -3.98 19.77 9.77
C ASN A 255 -3.20 21.07 9.70
N GLY A 256 -2.29 21.18 8.73
CA GLY A 256 -1.49 22.39 8.58
C GLY A 256 -0.28 22.35 9.49
N GLU A 257 -0.05 21.21 10.13
CA GLU A 257 1.09 21.08 11.04
C GLU A 257 2.25 20.38 10.34
N SER A 258 1.96 19.77 9.19
CA SER A 258 2.99 19.06 8.44
C SER A 258 2.39 18.41 7.20
N LEU A 259 3.15 18.42 6.10
CA LEU A 259 2.68 17.82 4.88
C LEU A 259 3.84 17.25 4.07
N PHE A 260 3.75 15.96 3.72
CA PHE A 260 4.79 15.31 2.91
C PHE A 260 4.38 15.26 1.46
N LEU A 261 5.36 15.43 0.58
CA LEU A 261 5.08 15.42 -0.86
C LEU A 261 5.32 14.04 -1.44
N PHE A 262 4.22 13.35 -1.75
CA PHE A 262 4.31 12.01 -2.34
C PHE A 262 4.07 12.06 -3.84
N ALA A 263 3.59 13.22 -4.32
CA ALA A 263 3.32 13.39 -5.75
C ALA A 263 4.61 13.37 -6.54
N GLY A 264 5.64 14.00 -6.00
CA GLY A 264 6.94 14.07 -6.68
C GLY A 264 7.96 14.80 -5.84
N ASP A 265 9.21 14.80 -6.29
CA ASP A 265 10.27 15.47 -5.57
C ASP A 265 10.16 17.00 -5.72
N GLN A 266 11.14 17.58 -6.41
CA GLN A 266 11.14 19.02 -6.63
C GLN A 266 10.00 19.43 -7.55
N LYS A 267 9.60 18.52 -8.43
CA LYS A 267 8.52 18.81 -9.37
C LYS A 267 7.25 19.17 -8.63
N ASP A 268 6.94 18.42 -7.59
CA ASP A 268 5.74 18.69 -6.78
C ASP A 268 5.85 20.05 -6.11
N ALA A 269 7.02 20.34 -5.55
CA ALA A 269 7.25 21.61 -4.87
C ALA A 269 6.87 22.76 -5.79
N ASP A 270 7.55 22.84 -6.93
CA ASP A 270 7.28 23.91 -7.90
C ASP A 270 5.79 23.98 -8.20
N ALA A 271 5.16 22.82 -8.38
CA ALA A 271 3.73 22.77 -8.68
C ALA A 271 2.95 23.50 -7.58
N ILE A 272 3.32 23.28 -6.33
CA ILE A 272 2.65 23.94 -5.21
C ILE A 272 2.86 25.45 -5.27
N TYR A 273 4.10 25.85 -5.55
CA TYR A 273 4.43 27.27 -5.63
C TYR A 273 3.54 27.96 -6.65
N ALA A 274 3.24 27.27 -7.74
CA ALA A 274 2.39 27.83 -8.79
C ALA A 274 0.93 27.79 -8.35
N ASN A 275 0.70 27.29 -7.13
CA ASN A 275 -0.67 27.19 -6.61
C ASN A 275 -0.82 28.10 -5.39
N PRO A 276 -1.25 29.32 -5.59
CA PRO A 276 -1.47 30.30 -4.49
C PRO A 276 -2.34 29.73 -3.38
N LEU A 277 -3.21 28.80 -3.74
CA LEU A 277 -4.10 28.18 -2.78
C LEU A 277 -3.31 27.42 -1.73
N LEU A 278 -2.27 26.72 -2.17
CA LEU A 278 -1.44 25.93 -1.26
C LEU A 278 -0.21 26.73 -0.83
N ALA A 279 -0.17 27.99 -1.24
CA ALA A 279 0.95 28.85 -0.88
C ALA A 279 0.88 29.25 0.59
N HIS A 280 -0.34 29.42 1.09
CA HIS A 280 -0.54 29.80 2.48
C HIS A 280 -0.40 28.60 3.41
N LEU A 281 -0.03 27.46 2.82
CA LEU A 281 0.14 26.25 3.60
C LEU A 281 1.36 26.37 4.52
N PRO A 282 1.17 26.24 5.81
CA PRO A 282 2.27 26.35 6.79
C PRO A 282 3.50 25.53 6.39
N ALA A 283 3.27 24.36 5.81
CA ALA A 283 4.36 23.49 5.39
C ALA A 283 5.23 24.22 4.37
N VAL A 284 4.61 24.91 3.42
CA VAL A 284 5.33 25.65 2.41
C VAL A 284 6.09 26.80 3.05
N GLN A 285 5.43 27.51 3.96
CA GLN A 285 6.05 28.66 4.61
C GLN A 285 7.22 28.20 5.47
N ASN A 286 7.05 27.07 6.16
CA ASN A 286 8.10 26.53 7.01
C ASN A 286 9.01 25.59 6.23
N LYS A 287 8.56 25.22 5.03
CA LYS A 287 9.33 24.32 4.18
C LYS A 287 9.52 22.96 4.85
N GLN A 288 8.53 22.55 5.64
CA GLN A 288 8.58 21.27 6.33
C GLN A 288 8.00 20.17 5.45
N VAL A 289 8.36 20.19 4.17
CA VAL A 289 7.87 19.19 3.23
C VAL A 289 8.94 18.16 2.92
N TYR A 290 8.56 16.89 2.91
CA TYR A 290 9.50 15.81 2.62
C TYR A 290 9.09 15.07 1.35
N ALA A 291 10.06 14.86 0.46
CA ALA A 291 9.79 14.16 -0.79
C ALA A 291 9.84 12.65 -0.59
N LEU A 292 8.70 12.06 -0.26
CA LEU A 292 8.63 10.62 -0.05
C LEU A 292 8.91 9.88 -1.34
N GLY A 293 8.38 10.38 -2.44
CA GLY A 293 8.59 9.76 -3.74
C GLY A 293 7.63 8.59 -3.93
N THR A 294 7.50 8.13 -5.17
CA THR A 294 6.61 7.00 -5.46
C THR A 294 7.23 5.68 -5.01
N GLU A 295 8.56 5.66 -4.94
CA GLU A 295 9.28 4.46 -4.52
C GLU A 295 9.01 4.18 -3.05
N THR A 296 8.87 5.24 -2.27
CA THR A 296 8.63 5.09 -0.84
C THR A 296 7.21 4.60 -0.57
N PHE A 297 6.62 3.93 -1.55
CA PHE A 297 5.26 3.43 -1.41
C PHE A 297 5.17 2.52 -0.21
N ARG A 298 6.08 1.54 -0.13
CA ARG A 298 6.10 0.60 0.99
C ARG A 298 7.34 0.85 1.82
N LEU A 299 7.27 0.49 3.11
CA LEU A 299 8.40 0.68 4.00
C LEU A 299 8.92 -0.67 4.50
N ASP A 300 10.22 -0.90 4.30
CA ASP A 300 10.84 -2.15 4.74
C ASP A 300 12.29 -1.92 5.14
N TYR A 301 12.86 -2.89 5.82
CA TYR A 301 14.25 -2.78 6.27
C TYR A 301 15.15 -2.35 5.12
N TYR A 302 14.87 -2.87 3.93
CA TYR A 302 15.67 -2.53 2.77
C TYR A 302 15.42 -1.09 2.32
N SER A 303 14.20 -0.81 1.87
CA SER A 303 13.86 0.52 1.40
C SER A 303 14.01 1.55 2.52
N ALA A 304 13.76 1.12 3.75
CA ALA A 304 13.86 2.01 4.89
C ALA A 304 15.22 2.67 4.95
N MET A 305 16.21 2.02 4.37
CA MET A 305 17.57 2.57 4.35
C MET A 305 17.62 3.88 3.57
N GLN A 306 16.92 3.92 2.44
CA GLN A 306 16.88 5.11 1.62
C GLN A 306 15.94 6.16 2.19
N VAL A 307 14.76 5.71 2.62
CA VAL A 307 13.77 6.60 3.20
C VAL A 307 14.28 7.17 4.52
N LEU A 308 14.88 6.31 5.34
CA LEU A 308 15.38 6.73 6.63
C LEU A 308 16.42 7.83 6.47
N ASP A 309 17.36 7.62 5.56
CA ASP A 309 18.39 8.62 5.31
C ASP A 309 17.81 9.85 4.63
N ARG A 310 16.89 9.62 3.69
CA ARG A 310 16.26 10.69 2.95
C ARG A 310 15.50 11.62 3.89
N LEU A 311 14.86 11.03 4.89
CA LEU A 311 14.10 11.80 5.87
C LEU A 311 14.99 12.26 7.00
N LYS A 312 16.29 11.98 6.89
CA LYS A 312 17.25 12.37 7.92
C LYS A 312 18.20 13.43 7.39
N ALA A 313 18.16 13.65 6.07
CA ALA A 313 19.02 14.65 5.45
C ALA A 313 18.68 16.04 5.95
N LEU A 314 17.39 16.30 6.19
CA LEU A 314 16.97 17.59 6.66
C LEU A 314 17.59 17.90 8.02
N PHE A 315 17.51 16.93 8.93
CA PHE A 315 18.08 17.11 10.27
C PHE A 315 19.59 16.92 10.22
N ALA A 24 1.25 -24.73 7.48
CA ALA A 24 1.61 -25.98 8.21
C ALA A 24 2.30 -26.95 7.24
N ASP A 25 2.69 -28.12 7.74
CA ASP A 25 3.35 -29.11 6.91
C ASP A 25 2.33 -30.05 6.29
N TRP A 26 1.06 -29.84 6.63
CA TRP A 26 -0.01 -30.69 6.10
C TRP A 26 -1.28 -29.87 5.88
N PRO A 27 -2.31 -30.50 5.38
CA PRO A 27 -3.62 -29.82 5.13
C PRO A 27 -4.23 -29.25 6.40
N ARG A 28 -4.90 -28.11 6.26
CA ARG A 28 -5.54 -27.46 7.40
C ARG A 28 -6.68 -26.58 6.95
N GLN A 29 -7.33 -25.92 7.90
CA GLN A 29 -8.45 -25.03 7.59
C GLN A 29 -8.11 -23.60 7.97
N ILE A 30 -8.46 -22.67 7.08
CA ILE A 30 -8.19 -21.25 7.32
C ILE A 30 -9.47 -20.44 7.23
N THR A 31 -9.55 -19.38 8.02
CA THR A 31 -10.74 -18.52 8.02
C THR A 31 -10.36 -17.09 7.64
N ASP A 32 -11.17 -16.49 6.77
CA ASP A 32 -10.92 -15.11 6.32
C ASP A 32 -11.80 -14.13 7.11
N SER A 33 -12.26 -13.09 6.42
CA SER A 33 -13.12 -12.10 7.05
C SER A 33 -14.43 -12.73 7.50
N ARG A 34 -14.94 -13.66 6.70
CA ARG A 34 -16.19 -14.35 7.03
C ARG A 34 -16.18 -15.77 6.49
N GLY A 35 -16.20 -15.88 5.16
CA GLY A 35 -16.21 -17.19 4.52
C GLY A 35 -14.99 -18.00 4.93
N THR A 36 -15.18 -19.31 5.11
CA THR A 36 -14.09 -20.19 5.52
C THR A 36 -13.74 -21.15 4.39
N HIS A 37 -12.44 -21.25 4.09
CA HIS A 37 -11.97 -22.13 3.03
C HIS A 37 -11.03 -23.19 3.59
N THR A 38 -11.31 -24.45 3.27
CA THR A 38 -10.48 -25.55 3.75
C THR A 38 -9.29 -25.76 2.82
N LEU A 39 -8.10 -25.85 3.41
CA LEU A 39 -6.88 -26.06 2.62
C LEU A 39 -6.53 -27.53 2.57
N GLU A 40 -7.23 -28.29 1.74
CA GLU A 40 -6.98 -29.71 1.61
C GLU A 40 -5.58 -29.97 1.02
N SER A 41 -5.13 -29.05 0.17
CA SER A 41 -3.82 -29.20 -0.44
C SER A 41 -3.59 -28.07 -1.43
N GLN A 42 -2.68 -27.15 -1.08
CA GLN A 42 -2.38 -26.02 -1.95
C GLN A 42 -0.88 -25.99 -2.29
N PRO A 43 -0.50 -26.61 -3.37
CA PRO A 43 0.92 -26.64 -3.82
C PRO A 43 1.48 -25.25 -4.01
N GLN A 44 2.79 -25.09 -3.78
CA GLN A 44 3.44 -23.80 -3.92
C GLN A 44 2.92 -23.06 -5.15
N ARG A 45 1.78 -22.38 -4.99
CA ARG A 45 1.19 -21.64 -6.10
C ARG A 45 0.37 -20.47 -5.56
N ILE A 46 1.06 -19.50 -4.98
CA ILE A 46 0.40 -18.32 -4.42
C ILE A 46 -0.02 -17.38 -5.53
N VAL A 47 -1.28 -16.94 -5.48
CA VAL A 47 -1.82 -16.02 -6.48
C VAL A 47 -2.34 -14.76 -5.82
N SER A 48 -2.22 -13.63 -6.51
CA SER A 48 -2.69 -12.35 -5.97
C SER A 48 -3.44 -11.56 -7.03
N THR A 49 -4.49 -10.86 -6.61
CA THR A 49 -5.28 -10.05 -7.55
C THR A 49 -4.87 -8.59 -7.47
N SER A 50 -5.00 -8.01 -6.28
CA SER A 50 -4.64 -6.61 -6.09
C SER A 50 -3.13 -6.45 -5.95
N VAL A 51 -2.63 -5.27 -6.26
CA VAL A 51 -1.20 -4.99 -6.15
C VAL A 51 -0.81 -4.82 -4.68
N THR A 52 -1.78 -4.50 -3.84
CA THR A 52 -1.51 -4.27 -2.42
C THR A 52 -0.93 -5.53 -1.79
N LEU A 53 -1.62 -6.66 -1.97
CA LEU A 53 -1.14 -7.93 -1.45
C LEU A 53 0.14 -8.35 -2.16
N THR A 54 0.17 -8.17 -3.47
CA THR A 54 1.32 -8.57 -4.27
C THR A 54 2.61 -8.17 -3.56
N GLY A 55 2.70 -6.88 -3.21
CA GLY A 55 3.88 -6.38 -2.51
C GLY A 55 3.92 -6.89 -1.06
N SER A 56 2.75 -6.98 -0.45
CA SER A 56 2.66 -7.43 0.93
C SER A 56 3.16 -8.87 1.05
N LEU A 57 2.73 -9.72 0.11
CA LEU A 57 3.14 -11.12 0.11
C LEU A 57 4.64 -11.24 -0.16
N LEU A 58 5.11 -10.45 -1.11
CA LEU A 58 6.52 -10.48 -1.48
C LEU A 58 7.40 -10.08 -0.32
N ALA A 59 6.96 -9.07 0.43
CA ALA A 59 7.74 -8.58 1.56
C ALA A 59 7.95 -9.68 2.59
N ILE A 60 6.96 -10.53 2.76
CA ILE A 60 7.04 -11.62 3.73
C ILE A 60 7.59 -12.88 3.10
N ASP A 61 8.42 -12.72 2.09
CA ASP A 61 9.03 -13.85 1.41
C ASP A 61 7.96 -14.81 0.90
N ALA A 62 7.00 -14.26 0.15
CA ALA A 62 5.92 -15.08 -0.41
C ALA A 62 5.58 -14.61 -1.81
N PRO A 63 6.41 -14.94 -2.78
CA PRO A 63 6.20 -14.53 -4.19
C PRO A 63 4.95 -15.14 -4.80
N VAL A 64 4.37 -14.44 -5.76
CA VAL A 64 3.16 -14.91 -6.44
C VAL A 64 3.45 -15.24 -7.90
N ILE A 65 2.92 -16.36 -8.35
CA ILE A 65 3.11 -16.78 -9.73
C ILE A 65 2.37 -15.86 -10.69
N ALA A 66 1.14 -15.52 -10.36
CA ALA A 66 0.31 -14.67 -11.21
C ALA A 66 -0.19 -13.45 -10.43
N SER A 67 -0.02 -12.27 -11.02
CA SER A 67 -0.44 -11.04 -10.37
C SER A 67 -0.71 -9.97 -11.41
N GLY A 68 -1.34 -8.87 -10.98
CA GLY A 68 -1.64 -7.76 -11.89
C GLY A 68 -0.75 -6.57 -11.60
N ALA A 69 -0.98 -5.47 -12.33
CA ALA A 69 -0.21 -4.24 -12.14
C ALA A 69 -1.13 -3.03 -12.08
N THR A 70 -0.56 -1.87 -11.76
CA THR A 70 -1.33 -0.65 -11.67
C THR A 70 -0.64 0.48 -12.42
N THR A 71 -0.18 1.48 -11.68
CA THR A 71 0.49 2.62 -12.29
C THR A 71 2.01 2.49 -12.14
N PRO A 72 2.74 3.44 -12.64
CA PRO A 72 4.23 3.46 -12.56
C PRO A 72 4.71 3.51 -11.10
N ASN A 73 4.31 2.51 -10.32
CA ASN A 73 4.70 2.45 -8.93
C ASN A 73 6.18 2.25 -8.81
N ASN A 74 6.79 1.54 -9.76
CA ASN A 74 8.22 1.28 -9.75
C ASN A 74 8.50 -0.07 -9.08
N ARG A 75 7.72 -0.38 -8.05
CA ARG A 75 7.88 -1.64 -7.33
C ARG A 75 7.61 -2.82 -8.26
N VAL A 76 6.59 -2.67 -9.11
CA VAL A 76 6.24 -3.72 -10.06
C VAL A 76 7.25 -3.77 -11.21
N ALA A 77 7.90 -2.63 -11.46
CA ALA A 77 8.87 -2.54 -12.54
C ALA A 77 9.86 -3.71 -12.48
N ASP A 78 10.89 -3.66 -13.30
CA ASP A 78 11.89 -4.71 -13.33
C ASP A 78 12.78 -4.65 -12.09
N ASP A 79 14.00 -5.16 -12.21
CA ASP A 79 14.94 -5.16 -11.10
C ASP A 79 15.07 -3.77 -10.51
N GLN A 80 14.47 -2.79 -11.16
CA GLN A 80 14.52 -1.42 -10.68
C GLN A 80 13.40 -1.16 -9.68
N GLY A 81 13.78 -0.89 -8.44
CA GLY A 81 12.80 -0.61 -7.40
C GLY A 81 12.29 -1.91 -6.77
N PHE A 82 13.15 -2.57 -6.01
CA PHE A 82 12.78 -3.81 -5.34
C PHE A 82 13.43 -3.91 -3.98
N LEU A 83 12.75 -4.54 -3.03
CA LEU A 83 13.29 -4.73 -1.69
C LEU A 83 14.16 -5.98 -1.63
N ARG A 84 13.58 -7.07 -1.15
CA ARG A 84 14.31 -8.34 -1.06
C ARG A 84 14.67 -8.82 -2.44
N GLN A 85 13.72 -8.71 -3.38
CA GLN A 85 13.95 -9.13 -4.77
C GLN A 85 13.54 -10.58 -4.98
N TRP A 86 12.31 -10.90 -4.59
CA TRP A 86 11.79 -12.26 -4.76
C TRP A 86 10.85 -12.33 -5.97
N SER A 87 10.52 -11.17 -6.52
CA SER A 87 9.62 -11.11 -7.67
C SER A 87 10.25 -11.77 -8.88
N LYS A 88 11.57 -11.65 -8.99
CA LYS A 88 12.30 -12.26 -10.10
C LYS A 88 11.89 -13.72 -10.28
N VAL A 89 11.41 -14.32 -9.19
CA VAL A 89 10.97 -15.72 -9.25
C VAL A 89 9.71 -15.87 -10.08
N ALA A 90 8.74 -14.97 -9.84
CA ALA A 90 7.47 -15.02 -10.56
C ALA A 90 7.72 -14.82 -12.05
N LYS A 91 8.50 -13.80 -12.39
CA LYS A 91 8.81 -13.53 -13.79
C LYS A 91 9.56 -14.70 -14.41
N GLU A 92 10.46 -15.30 -13.64
CA GLU A 92 11.24 -16.43 -14.12
C GLU A 92 10.32 -17.50 -14.67
N ARG A 93 9.13 -17.64 -14.08
CA ARG A 93 8.16 -18.64 -14.53
C ARG A 93 7.27 -18.07 -15.59
N LYS A 94 7.51 -16.80 -15.96
CA LYS A 94 6.72 -16.14 -17.01
C LYS A 94 5.43 -15.58 -16.41
N LEU A 95 4.72 -16.41 -15.65
CA LEU A 95 3.46 -16.01 -15.03
C LEU A 95 3.64 -14.67 -14.39
N GLN A 96 2.54 -13.90 -14.25
CA GLN A 96 2.58 -12.55 -13.67
C GLN A 96 2.06 -11.52 -14.66
N ARG A 97 0.75 -11.24 -14.58
CA ARG A 97 0.14 -10.26 -15.46
C ARG A 97 0.51 -8.85 -15.03
N LEU A 98 0.72 -7.96 -15.99
CA LEU A 98 1.08 -6.57 -15.69
C LEU A 98 0.22 -5.61 -16.50
N TYR A 99 -0.98 -6.05 -16.85
CA TYR A 99 -1.90 -5.20 -17.62
C TYR A 99 -3.32 -5.36 -17.11
N ILE A 100 -4.03 -4.25 -17.01
CA ILE A 100 -5.42 -4.27 -16.55
C ILE A 100 -6.28 -3.35 -17.41
N GLY A 101 -7.59 -3.50 -17.31
CA GLY A 101 -8.52 -2.67 -18.07
C GLY A 101 -9.75 -3.48 -18.48
N GLU A 102 -9.57 -4.79 -18.63
CA GLU A 102 -10.68 -5.66 -19.02
C GLU A 102 -10.45 -7.07 -18.50
N PRO A 103 -10.55 -7.25 -17.21
CA PRO A 103 -10.35 -8.58 -16.56
C PRO A 103 -11.32 -9.62 -17.08
N SER A 104 -10.86 -10.88 -17.17
CA SER A 104 -11.70 -11.96 -17.64
C SER A 104 -11.55 -13.19 -16.74
N ALA A 105 -12.67 -13.82 -16.41
CA ALA A 105 -12.66 -15.00 -15.56
C ALA A 105 -12.00 -16.18 -16.30
N GLU A 106 -12.26 -16.28 -17.59
CA GLU A 106 -11.70 -17.37 -18.38
C GLU A 106 -10.18 -17.26 -18.44
N ALA A 107 -9.69 -16.04 -18.61
CA ALA A 107 -8.25 -15.81 -18.69
C ALA A 107 -7.57 -16.22 -17.38
N VAL A 108 -8.22 -15.87 -16.27
CA VAL A 108 -7.68 -16.22 -14.96
C VAL A 108 -7.63 -17.73 -14.79
N ALA A 109 -8.70 -18.40 -15.21
CA ALA A 109 -8.78 -19.85 -15.09
C ALA A 109 -7.68 -20.50 -15.92
N ALA A 110 -7.36 -19.89 -17.06
CA ALA A 110 -6.32 -20.42 -17.94
C ALA A 110 -4.98 -20.45 -17.22
N GLN A 111 -4.88 -19.67 -16.14
CA GLN A 111 -3.63 -19.60 -15.37
C GLN A 111 -3.60 -20.72 -14.32
N MET A 112 -4.71 -21.44 -14.20
CA MET A 112 -4.78 -22.53 -13.23
C MET A 112 -4.27 -22.08 -11.87
N PRO A 113 -4.85 -21.03 -11.34
CA PRO A 113 -4.46 -20.48 -10.00
C PRO A 113 -4.86 -21.41 -8.87
N ASP A 114 -4.08 -21.39 -7.79
CA ASP A 114 -4.38 -22.23 -6.63
C ASP A 114 -5.03 -21.41 -5.53
N LEU A 115 -4.24 -20.56 -4.87
CA LEU A 115 -4.75 -19.72 -3.79
C LEU A 115 -4.73 -18.26 -4.23
N ILE A 116 -5.92 -17.67 -4.38
CA ILE A 116 -6.03 -16.27 -4.79
C ILE A 116 -6.34 -15.39 -3.60
N LEU A 117 -5.52 -14.35 -3.41
CA LEU A 117 -5.71 -13.44 -2.28
C LEU A 117 -6.18 -12.08 -2.78
N ILE A 118 -7.20 -11.53 -2.13
CA ILE A 118 -7.75 -10.23 -2.52
C ILE A 118 -7.65 -9.24 -1.36
N SER A 119 -7.32 -8.00 -1.68
CA SER A 119 -7.20 -6.96 -0.67
C SER A 119 -8.57 -6.35 -0.35
N ALA A 120 -8.63 -5.56 0.71
CA ALA A 120 -9.88 -4.92 1.11
C ALA A 120 -10.39 -4.02 0.00
N THR A 121 -9.47 -3.34 -0.69
CA THR A 121 -9.85 -2.44 -1.77
C THR A 121 -8.85 -2.56 -2.93
N GLY A 122 -9.28 -2.14 -4.11
CA GLY A 122 -8.43 -2.22 -5.29
C GLY A 122 -8.88 -1.20 -6.34
N GLY A 123 -8.13 -1.14 -7.45
CA GLY A 123 -8.44 -0.20 -8.52
C GLY A 123 -9.81 -0.49 -9.11
N ASP A 124 -10.17 -1.78 -9.15
CA ASP A 124 -11.47 -2.19 -9.70
C ASP A 124 -12.25 -3.01 -8.69
N SER A 125 -13.57 -2.95 -8.78
CA SER A 125 -14.42 -3.70 -7.85
C SER A 125 -14.20 -5.19 -8.02
N ALA A 126 -14.21 -5.90 -6.90
CA ALA A 126 -14.00 -7.35 -6.92
C ALA A 126 -15.20 -8.08 -6.32
N LEU A 127 -16.27 -7.34 -6.08
CA LEU A 127 -17.48 -7.92 -5.49
C LEU A 127 -18.02 -9.02 -6.40
N ALA A 128 -17.97 -8.78 -7.70
CA ALA A 128 -18.47 -9.78 -8.66
C ALA A 128 -17.40 -10.83 -8.96
N LEU A 129 -16.16 -10.40 -8.99
CA LEU A 129 -15.05 -11.30 -9.24
C LEU A 129 -14.82 -12.22 -8.05
N TYR A 130 -15.04 -11.69 -6.86
CA TYR A 130 -14.83 -12.47 -5.65
C TYR A 130 -15.38 -13.88 -5.78
N ASP A 131 -16.69 -13.98 -5.97
CA ASP A 131 -17.33 -15.28 -6.10
C ASP A 131 -16.87 -15.99 -7.37
N GLN A 132 -16.79 -15.25 -8.47
CA GLN A 132 -16.36 -15.83 -9.74
C GLN A 132 -14.94 -16.37 -9.63
N LEU A 133 -14.13 -15.71 -8.82
CA LEU A 133 -12.76 -16.13 -8.60
C LEU A 133 -12.71 -17.38 -7.73
N SER A 134 -13.55 -17.41 -6.70
CA SER A 134 -13.57 -18.54 -5.78
C SER A 134 -13.87 -19.83 -6.54
N THR A 135 -14.90 -19.79 -7.37
CA THR A 135 -15.28 -20.96 -8.16
C THR A 135 -14.07 -21.47 -8.94
N ILE A 136 -13.30 -20.56 -9.52
CA ILE A 136 -12.12 -20.92 -10.27
C ILE A 136 -11.06 -21.53 -9.36
N ALA A 137 -10.86 -20.93 -8.19
CA ALA A 137 -9.88 -21.42 -7.25
C ALA A 137 -10.03 -20.73 -5.89
N PRO A 138 -9.63 -21.38 -4.83
CA PRO A 138 -9.72 -20.81 -3.46
C PRO A 138 -9.40 -19.32 -3.42
N THR A 139 -10.42 -18.51 -3.25
CA THR A 139 -10.24 -17.05 -3.19
C THR A 139 -10.47 -16.55 -1.78
N LEU A 140 -9.45 -15.91 -1.21
CA LEU A 140 -9.55 -15.38 0.16
C LEU A 140 -9.49 -13.86 0.13
N ILE A 141 -10.11 -13.24 1.14
CA ILE A 141 -10.12 -11.78 1.23
C ILE A 141 -9.67 -11.34 2.62
N ILE A 142 -8.73 -10.39 2.65
CA ILE A 142 -8.22 -9.87 3.92
C ILE A 142 -8.59 -8.40 4.10
N ASN A 143 -9.18 -8.09 5.24
CA ASN A 143 -9.58 -6.72 5.54
C ASN A 143 -8.57 -6.06 6.47
N TYR A 144 -7.72 -5.20 5.92
CA TYR A 144 -6.71 -4.52 6.73
C TYR A 144 -7.14 -3.09 7.04
N ASP A 145 -8.18 -2.63 6.38
CA ASP A 145 -8.69 -1.28 6.58
C ASP A 145 -9.21 -1.12 8.00
N ASP A 146 -9.77 -2.18 8.55
CA ASP A 146 -10.33 -2.15 9.90
C ASP A 146 -9.34 -2.72 10.89
N LYS A 147 -8.12 -3.00 10.43
CA LYS A 147 -7.09 -3.58 11.29
C LYS A 147 -5.75 -2.88 11.07
N SER A 148 -4.89 -2.93 12.08
CA SER A 148 -3.58 -2.30 11.98
C SER A 148 -2.65 -3.12 11.09
N TRP A 149 -1.53 -2.51 10.69
CA TRP A 149 -0.59 -3.18 9.82
C TRP A 149 -0.05 -4.44 10.50
N GLN A 150 0.38 -4.31 11.75
CA GLN A 150 0.91 -5.44 12.50
C GLN A 150 -0.09 -6.60 12.47
N SER A 151 -1.37 -6.28 12.63
CA SER A 151 -2.41 -7.29 12.60
C SER A 151 -2.47 -7.94 11.23
N LEU A 152 -2.33 -7.14 10.18
CA LEU A 152 -2.38 -7.66 8.82
C LEU A 152 -1.26 -8.68 8.61
N LEU A 153 -0.06 -8.35 9.07
CA LEU A 153 1.07 -9.25 8.93
C LEU A 153 0.79 -10.56 9.65
N THR A 154 0.25 -10.46 10.86
CA THR A 154 -0.05 -11.65 11.65
C THR A 154 -0.94 -12.58 10.84
N GLN A 155 -1.96 -12.02 10.19
CA GLN A 155 -2.88 -12.84 9.38
C GLN A 155 -2.12 -13.50 8.24
N LEU A 156 -1.21 -12.75 7.61
CA LEU A 156 -0.42 -13.29 6.52
C LEU A 156 0.42 -14.46 6.98
N GLY A 157 1.02 -14.32 8.14
CA GLY A 157 1.85 -15.38 8.68
C GLY A 157 1.00 -16.61 9.01
N GLU A 158 -0.18 -16.38 9.58
CA GLU A 158 -1.08 -17.47 9.94
C GLU A 158 -1.66 -18.13 8.69
N ILE A 159 -2.12 -17.31 7.76
CA ILE A 159 -2.70 -17.82 6.53
C ILE A 159 -1.66 -18.56 5.70
N THR A 160 -0.47 -17.98 5.60
CA THR A 160 0.60 -18.58 4.82
C THR A 160 1.49 -19.45 5.70
N GLY A 161 1.27 -19.37 7.01
CA GLY A 161 2.05 -20.16 7.96
C GLY A 161 3.50 -19.71 7.95
N HIS A 162 3.73 -18.45 7.60
CA HIS A 162 5.10 -17.91 7.54
C HIS A 162 5.38 -17.05 8.77
N GLU A 163 5.11 -17.61 9.95
CA GLU A 163 5.35 -16.90 11.20
C GLU A 163 6.85 -16.74 11.45
N LYS A 164 7.61 -17.78 11.13
CA LYS A 164 9.06 -17.76 11.34
C LYS A 164 9.68 -16.62 10.54
N GLN A 165 9.30 -16.51 9.27
CA GLN A 165 9.83 -15.46 8.42
C GLN A 165 9.50 -14.09 8.98
N ALA A 166 8.29 -13.95 9.51
CA ALA A 166 7.87 -12.69 10.10
C ALA A 166 8.74 -12.34 11.30
N ALA A 167 9.06 -13.33 12.11
CA ALA A 167 9.91 -13.12 13.29
C ALA A 167 11.29 -12.65 12.86
N GLU A 168 11.71 -13.05 11.67
CA GLU A 168 13.01 -12.66 11.15
C GLU A 168 13.01 -11.19 10.71
N ARG A 169 12.07 -10.86 9.83
CA ARG A 169 11.95 -9.50 9.32
C ARG A 169 11.58 -8.54 10.45
N ILE A 170 10.65 -8.96 11.30
CA ILE A 170 10.18 -8.13 12.40
C ILE A 170 11.34 -7.85 13.36
N ALA A 171 12.12 -8.88 13.67
CA ALA A 171 13.24 -8.71 14.58
C ALA A 171 14.26 -7.73 13.99
N GLN A 172 14.78 -8.07 12.82
CA GLN A 172 15.78 -7.23 12.16
C GLN A 172 15.25 -5.82 11.98
N PHE A 173 13.95 -5.71 11.74
CA PHE A 173 13.31 -4.42 11.55
C PHE A 173 13.02 -3.75 12.90
N ASP A 174 12.65 -4.57 13.88
CA ASP A 174 12.32 -4.05 15.20
C ASP A 174 13.47 -3.22 15.74
N LYS A 175 14.70 -3.71 15.55
CA LYS A 175 15.87 -2.99 16.02
C LYS A 175 15.99 -1.63 15.32
N GLN A 176 15.73 -1.61 14.02
CA GLN A 176 15.80 -0.38 13.26
C GLN A 176 14.73 0.60 13.72
N LEU A 177 13.55 0.08 14.04
CA LEU A 177 12.47 0.92 14.52
C LEU A 177 12.84 1.60 15.82
N ALA A 178 13.48 0.86 16.72
CA ALA A 178 13.89 1.42 18.00
C ALA A 178 14.87 2.56 17.80
N ALA A 179 15.94 2.29 17.05
CA ALA A 179 16.95 3.31 16.77
C ALA A 179 16.36 4.43 15.93
N ALA A 180 15.57 4.06 14.93
CA ALA A 180 14.94 5.04 14.05
C ALA A 180 13.98 5.93 14.83
N LYS A 181 13.24 5.31 15.75
CA LYS A 181 12.28 6.05 16.56
C LYS A 181 12.99 7.07 17.43
N GLU A 182 14.22 6.74 17.83
CA GLU A 182 15.00 7.65 18.68
C GLU A 182 15.92 8.52 17.83
N GLN A 183 16.21 8.05 16.62
CA GLN A 183 17.10 8.79 15.73
C GLN A 183 16.46 10.12 15.32
N ILE A 184 15.16 10.08 15.04
CA ILE A 184 14.44 11.29 14.65
C ILE A 184 14.16 12.17 15.85
N LYS A 185 14.38 13.48 15.70
CA LYS A 185 14.15 14.42 16.79
C LYS A 185 13.24 15.55 16.33
N LEU A 186 12.00 15.54 16.81
CA LEU A 186 11.05 16.58 16.42
C LEU A 186 9.72 16.39 17.18
N PRO A 187 9.25 17.41 17.86
CA PRO A 187 7.99 17.34 18.62
C PRO A 187 6.88 16.64 17.86
N PRO A 188 5.95 16.04 18.55
CA PRO A 188 4.80 15.33 17.92
C PRO A 188 3.84 16.29 17.22
N GLN A 189 3.32 15.87 16.07
CA GLN A 189 2.39 16.68 15.33
C GLN A 189 1.77 15.89 14.17
N PRO A 190 0.54 16.16 13.83
CA PRO A 190 -0.16 15.49 12.70
C PRO A 190 0.42 15.88 11.35
N VAL A 191 0.25 15.00 10.37
CA VAL A 191 0.76 15.27 9.01
C VAL A 191 -0.27 14.83 7.97
N THR A 192 -0.10 15.31 6.75
CA THR A 192 -1.00 14.96 5.65
C THR A 192 -0.24 14.83 4.34
N ALA A 193 -0.91 14.31 3.32
CA ALA A 193 -0.29 14.15 2.01
C ALA A 193 -1.33 14.32 0.91
N ILE A 194 -0.96 15.04 -0.14
CA ILE A 194 -1.88 15.25 -1.27
C ILE A 194 -1.17 15.03 -2.59
N VAL A 195 -1.91 14.52 -3.58
CA VAL A 195 -1.34 14.30 -4.90
C VAL A 195 -2.26 14.85 -5.98
N TYR A 196 -1.68 15.61 -6.91
CA TYR A 196 -2.47 16.18 -8.00
C TYR A 196 -1.59 16.40 -9.22
N THR A 197 -2.21 16.43 -10.41
CA THR A 197 -1.47 16.65 -11.65
C THR A 197 -2.01 17.88 -12.37
N ALA A 198 -1.12 18.83 -12.63
CA ALA A 198 -1.52 20.06 -13.32
C ALA A 198 -2.06 19.74 -14.72
N ALA A 199 -1.61 18.62 -15.27
CA ALA A 199 -2.06 18.21 -16.59
C ALA A 199 -3.49 17.66 -16.54
N ALA A 200 -3.72 16.75 -15.61
CA ALA A 200 -5.04 16.15 -15.46
C ALA A 200 -6.00 17.12 -14.77
N HIS A 201 -5.45 18.21 -14.24
CA HIS A 201 -6.25 19.20 -13.54
C HIS A 201 -7.22 18.53 -12.57
N SER A 202 -6.70 17.58 -11.79
CA SER A 202 -7.52 16.85 -10.83
C SER A 202 -6.86 16.85 -9.45
N ALA A 203 -7.67 16.93 -8.41
CA ALA A 203 -7.14 16.94 -7.04
C ALA A 203 -7.48 15.63 -6.35
N ASN A 204 -6.47 14.77 -6.20
CA ASN A 204 -6.67 13.48 -5.54
C ASN A 204 -5.86 13.41 -4.26
N LEU A 205 -6.52 13.04 -3.17
CA LEU A 205 -5.85 12.94 -1.88
C LEU A 205 -5.76 11.49 -1.43
N TRP A 206 -4.68 11.14 -0.74
CA TRP A 206 -4.50 9.78 -0.24
C TRP A 206 -4.88 9.72 1.24
N THR A 207 -5.74 8.76 1.58
CA THR A 207 -6.18 8.60 2.96
C THR A 207 -5.34 7.56 3.68
N PRO A 208 -5.25 7.67 4.99
CA PRO A 208 -4.48 6.72 5.83
C PRO A 208 -5.12 5.33 5.84
N GLU A 209 -6.38 5.25 5.45
CA GLU A 209 -7.10 3.99 5.45
C GLU A 209 -6.29 2.92 4.74
N SER A 210 -5.32 3.36 3.92
CA SER A 210 -4.47 2.43 3.19
C SER A 210 -3.45 1.79 4.13
N ALA A 211 -2.82 0.71 3.66
CA ALA A 211 -1.83 0.01 4.46
C ALA A 211 -0.68 0.95 4.83
N GLN A 212 -0.45 1.94 3.98
CA GLN A 212 0.63 2.90 4.22
C GLN A 212 0.35 3.70 5.49
N GLY A 213 -0.91 4.10 5.67
CA GLY A 213 -1.28 4.88 6.85
C GLY A 213 -0.98 4.11 8.13
N GLN A 214 -1.34 2.83 8.16
CA GLN A 214 -1.09 2.00 9.32
C GLN A 214 0.41 1.86 9.57
N MET A 215 1.18 1.72 8.50
CA MET A 215 2.62 1.57 8.61
C MET A 215 3.22 2.81 9.27
N LEU A 216 2.74 3.99 8.87
CA LEU A 216 3.23 5.23 9.44
C LEU A 216 2.93 5.30 10.93
N GLU A 217 1.68 4.99 11.28
CA GLU A 217 1.27 5.01 12.69
C GLU A 217 2.20 4.15 13.53
N GLN A 218 2.72 3.08 12.92
CA GLN A 218 3.63 2.19 13.61
C GLN A 218 4.97 2.87 13.84
N LEU A 219 5.24 3.93 13.08
CA LEU A 219 6.50 4.66 13.20
C LEU A 219 6.39 5.74 14.26
N GLY A 220 5.17 5.97 14.76
CA GLY A 220 4.95 6.99 15.79
C GLY A 220 4.40 8.26 15.17
N PHE A 221 4.15 8.23 13.87
CA PHE A 221 3.62 9.40 13.18
C PHE A 221 2.10 9.38 13.20
N THR A 222 1.50 10.57 13.13
CA THR A 222 0.03 10.68 13.15
C THR A 222 -0.46 11.25 11.83
N LEU A 223 -1.43 10.57 11.22
CA LEU A 223 -1.99 10.99 9.96
C LEU A 223 -3.22 11.87 10.18
N ALA A 224 -3.41 12.83 9.28
CA ALA A 224 -4.56 13.73 9.38
C ALA A 224 -5.84 12.99 9.06
N LYS A 225 -6.95 13.44 9.66
CA LYS A 225 -8.25 12.81 9.42
C LYS A 225 -9.30 13.86 9.10
N LEU A 226 -10.06 13.63 8.03
CA LEU A 226 -11.11 14.57 7.61
C LEU A 226 -12.49 13.92 7.79
N PRO A 227 -13.12 14.15 8.91
CA PRO A 227 -14.48 13.59 9.19
C PRO A 227 -15.47 13.99 8.10
N ALA A 228 -16.32 13.04 7.71
CA ALA A 228 -17.31 13.29 6.67
C ALA A 228 -16.63 13.64 5.36
N GLY A 229 -15.42 14.18 5.44
CA GLY A 229 -14.67 14.56 4.25
C GLY A 229 -14.20 13.33 3.49
N LEU A 230 -13.57 12.39 4.20
CA LEU A 230 -13.06 11.18 3.57
C LEU A 230 -14.18 10.47 2.82
N ASN A 231 -15.37 10.51 3.38
CA ASN A 231 -16.52 9.87 2.74
C ASN A 231 -16.88 10.58 1.43
N ALA A 232 -15.85 11.05 0.71
CA ALA A 232 -16.05 11.74 -0.55
C ALA A 232 -17.27 12.65 -0.48
N SER A 233 -17.06 13.89 -0.04
CA SER A 233 -18.16 14.84 0.08
C SER A 233 -18.45 15.48 -1.27
N GLN A 234 -17.52 15.31 -2.21
CA GLN A 234 -17.68 15.88 -3.55
C GLN A 234 -18.38 14.88 -4.47
N SER A 235 -17.99 13.61 -4.37
CA SER A 235 -18.57 12.57 -5.20
C SER A 235 -20.05 12.37 -4.85
N GLN A 236 -20.45 12.87 -3.69
CA GLN A 236 -21.83 12.73 -3.24
C GLN A 236 -22.25 11.27 -3.21
N GLY A 237 -21.36 10.42 -2.71
CA GLY A 237 -21.64 8.99 -2.63
C GLY A 237 -20.48 8.25 -2.01
N LYS A 238 -20.28 7.00 -2.44
CA LYS A 238 -19.18 6.19 -1.91
C LYS A 238 -18.24 5.77 -3.04
N ARG A 239 -16.95 5.74 -2.74
CA ARG A 239 -15.95 5.36 -3.74
C ARG A 239 -14.74 4.75 -3.06
N HIS A 240 -14.07 3.84 -3.76
CA HIS A 240 -12.88 3.18 -3.21
C HIS A 240 -11.61 3.79 -3.82
N ASP A 241 -10.57 2.98 -3.93
CA ASP A 241 -9.31 3.44 -4.49
C ASP A 241 -8.81 4.66 -3.75
N ILE A 242 -9.17 5.85 -4.25
CA ILE A 242 -8.74 7.09 -3.62
C ILE A 242 -9.93 7.98 -3.33
N ILE A 243 -9.68 9.11 -2.66
CA ILE A 243 -10.74 10.04 -2.30
C ILE A 243 -10.47 11.42 -2.89
N GLN A 244 -11.53 12.08 -3.37
CA GLN A 244 -11.40 13.41 -3.95
C GLN A 244 -11.78 14.47 -2.94
N LEU A 245 -11.52 15.74 -3.28
CA LEU A 245 -11.84 16.86 -2.39
C LEU A 245 -12.22 18.09 -3.19
N GLY A 246 -13.09 18.92 -2.62
CA GLY A 246 -13.53 20.13 -3.29
C GLY A 246 -12.36 21.09 -3.50
N GLY A 247 -11.48 21.17 -2.51
CA GLY A 247 -10.31 22.06 -2.59
C GLY A 247 -10.17 22.88 -1.32
N GLU A 248 -11.05 22.63 -0.35
CA GLU A 248 -11.00 23.38 0.91
C GLU A 248 -9.90 22.82 1.81
N ASN A 249 -9.97 21.54 2.12
CA ASN A 249 -8.99 20.91 2.98
C ASN A 249 -7.60 20.98 2.34
N LEU A 250 -7.56 20.84 1.01
CA LEU A 250 -6.29 20.90 0.31
C LEU A 250 -5.53 22.18 0.66
N ALA A 251 -6.06 23.32 0.24
CA ALA A 251 -5.40 24.59 0.52
C ALA A 251 -5.13 24.73 2.01
N ALA A 252 -6.10 24.35 2.82
CA ALA A 252 -5.95 24.43 4.27
C ALA A 252 -5.00 23.35 4.78
N GLY A 253 -4.21 22.78 3.87
CA GLY A 253 -3.27 21.73 4.23
C GLY A 253 -3.79 20.89 5.39
N LEU A 254 -5.04 20.46 5.28
CA LEU A 254 -5.67 19.67 6.33
C LEU A 254 -5.26 20.19 7.71
N ASN A 255 -4.47 19.40 8.43
CA ASN A 255 -4.03 19.79 9.76
C ASN A 255 -3.24 21.09 9.70
N GLY A 256 -2.32 21.19 8.73
CA GLY A 256 -1.53 22.39 8.56
C GLY A 256 -0.31 22.37 9.48
N GLU A 257 -0.08 21.22 10.12
CA GLU A 257 1.06 21.08 11.02
C GLU A 257 2.22 20.39 10.32
N SER A 258 1.94 19.79 9.17
CA SER A 258 2.97 19.08 8.41
C SER A 258 2.36 18.43 7.18
N LEU A 259 3.12 18.44 6.08
CA LEU A 259 2.64 17.84 4.85
C LEU A 259 3.81 17.27 4.04
N PHE A 260 3.71 15.98 3.69
CA PHE A 260 4.75 15.33 2.89
C PHE A 260 4.34 15.28 1.44
N LEU A 261 5.32 15.44 0.55
CA LEU A 261 5.05 15.42 -0.88
C LEU A 261 5.27 14.03 -1.45
N PHE A 262 4.18 13.34 -1.76
CA PHE A 262 4.26 11.99 -2.34
C PHE A 262 4.01 12.05 -3.85
N ALA A 263 3.54 13.19 -4.32
CA ALA A 263 3.27 13.36 -5.75
C ALA A 263 4.57 13.34 -6.55
N GLY A 264 5.60 14.00 -6.02
CA GLY A 264 6.89 14.05 -6.69
C GLY A 264 7.91 14.80 -5.85
N ASP A 265 9.16 14.79 -6.30
CA ASP A 265 10.23 15.47 -5.57
C ASP A 265 10.11 16.98 -5.74
N GLN A 266 11.09 17.57 -6.42
CA GLN A 266 11.09 19.01 -6.65
C GLN A 266 9.96 19.42 -7.58
N LYS A 267 9.56 18.51 -8.45
CA LYS A 267 8.48 18.79 -9.39
C LYS A 267 7.21 19.16 -8.65
N ASP A 268 6.90 18.40 -7.60
CA ASP A 268 5.70 18.68 -6.81
C ASP A 268 5.82 20.05 -6.14
N ALA A 269 6.99 20.33 -5.57
CA ALA A 269 7.21 21.60 -4.89
C ALA A 269 6.85 22.75 -5.81
N ASP A 270 7.51 22.83 -6.96
CA ASP A 270 7.24 23.90 -7.92
C ASP A 270 5.75 23.97 -8.21
N ALA A 271 5.13 22.81 -8.40
CA ALA A 271 3.70 22.77 -8.68
C ALA A 271 2.92 23.52 -7.60
N ILE A 272 3.29 23.29 -6.34
CA ILE A 272 2.63 23.95 -5.23
C ILE A 272 2.85 25.46 -5.29
N TYR A 273 4.09 25.85 -5.58
CA TYR A 273 4.42 27.27 -5.66
C TYR A 273 3.53 27.97 -6.68
N ALA A 274 3.22 27.27 -7.76
CA ALA A 274 2.37 27.84 -8.81
C ALA A 274 0.92 27.80 -8.37
N ASN A 275 0.68 27.29 -7.16
CA ASN A 275 -0.69 27.20 -6.62
C ASN A 275 -0.83 28.11 -5.41
N PRO A 276 -1.26 29.32 -5.61
CA PRO A 276 -1.46 30.31 -4.51
C PRO A 276 -2.35 29.74 -3.40
N LEU A 277 -3.21 28.81 -3.77
CA LEU A 277 -4.12 28.20 -2.80
C LEU A 277 -3.32 27.44 -1.75
N LEU A 278 -2.29 26.73 -2.19
CA LEU A 278 -1.46 25.94 -1.27
C LEU A 278 -0.24 26.74 -0.85
N ALA A 279 -0.19 28.00 -1.26
CA ALA A 279 0.93 28.86 -0.90
C ALA A 279 0.86 29.24 0.58
N HIS A 280 -0.35 29.42 1.08
CA HIS A 280 -0.56 29.81 2.47
C HIS A 280 -0.41 28.61 3.39
N LEU A 281 -0.04 27.47 2.80
CA LEU A 281 0.13 26.27 3.58
C LEU A 281 1.34 26.38 4.50
N PRO A 282 1.16 26.25 5.79
CA PRO A 282 2.26 26.35 6.77
C PRO A 282 3.49 25.54 6.37
N ALA A 283 3.26 24.36 5.80
CA ALA A 283 4.35 23.50 5.37
C ALA A 283 5.23 24.23 4.36
N VAL A 284 4.59 24.91 3.41
CA VAL A 284 5.32 25.66 2.40
C VAL A 284 6.09 26.82 3.04
N GLN A 285 5.41 27.52 3.95
CA GLN A 285 6.03 28.66 4.62
C GLN A 285 7.23 28.20 5.46
N ASN A 286 7.06 27.07 6.14
CA ASN A 286 8.13 26.53 6.98
C ASN A 286 9.00 25.59 6.19
N LYS A 287 8.55 25.22 4.99
CA LYS A 287 9.30 24.31 4.13
C LYS A 287 9.48 22.95 4.81
N GLN A 288 8.51 22.56 5.61
CA GLN A 288 8.56 21.28 6.31
C GLN A 288 7.98 20.18 5.43
N VAL A 289 8.34 20.18 4.15
CA VAL A 289 7.84 19.19 3.21
C VAL A 289 8.92 18.16 2.90
N TYR A 290 8.52 16.88 2.89
CA TYR A 290 9.47 15.80 2.60
C TYR A 290 9.05 15.08 1.32
N ALA A 291 10.01 14.85 0.44
CA ALA A 291 9.75 14.17 -0.82
C ALA A 291 9.80 12.65 -0.62
N LEU A 292 8.65 12.07 -0.27
CA LEU A 292 8.57 10.63 -0.06
C LEU A 292 8.85 9.89 -1.36
N GLY A 293 8.30 10.40 -2.46
CA GLY A 293 8.50 9.77 -3.76
C GLY A 293 7.54 8.59 -3.93
N THR A 294 7.41 8.11 -5.16
CA THR A 294 6.54 6.98 -5.45
C THR A 294 7.17 5.67 -4.97
N GLU A 295 8.49 5.66 -4.90
CA GLU A 295 9.21 4.47 -4.47
C GLU A 295 8.95 4.21 -2.98
N THR A 296 8.79 5.27 -2.21
CA THR A 296 8.56 5.14 -0.79
C THR A 296 7.14 4.65 -0.52
N PHE A 297 6.54 3.99 -1.50
CA PHE A 297 5.18 3.49 -1.34
C PHE A 297 5.11 2.55 -0.14
N ARG A 298 6.00 1.57 -0.11
CA ARG A 298 6.05 0.61 1.01
C ARG A 298 7.30 0.85 1.83
N LEU A 299 7.24 0.48 3.11
CA LEU A 299 8.38 0.64 4.00
C LEU A 299 8.88 -0.70 4.49
N ASP A 300 10.17 -0.96 4.29
CA ASP A 300 10.78 -2.22 4.71
C ASP A 300 12.23 -2.00 5.12
N TYR A 301 12.81 -2.98 5.81
CA TYR A 301 14.19 -2.88 6.27
C TYR A 301 15.10 -2.45 5.12
N TYR A 302 14.82 -2.96 3.92
CA TYR A 302 15.62 -2.63 2.76
C TYR A 302 15.37 -1.19 2.30
N SER A 303 14.15 -0.93 1.85
CA SER A 303 13.80 0.41 1.38
C SER A 303 13.96 1.44 2.48
N ALA A 304 13.74 1.03 3.72
CA ALA A 304 13.85 1.93 4.84
C ALA A 304 15.21 2.60 4.86
N MET A 305 16.20 1.95 4.26
CA MET A 305 17.55 2.52 4.22
C MET A 305 17.57 3.82 3.42
N GLN A 306 16.84 3.86 2.32
CA GLN A 306 16.77 5.05 1.49
C GLN A 306 15.84 6.09 2.10
N VAL A 307 14.66 5.63 2.55
CA VAL A 307 13.69 6.53 3.16
C VAL A 307 14.23 7.09 4.47
N LEU A 308 14.85 6.23 5.26
CA LEU A 308 15.37 6.66 6.55
C LEU A 308 16.41 7.75 6.37
N ASP A 309 17.34 7.54 5.44
CA ASP A 309 18.37 8.54 5.18
C ASP A 309 17.77 9.78 4.51
N ARG A 310 16.84 9.55 3.59
CA ARG A 310 16.21 10.62 2.85
C ARG A 310 15.46 11.54 3.82
N LEU A 311 14.83 10.95 4.83
CA LEU A 311 14.09 11.72 5.81
C LEU A 311 14.99 12.17 6.94
N LYS A 312 16.28 11.90 6.81
CA LYS A 312 17.27 12.28 7.83
C LYS A 312 18.21 13.35 7.29
N ALA A 313 18.16 13.57 5.98
CA ALA A 313 19.01 14.56 5.35
C ALA A 313 18.68 15.96 5.87
N LEU A 314 17.39 16.20 6.10
CA LEU A 314 16.97 17.50 6.58
C LEU A 314 17.60 17.80 7.93
N PHE A 315 17.51 16.84 8.84
CA PHE A 315 18.09 17.01 10.18
C PHE A 315 19.59 16.80 10.13
N ALA A 24 1.20 -24.78 7.56
CA ALA A 24 1.58 -26.03 8.29
C ALA A 24 2.26 -26.98 7.32
N ASP A 25 2.66 -28.15 7.83
CA ASP A 25 3.34 -29.14 7.00
C ASP A 25 2.32 -30.09 6.37
N TRP A 26 1.04 -29.90 6.72
CA TRP A 26 -0.01 -30.75 6.19
C TRP A 26 -1.29 -29.93 5.95
N PRO A 27 -2.31 -30.56 5.46
CA PRO A 27 -3.61 -29.90 5.18
C PRO A 27 -4.25 -29.32 6.44
N ARG A 28 -4.92 -28.19 6.29
CA ARG A 28 -5.57 -27.53 7.42
C ARG A 28 -6.71 -26.65 6.96
N GLN A 29 -7.37 -25.98 7.90
CA GLN A 29 -8.49 -25.09 7.57
C GLN A 29 -8.14 -23.66 7.95
N ILE A 30 -8.49 -22.73 7.05
CA ILE A 30 -8.21 -21.31 7.30
C ILE A 30 -9.50 -20.51 7.21
N THR A 31 -9.59 -19.44 8.01
CA THR A 31 -10.78 -18.59 8.00
C THR A 31 -10.41 -17.15 7.63
N ASP A 32 -11.22 -16.55 6.76
CA ASP A 32 -10.97 -15.18 6.33
C ASP A 32 -11.85 -14.21 7.10
N SER A 33 -12.32 -13.16 6.43
CA SER A 33 -13.18 -12.17 7.06
C SER A 33 -14.50 -12.81 7.50
N ARG A 34 -15.00 -13.74 6.69
CA ARG A 34 -16.25 -14.42 7.02
C ARG A 34 -16.24 -15.85 6.46
N GLY A 35 -16.25 -15.96 5.13
CA GLY A 35 -16.25 -17.27 4.49
C GLY A 35 -15.04 -18.08 4.92
N THR A 36 -15.23 -19.38 5.08
CA THR A 36 -14.13 -20.26 5.50
C THR A 36 -13.78 -21.22 4.37
N HIS A 37 -12.48 -21.32 4.09
CA HIS A 37 -12.01 -22.20 3.02
C HIS A 37 -11.06 -23.26 3.58
N THR A 38 -11.33 -24.52 3.26
CA THR A 38 -10.51 -25.62 3.74
C THR A 38 -9.32 -25.83 2.82
N LEU A 39 -8.13 -25.92 3.40
CA LEU A 39 -6.91 -26.12 2.62
C LEU A 39 -6.55 -27.61 2.60
N GLU A 40 -7.23 -28.37 1.76
CA GLU A 40 -6.98 -29.79 1.65
C GLU A 40 -5.58 -30.05 1.08
N SER A 41 -5.13 -29.15 0.22
CA SER A 41 -3.81 -29.28 -0.39
C SER A 41 -3.58 -28.17 -1.40
N GLN A 42 -2.71 -27.22 -1.04
CA GLN A 42 -2.41 -26.09 -1.91
C GLN A 42 -0.92 -26.06 -2.24
N PRO A 43 -0.53 -26.69 -3.31
CA PRO A 43 0.89 -26.72 -3.77
C PRO A 43 1.45 -25.33 -3.98
N GLN A 44 2.75 -25.17 -3.74
CA GLN A 44 3.40 -23.87 -3.89
C GLN A 44 2.89 -23.14 -5.12
N ARG A 45 1.74 -22.48 -4.97
CA ARG A 45 1.14 -21.74 -6.08
C ARG A 45 0.32 -20.57 -5.56
N ILE A 46 1.00 -19.59 -4.97
CA ILE A 46 0.32 -18.42 -4.42
C ILE A 46 -0.08 -17.47 -5.53
N VAL A 47 -1.35 -17.04 -5.50
CA VAL A 47 -1.87 -16.13 -6.52
C VAL A 47 -2.40 -14.86 -5.86
N SER A 48 -2.28 -13.74 -6.56
CA SER A 48 -2.76 -12.47 -6.02
C SER A 48 -3.50 -11.68 -7.09
N THR A 49 -4.55 -10.97 -6.68
CA THR A 49 -5.33 -10.17 -7.63
C THR A 49 -4.93 -8.70 -7.55
N SER A 50 -5.07 -8.11 -6.36
CA SER A 50 -4.72 -6.71 -6.17
C SER A 50 -3.21 -6.56 -6.02
N VAL A 51 -2.70 -5.37 -6.35
CA VAL A 51 -1.29 -5.10 -6.22
C VAL A 51 -0.89 -4.92 -4.76
N THR A 52 -1.88 -4.60 -3.92
CA THR A 52 -1.60 -4.37 -2.50
C THR A 52 -1.02 -5.64 -1.86
N LEU A 53 -1.71 -6.76 -2.05
CA LEU A 53 -1.23 -8.03 -1.53
C LEU A 53 0.06 -8.44 -2.22
N THR A 54 0.09 -8.27 -3.54
CA THR A 54 1.26 -8.67 -4.33
C THR A 54 2.54 -8.24 -3.61
N GLY A 55 2.62 -6.96 -3.26
CA GLY A 55 3.79 -6.44 -2.55
C GLY A 55 3.82 -6.96 -1.11
N SER A 56 2.65 -7.07 -0.50
CA SER A 56 2.55 -7.54 0.87
C SER A 56 3.07 -8.97 0.98
N LEU A 57 2.65 -9.81 0.04
CA LEU A 57 3.07 -11.21 0.02
C LEU A 57 4.57 -11.32 -0.24
N LEU A 58 5.05 -10.51 -1.17
CA LEU A 58 6.46 -10.53 -1.51
C LEU A 58 7.33 -10.13 -0.34
N ALA A 59 6.87 -9.14 0.41
CA ALA A 59 7.62 -8.64 1.55
C ALA A 59 7.83 -9.74 2.59
N ILE A 60 6.83 -10.60 2.74
CA ILE A 60 6.90 -11.68 3.72
C ILE A 60 7.48 -12.94 3.09
N ASP A 61 8.30 -12.77 2.07
CA ASP A 61 8.92 -13.91 1.40
C ASP A 61 7.87 -14.87 0.88
N ALA A 62 6.90 -14.34 0.13
CA ALA A 62 5.83 -15.17 -0.43
C ALA A 62 5.51 -14.72 -1.85
N PRO A 63 6.35 -15.07 -2.79
CA PRO A 63 6.17 -14.68 -4.22
C PRO A 63 4.92 -15.28 -4.82
N VAL A 64 4.33 -14.57 -5.79
CA VAL A 64 3.12 -15.04 -6.45
C VAL A 64 3.42 -15.37 -7.91
N ILE A 65 2.88 -16.51 -8.36
CA ILE A 65 3.08 -16.93 -9.75
C ILE A 65 2.33 -16.02 -10.71
N ALA A 66 1.09 -15.67 -10.37
CA ALA A 66 0.28 -14.83 -11.23
C ALA A 66 -0.24 -13.62 -10.45
N SER A 67 -0.08 -12.44 -11.05
CA SER A 67 -0.52 -11.21 -10.41
C SER A 67 -0.78 -10.14 -11.45
N GLY A 68 -1.41 -9.04 -11.03
CA GLY A 68 -1.72 -7.93 -11.94
C GLY A 68 -0.82 -6.74 -11.65
N ALA A 69 -1.05 -5.65 -12.39
CA ALA A 69 -0.27 -4.42 -12.20
C ALA A 69 -1.20 -3.21 -12.15
N THR A 70 -0.62 -2.06 -11.82
CA THR A 70 -1.40 -0.82 -11.73
C THR A 70 -0.69 0.31 -12.46
N THR A 71 -0.21 1.28 -11.69
CA THR A 71 0.48 2.43 -12.28
C THR A 71 1.99 2.29 -12.10
N PRO A 72 2.74 3.25 -12.58
CA PRO A 72 4.22 3.24 -12.47
C PRO A 72 4.70 3.25 -11.01
N ASN A 73 4.29 2.24 -10.27
CA ASN A 73 4.66 2.13 -8.87
C ASN A 73 6.14 1.95 -8.74
N ASN A 74 6.76 1.24 -9.69
CA ASN A 74 8.20 0.98 -9.68
C ASN A 74 8.47 -0.38 -9.03
N ARG A 75 7.69 -0.71 -8.00
CA ARG A 75 7.85 -1.99 -7.31
C ARG A 75 7.56 -3.14 -8.28
N VAL A 76 6.56 -2.96 -9.11
CA VAL A 76 6.18 -3.99 -10.09
C VAL A 76 7.19 -4.01 -11.24
N ALA A 77 7.84 -2.88 -11.48
CA ALA A 77 8.82 -2.77 -12.55
C ALA A 77 9.82 -3.93 -12.49
N ASP A 78 10.85 -3.87 -13.33
CA ASP A 78 11.85 -4.91 -13.36
C ASP A 78 12.75 -4.84 -12.13
N ASP A 79 13.99 -5.31 -12.28
CA ASP A 79 14.94 -5.29 -11.17
C ASP A 79 15.08 -3.89 -10.60
N GLN A 80 14.46 -2.92 -11.27
CA GLN A 80 14.52 -1.54 -10.81
C GLN A 80 13.41 -1.25 -9.80
N GLY A 81 13.81 -0.98 -8.57
CA GLY A 81 12.84 -0.68 -7.52
C GLY A 81 12.30 -1.96 -6.89
N PHE A 82 13.14 -2.63 -6.11
CA PHE A 82 12.75 -3.86 -5.43
C PHE A 82 13.37 -3.94 -4.04
N LEU A 83 12.66 -4.57 -3.11
CA LEU A 83 13.18 -4.73 -1.75
C LEU A 83 14.04 -5.98 -1.67
N ARG A 84 13.47 -7.08 -1.18
CA ARG A 84 14.19 -8.34 -1.07
C ARG A 84 14.58 -8.84 -2.44
N GLN A 85 13.65 -8.76 -3.39
CA GLN A 85 13.90 -9.19 -4.77
C GLN A 85 13.50 -10.64 -4.97
N TRP A 86 12.27 -10.97 -4.60
CA TRP A 86 11.76 -12.33 -4.76
C TRP A 86 10.82 -12.42 -5.95
N SER A 87 10.48 -11.27 -6.52
CA SER A 87 9.58 -11.22 -7.66
C SER A 87 10.22 -11.89 -8.88
N LYS A 88 11.54 -11.76 -8.99
CA LYS A 88 12.26 -12.36 -10.10
C LYS A 88 11.87 -13.82 -10.27
N VAL A 89 11.38 -14.43 -9.20
CA VAL A 89 10.96 -15.83 -9.26
C VAL A 89 9.68 -15.97 -10.09
N ALA A 90 8.71 -15.09 -9.84
CA ALA A 90 7.44 -15.14 -10.56
C ALA A 90 7.69 -14.94 -12.05
N LYS A 91 8.47 -13.91 -12.39
CA LYS A 91 8.76 -13.61 -13.79
C LYS A 91 9.53 -14.78 -14.42
N GLU A 92 10.44 -15.37 -13.64
CA GLU A 92 11.23 -16.49 -14.14
C GLU A 92 10.33 -17.57 -14.69
N ARG A 93 9.15 -17.72 -14.09
CA ARG A 93 8.19 -18.73 -14.53
C ARG A 93 7.28 -18.17 -15.60
N LYS A 94 7.50 -16.91 -15.98
CA LYS A 94 6.70 -16.25 -17.01
C LYS A 94 5.42 -15.72 -16.42
N LEU A 95 4.70 -16.56 -15.68
CA LEU A 95 3.44 -16.15 -15.05
C LEU A 95 3.62 -14.81 -14.41
N GLN A 96 2.51 -14.06 -14.28
CA GLN A 96 2.53 -12.71 -13.69
C GLN A 96 2.01 -11.68 -14.68
N ARG A 97 0.70 -11.41 -14.62
CA ARG A 97 0.09 -10.43 -15.52
C ARG A 97 0.46 -9.02 -15.07
N LEU A 98 0.67 -8.14 -16.04
CA LEU A 98 1.03 -6.76 -15.75
C LEU A 98 0.18 -5.80 -16.56
N TYR A 99 -1.03 -6.24 -16.91
CA TYR A 99 -1.94 -5.40 -17.69
C TYR A 99 -3.37 -5.57 -17.20
N ILE A 100 -4.08 -4.45 -17.09
CA ILE A 100 -5.47 -4.46 -16.64
C ILE A 100 -6.32 -3.55 -17.50
N GLY A 101 -7.65 -3.71 -17.40
CA GLY A 101 -8.58 -2.89 -18.17
C GLY A 101 -9.79 -3.70 -18.58
N GLU A 102 -9.61 -5.01 -18.73
CA GLU A 102 -10.72 -5.88 -19.12
C GLU A 102 -10.49 -7.29 -18.59
N PRO A 103 -10.59 -7.47 -17.31
CA PRO A 103 -10.38 -8.79 -16.65
C PRO A 103 -11.35 -9.85 -17.16
N SER A 104 -10.88 -11.09 -17.25
CA SER A 104 -11.72 -12.19 -17.73
C SER A 104 -11.57 -13.40 -16.81
N ALA A 105 -12.70 -14.02 -16.49
CA ALA A 105 -12.70 -15.20 -15.63
C ALA A 105 -12.04 -16.38 -16.34
N GLU A 106 -12.30 -16.49 -17.64
CA GLU A 106 -11.73 -17.59 -18.41
C GLU A 106 -10.22 -17.48 -18.47
N ALA A 107 -9.72 -16.26 -18.66
CA ALA A 107 -8.29 -16.03 -18.74
C ALA A 107 -7.61 -16.43 -17.42
N VAL A 108 -8.25 -16.08 -16.31
CA VAL A 108 -7.72 -16.41 -15.00
C VAL A 108 -7.67 -17.93 -14.83
N ALA A 109 -8.73 -18.59 -15.24
CA ALA A 109 -8.80 -20.05 -15.12
C ALA A 109 -7.70 -20.70 -15.94
N ALA A 110 -7.37 -20.10 -17.08
CA ALA A 110 -6.33 -20.62 -17.95
C ALA A 110 -4.99 -20.64 -17.23
N GLN A 111 -4.89 -19.86 -16.15
CA GLN A 111 -3.66 -19.79 -15.38
C GLN A 111 -3.62 -20.90 -14.33
N MET A 112 -4.72 -21.62 -14.20
CA MET A 112 -4.80 -22.71 -13.23
C MET A 112 -4.30 -22.23 -11.87
N PRO A 113 -4.87 -21.18 -11.34
CA PRO A 113 -4.49 -20.63 -10.02
C PRO A 113 -4.90 -21.54 -8.87
N ASP A 114 -4.12 -21.51 -7.78
CA ASP A 114 -4.42 -22.34 -6.61
C ASP A 114 -5.07 -21.51 -5.53
N LEU A 115 -4.28 -20.67 -4.88
CA LEU A 115 -4.80 -19.81 -3.81
C LEU A 115 -4.77 -18.35 -4.24
N ILE A 116 -5.96 -17.76 -4.39
CA ILE A 116 -6.07 -16.37 -4.81
C ILE A 116 -6.39 -15.48 -3.62
N LEU A 117 -5.58 -14.44 -3.44
CA LEU A 117 -5.79 -13.51 -2.32
C LEU A 117 -6.24 -12.15 -2.84
N ILE A 118 -7.27 -11.59 -2.19
CA ILE A 118 -7.82 -10.30 -2.59
C ILE A 118 -7.73 -9.31 -1.44
N SER A 119 -7.38 -8.06 -1.77
CA SER A 119 -7.27 -7.02 -0.76
C SER A 119 -8.64 -6.42 -0.46
N ALA A 120 -8.71 -5.62 0.61
CA ALA A 120 -9.96 -4.99 1.00
C ALA A 120 -10.46 -4.08 -0.11
N THR A 121 -9.52 -3.40 -0.77
CA THR A 121 -9.88 -2.48 -1.87
C THR A 121 -8.90 -2.62 -3.02
N GLY A 122 -9.33 -2.22 -4.21
CA GLY A 122 -8.48 -2.30 -5.39
C GLY A 122 -8.92 -1.29 -6.45
N GLY A 123 -8.18 -1.23 -7.54
CA GLY A 123 -8.49 -0.31 -8.62
C GLY A 123 -9.87 -0.60 -9.22
N ASP A 124 -10.23 -1.88 -9.25
CA ASP A 124 -11.52 -2.29 -9.80
C ASP A 124 -12.29 -3.12 -8.77
N SER A 125 -13.62 -3.07 -8.85
CA SER A 125 -14.47 -3.80 -7.94
C SER A 125 -14.25 -5.30 -8.10
N ALA A 126 -14.25 -6.03 -6.98
CA ALA A 126 -14.04 -7.47 -7.01
C ALA A 126 -15.23 -8.20 -6.40
N LEU A 127 -16.31 -7.46 -6.16
CA LEU A 127 -17.51 -8.04 -5.57
C LEU A 127 -18.06 -9.14 -6.47
N ALA A 128 -18.01 -8.91 -7.77
CA ALA A 128 -18.51 -9.90 -8.73
C ALA A 128 -17.44 -10.96 -9.03
N LEU A 129 -16.20 -10.52 -9.06
CA LEU A 129 -15.08 -11.43 -9.31
C LEU A 129 -14.86 -12.35 -8.12
N TYR A 130 -15.08 -11.82 -6.93
CA TYR A 130 -14.87 -12.59 -5.71
C TYR A 130 -15.42 -14.01 -5.86
N ASP A 131 -16.73 -14.10 -6.05
CA ASP A 131 -17.37 -15.41 -6.18
C ASP A 131 -16.90 -16.12 -7.44
N GLN A 132 -16.81 -15.37 -8.53
CA GLN A 132 -16.39 -15.96 -9.80
C GLN A 132 -14.96 -16.49 -9.68
N LEU A 133 -14.16 -15.83 -8.86
CA LEU A 133 -12.78 -16.26 -8.64
C LEU A 133 -12.73 -17.50 -7.77
N SER A 134 -13.58 -17.52 -6.74
CA SER A 134 -13.61 -18.66 -5.82
C SER A 134 -13.90 -19.95 -6.58
N THR A 135 -14.93 -19.93 -7.41
CA THR A 135 -15.30 -21.09 -8.20
C THR A 135 -14.08 -21.61 -8.97
N ILE A 136 -13.33 -20.69 -9.55
CA ILE A 136 -12.13 -21.05 -10.31
C ILE A 136 -11.06 -21.64 -9.39
N ALA A 137 -10.88 -21.02 -8.23
CA ALA A 137 -9.89 -21.48 -7.28
C ALA A 137 -10.06 -20.78 -5.93
N PRO A 138 -9.68 -21.42 -4.86
CA PRO A 138 -9.78 -20.86 -3.50
C PRO A 138 -9.46 -19.37 -3.46
N THR A 139 -10.50 -18.55 -3.29
CA THR A 139 -10.31 -17.10 -3.24
C THR A 139 -10.55 -16.60 -1.82
N LEU A 140 -9.54 -15.95 -1.25
CA LEU A 140 -9.64 -15.41 0.11
C LEU A 140 -9.58 -13.90 0.09
N ILE A 141 -10.19 -13.27 1.10
CA ILE A 141 -10.20 -11.82 1.19
C ILE A 141 -9.72 -11.37 2.56
N ILE A 142 -8.79 -10.42 2.58
CA ILE A 142 -8.25 -9.91 3.84
C ILE A 142 -8.61 -8.45 4.02
N ASN A 143 -9.19 -8.13 5.19
CA ASN A 143 -9.57 -6.75 5.48
C ASN A 143 -8.54 -6.09 6.38
N TYR A 144 -7.72 -5.21 5.80
CA TYR A 144 -6.69 -4.52 6.58
C TYR A 144 -7.12 -3.11 6.93
N ASP A 145 -8.21 -2.66 6.31
CA ASP A 145 -8.71 -1.32 6.57
C ASP A 145 -9.20 -1.19 8.00
N ASP A 146 -9.73 -2.28 8.54
CA ASP A 146 -10.25 -2.28 9.92
C ASP A 146 -9.23 -2.89 10.86
N LYS A 147 -8.03 -3.16 10.35
CA LYS A 147 -6.97 -3.76 11.17
C LYS A 147 -5.65 -3.03 10.95
N SER A 148 -4.79 -3.05 11.96
CA SER A 148 -3.50 -2.39 11.87
C SER A 148 -2.52 -3.22 11.03
N TRP A 149 -1.42 -2.61 10.63
CA TRP A 149 -0.43 -3.29 9.80
C TRP A 149 0.09 -4.54 10.52
N GLN A 150 0.47 -4.38 11.78
CA GLN A 150 0.99 -5.50 12.55
C GLN A 150 -0.02 -6.65 12.54
N SER A 151 -1.29 -6.32 12.72
CA SER A 151 -2.35 -7.33 12.70
C SER A 151 -2.43 -7.98 11.32
N LEU A 152 -2.28 -7.17 10.28
CA LEU A 152 -2.34 -7.67 8.91
C LEU A 152 -1.24 -8.70 8.68
N LEU A 153 -0.03 -8.39 9.14
CA LEU A 153 1.09 -9.28 8.98
C LEU A 153 0.82 -10.60 9.70
N THR A 154 0.28 -10.51 10.91
CA THR A 154 -0.02 -11.71 11.69
C THR A 154 -0.92 -12.63 10.89
N GLN A 155 -1.97 -12.06 10.27
CA GLN A 155 -2.89 -12.86 9.47
C GLN A 155 -2.16 -13.51 8.30
N LEU A 156 -1.26 -12.76 7.68
CA LEU A 156 -0.50 -13.28 6.55
C LEU A 156 0.35 -14.46 6.97
N GLY A 157 0.97 -14.34 8.12
CA GLY A 157 1.81 -15.41 8.64
C GLY A 157 0.97 -16.64 8.97
N GLU A 158 -0.21 -16.41 9.54
CA GLU A 158 -1.09 -17.51 9.90
C GLU A 158 -1.68 -18.16 8.64
N ILE A 159 -2.14 -17.34 7.72
CA ILE A 159 -2.73 -17.84 6.49
C ILE A 159 -1.69 -18.57 5.65
N THR A 160 -0.50 -17.98 5.54
CA THR A 160 0.57 -18.57 4.76
C THR A 160 1.46 -19.44 5.63
N GLY A 161 1.25 -19.38 6.94
CA GLY A 161 2.04 -20.17 7.87
C GLY A 161 3.50 -19.73 7.85
N HIS A 162 3.72 -18.46 7.51
CA HIS A 162 5.08 -17.91 7.45
C HIS A 162 5.38 -17.08 8.69
N GLU A 163 5.11 -17.65 9.85
CA GLU A 163 5.34 -16.95 11.11
C GLU A 163 6.85 -16.79 11.36
N LYS A 164 7.61 -17.83 11.03
CA LYS A 164 9.05 -17.80 11.23
C LYS A 164 9.68 -16.66 10.44
N GLN A 165 9.29 -16.54 9.17
CA GLN A 165 9.82 -15.49 8.32
C GLN A 165 9.49 -14.13 8.90
N ALA A 166 8.28 -13.99 9.43
CA ALA A 166 7.85 -12.73 10.03
C ALA A 166 8.74 -12.38 11.23
N ALA A 167 9.07 -13.39 12.02
CA ALA A 167 9.93 -13.18 13.19
C ALA A 167 11.31 -12.69 12.76
N GLU A 168 11.73 -13.10 11.56
CA GLU A 168 13.02 -12.69 11.03
C GLU A 168 13.00 -11.23 10.60
N ARG A 169 12.05 -10.89 9.73
CA ARG A 169 11.93 -9.52 9.24
C ARG A 169 11.56 -8.57 10.37
N ILE A 170 10.65 -9.01 11.23
CA ILE A 170 10.21 -8.19 12.35
C ILE A 170 11.37 -7.90 13.28
N ALA A 171 12.17 -8.93 13.57
CA ALA A 171 13.31 -8.77 14.47
C ALA A 171 14.30 -7.77 13.87
N GLN A 172 14.80 -8.09 12.67
CA GLN A 172 15.78 -7.23 12.01
C GLN A 172 15.22 -5.83 11.86
N PHE A 173 13.91 -5.73 11.65
CA PHE A 173 13.26 -4.43 11.50
C PHE A 173 13.00 -3.79 12.86
N ASP A 174 12.67 -4.62 13.84
CA ASP A 174 12.37 -4.13 15.18
C ASP A 174 13.53 -3.29 15.69
N LYS A 175 14.75 -3.75 15.46
CA LYS A 175 15.93 -3.02 15.91
C LYS A 175 15.99 -1.65 15.23
N GLN A 176 15.70 -1.61 13.94
CA GLN A 176 15.72 -0.36 13.19
C GLN A 176 14.66 0.60 13.72
N LEU A 177 13.50 0.05 14.08
CA LEU A 177 12.42 0.86 14.60
C LEU A 177 12.83 1.54 15.90
N ALA A 178 13.51 0.78 16.76
CA ALA A 178 13.95 1.33 18.04
C ALA A 178 14.92 2.49 17.82
N ALA A 179 15.97 2.25 17.03
CA ALA A 179 16.95 3.28 16.74
C ALA A 179 16.32 4.40 15.92
N ALA A 180 15.50 4.03 14.94
CA ALA A 180 14.85 5.01 14.09
C ALA A 180 13.89 5.87 14.90
N LYS A 181 13.18 5.25 15.83
CA LYS A 181 12.24 5.97 16.68
C LYS A 181 12.97 6.99 17.53
N GLU A 182 14.21 6.67 17.91
CA GLU A 182 15.00 7.58 18.74
C GLU A 182 15.89 8.46 17.86
N GLN A 183 16.15 8.02 16.65
CA GLN A 183 17.01 8.77 15.73
C GLN A 183 16.35 10.09 15.36
N ILE A 184 15.05 10.06 15.11
CA ILE A 184 14.31 11.27 14.75
C ILE A 184 14.07 12.14 15.96
N LYS A 185 14.32 13.44 15.82
CA LYS A 185 14.12 14.37 16.93
C LYS A 185 13.25 15.54 16.49
N LEU A 186 12.01 15.55 16.94
CA LEU A 186 11.09 16.61 16.58
C LEU A 186 9.74 16.44 17.31
N PRO A 187 9.28 17.47 17.97
CA PRO A 187 8.00 17.42 18.71
C PRO A 187 6.89 16.72 17.92
N PRO A 188 5.94 16.12 18.61
CA PRO A 188 4.81 15.42 17.95
C PRO A 188 3.85 16.39 17.26
N GLN A 189 3.34 15.97 16.10
CA GLN A 189 2.40 16.80 15.37
C GLN A 189 1.78 16.01 14.20
N PRO A 190 0.55 16.29 13.88
CA PRO A 190 -0.15 15.62 12.74
C PRO A 190 0.42 16.02 11.39
N VAL A 191 0.27 15.13 10.41
CA VAL A 191 0.77 15.40 9.07
C VAL A 191 -0.24 14.95 8.02
N THR A 192 -0.07 15.44 6.79
CA THR A 192 -0.97 15.08 5.70
C THR A 192 -0.20 14.95 4.39
N ALA A 193 -0.87 14.43 3.37
CA ALA A 193 -0.23 14.27 2.06
C ALA A 193 -1.27 14.44 0.95
N ILE A 194 -0.90 15.16 -0.10
CA ILE A 194 -1.81 15.38 -1.22
C ILE A 194 -1.09 15.15 -2.54
N VAL A 195 -1.81 14.64 -3.54
CA VAL A 195 -1.23 14.41 -4.85
C VAL A 195 -2.16 14.93 -5.94
N TYR A 196 -1.60 15.67 -6.88
CA TYR A 196 -2.38 16.22 -7.98
C TYR A 196 -1.51 16.41 -9.21
N THR A 197 -2.14 16.39 -10.39
CA THR A 197 -1.40 16.57 -11.64
C THR A 197 -1.97 17.77 -12.41
N ALA A 198 -1.10 18.73 -12.70
CA ALA A 198 -1.51 19.92 -13.43
C ALA A 198 -2.04 19.54 -14.82
N ALA A 199 -1.58 18.42 -15.32
CA ALA A 199 -2.03 17.94 -16.64
C ALA A 199 -3.45 17.39 -16.56
N ALA A 200 -3.68 16.51 -15.60
CA ALA A 200 -4.99 15.89 -15.44
C ALA A 200 -5.98 16.90 -14.86
N HIS A 201 -5.46 18.03 -14.39
CA HIS A 201 -6.30 19.08 -13.81
C HIS A 201 -7.25 18.48 -12.79
N SER A 202 -6.74 17.57 -11.97
CA SER A 202 -7.56 16.93 -10.93
C SER A 202 -6.80 16.87 -9.62
N ALA A 203 -7.53 17.02 -8.51
CA ALA A 203 -6.91 16.99 -7.19
C ALA A 203 -7.33 15.73 -6.44
N ASN A 204 -6.36 14.85 -6.18
CA ASN A 204 -6.64 13.61 -5.47
C ASN A 204 -5.82 13.54 -4.19
N LEU A 205 -6.47 13.17 -3.09
CA LEU A 205 -5.79 13.06 -1.81
C LEU A 205 -5.72 11.61 -1.35
N TRP A 206 -4.62 11.28 -0.66
CA TRP A 206 -4.43 9.91 -0.16
C TRP A 206 -4.82 9.85 1.31
N THR A 207 -5.69 8.89 1.64
CA THR A 207 -6.13 8.73 3.02
C THR A 207 -5.28 7.71 3.75
N PRO A 208 -5.19 7.83 5.06
CA PRO A 208 -4.41 6.88 5.90
C PRO A 208 -5.04 5.49 5.94
N GLU A 209 -6.32 5.42 5.57
CA GLU A 209 -7.03 4.14 5.57
C GLU A 209 -6.22 3.08 4.85
N SER A 210 -5.27 3.52 4.04
CA SER A 210 -4.42 2.59 3.28
C SER A 210 -3.39 1.96 4.21
N ALA A 211 -2.72 0.91 3.72
CA ALA A 211 -1.72 0.22 4.51
C ALA A 211 -0.59 1.18 4.90
N GLN A 212 -0.27 2.10 4.00
CA GLN A 212 0.79 3.06 4.25
C GLN A 212 0.51 3.85 5.53
N GLY A 213 -0.75 4.23 5.72
CA GLY A 213 -1.13 4.98 6.91
C GLY A 213 -0.82 4.21 8.17
N GLN A 214 -1.11 2.91 8.18
CA GLN A 214 -0.86 2.08 9.34
C GLN A 214 0.64 2.00 9.63
N MET A 215 1.44 1.91 8.56
CA MET A 215 2.89 1.83 8.72
C MET A 215 3.42 3.09 9.39
N LEU A 216 2.88 4.24 8.96
CA LEU A 216 3.32 5.52 9.55
C LEU A 216 2.97 5.57 11.03
N GLU A 217 1.71 5.26 11.35
CA GLU A 217 1.27 5.27 12.75
C GLU A 217 2.19 4.41 13.60
N GLN A 218 2.73 3.35 13.00
CA GLN A 218 3.63 2.46 13.72
C GLN A 218 4.98 3.14 13.95
N LEU A 219 5.25 4.19 13.17
CA LEU A 219 6.51 4.92 13.30
C LEU A 219 6.39 6.02 14.33
N GLY A 220 5.18 6.23 14.82
CA GLY A 220 4.94 7.26 15.83
C GLY A 220 4.39 8.53 15.20
N PHE A 221 4.14 8.48 13.90
CA PHE A 221 3.60 9.62 13.17
C PHE A 221 2.08 9.62 13.22
N THR A 222 1.49 10.81 13.19
CA THR A 222 0.03 10.93 13.22
C THR A 222 -0.49 11.47 11.90
N LEU A 223 -1.43 10.76 11.30
CA LEU A 223 -2.02 11.16 10.03
C LEU A 223 -3.25 12.02 10.24
N ALA A 224 -3.45 12.98 9.35
CA ALA A 224 -4.61 13.86 9.44
C ALA A 224 -5.88 13.11 9.12
N LYS A 225 -7.00 13.54 9.72
CA LYS A 225 -8.29 12.89 9.49
C LYS A 225 -9.35 13.92 9.15
N LEU A 226 -10.10 13.66 8.07
CA LEU A 226 -11.15 14.57 7.64
C LEU A 226 -12.51 13.91 7.79
N PRO A 227 -13.16 14.14 8.91
CA PRO A 227 -14.51 13.56 9.18
C PRO A 227 -15.51 13.94 8.09
N ALA A 228 -16.34 12.98 7.70
CA ALA A 228 -17.34 13.23 6.65
C ALA A 228 -16.65 13.59 5.33
N GLY A 229 -15.43 14.13 5.43
CA GLY A 229 -14.67 14.50 4.24
C GLY A 229 -14.20 13.28 3.47
N LEU A 230 -13.58 12.34 4.19
CA LEU A 230 -13.07 11.13 3.57
C LEU A 230 -14.18 10.43 2.80
N ASN A 231 -15.39 10.47 3.34
CA ASN A 231 -16.53 9.84 2.67
C ASN A 231 -16.86 10.57 1.37
N ALA A 232 -15.82 11.04 0.67
CA ALA A 232 -16.02 11.75 -0.59
C ALA A 232 -17.24 12.66 -0.51
N SER A 233 -17.02 13.89 -0.06
CA SER A 233 -18.10 14.85 0.06
C SER A 233 -18.38 15.51 -1.28
N GLN A 234 -17.46 15.34 -2.22
CA GLN A 234 -17.61 15.93 -3.55
C GLN A 234 -18.29 14.93 -4.49
N SER A 235 -17.89 13.68 -4.41
CA SER A 235 -18.47 12.63 -5.25
C SER A 235 -19.94 12.41 -4.90
N GLN A 236 -20.33 12.89 -3.73
CA GLN A 236 -21.71 12.71 -3.27
C GLN A 236 -22.10 11.24 -3.27
N GLY A 237 -21.20 10.40 -2.78
CA GLY A 237 -21.46 8.96 -2.74
C GLY A 237 -20.29 8.22 -2.11
N LYS A 238 -20.08 6.98 -2.54
CA LYS A 238 -18.98 6.16 -2.02
C LYS A 238 -18.04 5.76 -3.15
N ARG A 239 -16.75 5.73 -2.85
CA ARG A 239 -15.75 5.35 -3.85
C ARG A 239 -14.53 4.74 -3.17
N HIS A 240 -13.86 3.83 -3.88
CA HIS A 240 -12.67 3.18 -3.33
C HIS A 240 -11.40 3.80 -3.92
N ASP A 241 -10.34 3.01 -4.01
CA ASP A 241 -9.09 3.50 -4.55
C ASP A 241 -8.60 4.73 -3.79
N ILE A 242 -8.99 5.91 -4.27
CA ILE A 242 -8.59 7.16 -3.64
C ILE A 242 -9.81 8.02 -3.35
N ILE A 243 -9.58 9.15 -2.68
CA ILE A 243 -10.67 10.07 -2.33
C ILE A 243 -10.42 11.45 -2.91
N GLN A 244 -11.49 12.09 -3.37
CA GLN A 244 -11.40 13.43 -3.96
C GLN A 244 -11.79 14.48 -2.94
N LEU A 245 -11.53 15.75 -3.27
CA LEU A 245 -11.88 16.85 -2.38
C LEU A 245 -12.25 18.10 -3.17
N GLY A 246 -13.10 18.93 -2.60
CA GLY A 246 -13.53 20.16 -3.26
C GLY A 246 -12.35 21.10 -3.47
N GLY A 247 -11.47 21.17 -2.47
CA GLY A 247 -10.30 22.04 -2.54
C GLY A 247 -10.18 22.89 -1.29
N GLU A 248 -11.07 22.65 -0.32
CA GLU A 248 -11.06 23.41 0.92
C GLU A 248 -9.94 22.91 1.84
N ASN A 249 -9.99 21.63 2.18
CA ASN A 249 -9.00 21.03 3.05
C ASN A 249 -7.61 21.10 2.41
N LEU A 250 -7.58 20.95 1.08
CA LEU A 250 -6.30 21.00 0.36
C LEU A 250 -5.54 22.27 0.72
N ALA A 251 -6.07 23.41 0.29
CA ALA A 251 -5.41 24.68 0.55
C ALA A 251 -5.14 24.84 2.05
N ALA A 252 -6.11 24.45 2.87
CA ALA A 252 -5.96 24.55 4.31
C ALA A 252 -5.02 23.47 4.82
N GLY A 253 -4.21 22.90 3.92
CA GLY A 253 -3.25 21.86 4.28
C GLY A 253 -3.78 21.01 5.44
N LEU A 254 -5.03 20.57 5.33
CA LEU A 254 -5.66 19.79 6.38
C LEU A 254 -5.25 20.30 7.76
N ASN A 255 -4.44 19.52 8.46
CA ASN A 255 -4.01 19.91 9.81
C ASN A 255 -3.23 21.21 9.74
N GLY A 256 -2.31 21.32 8.77
CA GLY A 256 -1.52 22.53 8.62
C GLY A 256 -0.30 22.50 9.53
N GLU A 257 -0.06 21.36 10.17
CA GLU A 257 1.08 21.22 11.08
C GLU A 257 2.23 20.51 10.38
N SER A 258 1.96 19.92 9.23
CA SER A 258 2.99 19.23 8.46
C SER A 258 2.38 18.57 7.23
N LEU A 259 3.13 18.58 6.14
CA LEU A 259 2.67 17.98 4.90
C LEU A 259 3.83 17.41 4.10
N PHE A 260 3.74 16.13 3.74
CA PHE A 260 4.77 15.48 2.93
C PHE A 260 4.38 15.44 1.48
N LEU A 261 5.36 15.62 0.60
CA LEU A 261 5.08 15.62 -0.83
C LEU A 261 5.30 14.24 -1.42
N PHE A 262 4.21 13.56 -1.74
CA PHE A 262 4.30 12.22 -2.33
C PHE A 262 4.07 12.28 -3.83
N ALA A 263 3.58 13.43 -4.30
CA ALA A 263 3.32 13.60 -5.72
C ALA A 263 4.63 13.58 -6.52
N GLY A 264 5.64 14.23 -5.97
CA GLY A 264 6.93 14.29 -6.64
C GLY A 264 7.96 15.03 -5.80
N ASP A 265 9.21 15.03 -6.25
CA ASP A 265 10.28 15.71 -5.52
C ASP A 265 10.16 17.23 -5.68
N GLN A 266 11.13 17.81 -6.36
CA GLN A 266 11.14 19.25 -6.59
C GLN A 266 9.99 19.67 -7.49
N LYS A 267 9.59 18.76 -8.37
CA LYS A 267 8.52 19.04 -9.32
C LYS A 267 7.24 19.41 -8.57
N ASP A 268 6.94 18.64 -7.53
CA ASP A 268 5.74 18.91 -6.73
C ASP A 268 5.85 20.28 -6.04
N ALA A 269 7.03 20.56 -5.47
CA ALA A 269 7.26 21.82 -4.80
C ALA A 269 6.89 22.99 -5.71
N ASP A 270 7.56 23.07 -6.86
CA ASP A 270 7.28 24.14 -7.81
C ASP A 270 5.78 24.22 -8.10
N ALA A 271 5.16 23.05 -8.29
CA ALA A 271 3.73 23.01 -8.57
C ALA A 271 2.96 23.75 -7.48
N ILE A 272 3.33 23.51 -6.23
CA ILE A 272 2.66 24.16 -5.11
C ILE A 272 2.89 25.67 -5.15
N TYR A 273 4.13 26.07 -5.44
CA TYR A 273 4.45 27.48 -5.51
C TYR A 273 3.56 28.19 -6.52
N ALA A 274 3.27 27.50 -7.62
CA ALA A 274 2.42 28.07 -8.65
C ALA A 274 0.96 28.01 -8.23
N ASN A 275 0.72 27.50 -7.03
CA ASN A 275 -0.64 27.38 -6.51
C ASN A 275 -0.82 28.28 -5.28
N PRO A 276 -1.25 29.50 -5.48
CA PRO A 276 -1.48 30.47 -4.38
C PRO A 276 -2.37 29.88 -3.27
N LEU A 277 -3.21 28.94 -3.66
CA LEU A 277 -4.10 28.32 -2.69
C LEU A 277 -3.31 27.56 -1.64
N LEU A 278 -2.26 26.87 -2.08
CA LEU A 278 -1.43 26.09 -1.18
C LEU A 278 -0.21 26.89 -0.74
N ALA A 279 -0.17 28.15 -1.16
CA ALA A 279 0.94 29.03 -0.80
C ALA A 279 0.86 29.41 0.69
N HIS A 280 -0.36 29.57 1.18
CA HIS A 280 -0.56 29.96 2.58
C HIS A 280 -0.41 28.76 3.50
N LEU A 281 -0.04 27.62 2.91
CA LEU A 281 0.13 26.40 3.68
C LEU A 281 1.35 26.52 4.60
N PRO A 282 1.15 26.40 5.89
CA PRO A 282 2.25 26.50 6.88
C PRO A 282 3.48 25.69 6.49
N ALA A 283 3.25 24.51 5.91
CA ALA A 283 4.35 23.65 5.49
C ALA A 283 5.23 24.38 4.47
N VAL A 284 4.60 25.07 3.54
CA VAL A 284 5.35 25.82 2.53
C VAL A 284 6.12 26.97 3.18
N GLN A 285 5.45 27.67 4.08
CA GLN A 285 6.06 28.80 4.77
C GLN A 285 7.23 28.33 5.63
N ASN A 286 7.03 27.20 6.31
CA ASN A 286 8.07 26.65 7.17
C ASN A 286 8.99 25.72 6.38
N LYS A 287 8.55 25.35 5.18
CA LYS A 287 9.33 24.47 4.33
C LYS A 287 9.50 23.10 4.99
N GLN A 288 8.51 22.69 5.76
CA GLN A 288 8.56 21.39 6.44
C GLN A 288 7.97 20.31 5.53
N VAL A 289 8.36 20.34 4.27
CA VAL A 289 7.87 19.34 3.29
C VAL A 289 8.94 18.33 2.98
N TYR A 290 8.56 17.06 2.95
CA TYR A 290 9.51 15.98 2.64
C TYR A 290 9.10 15.26 1.37
N ALA A 291 10.06 15.06 0.47
CA ALA A 291 9.80 14.39 -0.79
C ALA A 291 9.83 12.88 -0.62
N LEU A 292 8.67 12.30 -0.28
CA LEU A 292 8.58 10.87 -0.09
C LEU A 292 8.86 10.13 -1.40
N GLY A 293 8.32 10.66 -2.49
CA GLY A 293 8.52 10.04 -3.80
C GLY A 293 7.56 8.87 -4.00
N THR A 294 7.44 8.41 -5.23
CA THR A 294 6.56 7.29 -5.55
C THR A 294 7.18 5.97 -5.10
N GLU A 295 8.50 5.95 -5.02
CA GLU A 295 9.21 4.75 -4.61
C GLU A 295 8.95 4.45 -3.14
N THR A 296 8.81 5.50 -2.35
CA THR A 296 8.58 5.35 -0.92
C THR A 296 7.16 4.85 -0.65
N PHE A 297 6.54 4.26 -1.67
CA PHE A 297 5.18 3.76 -1.53
C PHE A 297 5.11 2.76 -0.39
N ARG A 298 6.00 1.77 -0.42
CA ARG A 298 6.05 0.76 0.64
C ARG A 298 7.28 0.99 1.50
N LEU A 299 7.18 0.63 2.78
CA LEU A 299 8.28 0.79 3.71
C LEU A 299 8.77 -0.56 4.22
N ASP A 300 10.07 -0.81 4.07
CA ASP A 300 10.65 -2.07 4.53
C ASP A 300 12.11 -1.86 4.95
N TYR A 301 12.67 -2.84 5.64
CA TYR A 301 14.04 -2.75 6.10
C TYR A 301 14.97 -2.32 4.97
N TYR A 302 14.69 -2.82 3.77
CA TYR A 302 15.51 -2.47 2.61
C TYR A 302 15.27 -1.03 2.16
N SER A 303 14.06 -0.75 1.71
CA SER A 303 13.72 0.60 1.25
C SER A 303 13.88 1.61 2.38
N ALA A 304 13.62 1.18 3.60
CA ALA A 304 13.72 2.06 4.75
C ALA A 304 15.09 2.72 4.80
N MET A 305 16.08 2.06 4.23
CA MET A 305 17.44 2.60 4.21
C MET A 305 17.51 3.91 3.45
N GLN A 306 16.80 3.97 2.32
CA GLN A 306 16.78 5.18 1.50
C GLN A 306 15.85 6.22 2.10
N VAL A 307 14.67 5.78 2.51
CA VAL A 307 13.69 6.69 3.11
C VAL A 307 14.20 7.23 4.44
N LEU A 308 14.80 6.35 5.23
CA LEU A 308 15.29 6.75 6.54
C LEU A 308 16.35 7.85 6.40
N ASP A 309 17.29 7.64 5.48
CA ASP A 309 18.34 8.63 5.24
C ASP A 309 17.75 9.87 4.56
N ARG A 310 16.84 9.64 3.63
CA ARG A 310 16.23 10.75 2.89
C ARG A 310 15.48 11.67 3.83
N LEU A 311 14.84 11.08 4.84
CA LEU A 311 14.08 11.85 5.82
C LEU A 311 14.98 12.29 6.96
N LYS A 312 16.27 12.00 6.84
CA LYS A 312 17.23 12.38 7.88
C LYS A 312 18.18 13.45 7.37
N ALA A 313 18.15 13.68 6.06
CA ALA A 313 19.02 14.69 5.44
C ALA A 313 18.68 16.07 5.99
N LEU A 314 17.39 16.33 6.21
CA LEU A 314 16.97 17.62 6.72
C LEU A 314 17.61 17.88 8.09
N PHE A 315 17.51 16.90 8.98
CA PHE A 315 18.08 17.05 10.32
C PHE A 315 19.58 16.77 10.28
N ALA A 24 1.15 -24.67 7.56
CA ALA A 24 1.54 -25.91 8.29
C ALA A 24 2.23 -26.87 7.32
N ASP A 25 2.64 -28.03 7.84
CA ASP A 25 3.31 -29.02 7.00
C ASP A 25 2.30 -29.97 6.38
N TRP A 26 1.03 -29.78 6.72
CA TRP A 26 -0.03 -30.63 6.19
C TRP A 26 -1.31 -29.82 5.96
N PRO A 27 -2.33 -30.46 5.48
CA PRO A 27 -3.64 -29.80 5.21
C PRO A 27 -4.27 -29.23 6.47
N ARG A 28 -4.95 -28.10 6.32
CA ARG A 28 -5.58 -27.46 7.46
C ARG A 28 -6.73 -26.57 7.01
N GLN A 29 -7.39 -25.92 7.96
CA GLN A 29 -8.51 -25.03 7.63
C GLN A 29 -8.17 -23.59 8.00
N ILE A 30 -8.50 -22.66 7.10
CA ILE A 30 -8.24 -21.25 7.33
C ILE A 30 -9.51 -20.44 7.24
N THR A 31 -9.61 -19.37 8.04
CA THR A 31 -10.79 -18.52 8.03
C THR A 31 -10.43 -17.09 7.65
N ASP A 32 -11.23 -16.49 6.79
CA ASP A 32 -10.99 -15.12 6.35
C ASP A 32 -11.87 -14.15 7.13
N SER A 33 -12.34 -13.10 6.45
CA SER A 33 -13.20 -12.11 7.08
C SER A 33 -14.51 -12.75 7.52
N ARG A 34 -15.01 -13.69 6.72
CA ARG A 34 -16.26 -14.37 7.04
C ARG A 34 -16.25 -15.79 6.48
N GLY A 35 -16.26 -15.90 5.15
CA GLY A 35 -16.26 -17.21 4.51
C GLY A 35 -15.05 -18.02 4.94
N THR A 36 -15.24 -19.32 5.11
CA THR A 36 -14.16 -20.21 5.53
C THR A 36 -13.80 -21.16 4.40
N HIS A 37 -12.50 -21.26 4.12
CA HIS A 37 -12.02 -22.15 3.06
C HIS A 37 -11.08 -23.22 3.63
N THR A 38 -11.35 -24.47 3.30
CA THR A 38 -10.53 -25.57 3.79
C THR A 38 -9.33 -25.78 2.87
N LEU A 39 -8.14 -25.86 3.45
CA LEU A 39 -6.92 -26.06 2.67
C LEU A 39 -6.56 -27.54 2.64
N GLU A 40 -7.25 -28.30 1.80
CA GLU A 40 -7.00 -29.72 1.67
C GLU A 40 -5.60 -29.96 1.11
N SER A 41 -5.14 -29.06 0.25
CA SER A 41 -3.83 -29.20 -0.36
C SER A 41 -3.59 -28.07 -1.36
N GLN A 42 -2.71 -27.14 -1.01
CA GLN A 42 -2.41 -26.02 -1.88
C GLN A 42 -0.91 -25.99 -2.22
N PRO A 43 -0.52 -26.62 -3.29
CA PRO A 43 0.90 -26.65 -3.74
C PRO A 43 1.46 -25.26 -3.95
N GLN A 44 2.76 -25.10 -3.71
CA GLN A 44 3.41 -23.81 -3.86
C GLN A 44 2.90 -23.07 -5.10
N ARG A 45 1.75 -22.41 -4.95
CA ARG A 45 1.16 -21.67 -6.06
C ARG A 45 0.35 -20.49 -5.53
N ILE A 46 1.04 -19.52 -4.95
CA ILE A 46 0.37 -18.34 -4.41
C ILE A 46 -0.06 -17.40 -5.51
N VAL A 47 -1.32 -16.98 -5.47
CA VAL A 47 -1.86 -16.07 -6.48
C VAL A 47 -2.40 -14.80 -5.82
N SER A 48 -2.26 -13.68 -6.52
CA SER A 48 -2.72 -12.40 -5.99
C SER A 48 -3.47 -11.61 -7.05
N THR A 49 -4.53 -10.90 -6.64
CA THR A 49 -5.32 -10.11 -7.56
C THR A 49 -4.91 -8.64 -7.51
N SER A 50 -5.03 -8.05 -6.32
CA SER A 50 -4.68 -6.65 -6.15
C SER A 50 -3.17 -6.49 -5.99
N VAL A 51 -2.67 -5.31 -6.33
CA VAL A 51 -1.23 -5.05 -6.21
C VAL A 51 -0.83 -4.85 -4.75
N THR A 52 -1.81 -4.50 -3.92
CA THR A 52 -1.55 -4.26 -2.51
C THR A 52 -0.96 -5.51 -1.86
N LEU A 53 -1.65 -6.64 -2.02
CA LEU A 53 -1.17 -7.91 -1.48
C LEU A 53 0.10 -8.34 -2.17
N THR A 54 0.14 -8.19 -3.51
CA THR A 54 1.29 -8.58 -4.28
C THR A 54 2.58 -8.15 -3.58
N GLY A 55 2.67 -6.87 -3.24
CA GLY A 55 3.84 -6.37 -2.53
C GLY A 55 3.88 -6.86 -1.10
N SER A 56 2.70 -6.96 -0.48
CA SER A 56 2.61 -7.41 0.90
C SER A 56 3.11 -8.85 1.02
N LEU A 57 2.69 -9.70 0.10
CA LEU A 57 3.11 -11.10 0.10
C LEU A 57 4.60 -11.21 -0.18
N LEU A 58 5.08 -10.41 -1.12
CA LEU A 58 6.48 -10.45 -1.50
C LEU A 58 7.37 -10.04 -0.32
N ALA A 59 6.92 -9.04 0.41
CA ALA A 59 7.69 -8.54 1.54
C ALA A 59 7.92 -9.64 2.58
N ILE A 60 6.92 -10.49 2.75
CA ILE A 60 7.01 -11.57 3.72
C ILE A 60 7.57 -12.84 3.09
N ASP A 61 8.40 -12.67 2.07
CA ASP A 61 9.00 -13.81 1.39
C ASP A 61 7.94 -14.77 0.88
N ALA A 62 6.97 -14.23 0.14
CA ALA A 62 5.89 -15.06 -0.40
C ALA A 62 5.55 -14.59 -1.81
N PRO A 63 6.37 -14.93 -2.77
CA PRO A 63 6.16 -14.53 -4.19
C PRO A 63 4.92 -15.15 -4.80
N VAL A 64 4.33 -14.46 -5.77
CA VAL A 64 3.13 -14.95 -6.43
C VAL A 64 3.42 -15.27 -7.89
N ILE A 65 2.88 -16.41 -8.35
CA ILE A 65 3.09 -16.83 -9.72
C ILE A 65 2.35 -15.92 -10.69
N ALA A 66 1.10 -15.58 -10.36
CA ALA A 66 0.28 -14.73 -11.21
C ALA A 66 -0.23 -13.52 -10.43
N SER A 67 -0.06 -12.34 -11.03
CA SER A 67 -0.49 -11.11 -10.38
C SER A 67 -0.76 -10.03 -11.42
N GLY A 68 -1.37 -8.93 -10.99
CA GLY A 68 -1.68 -7.82 -11.89
C GLY A 68 -0.80 -6.63 -11.60
N ALA A 69 -1.02 -5.53 -12.33
CA ALA A 69 -0.24 -4.32 -12.14
C ALA A 69 -1.16 -3.11 -12.06
N THR A 70 -0.59 -1.95 -11.72
CA THR A 70 -1.37 -0.72 -11.62
C THR A 70 -0.65 0.42 -12.33
N THR A 71 -0.16 1.38 -11.55
CA THR A 71 0.53 2.53 -12.11
C THR A 71 2.04 2.38 -11.94
N PRO A 72 2.79 3.34 -12.41
CA PRO A 72 4.28 3.33 -12.30
C PRO A 72 4.76 3.31 -10.84
N ASN A 73 4.35 2.28 -10.11
CA ASN A 73 4.72 2.15 -8.72
C ASN A 73 6.21 1.96 -8.59
N ASN A 74 6.82 1.25 -9.56
CA ASN A 74 8.26 0.99 -9.54
C ASN A 74 8.54 -0.37 -8.91
N ARG A 75 7.77 -0.71 -7.88
CA ARG A 75 7.93 -1.99 -7.21
C ARG A 75 7.63 -3.13 -8.18
N VAL A 76 6.60 -2.94 -9.01
CA VAL A 76 6.23 -3.96 -9.99
C VAL A 76 7.23 -3.98 -11.14
N ALA A 77 7.88 -2.85 -11.38
CA ALA A 77 8.86 -2.74 -12.46
C ALA A 77 9.85 -3.90 -12.39
N ASP A 78 10.88 -3.83 -13.23
CA ASP A 78 11.89 -4.88 -13.27
C ASP A 78 12.80 -4.79 -12.05
N ASP A 79 14.04 -5.26 -12.21
CA ASP A 79 14.99 -5.24 -11.10
C ASP A 79 15.14 -3.84 -10.54
N GLN A 80 14.51 -2.87 -11.19
CA GLN A 80 14.57 -1.48 -10.75
C GLN A 80 13.47 -1.21 -9.72
N GLY A 81 13.88 -0.94 -8.48
CA GLY A 81 12.92 -0.65 -7.43
C GLY A 81 12.39 -1.92 -6.79
N PHE A 82 13.23 -2.58 -6.02
CA PHE A 82 12.83 -3.82 -5.34
C PHE A 82 13.47 -3.91 -3.96
N LEU A 83 12.77 -4.54 -3.03
CA LEU A 83 13.28 -4.71 -1.68
C LEU A 83 14.16 -5.96 -1.60
N ARG A 84 13.58 -7.06 -1.11
CA ARG A 84 14.32 -8.32 -1.01
C ARG A 84 14.68 -8.82 -2.38
N GLN A 85 13.74 -8.73 -3.33
CA GLN A 85 13.97 -9.15 -4.71
C GLN A 85 13.57 -10.61 -4.90
N TRP A 86 12.34 -10.94 -4.52
CA TRP A 86 11.84 -12.31 -4.67
C TRP A 86 10.89 -12.39 -5.87
N SER A 87 10.54 -11.23 -6.42
CA SER A 87 9.62 -11.19 -7.56
C SER A 87 10.25 -11.85 -8.78
N LYS A 88 11.56 -11.72 -8.90
CA LYS A 88 12.28 -12.32 -10.02
C LYS A 88 11.87 -13.78 -10.20
N VAL A 89 11.38 -14.38 -9.13
CA VAL A 89 10.95 -15.78 -9.18
C VAL A 89 9.68 -15.92 -10.01
N ALA A 90 8.72 -15.04 -9.77
CA ALA A 90 7.45 -15.08 -10.49
C ALA A 90 7.69 -14.88 -11.98
N LYS A 91 8.47 -13.85 -12.31
CA LYS A 91 8.77 -13.56 -13.71
C LYS A 91 9.54 -14.73 -14.34
N GLU A 92 10.43 -15.32 -13.57
CA GLU A 92 11.23 -16.45 -14.06
C GLU A 92 10.32 -17.53 -14.61
N ARG A 93 9.13 -17.67 -14.03
CA ARG A 93 8.17 -18.67 -14.48
C ARG A 93 7.27 -18.10 -15.55
N LYS A 94 7.51 -16.84 -15.93
CA LYS A 94 6.72 -16.18 -16.97
C LYS A 94 5.42 -15.63 -16.39
N LEU A 95 4.71 -16.46 -15.63
CA LEU A 95 3.46 -16.05 -15.02
C LEU A 95 3.63 -14.72 -14.37
N GLN A 96 2.52 -13.96 -14.24
CA GLN A 96 2.56 -12.60 -13.65
C GLN A 96 2.03 -11.57 -14.65
N ARG A 97 0.74 -11.30 -14.59
CA ARG A 97 0.13 -10.32 -15.47
C ARG A 97 0.50 -8.91 -15.03
N LEU A 98 0.70 -8.02 -16.00
CA LEU A 98 1.08 -6.64 -15.69
C LEU A 98 0.22 -5.67 -16.48
N TYR A 99 -0.99 -6.10 -16.85
CA TYR A 99 -1.90 -5.27 -17.61
C TYR A 99 -3.33 -5.42 -17.12
N ILE A 100 -4.05 -4.32 -17.02
CA ILE A 100 -5.44 -4.34 -16.56
C ILE A 100 -6.30 -3.43 -17.42
N GLY A 101 -7.62 -3.58 -17.32
CA GLY A 101 -8.54 -2.76 -18.10
C GLY A 101 -9.76 -3.56 -18.50
N GLU A 102 -9.59 -4.88 -18.66
CA GLU A 102 -10.70 -5.75 -19.04
C GLU A 102 -10.45 -7.17 -18.52
N PRO A 103 -10.55 -7.35 -17.23
CA PRO A 103 -10.34 -8.67 -16.59
C PRO A 103 -11.31 -9.73 -17.10
N SER A 104 -10.85 -10.97 -17.19
CA SER A 104 -11.70 -12.06 -17.67
C SER A 104 -11.56 -13.28 -16.76
N ALA A 105 -12.68 -13.90 -16.43
CA ALA A 105 -12.66 -15.09 -15.58
C ALA A 105 -12.01 -16.27 -16.30
N GLU A 106 -12.27 -16.37 -17.59
CA GLU A 106 -11.71 -17.46 -18.39
C GLU A 106 -10.19 -17.35 -18.45
N ALA A 107 -9.69 -16.14 -18.63
CA ALA A 107 -8.25 -15.91 -18.71
C ALA A 107 -7.58 -16.31 -17.40
N VAL A 108 -8.22 -15.96 -16.28
CA VAL A 108 -7.68 -16.29 -14.97
C VAL A 108 -7.63 -17.81 -14.79
N ALA A 109 -8.70 -18.48 -15.21
CA ALA A 109 -8.77 -19.93 -15.09
C ALA A 109 -7.67 -20.59 -15.91
N ALA A 110 -7.34 -19.98 -17.04
CA ALA A 110 -6.29 -20.51 -17.91
C ALA A 110 -4.95 -20.52 -17.19
N GLN A 111 -4.86 -19.74 -16.11
CA GLN A 111 -3.63 -19.67 -15.34
C GLN A 111 -3.59 -20.78 -14.28
N MET A 112 -4.70 -21.50 -14.16
CA MET A 112 -4.77 -22.59 -13.18
C MET A 112 -4.27 -22.12 -11.82
N PRO A 113 -4.86 -21.08 -11.30
CA PRO A 113 -4.47 -20.52 -9.97
C PRO A 113 -4.89 -21.44 -8.82
N ASP A 114 -4.11 -21.42 -7.74
CA ASP A 114 -4.42 -22.25 -6.59
C ASP A 114 -5.07 -21.43 -5.49
N LEU A 115 -4.29 -20.58 -4.83
CA LEU A 115 -4.81 -19.73 -3.77
C LEU A 115 -4.79 -18.28 -4.20
N ILE A 116 -5.99 -17.70 -4.38
CA ILE A 116 -6.10 -16.31 -4.80
C ILE A 116 -6.40 -15.41 -3.61
N LEU A 117 -5.58 -14.38 -3.43
CA LEU A 117 -5.76 -13.45 -2.31
C LEU A 117 -6.24 -12.10 -2.82
N ILE A 118 -7.27 -11.56 -2.17
CA ILE A 118 -7.84 -10.27 -2.57
C ILE A 118 -7.75 -9.28 -1.41
N SER A 119 -7.40 -8.03 -1.74
CA SER A 119 -7.29 -6.99 -0.73
C SER A 119 -8.65 -6.38 -0.42
N ALA A 120 -8.73 -5.60 0.65
CA ALA A 120 -9.99 -4.97 1.04
C ALA A 120 -10.49 -4.05 -0.08
N THR A 121 -9.57 -3.38 -0.75
CA THR A 121 -9.93 -2.47 -1.83
C THR A 121 -8.95 -2.60 -2.99
N GLY A 122 -9.38 -2.19 -4.18
CA GLY A 122 -8.54 -2.27 -5.36
C GLY A 122 -8.97 -1.25 -6.41
N GLY A 123 -8.22 -1.20 -7.51
CA GLY A 123 -8.54 -0.26 -8.59
C GLY A 123 -9.91 -0.55 -9.18
N ASP A 124 -10.27 -1.83 -9.22
CA ASP A 124 -11.56 -2.24 -9.76
C ASP A 124 -12.35 -3.07 -8.75
N SER A 125 -13.68 -3.01 -8.83
CA SER A 125 -14.52 -3.76 -7.91
C SER A 125 -14.30 -5.25 -8.08
N ALA A 126 -14.30 -5.98 -6.96
CA ALA A 126 -14.09 -7.42 -6.99
C ALA A 126 -15.29 -8.15 -6.38
N LEU A 127 -16.36 -7.41 -6.14
CA LEU A 127 -17.55 -7.99 -5.53
C LEU A 127 -18.11 -9.09 -6.44
N ALA A 128 -18.07 -8.87 -7.74
CA ALA A 128 -18.57 -9.85 -8.69
C ALA A 128 -17.50 -10.91 -9.00
N LEU A 129 -16.25 -10.47 -9.03
CA LEU A 129 -15.15 -11.37 -9.29
C LEU A 129 -14.91 -12.29 -8.09
N TYR A 130 -15.13 -11.77 -6.90
CA TYR A 130 -14.92 -12.53 -5.69
C TYR A 130 -15.47 -13.95 -5.82
N ASP A 131 -16.77 -14.06 -6.02
CA ASP A 131 -17.41 -15.36 -6.15
C ASP A 131 -16.94 -16.07 -7.41
N GLN A 132 -16.87 -15.32 -8.51
CA GLN A 132 -16.44 -15.90 -9.78
C GLN A 132 -15.02 -16.44 -9.67
N LEU A 133 -14.21 -15.77 -8.85
CA LEU A 133 -12.83 -16.20 -8.63
C LEU A 133 -12.78 -17.44 -7.76
N SER A 134 -13.62 -17.47 -6.73
CA SER A 134 -13.65 -18.61 -5.81
C SER A 134 -13.93 -19.90 -6.57
N THR A 135 -14.96 -19.87 -7.41
CA THR A 135 -15.31 -21.05 -8.21
C THR A 135 -14.10 -21.56 -8.97
N ILE A 136 -13.33 -20.63 -9.53
CA ILE A 136 -12.13 -21.00 -10.28
C ILE A 136 -11.07 -21.59 -9.36
N ALA A 137 -10.90 -20.98 -8.19
CA ALA A 137 -9.92 -21.46 -7.24
C ALA A 137 -10.09 -20.76 -5.88
N PRO A 138 -9.69 -21.39 -4.82
CA PRO A 138 -9.80 -20.83 -3.46
C PRO A 138 -9.48 -19.33 -3.43
N THR A 139 -10.52 -18.52 -3.25
CA THR A 139 -10.35 -17.07 -3.19
C THR A 139 -10.55 -16.57 -1.77
N LEU A 140 -9.52 -15.93 -1.22
CA LEU A 140 -9.60 -15.39 0.14
C LEU A 140 -9.54 -13.87 0.12
N ILE A 141 -10.13 -13.25 1.13
CA ILE A 141 -10.14 -11.79 1.23
C ILE A 141 -9.67 -11.34 2.61
N ILE A 142 -8.74 -10.40 2.63
CA ILE A 142 -8.20 -9.89 3.89
C ILE A 142 -8.57 -8.42 4.08
N ASN A 143 -9.16 -8.10 5.22
CA ASN A 143 -9.55 -6.73 5.53
C ASN A 143 -8.55 -6.09 6.46
N TYR A 144 -7.70 -5.22 5.91
CA TYR A 144 -6.68 -4.54 6.72
C TYR A 144 -7.11 -3.12 7.04
N ASP A 145 -8.16 -2.66 6.38
CA ASP A 145 -8.66 -1.30 6.60
C ASP A 145 -9.18 -1.15 8.02
N ASP A 146 -9.76 -2.22 8.55
CA ASP A 146 -10.30 -2.19 9.91
C ASP A 146 -9.31 -2.78 10.90
N LYS A 147 -8.09 -3.06 10.43
CA LYS A 147 -7.06 -3.64 11.29
C LYS A 147 -5.73 -2.93 11.07
N SER A 148 -4.86 -2.98 12.07
CA SER A 148 -3.55 -2.33 11.99
C SER A 148 -2.62 -3.14 11.09
N TRP A 149 -1.51 -2.52 10.70
CA TRP A 149 -0.55 -3.20 9.82
C TRP A 149 -0.02 -4.45 10.49
N GLN A 150 0.41 -4.32 11.74
CA GLN A 150 0.94 -5.47 12.48
C GLN A 150 -0.05 -6.62 12.45
N SER A 151 -1.33 -6.29 12.63
CA SER A 151 -2.38 -7.31 12.60
C SER A 151 -2.44 -7.97 11.22
N LEU A 152 -2.30 -7.17 10.18
CA LEU A 152 -2.35 -7.69 8.82
C LEU A 152 -1.23 -8.71 8.60
N LEU A 153 -0.03 -8.39 9.08
CA LEU A 153 1.09 -9.30 8.93
C LEU A 153 0.80 -10.61 9.65
N THR A 154 0.25 -10.51 10.86
CA THR A 154 -0.07 -11.70 11.63
C THR A 154 -0.96 -12.63 10.82
N GLN A 155 -1.98 -12.06 10.18
CA GLN A 155 -2.90 -12.85 9.37
C GLN A 155 -2.15 -13.51 8.21
N LEU A 156 -1.24 -12.77 7.60
CA LEU A 156 -0.46 -13.30 6.49
C LEU A 156 0.38 -14.48 6.93
N GLY A 157 0.99 -14.35 8.10
CA GLY A 157 1.81 -15.44 8.63
C GLY A 157 0.96 -16.66 8.94
N GLU A 158 -0.22 -16.43 9.50
CA GLU A 158 -1.12 -17.52 9.85
C GLU A 158 -1.70 -18.17 8.60
N ILE A 159 -2.16 -17.33 7.67
CA ILE A 159 -2.74 -17.82 6.44
C ILE A 159 -1.71 -18.56 5.60
N THR A 160 -0.52 -17.97 5.50
CA THR A 160 0.56 -18.56 4.71
C THR A 160 1.45 -19.45 5.58
N GLY A 161 1.22 -19.39 6.89
CA GLY A 161 2.00 -20.19 7.83
C GLY A 161 3.46 -19.75 7.82
N HIS A 162 3.69 -18.49 7.45
CA HIS A 162 5.06 -17.95 7.41
C HIS A 162 5.33 -17.09 8.63
N GLU A 163 5.08 -17.64 9.81
CA GLU A 163 5.31 -16.91 11.05
C GLU A 163 6.81 -16.74 11.29
N LYS A 164 7.58 -17.77 10.98
CA LYS A 164 9.02 -17.72 11.19
C LYS A 164 9.63 -16.57 10.39
N GLN A 165 9.24 -16.47 9.13
CA GLN A 165 9.76 -15.41 8.26
C GLN A 165 9.39 -14.04 8.82
N ALA A 166 8.17 -13.94 9.34
CA ALA A 166 7.71 -12.68 9.91
C ALA A 166 8.56 -12.29 11.12
N ALA A 167 8.91 -13.28 11.94
CA ALA A 167 9.74 -13.03 13.11
C ALA A 167 11.13 -12.54 12.69
N GLU A 168 11.55 -12.95 11.50
CA GLU A 168 12.85 -12.54 10.98
C GLU A 168 12.83 -11.09 10.52
N ARG A 169 11.89 -10.78 9.65
CA ARG A 169 11.77 -9.41 9.13
C ARG A 169 11.42 -8.44 10.26
N ILE A 170 10.50 -8.85 11.12
CA ILE A 170 10.09 -8.00 12.22
C ILE A 170 11.25 -7.74 13.17
N ALA A 171 12.01 -8.80 13.47
CA ALA A 171 13.15 -8.67 14.37
C ALA A 171 14.18 -7.70 13.79
N GLN A 172 14.71 -8.05 12.63
CA GLN A 172 15.72 -7.22 11.99
C GLN A 172 15.20 -5.80 11.82
N PHE A 173 13.91 -5.67 11.55
CA PHE A 173 13.29 -4.37 11.37
C PHE A 173 13.02 -3.70 12.72
N ASP A 174 12.68 -4.52 13.71
CA ASP A 174 12.36 -4.01 15.04
C ASP A 174 13.54 -3.19 15.57
N LYS A 175 14.75 -3.68 15.33
CA LYS A 175 15.94 -2.97 15.79
C LYS A 175 16.04 -1.60 15.13
N GLN A 176 15.76 -1.55 13.83
CA GLN A 176 15.82 -0.29 13.09
C GLN A 176 14.75 0.67 13.60
N LEU A 177 13.58 0.13 13.92
CA LEU A 177 12.50 0.95 14.42
C LEU A 177 12.88 1.62 15.74
N ALA A 178 13.53 0.86 16.61
CA ALA A 178 13.95 1.40 17.90
C ALA A 178 14.94 2.55 17.71
N ALA A 179 16.00 2.28 16.95
CA ALA A 179 17.00 3.31 16.69
C ALA A 179 16.42 4.44 15.86
N ALA A 180 15.61 4.08 14.86
CA ALA A 180 14.99 5.07 13.99
C ALA A 180 14.02 5.94 14.79
N LYS A 181 13.29 5.33 15.70
CA LYS A 181 12.32 6.05 16.53
C LYS A 181 13.04 7.07 17.40
N GLU A 182 14.27 6.75 17.80
CA GLU A 182 15.05 7.64 18.64
C GLU A 182 15.98 8.52 17.79
N GLN A 183 16.26 8.06 16.58
CA GLN A 183 17.14 8.81 15.68
C GLN A 183 16.50 10.14 15.30
N ILE A 184 15.20 10.11 15.02
CA ILE A 184 14.48 11.32 14.63
C ILE A 184 14.19 12.18 15.85
N LYS A 185 14.40 13.49 15.70
CA LYS A 185 14.15 14.42 16.81
C LYS A 185 13.25 15.55 16.35
N LEU A 186 12.01 15.54 16.83
CA LEU A 186 11.06 16.58 16.46
C LEU A 186 9.73 16.38 17.21
N PRO A 187 9.27 17.40 17.89
CA PRO A 187 8.00 17.34 18.65
C PRO A 187 6.88 16.64 17.88
N PRO A 188 5.95 16.04 18.58
CA PRO A 188 4.80 15.34 17.95
C PRO A 188 3.84 16.29 17.25
N GLN A 189 3.32 15.87 16.10
CA GLN A 189 2.38 16.70 15.36
C GLN A 189 1.77 15.90 14.20
N PRO A 190 0.54 16.17 13.87
CA PRO A 190 -0.16 15.50 12.74
C PRO A 190 0.42 15.90 11.39
N VAL A 191 0.26 15.01 10.41
CA VAL A 191 0.76 15.28 9.05
C VAL A 191 -0.25 14.83 8.01
N THR A 192 -0.08 15.32 6.78
CA THR A 192 -0.98 14.97 5.69
C THR A 192 -0.21 14.85 4.38
N ALA A 193 -0.88 14.33 3.35
CA ALA A 193 -0.26 14.19 2.05
C ALA A 193 -1.29 14.35 0.94
N ILE A 194 -0.92 15.08 -0.12
CA ILE A 194 -1.84 15.30 -1.24
C ILE A 194 -1.12 15.08 -2.56
N VAL A 195 -1.84 14.56 -3.54
CA VAL A 195 -1.27 14.33 -4.87
C VAL A 195 -2.19 14.87 -5.95
N TYR A 196 -1.62 15.63 -6.89
CA TYR A 196 -2.41 16.19 -7.98
C TYR A 196 -1.53 16.38 -9.21
N THR A 197 -2.15 16.38 -10.38
CA THR A 197 -1.42 16.58 -11.63
C THR A 197 -1.97 17.79 -12.39
N ALA A 198 -1.10 18.74 -12.67
CA ALA A 198 -1.51 19.94 -13.39
C ALA A 198 -2.05 19.58 -14.78
N ALA A 199 -1.60 18.45 -15.30
CA ALA A 199 -2.06 18.00 -16.61
C ALA A 199 -3.47 17.43 -16.53
N ALA A 200 -3.71 16.55 -15.57
CA ALA A 200 -5.02 15.95 -15.41
C ALA A 200 -6.01 16.95 -14.84
N HIS A 201 -5.49 18.08 -14.36
CA HIS A 201 -6.33 19.12 -13.79
C HIS A 201 -7.29 18.52 -12.77
N SER A 202 -6.77 17.61 -11.94
CA SER A 202 -7.58 16.97 -10.91
C SER A 202 -6.83 16.89 -9.60
N ALA A 203 -7.55 17.03 -8.49
CA ALA A 203 -6.93 16.98 -7.16
C ALA A 203 -7.34 15.71 -6.43
N ASN A 204 -6.38 14.83 -6.19
CA ASN A 204 -6.66 13.57 -5.48
C ASN A 204 -5.85 13.49 -4.20
N LEU A 205 -6.51 13.11 -3.12
CA LEU A 205 -5.84 13.01 -1.83
C LEU A 205 -5.76 11.55 -1.39
N TRP A 206 -4.68 11.21 -0.70
CA TRP A 206 -4.50 9.84 -0.20
C TRP A 206 -4.88 9.76 1.27
N THR A 207 -5.71 8.78 1.60
CA THR A 207 -6.16 8.60 2.97
C THR A 207 -5.31 7.56 3.69
N PRO A 208 -5.22 7.65 5.00
CA PRO A 208 -4.45 6.69 5.83
C PRO A 208 -5.07 5.31 5.83
N GLU A 209 -6.35 5.24 5.45
CA GLU A 209 -7.06 3.96 5.43
C GLU A 209 -6.23 2.90 4.71
N SER A 210 -5.26 3.36 3.92
CA SER A 210 -4.39 2.44 3.19
C SER A 210 -3.37 1.80 4.12
N ALA A 211 -2.74 0.73 3.66
CA ALA A 211 -1.73 0.04 4.46
C ALA A 211 -0.60 0.99 4.83
N GLN A 212 -0.37 1.99 3.99
CA GLN A 212 0.69 2.96 4.25
C GLN A 212 0.39 3.75 5.52
N GLY A 213 -0.87 4.13 5.70
CA GLY A 213 -1.25 4.90 6.88
C GLY A 213 -0.96 4.14 8.16
N GLN A 214 -1.30 2.85 8.17
CA GLN A 214 -1.06 2.02 9.35
C GLN A 214 0.44 1.88 9.60
N MET A 215 1.21 1.75 8.52
CA MET A 215 2.65 1.60 8.65
C MET A 215 3.25 2.84 9.30
N LEU A 216 2.76 4.01 8.91
CA LEU A 216 3.26 5.26 9.49
C LEU A 216 2.94 5.32 10.97
N GLU A 217 1.69 5.01 11.32
CA GLU A 217 1.27 5.04 12.72
C GLU A 217 2.20 4.17 13.57
N GLN A 218 2.72 3.10 12.96
CA GLN A 218 3.62 2.21 13.66
C GLN A 218 4.97 2.89 13.90
N LEU A 219 5.23 3.96 13.14
CA LEU A 219 6.50 4.67 13.28
C LEU A 219 6.38 5.77 14.33
N GLY A 220 5.16 6.00 14.81
CA GLY A 220 4.93 7.02 15.83
C GLY A 220 4.37 8.29 15.21
N PHE A 221 4.14 8.26 13.91
CA PHE A 221 3.60 9.42 13.21
C PHE A 221 2.09 9.40 13.22
N THR A 222 1.48 10.59 13.16
CA THR A 222 0.02 10.70 13.18
C THR A 222 -0.48 11.27 11.85
N LEU A 223 -1.44 10.57 11.24
CA LEU A 223 -2.00 11.00 9.98
C LEU A 223 -3.23 11.86 10.19
N ALA A 224 -3.42 12.83 9.30
CA ALA A 224 -4.57 13.72 9.41
C ALA A 224 -5.86 12.97 9.09
N LYS A 225 -6.96 13.41 9.68
CA LYS A 225 -8.25 12.76 9.44
C LYS A 225 -9.32 13.81 9.12
N LEU A 226 -10.07 13.56 8.05
CA LEU A 226 -11.13 14.49 7.63
C LEU A 226 -12.50 13.83 7.79
N PRO A 227 -13.14 14.05 8.92
CA PRO A 227 -14.49 13.49 9.19
C PRO A 227 -15.50 13.87 8.11
N ALA A 228 -16.33 12.91 7.72
CA ALA A 228 -17.32 13.16 6.68
C ALA A 228 -16.65 13.52 5.36
N GLY A 229 -15.43 14.05 5.44
CA GLY A 229 -14.68 14.44 4.26
C GLY A 229 -14.22 13.21 3.48
N LEU A 230 -13.59 12.27 4.18
CA LEU A 230 -13.10 11.05 3.55
C LEU A 230 -14.21 10.39 2.76
N ASN A 231 -15.43 10.45 3.29
CA ASN A 231 -16.57 9.83 2.62
C ASN A 231 -16.88 10.57 1.32
N ALA A 232 -15.84 11.03 0.63
CA ALA A 232 -16.02 11.75 -0.62
C ALA A 232 -17.21 12.70 -0.55
N SER A 233 -16.97 13.90 -0.05
CA SER A 233 -18.03 14.90 0.07
C SER A 233 -18.32 15.55 -1.27
N GLN A 234 -17.39 15.38 -2.22
CA GLN A 234 -17.57 15.95 -3.55
C GLN A 234 -18.24 14.95 -4.49
N SER A 235 -17.84 13.69 -4.38
CA SER A 235 -18.41 12.65 -5.22
C SER A 235 -19.88 12.44 -4.89
N GLN A 236 -20.29 12.91 -3.72
CA GLN A 236 -21.68 12.77 -3.29
C GLN A 236 -22.08 11.30 -3.29
N GLY A 237 -21.19 10.44 -2.78
CA GLY A 237 -21.46 9.02 -2.73
C GLY A 237 -20.30 8.27 -2.10
N LYS A 238 -20.06 7.05 -2.57
CA LYS A 238 -18.97 6.23 -2.05
C LYS A 238 -18.04 5.80 -3.18
N ARG A 239 -16.74 5.77 -2.89
CA ARG A 239 -15.75 5.37 -3.90
C ARG A 239 -14.54 4.75 -3.23
N HIS A 240 -13.88 3.83 -3.93
CA HIS A 240 -12.70 3.16 -3.40
C HIS A 240 -11.43 3.77 -3.98
N ASP A 241 -10.38 2.98 -4.06
CA ASP A 241 -9.11 3.45 -4.60
C ASP A 241 -8.63 4.68 -3.83
N ILE A 242 -9.01 5.86 -4.32
CA ILE A 242 -8.61 7.11 -3.69
C ILE A 242 -9.83 7.97 -3.39
N ILE A 243 -9.60 9.10 -2.72
CA ILE A 243 -10.69 10.01 -2.36
C ILE A 243 -10.45 11.40 -2.94
N GLN A 244 -11.52 12.04 -3.40
CA GLN A 244 -11.42 13.37 -3.98
C GLN A 244 -11.83 14.42 -2.95
N LEU A 245 -11.57 15.69 -3.28
CA LEU A 245 -11.91 16.80 -2.39
C LEU A 245 -12.27 18.04 -3.18
N GLY A 246 -13.13 18.88 -2.59
CA GLY A 246 -13.55 20.11 -3.26
C GLY A 246 -12.36 21.05 -3.46
N GLY A 247 -11.48 21.11 -2.45
CA GLY A 247 -10.31 21.97 -2.52
C GLY A 247 -10.19 22.82 -1.26
N GLU A 248 -11.08 22.58 -0.30
CA GLU A 248 -11.05 23.33 0.95
C GLU A 248 -9.94 22.82 1.87
N ASN A 249 -10.00 21.54 2.19
CA ASN A 249 -8.99 20.93 3.07
C ASN A 249 -7.61 21.02 2.42
N LEU A 250 -7.57 20.85 1.09
CA LEU A 250 -6.31 20.91 0.38
C LEU A 250 -5.54 22.19 0.72
N ALA A 251 -6.07 23.33 0.29
CA ALA A 251 -5.42 24.60 0.56
C ALA A 251 -5.15 24.75 2.05
N ALA A 252 -6.11 24.36 2.87
CA ALA A 252 -5.96 24.45 4.32
C ALA A 252 -5.02 23.37 4.82
N GLY A 253 -4.22 22.80 3.92
CA GLY A 253 -3.27 21.75 4.28
C GLY A 253 -3.80 20.91 5.44
N LEU A 254 -5.04 20.47 5.33
CA LEU A 254 -5.67 19.68 6.38
C LEU A 254 -5.26 20.20 7.76
N ASN A 255 -4.46 19.41 8.47
CA ASN A 255 -4.01 19.80 9.80
C ASN A 255 -3.23 21.10 9.74
N GLY A 256 -2.31 21.21 8.77
CA GLY A 256 -1.52 22.42 8.61
C GLY A 256 -0.30 22.39 9.53
N GLU A 257 -0.06 21.25 10.16
CA GLU A 257 1.08 21.11 11.07
C GLU A 257 2.23 20.41 10.37
N SER A 258 1.95 19.82 9.21
CA SER A 258 2.98 19.11 8.46
C SER A 258 2.38 18.45 7.22
N LEU A 259 3.12 18.47 6.12
CA LEU A 259 2.66 17.87 4.89
C LEU A 259 3.82 17.31 4.08
N PHE A 260 3.73 16.03 3.74
CA PHE A 260 4.76 15.38 2.92
C PHE A 260 4.36 15.34 1.47
N LEU A 261 5.34 15.52 0.59
CA LEU A 261 5.06 15.51 -0.85
C LEU A 261 5.29 14.12 -1.43
N PHE A 262 4.19 13.43 -1.74
CA PHE A 262 4.28 12.09 -2.32
C PHE A 262 4.04 12.16 -3.83
N ALA A 263 3.57 13.30 -4.31
CA ALA A 263 3.30 13.48 -5.74
C ALA A 263 4.61 13.46 -6.54
N GLY A 264 5.63 14.09 -5.99
CA GLY A 264 6.92 14.16 -6.66
C GLY A 264 7.94 14.91 -5.82
N ASP A 265 9.19 14.91 -6.28
CA ASP A 265 10.26 15.59 -5.56
C ASP A 265 10.14 17.10 -5.72
N GLN A 266 11.11 17.70 -6.41
CA GLN A 266 11.10 19.13 -6.63
C GLN A 266 9.96 19.54 -7.55
N LYS A 267 9.55 18.63 -8.42
CA LYS A 267 8.48 18.91 -9.36
C LYS A 267 7.20 19.28 -8.61
N ASP A 268 6.89 18.51 -7.57
CA ASP A 268 5.71 18.79 -6.76
C ASP A 268 5.82 20.15 -6.09
N ALA A 269 7.00 20.43 -5.52
CA ALA A 269 7.23 21.71 -4.84
C ALA A 269 6.85 22.86 -5.75
N ASP A 270 7.52 22.95 -6.90
CA ASP A 270 7.25 24.02 -7.86
C ASP A 270 5.76 24.09 -8.16
N ALA A 271 5.14 22.93 -8.34
CA ALA A 271 3.71 22.88 -8.63
C ALA A 271 2.92 23.62 -7.53
N ILE A 272 3.30 23.38 -6.28
CA ILE A 272 2.62 24.03 -5.16
C ILE A 272 2.85 25.53 -5.20
N TYR A 273 4.09 25.94 -5.47
CA TYR A 273 4.42 27.36 -5.55
C TYR A 273 3.53 28.06 -6.56
N ALA A 274 3.24 27.37 -7.65
CA ALA A 274 2.38 27.95 -8.70
C ALA A 274 0.92 27.90 -8.27
N ASN A 275 0.68 27.38 -7.06
CA ASN A 275 -0.68 27.27 -6.55
C ASN A 275 -0.85 28.17 -5.32
N PRO A 276 -1.27 29.39 -5.52
CA PRO A 276 -1.50 30.37 -4.42
C PRO A 276 -2.38 29.79 -3.32
N LEU A 277 -3.23 28.85 -3.69
CA LEU A 277 -4.13 28.23 -2.72
C LEU A 277 -3.34 27.47 -1.68
N LEU A 278 -2.30 26.77 -2.12
CA LEU A 278 -1.46 25.99 -1.21
C LEU A 278 -0.25 26.79 -0.77
N ALA A 279 -0.20 28.06 -1.18
CA ALA A 279 0.91 28.92 -0.82
C ALA A 279 0.83 29.31 0.66
N HIS A 280 -0.39 29.47 1.16
CA HIS A 280 -0.60 29.85 2.55
C HIS A 280 -0.45 28.65 3.47
N LEU A 281 -0.07 27.51 2.88
CA LEU A 281 0.10 26.31 3.66
C LEU A 281 1.32 26.43 4.58
N PRO A 282 1.12 26.29 5.86
CA PRO A 282 2.23 26.40 6.85
C PRO A 282 3.46 25.59 6.45
N ALA A 283 3.23 24.41 5.88
CA ALA A 283 4.33 23.55 5.45
C ALA A 283 5.21 24.28 4.44
N VAL A 284 4.57 24.97 3.49
CA VAL A 284 5.31 25.71 2.48
C VAL A 284 6.07 26.87 3.13
N GLN A 285 5.41 27.57 4.04
CA GLN A 285 6.02 28.71 4.71
C GLN A 285 7.20 28.24 5.56
N ASN A 286 7.02 27.11 6.24
CA ASN A 286 8.07 26.57 7.09
C ASN A 286 8.98 25.63 6.31
N LYS A 287 8.53 25.27 5.10
CA LYS A 287 9.31 24.37 4.25
C LYS A 287 9.49 23.01 4.91
N GLN A 288 8.50 22.60 5.70
CA GLN A 288 8.56 21.31 6.38
C GLN A 288 7.97 20.22 5.50
N VAL A 289 8.34 20.24 4.22
CA VAL A 289 7.85 19.24 3.27
C VAL A 289 8.93 18.23 2.94
N TYR A 290 8.53 16.95 2.92
CA TYR A 290 9.48 15.88 2.62
C TYR A 290 9.08 15.16 1.33
N ALA A 291 10.04 14.97 0.44
CA ALA A 291 9.79 14.29 -0.83
C ALA A 291 9.81 12.77 -0.64
N LEU A 292 8.67 12.20 -0.30
CA LEU A 292 8.59 10.76 -0.11
C LEU A 292 8.85 10.03 -1.42
N GLY A 293 8.30 10.56 -2.51
CA GLY A 293 8.48 9.94 -3.81
C GLY A 293 7.54 8.75 -3.98
N THR A 294 7.42 8.25 -5.21
CA THR A 294 6.56 7.11 -5.49
C THR A 294 7.20 5.82 -5.01
N GLU A 295 8.53 5.82 -4.95
CA GLU A 295 9.27 4.64 -4.51
C GLU A 295 9.01 4.36 -3.04
N THR A 296 8.84 5.42 -2.26
CA THR A 296 8.61 5.28 -0.83
C THR A 296 7.20 4.78 -0.57
N PHE A 297 6.59 4.17 -1.58
CA PHE A 297 5.23 3.65 -1.43
C PHE A 297 5.17 2.65 -0.28
N ARG A 298 6.08 1.68 -0.29
CA ARG A 298 6.14 0.68 0.77
C ARG A 298 7.37 0.92 1.63
N LEU A 299 7.26 0.58 2.91
CA LEU A 299 8.37 0.75 3.83
C LEU A 299 8.88 -0.59 4.34
N ASP A 300 10.17 -0.84 4.17
CA ASP A 300 10.78 -2.08 4.62
C ASP A 300 12.23 -1.86 5.03
N TYR A 301 12.80 -2.84 5.72
CA TYR A 301 14.18 -2.74 6.17
C TYR A 301 15.09 -2.30 5.03
N TYR A 302 14.82 -2.81 3.83
CA TYR A 302 15.62 -2.47 2.67
C TYR A 302 15.37 -1.04 2.23
N SER A 303 14.15 -0.77 1.78
CA SER A 303 13.79 0.57 1.31
C SER A 303 13.95 1.59 2.42
N ALA A 304 13.71 1.17 3.65
CA ALA A 304 13.81 2.06 4.79
C ALA A 304 15.18 2.73 4.84
N MET A 305 16.17 2.06 4.26
CA MET A 305 17.52 2.61 4.24
C MET A 305 17.57 3.92 3.45
N GLN A 306 16.86 3.96 2.32
CA GLN A 306 16.83 5.16 1.50
C GLN A 306 15.88 6.20 2.09
N VAL A 307 14.71 5.75 2.52
CA VAL A 307 13.72 6.65 3.12
C VAL A 307 14.25 7.21 4.44
N LEU A 308 14.85 6.34 5.25
CA LEU A 308 15.36 6.76 6.54
C LEU A 308 16.40 7.86 6.38
N ASP A 309 17.34 7.64 5.47
CA ASP A 309 18.38 8.65 5.21
C ASP A 309 17.78 9.88 4.54
N ARG A 310 16.86 9.65 3.60
CA ARG A 310 16.23 10.73 2.87
C ARG A 310 15.48 11.65 3.82
N LEU A 311 14.85 11.06 4.82
CA LEU A 311 14.09 11.83 5.80
C LEU A 311 14.98 12.28 6.94
N LYS A 312 16.28 12.01 6.81
CA LYS A 312 17.25 12.39 7.85
C LYS A 312 18.19 13.46 7.32
N ALA A 313 18.16 13.69 6.00
CA ALA A 313 19.01 14.70 5.38
C ALA A 313 18.67 16.08 5.91
N LEU A 314 17.38 16.33 6.15
CA LEU A 314 16.94 17.62 6.64
C LEU A 314 17.57 17.90 7.99
N PHE A 315 17.49 16.94 8.90
CA PHE A 315 18.07 17.10 10.24
C PHE A 315 19.58 16.87 10.18
N ALA A 24 1.22 -24.39 7.47
CA ALA A 24 1.61 -25.63 8.19
C ALA A 24 2.28 -26.59 7.22
N ASP A 25 2.69 -27.75 7.72
CA ASP A 25 3.35 -28.75 6.89
C ASP A 25 2.32 -29.70 6.28
N TRP A 26 1.05 -29.49 6.64
CA TRP A 26 -0.01 -30.35 6.12
C TRP A 26 -1.28 -29.53 5.90
N PRO A 27 -2.32 -30.17 5.42
CA PRO A 27 -3.62 -29.50 5.16
C PRO A 27 -4.23 -28.91 6.43
N ARG A 28 -4.90 -27.77 6.29
CA ARG A 28 -5.52 -27.12 7.43
C ARG A 28 -6.67 -26.23 6.98
N GLN A 29 -7.31 -25.57 7.93
CA GLN A 29 -8.44 -24.69 7.63
C GLN A 29 -8.09 -23.25 7.99
N ILE A 30 -8.43 -22.32 7.09
CA ILE A 30 -8.16 -20.91 7.33
C ILE A 30 -9.44 -20.09 7.24
N THR A 31 -9.53 -19.04 8.04
CA THR A 31 -10.71 -18.17 8.04
C THR A 31 -10.33 -16.75 7.67
N ASP A 32 -11.14 -16.14 6.80
CA ASP A 32 -10.89 -14.77 6.35
C ASP A 32 -11.76 -13.79 7.15
N SER A 33 -12.22 -12.73 6.48
CA SER A 33 -13.06 -11.74 7.13
C SER A 33 -14.38 -12.36 7.57
N ARG A 34 -14.90 -13.30 6.77
CA ARG A 34 -16.15 -13.96 7.10
C ARG A 34 -16.14 -15.40 6.58
N GLY A 35 -16.20 -15.55 5.26
CA GLY A 35 -16.21 -16.87 4.65
C GLY A 35 -14.97 -17.66 5.05
N THR A 36 -15.14 -18.97 5.23
CA THR A 36 -14.03 -19.83 5.62
C THR A 36 -13.67 -20.79 4.50
N HIS A 37 -12.40 -20.85 4.15
CA HIS A 37 -11.93 -21.73 3.08
C HIS A 37 -11.01 -22.81 3.64
N THR A 38 -11.30 -24.07 3.29
CA THR A 38 -10.50 -25.19 3.77
C THR A 38 -9.31 -25.42 2.84
N LEU A 39 -8.13 -25.53 3.41
CA LEU A 39 -6.91 -25.77 2.62
C LEU A 39 -6.57 -27.24 2.61
N GLU A 40 -7.28 -28.02 1.78
CA GLU A 40 -7.03 -29.45 1.68
C GLU A 40 -5.65 -29.72 1.11
N SER A 41 -5.19 -28.84 0.23
CA SER A 41 -3.88 -29.00 -0.39
C SER A 41 -3.64 -27.89 -1.41
N GLN A 42 -2.73 -26.98 -1.09
CA GLN A 42 -2.42 -25.87 -1.98
C GLN A 42 -0.92 -25.84 -2.30
N PRO A 43 -0.52 -26.49 -3.36
CA PRO A 43 0.90 -26.52 -3.79
C PRO A 43 1.47 -25.14 -4.01
N GLN A 44 2.77 -24.98 -3.77
CA GLN A 44 3.43 -23.68 -3.94
C GLN A 44 2.90 -22.95 -5.17
N ARG A 45 1.75 -22.29 -5.03
CA ARG A 45 1.15 -21.56 -6.14
C ARG A 45 0.34 -20.39 -5.61
N ILE A 46 1.01 -19.42 -5.04
CA ILE A 46 0.33 -18.24 -4.48
C ILE A 46 -0.07 -17.29 -5.60
N VAL A 47 -1.33 -16.86 -5.57
CA VAL A 47 -1.84 -15.93 -6.59
C VAL A 47 -2.37 -14.67 -5.92
N SER A 48 -2.25 -13.54 -6.62
CA SER A 48 -2.73 -12.27 -6.08
C SER A 48 -3.48 -11.47 -7.15
N THR A 49 -4.52 -10.78 -6.74
CA THR A 49 -5.32 -9.98 -7.68
C THR A 49 -4.91 -8.52 -7.60
N SER A 50 -5.06 -7.91 -6.43
CA SER A 50 -4.70 -6.51 -6.24
C SER A 50 -3.19 -6.36 -6.08
N VAL A 51 -2.69 -5.17 -6.39
CA VAL A 51 -1.26 -4.90 -6.27
C VAL A 51 -0.88 -4.74 -4.80
N THR A 52 -1.86 -4.41 -3.97
CA THR A 52 -1.59 -4.20 -2.55
C THR A 52 -1.00 -5.45 -1.92
N LEU A 53 -1.69 -6.58 -2.12
CA LEU A 53 -1.19 -7.85 -1.60
C LEU A 53 0.10 -8.26 -2.29
N THR A 54 0.13 -8.08 -3.60
CA THR A 54 1.30 -8.46 -4.39
C THR A 54 2.58 -8.03 -3.67
N GLY A 55 2.66 -6.75 -3.32
CA GLY A 55 3.82 -6.24 -2.61
C GLY A 55 3.85 -6.76 -1.16
N SER A 56 2.68 -6.83 -0.55
CA SER A 56 2.58 -7.30 0.83
C SER A 56 3.07 -8.75 0.93
N LEU A 57 2.67 -9.57 -0.02
CA LEU A 57 3.08 -10.97 -0.04
C LEU A 57 4.57 -11.10 -0.27
N LEU A 58 5.08 -10.28 -1.19
CA LEU A 58 6.50 -10.31 -1.51
C LEU A 58 7.34 -9.91 -0.31
N ALA A 59 6.86 -8.93 0.44
CA ALA A 59 7.60 -8.44 1.60
C ALA A 59 7.77 -9.54 2.63
N ILE A 60 6.76 -10.40 2.77
CA ILE A 60 6.81 -11.48 3.75
C ILE A 60 7.38 -12.74 3.13
N ASP A 61 8.23 -12.57 2.12
CA ASP A 61 8.84 -13.72 1.46
C ASP A 61 7.78 -14.67 0.92
N ALA A 62 6.84 -14.14 0.15
CA ALA A 62 5.78 -14.96 -0.43
C ALA A 62 5.50 -14.52 -1.86
N PRO A 63 6.35 -14.90 -2.77
CA PRO A 63 6.20 -14.53 -4.21
C PRO A 63 4.94 -15.12 -4.83
N VAL A 64 4.37 -14.39 -5.79
CA VAL A 64 3.17 -14.84 -6.48
C VAL A 64 3.47 -15.18 -7.93
N ILE A 65 2.93 -16.30 -8.39
CA ILE A 65 3.13 -16.72 -9.76
C ILE A 65 2.38 -15.82 -10.74
N ALA A 66 1.14 -15.47 -10.39
CA ALA A 66 0.33 -14.62 -11.25
C ALA A 66 -0.17 -13.40 -10.49
N SER A 67 0.01 -12.23 -11.09
CA SER A 67 -0.43 -10.99 -10.46
C SER A 67 -0.68 -9.92 -11.51
N GLY A 68 -1.30 -8.83 -11.09
CA GLY A 68 -1.62 -7.73 -12.01
C GLY A 68 -0.73 -6.52 -11.74
N ALA A 69 -0.96 -5.45 -12.48
CA ALA A 69 -0.18 -4.22 -12.31
C ALA A 69 -1.11 -3.01 -12.25
N THR A 70 -0.53 -1.84 -11.94
CA THR A 70 -1.31 -0.61 -11.85
C THR A 70 -0.61 0.51 -12.60
N THR A 71 -0.13 1.50 -11.86
CA THR A 71 0.54 2.64 -12.46
C THR A 71 2.06 2.51 -12.29
N PRO A 72 2.79 3.46 -12.79
CA PRO A 72 4.28 3.48 -12.68
C PRO A 72 4.76 3.51 -11.23
N ASN A 73 4.35 2.51 -10.46
CA ASN A 73 4.73 2.43 -9.06
C ASN A 73 6.21 2.25 -8.93
N ASN A 74 6.82 1.53 -9.89
CA ASN A 74 8.26 1.26 -9.87
C ASN A 74 8.54 -0.08 -9.19
N ARG A 75 7.74 -0.40 -8.16
CA ARG A 75 7.91 -1.66 -7.46
C ARG A 75 7.63 -2.84 -8.39
N VAL A 76 6.62 -2.68 -9.25
CA VAL A 76 6.27 -3.72 -10.20
C VAL A 76 7.28 -3.77 -11.34
N ALA A 77 7.94 -2.65 -11.58
CA ALA A 77 8.93 -2.55 -12.66
C ALA A 77 9.91 -3.73 -12.58
N ASP A 78 10.96 -3.67 -13.38
CA ASP A 78 11.96 -4.72 -13.39
C ASP A 78 12.83 -4.67 -12.15
N ASP A 79 14.05 -5.20 -12.26
CA ASP A 79 14.97 -5.21 -11.13
C ASP A 79 15.10 -3.82 -10.52
N GLN A 80 14.51 -2.83 -11.19
CA GLN A 80 14.57 -1.46 -10.71
C GLN A 80 13.44 -1.19 -9.72
N GLY A 81 13.82 -0.92 -8.47
CA GLY A 81 12.82 -0.65 -7.43
C GLY A 81 12.31 -1.94 -6.81
N PHE A 82 13.16 -2.60 -6.03
CA PHE A 82 12.77 -3.84 -5.36
C PHE A 82 13.44 -3.94 -4.00
N LEU A 83 12.74 -4.58 -3.05
CA LEU A 83 13.29 -4.76 -1.71
C LEU A 83 14.16 -6.02 -1.66
N ARG A 84 13.57 -7.12 -1.18
CA ARG A 84 14.31 -8.38 -1.09
C ARG A 84 14.67 -8.87 -2.47
N GLN A 85 13.72 -8.76 -3.42
CA GLN A 85 13.95 -9.16 -4.81
C GLN A 85 13.54 -10.61 -5.01
N TRP A 86 12.30 -10.94 -4.64
CA TRP A 86 11.79 -12.29 -4.81
C TRP A 86 10.85 -12.36 -6.02
N SER A 87 10.51 -11.20 -6.56
CA SER A 87 9.62 -11.13 -7.72
C SER A 87 10.25 -11.81 -8.93
N LYS A 88 11.58 -11.69 -9.03
CA LYS A 88 12.30 -12.29 -10.14
C LYS A 88 11.89 -13.75 -10.32
N VAL A 89 11.39 -14.35 -9.24
CA VAL A 89 10.97 -15.75 -9.28
C VAL A 89 9.69 -15.89 -10.12
N ALA A 90 8.73 -14.99 -9.88
CA ALA A 90 7.47 -15.03 -10.61
C ALA A 90 7.72 -14.85 -12.10
N LYS A 91 8.51 -13.83 -12.44
CA LYS A 91 8.82 -13.56 -13.84
C LYS A 91 9.57 -14.74 -14.46
N GLU A 92 10.46 -15.35 -13.68
CA GLU A 92 11.22 -16.49 -14.17
C GLU A 92 10.29 -17.56 -14.72
N ARG A 93 9.11 -17.69 -14.12
CA ARG A 93 8.15 -18.68 -14.56
C ARG A 93 7.25 -18.11 -15.63
N LYS A 94 7.50 -16.84 -16.00
CA LYS A 94 6.72 -16.16 -17.04
C LYS A 94 5.43 -15.60 -16.45
N LEU A 95 4.73 -16.43 -15.68
CA LEU A 95 3.47 -16.00 -15.07
C LEU A 95 3.65 -14.67 -14.43
N GLN A 96 2.56 -13.89 -14.31
CA GLN A 96 2.60 -12.53 -13.73
C GLN A 96 2.08 -11.51 -14.73
N ARG A 97 0.78 -11.24 -14.67
CA ARG A 97 0.17 -10.26 -15.57
C ARG A 97 0.54 -8.84 -15.14
N LEU A 98 0.76 -7.96 -16.12
CA LEU A 98 1.13 -6.59 -15.83
C LEU A 98 0.27 -5.62 -16.64
N TYR A 99 -0.93 -6.06 -16.99
CA TYR A 99 -1.83 -5.23 -17.78
C TYR A 99 -3.26 -5.38 -17.28
N ILE A 100 -3.98 -4.26 -17.18
CA ILE A 100 -5.37 -4.27 -16.73
C ILE A 100 -6.22 -3.35 -17.59
N GLY A 101 -7.53 -3.50 -17.50
CA GLY A 101 -8.45 -2.68 -18.28
C GLY A 101 -9.68 -3.48 -18.68
N GLU A 102 -9.52 -4.79 -18.83
CA GLU A 102 -10.63 -5.65 -19.22
C GLU A 102 -10.41 -7.07 -18.68
N PRO A 103 -10.51 -7.24 -17.40
CA PRO A 103 -10.31 -8.56 -16.73
C PRO A 103 -11.29 -9.60 -17.23
N SER A 104 -10.83 -10.85 -17.31
CA SER A 104 -11.70 -11.95 -17.78
C SER A 104 -11.56 -13.16 -16.87
N ALA A 105 -12.68 -13.78 -16.54
CA ALA A 105 -12.67 -14.96 -15.69
C ALA A 105 -12.02 -16.14 -16.39
N GLU A 106 -12.28 -16.25 -17.70
CA GLU A 106 -11.72 -17.34 -18.48
C GLU A 106 -10.20 -17.23 -18.54
N ALA A 107 -9.71 -16.02 -18.72
CA ALA A 107 -8.27 -15.79 -18.80
C ALA A 107 -7.59 -16.19 -17.49
N VAL A 108 -8.23 -15.84 -16.38
CA VAL A 108 -7.68 -16.18 -15.06
C VAL A 108 -7.64 -17.69 -14.89
N ALA A 109 -8.71 -18.36 -15.30
CA ALA A 109 -8.79 -19.81 -15.18
C ALA A 109 -7.69 -20.47 -16.01
N ALA A 110 -7.38 -19.86 -17.16
CA ALA A 110 -6.34 -20.39 -18.03
C ALA A 110 -5.00 -20.42 -17.32
N GLN A 111 -4.89 -19.65 -16.24
CA GLN A 111 -3.65 -19.58 -15.47
C GLN A 111 -3.61 -20.69 -14.41
N MET A 112 -4.72 -21.41 -14.29
CA MET A 112 -4.80 -22.49 -13.31
C MET A 112 -4.28 -22.04 -11.95
N PRO A 113 -4.86 -20.99 -11.43
CA PRO A 113 -4.47 -20.44 -10.10
C PRO A 113 -4.89 -21.35 -8.96
N ASP A 114 -4.10 -21.33 -7.88
CA ASP A 114 -4.40 -22.16 -6.71
C ASP A 114 -5.06 -21.34 -5.62
N LEU A 115 -4.27 -20.48 -4.97
CA LEU A 115 -4.79 -19.63 -3.90
C LEU A 115 -4.77 -18.18 -4.34
N ILE A 116 -5.95 -17.59 -4.50
CA ILE A 116 -6.07 -16.19 -4.92
C ILE A 116 -6.39 -15.30 -3.73
N LEU A 117 -5.57 -14.26 -3.54
CA LEU A 117 -5.77 -13.35 -2.42
C LEU A 117 -6.23 -11.99 -2.93
N ILE A 118 -7.26 -11.44 -2.28
CA ILE A 118 -7.81 -10.15 -2.67
C ILE A 118 -7.72 -9.14 -1.52
N SER A 119 -7.38 -7.91 -1.84
CA SER A 119 -7.25 -6.86 -0.83
C SER A 119 -8.62 -6.25 -0.52
N ALA A 120 -8.68 -5.48 0.56
CA ALA A 120 -9.94 -4.84 0.95
C ALA A 120 -10.42 -3.91 -0.15
N THR A 121 -9.49 -3.23 -0.81
CA THR A 121 -9.83 -2.30 -1.88
C THR A 121 -8.87 -2.45 -3.04
N GLY A 122 -9.31 -2.03 -4.23
CA GLY A 122 -8.48 -2.13 -5.42
C GLY A 122 -8.92 -1.10 -6.47
N GLY A 123 -8.17 -1.03 -7.57
CA GLY A 123 -8.48 -0.10 -8.64
C GLY A 123 -9.84 -0.40 -9.24
N ASP A 124 -10.19 -1.68 -9.29
CA ASP A 124 -11.48 -2.09 -9.85
C ASP A 124 -12.27 -2.91 -8.84
N SER A 125 -13.60 -2.85 -8.94
CA SER A 125 -14.45 -3.60 -8.02
C SER A 125 -14.23 -5.10 -8.19
N ALA A 126 -14.24 -5.81 -7.07
CA ALA A 126 -14.03 -7.27 -7.09
C ALA A 126 -15.22 -7.98 -6.48
N LEU A 127 -16.30 -7.24 -6.24
CA LEU A 127 -17.50 -7.82 -5.64
C LEU A 127 -18.05 -8.93 -6.54
N ALA A 128 -18.01 -8.70 -7.85
CA ALA A 128 -18.50 -9.70 -8.80
C ALA A 128 -17.44 -10.75 -9.08
N LEU A 129 -16.19 -10.32 -9.12
CA LEU A 129 -15.08 -11.22 -9.38
C LEU A 129 -14.85 -12.14 -8.18
N TYR A 130 -15.06 -11.60 -6.99
CA TYR A 130 -14.85 -12.37 -5.77
C TYR A 130 -15.40 -13.79 -5.90
N ASP A 131 -16.71 -13.89 -6.09
CA ASP A 131 -17.35 -15.21 -6.22
C ASP A 131 -16.89 -15.91 -7.49
N GLN A 132 -16.82 -15.17 -8.59
CA GLN A 132 -16.39 -15.74 -9.85
C GLN A 132 -14.97 -16.29 -9.75
N LEU A 133 -14.15 -15.62 -8.93
CA LEU A 133 -12.79 -16.05 -8.72
C LEU A 133 -12.73 -17.29 -7.84
N SER A 134 -13.57 -17.32 -6.81
CA SER A 134 -13.60 -18.45 -5.89
C SER A 134 -13.89 -19.74 -6.64
N THR A 135 -14.92 -19.71 -7.48
CA THR A 135 -15.28 -20.89 -8.27
C THR A 135 -14.08 -21.40 -9.04
N ILE A 136 -13.32 -20.48 -9.61
CA ILE A 136 -12.12 -20.84 -10.36
C ILE A 136 -11.07 -21.46 -9.45
N ALA A 137 -10.88 -20.85 -8.29
CA ALA A 137 -9.89 -21.33 -7.33
C ALA A 137 -10.06 -20.64 -5.98
N PRO A 138 -9.65 -21.28 -4.91
CA PRO A 138 -9.75 -20.72 -3.55
C PRO A 138 -9.43 -19.24 -3.51
N THR A 139 -10.47 -18.42 -3.34
CA THR A 139 -10.27 -16.97 -3.28
C THR A 139 -10.50 -16.46 -1.87
N LEU A 140 -9.48 -15.81 -1.32
CA LEU A 140 -9.57 -15.27 0.04
C LEU A 140 -9.49 -13.76 0.02
N ILE A 141 -10.07 -13.12 1.03
CA ILE A 141 -10.07 -11.67 1.12
C ILE A 141 -9.60 -11.22 2.50
N ILE A 142 -8.63 -10.31 2.53
CA ILE A 142 -8.11 -9.80 3.80
C ILE A 142 -8.51 -8.35 4.00
N ASN A 143 -9.19 -8.07 5.10
CA ASN A 143 -9.62 -6.71 5.41
C ASN A 143 -8.69 -6.08 6.44
N TYR A 144 -7.87 -5.15 6.00
CA TYR A 144 -6.91 -4.48 6.90
C TYR A 144 -7.42 -3.10 7.29
N ASP A 145 -8.60 -2.75 6.80
CA ASP A 145 -9.19 -1.45 7.10
C ASP A 145 -9.53 -1.34 8.58
N ASP A 146 -9.95 -2.47 9.17
CA ASP A 146 -10.34 -2.49 10.58
C ASP A 146 -9.22 -3.09 11.42
N LYS A 147 -8.06 -3.28 10.82
CA LYS A 147 -6.92 -3.86 11.53
C LYS A 147 -5.65 -3.06 11.25
N SER A 148 -4.76 -3.02 12.23
CA SER A 148 -3.50 -2.30 12.08
C SER A 148 -2.51 -3.10 11.24
N TRP A 149 -1.42 -2.46 10.85
CA TRP A 149 -0.41 -3.13 10.02
C TRP A 149 0.13 -4.36 10.74
N GLN A 150 0.52 -4.18 12.00
CA GLN A 150 1.06 -5.29 12.78
C GLN A 150 0.07 -6.45 12.80
N SER A 151 -1.20 -6.14 13.04
CA SER A 151 -2.25 -7.16 13.04
C SER A 151 -2.37 -7.78 11.65
N LEU A 152 -2.29 -6.95 10.62
CA LEU A 152 -2.39 -7.44 9.25
C LEU A 152 -1.29 -8.44 8.96
N LEU A 153 -0.08 -8.12 9.37
CA LEU A 153 1.05 -9.02 9.14
C LEU A 153 0.81 -10.36 9.83
N THR A 154 0.32 -10.29 11.08
CA THR A 154 0.06 -11.51 11.83
C THR A 154 -0.86 -12.42 11.03
N GLN A 155 -1.92 -11.85 10.45
CA GLN A 155 -2.85 -12.64 9.65
C GLN A 155 -2.14 -13.25 8.44
N LEU A 156 -1.27 -12.48 7.83
CA LEU A 156 -0.51 -12.96 6.68
C LEU A 156 0.34 -14.15 7.05
N GLY A 157 0.98 -14.07 8.20
CA GLY A 157 1.81 -15.18 8.65
C GLY A 157 0.96 -16.41 8.95
N GLU A 158 -0.22 -16.19 9.53
CA GLU A 158 -1.12 -17.28 9.85
C GLU A 158 -1.71 -17.90 8.58
N ILE A 159 -2.14 -17.05 7.66
CA ILE A 159 -2.72 -17.51 6.42
C ILE A 159 -1.68 -18.24 5.58
N THR A 160 -0.48 -17.67 5.50
CA THR A 160 0.59 -18.27 4.71
C THR A 160 1.47 -19.17 5.59
N GLY A 161 1.22 -19.12 6.89
CA GLY A 161 1.99 -19.94 7.82
C GLY A 161 3.45 -19.51 7.84
N HIS A 162 3.70 -18.24 7.51
CA HIS A 162 5.07 -17.72 7.48
C HIS A 162 5.36 -16.90 8.72
N GLU A 163 5.06 -17.46 9.89
CA GLU A 163 5.29 -16.77 11.15
C GLU A 163 6.80 -16.63 11.42
N LYS A 164 7.54 -17.68 11.09
CA LYS A 164 8.98 -17.67 11.31
C LYS A 164 9.63 -16.53 10.54
N GLN A 165 9.27 -16.40 9.28
CA GLN A 165 9.83 -15.34 8.43
C GLN A 165 9.50 -13.97 9.02
N ALA A 166 8.28 -13.84 9.54
CA ALA A 166 7.85 -12.57 10.14
C ALA A 166 8.73 -12.23 11.34
N ALA A 167 9.04 -13.25 12.14
CA ALA A 167 9.88 -13.04 13.32
C ALA A 167 11.28 -12.58 12.91
N GLU A 168 11.70 -13.00 11.72
CA GLU A 168 13.02 -12.62 11.21
C GLU A 168 13.02 -11.16 10.76
N ARG A 169 12.10 -10.82 9.87
CA ARG A 169 12.00 -9.46 9.36
C ARG A 169 11.66 -8.50 10.49
N ILE A 170 10.71 -8.89 11.34
CA ILE A 170 10.29 -8.05 12.45
C ILE A 170 11.44 -7.80 13.40
N ALA A 171 12.20 -8.85 13.71
CA ALA A 171 13.34 -8.73 14.60
C ALA A 171 14.37 -7.75 14.03
N GLN A 172 14.89 -8.10 12.86
CA GLN A 172 15.90 -7.28 12.21
C GLN A 172 15.39 -5.85 12.04
N PHE A 173 14.09 -5.72 11.80
CA PHE A 173 13.47 -4.42 11.63
C PHE A 173 13.20 -3.76 12.97
N ASP A 174 12.86 -4.58 13.96
CA ASP A 174 12.55 -4.06 15.29
C ASP A 174 13.71 -3.24 15.82
N LYS A 175 14.93 -3.71 15.59
CA LYS A 175 16.11 -2.99 16.05
C LYS A 175 16.19 -1.62 15.37
N GLN A 176 15.90 -1.59 14.07
CA GLN A 176 15.94 -0.34 13.32
C GLN A 176 14.87 0.63 13.83
N LEU A 177 13.71 0.09 14.18
CA LEU A 177 12.63 0.90 14.69
C LEU A 177 13.03 1.58 16.00
N ALA A 178 13.70 0.83 16.86
CA ALA A 178 14.14 1.39 18.14
C ALA A 178 15.11 2.54 17.92
N ALA A 179 16.16 2.28 17.14
CA ALA A 179 17.15 3.32 16.85
C ALA A 179 16.52 4.44 16.02
N ALA A 180 15.69 4.06 15.04
CA ALA A 180 15.04 5.04 14.18
C ALA A 180 14.09 5.91 14.99
N LYS A 181 13.38 5.29 15.94
CA LYS A 181 12.43 6.00 16.77
C LYS A 181 13.16 7.05 17.61
N GLU A 182 14.39 6.74 17.99
CA GLU A 182 15.18 7.67 18.81
C GLU A 182 16.05 8.55 17.92
N GLN A 183 16.31 8.08 16.70
CA GLN A 183 17.14 8.83 15.77
C GLN A 183 16.47 10.15 15.38
N ILE A 184 15.17 10.09 15.14
CA ILE A 184 14.41 11.28 14.77
C ILE A 184 14.16 12.17 15.97
N LYS A 185 14.38 13.46 15.81
CA LYS A 185 14.18 14.41 16.90
C LYS A 185 13.29 15.56 16.44
N LEU A 186 12.04 15.56 16.91
CA LEU A 186 11.10 16.60 16.53
C LEU A 186 9.77 16.42 17.26
N PRO A 187 9.29 17.44 17.93
CA PRO A 187 8.02 17.38 18.68
C PRO A 187 6.91 16.68 17.89
N PRO A 188 5.98 16.08 18.59
CA PRO A 188 4.84 15.36 17.94
C PRO A 188 3.87 16.32 17.24
N GLN A 189 3.36 15.89 16.08
CA GLN A 189 2.43 16.71 15.34
C GLN A 189 1.81 15.90 14.19
N PRO A 190 0.57 16.17 13.86
CA PRO A 190 -0.13 15.49 12.75
C PRO A 190 0.44 15.87 11.39
N VAL A 191 0.29 14.97 10.41
CA VAL A 191 0.78 15.22 9.06
C VAL A 191 -0.24 14.75 8.02
N THR A 192 -0.08 15.22 6.80
CA THR A 192 -0.97 14.85 5.70
C THR A 192 -0.21 14.72 4.39
N ALA A 193 -0.88 14.19 3.37
CA ALA A 193 -0.26 14.03 2.06
C ALA A 193 -1.31 14.17 0.97
N ILE A 194 -0.95 14.88 -0.10
CA ILE A 194 -1.87 15.08 -1.22
C ILE A 194 -1.16 14.86 -2.55
N VAL A 195 -1.88 14.33 -3.52
CA VAL A 195 -1.32 14.10 -4.85
C VAL A 195 -2.25 14.63 -5.93
N TYR A 196 -1.68 15.38 -6.88
CA TYR A 196 -2.47 15.93 -7.97
C TYR A 196 -1.61 16.13 -9.20
N THR A 197 -2.23 16.12 -10.37
CA THR A 197 -1.49 16.31 -11.63
C THR A 197 -2.05 17.51 -12.38
N ALA A 198 -1.18 18.47 -12.67
CA ALA A 198 -1.60 19.67 -13.40
C ALA A 198 -2.13 19.30 -14.77
N ALA A 199 -1.68 18.17 -15.30
CA ALA A 199 -2.12 17.71 -16.61
C ALA A 199 -3.55 17.16 -16.54
N ALA A 200 -3.77 16.28 -15.58
CA ALA A 200 -5.09 15.66 -15.41
C ALA A 200 -6.07 16.67 -14.83
N HIS A 201 -5.55 17.80 -14.37
CA HIS A 201 -6.39 18.84 -13.79
C HIS A 201 -7.35 18.25 -12.76
N SER A 202 -6.83 17.34 -11.94
CA SER A 202 -7.65 16.70 -10.90
C SER A 202 -6.88 16.63 -9.59
N ALA A 203 -7.61 16.78 -8.48
CA ALA A 203 -6.99 16.74 -7.15
C ALA A 203 -7.41 15.48 -6.41
N ASN A 204 -6.45 14.60 -6.16
CA ASN A 204 -6.74 13.36 -5.43
C ASN A 204 -5.92 13.28 -4.16
N LEU A 205 -6.57 12.90 -3.07
CA LEU A 205 -5.89 12.80 -1.79
C LEU A 205 -5.83 11.35 -1.34
N TRP A 206 -4.74 11.00 -0.64
CA TRP A 206 -4.57 9.63 -0.14
C TRP A 206 -4.93 9.57 1.34
N THR A 207 -5.79 8.61 1.68
CA THR A 207 -6.22 8.45 3.06
C THR A 207 -5.33 7.43 3.79
N PRO A 208 -5.24 7.56 5.09
CA PRO A 208 -4.42 6.63 5.94
C PRO A 208 -5.03 5.22 5.98
N GLU A 209 -6.31 5.12 5.61
CA GLU A 209 -7.00 3.84 5.63
C GLU A 209 -6.16 2.78 4.93
N SER A 210 -5.20 3.22 4.11
CA SER A 210 -4.34 2.30 3.39
C SER A 210 -3.31 1.69 4.34
N ALA A 211 -2.67 0.61 3.90
CA ALA A 211 -1.67 -0.07 4.71
C ALA A 211 -0.54 0.89 5.06
N GLN A 212 -0.31 1.88 4.19
CA GLN A 212 0.75 2.85 4.42
C GLN A 212 0.46 3.67 5.67
N GLY A 213 -0.79 4.08 5.84
CA GLY A 213 -1.18 4.88 6.99
C GLY A 213 -0.91 4.12 8.28
N GLN A 214 -1.27 2.83 8.31
CA GLN A 214 -1.04 2.02 9.49
C GLN A 214 0.44 1.90 9.80
N MET A 215 1.25 1.77 8.74
CA MET A 215 2.69 1.64 8.92
C MET A 215 3.24 2.90 9.57
N LEU A 216 2.76 4.07 9.15
CA LEU A 216 3.22 5.33 9.73
C LEU A 216 2.84 5.39 11.21
N GLU A 217 1.58 5.12 11.51
CA GLU A 217 1.11 5.15 12.89
C GLU A 217 2.02 4.30 13.77
N GLN A 218 2.53 3.22 13.20
CA GLN A 218 3.42 2.33 13.94
C GLN A 218 4.77 3.00 14.18
N LEU A 219 5.07 4.01 13.36
CA LEU A 219 6.34 4.72 13.50
C LEU A 219 6.23 5.86 14.48
N GLY A 220 5.00 6.11 14.96
CA GLY A 220 4.77 7.17 15.93
C GLY A 220 4.19 8.41 15.25
N PHE A 221 4.13 8.37 13.92
CA PHE A 221 3.59 9.49 13.16
C PHE A 221 2.07 9.49 13.22
N THR A 222 1.48 10.68 13.18
CA THR A 222 0.02 10.81 13.23
C THR A 222 -0.51 11.35 11.90
N LEU A 223 -1.46 10.63 11.33
CA LEU A 223 -2.05 11.03 10.05
C LEU A 223 -3.29 11.88 10.27
N ALA A 224 -3.50 12.84 9.39
CA ALA A 224 -4.65 13.72 9.48
C ALA A 224 -5.94 12.95 9.18
N LYS A 225 -7.03 13.38 9.80
CA LYS A 225 -8.33 12.72 9.58
C LYS A 225 -9.39 13.74 9.23
N LEU A 226 -10.14 13.47 8.16
CA LEU A 226 -11.20 14.37 7.71
C LEU A 226 -12.56 13.71 7.87
N PRO A 227 -13.21 13.92 8.98
CA PRO A 227 -14.57 13.35 9.26
C PRO A 227 -15.56 13.73 8.17
N ALA A 228 -16.39 12.77 7.79
CA ALA A 228 -17.39 13.00 6.74
C ALA A 228 -16.70 13.35 5.42
N GLY A 229 -15.49 13.90 5.51
CA GLY A 229 -14.74 14.29 4.32
C GLY A 229 -14.27 13.05 3.55
N LEU A 230 -13.65 12.13 4.26
CA LEU A 230 -13.14 10.91 3.64
C LEU A 230 -14.25 10.22 2.86
N ASN A 231 -15.47 10.28 3.39
CA ASN A 231 -16.60 9.67 2.72
C ASN A 231 -16.92 10.39 1.42
N ALA A 232 -15.89 10.84 0.72
CA ALA A 232 -16.07 11.55 -0.54
C ALA A 232 -17.26 12.50 -0.47
N SER A 233 -17.01 13.71 0.02
CA SER A 233 -18.07 14.70 0.14
C SER A 233 -18.36 15.35 -1.20
N GLN A 234 -17.43 15.17 -2.15
CA GLN A 234 -17.59 15.75 -3.48
C GLN A 234 -18.29 14.75 -4.41
N SER A 235 -17.90 13.49 -4.30
CA SER A 235 -18.47 12.44 -5.13
C SER A 235 -19.95 12.24 -4.81
N GLN A 236 -20.36 12.74 -3.64
CA GLN A 236 -21.74 12.60 -3.20
C GLN A 236 -22.15 11.14 -3.18
N GLY A 237 -21.26 10.29 -2.66
CA GLY A 237 -21.54 8.86 -2.59
C GLY A 237 -20.38 8.11 -1.96
N LYS A 238 -20.15 6.89 -2.43
CA LYS A 238 -19.06 6.07 -1.91
C LYS A 238 -18.13 5.64 -3.04
N ARG A 239 -16.83 5.59 -2.75
CA ARG A 239 -15.85 5.20 -3.75
C ARG A 239 -14.63 4.56 -3.09
N HIS A 240 -14.00 3.63 -3.78
CA HIS A 240 -12.81 2.95 -3.25
C HIS A 240 -11.54 3.56 -3.84
N ASP A 241 -10.48 2.76 -3.92
CA ASP A 241 -9.23 3.23 -4.45
C ASP A 241 -8.74 4.46 -3.70
N ILE A 242 -9.11 5.63 -4.20
CA ILE A 242 -8.70 6.89 -3.57
C ILE A 242 -9.91 7.76 -3.28
N ILE A 243 -9.67 8.88 -2.62
CA ILE A 243 -10.75 9.81 -2.26
C ILE A 243 -10.50 11.19 -2.85
N GLN A 244 -11.58 11.83 -3.32
CA GLN A 244 -11.47 13.16 -3.91
C GLN A 244 -11.87 14.22 -2.89
N LEU A 245 -11.61 15.48 -3.23
CA LEU A 245 -11.95 16.59 -2.36
C LEU A 245 -12.31 17.83 -3.16
N GLY A 246 -13.17 18.68 -2.58
CA GLY A 246 -13.58 19.90 -3.26
C GLY A 246 -12.41 20.84 -3.47
N GLY A 247 -11.53 20.91 -2.48
CA GLY A 247 -10.35 21.77 -2.55
C GLY A 247 -10.23 22.63 -1.31
N GLU A 248 -11.11 22.41 -0.34
CA GLU A 248 -11.08 23.17 0.90
C GLU A 248 -9.96 22.67 1.81
N ASN A 249 -10.02 21.39 2.16
CA ASN A 249 -9.01 20.79 3.03
C ASN A 249 -7.64 20.86 2.38
N LEU A 250 -7.61 20.69 1.06
CA LEU A 250 -6.34 20.74 0.34
C LEU A 250 -5.57 22.01 0.66
N ALA A 251 -6.10 23.15 0.23
CA ALA A 251 -5.45 24.43 0.48
C ALA A 251 -5.17 24.60 1.97
N ALA A 252 -6.14 24.21 2.80
CA ALA A 252 -5.97 24.32 4.24
C ALA A 252 -5.04 23.25 4.76
N GLY A 253 -4.24 22.66 3.85
CA GLY A 253 -3.30 21.61 4.23
C GLY A 253 -3.81 20.79 5.39
N LEU A 254 -5.07 20.35 5.29
CA LEU A 254 -5.69 19.57 6.36
C LEU A 254 -5.28 20.10 7.73
N ASN A 255 -4.46 19.32 8.44
CA ASN A 255 -4.02 19.73 9.77
C ASN A 255 -3.24 21.04 9.69
N GLY A 256 -2.33 21.12 8.72
CA GLY A 256 -1.54 22.34 8.55
C GLY A 256 -0.31 22.32 9.45
N GLU A 257 -0.08 21.20 10.11
CA GLU A 257 1.07 21.07 11.01
C GLU A 257 2.22 20.36 10.32
N SER A 258 1.94 19.77 9.16
CA SER A 258 2.97 19.06 8.41
C SER A 258 2.37 18.38 7.19
N LEU A 259 3.11 18.38 6.08
CA LEU A 259 2.64 17.76 4.87
C LEU A 259 3.80 17.19 4.07
N PHE A 260 3.71 15.89 3.73
CA PHE A 260 4.75 15.24 2.92
C PHE A 260 4.34 15.18 1.47
N LEU A 261 5.31 15.35 0.58
CA LEU A 261 5.03 15.33 -0.85
C LEU A 261 5.26 13.94 -1.42
N PHE A 262 4.17 13.25 -1.73
CA PHE A 262 4.26 11.90 -2.30
C PHE A 262 4.02 11.95 -3.80
N ALA A 263 3.52 13.09 -4.28
CA ALA A 263 3.25 13.24 -5.71
C ALA A 263 4.55 13.21 -6.51
N GLY A 264 5.57 13.87 -5.98
CA GLY A 264 6.86 13.93 -6.65
C GLY A 264 7.89 14.67 -5.82
N ASP A 265 9.13 14.67 -6.27
CA ASP A 265 10.20 15.35 -5.55
C ASP A 265 10.09 16.87 -5.71
N GLN A 266 11.05 17.45 -6.41
CA GLN A 266 11.07 18.89 -6.64
C GLN A 266 9.92 19.29 -7.56
N LYS A 267 9.52 18.38 -8.43
CA LYS A 267 8.45 18.67 -9.38
C LYS A 267 7.17 19.03 -8.63
N ASP A 268 6.87 18.27 -7.59
CA ASP A 268 5.66 18.56 -6.79
C ASP A 268 5.78 19.93 -6.12
N ALA A 269 6.95 20.21 -5.56
CA ALA A 269 7.18 21.49 -4.89
C ALA A 269 6.80 22.64 -5.81
N ASP A 270 7.48 22.72 -6.96
CA ASP A 270 7.20 23.78 -7.93
C ASP A 270 5.70 23.84 -8.23
N ALA A 271 5.09 22.68 -8.40
CA ALA A 271 3.66 22.63 -8.69
C ALA A 271 2.88 23.37 -7.61
N ILE A 272 3.26 23.15 -6.36
CA ILE A 272 2.58 23.82 -5.24
C ILE A 272 2.80 25.33 -5.30
N TYR A 273 4.03 25.72 -5.59
CA TYR A 273 4.37 27.14 -5.68
C TYR A 273 3.47 27.83 -6.71
N ALA A 274 3.18 27.13 -7.79
CA ALA A 274 2.33 27.68 -8.84
C ALA A 274 0.87 27.63 -8.41
N ASN A 275 0.63 27.13 -7.19
CA ASN A 275 -0.74 27.02 -6.68
C ASN A 275 -0.91 27.93 -5.46
N PRO A 276 -1.34 29.15 -5.67
CA PRO A 276 -1.56 30.14 -4.58
C PRO A 276 -2.44 29.56 -3.46
N LEU A 277 -3.30 28.62 -3.82
CA LEU A 277 -4.18 28.00 -2.85
C LEU A 277 -3.39 27.26 -1.80
N LEU A 278 -2.34 26.56 -2.24
CA LEU A 278 -1.51 25.79 -1.32
C LEU A 278 -0.29 26.59 -0.90
N ALA A 279 -0.24 27.85 -1.33
CA ALA A 279 0.87 28.72 -0.98
C ALA A 279 0.80 29.12 0.49
N HIS A 280 -0.42 29.29 0.99
CA HIS A 280 -0.61 29.70 2.38
C HIS A 280 -0.46 28.49 3.31
N LEU A 281 -0.09 27.35 2.74
CA LEU A 281 0.08 26.15 3.53
C LEU A 281 1.31 26.29 4.44
N PRO A 282 1.12 26.17 5.73
CA PRO A 282 2.22 26.30 6.72
C PRO A 282 3.45 25.48 6.32
N ALA A 283 3.21 24.29 5.77
CA ALA A 283 4.31 23.43 5.34
C ALA A 283 5.20 24.15 4.32
N VAL A 284 4.57 24.82 3.37
CA VAL A 284 5.31 25.57 2.36
C VAL A 284 6.08 26.72 3.00
N GLN A 285 5.41 27.43 3.90
CA GLN A 285 6.03 28.57 4.57
C GLN A 285 7.19 28.11 5.44
N ASN A 286 7.01 26.98 6.12
CA ASN A 286 8.05 26.44 6.98
C ASN A 286 8.96 25.50 6.20
N LYS A 287 8.52 25.12 5.00
CA LYS A 287 9.30 24.22 4.15
C LYS A 287 9.48 22.86 4.83
N GLN A 288 8.49 22.46 5.62
CA GLN A 288 8.54 21.18 6.31
C GLN A 288 7.96 20.08 5.44
N VAL A 289 8.33 20.09 4.16
CA VAL A 289 7.83 19.09 3.21
C VAL A 289 8.90 18.07 2.91
N TYR A 290 8.52 16.79 2.91
CA TYR A 290 9.46 15.71 2.61
C TYR A 290 9.04 14.97 1.35
N ALA A 291 10.01 14.76 0.46
CA ALA A 291 9.74 14.05 -0.80
C ALA A 291 9.78 12.54 -0.60
N LEU A 292 8.64 11.97 -0.24
CA LEU A 292 8.55 10.54 -0.03
C LEU A 292 8.83 9.78 -1.32
N GLY A 293 8.29 10.28 -2.42
CA GLY A 293 8.49 9.64 -3.72
C GLY A 293 7.54 8.46 -3.90
N THR A 294 7.40 7.99 -5.12
CA THR A 294 6.52 6.86 -5.40
C THR A 294 7.16 5.55 -4.94
N GLU A 295 8.48 5.53 -4.88
CA GLU A 295 9.20 4.34 -4.45
C GLU A 295 8.95 4.06 -2.97
N THR A 296 8.81 5.13 -2.20
CA THR A 296 8.58 4.99 -0.77
C THR A 296 7.17 4.49 -0.49
N PHE A 297 6.56 3.86 -1.49
CA PHE A 297 5.20 3.35 -1.33
C PHE A 297 5.14 2.39 -0.15
N ARG A 298 6.05 1.42 -0.15
CA ARG A 298 6.12 0.44 0.94
C ARG A 298 7.35 0.69 1.78
N LEU A 299 7.27 0.34 3.07
CA LEU A 299 8.40 0.53 3.98
C LEU A 299 8.92 -0.81 4.47
N ASP A 300 10.22 -1.04 4.28
CA ASP A 300 10.83 -2.29 4.73
C ASP A 300 12.29 -2.05 5.14
N TYR A 301 12.86 -3.02 5.83
CA TYR A 301 14.24 -2.90 6.27
C TYR A 301 15.15 -2.48 5.13
N TYR A 302 14.87 -3.01 3.94
CA TYR A 302 15.66 -2.68 2.76
C TYR A 302 15.42 -1.23 2.32
N SER A 303 14.20 -0.96 1.87
CA SER A 303 13.85 0.37 1.40
C SER A 303 14.01 1.40 2.51
N ALA A 304 13.75 0.98 3.74
CA ALA A 304 13.85 1.87 4.89
C ALA A 304 15.22 2.54 4.92
N MET A 305 16.22 1.90 4.34
CA MET A 305 17.57 2.45 4.31
C MET A 305 17.60 3.76 3.51
N GLN A 306 16.88 3.78 2.40
CA GLN A 306 16.84 4.97 1.56
C GLN A 306 15.90 6.03 2.15
N VAL A 307 14.73 5.58 2.59
CA VAL A 307 13.76 6.49 3.19
C VAL A 307 14.28 7.05 4.50
N LEU A 308 14.89 6.19 5.30
CA LEU A 308 15.41 6.61 6.59
C LEU A 308 16.44 7.71 6.42
N ASP A 309 17.38 7.51 5.49
CA ASP A 309 18.41 8.51 5.23
C ASP A 309 17.80 9.74 4.55
N ARG A 310 16.87 9.49 3.63
CA ARG A 310 16.23 10.57 2.88
C ARG A 310 15.48 11.49 3.84
N LEU A 311 14.86 10.91 4.84
CA LEU A 311 14.10 11.68 5.82
C LEU A 311 15.01 12.14 6.95
N LYS A 312 16.31 11.88 6.82
CA LYS A 312 17.28 12.27 7.84
C LYS A 312 18.22 13.34 7.29
N ALA A 313 18.17 13.55 5.98
CA ALA A 313 19.01 14.56 5.34
C ALA A 313 18.67 15.95 5.86
N LEU A 314 17.38 16.20 6.10
CA LEU A 314 16.95 17.49 6.59
C LEU A 314 17.60 17.79 7.93
N PHE A 315 17.52 16.83 8.85
CA PHE A 315 18.12 17.01 10.17
C PHE A 315 19.62 16.78 10.12
N ALA A 24 1.22 -24.76 7.54
CA ALA A 24 1.59 -26.02 8.26
C ALA A 24 2.27 -26.97 7.28
N ASP A 25 2.67 -28.13 7.79
CA ASP A 25 3.34 -29.13 6.95
C ASP A 25 2.31 -30.07 6.32
N TRP A 26 1.04 -29.86 6.66
CA TRP A 26 -0.01 -30.71 6.13
C TRP A 26 -1.28 -29.89 5.91
N PRO A 27 -2.31 -30.52 5.42
CA PRO A 27 -3.63 -29.84 5.15
C PRO A 27 -4.24 -29.28 6.42
N ARG A 28 -4.91 -28.14 6.28
CA ARG A 28 -5.55 -27.50 7.42
C ARG A 28 -6.70 -26.61 6.96
N GLN A 29 -7.35 -25.95 7.92
CA GLN A 29 -8.47 -25.07 7.61
C GLN A 29 -8.12 -23.63 7.98
N ILE A 30 -8.47 -22.69 7.09
CA ILE A 30 -8.20 -21.28 7.33
C ILE A 30 -9.48 -20.47 7.25
N THR A 31 -9.56 -19.40 8.04
CA THR A 31 -10.74 -18.54 8.04
C THR A 31 -10.38 -17.12 7.67
N ASP A 32 -11.19 -16.51 6.81
CA ASP A 32 -10.93 -15.13 6.37
C ASP A 32 -11.82 -14.17 7.15
N SER A 33 -12.29 -13.12 6.47
CA SER A 33 -13.14 -12.13 7.10
C SER A 33 -14.45 -12.77 7.55
N ARG A 34 -14.97 -13.69 6.74
CA ARG A 34 -16.21 -14.38 7.07
C ARG A 34 -16.20 -15.79 6.51
N GLY A 35 -16.21 -15.90 5.19
CA GLY A 35 -16.22 -17.21 4.54
C GLY A 35 -15.01 -18.02 4.96
N THR A 36 -15.21 -19.32 5.13
CA THR A 36 -14.12 -20.22 5.53
C THR A 36 -13.76 -21.17 4.41
N HIS A 37 -12.47 -21.28 4.13
CA HIS A 37 -11.99 -22.17 3.05
C HIS A 37 -11.05 -23.22 3.61
N THR A 38 -11.33 -24.48 3.29
CA THR A 38 -10.51 -25.58 3.77
C THR A 38 -9.32 -25.78 2.84
N LEU A 39 -8.12 -25.87 3.43
CA LEU A 39 -6.91 -26.07 2.64
C LEU A 39 -6.55 -27.56 2.60
N GLU A 40 -7.24 -28.30 1.76
CA GLU A 40 -6.98 -29.73 1.63
C GLU A 40 -5.59 -29.98 1.05
N SER A 41 -5.14 -29.07 0.21
CA SER A 41 -3.82 -29.21 -0.41
C SER A 41 -3.59 -28.08 -1.40
N GLN A 42 -2.69 -27.16 -1.06
CA GLN A 42 -2.38 -26.03 -1.92
C GLN A 42 -0.89 -25.99 -2.26
N PRO A 43 -0.51 -26.62 -3.34
CA PRO A 43 0.92 -26.65 -3.80
C PRO A 43 1.48 -25.26 -3.99
N GLN A 44 2.78 -25.10 -3.75
CA GLN A 44 3.43 -23.80 -3.89
C GLN A 44 2.92 -23.05 -5.12
N ARG A 45 1.78 -22.39 -4.96
CA ARG A 45 1.18 -21.65 -6.07
C ARG A 45 0.37 -20.48 -5.53
N ILE A 46 1.06 -19.51 -4.95
CA ILE A 46 0.39 -18.33 -4.40
C ILE A 46 -0.03 -17.38 -5.51
N VAL A 47 -1.30 -16.95 -5.46
CA VAL A 47 -1.83 -16.04 -6.47
C VAL A 47 -2.36 -14.78 -5.81
N SER A 48 -2.23 -13.65 -6.50
CA SER A 48 -2.71 -12.38 -5.96
C SER A 48 -3.46 -11.58 -7.03
N THR A 49 -4.52 -10.88 -6.61
CA THR A 49 -5.30 -10.09 -7.54
C THR A 49 -4.90 -8.61 -7.47
N SER A 50 -5.03 -8.03 -6.29
CA SER A 50 -4.67 -6.63 -6.10
C SER A 50 -3.16 -6.47 -5.94
N VAL A 51 -2.65 -5.29 -6.27
CA VAL A 51 -1.24 -5.02 -6.15
C VAL A 51 -0.84 -4.84 -4.69
N THR A 52 -1.82 -4.52 -3.86
CA THR A 52 -1.54 -4.28 -2.44
C THR A 52 -0.96 -5.54 -1.80
N LEU A 53 -1.66 -6.67 -1.99
CA LEU A 53 -1.18 -7.94 -1.46
C LEU A 53 0.11 -8.36 -2.16
N THR A 54 0.13 -8.19 -3.46
CA THR A 54 1.29 -8.59 -4.26
C THR A 54 2.59 -8.17 -3.56
N GLY A 55 2.68 -6.90 -3.22
CA GLY A 55 3.85 -6.38 -2.51
C GLY A 55 3.89 -6.89 -1.07
N SER A 56 2.72 -6.99 -0.47
CA SER A 56 2.63 -7.45 0.92
C SER A 56 3.13 -8.88 1.03
N LEU A 57 2.72 -9.73 0.10
CA LEU A 57 3.13 -11.13 0.10
C LEU A 57 4.63 -11.25 -0.18
N LEU A 58 5.09 -10.45 -1.13
CA LEU A 58 6.50 -10.47 -1.51
C LEU A 58 7.38 -10.07 -0.34
N ALA A 59 6.94 -9.06 0.40
CA ALA A 59 7.72 -8.57 1.53
C ALA A 59 7.94 -9.66 2.57
N ILE A 60 6.94 -10.51 2.74
CA ILE A 60 7.03 -11.59 3.71
C ILE A 60 7.59 -12.86 3.08
N ASP A 61 8.42 -12.69 2.07
CA ASP A 61 9.03 -13.82 1.40
C ASP A 61 7.97 -14.79 0.88
N ALA A 62 7.00 -14.26 0.13
CA ALA A 62 5.93 -15.07 -0.42
C ALA A 62 5.57 -14.61 -1.82
N PRO A 63 6.40 -14.94 -2.79
CA PRO A 63 6.20 -14.52 -4.20
C PRO A 63 4.94 -15.14 -4.81
N VAL A 64 4.35 -14.44 -5.77
CA VAL A 64 3.15 -14.92 -6.43
C VAL A 64 3.44 -15.24 -7.90
N ILE A 65 2.90 -16.37 -8.35
CA ILE A 65 3.09 -16.79 -9.73
C ILE A 65 2.34 -15.87 -10.69
N ALA A 66 1.11 -15.54 -10.35
CA ALA A 66 0.28 -14.69 -11.20
C ALA A 66 -0.22 -13.47 -10.43
N SER A 67 -0.06 -12.30 -11.02
CA SER A 67 -0.49 -11.06 -10.37
C SER A 67 -0.76 -9.99 -11.41
N GLY A 68 -1.38 -8.90 -10.97
CA GLY A 68 -1.70 -7.79 -11.88
C GLY A 68 -0.80 -6.59 -11.60
N ALA A 69 -1.04 -5.50 -12.33
CA ALA A 69 -0.26 -4.28 -12.14
C ALA A 69 -1.18 -3.06 -12.07
N THR A 70 -0.62 -1.90 -11.73
CA THR A 70 -1.40 -0.67 -11.62
C THR A 70 -0.71 0.45 -12.38
N THR A 71 -0.24 1.45 -11.63
CA THR A 71 0.42 2.59 -12.24
C THR A 71 1.94 2.47 -12.08
N PRO A 72 2.66 3.43 -12.57
CA PRO A 72 4.16 3.45 -12.48
C PRO A 72 4.64 3.48 -11.03
N ASN A 73 4.24 2.48 -10.26
CA ASN A 73 4.62 2.38 -8.87
C ASN A 73 6.11 2.20 -8.75
N ASN A 74 6.72 1.49 -9.72
CA ASN A 74 8.16 1.23 -9.71
C ASN A 74 8.44 -0.12 -9.05
N ARG A 75 7.67 -0.44 -8.02
CA ARG A 75 7.83 -1.71 -7.31
C ARG A 75 7.56 -2.87 -8.25
N VAL A 76 6.54 -2.72 -9.10
CA VAL A 76 6.18 -3.75 -10.06
C VAL A 76 7.19 -3.79 -11.20
N ALA A 77 7.85 -2.66 -11.45
CA ALA A 77 8.82 -2.57 -12.53
C ALA A 77 9.80 -3.73 -12.45
N ASP A 78 10.86 -3.66 -13.27
CA ASP A 78 11.86 -4.72 -13.29
C ASP A 78 12.75 -4.65 -12.06
N ASP A 79 13.96 -5.16 -12.18
CA ASP A 79 14.90 -5.16 -11.06
C ASP A 79 15.03 -3.77 -10.47
N GLN A 80 14.44 -2.79 -11.14
CA GLN A 80 14.49 -1.40 -10.66
C GLN A 80 13.38 -1.14 -9.66
N GLY A 81 13.76 -0.86 -8.41
CA GLY A 81 12.78 -0.58 -7.37
C GLY A 81 12.27 -1.87 -6.74
N PHE A 82 13.13 -2.54 -5.99
CA PHE A 82 12.76 -3.78 -5.31
C PHE A 82 13.43 -3.87 -3.95
N LEU A 83 12.74 -4.51 -2.99
CA LEU A 83 13.29 -4.68 -1.66
C LEU A 83 14.16 -5.93 -1.60
N ARG A 84 13.58 -7.04 -1.11
CA ARG A 84 14.32 -8.30 -1.02
C ARG A 84 14.67 -8.78 -2.40
N GLN A 85 13.73 -8.68 -3.34
CA GLN A 85 13.95 -9.10 -4.74
C GLN A 85 13.54 -10.56 -4.93
N TRP A 86 12.31 -10.88 -4.55
CA TRP A 86 11.80 -12.24 -4.71
C TRP A 86 10.86 -12.32 -5.91
N SER A 87 10.52 -11.16 -6.47
CA SER A 87 9.62 -11.10 -7.61
C SER A 87 10.24 -11.78 -8.83
N LYS A 88 11.56 -11.65 -8.94
CA LYS A 88 12.28 -12.26 -10.05
C LYS A 88 11.87 -13.72 -10.23
N VAL A 89 11.38 -14.32 -9.15
CA VAL A 89 10.95 -15.72 -9.19
C VAL A 89 9.68 -15.86 -10.04
N ALA A 90 8.71 -14.97 -9.80
CA ALA A 90 7.45 -15.02 -10.52
C ALA A 90 7.70 -14.82 -12.01
N LYS A 91 8.49 -13.79 -12.35
CA LYS A 91 8.79 -13.51 -13.74
C LYS A 91 9.55 -14.67 -14.37
N GLU A 92 10.44 -15.27 -13.59
CA GLU A 92 11.23 -16.40 -14.08
C GLU A 92 10.32 -17.48 -14.63
N ARG A 93 9.13 -17.62 -14.05
CA ARG A 93 8.17 -18.62 -14.50
C ARG A 93 7.27 -18.05 -15.56
N LYS A 94 7.51 -16.79 -15.94
CA LYS A 94 6.72 -16.13 -16.99
C LYS A 94 5.43 -15.58 -16.40
N LEU A 95 4.71 -16.42 -15.65
CA LEU A 95 3.45 -16.00 -15.04
C LEU A 95 3.63 -14.68 -14.39
N GLN A 96 2.52 -13.91 -14.24
CA GLN A 96 2.55 -12.57 -13.65
C GLN A 96 2.02 -11.54 -14.66
N ARG A 97 0.72 -11.26 -14.57
CA ARG A 97 0.10 -10.29 -15.47
C ARG A 97 0.46 -8.87 -15.03
N LEU A 98 0.67 -7.98 -15.99
CA LEU A 98 1.03 -6.59 -15.69
C LEU A 98 0.17 -5.63 -16.49
N TYR A 99 -1.03 -6.07 -16.84
CA TYR A 99 -1.94 -5.24 -17.62
C TYR A 99 -3.38 -5.39 -17.12
N ILE A 100 -4.09 -4.28 -17.01
CA ILE A 100 -5.48 -4.31 -16.56
C ILE A 100 -6.33 -3.38 -17.41
N GLY A 101 -7.65 -3.54 -17.31
CA GLY A 101 -8.58 -2.72 -18.09
C GLY A 101 -9.81 -3.52 -18.49
N GLU A 102 -9.63 -4.83 -18.64
CA GLU A 102 -10.74 -5.70 -19.02
C GLU A 102 -10.50 -7.12 -18.49
N PRO A 103 -10.61 -7.30 -17.22
CA PRO A 103 -10.39 -8.63 -16.56
C PRO A 103 -11.37 -9.68 -17.08
N SER A 104 -10.90 -10.92 -17.16
CA SER A 104 -11.74 -12.02 -17.64
C SER A 104 -11.59 -13.24 -16.75
N ALA A 105 -12.71 -13.87 -16.43
CA ALA A 105 -12.69 -15.05 -15.58
C ALA A 105 -12.04 -16.22 -16.30
N GLU A 106 -12.30 -16.33 -17.60
CA GLU A 106 -11.73 -17.41 -18.40
C GLU A 106 -10.21 -17.30 -18.45
N ALA A 107 -9.72 -16.08 -18.62
CA ALA A 107 -8.27 -15.85 -18.70
C ALA A 107 -7.61 -16.26 -17.39
N VAL A 108 -8.25 -15.92 -16.27
CA VAL A 108 -7.72 -16.26 -14.96
C VAL A 108 -7.67 -17.78 -14.80
N ALA A 109 -8.73 -18.45 -15.22
CA ALA A 109 -8.81 -19.90 -15.11
C ALA A 109 -7.70 -20.55 -15.94
N ALA A 110 -7.38 -19.93 -17.07
CA ALA A 110 -6.34 -20.46 -17.95
C ALA A 110 -5.00 -20.47 -17.23
N GLN A 111 -4.90 -19.70 -16.15
CA GLN A 111 -3.66 -19.63 -15.37
C GLN A 111 -3.63 -20.74 -14.32
N MET A 112 -4.73 -21.47 -14.20
CA MET A 112 -4.81 -22.55 -13.23
C MET A 112 -4.29 -22.11 -11.87
N PRO A 113 -4.86 -21.05 -11.33
CA PRO A 113 -4.44 -20.50 -10.00
C PRO A 113 -4.87 -21.43 -8.86
N ASP A 114 -4.09 -21.41 -7.78
CA ASP A 114 -4.38 -22.24 -6.62
C ASP A 114 -5.05 -21.41 -5.53
N LEU A 115 -4.25 -20.59 -4.85
CA LEU A 115 -4.77 -19.74 -3.78
C LEU A 115 -4.75 -18.28 -4.21
N ILE A 116 -5.94 -17.70 -4.37
CA ILE A 116 -6.05 -16.30 -4.79
C ILE A 116 -6.37 -15.41 -3.60
N LEU A 117 -5.56 -14.38 -3.40
CA LEU A 117 -5.74 -13.46 -2.28
C LEU A 117 -6.22 -12.11 -2.79
N ILE A 118 -7.24 -11.57 -2.12
CA ILE A 118 -7.81 -10.27 -2.52
C ILE A 118 -7.71 -9.28 -1.36
N SER A 119 -7.37 -8.03 -1.69
CA SER A 119 -7.25 -6.99 -0.68
C SER A 119 -8.62 -6.39 -0.36
N ALA A 120 -8.69 -5.60 0.70
CA ALA A 120 -9.94 -4.96 1.10
C ALA A 120 -10.45 -4.06 -0.01
N THR A 121 -9.53 -3.38 -0.69
CA THR A 121 -9.89 -2.47 -1.78
C THR A 121 -8.91 -2.60 -2.94
N GLY A 122 -9.34 -2.18 -4.13
CA GLY A 122 -8.50 -2.27 -5.31
C GLY A 122 -8.94 -1.24 -6.36
N GLY A 123 -8.20 -1.18 -7.45
CA GLY A 123 -8.50 -0.24 -8.52
C GLY A 123 -9.88 -0.54 -9.12
N ASP A 124 -10.23 -1.82 -9.16
CA ASP A 124 -11.52 -2.23 -9.72
C ASP A 124 -12.31 -3.06 -8.70
N SER A 125 -13.63 -3.01 -8.79
CA SER A 125 -14.48 -3.75 -7.88
C SER A 125 -14.26 -5.24 -8.04
N ALA A 126 -14.25 -5.96 -6.91
CA ALA A 126 -14.05 -7.41 -6.94
C ALA A 126 -15.25 -8.14 -6.34
N LEU A 127 -16.32 -7.40 -6.10
CA LEU A 127 -17.52 -7.98 -5.51
C LEU A 127 -18.07 -9.07 -6.41
N ALA A 128 -18.02 -8.85 -7.71
CA ALA A 128 -18.51 -9.84 -8.68
C ALA A 128 -17.44 -10.89 -8.97
N LEU A 129 -16.19 -10.45 -8.99
CA LEU A 129 -15.08 -11.35 -9.24
C LEU A 129 -14.86 -12.28 -8.06
N TYR A 130 -15.07 -11.75 -6.87
CA TYR A 130 -14.87 -12.52 -5.65
C TYR A 130 -15.42 -13.93 -5.79
N ASP A 131 -16.73 -14.04 -5.99
CA ASP A 131 -17.37 -15.35 -6.12
C ASP A 131 -16.90 -16.06 -7.39
N GLN A 132 -16.82 -15.31 -8.48
CA GLN A 132 -16.39 -15.88 -9.75
C GLN A 132 -14.96 -16.41 -9.63
N LEU A 133 -14.16 -15.76 -8.81
CA LEU A 133 -12.78 -16.18 -8.60
C LEU A 133 -12.73 -17.43 -7.73
N SER A 134 -13.57 -17.46 -6.71
CA SER A 134 -13.60 -18.60 -5.78
C SER A 134 -13.89 -19.88 -6.55
N THR A 135 -14.92 -19.84 -7.38
CA THR A 135 -15.29 -21.02 -8.18
C THR A 135 -14.09 -21.52 -8.96
N ILE A 136 -13.32 -20.59 -9.53
CA ILE A 136 -12.14 -20.96 -10.28
C ILE A 136 -11.07 -21.58 -9.37
N ALA A 137 -10.88 -20.98 -8.19
CA ALA A 137 -9.90 -21.47 -7.25
C ALA A 137 -10.06 -20.77 -5.90
N PRO A 138 -9.64 -21.42 -4.83
CA PRO A 138 -9.72 -20.85 -3.47
C PRO A 138 -9.41 -19.36 -3.43
N THR A 139 -10.45 -18.55 -3.25
CA THR A 139 -10.27 -17.09 -3.19
C THR A 139 -10.50 -16.59 -1.78
N LEU A 140 -9.48 -15.95 -1.21
CA LEU A 140 -9.58 -15.41 0.16
C LEU A 140 -9.52 -13.90 0.13
N ILE A 141 -10.14 -13.28 1.14
CA ILE A 141 -10.14 -11.82 1.24
C ILE A 141 -9.69 -11.38 2.62
N ILE A 142 -8.76 -10.42 2.64
CA ILE A 142 -8.24 -9.92 3.91
C ILE A 142 -8.61 -8.45 4.09
N ASN A 143 -9.20 -8.13 5.25
CA ASN A 143 -9.60 -6.75 5.54
C ASN A 143 -8.60 -6.10 6.48
N TYR A 144 -7.75 -5.23 5.93
CA TYR A 144 -6.73 -4.55 6.72
C TYR A 144 -7.18 -3.12 7.04
N ASP A 145 -8.23 -2.67 6.38
CA ASP A 145 -8.74 -1.33 6.59
C ASP A 145 -9.25 -1.16 8.02
N ASP A 146 -9.81 -2.23 8.56
CA ASP A 146 -10.36 -2.21 9.92
C ASP A 146 -9.36 -2.79 10.90
N LYS A 147 -8.15 -3.07 10.43
CA LYS A 147 -7.11 -3.64 11.29
C LYS A 147 -5.78 -2.93 11.06
N SER A 148 -4.91 -2.98 12.07
CA SER A 148 -3.61 -2.33 11.97
C SER A 148 -2.67 -3.14 11.09
N TRP A 149 -1.56 -2.52 10.68
CA TRP A 149 -0.60 -3.19 9.80
C TRP A 149 -0.06 -4.46 10.48
N GLN A 150 0.36 -4.31 11.74
CA GLN A 150 0.89 -5.45 12.48
C GLN A 150 -0.10 -6.61 12.46
N SER A 151 -1.37 -6.29 12.62
CA SER A 151 -2.42 -7.30 12.59
C SER A 151 -2.47 -7.97 11.22
N LEU A 152 -2.34 -7.16 10.17
CA LEU A 152 -2.39 -7.68 8.81
C LEU A 152 -1.27 -8.69 8.59
N LEU A 153 -0.08 -8.36 9.06
CA LEU A 153 1.05 -9.26 8.91
C LEU A 153 0.78 -10.57 9.63
N THR A 154 0.24 -10.47 10.84
CA THR A 154 -0.05 -11.66 11.63
C THR A 154 -0.94 -12.61 10.82
N GLN A 155 -1.97 -12.04 10.17
CA GLN A 155 -2.88 -12.86 9.36
C GLN A 155 -2.12 -13.51 8.21
N LEU A 156 -1.22 -12.77 7.60
CA LEU A 156 -0.42 -13.32 6.50
C LEU A 156 0.42 -14.47 6.95
N GLY A 157 1.03 -14.34 8.11
CA GLY A 157 1.86 -15.39 8.66
C GLY A 157 1.02 -16.61 8.99
N GLU A 158 -0.16 -16.39 9.56
CA GLU A 158 -1.05 -17.48 9.92
C GLU A 158 -1.64 -18.14 8.68
N ILE A 159 -2.11 -17.32 7.75
CA ILE A 159 -2.70 -17.83 6.52
C ILE A 159 -1.66 -18.57 5.69
N THR A 160 -0.47 -17.99 5.58
CA THR A 160 0.61 -18.59 4.79
C THR A 160 1.50 -19.45 5.67
N GLY A 161 1.29 -19.38 6.98
CA GLY A 161 2.07 -20.16 7.93
C GLY A 161 3.53 -19.71 7.91
N HIS A 162 3.75 -18.45 7.55
CA HIS A 162 5.11 -17.90 7.49
C HIS A 162 5.40 -17.05 8.72
N GLU A 163 5.14 -17.61 9.90
CA GLU A 163 5.38 -16.89 11.14
C GLU A 163 6.88 -16.73 11.38
N LYS A 164 7.64 -17.77 11.07
CA LYS A 164 9.09 -17.74 11.28
C LYS A 164 9.71 -16.60 10.47
N GLN A 165 9.31 -16.50 9.20
CA GLN A 165 9.85 -15.45 8.34
C GLN A 165 9.51 -14.07 8.91
N ALA A 166 8.30 -13.95 9.45
CA ALA A 166 7.88 -12.68 10.03
C ALA A 166 8.76 -12.31 11.22
N ALA A 167 9.09 -13.32 12.03
CA ALA A 167 9.95 -13.09 13.20
C ALA A 167 11.33 -12.61 12.77
N GLU A 168 11.74 -13.02 11.58
CA GLU A 168 13.04 -12.62 11.05
C GLU A 168 13.02 -11.15 10.60
N ARG A 169 12.07 -10.82 9.74
CA ARG A 169 11.95 -9.46 9.23
C ARG A 169 11.56 -8.51 10.36
N ILE A 170 10.65 -8.95 11.21
CA ILE A 170 10.20 -8.11 12.32
C ILE A 170 11.36 -7.82 13.27
N ALA A 171 12.15 -8.84 13.57
CA ALA A 171 13.27 -8.67 14.48
C ALA A 171 14.28 -7.68 13.88
N GLN A 172 14.77 -8.00 12.68
CA GLN A 172 15.75 -7.13 12.03
C GLN A 172 15.21 -5.73 11.86
N PHE A 173 13.89 -5.64 11.64
CA PHE A 173 13.24 -4.35 11.47
C PHE A 173 12.96 -3.70 12.83
N ASP A 174 12.62 -4.52 13.80
CA ASP A 174 12.29 -4.02 15.14
C ASP A 174 13.45 -3.19 15.68
N LYS A 175 14.67 -3.69 15.47
CA LYS A 175 15.85 -2.97 15.94
C LYS A 175 15.97 -1.61 15.27
N GLN A 176 15.70 -1.58 13.96
CA GLN A 176 15.78 -0.33 13.21
C GLN A 176 14.70 0.64 13.68
N LEU A 177 13.54 0.12 14.01
CA LEU A 177 12.44 0.94 14.49
C LEU A 177 12.81 1.62 15.79
N ALA A 178 13.45 0.88 16.68
CA ALA A 178 13.87 1.43 17.97
C ALA A 178 14.85 2.57 17.78
N ALA A 179 15.92 2.30 17.02
CA ALA A 179 16.92 3.32 16.77
C ALA A 179 16.34 4.45 15.92
N ALA A 180 15.54 4.08 14.91
CA ALA A 180 14.93 5.07 14.05
C ALA A 180 13.96 5.95 14.83
N LYS A 181 13.23 5.34 15.74
CA LYS A 181 12.27 6.07 16.56
C LYS A 181 12.99 7.09 17.44
N GLU A 182 14.20 6.76 17.84
CA GLU A 182 14.99 7.66 18.68
C GLU A 182 15.92 8.53 17.84
N GLN A 183 16.22 8.06 16.64
CA GLN A 183 17.11 8.80 15.75
C GLN A 183 16.47 10.13 15.34
N ILE A 184 15.18 10.10 15.05
CA ILE A 184 14.47 11.30 14.65
C ILE A 184 14.18 12.19 15.86
N LYS A 185 14.40 13.49 15.70
CA LYS A 185 14.16 14.44 16.80
C LYS A 185 13.24 15.56 16.33
N LEU A 186 11.99 15.54 16.81
CA LEU A 186 11.05 16.57 16.43
C LEU A 186 9.72 16.37 17.18
N PRO A 187 9.25 17.39 17.86
CA PRO A 187 7.98 17.33 18.62
C PRO A 187 6.86 16.62 17.85
N PRO A 188 5.93 16.02 18.54
CA PRO A 188 4.79 15.32 17.91
C PRO A 188 3.83 16.27 17.20
N GLN A 189 3.30 15.84 16.06
CA GLN A 189 2.37 16.67 15.33
C GLN A 189 1.76 15.87 14.16
N PRO A 190 0.53 16.15 13.82
CA PRO A 190 -0.16 15.47 12.70
C PRO A 190 0.40 15.86 11.34
N VAL A 191 0.25 14.98 10.36
CA VAL A 191 0.74 15.26 9.01
C VAL A 191 -0.27 14.82 7.97
N THR A 192 -0.10 15.30 6.75
CA THR A 192 -1.00 14.95 5.65
C THR A 192 -0.24 14.83 4.34
N ALA A 193 -0.91 14.31 3.31
CA ALA A 193 -0.28 14.16 2.00
C ALA A 193 -1.33 14.33 0.90
N ILE A 194 -0.96 15.05 -0.15
CA ILE A 194 -1.87 15.28 -1.28
C ILE A 194 -1.16 15.05 -2.60
N VAL A 195 -1.89 14.55 -3.59
CA VAL A 195 -1.32 14.32 -4.91
C VAL A 195 -2.24 14.87 -6.00
N TYR A 196 -1.67 15.62 -6.92
CA TYR A 196 -2.45 16.19 -8.01
C TYR A 196 -1.57 16.42 -9.24
N THR A 197 -2.19 16.46 -10.41
CA THR A 197 -1.44 16.69 -11.66
C THR A 197 -1.98 17.92 -12.38
N ALA A 198 -1.09 18.88 -12.62
CA ALA A 198 -1.47 20.11 -13.30
C ALA A 198 -2.01 19.81 -14.70
N ALA A 199 -1.56 18.69 -15.27
CA ALA A 199 -2.01 18.29 -16.60
C ALA A 199 -3.44 17.75 -16.56
N ALA A 200 -3.69 16.84 -15.62
CA ALA A 200 -5.01 16.24 -15.48
C ALA A 200 -5.95 17.21 -14.77
N HIS A 201 -5.40 18.28 -14.23
CA HIS A 201 -6.20 19.28 -13.53
C HIS A 201 -7.16 18.59 -12.57
N SER A 202 -6.64 17.64 -11.79
CA SER A 202 -7.47 16.91 -10.83
C SER A 202 -6.81 16.88 -9.46
N ALA A 203 -7.63 16.98 -8.41
CA ALA A 203 -7.11 16.98 -7.05
C ALA A 203 -7.45 15.68 -6.36
N ASN A 204 -6.45 14.81 -6.19
CA ASN A 204 -6.66 13.52 -5.54
C ASN A 204 -5.84 13.44 -4.25
N LEU A 205 -6.51 13.08 -3.17
CA LEU A 205 -5.83 12.96 -1.89
C LEU A 205 -5.75 11.52 -1.44
N TRP A 206 -4.67 11.17 -0.75
CA TRP A 206 -4.49 9.80 -0.25
C TRP A 206 -4.87 9.72 1.23
N THR A 207 -5.73 8.78 1.56
CA THR A 207 -6.17 8.60 2.93
C THR A 207 -5.32 7.56 3.66
N PRO A 208 -5.23 7.67 4.97
CA PRO A 208 -4.46 6.71 5.80
C PRO A 208 -5.10 5.33 5.82
N GLU A 209 -6.36 5.26 5.42
CA GLU A 209 -7.09 3.99 5.42
C GLU A 209 -6.27 2.92 4.70
N SER A 210 -5.30 3.35 3.90
CA SER A 210 -4.45 2.43 3.17
C SER A 210 -3.42 1.79 4.11
N ALA A 211 -2.80 0.70 3.66
CA ALA A 211 -1.81 0.01 4.46
C ALA A 211 -0.66 0.95 4.82
N GLN A 212 -0.42 1.94 3.97
CA GLN A 212 0.65 2.90 4.21
C GLN A 212 0.37 3.70 5.48
N GLY A 213 -0.89 4.11 5.66
CA GLY A 213 -1.26 4.88 6.83
C GLY A 213 -0.98 4.12 8.11
N GLN A 214 -1.34 2.83 8.14
CA GLN A 214 -1.09 2.01 9.31
C GLN A 214 0.39 1.86 9.57
N MET A 215 1.16 1.71 8.49
CA MET A 215 2.61 1.56 8.62
C MET A 215 3.21 2.80 9.27
N LEU A 216 2.73 3.98 8.86
CA LEU A 216 3.24 5.23 9.43
C LEU A 216 2.92 5.29 10.92
N GLU A 217 1.67 5.00 11.28
CA GLU A 217 1.26 5.02 12.68
C GLU A 217 2.19 4.15 13.52
N GLN A 218 2.70 3.09 12.92
CA GLN A 218 3.61 2.19 13.62
C GLN A 218 4.95 2.86 13.85
N LEU A 219 5.21 3.93 13.09
CA LEU A 219 6.49 4.65 13.23
C LEU A 219 6.38 5.74 14.28
N GLY A 220 5.16 5.96 14.77
CA GLY A 220 4.93 6.98 15.80
C GLY A 220 4.38 8.26 15.18
N PHE A 221 4.15 8.23 13.88
CA PHE A 221 3.61 9.41 13.19
C PHE A 221 2.09 9.38 13.20
N THR A 222 1.48 10.56 13.12
CA THR A 222 0.02 10.67 13.14
C THR A 222 -0.48 11.24 11.81
N LEU A 223 -1.44 10.55 11.21
CA LEU A 223 -2.00 10.98 9.94
C LEU A 223 -3.23 11.85 10.16
N ALA A 224 -3.42 12.81 9.27
CA ALA A 224 -4.57 13.71 9.37
C ALA A 224 -5.85 12.97 9.04
N LYS A 225 -6.96 13.42 9.64
CA LYS A 225 -8.26 12.79 9.40
C LYS A 225 -9.31 13.83 9.08
N LEU A 226 -10.07 13.60 8.01
CA LEU A 226 -11.11 14.53 7.59
C LEU A 226 -12.49 13.90 7.76
N PRO A 227 -13.12 14.12 8.88
CA PRO A 227 -14.48 13.56 9.17
C PRO A 227 -15.48 13.96 8.08
N ALA A 228 -16.32 13.01 7.69
CA ALA A 228 -17.32 13.25 6.66
C ALA A 228 -16.64 13.62 5.33
N GLY A 229 -15.42 14.15 5.42
CA GLY A 229 -14.68 14.55 4.23
C GLY A 229 -14.20 13.32 3.46
N LEU A 230 -13.58 12.38 4.16
CA LEU A 230 -13.07 11.18 3.53
C LEU A 230 -14.18 10.47 2.78
N ASN A 231 -15.38 10.50 3.34
CA ASN A 231 -16.52 9.87 2.68
C ASN A 231 -16.87 10.58 1.38
N ALA A 232 -15.84 11.05 0.66
CA ALA A 232 -16.04 11.74 -0.60
C ALA A 232 -17.26 12.66 -0.53
N SER A 233 -17.05 13.88 -0.09
CA SER A 233 -18.14 14.84 0.02
C SER A 233 -18.43 15.47 -1.33
N GLN A 234 -17.51 15.30 -2.28
CA GLN A 234 -17.69 15.86 -3.61
C GLN A 234 -18.37 14.86 -4.53
N SER A 235 -17.98 13.58 -4.42
CA SER A 235 -18.57 12.53 -5.24
C SER A 235 -20.04 12.33 -4.89
N GLN A 236 -20.44 12.84 -3.73
CA GLN A 236 -21.82 12.69 -3.28
C GLN A 236 -22.23 11.23 -3.25
N GLY A 237 -21.34 10.38 -2.74
CA GLY A 237 -21.62 8.96 -2.66
C GLY A 237 -20.46 8.22 -2.04
N LYS A 238 -20.25 6.96 -2.46
CA LYS A 238 -19.16 6.14 -1.93
C LYS A 238 -18.21 5.74 -3.05
N ARG A 239 -16.92 5.72 -2.76
CA ARG A 239 -15.92 5.34 -3.74
C ARG A 239 -14.70 4.74 -3.07
N HIS A 240 -14.02 3.83 -3.76
CA HIS A 240 -12.83 3.18 -3.21
C HIS A 240 -11.57 3.79 -3.83
N ASP A 241 -10.52 2.98 -3.94
CA ASP A 241 -9.27 3.45 -4.51
C ASP A 241 -8.76 4.68 -3.76
N ILE A 242 -9.13 5.85 -4.26
CA ILE A 242 -8.70 7.11 -3.65
C ILE A 242 -9.91 7.99 -3.36
N ILE A 243 -9.66 9.12 -2.69
CA ILE A 243 -10.71 10.06 -2.34
C ILE A 243 -10.44 11.44 -2.91
N GLN A 244 -11.50 12.10 -3.38
CA GLN A 244 -11.35 13.43 -3.96
C GLN A 244 -11.74 14.50 -2.94
N LEU A 245 -11.48 15.76 -3.27
CA LEU A 245 -11.80 16.87 -2.39
C LEU A 245 -12.19 18.11 -3.18
N GLY A 246 -13.06 18.93 -2.61
CA GLY A 246 -13.50 20.15 -3.27
C GLY A 246 -12.33 21.10 -3.49
N GLY A 247 -11.46 21.18 -2.49
CA GLY A 247 -10.30 22.07 -2.58
C GLY A 247 -10.15 22.90 -1.31
N GLU A 248 -11.03 22.65 -0.34
CA GLU A 248 -10.98 23.40 0.92
C GLU A 248 -9.89 22.85 1.82
N ASN A 249 -9.96 21.57 2.13
CA ASN A 249 -8.97 20.93 2.98
C ASN A 249 -7.59 21.01 2.35
N LEU A 250 -7.54 20.87 1.02
CA LEU A 250 -6.27 20.93 0.31
C LEU A 250 -5.50 22.20 0.67
N ALA A 251 -6.03 23.34 0.26
CA ALA A 251 -5.38 24.62 0.54
C ALA A 251 -5.11 24.75 2.03
N ALA A 252 -6.08 24.36 2.84
CA ALA A 252 -5.93 24.45 4.29
C ALA A 252 -4.99 23.36 4.79
N GLY A 253 -4.21 22.79 3.88
CA GLY A 253 -3.26 21.72 4.23
C GLY A 253 -3.78 20.87 5.39
N LEU A 254 -5.04 20.44 5.28
CA LEU A 254 -5.67 19.66 6.32
C LEU A 254 -5.27 20.17 7.71
N ASN A 255 -4.46 19.38 8.42
CA ASN A 255 -4.03 19.77 9.75
C ASN A 255 -3.25 21.07 9.70
N GLY A 256 -2.34 21.17 8.73
CA GLY A 256 -1.54 22.38 8.56
C GLY A 256 -0.32 22.36 9.48
N GLU A 257 -0.09 21.22 10.12
CA GLU A 257 1.05 21.08 11.02
C GLU A 257 2.21 20.38 10.33
N SER A 258 1.92 19.77 9.17
CA SER A 258 2.95 19.07 8.42
C SER A 258 2.35 18.42 7.18
N LEU A 259 3.11 18.43 6.08
CA LEU A 259 2.64 17.84 4.86
C LEU A 259 3.81 17.26 4.05
N PHE A 260 3.71 15.98 3.70
CA PHE A 260 4.75 15.33 2.90
C PHE A 260 4.35 15.27 1.44
N LEU A 261 5.33 15.43 0.57
CA LEU A 261 5.06 15.42 -0.86
C LEU A 261 5.28 14.04 -1.44
N PHE A 262 4.19 13.35 -1.76
CA PHE A 262 4.28 12.01 -2.33
C PHE A 262 4.04 12.06 -3.84
N ALA A 263 3.56 13.20 -4.32
CA ALA A 263 3.29 13.38 -5.74
C ALA A 263 4.59 13.36 -6.55
N GLY A 264 5.61 14.00 -6.01
CA GLY A 264 6.91 14.07 -6.69
C GLY A 264 7.93 14.82 -5.84
N ASP A 265 9.18 14.80 -6.30
CA ASP A 265 10.25 15.47 -5.57
C ASP A 265 10.14 16.99 -5.72
N GLN A 266 11.12 17.58 -6.40
CA GLN A 266 11.13 19.02 -6.61
C GLN A 266 10.00 19.43 -7.54
N LYS A 267 9.60 18.52 -8.42
CA LYS A 267 8.53 18.82 -9.37
C LYS A 267 7.26 19.18 -8.63
N ASP A 268 6.95 18.41 -7.59
CA ASP A 268 5.74 18.69 -6.80
C ASP A 268 5.85 20.06 -6.12
N ALA A 269 7.02 20.34 -5.55
CA ALA A 269 7.24 21.61 -4.86
C ALA A 269 6.87 22.76 -5.78
N ASP A 270 7.56 22.85 -6.92
CA ASP A 270 7.28 23.92 -7.89
C ASP A 270 5.79 24.00 -8.19
N ALA A 271 5.17 22.84 -8.38
CA ALA A 271 3.75 22.78 -8.68
C ALA A 271 2.96 23.52 -7.59
N ILE A 272 3.33 23.30 -6.34
CA ILE A 272 2.65 23.95 -5.22
C ILE A 272 2.88 25.46 -5.27
N TYR A 273 4.12 25.87 -5.55
CA TYR A 273 4.45 27.29 -5.62
C TYR A 273 3.55 27.98 -6.64
N ALA A 274 3.25 27.29 -7.72
CA ALA A 274 2.41 27.87 -8.77
C ALA A 274 0.95 27.83 -8.34
N ASN A 275 0.71 27.32 -7.12
CA ASN A 275 -0.65 27.22 -6.60
C ASN A 275 -0.81 28.13 -5.38
N PRO A 276 -1.24 29.35 -5.58
CA PRO A 276 -1.45 30.33 -4.48
C PRO A 276 -2.34 29.76 -3.37
N LEU A 277 -3.20 28.82 -3.74
CA LEU A 277 -4.10 28.21 -2.77
C LEU A 277 -3.31 27.45 -1.73
N LEU A 278 -2.27 26.75 -2.18
CA LEU A 278 -1.45 25.96 -1.27
C LEU A 278 -0.21 26.75 -0.83
N ALA A 279 -0.17 28.01 -1.24
CA ALA A 279 0.95 28.88 -0.87
C ALA A 279 0.88 29.26 0.60
N HIS A 280 -0.34 29.43 1.10
CA HIS A 280 -0.54 29.82 2.49
C HIS A 280 -0.39 28.61 3.41
N LEU A 281 -0.03 27.48 2.82
CA LEU A 281 0.13 26.27 3.60
C LEU A 281 1.36 26.38 4.52
N PRO A 282 1.17 26.25 5.81
CA PRO A 282 2.27 26.36 6.78
C PRO A 282 3.50 25.53 6.38
N ALA A 283 3.26 24.36 5.81
CA ALA A 283 4.35 23.50 5.38
C ALA A 283 5.23 24.22 4.37
N VAL A 284 4.60 24.90 3.42
CA VAL A 284 5.34 25.64 2.40
C VAL A 284 6.10 26.80 3.03
N GLN A 285 5.44 27.51 3.95
CA GLN A 285 6.06 28.64 4.61
C GLN A 285 7.23 28.19 5.47
N ASN A 286 7.05 27.06 6.15
CA ASN A 286 8.11 26.51 7.01
C ASN A 286 9.00 25.58 6.23
N LYS A 287 8.56 25.20 5.03
CA LYS A 287 9.33 24.30 4.18
C LYS A 287 9.52 22.94 4.86
N GLN A 288 8.52 22.53 5.64
CA GLN A 288 8.57 21.25 6.33
C GLN A 288 7.99 20.15 5.45
N VAL A 289 8.35 20.17 4.17
CA VAL A 289 7.85 19.18 3.22
C VAL A 289 8.91 18.14 2.91
N TYR A 290 8.52 16.87 2.90
CA TYR A 290 9.45 15.78 2.61
C TYR A 290 9.05 15.06 1.35
N ALA A 291 10.01 14.84 0.46
CA ALA A 291 9.75 14.15 -0.80
C ALA A 291 9.80 12.63 -0.60
N LEU A 292 8.66 12.05 -0.25
CA LEU A 292 8.58 10.61 -0.05
C LEU A 292 8.87 9.86 -1.35
N GLY A 293 8.33 10.37 -2.45
CA GLY A 293 8.53 9.74 -3.74
C GLY A 293 7.58 8.56 -3.93
N THR A 294 7.44 8.09 -5.16
CA THR A 294 6.57 6.98 -5.46
C THR A 294 7.19 5.66 -5.00
N GLU A 295 8.52 5.64 -4.93
CA GLU A 295 9.23 4.45 -4.51
C GLU A 295 8.98 4.16 -3.04
N THR A 296 8.83 5.22 -2.25
CA THR A 296 8.60 5.08 -0.83
C THR A 296 7.17 4.58 -0.55
N PHE A 297 6.59 3.91 -1.54
CA PHE A 297 5.23 3.41 -1.39
C PHE A 297 5.15 2.48 -0.19
N ARG A 298 6.06 1.50 -0.14
CA ARG A 298 6.10 0.56 0.97
C ARG A 298 7.33 0.81 1.81
N LEU A 299 7.27 0.46 3.10
CA LEU A 299 8.39 0.65 3.99
C LEU A 299 8.91 -0.68 4.50
N ASP A 300 10.21 -0.92 4.30
CA ASP A 300 10.83 -2.17 4.75
C ASP A 300 12.28 -1.94 5.15
N TYR A 301 12.86 -2.90 5.84
CA TYR A 301 14.25 -2.79 6.29
C TYR A 301 15.15 -2.36 5.13
N TYR A 302 14.87 -2.88 3.94
CA TYR A 302 15.66 -2.54 2.78
C TYR A 302 15.42 -1.10 2.32
N SER A 303 14.19 -0.84 1.88
CA SER A 303 13.85 0.50 1.41
C SER A 303 13.99 1.53 2.52
N ALA A 304 13.74 1.10 3.76
CA ALA A 304 13.83 2.01 4.89
C ALA A 304 15.20 2.67 4.94
N MET A 305 16.19 2.02 4.37
CA MET A 305 17.54 2.57 4.35
C MET A 305 17.60 3.88 3.55
N GLN A 306 16.89 3.91 2.43
CA GLN A 306 16.84 5.11 1.60
C GLN A 306 15.90 6.15 2.17
N VAL A 307 14.73 5.69 2.60
CA VAL A 307 13.74 6.60 3.19
C VAL A 307 14.24 7.16 4.51
N LEU A 308 14.85 6.30 5.32
CA LEU A 308 15.35 6.74 6.61
C LEU A 308 16.38 7.83 6.45
N ASP A 309 17.33 7.62 5.54
CA ASP A 309 18.37 8.62 5.29
C ASP A 309 17.77 9.85 4.61
N ARG A 310 16.85 9.61 3.68
CA ARG A 310 16.22 10.69 2.93
C ARG A 310 15.46 11.61 3.88
N LEU A 311 14.82 11.01 4.88
CA LEU A 311 14.05 11.79 5.85
C LEU A 311 14.95 12.25 6.99
N LYS A 312 16.25 11.97 6.88
CA LYS A 312 17.21 12.38 7.90
C LYS A 312 18.16 13.44 7.36
N ALA A 313 18.11 13.65 6.04
CA ALA A 313 18.97 14.65 5.42
C ALA A 313 18.63 16.05 5.94
N LEU A 314 17.34 16.29 6.17
CA LEU A 314 16.91 17.59 6.65
C LEU A 314 17.55 17.89 8.00
N PHE A 315 17.46 16.93 8.92
CA PHE A 315 18.04 17.10 10.25
C PHE A 315 19.55 16.90 10.19
N ALA A 24 1.25 -24.70 7.53
CA ALA A 24 1.64 -25.95 8.25
C ALA A 24 2.32 -26.90 7.29
N ASP A 25 2.72 -28.06 7.79
CA ASP A 25 3.39 -29.06 6.95
C ASP A 25 2.37 -30.01 6.34
N TRP A 26 1.10 -29.80 6.69
CA TRP A 26 0.04 -30.66 6.16
C TRP A 26 -1.23 -29.84 5.93
N PRO A 27 -2.26 -30.48 5.44
CA PRO A 27 -3.57 -29.82 5.18
C PRO A 27 -4.19 -29.24 6.44
N ARG A 28 -4.87 -28.11 6.30
CA ARG A 28 -5.50 -27.46 7.45
C ARG A 28 -6.65 -26.58 6.99
N GLN A 29 -7.31 -25.92 7.94
CA GLN A 29 -8.43 -25.04 7.63
C GLN A 29 -8.09 -23.61 8.00
N ILE A 30 -8.44 -22.68 7.11
CA ILE A 30 -8.17 -21.26 7.35
C ILE A 30 -9.46 -20.45 7.26
N THR A 31 -9.54 -19.39 8.05
CA THR A 31 -10.74 -18.53 8.05
C THR A 31 -10.37 -17.10 7.67
N ASP A 32 -11.18 -16.50 6.80
CA ASP A 32 -10.94 -15.13 6.36
C ASP A 32 -11.83 -14.16 7.14
N SER A 33 -12.30 -13.12 6.45
CA SER A 33 -13.16 -12.12 7.08
C SER A 33 -14.47 -12.77 7.54
N ARG A 34 -14.97 -13.71 6.74
CA ARG A 34 -16.21 -14.39 7.06
C ARG A 34 -16.20 -15.82 6.51
N GLY A 35 -16.21 -15.93 5.19
CA GLY A 35 -16.21 -17.24 4.54
C GLY A 35 -15.00 -18.04 4.96
N THR A 36 -15.18 -19.34 5.14
CA THR A 36 -14.10 -20.23 5.55
C THR A 36 -13.74 -21.18 4.42
N HIS A 37 -12.44 -21.28 4.14
CA HIS A 37 -11.97 -22.17 3.07
C HIS A 37 -11.02 -23.22 3.64
N THR A 38 -11.29 -24.48 3.32
CA THR A 38 -10.46 -25.58 3.80
C THR A 38 -9.27 -25.79 2.87
N LEU A 39 -8.08 -25.86 3.46
CA LEU A 39 -6.86 -26.07 2.67
C LEU A 39 -6.49 -27.54 2.63
N GLU A 40 -7.19 -28.29 1.78
CA GLU A 40 -6.93 -29.73 1.65
C GLU A 40 -5.54 -29.97 1.08
N SER A 41 -5.08 -29.06 0.23
CA SER A 41 -3.76 -29.19 -0.38
C SER A 41 -3.54 -28.07 -1.38
N GLN A 42 -2.65 -27.14 -1.04
CA GLN A 42 -2.35 -26.01 -1.93
C GLN A 42 -0.86 -25.97 -2.26
N PRO A 43 -0.48 -26.61 -3.33
CA PRO A 43 0.95 -26.63 -3.79
C PRO A 43 1.50 -25.23 -3.99
N GLN A 44 2.81 -25.08 -3.75
CA GLN A 44 3.45 -23.77 -3.90
C GLN A 44 2.93 -23.04 -5.12
N ARG A 45 1.79 -22.37 -4.96
CA ARG A 45 1.18 -21.64 -6.07
C ARG A 45 0.37 -20.47 -5.54
N ILE A 46 1.06 -19.48 -4.95
CA ILE A 46 0.39 -18.32 -4.40
C ILE A 46 -0.03 -17.37 -5.51
N VAL A 47 -1.29 -16.94 -5.46
CA VAL A 47 -1.83 -16.03 -6.47
C VAL A 47 -2.36 -14.77 -5.81
N SER A 48 -2.24 -13.63 -6.50
CA SER A 48 -2.72 -12.36 -5.96
C SER A 48 -3.47 -11.58 -7.03
N THR A 49 -4.51 -10.87 -6.61
CA THR A 49 -5.31 -10.07 -7.54
C THR A 49 -4.91 -8.61 -7.47
N SER A 50 -5.05 -8.02 -6.30
CA SER A 50 -4.69 -6.62 -6.11
C SER A 50 -3.18 -6.45 -5.95
N VAL A 51 -2.68 -5.27 -6.28
CA VAL A 51 -1.25 -5.00 -6.16
C VAL A 51 -0.85 -4.83 -4.70
N THR A 52 -1.84 -4.49 -3.87
CA THR A 52 -1.56 -4.26 -2.45
C THR A 52 -0.98 -5.52 -1.81
N LEU A 53 -1.67 -6.64 -1.99
CA LEU A 53 -1.19 -7.91 -1.47
C LEU A 53 0.10 -8.33 -2.16
N THR A 54 0.11 -8.17 -3.48
CA THR A 54 1.28 -8.56 -4.27
C THR A 54 2.57 -8.14 -3.56
N GLY A 55 2.66 -6.86 -3.23
CA GLY A 55 3.83 -6.35 -2.52
C GLY A 55 3.87 -6.86 -1.08
N SER A 56 2.70 -6.96 -0.47
CA SER A 56 2.62 -7.42 0.91
C SER A 56 3.12 -8.85 1.02
N LEU A 57 2.70 -9.70 0.09
CA LEU A 57 3.12 -11.10 0.09
C LEU A 57 4.61 -11.21 -0.19
N LEU A 58 5.08 -10.41 -1.14
CA LEU A 58 6.49 -10.44 -1.51
C LEU A 58 7.37 -10.03 -0.33
N ALA A 59 6.93 -9.02 0.40
CA ALA A 59 7.70 -8.54 1.53
C ALA A 59 7.92 -9.63 2.57
N ILE A 60 6.92 -10.48 2.74
CA ILE A 60 7.01 -11.56 3.71
C ILE A 60 7.57 -12.83 3.09
N ASP A 61 8.40 -12.66 2.07
CA ASP A 61 9.02 -13.80 1.40
C ASP A 61 7.96 -14.76 0.89
N ALA A 62 6.99 -14.23 0.14
CA ALA A 62 5.91 -15.05 -0.42
C ALA A 62 5.57 -14.59 -1.82
N PRO A 63 6.40 -14.91 -2.78
CA PRO A 63 6.19 -14.51 -4.20
C PRO A 63 4.94 -15.13 -4.80
N VAL A 64 4.35 -14.43 -5.76
CA VAL A 64 3.15 -14.91 -6.42
C VAL A 64 3.43 -15.24 -7.89
N ILE A 65 2.90 -16.36 -8.34
CA ILE A 65 3.09 -16.78 -9.72
C ILE A 65 2.34 -15.87 -10.68
N ALA A 66 1.11 -15.53 -10.34
CA ALA A 66 0.28 -14.69 -11.19
C ALA A 66 -0.22 -13.47 -10.42
N SER A 67 -0.06 -12.29 -11.01
CA SER A 67 -0.49 -11.05 -10.37
C SER A 67 -0.76 -9.98 -11.40
N GLY A 68 -1.37 -8.89 -10.97
CA GLY A 68 -1.70 -7.79 -11.88
C GLY A 68 -0.81 -6.58 -11.59
N ALA A 69 -1.05 -5.49 -12.33
CA ALA A 69 -0.27 -4.26 -12.13
C ALA A 69 -1.20 -3.06 -12.06
N THR A 70 -0.63 -1.90 -11.74
CA THR A 70 -1.42 -0.67 -11.64
C THR A 70 -0.72 0.46 -12.38
N THR A 71 -0.25 1.45 -11.62
CA THR A 71 0.41 2.60 -12.23
C THR A 71 1.93 2.48 -12.06
N PRO A 72 2.65 3.44 -12.56
CA PRO A 72 4.15 3.46 -12.46
C PRO A 72 4.63 3.48 -11.00
N ASN A 73 4.23 2.47 -10.25
CA ASN A 73 4.62 2.37 -8.85
C ASN A 73 6.11 2.19 -8.73
N ASN A 74 6.72 1.48 -9.70
CA ASN A 74 8.16 1.22 -9.69
C ASN A 74 8.44 -0.12 -9.02
N ARG A 75 7.67 -0.44 -7.99
CA ARG A 75 7.84 -1.71 -7.29
C ARG A 75 7.56 -2.87 -8.23
N VAL A 76 6.54 -2.71 -9.08
CA VAL A 76 6.19 -3.76 -10.04
C VAL A 76 7.18 -3.79 -11.18
N ALA A 77 7.84 -2.66 -11.43
CA ALA A 77 8.82 -2.57 -12.51
C ALA A 77 9.81 -3.73 -12.43
N ASP A 78 10.85 -3.67 -13.25
CA ASP A 78 11.85 -4.72 -13.28
C ASP A 78 12.75 -4.65 -12.05
N ASP A 79 13.97 -5.14 -12.18
CA ASP A 79 14.91 -5.15 -11.06
C ASP A 79 15.04 -3.75 -10.47
N GLN A 80 14.43 -2.77 -11.14
CA GLN A 80 14.48 -1.39 -10.66
C GLN A 80 13.37 -1.13 -9.65
N GLY A 81 13.76 -0.86 -8.42
CA GLY A 81 12.78 -0.57 -7.37
C GLY A 81 12.27 -1.87 -6.74
N PHE A 82 13.15 -2.53 -5.99
CA PHE A 82 12.77 -3.77 -5.31
C PHE A 82 13.44 -3.88 -3.95
N LEU A 83 12.75 -4.50 -3.00
CA LEU A 83 13.30 -4.68 -1.66
C LEU A 83 14.18 -5.93 -1.60
N ARG A 84 13.60 -7.03 -1.12
CA ARG A 84 14.33 -8.29 -1.03
C ARG A 84 14.70 -8.78 -2.42
N GLN A 85 13.74 -8.67 -3.35
CA GLN A 85 13.96 -9.09 -4.74
C GLN A 85 13.56 -10.54 -4.94
N TRP A 86 12.32 -10.87 -4.56
CA TRP A 86 11.83 -12.24 -4.72
C TRP A 86 10.88 -12.31 -5.92
N SER A 87 10.52 -11.15 -6.47
CA SER A 87 9.62 -11.10 -7.61
C SER A 87 10.25 -11.77 -8.83
N LYS A 88 11.56 -11.64 -8.94
CA LYS A 88 12.27 -12.25 -10.06
C LYS A 88 11.87 -13.71 -10.24
N VAL A 89 11.38 -14.31 -9.15
CA VAL A 89 10.96 -15.70 -9.20
C VAL A 89 9.68 -15.85 -10.04
N ALA A 90 8.73 -14.96 -9.79
CA ALA A 90 7.46 -15.01 -10.52
C ALA A 90 7.70 -14.81 -12.01
N LYS A 91 8.48 -13.79 -12.34
CA LYS A 91 8.79 -13.51 -13.74
C LYS A 91 9.55 -14.67 -14.37
N GLU A 92 10.44 -15.27 -13.60
CA GLU A 92 11.23 -16.40 -14.08
C GLU A 92 10.31 -17.49 -14.63
N ARG A 93 9.13 -17.62 -14.05
CA ARG A 93 8.16 -18.62 -14.49
C ARG A 93 7.27 -18.05 -15.56
N LYS A 94 7.50 -16.79 -15.94
CA LYS A 94 6.71 -16.13 -16.98
C LYS A 94 5.42 -15.58 -16.39
N LEU A 95 4.71 -16.42 -15.64
CA LEU A 95 3.45 -16.00 -15.02
C LEU A 95 3.63 -14.66 -14.38
N GLN A 96 2.52 -13.91 -14.24
CA GLN A 96 2.55 -12.56 -13.65
C GLN A 96 2.03 -11.54 -14.65
N ARG A 97 0.73 -11.25 -14.57
CA ARG A 97 0.11 -10.28 -15.46
C ARG A 97 0.47 -8.86 -15.02
N LEU A 98 0.67 -7.97 -15.99
CA LEU A 98 1.03 -6.58 -15.68
C LEU A 98 0.17 -5.63 -16.48
N TYR A 99 -1.03 -6.07 -16.83
CA TYR A 99 -1.94 -5.23 -17.61
C TYR A 99 -3.38 -5.39 -17.11
N ILE A 100 -4.09 -4.28 -17.00
CA ILE A 100 -5.48 -4.31 -16.55
C ILE A 100 -6.34 -3.39 -17.41
N GLY A 101 -7.65 -3.54 -17.30
CA GLY A 101 -8.58 -2.72 -18.08
C GLY A 101 -9.81 -3.52 -18.48
N GLU A 102 -9.63 -4.83 -18.64
CA GLU A 102 -10.74 -5.70 -19.01
C GLU A 102 -10.50 -7.12 -18.49
N PRO A 103 -10.60 -7.30 -17.21
CA PRO A 103 -10.38 -8.63 -16.56
C PRO A 103 -11.36 -9.68 -17.07
N SER A 104 -10.89 -10.93 -17.16
CA SER A 104 -11.73 -12.02 -17.64
C SER A 104 -11.58 -13.24 -16.75
N ALA A 105 -12.70 -13.87 -16.43
CA ALA A 105 -12.68 -15.06 -15.58
C ALA A 105 -12.02 -16.23 -16.30
N GLU A 106 -12.28 -16.33 -17.60
CA GLU A 106 -11.70 -17.41 -18.40
C GLU A 106 -10.19 -17.30 -18.45
N ALA A 107 -9.70 -16.08 -18.62
CA ALA A 107 -8.25 -15.85 -18.69
C ALA A 107 -7.59 -16.26 -17.38
N VAL A 108 -8.23 -15.92 -16.27
CA VAL A 108 -7.70 -16.27 -14.95
C VAL A 108 -7.65 -17.79 -14.79
N ALA A 109 -8.71 -18.46 -15.22
CA ALA A 109 -8.78 -19.91 -15.11
C ALA A 109 -7.67 -20.56 -15.94
N ALA A 110 -7.35 -19.94 -17.07
CA ALA A 110 -6.31 -20.46 -17.94
C ALA A 110 -4.96 -20.47 -17.21
N GLN A 111 -4.87 -19.70 -16.13
CA GLN A 111 -3.64 -19.62 -15.36
C GLN A 111 -3.60 -20.73 -14.30
N MET A 112 -4.70 -21.46 -14.19
CA MET A 112 -4.79 -22.55 -13.21
C MET A 112 -4.27 -22.09 -11.85
N PRO A 113 -4.84 -21.04 -11.33
CA PRO A 113 -4.44 -20.50 -10.00
C PRO A 113 -4.85 -21.42 -8.85
N ASP A 114 -4.07 -21.40 -7.77
CA ASP A 114 -4.38 -22.24 -6.61
C ASP A 114 -5.03 -21.42 -5.51
N LEU A 115 -4.24 -20.58 -4.84
CA LEU A 115 -4.77 -19.73 -3.78
C LEU A 115 -4.75 -18.27 -4.21
N ILE A 116 -5.94 -17.68 -4.36
CA ILE A 116 -6.05 -16.29 -4.78
C ILE A 116 -6.37 -15.40 -3.59
N LEU A 117 -5.55 -14.36 -3.40
CA LEU A 117 -5.74 -13.44 -2.28
C LEU A 117 -6.21 -12.09 -2.79
N ILE A 118 -7.24 -11.55 -2.13
CA ILE A 118 -7.80 -10.25 -2.52
C ILE A 118 -7.71 -9.26 -1.37
N SER A 119 -7.38 -8.02 -1.70
CA SER A 119 -7.27 -6.97 -0.69
C SER A 119 -8.63 -6.37 -0.37
N ALA A 120 -8.70 -5.58 0.69
CA ALA A 120 -9.95 -4.95 1.08
C ALA A 120 -10.47 -4.04 -0.03
N THR A 121 -9.54 -3.37 -0.71
CA THR A 121 -9.91 -2.46 -1.79
C THR A 121 -8.93 -2.58 -2.95
N GLY A 122 -9.35 -2.18 -4.13
CA GLY A 122 -8.50 -2.25 -5.32
C GLY A 122 -8.95 -1.24 -6.38
N GLY A 123 -8.21 -1.17 -7.47
CA GLY A 123 -8.52 -0.24 -8.54
C GLY A 123 -9.89 -0.54 -9.13
N ASP A 124 -10.24 -1.82 -9.18
CA ASP A 124 -11.54 -2.24 -9.73
C ASP A 124 -12.31 -3.06 -8.71
N SER A 125 -13.64 -3.00 -8.80
CA SER A 125 -14.48 -3.75 -7.88
C SER A 125 -14.26 -5.25 -8.04
N ALA A 126 -14.26 -5.97 -6.92
CA ALA A 126 -14.05 -7.41 -6.95
C ALA A 126 -15.25 -8.14 -6.34
N LEU A 127 -16.32 -7.41 -6.11
CA LEU A 127 -17.52 -7.98 -5.52
C LEU A 127 -18.07 -9.08 -6.42
N ALA A 128 -18.02 -8.85 -7.72
CA ALA A 128 -18.52 -9.84 -8.67
C ALA A 128 -17.45 -10.89 -8.97
N LEU A 129 -16.20 -10.46 -9.00
CA LEU A 129 -15.09 -11.36 -9.26
C LEU A 129 -14.86 -12.28 -8.07
N TYR A 130 -15.08 -11.75 -6.88
CA TYR A 130 -14.87 -12.53 -5.66
C TYR A 130 -15.42 -13.95 -5.81
N ASP A 131 -16.72 -14.04 -6.00
CA ASP A 131 -17.36 -15.36 -6.13
C ASP A 131 -16.90 -16.07 -7.40
N GLN A 132 -16.82 -15.32 -8.49
CA GLN A 132 -16.39 -15.89 -9.76
C GLN A 132 -14.97 -16.42 -9.64
N LEU A 133 -14.16 -15.76 -8.83
CA LEU A 133 -12.78 -16.18 -8.61
C LEU A 133 -12.73 -17.43 -7.75
N SER A 134 -13.57 -17.47 -6.72
CA SER A 134 -13.60 -18.61 -5.80
C SER A 134 -13.88 -19.89 -6.58
N THR A 135 -14.92 -19.86 -7.40
CA THR A 135 -15.28 -21.02 -8.20
C THR A 135 -14.06 -21.53 -8.97
N ILE A 136 -13.30 -20.61 -9.54
CA ILE A 136 -12.11 -20.97 -10.29
C ILE A 136 -11.04 -21.57 -9.37
N ALA A 137 -10.87 -20.97 -8.20
CA ALA A 137 -9.88 -21.45 -7.25
C ALA A 137 -10.05 -20.75 -5.90
N PRO A 138 -9.65 -21.39 -4.83
CA PRO A 138 -9.76 -20.82 -3.47
C PRO A 138 -9.44 -19.34 -3.43
N THR A 139 -10.47 -18.52 -3.24
CA THR A 139 -10.29 -17.07 -3.19
C THR A 139 -10.52 -16.57 -1.78
N LEU A 140 -9.50 -15.92 -1.21
CA LEU A 140 -9.59 -15.39 0.15
C LEU A 140 -9.53 -13.87 0.13
N ILE A 141 -10.15 -13.26 1.14
CA ILE A 141 -10.16 -11.79 1.23
C ILE A 141 -9.69 -11.35 2.61
N ILE A 142 -8.77 -10.39 2.64
CA ILE A 142 -8.24 -9.88 3.90
C ILE A 142 -8.62 -8.42 4.09
N ASN A 143 -9.21 -8.10 5.24
CA ASN A 143 -9.62 -6.72 5.53
C ASN A 143 -8.61 -6.07 6.47
N TYR A 144 -7.76 -5.21 5.92
CA TYR A 144 -6.75 -4.52 6.72
C TYR A 144 -7.19 -3.10 7.04
N ASP A 145 -8.24 -2.64 6.37
CA ASP A 145 -8.75 -1.29 6.58
C ASP A 145 -9.27 -1.12 8.00
N ASP A 146 -9.82 -2.20 8.56
CA ASP A 146 -10.36 -2.17 9.91
C ASP A 146 -9.36 -2.75 10.90
N LYS A 147 -8.15 -3.02 10.43
CA LYS A 147 -7.11 -3.58 11.29
C LYS A 147 -5.77 -2.88 11.05
N SER A 148 -4.90 -2.92 12.05
CA SER A 148 -3.60 -2.28 11.95
C SER A 148 -2.67 -3.10 11.06
N TRP A 149 -1.56 -2.49 10.65
CA TRP A 149 -0.60 -3.16 9.78
C TRP A 149 -0.07 -4.42 10.47
N GLN A 150 0.35 -4.28 11.72
CA GLN A 150 0.89 -5.41 12.47
C GLN A 150 -0.10 -6.56 12.45
N SER A 151 -1.38 -6.25 12.62
CA SER A 151 -2.43 -7.27 12.59
C SER A 151 -2.49 -7.93 11.23
N LEU A 152 -2.36 -7.12 10.17
CA LEU A 152 -2.40 -7.64 8.81
C LEU A 152 -1.28 -8.66 8.59
N LEU A 153 -0.08 -8.32 9.05
CA LEU A 153 1.05 -9.22 8.91
C LEU A 153 0.78 -10.54 9.63
N THR A 154 0.25 -10.43 10.85
CA THR A 154 -0.06 -11.63 11.64
C THR A 154 -0.94 -12.56 10.83
N GLN A 155 -1.97 -12.01 10.19
CA GLN A 155 -2.88 -12.81 9.38
C GLN A 155 -2.12 -13.48 8.23
N LEU A 156 -1.23 -12.73 7.61
CA LEU A 156 -0.44 -13.28 6.51
C LEU A 156 0.41 -14.44 6.96
N GLY A 157 1.01 -14.30 8.12
CA GLY A 157 1.84 -15.36 8.67
C GLY A 157 1.00 -16.58 8.99
N GLU A 158 -0.18 -16.36 9.56
CA GLU A 158 -1.07 -17.45 9.92
C GLU A 158 -1.66 -18.11 8.67
N ILE A 159 -2.12 -17.29 7.74
CA ILE A 159 -2.71 -17.81 6.51
C ILE A 159 -1.67 -18.55 5.68
N THR A 160 -0.47 -17.96 5.58
CA THR A 160 0.60 -18.56 4.79
C THR A 160 1.49 -19.42 5.68
N GLY A 161 1.27 -19.35 6.98
CA GLY A 161 2.06 -20.12 7.93
C GLY A 161 3.51 -19.68 7.93
N HIS A 162 3.73 -18.41 7.57
CA HIS A 162 5.08 -17.86 7.52
C HIS A 162 5.37 -17.01 8.74
N GLU A 163 5.11 -17.57 9.92
CA GLU A 163 5.34 -16.85 11.17
C GLU A 163 6.84 -16.69 11.43
N LYS A 164 7.59 -17.73 11.11
CA LYS A 164 9.04 -17.69 11.32
C LYS A 164 9.67 -16.55 10.52
N GLN A 165 9.28 -16.45 9.26
CA GLN A 165 9.81 -15.39 8.39
C GLN A 165 9.48 -14.02 8.95
N ALA A 166 8.26 -13.89 9.49
CA ALA A 166 7.84 -12.62 10.07
C ALA A 166 8.72 -12.26 11.27
N ALA A 167 9.04 -13.26 12.08
CA ALA A 167 9.89 -13.04 13.25
C ALA A 167 11.28 -12.57 12.83
N GLU A 168 11.69 -12.98 11.63
CA GLU A 168 13.01 -12.58 11.11
C GLU A 168 12.99 -11.12 10.67
N ARG A 169 12.05 -10.79 9.79
CA ARG A 169 11.94 -9.43 9.28
C ARG A 169 11.56 -8.47 10.41
N ILE A 170 10.63 -8.89 11.26
CA ILE A 170 10.18 -8.06 12.36
C ILE A 170 11.33 -7.78 13.31
N ALA A 171 12.11 -8.81 13.62
CA ALA A 171 13.24 -8.65 14.53
C ALA A 171 14.26 -7.67 13.94
N GLN A 172 14.80 -8.01 12.77
CA GLN A 172 15.79 -7.17 12.13
C GLN A 172 15.26 -5.76 11.94
N PHE A 173 13.96 -5.65 11.71
CA PHE A 173 13.32 -4.36 11.52
C PHE A 173 13.03 -3.70 12.86
N ASP A 174 12.67 -4.51 13.84
CA ASP A 174 12.35 -4.00 15.17
C ASP A 174 13.50 -3.17 15.71
N LYS A 175 14.72 -3.65 15.50
CA LYS A 175 15.90 -2.94 15.97
C LYS A 175 16.01 -1.57 15.29
N GLN A 176 15.74 -1.54 13.99
CA GLN A 176 15.81 -0.30 13.23
C GLN A 176 14.74 0.67 13.71
N LEU A 177 13.56 0.14 14.04
CA LEU A 177 12.47 0.97 14.52
C LEU A 177 12.85 1.65 15.83
N ALA A 178 13.50 0.90 16.72
CA ALA A 178 13.91 1.45 18.01
C ALA A 178 14.90 2.60 17.80
N ALA A 179 15.96 2.34 17.05
CA ALA A 179 16.97 3.35 16.78
C ALA A 179 16.38 4.47 15.93
N ALA A 180 15.58 4.10 14.93
CA ALA A 180 14.97 5.09 14.06
C ALA A 180 14.00 5.97 14.84
N LYS A 181 13.26 5.36 15.76
CA LYS A 181 12.30 6.10 16.58
C LYS A 181 13.02 7.12 17.45
N GLU A 182 14.25 6.79 17.84
CA GLU A 182 15.04 7.68 18.69
C GLU A 182 15.96 8.55 17.83
N GLN A 183 16.26 8.09 16.63
CA GLN A 183 17.15 8.82 15.73
C GLN A 183 16.51 10.15 15.32
N ILE A 184 15.21 10.11 15.04
CA ILE A 184 14.49 11.30 14.63
C ILE A 184 14.22 12.20 15.83
N LYS A 185 14.43 13.50 15.66
CA LYS A 185 14.20 14.46 16.73
C LYS A 185 13.27 15.57 16.27
N LEU A 186 12.04 15.55 16.77
CA LEU A 186 11.06 16.56 16.39
C LEU A 186 9.75 16.36 17.16
N PRO A 187 9.28 17.36 17.85
CA PRO A 187 8.02 17.29 18.62
C PRO A 187 6.91 16.60 17.85
N PRO A 188 5.98 16.00 18.55
CA PRO A 188 4.83 15.28 17.91
C PRO A 188 3.87 16.24 17.22
N GLN A 189 3.35 15.81 16.08
CA GLN A 189 2.41 16.63 15.33
C GLN A 189 1.80 15.84 14.18
N PRO A 190 0.57 16.11 13.84
CA PRO A 190 -0.13 15.44 12.72
C PRO A 190 0.44 15.83 11.36
N VAL A 191 0.28 14.94 10.38
CA VAL A 191 0.80 15.20 9.03
C VAL A 191 -0.23 14.76 7.99
N THR A 192 -0.05 15.25 6.76
CA THR A 192 -0.96 14.90 5.67
C THR A 192 -0.20 14.79 4.36
N ALA A 193 -0.86 14.28 3.33
CA ALA A 193 -0.25 14.15 2.02
C ALA A 193 -1.29 14.31 0.91
N ILE A 194 -0.92 15.04 -0.14
CA ILE A 194 -1.84 15.27 -1.26
C ILE A 194 -1.12 15.06 -2.58
N VAL A 195 -1.85 14.57 -3.57
CA VAL A 195 -1.28 14.35 -4.90
C VAL A 195 -2.21 14.92 -5.98
N TYR A 196 -1.64 15.68 -6.90
CA TYR A 196 -2.42 16.26 -7.99
C TYR A 196 -1.54 16.47 -9.21
N THR A 197 -2.17 16.51 -10.38
CA THR A 197 -1.43 16.72 -11.63
C THR A 197 -1.98 17.93 -12.37
N ALA A 198 -1.11 18.90 -12.63
CA ALA A 198 -1.52 20.12 -13.34
C ALA A 198 -2.05 19.77 -14.72
N ALA A 199 -1.60 18.64 -15.26
CA ALA A 199 -2.05 18.21 -16.58
C ALA A 199 -3.48 17.66 -16.52
N ALA A 200 -3.70 16.77 -15.57
CA ALA A 200 -5.02 16.15 -15.42
C ALA A 200 -6.01 17.15 -14.84
N HIS A 201 -5.49 18.27 -14.35
CA HIS A 201 -6.33 19.31 -13.77
C HIS A 201 -7.29 18.70 -12.74
N SER A 202 -6.77 17.77 -11.94
CA SER A 202 -7.59 17.12 -10.92
C SER A 202 -6.83 17.02 -9.61
N ALA A 203 -7.55 17.16 -8.49
CA ALA A 203 -6.92 17.08 -7.18
C ALA A 203 -7.35 15.81 -6.45
N ASN A 204 -6.40 14.92 -6.21
CA ASN A 204 -6.69 13.66 -5.52
C ASN A 204 -5.88 13.56 -4.24
N LEU A 205 -6.55 13.18 -3.16
CA LEU A 205 -5.87 13.05 -1.87
C LEU A 205 -5.81 11.59 -1.45
N TRP A 206 -4.74 11.23 -0.74
CA TRP A 206 -4.57 9.85 -0.26
C TRP A 206 -4.95 9.77 1.20
N THR A 207 -5.78 8.79 1.54
CA THR A 207 -6.22 8.60 2.92
C THR A 207 -5.36 7.57 3.63
N PRO A 208 -5.26 7.66 4.93
CA PRO A 208 -4.48 6.70 5.76
C PRO A 208 -5.10 5.30 5.77
N GLU A 209 -6.37 5.24 5.39
CA GLU A 209 -7.08 3.96 5.38
C GLU A 209 -6.25 2.90 4.66
N SER A 210 -5.30 3.35 3.86
CA SER A 210 -4.43 2.44 3.12
C SER A 210 -3.40 1.80 4.05
N ALA A 211 -2.78 0.72 3.58
CA ALA A 211 -1.78 0.03 4.39
C ALA A 211 -0.64 0.97 4.75
N GLN A 212 -0.40 1.96 3.89
CA GLN A 212 0.67 2.93 4.15
C GLN A 212 0.38 3.74 5.41
N GLY A 213 -0.88 4.12 5.59
CA GLY A 213 -1.26 4.90 6.77
C GLY A 213 -0.96 4.14 8.05
N GLN A 214 -1.32 2.86 8.07
CA GLN A 214 -1.08 2.04 9.26
C GLN A 214 0.42 1.88 9.50
N MET A 215 1.18 1.72 8.42
CA MET A 215 2.62 1.57 8.53
C MET A 215 3.24 2.81 9.17
N LEU A 216 2.77 3.99 8.76
CA LEU A 216 3.28 5.24 9.31
C LEU A 216 2.98 5.32 10.80
N GLU A 217 1.74 5.02 11.17
CA GLU A 217 1.34 5.06 12.57
C GLU A 217 2.25 4.18 13.41
N GLN A 218 2.75 3.11 12.81
CA GLN A 218 3.65 2.21 13.51
C GLN A 218 5.00 2.87 13.76
N LEU A 219 5.27 3.95 13.02
CA LEU A 219 6.54 4.66 13.16
C LEU A 219 6.43 5.73 14.24
N GLY A 220 5.20 5.98 14.72
CA GLY A 220 4.99 6.97 15.76
C GLY A 220 4.41 8.25 15.17
N PHE A 221 4.17 8.24 13.86
CA PHE A 221 3.61 9.42 13.19
C PHE A 221 2.10 9.37 13.21
N THR A 222 1.48 10.55 13.12
CA THR A 222 0.02 10.65 13.14
C THR A 222 -0.50 11.20 11.83
N LEU A 223 -1.46 10.50 11.22
CA LEU A 223 -2.02 10.93 9.95
C LEU A 223 -3.25 11.80 10.17
N ALA A 224 -3.45 12.77 9.28
CA ALA A 224 -4.59 13.66 9.39
C ALA A 224 -5.88 12.93 9.07
N LYS A 225 -6.99 13.39 9.64
CA LYS A 225 -8.28 12.75 9.40
C LYS A 225 -9.33 13.80 9.08
N LEU A 226 -10.08 13.57 8.00
CA LEU A 226 -11.13 14.51 7.59
C LEU A 226 -12.50 13.86 7.74
N PRO A 227 -13.15 14.08 8.87
CA PRO A 227 -14.51 13.53 9.13
C PRO A 227 -15.50 13.93 8.05
N ALA A 228 -16.36 12.99 7.66
CA ALA A 228 -17.35 13.24 6.62
C ALA A 228 -16.66 13.60 5.30
N GLY A 229 -15.44 14.13 5.39
CA GLY A 229 -14.69 14.51 4.20
C GLY A 229 -14.23 13.27 3.43
N LEU A 230 -13.60 12.34 4.14
CA LEU A 230 -13.10 11.12 3.53
C LEU A 230 -14.22 10.43 2.75
N ASN A 231 -15.42 10.48 3.29
CA ASN A 231 -16.58 9.86 2.64
C ASN A 231 -16.91 10.59 1.33
N ALA A 232 -15.88 11.05 0.64
CA ALA A 232 -16.06 11.76 -0.62
C ALA A 232 -17.28 12.68 -0.55
N SER A 233 -17.06 13.91 -0.09
CA SER A 233 -18.14 14.86 0.02
C SER A 233 -18.44 15.51 -1.33
N GLN A 234 -17.51 15.34 -2.28
CA GLN A 234 -17.69 15.90 -3.61
C GLN A 234 -18.37 14.90 -4.53
N SER A 235 -17.97 13.64 -4.43
CA SER A 235 -18.55 12.60 -5.26
C SER A 235 -20.01 12.37 -4.91
N GLN A 236 -20.41 12.85 -3.74
CA GLN A 236 -21.79 12.69 -3.28
C GLN A 236 -22.18 11.22 -3.27
N GLY A 237 -21.27 10.38 -2.77
CA GLY A 237 -21.54 8.94 -2.71
C GLY A 237 -20.37 8.21 -2.10
N LYS A 238 -20.15 6.97 -2.53
CA LYS A 238 -19.05 6.16 -2.01
C LYS A 238 -18.11 5.75 -3.14
N ARG A 239 -16.81 5.73 -2.84
CA ARG A 239 -15.81 5.35 -3.85
C ARG A 239 -14.59 4.75 -3.18
N HIS A 240 -13.93 3.83 -3.88
CA HIS A 240 -12.73 3.18 -3.34
C HIS A 240 -11.48 3.80 -3.94
N ASP A 241 -10.41 3.00 -4.03
CA ASP A 241 -9.16 3.49 -4.59
C ASP A 241 -8.68 4.73 -3.84
N ILE A 242 -9.06 5.90 -4.34
CA ILE A 242 -8.66 7.15 -3.71
C ILE A 242 -9.88 8.02 -3.41
N ILE A 243 -9.65 9.16 -2.75
CA ILE A 243 -10.73 10.06 -2.39
C ILE A 243 -10.48 11.45 -2.97
N GLN A 244 -11.55 12.10 -3.42
CA GLN A 244 -11.45 13.44 -4.00
C GLN A 244 -11.85 14.48 -2.96
N LEU A 245 -11.58 15.75 -3.29
CA LEU A 245 -11.91 16.85 -2.40
C LEU A 245 -12.26 18.11 -3.18
N GLY A 246 -13.12 18.95 -2.59
CA GLY A 246 -13.53 20.18 -3.25
C GLY A 246 -12.34 21.12 -3.44
N GLY A 247 -11.47 21.17 -2.45
CA GLY A 247 -10.30 22.03 -2.51
C GLY A 247 -10.16 22.87 -1.25
N GLU A 248 -11.05 22.63 -0.29
CA GLU A 248 -11.01 23.37 0.97
C GLU A 248 -9.90 22.85 1.87
N ASN A 249 -9.96 21.56 2.20
CA ASN A 249 -8.96 20.94 3.05
C ASN A 249 -7.58 21.03 2.41
N LEU A 250 -7.54 20.87 1.09
CA LEU A 250 -6.27 20.93 0.36
C LEU A 250 -5.50 22.19 0.72
N ALA A 251 -6.03 23.34 0.31
CA ALA A 251 -5.38 24.62 0.58
C ALA A 251 -5.10 24.75 2.07
N ALA A 252 -6.07 24.35 2.89
CA ALA A 252 -5.92 24.43 4.34
C ALA A 252 -4.98 23.35 4.84
N GLY A 253 -4.19 22.77 3.93
CA GLY A 253 -3.25 21.71 4.28
C GLY A 253 -3.77 20.87 5.44
N LEU A 254 -5.03 20.43 5.33
CA LEU A 254 -5.66 19.63 6.38
C LEU A 254 -5.24 20.15 7.76
N ASN A 255 -4.43 19.36 8.46
CA ASN A 255 -3.98 19.75 9.79
C ASN A 255 -3.20 21.06 9.73
N GLY A 256 -2.29 21.15 8.75
CA GLY A 256 -1.49 22.36 8.60
C GLY A 256 -0.27 22.33 9.51
N GLU A 257 -0.04 21.20 10.15
CA GLU A 257 1.10 21.06 11.06
C GLU A 257 2.25 20.35 10.36
N SER A 258 1.97 19.75 9.20
CA SER A 258 3.00 19.05 8.45
C SER A 258 2.39 18.39 7.21
N LEU A 259 3.14 18.40 6.11
CA LEU A 259 2.68 17.81 4.88
C LEU A 259 3.83 17.24 4.07
N PHE A 260 3.75 15.95 3.73
CA PHE A 260 4.78 15.30 2.91
C PHE A 260 4.37 15.25 1.46
N LEU A 261 5.35 15.43 0.59
CA LEU A 261 5.07 15.42 -0.85
C LEU A 261 5.30 14.03 -1.44
N PHE A 262 4.22 13.34 -1.75
CA PHE A 262 4.31 12.01 -2.33
C PHE A 262 4.07 12.06 -3.84
N ALA A 263 3.58 13.21 -4.32
CA ALA A 263 3.32 13.38 -5.74
C ALA A 263 4.61 13.36 -6.53
N GLY A 264 5.64 14.01 -6.00
CA GLY A 264 6.93 14.07 -6.68
C GLY A 264 7.96 14.82 -5.83
N ASP A 265 9.20 14.81 -6.28
CA ASP A 265 10.26 15.48 -5.56
C ASP A 265 10.15 16.99 -5.71
N GLN A 266 11.12 17.59 -6.41
CA GLN A 266 11.13 19.03 -6.62
C GLN A 266 9.98 19.43 -7.54
N LYS A 267 9.57 18.52 -8.42
CA LYS A 267 8.50 18.80 -9.37
C LYS A 267 7.23 19.17 -8.62
N ASP A 268 6.92 18.40 -7.58
CA ASP A 268 5.72 18.67 -6.78
C ASP A 268 5.84 20.04 -6.11
N ALA A 269 7.01 20.32 -5.54
CA ALA A 269 7.23 21.61 -4.86
C ALA A 269 6.85 22.76 -5.78
N ASP A 270 7.53 22.85 -6.92
CA ASP A 270 7.26 23.90 -7.89
C ASP A 270 5.77 23.98 -8.19
N ALA A 271 5.15 22.81 -8.37
CA ALA A 271 3.73 22.77 -8.68
C ALA A 271 2.94 23.50 -7.59
N ILE A 272 3.31 23.27 -6.33
CA ILE A 272 2.63 23.93 -5.22
C ILE A 272 2.85 25.44 -5.27
N TYR A 273 4.08 25.84 -5.54
CA TYR A 273 4.41 27.26 -5.62
C TYR A 273 3.52 27.96 -6.63
N ALA A 274 3.22 27.27 -7.72
CA ALA A 274 2.37 27.83 -8.77
C ALA A 274 0.92 27.80 -8.33
N ASN A 275 0.68 27.29 -7.12
CA ASN A 275 -0.68 27.20 -6.58
C ASN A 275 -0.84 28.11 -5.37
N PRO A 276 -1.25 29.33 -5.57
CA PRO A 276 -1.46 30.31 -4.47
C PRO A 276 -2.36 29.74 -3.36
N LEU A 277 -3.22 28.81 -3.73
CA LEU A 277 -4.11 28.21 -2.76
C LEU A 277 -3.32 27.44 -1.71
N LEU A 278 -2.28 26.73 -2.16
CA LEU A 278 -1.46 25.94 -1.24
C LEU A 278 -0.23 26.75 -0.81
N ALA A 279 -0.19 28.01 -1.21
CA ALA A 279 0.92 28.87 -0.85
C ALA A 279 0.86 29.25 0.63
N HIS A 280 -0.37 29.41 1.13
CA HIS A 280 -0.56 29.79 2.52
C HIS A 280 -0.41 28.59 3.44
N LEU A 281 -0.04 27.45 2.85
CA LEU A 281 0.13 26.24 3.63
C LEU A 281 1.36 26.36 4.54
N PRO A 282 1.17 26.23 5.83
CA PRO A 282 2.28 26.34 6.81
C PRO A 282 3.50 25.52 6.40
N ALA A 283 3.27 24.35 5.83
CA ALA A 283 4.36 23.49 5.40
C ALA A 283 5.24 24.22 4.38
N VAL A 284 4.60 24.89 3.43
CA VAL A 284 5.33 25.63 2.41
C VAL A 284 6.09 26.80 3.05
N GLN A 285 5.42 27.50 3.95
CA GLN A 285 6.04 28.65 4.62
C GLN A 285 7.22 28.21 5.46
N ASN A 286 7.05 27.08 6.15
CA ASN A 286 8.12 26.55 6.99
C ASN A 286 9.01 25.59 6.21
N LYS A 287 8.56 25.23 5.01
CA LYS A 287 9.33 24.32 4.16
C LYS A 287 9.51 22.97 4.84
N GLN A 288 8.52 22.57 5.63
CA GLN A 288 8.58 21.28 6.31
C GLN A 288 8.01 20.18 5.44
N VAL A 289 8.36 20.19 4.16
CA VAL A 289 7.86 19.18 3.23
C VAL A 289 8.94 18.16 2.92
N TYR A 290 8.55 16.88 2.91
CA TYR A 290 9.50 15.81 2.63
C TYR A 290 9.09 15.07 1.35
N ALA A 291 10.05 14.85 0.47
CA ALA A 291 9.79 14.16 -0.79
C ALA A 291 9.84 12.65 -0.59
N LEU A 292 8.70 12.07 -0.25
CA LEU A 292 8.63 10.62 -0.05
C LEU A 292 8.91 9.88 -1.34
N GLY A 293 8.38 10.38 -2.44
CA GLY A 293 8.59 9.76 -3.74
C GLY A 293 7.63 8.59 -3.93
N THR A 294 7.51 8.12 -5.17
CA THR A 294 6.63 7.01 -5.47
C THR A 294 7.25 5.69 -5.01
N GLU A 295 8.57 5.66 -4.94
CA GLU A 295 9.28 4.46 -4.52
C GLU A 295 9.01 4.18 -3.05
N THR A 296 8.87 5.24 -2.27
CA THR A 296 8.63 5.09 -0.84
C THR A 296 7.21 4.61 -0.57
N PHE A 297 6.62 3.93 -1.55
CA PHE A 297 5.26 3.43 -1.41
C PHE A 297 5.16 2.51 -0.21
N ARG A 298 6.07 1.54 -0.14
CA ARG A 298 6.11 0.60 0.98
C ARG A 298 7.35 0.85 1.82
N LEU A 299 7.28 0.49 3.10
CA LEU A 299 8.41 0.68 4.00
C LEU A 299 8.92 -0.67 4.50
N ASP A 300 10.22 -0.90 4.30
CA ASP A 300 10.84 -2.15 4.75
C ASP A 300 12.29 -1.92 5.15
N TYR A 301 12.87 -2.89 5.84
CA TYR A 301 14.25 -2.78 6.29
C TYR A 301 15.15 -2.35 5.14
N TYR A 302 14.87 -2.87 3.94
CA TYR A 302 15.67 -2.53 2.78
C TYR A 302 15.42 -1.09 2.33
N SER A 303 14.21 -0.82 1.88
CA SER A 303 13.86 0.51 1.41
C SER A 303 14.02 1.54 2.52
N ALA A 304 13.76 1.12 3.76
CA ALA A 304 13.86 2.01 4.89
C ALA A 304 15.23 2.68 4.95
N MET A 305 16.22 2.03 4.37
CA MET A 305 17.57 2.57 4.34
C MET A 305 17.62 3.88 3.56
N GLN A 306 16.91 3.91 2.43
CA GLN A 306 16.89 5.11 1.59
C GLN A 306 15.93 6.16 2.17
N VAL A 307 14.76 5.70 2.61
CA VAL A 307 13.77 6.60 3.18
C VAL A 307 14.28 7.17 4.50
N LEU A 308 14.88 6.31 5.32
CA LEU A 308 15.38 6.74 6.62
C LEU A 308 16.42 7.83 6.45
N ASP A 309 17.36 7.63 5.53
CA ASP A 309 18.40 8.62 5.29
C ASP A 309 17.80 9.85 4.60
N ARG A 310 16.88 9.61 3.67
CA ARG A 310 16.25 10.70 2.93
C ARG A 310 15.50 11.61 3.87
N LEU A 311 14.86 11.02 4.87
CA LEU A 311 14.09 11.79 5.84
C LEU A 311 14.99 12.25 6.98
N LYS A 312 16.28 11.98 6.86
CA LYS A 312 17.24 12.37 7.90
C LYS A 312 18.19 13.45 7.36
N ALA A 313 18.15 13.65 6.04
CA ALA A 313 19.01 14.66 5.42
C ALA A 313 18.67 16.05 5.93
N LEU A 314 17.38 16.30 6.15
CA LEU A 314 16.95 17.60 6.63
C LEU A 314 17.58 17.90 7.99
N PHE A 315 17.49 16.94 8.90
CA PHE A 315 18.07 17.11 10.24
C PHE A 315 19.58 16.91 10.19
N ALA A 24 1.20 -24.78 7.53
CA ALA A 24 1.58 -26.01 8.25
C ALA A 24 2.27 -26.97 7.29
N ASP A 25 2.67 -28.13 7.80
CA ASP A 25 3.35 -29.13 6.97
C ASP A 25 2.33 -30.08 6.34
N TRP A 26 1.06 -29.88 6.68
CA TRP A 26 0.00 -30.73 6.15
C TRP A 26 -1.27 -29.93 5.92
N PRO A 27 -2.29 -30.56 5.43
CA PRO A 27 -3.60 -29.90 5.16
C PRO A 27 -4.23 -29.31 6.42
N ARG A 28 -4.91 -28.18 6.27
CA ARG A 28 -5.54 -27.53 7.40
C ARG A 28 -6.70 -26.65 6.93
N GLN A 29 -7.35 -25.99 7.89
CA GLN A 29 -8.47 -25.10 7.57
C GLN A 29 -8.13 -23.67 7.93
N ILE A 30 -8.48 -22.74 7.04
CA ILE A 30 -8.21 -21.32 7.29
C ILE A 30 -9.50 -20.52 7.20
N THR A 31 -9.59 -19.45 8.00
CA THR A 31 -10.77 -18.60 7.99
C THR A 31 -10.41 -17.16 7.61
N ASP A 32 -11.23 -16.57 6.75
CA ASP A 32 -10.98 -15.19 6.31
C ASP A 32 -11.87 -14.22 7.09
N SER A 33 -12.34 -13.18 6.42
CA SER A 33 -13.19 -12.19 7.05
C SER A 33 -14.50 -12.82 7.49
N ARG A 34 -15.01 -13.75 6.69
CA ARG A 34 -16.26 -14.44 7.01
C ARG A 34 -16.25 -15.87 6.46
N GLY A 35 -16.26 -15.99 5.14
CA GLY A 35 -16.26 -17.29 4.50
C GLY A 35 -15.05 -18.10 4.92
N THR A 36 -15.23 -19.40 5.10
CA THR A 36 -14.14 -20.28 5.50
C THR A 36 -13.78 -21.24 4.37
N HIS A 37 -12.48 -21.33 4.08
CA HIS A 37 -12.01 -22.21 3.02
C HIS A 37 -11.07 -23.27 3.57
N THR A 38 -11.34 -24.53 3.25
CA THR A 38 -10.51 -25.63 3.73
C THR A 38 -9.32 -25.84 2.81
N LEU A 39 -8.13 -25.92 3.39
CA LEU A 39 -6.92 -26.13 2.61
C LEU A 39 -6.54 -27.62 2.59
N GLU A 40 -7.23 -28.37 1.75
CA GLU A 40 -6.97 -29.80 1.64
C GLU A 40 -5.57 -30.05 1.07
N SER A 41 -5.13 -29.15 0.21
CA SER A 41 -3.81 -29.29 -0.40
C SER A 41 -3.57 -28.16 -1.40
N GLN A 42 -2.70 -27.22 -1.05
CA GLN A 42 -2.40 -26.10 -1.92
C GLN A 42 -0.91 -26.06 -2.25
N PRO A 43 -0.52 -26.69 -3.33
CA PRO A 43 0.90 -26.72 -3.78
C PRO A 43 1.46 -25.31 -3.98
N GLN A 44 2.76 -25.17 -3.75
CA GLN A 44 3.41 -23.86 -3.89
C GLN A 44 2.89 -23.13 -5.12
N ARG A 45 1.75 -22.46 -4.97
CA ARG A 45 1.15 -21.73 -6.08
C ARG A 45 0.32 -20.56 -5.55
N ILE A 46 1.01 -19.59 -4.96
CA ILE A 46 0.34 -18.42 -4.42
C ILE A 46 -0.08 -17.46 -5.52
N VAL A 47 -1.34 -17.03 -5.50
CA VAL A 47 -1.86 -16.11 -6.51
C VAL A 47 -2.40 -14.85 -5.85
N SER A 48 -2.27 -13.72 -6.55
CA SER A 48 -2.75 -12.45 -6.01
C SER A 48 -3.49 -11.66 -7.08
N THR A 49 -4.54 -10.95 -6.66
CA THR A 49 -5.33 -10.16 -7.61
C THR A 49 -4.92 -8.68 -7.53
N SER A 50 -5.07 -8.10 -6.34
CA SER A 50 -4.71 -6.70 -6.15
C SER A 50 -3.20 -6.55 -5.99
N VAL A 51 -2.71 -5.36 -6.32
CA VAL A 51 -1.28 -5.08 -6.20
C VAL A 51 -0.89 -4.91 -4.74
N THR A 52 -1.87 -4.59 -3.89
CA THR A 52 -1.59 -4.36 -2.47
C THR A 52 -1.02 -5.63 -1.84
N LEU A 53 -1.71 -6.75 -2.03
CA LEU A 53 -1.22 -8.02 -1.51
C LEU A 53 0.07 -8.43 -2.21
N THR A 54 0.10 -8.26 -3.52
CA THR A 54 1.27 -8.65 -4.31
C THR A 54 2.55 -8.23 -3.59
N GLY A 55 2.63 -6.94 -3.26
CA GLY A 55 3.79 -6.43 -2.54
C GLY A 55 3.83 -6.95 -1.10
N SER A 56 2.66 -7.06 -0.49
CA SER A 56 2.56 -7.53 0.89
C SER A 56 3.07 -8.97 0.99
N LEU A 57 2.66 -9.81 0.05
CA LEU A 57 3.08 -11.21 0.03
C LEU A 57 4.57 -11.31 -0.23
N LEU A 58 5.06 -10.50 -1.16
CA LEU A 58 6.47 -10.53 -1.51
C LEU A 58 7.34 -10.12 -0.33
N ALA A 59 6.88 -9.13 0.42
CA ALA A 59 7.63 -8.64 1.56
C ALA A 59 7.84 -9.74 2.59
N ILE A 60 6.84 -10.59 2.74
CA ILE A 60 6.91 -11.68 3.71
C ILE A 60 7.49 -12.95 3.09
N ASP A 61 8.31 -12.77 2.07
CA ASP A 61 8.93 -13.91 1.40
C ASP A 61 7.87 -14.87 0.88
N ALA A 62 6.91 -14.34 0.12
CA ALA A 62 5.83 -15.16 -0.44
C ALA A 62 5.52 -14.70 -1.86
N PRO A 63 6.36 -15.06 -2.80
CA PRO A 63 6.18 -14.67 -4.23
C PRO A 63 4.91 -15.27 -4.83
N VAL A 64 4.33 -14.56 -5.80
CA VAL A 64 3.12 -15.03 -6.46
C VAL A 64 3.42 -15.36 -7.92
N ILE A 65 2.88 -16.50 -8.36
CA ILE A 65 3.07 -16.91 -9.75
C ILE A 65 2.33 -16.01 -10.71
N ALA A 66 1.09 -15.67 -10.37
CA ALA A 66 0.27 -14.82 -11.23
C ALA A 66 -0.24 -13.60 -10.45
N SER A 67 -0.08 -12.44 -11.05
CA SER A 67 -0.51 -11.20 -10.41
C SER A 67 -0.78 -10.13 -11.46
N GLY A 68 -1.41 -9.03 -11.03
CA GLY A 68 -1.71 -7.92 -11.94
C GLY A 68 -0.82 -6.73 -11.66
N ALA A 69 -1.05 -5.64 -12.40
CA ALA A 69 -0.27 -4.42 -12.21
C ALA A 69 -1.19 -3.20 -12.15
N THR A 70 -0.62 -2.05 -11.82
CA THR A 70 -1.39 -0.81 -11.72
C THR A 70 -0.69 0.32 -12.45
N THR A 71 -0.21 1.29 -11.68
CA THR A 71 0.48 2.44 -12.26
C THR A 71 1.99 2.30 -12.09
N PRO A 72 2.73 3.25 -12.56
CA PRO A 72 4.23 3.25 -12.45
C PRO A 72 4.69 3.26 -10.99
N ASN A 73 4.29 2.25 -10.25
CA ASN A 73 4.66 2.14 -8.85
C ASN A 73 6.14 1.95 -8.72
N ASN A 74 6.76 1.25 -9.68
CA ASN A 74 8.21 0.99 -9.66
C ASN A 74 8.47 -0.38 -9.02
N ARG A 75 7.69 -0.71 -7.99
CA ARG A 75 7.85 -1.99 -7.31
C ARG A 75 7.56 -3.14 -8.28
N VAL A 76 6.54 -2.97 -9.11
CA VAL A 76 6.17 -3.98 -10.09
C VAL A 76 7.18 -4.01 -11.24
N ALA A 77 7.83 -2.88 -11.47
CA ALA A 77 8.81 -2.77 -12.55
C ALA A 77 9.80 -3.92 -12.49
N ASP A 78 10.83 -3.86 -13.32
CA ASP A 78 11.84 -4.91 -13.36
C ASP A 78 12.75 -4.83 -12.13
N ASP A 79 13.98 -5.31 -12.28
CA ASP A 79 14.93 -5.29 -11.17
C ASP A 79 15.08 -3.89 -10.60
N GLN A 80 14.45 -2.92 -11.27
CA GLN A 80 14.52 -1.53 -10.81
C GLN A 80 13.41 -1.25 -9.80
N GLY A 81 13.81 -0.98 -8.57
CA GLY A 81 12.84 -0.68 -7.51
C GLY A 81 12.30 -1.95 -6.89
N PHE A 82 13.15 -2.62 -6.10
CA PHE A 82 12.75 -3.84 -5.43
C PHE A 82 13.39 -3.93 -4.04
N LEU A 83 12.66 -4.57 -3.11
CA LEU A 83 13.18 -4.73 -1.75
C LEU A 83 14.06 -5.98 -1.67
N ARG A 84 13.47 -7.08 -1.18
CA ARG A 84 14.19 -8.34 -1.07
C ARG A 84 14.58 -8.84 -2.44
N GLN A 85 13.65 -8.76 -3.39
CA GLN A 85 13.90 -9.19 -4.77
C GLN A 85 13.50 -10.64 -4.97
N TRP A 86 12.27 -10.97 -4.60
CA TRP A 86 11.77 -12.34 -4.76
C TRP A 86 10.82 -12.42 -5.95
N SER A 87 10.48 -11.27 -6.52
CA SER A 87 9.58 -11.22 -7.66
C SER A 87 10.22 -11.89 -8.88
N LYS A 88 11.54 -11.76 -8.99
CA LYS A 88 12.26 -12.36 -10.10
C LYS A 88 11.86 -13.82 -10.28
N VAL A 89 11.37 -14.43 -9.21
CA VAL A 89 10.95 -15.83 -9.26
C VAL A 89 9.68 -15.97 -10.09
N ALA A 90 8.71 -15.09 -9.85
CA ALA A 90 7.44 -15.14 -10.56
C ALA A 90 7.68 -14.94 -12.05
N LYS A 91 8.46 -13.90 -12.39
CA LYS A 91 8.76 -13.62 -13.79
C LYS A 91 9.52 -14.77 -14.42
N GLU A 92 10.42 -15.38 -13.64
CA GLU A 92 11.22 -16.50 -14.14
C GLU A 92 10.31 -17.58 -14.69
N ARG A 93 9.14 -17.72 -14.10
CA ARG A 93 8.18 -18.73 -14.54
C ARG A 93 7.27 -18.18 -15.60
N LYS A 94 7.50 -16.92 -15.98
CA LYS A 94 6.69 -16.25 -17.02
C LYS A 94 5.41 -15.70 -16.42
N LEU A 95 4.69 -16.56 -15.68
CA LEU A 95 3.44 -16.15 -15.05
C LEU A 95 3.61 -14.81 -14.41
N GLN A 96 2.50 -14.06 -14.28
CA GLN A 96 2.52 -12.70 -13.69
C GLN A 96 2.00 -11.67 -14.69
N ARG A 97 0.70 -11.41 -14.62
CA ARG A 97 0.10 -10.43 -15.52
C ARG A 97 0.45 -9.01 -15.08
N LEU A 98 0.67 -8.14 -16.05
CA LEU A 98 1.03 -6.75 -15.75
C LEU A 98 0.17 -5.79 -16.56
N TYR A 99 -1.02 -6.23 -16.92
CA TYR A 99 -1.93 -5.39 -17.70
C TYR A 99 -3.36 -5.56 -17.21
N ILE A 100 -4.07 -4.43 -17.10
CA ILE A 100 -5.46 -4.46 -16.64
C ILE A 100 -6.32 -3.54 -17.50
N GLY A 101 -7.64 -3.69 -17.40
CA GLY A 101 -8.57 -2.87 -18.17
C GLY A 101 -9.79 -3.67 -18.58
N GLU A 102 -9.61 -4.98 -18.73
CA GLU A 102 -10.72 -5.86 -19.12
C GLU A 102 -10.49 -7.27 -18.59
N PRO A 103 -10.59 -7.44 -17.31
CA PRO A 103 -10.38 -8.77 -16.65
C PRO A 103 -11.36 -9.82 -17.16
N SER A 104 -10.89 -11.06 -17.25
CA SER A 104 -11.74 -12.16 -17.72
C SER A 104 -11.60 -13.38 -16.81
N ALA A 105 -12.72 -14.00 -16.49
CA ALA A 105 -12.71 -15.18 -15.63
C ALA A 105 -12.04 -16.35 -16.34
N GLU A 106 -12.31 -16.47 -17.64
CA GLU A 106 -11.74 -17.56 -18.42
C GLU A 106 -10.22 -17.45 -18.48
N ALA A 107 -9.73 -16.22 -18.66
CA ALA A 107 -8.29 -16.00 -18.73
C ALA A 107 -7.62 -16.40 -17.42
N VAL A 108 -8.26 -16.05 -16.30
CA VAL A 108 -7.72 -16.40 -15.00
C VAL A 108 -7.67 -17.90 -14.83
N ALA A 109 -8.74 -18.58 -15.25
CA ALA A 109 -8.80 -20.03 -15.14
C ALA A 109 -7.69 -20.68 -15.96
N ALA A 110 -7.37 -20.06 -17.09
CA ALA A 110 -6.32 -20.59 -17.97
C ALA A 110 -4.99 -20.60 -17.23
N GLN A 111 -4.89 -19.83 -16.17
CA GLN A 111 -3.65 -19.75 -15.39
C GLN A 111 -3.61 -20.86 -14.33
N MET A 112 -4.72 -21.59 -14.20
CA MET A 112 -4.80 -22.68 -13.24
C MET A 112 -4.29 -22.22 -11.88
N PRO A 113 -4.86 -21.17 -11.35
CA PRO A 113 -4.47 -20.61 -10.02
C PRO A 113 -4.89 -21.53 -8.87
N ASP A 114 -4.11 -21.50 -7.79
CA ASP A 114 -4.41 -22.33 -6.63
C ASP A 114 -5.07 -21.49 -5.54
N LEU A 115 -4.26 -20.65 -4.88
CA LEU A 115 -4.79 -19.80 -3.82
C LEU A 115 -4.77 -18.34 -4.24
N ILE A 116 -5.96 -17.75 -4.39
CA ILE A 116 -6.06 -16.35 -4.81
C ILE A 116 -6.39 -15.47 -3.62
N LEU A 117 -5.58 -14.43 -3.43
CA LEU A 117 -5.78 -13.50 -2.31
C LEU A 117 -6.24 -12.14 -2.83
N ILE A 118 -7.26 -11.59 -2.18
CA ILE A 118 -7.81 -10.29 -2.58
C ILE A 118 -7.72 -9.30 -1.42
N SER A 119 -7.38 -8.06 -1.75
CA SER A 119 -7.27 -7.01 -0.74
C SER A 119 -8.63 -6.41 -0.44
N ALA A 120 -8.70 -5.62 0.63
CA ALA A 120 -9.96 -4.98 1.02
C ALA A 120 -10.45 -4.07 -0.09
N THR A 121 -9.52 -3.40 -0.76
CA THR A 121 -9.89 -2.48 -1.85
C THR A 121 -8.90 -2.62 -3.00
N GLY A 122 -9.34 -2.20 -4.19
CA GLY A 122 -8.49 -2.29 -5.37
C GLY A 122 -8.92 -1.27 -6.43
N GLY A 123 -8.19 -1.22 -7.52
CA GLY A 123 -8.49 -0.28 -8.59
C GLY A 123 -9.85 -0.58 -9.19
N ASP A 124 -10.22 -1.86 -9.23
CA ASP A 124 -11.51 -2.27 -9.79
C ASP A 124 -12.29 -3.09 -8.77
N SER A 125 -13.61 -3.04 -8.86
CA SER A 125 -14.47 -3.79 -7.94
C SER A 125 -14.24 -5.28 -8.10
N ALA A 126 -14.24 -6.00 -6.99
CA ALA A 126 -14.04 -7.45 -7.02
C ALA A 126 -15.24 -8.18 -6.41
N LEU A 127 -16.31 -7.45 -6.18
CA LEU A 127 -17.50 -8.03 -5.59
C LEU A 127 -18.06 -9.12 -6.49
N ALA A 128 -18.01 -8.89 -7.79
CA ALA A 128 -18.50 -9.88 -8.75
C ALA A 128 -17.43 -10.94 -9.04
N LEU A 129 -16.19 -10.50 -9.07
CA LEU A 129 -15.07 -11.40 -9.32
C LEU A 129 -14.85 -12.33 -8.13
N TYR A 130 -15.07 -11.79 -6.94
CA TYR A 130 -14.87 -12.57 -5.72
C TYR A 130 -15.41 -13.97 -5.86
N ASP A 131 -16.72 -14.08 -6.05
CA ASP A 131 -17.36 -15.40 -6.19
C ASP A 131 -16.89 -16.11 -7.45
N GLN A 132 -16.81 -15.36 -8.54
CA GLN A 132 -16.37 -15.93 -9.81
C GLN A 132 -14.94 -16.47 -9.70
N LEU A 133 -14.14 -15.80 -8.87
CA LEU A 133 -12.77 -16.23 -8.65
C LEU A 133 -12.72 -17.48 -7.78
N SER A 134 -13.57 -17.50 -6.75
CA SER A 134 -13.60 -18.64 -5.83
C SER A 134 -13.89 -19.92 -6.59
N THR A 135 -14.92 -19.90 -7.42
CA THR A 135 -15.28 -21.07 -8.22
C THR A 135 -14.08 -21.58 -8.99
N ILE A 136 -13.32 -20.66 -9.57
CA ILE A 136 -12.12 -21.03 -10.32
C ILE A 136 -11.05 -21.62 -9.40
N ALA A 137 -10.87 -21.00 -8.23
CA ALA A 137 -9.88 -21.46 -7.28
C ALA A 137 -10.06 -20.76 -5.94
N PRO A 138 -9.68 -21.40 -4.87
CA PRO A 138 -9.79 -20.85 -3.50
C PRO A 138 -9.47 -19.36 -3.46
N THR A 139 -10.50 -18.53 -3.29
CA THR A 139 -10.30 -17.08 -3.23
C THR A 139 -10.54 -16.58 -1.81
N LEU A 140 -9.52 -15.94 -1.25
CA LEU A 140 -9.62 -15.41 0.12
C LEU A 140 -9.56 -13.90 0.10
N ILE A 141 -10.15 -13.27 1.11
CA ILE A 141 -10.16 -11.81 1.21
C ILE A 141 -9.68 -11.37 2.59
N ILE A 142 -8.75 -10.42 2.60
CA ILE A 142 -8.21 -9.91 3.87
C ILE A 142 -8.58 -8.44 4.05
N ASN A 143 -9.15 -8.13 5.20
CA ASN A 143 -9.55 -6.74 5.51
C ASN A 143 -8.53 -6.10 6.42
N TYR A 144 -7.71 -5.21 5.86
CA TYR A 144 -6.68 -4.52 6.64
C TYR A 144 -7.12 -3.10 6.99
N ASP A 145 -8.20 -2.66 6.36
CA ASP A 145 -8.70 -1.32 6.60
C ASP A 145 -9.19 -1.19 8.04
N ASP A 146 -9.74 -2.26 8.58
CA ASP A 146 -10.25 -2.27 9.95
C ASP A 146 -9.24 -2.87 10.90
N LYS A 147 -8.04 -3.14 10.40
CA LYS A 147 -6.99 -3.73 11.22
C LYS A 147 -5.66 -3.02 11.00
N SER A 148 -4.81 -3.05 12.01
CA SER A 148 -3.50 -2.39 11.92
C SER A 148 -2.55 -3.23 11.07
N TRP A 149 -1.44 -2.61 10.66
CA TRP A 149 -0.46 -3.30 9.82
C TRP A 149 0.06 -4.55 10.53
N GLN A 150 0.45 -4.40 11.79
CA GLN A 150 0.96 -5.52 12.57
C GLN A 150 -0.05 -6.68 12.54
N SER A 151 -1.33 -6.34 12.72
CA SER A 151 -2.39 -7.35 12.70
C SER A 151 -2.46 -8.00 11.32
N LEU A 152 -2.31 -7.19 10.27
CA LEU A 152 -2.37 -7.69 8.91
C LEU A 152 -1.27 -8.72 8.68
N LEU A 153 -0.06 -8.39 9.14
CA LEU A 153 1.07 -9.29 8.98
C LEU A 153 0.79 -10.61 9.70
N THR A 154 0.25 -10.52 10.91
CA THR A 154 -0.05 -11.70 11.69
C THR A 154 -0.95 -12.63 10.89
N GLN A 155 -1.98 -12.08 10.25
CA GLN A 155 -2.89 -12.88 9.45
C GLN A 155 -2.15 -13.53 8.28
N LEU A 156 -1.25 -12.77 7.67
CA LEU A 156 -0.48 -13.30 6.55
C LEU A 156 0.38 -14.48 6.98
N GLY A 157 0.99 -14.35 8.14
CA GLY A 157 1.83 -15.43 8.66
C GLY A 157 0.98 -16.65 8.99
N GLU A 158 -0.20 -16.42 9.55
CA GLU A 158 -1.10 -17.53 9.91
C GLU A 158 -1.68 -18.18 8.66
N ILE A 159 -2.14 -17.36 7.73
CA ILE A 159 -2.72 -17.86 6.50
C ILE A 159 -1.67 -18.59 5.66
N THR A 160 -0.49 -18.00 5.55
CA THR A 160 0.58 -18.59 4.77
C THR A 160 1.48 -19.46 5.63
N GLY A 161 1.27 -19.39 6.95
CA GLY A 161 2.06 -20.18 7.88
C GLY A 161 3.51 -19.73 7.87
N HIS A 162 3.73 -18.47 7.52
CA HIS A 162 5.09 -17.92 7.46
C HIS A 162 5.38 -17.08 8.70
N GLU A 163 5.11 -17.64 9.86
CA GLU A 163 5.34 -16.93 11.12
C GLU A 163 6.84 -16.77 11.37
N LYS A 164 7.60 -17.82 11.05
CA LYS A 164 9.05 -17.79 11.26
C LYS A 164 9.68 -16.64 10.46
N GLN A 165 9.29 -16.53 9.20
CA GLN A 165 9.83 -15.48 8.34
C GLN A 165 9.49 -14.11 8.92
N ALA A 166 8.29 -13.98 9.45
CA ALA A 166 7.85 -12.72 10.04
C ALA A 166 8.74 -12.36 11.24
N ALA A 167 9.07 -13.37 12.04
CA ALA A 167 9.92 -13.15 13.20
C ALA A 167 11.31 -12.67 12.78
N GLU A 168 11.72 -13.08 11.58
CA GLU A 168 13.02 -12.67 11.05
C GLU A 168 13.00 -11.22 10.61
N ARG A 169 12.05 -10.88 9.74
CA ARG A 169 11.94 -9.52 9.24
C ARG A 169 11.57 -8.57 10.37
N ILE A 170 10.65 -8.99 11.23
CA ILE A 170 10.21 -8.16 12.35
C ILE A 170 11.39 -7.88 13.29
N ALA A 171 12.17 -8.92 13.58
CA ALA A 171 13.31 -8.76 14.47
C ALA A 171 14.31 -7.76 13.87
N GLN A 172 14.83 -8.09 12.69
CA GLN A 172 15.80 -7.24 12.03
C GLN A 172 15.26 -5.83 11.87
N PHE A 173 13.95 -5.73 11.66
CA PHE A 173 13.30 -4.43 11.50
C PHE A 173 13.04 -3.78 12.86
N ASP A 174 12.70 -4.61 13.84
CA ASP A 174 12.40 -4.12 15.18
C ASP A 174 13.56 -3.27 15.70
N LYS A 175 14.78 -3.73 15.47
CA LYS A 175 15.95 -3.01 15.92
C LYS A 175 16.03 -1.63 15.24
N GLN A 176 15.73 -1.60 13.95
CA GLN A 176 15.75 -0.35 13.20
C GLN A 176 14.69 0.61 13.72
N LEU A 177 13.53 0.06 14.07
CA LEU A 177 12.44 0.87 14.60
C LEU A 177 12.85 1.55 15.89
N ALA A 178 13.53 0.79 16.76
CA ALA A 178 13.98 1.35 18.03
C ALA A 178 14.94 2.51 17.82
N ALA A 179 15.99 2.26 17.03
CA ALA A 179 16.97 3.30 16.74
C ALA A 179 16.34 4.41 15.92
N ALA A 180 15.53 4.04 14.94
CA ALA A 180 14.87 5.02 14.08
C ALA A 180 13.91 5.89 14.90
N LYS A 181 13.20 5.26 15.82
CA LYS A 181 12.26 5.98 16.67
C LYS A 181 12.98 7.01 17.52
N GLU A 182 14.21 6.69 17.91
CA GLU A 182 15.00 7.60 18.74
C GLU A 182 15.90 8.48 17.86
N GLN A 183 16.16 8.03 16.64
CA GLN A 183 17.01 8.79 15.72
C GLN A 183 16.37 10.11 15.36
N ILE A 184 15.06 10.07 15.11
CA ILE A 184 14.33 11.28 14.75
C ILE A 184 14.09 12.15 15.96
N LYS A 185 14.34 13.45 15.82
CA LYS A 185 14.14 14.39 16.93
C LYS A 185 13.27 15.56 16.48
N LEU A 186 12.02 15.56 16.95
CA LEU A 186 11.11 16.63 16.59
C LEU A 186 9.76 16.46 17.30
N PRO A 187 9.29 17.47 17.97
CA PRO A 187 8.01 17.43 18.71
C PRO A 187 6.90 16.74 17.92
N PRO A 188 5.96 16.13 18.60
CA PRO A 188 4.83 15.42 17.94
C PRO A 188 3.87 16.39 17.26
N GLN A 189 3.35 15.97 16.10
CA GLN A 189 2.41 16.79 15.37
C GLN A 189 1.79 16.01 14.20
N PRO A 190 0.57 16.28 13.88
CA PRO A 190 -0.14 15.62 12.74
C PRO A 190 0.43 16.00 11.39
N VAL A 191 0.29 15.12 10.41
CA VAL A 191 0.79 15.39 9.07
C VAL A 191 -0.23 14.94 8.02
N THR A 192 -0.05 15.43 6.80
CA THR A 192 -0.95 15.07 5.70
C THR A 192 -0.18 14.95 4.39
N ALA A 193 -0.85 14.42 3.36
CA ALA A 193 -0.22 14.26 2.06
C ALA A 193 -1.26 14.41 0.96
N ILE A 194 -0.88 15.14 -0.10
CA ILE A 194 -1.79 15.35 -1.24
C ILE A 194 -1.08 15.13 -2.54
N VAL A 195 -1.80 14.61 -3.54
CA VAL A 195 -1.22 14.38 -4.85
C VAL A 195 -2.16 14.91 -5.94
N TYR A 196 -1.58 15.66 -6.89
CA TYR A 196 -2.37 16.19 -7.99
C TYR A 196 -1.51 16.40 -9.21
N THR A 197 -2.13 16.37 -10.39
CA THR A 197 -1.39 16.57 -11.64
C THR A 197 -1.95 17.76 -12.41
N ALA A 198 -1.09 18.73 -12.70
CA ALA A 198 -1.50 19.92 -13.43
C ALA A 198 -2.04 19.54 -14.81
N ALA A 199 -1.59 18.41 -15.32
CA ALA A 199 -2.03 17.94 -16.64
C ALA A 199 -3.45 17.38 -16.56
N ALA A 200 -3.67 16.49 -15.60
CA ALA A 200 -4.99 15.88 -15.43
C ALA A 200 -5.97 16.88 -14.86
N HIS A 201 -5.46 18.02 -14.40
CA HIS A 201 -6.30 19.06 -13.82
C HIS A 201 -7.25 18.46 -12.80
N SER A 202 -6.73 17.56 -11.97
CA SER A 202 -7.55 16.91 -10.93
C SER A 202 -6.79 16.86 -9.62
N ALA A 203 -7.52 17.00 -8.51
CA ALA A 203 -6.89 16.97 -7.19
C ALA A 203 -7.31 15.71 -6.44
N ASN A 204 -6.35 14.83 -6.19
CA ASN A 204 -6.62 13.58 -5.47
C ASN A 204 -5.81 13.51 -4.19
N LEU A 205 -6.46 13.14 -3.09
CA LEU A 205 -5.79 13.04 -1.81
C LEU A 205 -5.71 11.59 -1.36
N TRP A 206 -4.62 11.25 -0.66
CA TRP A 206 -4.44 9.89 -0.16
C TRP A 206 -4.82 9.82 1.31
N THR A 207 -5.69 8.88 1.65
CA THR A 207 -6.13 8.71 3.02
C THR A 207 -5.28 7.68 3.77
N PRO A 208 -5.19 7.81 5.06
CA PRO A 208 -4.41 6.86 5.91
C PRO A 208 -5.05 5.48 5.94
N GLU A 209 -6.32 5.40 5.58
CA GLU A 209 -7.03 4.12 5.58
C GLU A 209 -6.23 3.06 4.86
N SER A 210 -5.28 3.50 4.05
CA SER A 210 -4.43 2.57 3.31
C SER A 210 -3.40 1.94 4.23
N ALA A 211 -2.73 0.89 3.74
CA ALA A 211 -1.73 0.20 4.53
C ALA A 211 -0.60 1.16 4.91
N GLN A 212 -0.27 2.07 4.01
CA GLN A 212 0.79 3.04 4.26
C GLN A 212 0.50 3.83 5.54
N GLY A 213 -0.76 4.21 5.73
CA GLY A 213 -1.14 4.97 6.92
C GLY A 213 -0.82 4.20 8.18
N GLN A 214 -1.12 2.89 8.19
CA GLN A 214 -0.86 2.07 9.36
C GLN A 214 0.63 1.99 9.64
N MET A 215 1.43 1.89 8.57
CA MET A 215 2.88 1.80 8.74
C MET A 215 3.41 3.07 9.39
N LEU A 216 2.89 4.22 8.97
CA LEU A 216 3.32 5.49 9.55
C LEU A 216 2.97 5.55 11.03
N GLU A 217 1.72 5.24 11.36
CA GLU A 217 1.28 5.25 12.76
C GLU A 217 2.20 4.41 13.60
N GLN A 218 2.73 3.34 13.01
CA GLN A 218 3.64 2.46 13.73
C GLN A 218 4.99 3.14 13.96
N LEU A 219 5.26 4.17 13.18
CA LEU A 219 6.52 4.90 13.30
C LEU A 219 6.40 6.01 14.33
N GLY A 220 5.19 6.21 14.83
CA GLY A 220 4.95 7.25 15.83
C GLY A 220 4.40 8.52 15.20
N PHE A 221 4.14 8.46 13.90
CA PHE A 221 3.61 9.61 13.18
C PHE A 221 2.10 9.60 13.21
N THR A 222 1.50 10.79 13.19
CA THR A 222 0.04 10.91 13.21
C THR A 222 -0.48 11.46 11.89
N LEU A 223 -1.42 10.74 11.30
CA LEU A 223 -2.01 11.15 10.02
C LEU A 223 -3.24 12.00 10.24
N ALA A 224 -3.45 12.97 9.34
CA ALA A 224 -4.59 13.85 9.43
C ALA A 224 -5.88 13.09 9.12
N LYS A 225 -6.98 13.53 9.72
CA LYS A 225 -8.27 12.87 9.50
C LYS A 225 -9.34 13.91 9.15
N LEU A 226 -10.08 13.64 8.08
CA LEU A 226 -11.13 14.56 7.64
C LEU A 226 -12.50 13.91 7.79
N PRO A 227 -13.15 14.12 8.90
CA PRO A 227 -14.51 13.55 9.17
C PRO A 227 -15.50 13.94 8.08
N ALA A 228 -16.33 12.98 7.70
CA ALA A 228 -17.33 13.23 6.65
C ALA A 228 -16.64 13.58 5.33
N GLY A 229 -15.42 14.12 5.43
CA GLY A 229 -14.67 14.50 4.23
C GLY A 229 -14.20 13.26 3.47
N LEU A 230 -13.58 12.33 4.19
CA LEU A 230 -13.07 11.12 3.56
C LEU A 230 -14.18 10.43 2.79
N ASN A 231 -15.38 10.46 3.33
CA ASN A 231 -16.53 9.84 2.66
C ASN A 231 -16.86 10.57 1.36
N ALA A 232 -15.82 11.04 0.66
CA ALA A 232 -16.01 11.74 -0.59
C ALA A 232 -17.22 12.67 -0.51
N SER A 233 -17.00 13.90 -0.06
CA SER A 233 -18.09 14.86 0.06
C SER A 233 -18.37 15.50 -1.29
N GLN A 234 -17.45 15.33 -2.23
CA GLN A 234 -17.62 15.90 -3.56
C GLN A 234 -18.30 14.91 -4.50
N SER A 235 -17.90 13.64 -4.39
CA SER A 235 -18.48 12.59 -5.23
C SER A 235 -19.95 12.37 -4.87
N GLN A 236 -20.34 12.86 -3.70
CA GLN A 236 -21.72 12.70 -3.24
C GLN A 236 -22.11 11.22 -3.22
N GLY A 237 -21.20 10.39 -2.72
CA GLY A 237 -21.47 8.95 -2.66
C GLY A 237 -20.29 8.21 -2.04
N LYS A 238 -20.07 6.98 -2.48
CA LYS A 238 -18.96 6.17 -1.97
C LYS A 238 -18.03 5.76 -3.10
N ARG A 239 -16.74 5.73 -2.81
CA ARG A 239 -15.74 5.35 -3.82
C ARG A 239 -14.53 4.74 -3.15
N HIS A 240 -13.87 3.82 -3.86
CA HIS A 240 -12.67 3.16 -3.33
C HIS A 240 -11.42 3.80 -3.92
N ASP A 241 -10.34 3.00 -4.01
CA ASP A 241 -9.09 3.49 -4.55
C ASP A 241 -8.62 4.71 -3.78
N ILE A 242 -9.00 5.89 -4.27
CA ILE A 242 -8.60 7.14 -3.64
C ILE A 242 -9.81 8.01 -3.35
N ILE A 243 -9.58 9.13 -2.68
CA ILE A 243 -10.66 10.05 -2.33
C ILE A 243 -10.41 11.44 -2.91
N GLN A 244 -11.48 12.08 -3.37
CA GLN A 244 -11.38 13.41 -3.96
C GLN A 244 -11.79 14.46 -2.94
N LEU A 245 -11.53 15.73 -3.27
CA LEU A 245 -11.87 16.84 -2.38
C LEU A 245 -12.23 18.08 -3.17
N GLY A 246 -13.10 18.91 -2.60
CA GLY A 246 -13.52 20.14 -3.26
C GLY A 246 -12.35 21.09 -3.47
N GLY A 247 -11.47 21.16 -2.47
CA GLY A 247 -10.31 22.03 -2.54
C GLY A 247 -10.18 22.88 -1.28
N GLU A 248 -11.07 22.64 -0.31
CA GLU A 248 -11.05 23.39 0.93
C GLU A 248 -9.94 22.89 1.85
N ASN A 249 -9.98 21.60 2.17
CA ASN A 249 -8.98 21.00 3.04
C ASN A 249 -7.61 21.09 2.40
N LEU A 250 -7.56 20.93 1.07
CA LEU A 250 -6.29 20.99 0.35
C LEU A 250 -5.53 22.27 0.70
N ALA A 251 -6.07 23.40 0.28
CA ALA A 251 -5.42 24.68 0.55
C ALA A 251 -5.14 24.83 2.04
N ALA A 252 -6.11 24.43 2.86
CA ALA A 252 -5.96 24.52 4.30
C ALA A 252 -5.01 23.45 4.81
N GLY A 253 -4.22 22.89 3.91
CA GLY A 253 -3.26 21.84 4.27
C GLY A 253 -3.77 21.00 5.43
N LEU A 254 -5.03 20.56 5.32
CA LEU A 254 -5.65 19.77 6.38
C LEU A 254 -5.25 20.28 7.75
N ASN A 255 -4.44 19.51 8.46
CA ASN A 255 -4.00 19.90 9.79
C ASN A 255 -3.22 21.20 9.73
N GLY A 256 -2.30 21.30 8.77
CA GLY A 256 -1.51 22.52 8.61
C GLY A 256 -0.29 22.49 9.52
N GLU A 257 -0.06 21.36 10.16
CA GLU A 257 1.08 21.22 11.08
C GLU A 257 2.24 20.51 10.37
N SER A 258 1.97 19.92 9.23
CA SER A 258 2.99 19.21 8.46
C SER A 258 2.39 18.56 7.23
N LEU A 259 3.14 18.57 6.14
CA LEU A 259 2.68 17.97 4.90
C LEU A 259 3.84 17.40 4.10
N PHE A 260 3.75 16.12 3.74
CA PHE A 260 4.79 15.47 2.94
C PHE A 260 4.39 15.43 1.49
N LEU A 261 5.37 15.60 0.60
CA LEU A 261 5.09 15.59 -0.83
C LEU A 261 5.33 14.22 -1.41
N PHE A 262 4.23 13.53 -1.73
CA PHE A 262 4.32 12.19 -2.31
C PHE A 262 4.08 12.25 -3.82
N ALA A 263 3.60 13.40 -4.29
CA ALA A 263 3.33 13.57 -5.71
C ALA A 263 4.63 13.55 -6.51
N GLY A 264 5.66 14.19 -5.97
CA GLY A 264 6.96 14.26 -6.63
C GLY A 264 7.97 15.01 -5.79
N ASP A 265 9.22 15.00 -6.24
CA ASP A 265 10.29 15.69 -5.51
C ASP A 265 10.17 17.20 -5.68
N GLN A 266 11.14 17.79 -6.36
CA GLN A 266 11.15 19.23 -6.59
C GLN A 266 10.00 19.63 -7.50
N LYS A 267 9.60 18.72 -8.38
CA LYS A 267 8.52 19.01 -9.33
C LYS A 267 7.25 19.37 -8.58
N ASP A 268 6.94 18.60 -7.53
CA ASP A 268 5.75 18.87 -6.74
C ASP A 268 5.86 20.24 -6.06
N ALA A 269 7.03 20.52 -5.49
CA ALA A 269 7.25 21.79 -4.81
C ALA A 269 6.88 22.95 -5.74
N ASP A 270 7.55 23.04 -6.88
CA ASP A 270 7.28 24.11 -7.84
C ASP A 270 5.78 24.18 -8.13
N ALA A 271 5.16 23.01 -8.32
CA ALA A 271 3.73 22.97 -8.60
C ALA A 271 2.95 23.70 -7.51
N ILE A 272 3.33 23.46 -6.26
CA ILE A 272 2.66 24.13 -5.13
C ILE A 272 2.88 25.64 -5.19
N TYR A 273 4.12 26.03 -5.47
CA TYR A 273 4.45 27.45 -5.55
C TYR A 273 3.55 28.15 -6.56
N ALA A 274 3.25 27.46 -7.66
CA ALA A 274 2.41 28.03 -8.69
C ALA A 274 0.94 27.97 -8.27
N ASN A 275 0.71 27.45 -7.05
CA ASN A 275 -0.66 27.33 -6.54
C ASN A 275 -0.84 28.24 -5.32
N PRO A 276 -1.28 29.45 -5.53
CA PRO A 276 -1.51 30.43 -4.42
C PRO A 276 -2.39 29.85 -3.32
N LEU A 277 -3.23 28.91 -3.69
CA LEU A 277 -4.12 28.28 -2.72
C LEU A 277 -3.32 27.53 -1.67
N LEU A 278 -2.28 26.84 -2.11
CA LEU A 278 -1.44 26.06 -1.20
C LEU A 278 -0.22 26.87 -0.76
N ALA A 279 -0.18 28.13 -1.19
CA ALA A 279 0.92 29.01 -0.83
C ALA A 279 0.85 29.39 0.65
N HIS A 280 -0.37 29.55 1.15
CA HIS A 280 -0.57 29.94 2.54
C HIS A 280 -0.43 28.74 3.46
N LEU A 281 -0.05 27.61 2.88
CA LEU A 281 0.13 26.39 3.64
C LEU A 281 1.34 26.51 4.58
N PRO A 282 1.15 26.38 5.86
CA PRO A 282 2.25 26.50 6.85
C PRO A 282 3.47 25.68 6.45
N ALA A 283 3.25 24.50 5.88
CA ALA A 283 4.34 23.64 5.46
C ALA A 283 5.23 24.37 4.44
N VAL A 284 4.60 25.06 3.51
CA VAL A 284 5.34 25.81 2.50
C VAL A 284 6.11 26.96 3.14
N GLN A 285 5.44 27.66 4.05
CA GLN A 285 6.06 28.79 4.73
C GLN A 285 7.22 28.32 5.59
N ASN A 286 7.03 27.19 6.26
CA ASN A 286 8.07 26.64 7.13
C ASN A 286 8.98 25.71 6.34
N LYS A 287 8.56 25.34 5.13
CA LYS A 287 9.34 24.45 4.29
C LYS A 287 9.52 23.10 4.94
N GLN A 288 8.53 22.69 5.74
CA GLN A 288 8.59 21.40 6.41
C GLN A 288 8.00 20.31 5.53
N VAL A 289 8.37 20.33 4.26
CA VAL A 289 7.88 19.34 3.29
C VAL A 289 8.95 18.32 2.98
N TYR A 290 8.56 17.04 2.96
CA TYR A 290 9.50 15.97 2.65
C TYR A 290 9.10 15.26 1.37
N ALA A 291 10.07 15.05 0.48
CA ALA A 291 9.80 14.37 -0.79
C ALA A 291 9.83 12.86 -0.61
N LEU A 292 8.68 12.28 -0.27
CA LEU A 292 8.59 10.84 -0.08
C LEU A 292 8.87 10.11 -1.38
N GLY A 293 8.33 10.63 -2.48
CA GLY A 293 8.53 10.02 -3.79
C GLY A 293 7.57 8.84 -3.98
N THR A 294 7.44 8.39 -5.22
CA THR A 294 6.56 7.27 -5.53
C THR A 294 7.18 5.95 -5.08
N GLU A 295 8.51 5.92 -5.00
CA GLU A 295 9.22 4.72 -4.59
C GLU A 295 8.96 4.42 -3.12
N THR A 296 8.81 5.48 -2.33
CA THR A 296 8.59 5.33 -0.90
C THR A 296 7.17 4.83 -0.63
N PHE A 297 6.55 4.25 -1.65
CA PHE A 297 5.18 3.74 -1.51
C PHE A 297 5.13 2.73 -0.37
N ARG A 298 6.02 1.75 -0.40
CA ARG A 298 6.08 0.73 0.65
C ARG A 298 7.29 0.96 1.52
N LEU A 299 7.18 0.60 2.80
CA LEU A 299 8.29 0.77 3.73
C LEU A 299 8.79 -0.58 4.23
N ASP A 300 10.08 -0.82 4.09
CA ASP A 300 10.67 -2.08 4.54
C ASP A 300 12.12 -1.87 4.96
N TYR A 301 12.68 -2.86 5.65
CA TYR A 301 14.06 -2.77 6.10
C TYR A 301 14.98 -2.34 4.97
N TYR A 302 14.71 -2.83 3.76
CA TYR A 302 15.52 -2.49 2.62
C TYR A 302 15.28 -1.04 2.17
N SER A 303 14.07 -0.76 1.72
CA SER A 303 13.73 0.58 1.27
C SER A 303 13.89 1.59 2.39
N ALA A 304 13.63 1.17 3.61
CA ALA A 304 13.73 2.04 4.76
C ALA A 304 15.10 2.70 4.81
N MET A 305 16.09 2.04 4.24
CA MET A 305 17.45 2.58 4.23
C MET A 305 17.51 3.90 3.46
N GLN A 306 16.81 3.95 2.33
CA GLN A 306 16.79 5.15 1.50
C GLN A 306 15.86 6.20 2.10
N VAL A 307 14.68 5.76 2.52
CA VAL A 307 13.71 6.67 3.12
C VAL A 307 14.23 7.21 4.45
N LEU A 308 14.82 6.34 5.24
CA LEU A 308 15.32 6.74 6.54
C LEU A 308 16.38 7.82 6.39
N ASP A 309 17.31 7.62 5.48
CA ASP A 309 18.35 8.62 5.25
C ASP A 309 17.77 9.86 4.57
N ARG A 310 16.86 9.63 3.64
CA ARG A 310 16.24 10.72 2.90
C ARG A 310 15.49 11.65 3.84
N LEU A 311 14.85 11.06 4.85
CA LEU A 311 14.09 11.83 5.82
C LEU A 311 15.00 12.28 6.97
N LYS A 312 16.29 11.99 6.85
CA LYS A 312 17.25 12.37 7.88
C LYS A 312 18.21 13.44 7.36
N ALA A 313 18.17 13.66 6.05
CA ALA A 313 19.03 14.68 5.44
C ALA A 313 18.70 16.06 5.98
N LEU A 314 17.42 16.31 6.21
CA LEU A 314 16.98 17.60 6.71
C LEU A 314 17.61 17.87 8.08
N PHE A 315 17.52 16.90 8.97
CA PHE A 315 18.09 17.04 10.31
C PHE A 315 19.59 16.76 10.27
N ALA A 24 1.16 -24.66 7.59
CA ALA A 24 1.54 -25.91 8.31
C ALA A 24 2.23 -26.86 7.35
N ASP A 25 2.64 -28.03 7.86
CA ASP A 25 3.31 -29.02 7.03
C ASP A 25 2.30 -29.96 6.40
N TRP A 26 1.02 -29.77 6.74
CA TRP A 26 -0.03 -30.62 6.20
C TRP A 26 -1.30 -29.81 5.97
N PRO A 27 -2.32 -30.45 5.48
CA PRO A 27 -3.63 -29.79 5.21
C PRO A 27 -4.27 -29.22 6.47
N ARG A 28 -4.94 -28.09 6.32
CA ARG A 28 -5.59 -27.44 7.46
C ARG A 28 -6.74 -26.56 7.00
N GLN A 29 -7.39 -25.90 7.95
CA GLN A 29 -8.51 -25.01 7.63
C GLN A 29 -8.17 -23.58 7.99
N ILE A 30 -8.51 -22.65 7.09
CA ILE A 30 -8.23 -21.23 7.33
C ILE A 30 -9.52 -20.42 7.24
N THR A 31 -9.60 -19.37 8.04
CA THR A 31 -10.78 -18.51 8.03
C THR A 31 -10.42 -17.08 7.65
N ASP A 32 -11.23 -16.48 6.79
CA ASP A 32 -10.99 -15.10 6.35
C ASP A 32 -11.87 -14.13 7.12
N SER A 33 -12.33 -13.09 6.44
CA SER A 33 -13.20 -12.10 7.07
C SER A 33 -14.51 -12.74 7.51
N ARG A 34 -15.01 -13.67 6.71
CA ARG A 34 -16.26 -14.36 7.03
C ARG A 34 -16.25 -15.78 6.47
N GLY A 35 -16.26 -15.89 5.15
CA GLY A 35 -16.25 -17.20 4.50
C GLY A 35 -15.04 -18.00 4.93
N THR A 36 -15.24 -19.31 5.10
CA THR A 36 -14.15 -20.19 5.52
C THR A 36 -13.79 -21.15 4.39
N HIS A 37 -12.50 -21.26 4.11
CA HIS A 37 -12.01 -22.15 3.05
C HIS A 37 -11.08 -23.20 3.61
N THR A 38 -11.36 -24.45 3.29
CA THR A 38 -10.53 -25.56 3.78
C THR A 38 -9.33 -25.77 2.87
N LEU A 39 -8.14 -25.84 3.45
CA LEU A 39 -6.92 -26.05 2.67
C LEU A 39 -6.55 -27.53 2.64
N GLU A 40 -7.25 -28.29 1.80
CA GLU A 40 -6.99 -29.71 1.68
C GLU A 40 -5.60 -29.96 1.11
N SER A 41 -5.13 -29.05 0.26
CA SER A 41 -3.81 -29.18 -0.35
C SER A 41 -3.59 -28.06 -1.35
N GLN A 42 -2.69 -27.13 -1.00
CA GLN A 42 -2.39 -26.00 -1.86
C GLN A 42 -0.89 -25.97 -2.20
N PRO A 43 -0.52 -26.60 -3.28
CA PRO A 43 0.91 -26.63 -3.73
C PRO A 43 1.48 -25.24 -3.93
N GLN A 44 2.77 -25.09 -3.71
CA GLN A 44 3.44 -23.80 -3.85
C GLN A 44 2.92 -23.06 -5.08
N ARG A 45 1.77 -22.39 -4.94
CA ARG A 45 1.17 -21.66 -6.04
C ARG A 45 0.36 -20.48 -5.51
N ILE A 46 1.05 -19.51 -4.93
CA ILE A 46 0.38 -18.34 -4.39
C ILE A 46 -0.05 -17.39 -5.50
N VAL A 47 -1.31 -16.97 -5.45
CA VAL A 47 -1.84 -16.06 -6.46
C VAL A 47 -2.38 -14.79 -5.80
N SER A 48 -2.25 -13.67 -6.50
CA SER A 48 -2.73 -12.39 -5.97
C SER A 48 -3.47 -11.60 -7.04
N THR A 49 -4.52 -10.90 -6.63
CA THR A 49 -5.31 -10.11 -7.57
C THR A 49 -4.90 -8.64 -7.50
N SER A 50 -5.04 -8.04 -6.32
CA SER A 50 -4.68 -6.64 -6.13
C SER A 50 -3.17 -6.48 -5.98
N VAL A 51 -2.66 -5.30 -6.31
CA VAL A 51 -1.24 -5.03 -6.20
C VAL A 51 -0.84 -4.84 -4.73
N THR A 52 -1.83 -4.51 -3.90
CA THR A 52 -1.56 -4.27 -2.49
C THR A 52 -0.97 -5.52 -1.84
N LEU A 53 -1.66 -6.65 -2.01
CA LEU A 53 -1.18 -7.92 -1.47
C LEU A 53 0.10 -8.34 -2.17
N THR A 54 0.13 -8.18 -3.48
CA THR A 54 1.30 -8.58 -4.27
C THR A 54 2.58 -8.15 -3.57
N GLY A 55 2.67 -6.87 -3.24
CA GLY A 55 3.83 -6.36 -2.53
C GLY A 55 3.88 -6.86 -1.08
N SER A 56 2.70 -6.96 -0.47
CA SER A 56 2.61 -7.41 0.91
C SER A 56 3.12 -8.85 1.03
N LEU A 57 2.70 -9.70 0.10
CA LEU A 57 3.11 -11.10 0.11
C LEU A 57 4.61 -11.21 -0.17
N LEU A 58 5.08 -10.41 -1.12
CA LEU A 58 6.48 -10.44 -1.50
C LEU A 58 7.37 -10.04 -0.32
N ALA A 59 6.92 -9.03 0.41
CA ALA A 59 7.71 -8.54 1.54
C ALA A 59 7.93 -9.62 2.57
N ILE A 60 6.93 -10.48 2.74
CA ILE A 60 7.02 -11.57 3.72
C ILE A 60 7.58 -12.83 3.09
N ASP A 61 8.42 -12.65 2.07
CA ASP A 61 9.02 -13.80 1.40
C ASP A 61 7.96 -14.75 0.89
N ALA A 62 6.99 -14.23 0.14
CA ALA A 62 5.91 -15.04 -0.39
C ALA A 62 5.56 -14.59 -1.81
N PRO A 63 6.38 -14.91 -2.76
CA PRO A 63 6.17 -14.50 -4.19
C PRO A 63 4.93 -15.12 -4.79
N VAL A 64 4.34 -14.43 -5.76
CA VAL A 64 3.13 -14.93 -6.41
C VAL A 64 3.43 -15.26 -7.88
N ILE A 65 2.89 -16.39 -8.34
CA ILE A 65 3.09 -16.81 -9.71
C ILE A 65 2.34 -15.90 -10.67
N ALA A 66 1.11 -15.57 -10.34
CA ALA A 66 0.28 -14.71 -11.19
C ALA A 66 -0.22 -13.50 -10.41
N SER A 67 -0.06 -12.32 -11.01
CA SER A 67 -0.49 -11.09 -10.36
C SER A 67 -0.75 -10.01 -11.40
N GLY A 68 -1.36 -8.91 -10.97
CA GLY A 68 -1.67 -7.81 -11.89
C GLY A 68 -0.79 -6.61 -11.59
N ALA A 69 -1.02 -5.52 -12.32
CA ALA A 69 -0.24 -4.30 -12.13
C ALA A 69 -1.16 -3.08 -12.05
N THR A 70 -0.58 -1.94 -11.71
CA THR A 70 -1.36 -0.70 -11.61
C THR A 70 -0.65 0.44 -12.31
N THR A 71 -0.16 1.40 -11.53
CA THR A 71 0.53 2.54 -12.09
C THR A 71 2.04 2.40 -11.92
N PRO A 72 2.78 3.36 -12.40
CA PRO A 72 4.27 3.35 -12.29
C PRO A 72 4.75 3.33 -10.84
N ASN A 73 4.35 2.31 -10.11
CA ASN A 73 4.72 2.16 -8.71
C ASN A 73 6.21 1.97 -8.59
N ASN A 74 6.82 1.27 -9.56
CA ASN A 74 8.26 1.01 -9.55
C ASN A 74 8.54 -0.35 -8.91
N ARG A 75 7.77 -0.69 -7.88
CA ARG A 75 7.93 -1.97 -7.21
C ARG A 75 7.64 -3.11 -8.18
N VAL A 76 6.61 -2.92 -9.01
CA VAL A 76 6.22 -3.93 -9.99
C VAL A 76 7.23 -3.96 -11.14
N ALA A 77 7.88 -2.83 -11.37
CA ALA A 77 8.86 -2.73 -12.46
C ALA A 77 9.84 -3.88 -12.39
N ASP A 78 10.88 -3.81 -13.23
CA ASP A 78 11.89 -4.86 -13.26
C ASP A 78 12.80 -4.77 -12.04
N ASP A 79 14.04 -5.24 -12.20
CA ASP A 79 14.99 -5.21 -11.10
C ASP A 79 15.13 -3.81 -10.53
N GLN A 80 14.50 -2.85 -11.19
CA GLN A 80 14.56 -1.46 -10.75
C GLN A 80 13.46 -1.18 -9.72
N GLY A 81 13.88 -0.92 -8.48
CA GLY A 81 12.93 -0.63 -7.42
C GLY A 81 12.40 -1.90 -6.79
N PHE A 82 13.24 -2.56 -6.01
CA PHE A 82 12.85 -3.79 -5.34
C PHE A 82 13.48 -3.89 -3.95
N LEU A 83 12.77 -4.53 -3.02
CA LEU A 83 13.30 -4.71 -1.67
C LEU A 83 14.17 -5.95 -1.60
N ARG A 84 13.60 -7.05 -1.10
CA ARG A 84 14.33 -8.31 -1.00
C ARG A 84 14.70 -8.81 -2.39
N GLN A 85 13.74 -8.72 -3.32
CA GLN A 85 13.98 -9.14 -4.71
C GLN A 85 13.58 -10.60 -4.90
N TRP A 86 12.35 -10.93 -4.53
CA TRP A 86 11.85 -12.29 -4.68
C TRP A 86 10.89 -12.37 -5.87
N SER A 87 10.55 -11.22 -6.42
CA SER A 87 9.62 -11.17 -7.56
C SER A 87 10.25 -11.83 -8.78
N LYS A 88 11.56 -11.70 -8.90
CA LYS A 88 12.28 -12.30 -10.02
C LYS A 88 11.88 -13.76 -10.21
N VAL A 89 11.39 -14.36 -9.13
CA VAL A 89 10.96 -15.76 -9.17
C VAL A 89 9.68 -15.91 -10.01
N ALA A 90 8.71 -15.02 -9.76
CA ALA A 90 7.45 -15.06 -10.49
C ALA A 90 7.70 -14.86 -11.97
N LYS A 91 8.47 -13.84 -12.31
CA LYS A 91 8.78 -13.55 -13.71
C LYS A 91 9.53 -14.71 -14.34
N GLU A 92 10.44 -15.31 -13.57
CA GLU A 92 11.23 -16.43 -14.05
C GLU A 92 10.32 -17.51 -14.61
N ARG A 93 9.13 -17.65 -14.02
CA ARG A 93 8.17 -18.66 -14.47
C ARG A 93 7.27 -18.09 -15.54
N LYS A 94 7.51 -16.83 -15.92
CA LYS A 94 6.72 -16.17 -16.97
C LYS A 94 5.43 -15.61 -16.37
N LEU A 95 4.71 -16.45 -15.62
CA LEU A 95 3.46 -16.04 -15.01
C LEU A 95 3.63 -14.69 -14.36
N GLN A 96 2.53 -13.95 -14.22
CA GLN A 96 2.56 -12.59 -13.63
C GLN A 96 2.04 -11.56 -14.63
N ARG A 97 0.74 -11.28 -14.57
CA ARG A 97 0.13 -10.31 -15.46
C ARG A 97 0.49 -8.89 -15.02
N LEU A 98 0.71 -8.01 -15.98
CA LEU A 98 1.07 -6.62 -15.68
C LEU A 98 0.21 -5.66 -16.48
N TYR A 99 -0.99 -6.09 -16.84
CA TYR A 99 -1.91 -5.25 -17.60
C TYR A 99 -3.33 -5.41 -17.11
N ILE A 100 -4.05 -4.30 -17.01
CA ILE A 100 -5.44 -4.32 -16.55
C ILE A 100 -6.29 -3.41 -17.41
N GLY A 101 -7.61 -3.56 -17.30
CA GLY A 101 -8.54 -2.74 -18.08
C GLY A 101 -9.76 -3.54 -18.49
N GLU A 102 -9.58 -4.85 -18.64
CA GLU A 102 -10.69 -5.73 -19.03
C GLU A 102 -10.45 -7.14 -18.51
N PRO A 103 -10.56 -7.31 -17.23
CA PRO A 103 -10.34 -8.65 -16.58
C PRO A 103 -11.32 -9.70 -17.09
N SER A 104 -10.85 -10.94 -17.18
CA SER A 104 -11.71 -12.04 -17.66
C SER A 104 -11.55 -13.25 -16.76
N ALA A 105 -12.68 -13.88 -16.44
CA ALA A 105 -12.66 -15.07 -15.58
C ALA A 105 -12.00 -16.24 -16.30
N GLU A 106 -12.26 -16.35 -17.61
CA GLU A 106 -11.69 -17.43 -18.40
C GLU A 106 -10.18 -17.32 -18.45
N ALA A 107 -9.68 -16.10 -18.62
CA ALA A 107 -8.24 -15.87 -18.70
C ALA A 107 -7.58 -16.28 -17.39
N VAL A 108 -8.21 -15.93 -16.27
CA VAL A 108 -7.68 -16.26 -14.96
C VAL A 108 -7.63 -17.78 -14.79
N ALA A 109 -8.69 -18.46 -15.21
CA ALA A 109 -8.77 -19.90 -15.09
C ALA A 109 -7.66 -20.55 -15.91
N ALA A 110 -7.33 -19.95 -17.06
CA ALA A 110 -6.29 -20.47 -17.92
C ALA A 110 -4.95 -20.48 -17.19
N GLN A 111 -4.86 -19.71 -16.12
CA GLN A 111 -3.62 -19.64 -15.34
C GLN A 111 -3.59 -20.74 -14.29
N MET A 112 -4.69 -21.47 -14.17
CA MET A 112 -4.77 -22.56 -13.19
C MET A 112 -4.26 -22.10 -11.83
N PRO A 113 -4.84 -21.05 -11.30
CA PRO A 113 -4.45 -20.50 -9.97
C PRO A 113 -4.88 -21.42 -8.84
N ASP A 114 -4.09 -21.40 -7.75
CA ASP A 114 -4.40 -22.24 -6.59
C ASP A 114 -5.07 -21.42 -5.50
N LEU A 115 -4.27 -20.58 -4.83
CA LEU A 115 -4.80 -19.73 -3.76
C LEU A 115 -4.78 -18.27 -4.20
N ILE A 116 -5.97 -17.69 -4.38
CA ILE A 116 -6.08 -16.30 -4.79
C ILE A 116 -6.39 -15.41 -3.61
N LEU A 117 -5.57 -14.38 -3.42
CA LEU A 117 -5.76 -13.45 -2.30
C LEU A 117 -6.23 -12.10 -2.81
N ILE A 118 -7.26 -11.56 -2.16
CA ILE A 118 -7.82 -10.27 -2.56
C ILE A 118 -7.73 -9.26 -1.40
N SER A 119 -7.39 -8.02 -1.73
CA SER A 119 -7.28 -6.99 -0.72
C SER A 119 -8.64 -6.38 -0.41
N ALA A 120 -8.71 -5.59 0.65
CA ALA A 120 -9.96 -4.96 1.05
C ALA A 120 -10.47 -4.05 -0.07
N THR A 121 -9.54 -3.37 -0.74
CA THR A 121 -9.92 -2.47 -1.82
C THR A 121 -8.93 -2.60 -2.99
N GLY A 122 -9.36 -2.19 -4.17
CA GLY A 122 -8.51 -2.26 -5.36
C GLY A 122 -8.95 -1.25 -6.41
N GLY A 123 -8.21 -1.20 -7.51
CA GLY A 123 -8.52 -0.26 -8.58
C GLY A 123 -9.90 -0.56 -9.17
N ASP A 124 -10.25 -1.84 -9.21
CA ASP A 124 -11.55 -2.25 -9.75
C ASP A 124 -12.33 -3.08 -8.73
N SER A 125 -13.66 -3.02 -8.82
CA SER A 125 -14.50 -3.76 -7.89
C SER A 125 -14.28 -5.25 -8.05
N ALA A 126 -14.28 -5.97 -6.93
CA ALA A 126 -14.06 -7.42 -6.96
C ALA A 126 -15.26 -8.14 -6.35
N LEU A 127 -16.34 -7.41 -6.11
CA LEU A 127 -17.54 -8.00 -5.51
C LEU A 127 -18.09 -9.09 -6.42
N ALA A 128 -18.04 -8.85 -7.72
CA ALA A 128 -18.53 -9.84 -8.68
C ALA A 128 -17.47 -10.90 -8.98
N LEU A 129 -16.22 -10.46 -9.01
CA LEU A 129 -15.11 -11.36 -9.26
C LEU A 129 -14.89 -12.29 -8.08
N TYR A 130 -15.10 -11.76 -6.89
CA TYR A 130 -14.90 -12.54 -5.67
C TYR A 130 -15.44 -13.95 -5.82
N ASP A 131 -16.75 -14.06 -6.01
CA ASP A 131 -17.38 -15.36 -6.15
C ASP A 131 -16.92 -16.07 -7.40
N GLN A 132 -16.83 -15.32 -8.50
CA GLN A 132 -16.40 -15.90 -9.77
C GLN A 132 -14.98 -16.42 -9.66
N LEU A 133 -14.17 -15.76 -8.84
CA LEU A 133 -12.79 -16.19 -8.62
C LEU A 133 -12.74 -17.44 -7.75
N SER A 134 -13.58 -17.46 -6.72
CA SER A 134 -13.61 -18.60 -5.80
C SER A 134 -13.90 -19.88 -6.57
N THR A 135 -14.93 -19.86 -7.40
CA THR A 135 -15.30 -21.03 -8.20
C THR A 135 -14.09 -21.53 -8.97
N ILE A 136 -13.31 -20.61 -9.54
CA ILE A 136 -12.12 -20.98 -10.28
C ILE A 136 -11.06 -21.59 -9.37
N ALA A 137 -10.88 -20.98 -8.19
CA ALA A 137 -9.89 -21.46 -7.24
C ALA A 137 -10.07 -20.76 -5.90
N PRO A 138 -9.66 -21.41 -4.83
CA PRO A 138 -9.76 -20.83 -3.46
C PRO A 138 -9.45 -19.35 -3.43
N THR A 139 -10.49 -18.54 -3.25
CA THR A 139 -10.31 -17.08 -3.20
C THR A 139 -10.54 -16.58 -1.78
N LEU A 140 -9.52 -15.93 -1.22
CA LEU A 140 -9.60 -15.40 0.14
C LEU A 140 -9.54 -13.88 0.12
N ILE A 141 -10.14 -13.26 1.13
CA ILE A 141 -10.15 -11.80 1.23
C ILE A 141 -9.68 -11.35 2.60
N ILE A 142 -8.75 -10.40 2.62
CA ILE A 142 -8.22 -9.89 3.89
C ILE A 142 -8.58 -8.43 4.07
N ASN A 143 -9.17 -8.11 5.22
CA ASN A 143 -9.56 -6.73 5.52
C ASN A 143 -8.55 -6.09 6.45
N TYR A 144 -7.70 -5.22 5.90
CA TYR A 144 -6.69 -4.54 6.71
C TYR A 144 -7.11 -3.12 7.03
N ASP A 145 -8.16 -2.66 6.37
CA ASP A 145 -8.67 -1.31 6.59
C ASP A 145 -9.19 -1.14 8.01
N ASP A 146 -9.75 -2.23 8.55
CA ASP A 146 -10.30 -2.19 9.90
C ASP A 146 -9.30 -2.78 10.90
N LYS A 147 -8.09 -3.05 10.42
CA LYS A 147 -7.05 -3.63 11.28
C LYS A 147 -5.71 -2.92 11.06
N SER A 148 -4.85 -2.97 12.06
CA SER A 148 -3.54 -2.33 11.97
C SER A 148 -2.61 -3.14 11.07
N TRP A 149 -1.50 -2.52 10.67
CA TRP A 149 -0.54 -3.19 9.80
C TRP A 149 -0.01 -4.46 10.47
N GLN A 150 0.42 -4.33 11.72
CA GLN A 150 0.95 -5.47 12.46
C GLN A 150 -0.05 -6.62 12.43
N SER A 151 -1.32 -6.30 12.61
CA SER A 151 -2.38 -7.30 12.58
C SER A 151 -2.44 -7.97 11.21
N LEU A 152 -2.29 -7.16 10.16
CA LEU A 152 -2.34 -7.68 8.80
C LEU A 152 -1.24 -8.71 8.58
N LEU A 153 -0.03 -8.39 9.06
CA LEU A 153 1.09 -9.30 8.92
C LEU A 153 0.80 -10.61 9.64
N THR A 154 0.24 -10.52 10.84
CA THR A 154 -0.08 -11.71 11.62
C THR A 154 -0.97 -12.63 10.80
N GLN A 155 -1.99 -12.06 10.15
CA GLN A 155 -2.90 -12.85 9.34
C GLN A 155 -2.15 -13.51 8.18
N LEU A 156 -1.24 -12.76 7.58
CA LEU A 156 -0.46 -13.30 6.47
C LEU A 156 0.38 -14.47 6.91
N GLY A 157 0.99 -14.35 8.07
CA GLY A 157 1.80 -15.43 8.61
C GLY A 157 0.95 -16.66 8.92
N GLU A 158 -0.23 -16.43 9.48
CA GLU A 158 -1.13 -17.52 9.83
C GLU A 158 -1.72 -18.16 8.58
N ILE A 159 -2.17 -17.32 7.65
CA ILE A 159 -2.76 -17.80 6.42
C ILE A 159 -1.73 -18.54 5.58
N THR A 160 -0.53 -17.96 5.48
CA THR A 160 0.54 -18.56 4.69
C THR A 160 1.43 -19.44 5.56
N GLY A 161 1.21 -19.38 6.87
CA GLY A 161 1.99 -20.19 7.80
C GLY A 161 3.44 -19.74 7.80
N HIS A 162 3.68 -18.48 7.43
CA HIS A 162 5.04 -17.94 7.38
C HIS A 162 5.32 -17.08 8.61
N GLU A 163 5.07 -17.64 9.79
CA GLU A 163 5.31 -16.92 11.03
C GLU A 163 6.80 -16.74 11.27
N LYS A 164 7.57 -17.78 10.95
CA LYS A 164 9.02 -17.73 11.15
C LYS A 164 9.62 -16.58 10.35
N GLN A 165 9.24 -16.47 9.09
CA GLN A 165 9.75 -15.41 8.23
C GLN A 165 9.38 -14.04 8.79
N ALA A 166 8.16 -13.94 9.32
CA ALA A 166 7.70 -12.69 9.89
C ALA A 166 8.56 -12.30 11.10
N ALA A 167 8.91 -13.29 11.91
CA ALA A 167 9.74 -13.05 13.09
C ALA A 167 11.13 -12.57 12.67
N GLU A 168 11.55 -12.96 11.47
CA GLU A 168 12.85 -12.56 10.96
C GLU A 168 12.83 -11.10 10.51
N ARG A 169 11.89 -10.78 9.64
CA ARG A 169 11.77 -9.42 9.13
C ARG A 169 11.42 -8.45 10.25
N ILE A 170 10.50 -8.86 11.12
CA ILE A 170 10.08 -8.01 12.23
C ILE A 170 11.25 -7.77 13.17
N ALA A 171 12.00 -8.81 13.47
CA ALA A 171 13.14 -8.68 14.37
C ALA A 171 14.17 -7.72 13.79
N GLN A 172 14.71 -8.06 12.62
CA GLN A 172 15.72 -7.23 11.98
C GLN A 172 15.20 -5.81 11.81
N PHE A 173 13.90 -5.68 11.55
CA PHE A 173 13.29 -4.37 11.37
C PHE A 173 13.01 -3.72 12.72
N ASP A 174 12.66 -4.54 13.70
CA ASP A 174 12.35 -4.02 15.03
C ASP A 174 13.53 -3.21 15.57
N LYS A 175 14.74 -3.69 15.33
CA LYS A 175 15.93 -2.99 15.79
C LYS A 175 16.04 -1.62 15.14
N GLN A 176 15.76 -1.56 13.84
CA GLN A 176 15.83 -0.31 13.10
C GLN A 176 14.76 0.66 13.61
N LEU A 177 13.59 0.11 13.93
CA LEU A 177 12.49 0.94 14.43
C LEU A 177 12.88 1.60 15.74
N ALA A 178 13.52 0.84 16.62
CA ALA A 178 13.95 1.38 17.91
C ALA A 178 14.94 2.53 17.72
N ALA A 179 16.00 2.26 16.96
CA ALA A 179 17.00 3.29 16.70
C ALA A 179 16.42 4.42 15.86
N ALA A 180 15.61 4.05 14.87
CA ALA A 180 14.99 5.04 14.00
C ALA A 180 14.02 5.92 14.80
N LYS A 181 13.29 5.30 15.70
CA LYS A 181 12.33 6.03 16.53
C LYS A 181 13.05 7.05 17.40
N GLU A 182 14.27 6.72 17.80
CA GLU A 182 15.05 7.62 18.65
C GLU A 182 15.98 8.50 17.80
N GLN A 183 16.26 8.04 16.60
CA GLN A 183 17.14 8.79 15.69
C GLN A 183 16.51 10.11 15.31
N ILE A 184 15.20 10.09 15.03
CA ILE A 184 14.49 11.30 14.64
C ILE A 184 14.20 12.16 15.85
N LYS A 185 14.41 13.46 15.71
CA LYS A 185 14.16 14.39 16.82
C LYS A 185 13.25 15.53 16.36
N LEU A 186 12.01 15.52 16.84
CA LEU A 186 11.06 16.56 16.47
C LEU A 186 9.73 16.36 17.22
N PRO A 187 9.27 17.37 17.90
CA PRO A 187 8.00 17.31 18.66
C PRO A 187 6.88 16.62 17.90
N PRO A 188 5.96 16.01 18.59
CA PRO A 188 4.81 15.30 17.96
C PRO A 188 3.85 16.27 17.26
N GLN A 189 3.33 15.85 16.11
CA GLN A 189 2.39 16.67 15.36
C GLN A 189 1.78 15.88 14.21
N PRO A 190 0.56 16.16 13.87
CA PRO A 190 -0.14 15.49 12.75
C PRO A 190 0.42 15.88 11.39
N VAL A 191 0.27 15.00 10.41
CA VAL A 191 0.77 15.27 9.06
C VAL A 191 -0.24 14.82 8.02
N THR A 192 -0.07 15.31 6.79
CA THR A 192 -0.97 14.95 5.70
C THR A 192 -0.21 14.84 4.39
N ALA A 193 -0.88 14.32 3.36
CA ALA A 193 -0.25 14.17 2.05
C ALA A 193 -1.30 14.34 0.94
N ILE A 194 -0.92 15.07 -0.11
CA ILE A 194 -1.83 15.30 -1.23
C ILE A 194 -1.12 15.09 -2.55
N VAL A 195 -1.85 14.59 -3.53
CA VAL A 195 -1.27 14.36 -4.86
C VAL A 195 -2.20 14.90 -5.95
N TYR A 196 -1.62 15.66 -6.88
CA TYR A 196 -2.41 16.22 -7.98
C TYR A 196 -1.54 16.42 -9.20
N THR A 197 -2.16 16.42 -10.38
CA THR A 197 -1.42 16.61 -11.62
C THR A 197 -1.97 17.82 -12.39
N ALA A 198 -1.11 18.78 -12.67
CA ALA A 198 -1.52 19.97 -13.39
C ALA A 198 -2.05 19.61 -14.78
N ALA A 199 -1.62 18.47 -15.29
CA ALA A 199 -2.07 18.02 -16.60
C ALA A 199 -3.49 17.46 -16.52
N ALA A 200 -3.72 16.58 -15.55
CA ALA A 200 -5.03 15.96 -15.38
C ALA A 200 -6.02 16.97 -14.78
N HIS A 201 -5.48 18.12 -14.35
CA HIS A 201 -6.32 19.15 -13.76
C HIS A 201 -7.28 18.56 -12.75
N SER A 202 -6.77 17.64 -11.93
CA SER A 202 -7.59 17.00 -10.90
C SER A 202 -6.83 16.93 -9.59
N ALA A 203 -7.56 17.05 -8.48
CA ALA A 203 -6.94 16.99 -7.15
C ALA A 203 -7.37 15.74 -6.42
N ASN A 204 -6.40 14.85 -6.18
CA ASN A 204 -6.68 13.59 -5.47
C ASN A 204 -5.86 13.51 -4.19
N LEU A 205 -6.51 13.13 -3.11
CA LEU A 205 -5.84 13.01 -1.83
C LEU A 205 -5.76 11.55 -1.39
N TRP A 206 -4.68 11.21 -0.69
CA TRP A 206 -4.49 9.83 -0.21
C TRP A 206 -4.87 9.76 1.27
N THR A 207 -5.71 8.78 1.60
CA THR A 207 -6.16 8.60 2.96
C THR A 207 -5.31 7.56 3.69
N PRO A 208 -5.22 7.65 4.99
CA PRO A 208 -4.45 6.69 5.83
C PRO A 208 -5.09 5.30 5.83
N GLU A 209 -6.36 5.24 5.44
CA GLU A 209 -7.07 3.97 5.43
C GLU A 209 -6.24 2.91 4.70
N SER A 210 -5.27 3.35 3.91
CA SER A 210 -4.42 2.43 3.17
C SER A 210 -3.39 1.80 4.10
N ALA A 211 -2.75 0.73 3.63
CA ALA A 211 -1.76 0.03 4.44
C ALA A 211 -0.62 0.98 4.82
N GLN A 212 -0.38 1.97 3.97
CA GLN A 212 0.68 2.94 4.22
C GLN A 212 0.39 3.73 5.49
N GLY A 213 -0.88 4.12 5.68
CA GLY A 213 -1.25 4.88 6.86
C GLY A 213 -0.96 4.11 8.13
N GLN A 214 -1.31 2.83 8.15
CA GLN A 214 -1.07 2.00 9.32
C GLN A 214 0.44 1.86 9.58
N MET A 215 1.20 1.72 8.49
CA MET A 215 2.65 1.58 8.62
C MET A 215 3.24 2.82 9.28
N LEU A 216 2.76 4.00 8.88
CA LEU A 216 3.26 5.24 9.45
C LEU A 216 2.94 5.30 10.94
N GLU A 217 1.70 5.00 11.29
CA GLU A 217 1.28 5.01 12.69
C GLU A 217 2.21 4.15 13.54
N GLN A 218 2.73 3.09 12.92
CA GLN A 218 3.63 2.19 13.62
C GLN A 218 4.98 2.87 13.86
N LEU A 219 5.24 3.94 13.11
CA LEU A 219 6.50 4.66 13.24
C LEU A 219 6.39 5.74 14.30
N GLY A 220 5.17 5.97 14.79
CA GLY A 220 4.94 6.98 15.82
C GLY A 220 4.38 8.26 15.20
N PHE A 221 4.15 8.24 13.90
CA PHE A 221 3.61 9.41 13.20
C PHE A 221 2.09 9.39 13.22
N THR A 222 1.49 10.57 13.16
CA THR A 222 0.02 10.68 13.18
C THR A 222 -0.48 11.25 11.85
N LEU A 223 -1.43 10.55 11.25
CA LEU A 223 -2.00 10.98 9.98
C LEU A 223 -3.23 11.84 10.20
N ALA A 224 -3.42 12.82 9.31
CA ALA A 224 -4.58 13.71 9.42
C ALA A 224 -5.86 12.95 9.10
N LYS A 225 -6.97 13.40 9.68
CA LYS A 225 -8.26 12.77 9.44
C LYS A 225 -9.32 13.81 9.11
N LEU A 226 -10.08 13.56 8.04
CA LEU A 226 -11.13 14.50 7.63
C LEU A 226 -12.50 13.84 7.78
N PRO A 227 -13.14 14.06 8.91
CA PRO A 227 -14.50 13.50 9.18
C PRO A 227 -15.49 13.89 8.09
N ALA A 228 -16.34 12.94 7.71
CA ALA A 228 -17.33 13.20 6.66
C ALA A 228 -16.65 13.55 5.34
N GLY A 229 -15.42 14.08 5.43
CA GLY A 229 -14.67 14.46 4.24
C GLY A 229 -14.20 13.22 3.47
N LEU A 230 -13.59 12.29 4.18
CA LEU A 230 -13.09 11.07 3.56
C LEU A 230 -14.20 10.39 2.78
N ASN A 231 -15.41 10.43 3.32
CA ASN A 231 -16.55 9.82 2.65
C ASN A 231 -16.88 10.54 1.36
N ALA A 232 -15.84 11.02 0.66
CA ALA A 232 -16.04 11.73 -0.59
C ALA A 232 -17.25 12.65 -0.51
N SER A 233 -17.03 13.88 -0.06
CA SER A 233 -18.12 14.84 0.06
C SER A 233 -18.40 15.49 -1.27
N GLN A 234 -17.47 15.34 -2.22
CA GLN A 234 -17.62 15.92 -3.54
C GLN A 234 -18.31 14.94 -4.49
N SER A 235 -17.91 13.67 -4.40
CA SER A 235 -18.48 12.64 -5.26
C SER A 235 -19.95 12.42 -4.91
N GLN A 236 -20.35 12.89 -3.74
CA GLN A 236 -21.74 12.74 -3.29
C GLN A 236 -22.13 11.26 -3.28
N GLY A 237 -21.23 10.42 -2.79
CA GLY A 237 -21.50 8.99 -2.73
C GLY A 237 -20.32 8.24 -2.11
N LYS A 238 -20.10 7.01 -2.56
CA LYS A 238 -19.00 6.19 -2.04
C LYS A 238 -18.07 5.78 -3.17
N ARG A 239 -16.77 5.75 -2.88
CA ARG A 239 -15.79 5.37 -3.88
C ARG A 239 -14.56 4.75 -3.22
N HIS A 240 -13.91 3.82 -3.92
CA HIS A 240 -12.72 3.16 -3.38
C HIS A 240 -11.46 3.78 -3.97
N ASP A 241 -10.40 2.99 -4.06
CA ASP A 241 -9.13 3.47 -4.60
C ASP A 241 -8.65 4.69 -3.83
N ILE A 242 -9.03 5.87 -4.32
CA ILE A 242 -8.63 7.12 -3.68
C ILE A 242 -9.84 7.99 -3.38
N ILE A 243 -9.61 9.11 -2.72
CA ILE A 243 -10.70 10.03 -2.36
C ILE A 243 -10.45 11.41 -2.93
N GLN A 244 -11.53 12.05 -3.38
CA GLN A 244 -11.42 13.40 -3.96
C GLN A 244 -11.82 14.44 -2.93
N LEU A 245 -11.56 15.71 -3.26
CA LEU A 245 -11.89 16.81 -2.37
C LEU A 245 -12.26 18.06 -3.16
N GLY A 246 -13.12 18.90 -2.57
CA GLY A 246 -13.53 20.13 -3.24
C GLY A 246 -12.35 21.07 -3.44
N GLY A 247 -11.47 21.13 -2.44
CA GLY A 247 -10.30 22.00 -2.50
C GLY A 247 -10.17 22.84 -1.25
N GLU A 248 -11.06 22.59 -0.28
CA GLU A 248 -11.03 23.35 0.97
C GLU A 248 -9.92 22.84 1.89
N ASN A 249 -9.98 21.55 2.21
CA ASN A 249 -8.98 20.94 3.07
C ASN A 249 -7.60 21.02 2.43
N LEU A 250 -7.56 20.87 1.10
CA LEU A 250 -6.29 20.92 0.39
C LEU A 250 -5.52 22.19 0.74
N ALA A 251 -6.05 23.33 0.31
CA ALA A 251 -5.40 24.61 0.58
C ALA A 251 -5.14 24.75 2.07
N ALA A 252 -6.10 24.36 2.89
CA ALA A 252 -5.95 24.45 4.34
C ALA A 252 -5.00 23.37 4.84
N GLY A 253 -4.21 22.80 3.94
CA GLY A 253 -3.27 21.75 4.30
C GLY A 253 -3.79 20.91 5.46
N LEU A 254 -5.03 20.47 5.34
CA LEU A 254 -5.66 19.67 6.39
C LEU A 254 -5.26 20.19 7.77
N ASN A 255 -4.45 19.40 8.48
CA ASN A 255 -4.00 19.79 9.82
C ASN A 255 -3.22 21.09 9.76
N GLY A 256 -2.31 21.19 8.78
CA GLY A 256 -1.51 22.39 8.63
C GLY A 256 -0.29 22.37 9.54
N GLU A 257 -0.06 21.23 10.18
CA GLU A 257 1.08 21.09 11.08
C GLU A 257 2.23 20.38 10.39
N SER A 258 1.96 19.79 9.23
CA SER A 258 2.98 19.09 8.47
C SER A 258 2.38 18.43 7.23
N LEU A 259 3.13 18.45 6.13
CA LEU A 259 2.66 17.86 4.90
C LEU A 259 3.82 17.29 4.09
N PHE A 260 3.73 16.01 3.74
CA PHE A 260 4.77 15.37 2.93
C PHE A 260 4.36 15.32 1.48
N LEU A 261 5.34 15.50 0.60
CA LEU A 261 5.06 15.50 -0.84
C LEU A 261 5.29 14.11 -1.43
N PHE A 262 4.19 13.43 -1.74
CA PHE A 262 4.27 12.09 -2.32
C PHE A 262 4.04 12.16 -3.83
N ALA A 263 3.56 13.30 -4.31
CA ALA A 263 3.30 13.49 -5.73
C ALA A 263 4.60 13.46 -6.53
N GLY A 264 5.63 14.09 -5.98
CA GLY A 264 6.92 14.15 -6.66
C GLY A 264 7.95 14.90 -5.82
N ASP A 265 9.19 14.90 -6.27
CA ASP A 265 10.26 15.59 -5.55
C ASP A 265 10.14 17.09 -5.71
N GLN A 266 11.10 17.69 -6.41
CA GLN A 266 11.10 19.13 -6.63
C GLN A 266 9.95 19.53 -7.55
N LYS A 267 9.55 18.62 -8.42
CA LYS A 267 8.47 18.91 -9.36
C LYS A 267 7.20 19.27 -8.61
N ASP A 268 6.90 18.51 -7.57
CA ASP A 268 5.71 18.78 -6.76
C ASP A 268 5.82 20.15 -6.09
N ALA A 269 7.00 20.43 -5.52
CA ALA A 269 7.23 21.71 -4.84
C ALA A 269 6.85 22.86 -5.76
N ASP A 270 7.52 22.94 -6.91
CA ASP A 270 7.25 24.01 -7.87
C ASP A 270 5.75 24.09 -8.16
N ALA A 271 5.12 22.93 -8.34
CA ALA A 271 3.69 22.88 -8.62
C ALA A 271 2.92 23.61 -7.52
N ILE A 272 3.30 23.37 -6.27
CA ILE A 272 2.63 24.02 -5.15
C ILE A 272 2.86 25.53 -5.19
N TYR A 273 4.09 25.92 -5.47
CA TYR A 273 4.43 27.34 -5.54
C TYR A 273 3.54 28.05 -6.55
N ALA A 274 3.25 27.37 -7.65
CA ALA A 274 2.40 27.93 -8.69
C ALA A 274 0.93 27.89 -8.26
N ASN A 275 0.70 27.38 -7.05
CA ASN A 275 -0.67 27.27 -6.53
C ASN A 275 -0.83 28.17 -5.31
N PRO A 276 -1.26 29.39 -5.51
CA PRO A 276 -1.48 30.36 -4.41
C PRO A 276 -2.36 29.79 -3.30
N LEU A 277 -3.22 28.85 -3.67
CA LEU A 277 -4.12 28.23 -2.71
C LEU A 277 -3.33 27.48 -1.66
N LEU A 278 -2.28 26.78 -2.10
CA LEU A 278 -1.45 25.99 -1.20
C LEU A 278 -0.23 26.79 -0.76
N ALA A 279 -0.18 28.05 -1.16
CA ALA A 279 0.93 28.92 -0.80
C ALA A 279 0.86 29.30 0.67
N HIS A 280 -0.36 29.46 1.18
CA HIS A 280 -0.57 29.84 2.57
C HIS A 280 -0.42 28.64 3.48
N LEU A 281 -0.05 27.50 2.90
CA LEU A 281 0.13 26.29 3.67
C LEU A 281 1.34 26.41 4.59
N PRO A 282 1.15 26.27 5.87
CA PRO A 282 2.26 26.38 6.86
C PRO A 282 3.48 25.57 6.46
N ALA A 283 3.25 24.39 5.88
CA ALA A 283 4.35 23.53 5.45
C ALA A 283 5.22 24.26 4.44
N VAL A 284 4.59 24.94 3.50
CA VAL A 284 5.32 25.69 2.48
C VAL A 284 6.08 26.85 3.13
N GLN A 285 5.42 27.55 4.04
CA GLN A 285 6.04 28.69 4.70
C GLN A 285 7.21 28.23 5.56
N ASN A 286 7.04 27.10 6.24
CA ASN A 286 8.09 26.56 7.09
C ASN A 286 8.99 25.62 6.31
N LYS A 287 8.55 25.26 5.11
CA LYS A 287 9.33 24.36 4.26
C LYS A 287 9.51 22.99 4.93
N GLN A 288 8.51 22.58 5.70
CA GLN A 288 8.56 21.29 6.39
C GLN A 288 7.98 20.20 5.50
N VAL A 289 8.35 20.23 4.22
CA VAL A 289 7.85 19.23 3.27
C VAL A 289 8.93 18.21 2.94
N TYR A 290 8.55 16.94 2.92
CA TYR A 290 9.49 15.87 2.62
C TYR A 290 9.08 15.15 1.33
N ALA A 291 10.05 14.95 0.45
CA ALA A 291 9.79 14.27 -0.82
C ALA A 291 9.83 12.76 -0.64
N LEU A 292 8.69 12.18 -0.29
CA LEU A 292 8.60 10.74 -0.10
C LEU A 292 8.87 10.01 -1.42
N GLY A 293 8.31 10.54 -2.50
CA GLY A 293 8.48 9.93 -3.81
C GLY A 293 7.55 8.74 -3.97
N THR A 294 7.42 8.24 -5.21
CA THR A 294 6.57 7.10 -5.48
C THR A 294 7.22 5.80 -5.00
N GLU A 295 8.55 5.80 -4.94
CA GLU A 295 9.28 4.62 -4.52
C GLU A 295 9.02 4.35 -3.03
N THR A 296 8.85 5.41 -2.26
CA THR A 296 8.63 5.27 -0.83
C THR A 296 7.21 4.76 -0.57
N PHE A 297 6.60 4.16 -1.58
CA PHE A 297 5.24 3.63 -1.43
C PHE A 297 5.18 2.64 -0.27
N ARG A 298 6.09 1.67 -0.29
CA ARG A 298 6.16 0.67 0.78
C ARG A 298 7.38 0.91 1.64
N LEU A 299 7.28 0.56 2.92
CA LEU A 299 8.39 0.74 3.84
C LEU A 299 8.90 -0.60 4.35
N ASP A 300 10.19 -0.84 4.19
CA ASP A 300 10.80 -2.09 4.64
C ASP A 300 12.25 -1.87 5.05
N TYR A 301 12.82 -2.85 5.74
CA TYR A 301 14.21 -2.74 6.19
C TYR A 301 15.11 -2.30 5.04
N TYR A 302 14.83 -2.81 3.85
CA TYR A 302 15.64 -2.47 2.69
C TYR A 302 15.39 -1.03 2.23
N SER A 303 14.17 -0.77 1.80
CA SER A 303 13.81 0.56 1.32
C SER A 303 13.97 1.59 2.43
N ALA A 304 13.73 1.16 3.67
CA ALA A 304 13.82 2.06 4.80
C ALA A 304 15.19 2.72 4.86
N MET A 305 16.19 2.07 4.28
CA MET A 305 17.53 2.61 4.26
C MET A 305 17.59 3.92 3.47
N GLN A 306 16.87 3.96 2.35
CA GLN A 306 16.84 5.17 1.53
C GLN A 306 15.89 6.21 2.11
N VAL A 307 14.72 5.76 2.54
CA VAL A 307 13.73 6.65 3.13
C VAL A 307 14.25 7.21 4.45
N LEU A 308 14.86 6.34 5.26
CA LEU A 308 15.36 6.77 6.56
C LEU A 308 16.40 7.87 6.39
N ASP A 309 17.35 7.65 5.48
CA ASP A 309 18.38 8.65 5.24
C ASP A 309 17.78 9.89 4.55
N ARG A 310 16.87 9.66 3.62
CA ARG A 310 16.24 10.74 2.88
C ARG A 310 15.48 11.65 3.83
N LEU A 311 14.84 11.06 4.83
CA LEU A 311 14.08 11.83 5.81
C LEU A 311 14.98 12.29 6.95
N LYS A 312 16.28 12.01 6.83
CA LYS A 312 17.24 12.40 7.86
C LYS A 312 18.18 13.47 7.33
N ALA A 313 18.14 13.69 6.02
CA ALA A 313 19.00 14.69 5.41
C ALA A 313 18.66 16.08 5.94
N LEU A 314 17.36 16.33 6.16
CA LEU A 314 16.94 17.63 6.65
C LEU A 314 17.57 17.90 8.01
N PHE A 315 17.49 16.94 8.92
CA PHE A 315 18.06 17.10 10.25
C PHE A 315 19.58 16.89 10.20
N ALA A 24 1.23 -24.79 7.49
CA ALA A 24 1.60 -26.04 8.21
C ALA A 24 2.28 -27.00 7.24
N ASP A 25 2.68 -28.16 7.75
CA ASP A 25 3.34 -29.16 6.91
C ASP A 25 2.32 -30.10 6.28
N TRP A 26 1.05 -29.89 6.62
CA TRP A 26 -0.01 -30.73 6.10
C TRP A 26 -1.28 -29.91 5.87
N PRO A 27 -2.31 -30.54 5.38
CA PRO A 27 -3.62 -29.87 5.11
C PRO A 27 -4.24 -29.29 6.38
N ARG A 28 -4.91 -28.15 6.24
CA ARG A 28 -5.55 -27.51 7.38
C ARG A 28 -6.69 -26.63 6.93
N GLN A 29 -7.34 -25.97 7.89
CA GLN A 29 -8.46 -25.08 7.58
C GLN A 29 -8.11 -23.65 7.95
N ILE A 30 -8.47 -22.71 7.07
CA ILE A 30 -8.19 -21.29 7.31
C ILE A 30 -9.48 -20.48 7.22
N THR A 31 -9.56 -19.43 8.02
CA THR A 31 -10.74 -18.57 8.03
C THR A 31 -10.38 -17.13 7.65
N ASP A 32 -11.20 -16.53 6.79
CA ASP A 32 -10.94 -15.15 6.36
C ASP A 32 -11.83 -14.18 7.14
N SER A 33 -12.30 -13.14 6.46
CA SER A 33 -13.15 -12.15 7.10
C SER A 33 -14.46 -12.78 7.55
N ARG A 34 -14.97 -13.71 6.74
CA ARG A 34 -16.22 -14.40 7.06
C ARG A 34 -16.21 -15.81 6.50
N GLY A 35 -16.22 -15.93 5.18
CA GLY A 35 -16.23 -17.23 4.54
C GLY A 35 -15.01 -18.05 4.95
N THR A 36 -15.21 -19.34 5.12
CA THR A 36 -14.12 -20.23 5.52
C THR A 36 -13.76 -21.18 4.40
N HIS A 37 -12.47 -21.29 4.11
CA HIS A 37 -11.99 -22.17 3.03
C HIS A 37 -11.06 -23.23 3.59
N THR A 38 -11.33 -24.49 3.26
CA THR A 38 -10.50 -25.59 3.74
C THR A 38 -9.31 -25.80 2.81
N LEU A 39 -8.12 -25.87 3.39
CA LEU A 39 -6.91 -26.08 2.60
C LEU A 39 -6.54 -27.56 2.57
N GLU A 40 -7.23 -28.31 1.72
CA GLU A 40 -6.98 -29.74 1.59
C GLU A 40 -5.58 -29.99 1.02
N SER A 41 -5.13 -29.07 0.17
CA SER A 41 -3.81 -29.21 -0.44
C SER A 41 -3.58 -28.08 -1.43
N GLN A 42 -2.69 -27.16 -1.08
CA GLN A 42 -2.38 -26.02 -1.94
C GLN A 42 -0.89 -25.99 -2.28
N PRO A 43 -0.50 -26.61 -3.35
CA PRO A 43 0.92 -26.64 -3.81
C PRO A 43 1.48 -25.24 -4.00
N GLN A 44 2.78 -25.09 -3.76
CA GLN A 44 3.44 -23.79 -3.89
C GLN A 44 2.92 -23.05 -5.12
N ARG A 45 1.79 -22.38 -4.97
CA ARG A 45 1.18 -21.64 -6.07
C ARG A 45 0.38 -20.46 -5.54
N ILE A 46 1.07 -19.49 -4.96
CA ILE A 46 0.39 -18.32 -4.40
C ILE A 46 -0.03 -17.37 -5.51
N VAL A 47 -1.29 -16.94 -5.46
CA VAL A 47 -1.83 -16.03 -6.47
C VAL A 47 -2.36 -14.77 -5.81
N SER A 48 -2.23 -13.64 -6.49
CA SER A 48 -2.71 -12.36 -5.96
C SER A 48 -3.46 -11.57 -7.02
N THR A 49 -4.51 -10.86 -6.60
CA THR A 49 -5.29 -10.07 -7.54
C THR A 49 -4.89 -8.60 -7.46
N SER A 50 -5.02 -8.01 -6.28
CA SER A 50 -4.66 -6.61 -6.09
C SER A 50 -3.16 -6.45 -5.94
N VAL A 51 -2.66 -5.27 -6.27
CA VAL A 51 -1.23 -5.00 -6.15
C VAL A 51 -0.83 -4.82 -4.69
N THR A 52 -1.80 -4.49 -3.85
CA THR A 52 -1.53 -4.27 -2.43
C THR A 52 -0.95 -5.53 -1.80
N LEU A 53 -1.65 -6.65 -1.98
CA LEU A 53 -1.17 -7.92 -1.46
C LEU A 53 0.12 -8.34 -2.16
N THR A 54 0.13 -8.17 -3.48
CA THR A 54 1.30 -8.58 -4.26
C THR A 54 2.58 -8.15 -3.57
N GLY A 55 2.69 -6.88 -3.22
CA GLY A 55 3.85 -6.37 -2.51
C GLY A 55 3.89 -6.88 -1.08
N SER A 56 2.72 -6.98 -0.46
CA SER A 56 2.63 -7.44 0.92
C SER A 56 3.15 -8.87 1.03
N LEU A 57 2.72 -9.72 0.10
CA LEU A 57 3.13 -11.12 0.10
C LEU A 57 4.63 -11.24 -0.18
N LEU A 58 5.10 -10.43 -1.13
CA LEU A 58 6.50 -10.46 -1.50
C LEU A 58 7.40 -10.05 -0.34
N ALA A 59 6.96 -9.06 0.40
CA ALA A 59 7.73 -8.56 1.53
C ALA A 59 7.94 -9.65 2.57
N ILE A 60 6.94 -10.50 2.74
CA ILE A 60 7.04 -11.59 3.71
C ILE A 60 7.59 -12.85 3.08
N ASP A 61 8.43 -12.68 2.07
CA ASP A 61 9.03 -13.81 1.40
C ASP A 61 7.97 -14.77 0.88
N ALA A 62 7.01 -14.24 0.13
CA ALA A 62 5.93 -15.06 -0.42
C ALA A 62 5.58 -14.59 -1.82
N PRO A 63 6.40 -14.93 -2.79
CA PRO A 63 6.20 -14.51 -4.20
C PRO A 63 4.94 -15.13 -4.81
N VAL A 64 4.35 -14.43 -5.77
CA VAL A 64 3.15 -14.91 -6.43
C VAL A 64 3.45 -15.23 -7.90
N ILE A 65 2.90 -16.37 -8.36
CA ILE A 65 3.09 -16.78 -9.73
C ILE A 65 2.35 -15.86 -10.69
N ALA A 66 1.11 -15.53 -10.36
CA ALA A 66 0.29 -14.67 -11.20
C ALA A 66 -0.21 -13.46 -10.43
N SER A 67 -0.05 -12.28 -11.02
CA SER A 67 -0.49 -11.04 -10.37
C SER A 67 -0.75 -9.97 -11.40
N GLY A 68 -1.37 -8.88 -10.97
CA GLY A 68 -1.69 -7.78 -11.89
C GLY A 68 -0.79 -6.57 -11.59
N ALA A 69 -1.03 -5.48 -12.32
CA ALA A 69 -0.27 -4.26 -12.13
C ALA A 69 -1.18 -3.05 -12.07
N THR A 70 -0.61 -1.89 -11.76
CA THR A 70 -1.39 -0.66 -11.66
C THR A 70 -0.69 0.47 -12.42
N THR A 71 -0.23 1.46 -11.68
CA THR A 71 0.44 2.60 -12.29
C THR A 71 1.96 2.48 -12.13
N PRO A 72 2.69 3.43 -12.63
CA PRO A 72 4.18 3.44 -12.53
C PRO A 72 4.67 3.47 -11.08
N ASN A 73 4.26 2.48 -10.31
CA ASN A 73 4.65 2.39 -8.91
C ASN A 73 6.14 2.21 -8.79
N ASN A 74 6.74 1.51 -9.77
CA ASN A 74 8.19 1.25 -9.75
C ASN A 74 8.48 -0.09 -9.08
N ARG A 75 7.70 -0.42 -8.05
CA ARG A 75 7.87 -1.67 -7.34
C ARG A 75 7.60 -2.85 -8.29
N VAL A 76 6.58 -2.69 -9.13
CA VAL A 76 6.22 -3.73 -10.08
C VAL A 76 7.23 -3.78 -11.23
N ALA A 77 7.88 -2.65 -11.48
CA ALA A 77 8.85 -2.56 -12.56
C ALA A 77 9.84 -3.71 -12.49
N ASP A 78 10.90 -3.66 -13.29
CA ASP A 78 11.90 -4.70 -13.32
C ASP A 78 12.79 -4.64 -12.08
N ASP A 79 14.00 -5.15 -12.19
CA ASP A 79 14.93 -5.15 -11.07
C ASP A 79 15.07 -3.76 -10.48
N GLN A 80 14.47 -2.78 -11.14
CA GLN A 80 14.52 -1.41 -10.66
C GLN A 80 13.41 -1.14 -9.67
N GLY A 81 13.79 -0.87 -8.42
CA GLY A 81 12.81 -0.59 -7.38
C GLY A 81 12.30 -1.87 -6.75
N PHE A 82 13.16 -2.53 -5.99
CA PHE A 82 12.78 -3.78 -5.31
C PHE A 82 13.45 -3.87 -3.95
N LEU A 83 12.76 -4.51 -3.00
CA LEU A 83 13.31 -4.69 -1.66
C LEU A 83 14.18 -5.94 -1.61
N ARG A 84 13.61 -7.04 -1.12
CA ARG A 84 14.33 -8.30 -1.03
C ARG A 84 14.69 -8.79 -2.42
N GLN A 85 13.75 -8.68 -3.35
CA GLN A 85 13.97 -9.10 -4.74
C GLN A 85 13.56 -10.55 -4.94
N TRP A 86 12.33 -10.88 -4.57
CA TRP A 86 11.83 -12.24 -4.72
C TRP A 86 10.88 -12.31 -5.93
N SER A 87 10.53 -11.16 -6.47
CA SER A 87 9.63 -11.10 -7.62
C SER A 87 10.25 -11.77 -8.84
N LYS A 88 11.57 -11.64 -8.95
CA LYS A 88 12.28 -12.25 -10.06
C LYS A 88 11.88 -13.71 -10.24
N VAL A 89 11.38 -14.31 -9.16
CA VAL A 89 10.95 -15.70 -9.21
C VAL A 89 9.68 -15.84 -10.05
N ALA A 90 8.72 -14.95 -9.81
CA ALA A 90 7.45 -15.00 -10.54
C ALA A 90 7.71 -14.81 -12.02
N LYS A 91 8.49 -13.78 -12.36
CA LYS A 91 8.80 -13.49 -13.76
C LYS A 91 9.55 -14.66 -14.38
N GLU A 92 10.45 -15.27 -13.61
CA GLU A 92 11.23 -16.40 -14.10
C GLU A 92 10.32 -17.48 -14.65
N ARG A 93 9.13 -17.61 -14.06
CA ARG A 93 8.17 -18.61 -14.50
C ARG A 93 7.27 -18.05 -15.57
N LYS A 94 7.51 -16.78 -15.95
CA LYS A 94 6.72 -16.12 -16.99
C LYS A 94 5.43 -15.56 -16.40
N LEU A 95 4.72 -16.40 -15.65
CA LEU A 95 3.45 -15.99 -15.04
C LEU A 95 3.63 -14.65 -14.39
N GLN A 96 2.52 -13.90 -14.25
CA GLN A 96 2.56 -12.55 -13.65
C GLN A 96 2.02 -11.53 -14.65
N ARG A 97 0.72 -11.24 -14.58
CA ARG A 97 0.11 -10.27 -15.46
C ARG A 97 0.47 -8.85 -15.03
N LEU A 98 0.68 -7.96 -15.99
CA LEU A 98 1.05 -6.58 -15.69
C LEU A 98 0.19 -5.62 -16.49
N TYR A 99 -1.01 -6.06 -16.84
CA TYR A 99 -1.94 -5.22 -17.61
C TYR A 99 -3.36 -5.38 -17.11
N ILE A 100 -4.08 -4.26 -17.01
CA ILE A 100 -5.47 -4.29 -16.55
C ILE A 100 -6.33 -3.36 -17.40
N GLY A 101 -7.65 -3.52 -17.30
CA GLY A 101 -8.57 -2.69 -18.07
C GLY A 101 -9.80 -3.49 -18.47
N GLU A 102 -9.61 -4.81 -18.63
CA GLU A 102 -10.72 -5.68 -19.02
C GLU A 102 -10.48 -7.09 -18.50
N PRO A 103 -10.58 -7.27 -17.21
CA PRO A 103 -10.38 -8.60 -16.56
C PRO A 103 -11.34 -9.65 -17.07
N SER A 104 -10.88 -10.89 -17.17
CA SER A 104 -11.73 -11.98 -17.64
C SER A 104 -11.58 -13.21 -16.74
N ALA A 105 -12.70 -13.84 -16.42
CA ALA A 105 -12.69 -15.02 -15.57
C ALA A 105 -12.03 -16.20 -16.29
N GLU A 106 -12.30 -16.30 -17.59
CA GLU A 106 -11.73 -17.38 -18.39
C GLU A 106 -10.21 -17.28 -18.44
N ALA A 107 -9.72 -16.06 -18.61
CA ALA A 107 -8.28 -15.83 -18.69
C ALA A 107 -7.60 -16.24 -17.39
N VAL A 108 -8.24 -15.90 -16.27
CA VAL A 108 -7.70 -16.25 -14.96
C VAL A 108 -7.65 -17.77 -14.79
N ALA A 109 -8.73 -18.43 -15.22
CA ALA A 109 -8.79 -19.88 -15.10
C ALA A 109 -7.69 -20.53 -15.93
N ALA A 110 -7.38 -19.92 -17.06
CA ALA A 110 -6.33 -20.44 -17.94
C ALA A 110 -5.00 -20.46 -17.22
N GLN A 111 -4.89 -19.69 -16.14
CA GLN A 111 -3.66 -19.62 -15.37
C GLN A 111 -3.62 -20.73 -14.32
N MET A 112 -4.72 -21.45 -14.20
CA MET A 112 -4.81 -22.54 -13.22
C MET A 112 -4.29 -22.08 -11.86
N PRO A 113 -4.85 -21.04 -11.33
CA PRO A 113 -4.46 -20.49 -10.00
C PRO A 113 -4.87 -21.41 -8.86
N ASP A 114 -4.08 -21.40 -7.78
CA ASP A 114 -4.38 -22.23 -6.62
C ASP A 114 -5.04 -21.40 -5.52
N LEU A 115 -4.25 -20.57 -4.85
CA LEU A 115 -4.77 -19.73 -3.78
C LEU A 115 -4.76 -18.27 -4.22
N ILE A 116 -5.94 -17.68 -4.37
CA ILE A 116 -6.06 -16.29 -4.79
C ILE A 116 -6.37 -15.40 -3.60
N LEU A 117 -5.55 -14.36 -3.40
CA LEU A 117 -5.74 -13.45 -2.28
C LEU A 117 -6.22 -12.09 -2.78
N ILE A 118 -7.24 -11.55 -2.12
CA ILE A 118 -7.80 -10.25 -2.51
C ILE A 118 -7.70 -9.26 -1.35
N SER A 119 -7.37 -8.02 -1.68
CA SER A 119 -7.25 -6.97 -0.66
C SER A 119 -8.61 -6.38 -0.35
N ALA A 120 -8.68 -5.58 0.72
CA ALA A 120 -9.93 -4.95 1.12
C ALA A 120 -10.44 -4.04 0.01
N THR A 121 -9.53 -3.37 -0.67
CA THR A 121 -9.89 -2.46 -1.76
C THR A 121 -8.90 -2.58 -2.91
N GLY A 122 -9.33 -2.16 -4.10
CA GLY A 122 -8.48 -2.24 -5.28
C GLY A 122 -8.91 -1.22 -6.33
N GLY A 123 -8.17 -1.15 -7.43
CA GLY A 123 -8.48 -0.21 -8.49
C GLY A 123 -9.85 -0.51 -9.10
N ASP A 124 -10.21 -1.79 -9.14
CA ASP A 124 -11.50 -2.20 -9.70
C ASP A 124 -12.28 -3.02 -8.68
N SER A 125 -13.60 -2.97 -8.78
CA SER A 125 -14.46 -3.70 -7.86
C SER A 125 -14.23 -5.21 -8.02
N ALA A 126 -14.24 -5.92 -6.90
CA ALA A 126 -14.03 -7.37 -6.93
C ALA A 126 -15.23 -8.10 -6.32
N LEU A 127 -16.31 -7.36 -6.09
CA LEU A 127 -17.51 -7.94 -5.51
C LEU A 127 -18.06 -9.03 -6.41
N ALA A 128 -18.01 -8.80 -7.72
CA ALA A 128 -18.50 -9.79 -8.68
C ALA A 128 -17.43 -10.85 -8.96
N LEU A 129 -16.19 -10.41 -8.99
CA LEU A 129 -15.07 -11.31 -9.25
C LEU A 129 -14.85 -12.24 -8.06
N TYR A 130 -15.07 -11.71 -6.87
CA TYR A 130 -14.86 -12.48 -5.66
C TYR A 130 -15.42 -13.89 -5.80
N ASP A 131 -16.73 -14.00 -5.99
CA ASP A 131 -17.36 -15.31 -6.13
C ASP A 131 -16.89 -16.02 -7.39
N GLN A 132 -16.81 -15.27 -8.48
CA GLN A 132 -16.38 -15.84 -9.75
C GLN A 132 -14.96 -16.37 -9.64
N LEU A 133 -14.15 -15.71 -8.82
CA LEU A 133 -12.77 -16.14 -8.61
C LEU A 133 -12.72 -17.39 -7.74
N SER A 134 -13.57 -17.43 -6.72
CA SER A 134 -13.60 -18.57 -5.80
C SER A 134 -13.89 -19.84 -6.57
N THR A 135 -14.92 -19.81 -7.40
CA THR A 135 -15.29 -20.98 -8.19
C THR A 135 -14.08 -21.48 -8.97
N ILE A 136 -13.31 -20.57 -9.54
CA ILE A 136 -12.12 -20.93 -10.29
C ILE A 136 -11.06 -21.53 -9.37
N ALA A 137 -10.88 -20.94 -8.20
CA ALA A 137 -9.89 -21.42 -7.25
C ALA A 137 -10.06 -20.73 -5.90
N PRO A 138 -9.65 -21.38 -4.83
CA PRO A 138 -9.75 -20.82 -3.47
C PRO A 138 -9.43 -19.33 -3.43
N THR A 139 -10.46 -18.51 -3.24
CA THR A 139 -10.27 -17.06 -3.18
C THR A 139 -10.50 -16.56 -1.77
N LEU A 140 -9.48 -15.92 -1.20
CA LEU A 140 -9.57 -15.39 0.17
C LEU A 140 -9.52 -13.88 0.15
N ILE A 141 -10.14 -13.26 1.15
CA ILE A 141 -10.14 -11.80 1.25
C ILE A 141 -9.69 -11.36 2.63
N ILE A 142 -8.76 -10.40 2.66
CA ILE A 142 -8.24 -9.89 3.93
C ILE A 142 -8.61 -8.43 4.11
N ASN A 143 -9.20 -8.12 5.26
CA ASN A 143 -9.60 -6.74 5.56
C ASN A 143 -8.59 -6.09 6.50
N TYR A 144 -7.75 -5.22 5.94
CA TYR A 144 -6.74 -4.54 6.74
C TYR A 144 -7.17 -3.11 7.06
N ASP A 145 -8.22 -2.66 6.40
CA ASP A 145 -8.73 -1.31 6.61
C ASP A 145 -9.25 -1.15 8.04
N ASP A 146 -9.81 -2.22 8.58
CA ASP A 146 -10.36 -2.20 9.94
C ASP A 146 -9.36 -2.78 10.92
N LYS A 147 -8.15 -3.06 10.45
CA LYS A 147 -7.11 -3.63 11.31
C LYS A 147 -5.78 -2.92 11.08
N SER A 148 -4.91 -2.98 12.09
CA SER A 148 -3.61 -2.33 12.00
C SER A 148 -2.67 -3.14 11.11
N TRP A 149 -1.56 -2.52 10.70
CA TRP A 149 -0.60 -3.19 9.82
C TRP A 149 -0.07 -4.45 10.50
N GLN A 150 0.36 -4.32 11.76
CA GLN A 150 0.89 -5.46 12.49
C GLN A 150 -0.10 -6.62 12.46
N SER A 151 -1.38 -6.30 12.63
CA SER A 151 -2.43 -7.32 12.60
C SER A 151 -2.49 -7.97 11.22
N LEU A 152 -2.34 -7.16 10.17
CA LEU A 152 -2.40 -7.68 8.81
C LEU A 152 -1.27 -8.69 8.59
N LEU A 153 -0.08 -8.36 9.06
CA LEU A 153 1.05 -9.26 8.91
C LEU A 153 0.78 -10.57 9.63
N THR A 154 0.25 -10.48 10.84
CA THR A 154 -0.05 -11.67 11.63
C THR A 154 -0.94 -12.61 10.81
N GLN A 155 -1.97 -12.04 10.16
CA GLN A 155 -2.88 -12.85 9.35
C GLN A 155 -2.12 -13.51 8.21
N LEU A 156 -1.22 -12.76 7.59
CA LEU A 156 -0.42 -13.31 6.49
C LEU A 156 0.42 -14.47 6.94
N GLY A 157 1.02 -14.33 8.10
CA GLY A 157 1.85 -15.40 8.65
C GLY A 157 1.01 -16.62 8.98
N GLU A 158 -0.16 -16.39 9.55
CA GLU A 158 -1.06 -17.48 9.91
C GLU A 158 -1.64 -18.15 8.67
N ILE A 159 -2.11 -17.32 7.74
CA ILE A 159 -2.70 -17.84 6.51
C ILE A 159 -1.66 -18.57 5.68
N THR A 160 -0.47 -17.99 5.57
CA THR A 160 0.60 -18.59 4.78
C THR A 160 1.50 -19.45 5.66
N GLY A 161 1.28 -19.37 6.97
CA GLY A 161 2.07 -20.16 7.91
C GLY A 161 3.52 -19.71 7.90
N HIS A 162 3.75 -18.45 7.54
CA HIS A 162 5.10 -17.91 7.48
C HIS A 162 5.40 -17.05 8.71
N GLU A 163 5.13 -17.61 9.89
CA GLU A 163 5.37 -16.90 11.14
C GLU A 163 6.87 -16.73 11.38
N LYS A 164 7.63 -17.77 11.07
CA LYS A 164 9.08 -17.74 11.28
C LYS A 164 9.70 -16.60 10.47
N GLN A 165 9.31 -16.50 9.20
CA GLN A 165 9.84 -15.44 8.34
C GLN A 165 9.51 -14.07 8.91
N ALA A 166 8.30 -13.93 9.45
CA ALA A 166 7.87 -12.67 10.03
C ALA A 166 8.76 -12.31 11.23
N ALA A 167 9.08 -13.31 12.04
CA ALA A 167 9.93 -13.09 13.21
C ALA A 167 11.32 -12.62 12.79
N GLU A 168 11.73 -13.02 11.59
CA GLU A 168 13.03 -12.61 11.06
C GLU A 168 13.01 -11.16 10.62
N ARG A 169 12.07 -10.82 9.75
CA ARG A 169 11.94 -9.46 9.24
C ARG A 169 11.57 -8.51 10.38
N ILE A 170 10.64 -8.94 11.23
CA ILE A 170 10.19 -8.12 12.33
C ILE A 170 11.34 -7.83 13.28
N ALA A 171 12.13 -8.84 13.59
CA ALA A 171 13.26 -8.67 14.49
C ALA A 171 14.26 -7.69 13.89
N GLN A 172 14.76 -8.00 12.71
CA GLN A 172 15.75 -7.15 12.05
C GLN A 172 15.20 -5.75 11.88
N PHE A 173 13.90 -5.66 11.65
CA PHE A 173 13.24 -4.36 11.46
C PHE A 173 12.95 -3.71 12.82
N ASP A 174 12.61 -4.53 13.80
CA ASP A 174 12.28 -4.01 15.12
C ASP A 174 13.43 -3.20 15.66
N LYS A 175 14.65 -3.68 15.46
CA LYS A 175 15.83 -2.96 15.94
C LYS A 175 15.94 -1.60 15.26
N GLN A 176 15.68 -1.57 13.95
CA GLN A 176 15.76 -0.32 13.20
C GLN A 176 14.69 0.65 13.67
N LEU A 177 13.52 0.11 13.99
CA LEU A 177 12.42 0.95 14.47
C LEU A 177 12.79 1.62 15.78
N ALA A 178 13.42 0.88 16.66
CA ALA A 178 13.83 1.43 17.95
C ALA A 178 14.82 2.58 17.77
N ALA A 179 15.89 2.30 17.02
CA ALA A 179 16.90 3.33 16.76
C ALA A 179 16.33 4.45 15.92
N ALA A 180 15.53 4.08 14.91
CA ALA A 180 14.92 5.07 14.03
C ALA A 180 13.95 5.95 14.81
N LYS A 181 13.21 5.34 15.72
CA LYS A 181 12.25 6.08 16.54
C LYS A 181 12.96 7.10 17.41
N GLU A 182 14.18 6.76 17.82
CA GLU A 182 14.96 7.66 18.67
C GLU A 182 15.89 8.53 17.83
N GLN A 183 16.20 8.06 16.62
CA GLN A 183 17.08 8.80 15.73
C GLN A 183 16.46 10.13 15.33
N ILE A 184 15.17 10.10 15.04
CA ILE A 184 14.45 11.31 14.63
C ILE A 184 14.17 12.19 15.83
N LYS A 185 14.39 13.50 15.68
CA LYS A 185 14.16 14.45 16.76
C LYS A 185 13.24 15.56 16.30
N LEU A 186 12.00 15.55 16.78
CA LEU A 186 11.04 16.58 16.40
C LEU A 186 9.72 16.38 17.16
N PRO A 187 9.25 17.40 17.84
CA PRO A 187 7.98 17.33 18.60
C PRO A 187 6.86 16.63 17.83
N PRO A 188 5.94 16.02 18.53
CA PRO A 188 4.79 15.32 17.90
C PRO A 188 3.83 16.27 17.19
N GLN A 189 3.31 15.85 16.05
CA GLN A 189 2.37 16.68 15.32
C GLN A 189 1.76 15.88 14.15
N PRO A 190 0.53 16.15 13.81
CA PRO A 190 -0.17 15.48 12.69
C PRO A 190 0.41 15.87 11.33
N VAL A 191 0.24 14.99 10.35
CA VAL A 191 0.74 15.26 9.01
C VAL A 191 -0.27 14.81 7.97
N THR A 192 -0.11 15.30 6.74
CA THR A 192 -1.01 14.94 5.64
C THR A 192 -0.25 14.82 4.33
N ALA A 193 -0.92 14.30 3.30
CA ALA A 193 -0.30 14.15 2.00
C ALA A 193 -1.34 14.32 0.90
N ILE A 194 -0.97 15.04 -0.16
CA ILE A 194 -1.89 15.26 -1.28
C ILE A 194 -1.18 15.05 -2.60
N VAL A 195 -1.91 14.55 -3.59
CA VAL A 195 -1.33 14.31 -4.91
C VAL A 195 -2.26 14.86 -5.99
N TYR A 196 -1.68 15.61 -6.93
CA TYR A 196 -2.46 16.17 -8.02
C TYR A 196 -1.59 16.39 -9.24
N THR A 197 -2.21 16.44 -10.42
CA THR A 197 -1.45 16.67 -11.66
C THR A 197 -2.00 17.90 -12.38
N ALA A 198 -1.11 18.86 -12.65
CA ALA A 198 -1.51 20.08 -13.35
C ALA A 198 -2.04 19.76 -14.73
N ALA A 199 -1.60 18.63 -15.28
CA ALA A 199 -2.04 18.22 -16.61
C ALA A 199 -3.47 17.68 -16.56
N ALA A 200 -3.71 16.76 -15.64
CA ALA A 200 -5.03 16.15 -15.50
C ALA A 200 -5.98 17.12 -14.80
N HIS A 201 -5.43 18.20 -14.26
CA HIS A 201 -6.25 19.20 -13.57
C HIS A 201 -7.21 18.52 -12.60
N SER A 202 -6.69 17.59 -11.81
CA SER A 202 -7.52 16.88 -10.85
C SER A 202 -6.86 16.86 -9.48
N ALA A 203 -7.66 16.94 -8.43
CA ALA A 203 -7.14 16.94 -7.06
C ALA A 203 -7.48 15.63 -6.37
N ASN A 204 -6.48 14.77 -6.20
CA ASN A 204 -6.68 13.48 -5.53
C ASN A 204 -5.87 13.41 -4.25
N LEU A 205 -6.52 13.04 -3.16
CA LEU A 205 -5.84 12.94 -1.88
C LEU A 205 -5.76 11.49 -1.43
N TRP A 206 -4.67 11.15 -0.74
CA TRP A 206 -4.49 9.79 -0.24
C TRP A 206 -4.87 9.71 1.24
N THR A 207 -5.73 8.76 1.57
CA THR A 207 -6.16 8.59 2.94
C THR A 207 -5.32 7.55 3.67
N PRO A 208 -5.23 7.67 4.98
CA PRO A 208 -4.45 6.71 5.82
C PRO A 208 -5.09 5.32 5.83
N GLU A 209 -6.36 5.25 5.45
CA GLU A 209 -7.07 3.98 5.44
C GLU A 209 -6.26 2.92 4.72
N SER A 210 -5.29 3.36 3.92
CA SER A 210 -4.44 2.43 3.19
C SER A 210 -3.41 1.79 4.12
N ALA A 211 -2.79 0.70 3.66
CA ALA A 211 -1.80 0.01 4.47
C ALA A 211 -0.65 0.95 4.83
N GLN A 212 -0.41 1.93 3.97
CA GLN A 212 0.66 2.90 4.22
C GLN A 212 0.39 3.70 5.49
N GLY A 213 -0.88 4.09 5.67
CA GLY A 213 -1.24 4.88 6.84
C GLY A 213 -0.97 4.12 8.12
N GLN A 214 -1.32 2.83 8.14
CA GLN A 214 -1.09 2.01 9.32
C GLN A 214 0.40 1.85 9.58
N MET A 215 1.18 1.71 8.51
CA MET A 215 2.61 1.56 8.64
C MET A 215 3.21 2.80 9.30
N LEU A 216 2.74 3.97 8.89
CA LEU A 216 3.24 5.22 9.46
C LEU A 216 2.92 5.28 10.95
N GLU A 217 1.67 4.99 11.30
CA GLU A 217 1.25 5.02 12.70
C GLU A 217 2.18 4.15 13.54
N GLN A 218 2.69 3.09 12.94
CA GLN A 218 3.60 2.19 13.65
C GLN A 218 4.95 2.87 13.88
N LEU A 219 5.21 3.93 13.12
CA LEU A 219 6.47 4.65 13.26
C LEU A 219 6.37 5.74 14.30
N GLY A 220 5.15 5.97 14.79
CA GLY A 220 4.93 6.99 15.81
C GLY A 220 4.37 8.27 15.20
N PHE A 221 4.14 8.24 13.89
CA PHE A 221 3.60 9.40 13.19
C PHE A 221 2.09 9.38 13.20
N THR A 222 1.48 10.57 13.13
CA THR A 222 0.02 10.68 13.15
C THR A 222 -0.48 11.25 11.82
N LEU A 223 -1.44 10.55 11.22
CA LEU A 223 -2.00 10.97 9.95
C LEU A 223 -3.23 11.84 10.16
N ALA A 224 -3.42 12.81 9.27
CA ALA A 224 -4.57 13.70 9.37
C ALA A 224 -5.85 12.96 9.05
N LYS A 225 -6.96 13.41 9.64
CA LYS A 225 -8.25 12.77 9.40
C LYS A 225 -9.32 13.82 9.08
N LEU A 226 -10.07 13.58 8.01
CA LEU A 226 -11.12 14.51 7.60
C LEU A 226 -12.49 13.87 7.76
N PRO A 227 -13.13 14.09 8.88
CA PRO A 227 -14.48 13.54 9.17
C PRO A 227 -15.48 13.93 8.09
N ALA A 228 -16.33 12.98 7.70
CA ALA A 228 -17.33 13.23 6.67
C ALA A 228 -16.65 13.61 5.34
N GLY A 229 -15.44 14.14 5.43
CA GLY A 229 -14.68 14.53 4.24
C GLY A 229 -14.21 13.31 3.47
N LEU A 230 -13.58 12.38 4.17
CA LEU A 230 -13.07 11.17 3.53
C LEU A 230 -14.18 10.47 2.77
N ASN A 231 -15.39 10.50 3.33
CA ASN A 231 -16.54 9.88 2.67
C ASN A 231 -16.88 10.58 1.37
N ALA A 232 -15.84 11.05 0.65
CA ALA A 232 -16.04 11.74 -0.60
C ALA A 232 -17.24 12.69 -0.52
N SER A 233 -17.00 13.91 -0.05
CA SER A 233 -18.07 14.89 0.08
C SER A 233 -18.36 15.52 -1.28
N GLN A 234 -17.46 15.34 -2.22
CA GLN A 234 -17.63 15.90 -3.56
C GLN A 234 -18.31 14.90 -4.48
N SER A 235 -17.91 13.63 -4.36
CA SER A 235 -18.49 12.58 -5.19
C SER A 235 -19.97 12.39 -4.86
N GLN A 236 -20.38 12.88 -3.69
CA GLN A 236 -21.76 12.75 -3.26
C GLN A 236 -22.18 11.28 -3.24
N GLY A 237 -21.30 10.43 -2.73
CA GLY A 237 -21.59 9.00 -2.67
C GLY A 237 -20.43 8.24 -2.04
N LYS A 238 -20.23 7.00 -2.47
CA LYS A 238 -19.13 6.17 -1.94
C LYS A 238 -18.20 5.75 -3.06
N ARG A 239 -16.90 5.72 -2.77
CA ARG A 239 -15.90 5.33 -3.76
C ARG A 239 -14.68 4.73 -3.08
N HIS A 240 -14.02 3.81 -3.77
CA HIS A 240 -12.83 3.17 -3.22
C HIS A 240 -11.56 3.77 -3.84
N ASP A 241 -10.52 2.96 -3.95
CA ASP A 241 -9.26 3.42 -4.51
C ASP A 241 -8.76 4.65 -3.76
N ILE A 242 -9.13 5.83 -4.26
CA ILE A 242 -8.70 7.08 -3.64
C ILE A 242 -9.90 7.97 -3.35
N ILE A 243 -9.65 9.10 -2.68
CA ILE A 243 -10.72 10.03 -2.33
C ILE A 243 -10.44 11.41 -2.91
N GLN A 244 -11.50 12.07 -3.38
CA GLN A 244 -11.36 13.40 -3.96
C GLN A 244 -11.76 14.46 -2.95
N LEU A 245 -11.49 15.73 -3.28
CA LEU A 245 -11.83 16.84 -2.39
C LEU A 245 -12.21 18.08 -3.19
N GLY A 246 -13.09 18.90 -2.62
CA GLY A 246 -13.52 20.12 -3.29
C GLY A 246 -12.36 21.07 -3.50
N GLY A 247 -11.48 21.16 -2.51
CA GLY A 247 -10.32 22.05 -2.59
C GLY A 247 -10.17 22.87 -1.32
N GLU A 248 -11.05 22.63 -0.36
CA GLU A 248 -11.01 23.37 0.91
C GLU A 248 -9.91 22.83 1.81
N ASN A 249 -9.98 21.54 2.12
CA ASN A 249 -8.99 20.91 2.98
C ASN A 249 -7.60 20.98 2.34
N LEU A 250 -7.56 20.84 1.01
CA LEU A 250 -6.29 20.90 0.31
C LEU A 250 -5.53 22.18 0.66
N ALA A 251 -6.06 23.32 0.24
CA ALA A 251 -5.40 24.59 0.51
C ALA A 251 -5.13 24.73 2.01
N ALA A 252 -6.10 24.35 2.82
CA ALA A 252 -5.95 24.43 4.27
C ALA A 252 -5.01 23.34 4.77
N GLY A 253 -4.22 22.77 3.86
CA GLY A 253 -3.28 21.71 4.23
C GLY A 253 -3.80 20.87 5.38
N LEU A 254 -5.05 20.44 5.27
CA LEU A 254 -5.68 19.65 6.33
C LEU A 254 -5.28 20.17 7.71
N ASN A 255 -4.47 19.39 8.41
CA ASN A 255 -4.04 19.78 9.75
C ASN A 255 -3.25 21.07 9.69
N GLY A 256 -2.35 21.18 8.72
CA GLY A 256 -1.55 22.39 8.56
C GLY A 256 -0.33 22.36 9.46
N GLU A 257 -0.10 21.23 10.11
CA GLU A 257 1.05 21.08 11.01
C GLU A 257 2.20 20.38 10.31
N SER A 258 1.92 19.78 9.16
CA SER A 258 2.94 19.08 8.40
C SER A 258 2.35 18.42 7.17
N LEU A 259 3.10 18.44 6.07
CA LEU A 259 2.64 17.83 4.84
C LEU A 259 3.80 17.26 4.04
N PHE A 260 3.70 15.97 3.69
CA PHE A 260 4.75 15.32 2.89
C PHE A 260 4.34 15.28 1.44
N LEU A 261 5.32 15.44 0.55
CA LEU A 261 5.04 15.42 -0.88
C LEU A 261 5.27 14.03 -1.45
N PHE A 262 4.18 13.35 -1.77
CA PHE A 262 4.27 12.00 -2.35
C PHE A 262 4.02 12.06 -3.85
N ALA A 263 3.55 13.20 -4.34
CA ALA A 263 3.28 13.37 -5.75
C ALA A 263 4.57 13.35 -6.56
N GLY A 264 5.60 14.01 -6.03
CA GLY A 264 6.89 14.06 -6.70
C GLY A 264 7.92 14.81 -5.85
N ASP A 265 9.16 14.80 -6.31
CA ASP A 265 10.24 15.47 -5.58
C ASP A 265 10.12 16.98 -5.73
N GLN A 266 11.10 17.57 -6.42
CA GLN A 266 11.11 19.01 -6.63
C GLN A 266 9.97 19.42 -7.56
N LYS A 267 9.57 18.52 -8.44
CA LYS A 267 8.51 18.81 -9.39
C LYS A 267 7.23 19.18 -8.65
N ASP A 268 6.92 18.41 -7.61
CA ASP A 268 5.72 18.69 -6.81
C ASP A 268 5.83 20.06 -6.14
N ALA A 269 7.00 20.34 -5.57
CA ALA A 269 7.22 21.61 -4.88
C ALA A 269 6.85 22.77 -5.81
N ASP A 270 7.53 22.85 -6.94
CA ASP A 270 7.27 23.91 -7.91
C ASP A 270 5.78 23.99 -8.21
N ALA A 271 5.16 22.83 -8.40
CA ALA A 271 3.73 22.79 -8.71
C ALA A 271 2.94 23.53 -7.62
N ILE A 272 3.30 23.29 -6.36
CA ILE A 272 2.63 23.96 -5.25
C ILE A 272 2.86 25.47 -5.30
N TYR A 273 4.09 25.86 -5.57
CA TYR A 273 4.42 27.28 -5.65
C TYR A 273 3.52 27.98 -6.67
N ALA A 274 3.23 27.29 -7.76
CA ALA A 274 2.38 27.86 -8.80
C ALA A 274 0.92 27.82 -8.37
N ASN A 275 0.68 27.31 -7.15
CA ASN A 275 -0.68 27.20 -6.62
C ASN A 275 -0.84 28.11 -5.41
N PRO A 276 -1.27 29.34 -5.61
CA PRO A 276 -1.48 30.31 -4.51
C PRO A 276 -2.37 29.75 -3.40
N LEU A 277 -3.23 28.80 -3.77
CA LEU A 277 -4.13 28.19 -2.80
C LEU A 277 -3.33 27.43 -1.76
N LEU A 278 -2.30 26.74 -2.20
CA LEU A 278 -1.47 25.94 -1.28
C LEU A 278 -0.24 26.75 -0.86
N ALA A 279 -0.19 28.01 -1.26
CA ALA A 279 0.92 28.87 -0.91
C ALA A 279 0.86 29.26 0.57
N HIS A 280 -0.36 29.42 1.07
CA HIS A 280 -0.57 29.81 2.46
C HIS A 280 -0.42 28.61 3.38
N LEU A 281 -0.05 27.47 2.80
CA LEU A 281 0.12 26.26 3.57
C LEU A 281 1.33 26.38 4.49
N PRO A 282 1.15 26.25 5.78
CA PRO A 282 2.26 26.36 6.76
C PRO A 282 3.48 25.54 6.36
N ALA A 283 3.25 24.37 5.78
CA ALA A 283 4.33 23.50 5.36
C ALA A 283 5.21 24.23 4.34
N VAL A 284 4.58 24.91 3.39
CA VAL A 284 5.31 25.65 2.37
C VAL A 284 6.08 26.81 3.02
N GLN A 285 5.42 27.51 3.93
CA GLN A 285 6.04 28.66 4.59
C GLN A 285 7.21 28.20 5.44
N ASN A 286 7.03 27.06 6.12
CA ASN A 286 8.09 26.52 6.98
C ASN A 286 8.98 25.58 6.20
N LYS A 287 8.54 25.21 5.00
CA LYS A 287 9.31 24.30 4.15
C LYS A 287 9.50 22.95 4.83
N GLN A 288 8.50 22.55 5.61
CA GLN A 288 8.56 21.27 6.31
C GLN A 288 7.98 20.17 5.44
N VAL A 289 8.33 20.18 4.15
CA VAL A 289 7.84 19.18 3.21
C VAL A 289 8.90 18.15 2.91
N TYR A 290 8.51 16.88 2.90
CA TYR A 290 9.45 15.79 2.61
C TYR A 290 9.03 15.05 1.34
N ALA A 291 10.00 14.84 0.46
CA ALA A 291 9.73 14.14 -0.80
C ALA A 291 9.79 12.62 -0.60
N LEU A 292 8.64 12.05 -0.26
CA LEU A 292 8.56 10.60 -0.05
C LEU A 292 8.85 9.86 -1.34
N GLY A 293 8.31 10.37 -2.45
CA GLY A 293 8.52 9.73 -3.75
C GLY A 293 7.56 8.56 -3.93
N THR A 294 7.44 8.09 -5.16
CA THR A 294 6.56 6.96 -5.45
C THR A 294 7.19 5.65 -4.99
N GLU A 295 8.52 5.63 -4.93
CA GLU A 295 9.24 4.44 -4.50
C GLU A 295 8.99 4.16 -3.03
N THR A 296 8.83 5.22 -2.24
CA THR A 296 8.60 5.08 -0.82
C THR A 296 7.18 4.58 -0.54
N PHE A 297 6.59 3.93 -1.53
CA PHE A 297 5.22 3.43 -1.39
C PHE A 297 5.14 2.49 -0.19
N ARG A 298 6.05 1.51 -0.14
CA ARG A 298 6.09 0.56 0.97
C ARG A 298 7.33 0.80 1.81
N LEU A 299 7.27 0.45 3.09
CA LEU A 299 8.40 0.64 3.98
C LEU A 299 8.91 -0.71 4.48
N ASP A 300 10.20 -0.94 4.29
CA ASP A 300 10.83 -2.19 4.74
C ASP A 300 12.28 -1.95 5.15
N TYR A 301 12.86 -2.91 5.83
CA TYR A 301 14.24 -2.80 6.29
C TYR A 301 15.14 -2.37 5.13
N TYR A 302 14.87 -2.89 3.94
CA TYR A 302 15.66 -2.56 2.78
C TYR A 302 15.42 -1.12 2.32
N SER A 303 14.21 -0.85 1.88
CA SER A 303 13.85 0.48 1.40
C SER A 303 14.01 1.51 2.51
N ALA A 304 13.75 1.09 3.75
CA ALA A 304 13.84 1.99 4.88
C ALA A 304 15.20 2.66 4.93
N MET A 305 16.20 2.00 4.36
CA MET A 305 17.55 2.56 4.34
C MET A 305 17.60 3.87 3.54
N GLN A 306 16.88 3.90 2.42
CA GLN A 306 16.85 5.09 1.59
C GLN A 306 15.89 6.14 2.17
N VAL A 307 14.72 5.69 2.60
CA VAL A 307 13.74 6.57 3.18
C VAL A 307 14.25 7.15 4.50
N LEU A 308 14.85 6.29 5.31
CA LEU A 308 15.34 6.73 6.60
C LEU A 308 16.39 7.82 6.44
N ASP A 309 17.33 7.61 5.53
CA ASP A 309 18.36 8.61 5.28
C ASP A 309 17.77 9.84 4.59
N ARG A 310 16.85 9.60 3.67
CA ARG A 310 16.21 10.68 2.92
C ARG A 310 15.46 11.60 3.87
N LEU A 311 14.82 11.00 4.87
CA LEU A 311 14.05 11.78 5.84
C LEU A 311 14.95 12.24 6.98
N LYS A 312 16.24 11.96 6.87
CA LYS A 312 17.20 12.36 7.89
C LYS A 312 18.16 13.43 7.35
N ALA A 313 18.11 13.64 6.03
CA ALA A 313 18.97 14.64 5.41
C ALA A 313 18.63 16.04 5.92
N LEU A 314 17.33 16.28 6.15
CA LEU A 314 16.91 17.58 6.63
C LEU A 314 17.54 17.88 7.98
N PHE A 315 17.45 16.92 8.90
CA PHE A 315 18.03 17.09 10.23
C PHE A 315 19.53 16.91 10.18
N ALA A 24 1.23 -24.59 7.46
CA ALA A 24 1.61 -25.83 8.19
C ALA A 24 2.30 -26.79 7.23
N ASP A 25 2.69 -27.96 7.75
CA ASP A 25 3.37 -28.96 6.92
C ASP A 25 2.35 -29.90 6.30
N TRP A 26 1.07 -29.71 6.66
CA TRP A 26 0.02 -30.56 6.13
C TRP A 26 -1.26 -29.75 5.90
N PRO A 27 -2.29 -30.38 5.42
CA PRO A 27 -3.60 -29.73 5.15
C PRO A 27 -4.22 -29.15 6.42
N ARG A 28 -4.89 -28.01 6.27
CA ARG A 28 -5.52 -27.35 7.41
C ARG A 28 -6.68 -26.48 6.95
N GLN A 29 -7.33 -25.82 7.90
CA GLN A 29 -8.45 -24.93 7.58
C GLN A 29 -8.11 -23.49 7.94
N ILE A 30 -8.45 -22.57 7.05
CA ILE A 30 -8.19 -21.15 7.28
C ILE A 30 -9.47 -20.35 7.16
N THR A 31 -9.55 -19.26 7.95
CA THR A 31 -10.74 -18.41 7.94
C THR A 31 -10.36 -16.98 7.54
N ASP A 32 -11.18 -16.38 6.67
CA ASP A 32 -10.93 -15.01 6.22
C ASP A 32 -11.81 -14.04 7.00
N SER A 33 -12.27 -13.00 6.31
CA SER A 33 -13.13 -12.00 6.93
C SER A 33 -14.44 -12.64 7.38
N ARG A 34 -14.95 -13.58 6.58
CA ARG A 34 -16.20 -14.25 6.92
C ARG A 34 -16.19 -15.68 6.38
N GLY A 35 -16.21 -15.81 5.06
CA GLY A 35 -16.22 -17.12 4.42
C GLY A 35 -15.00 -17.93 4.84
N THR A 36 -15.19 -19.23 5.04
CA THR A 36 -14.09 -20.11 5.45
C THR A 36 -13.73 -21.07 4.34
N HIS A 37 -12.44 -21.18 4.04
CA HIS A 37 -11.96 -22.07 2.99
C HIS A 37 -11.03 -23.12 3.56
N THR A 38 -11.30 -24.38 3.25
CA THR A 38 -10.47 -25.48 3.74
C THR A 38 -9.28 -25.70 2.82
N LEU A 39 -8.08 -25.77 3.41
CA LEU A 39 -6.87 -25.98 2.62
C LEU A 39 -6.51 -27.47 2.59
N GLU A 40 -7.21 -28.22 1.74
CA GLU A 40 -6.96 -29.65 1.62
C GLU A 40 -5.58 -29.90 1.05
N SER A 41 -5.12 -29.00 0.19
CA SER A 41 -3.81 -29.15 -0.43
C SER A 41 -3.58 -28.03 -1.43
N GLN A 42 -2.68 -27.09 -1.09
CA GLN A 42 -2.38 -25.97 -1.96
C GLN A 42 -0.89 -25.93 -2.29
N PRO A 43 -0.50 -26.57 -3.36
CA PRO A 43 0.93 -26.59 -3.81
C PRO A 43 1.48 -25.18 -4.00
N GLN A 44 2.78 -25.04 -3.77
CA GLN A 44 3.44 -23.73 -3.91
C GLN A 44 2.92 -22.99 -5.13
N ARG A 45 1.77 -22.33 -4.98
CA ARG A 45 1.17 -21.59 -6.09
C ARG A 45 0.35 -20.43 -5.55
N ILE A 46 1.03 -19.45 -4.97
CA ILE A 46 0.35 -18.28 -4.40
C ILE A 46 -0.05 -17.32 -5.51
N VAL A 47 -1.31 -16.88 -5.48
CA VAL A 47 -1.82 -15.96 -6.50
C VAL A 47 -2.35 -14.70 -5.82
N SER A 48 -2.23 -13.56 -6.51
CA SER A 48 -2.73 -12.30 -5.98
C SER A 48 -3.46 -11.50 -7.04
N THR A 49 -4.51 -10.80 -6.63
CA THR A 49 -5.30 -9.99 -7.57
C THR A 49 -4.89 -8.53 -7.48
N SER A 50 -5.03 -7.94 -6.30
CA SER A 50 -4.67 -6.55 -6.11
C SER A 50 -3.16 -6.39 -5.95
N VAL A 51 -2.66 -5.20 -6.27
CA VAL A 51 -1.23 -4.93 -6.15
C VAL A 51 -0.84 -4.77 -4.68
N THR A 52 -1.82 -4.44 -3.85
CA THR A 52 -1.55 -4.23 -2.43
C THR A 52 -0.96 -5.49 -1.80
N LEU A 53 -1.66 -6.61 -1.99
CA LEU A 53 -1.18 -7.88 -1.47
C LEU A 53 0.11 -8.30 -2.17
N THR A 54 0.13 -8.12 -3.49
CA THR A 54 1.30 -8.52 -4.28
C THR A 54 2.58 -8.10 -3.56
N GLY A 55 2.68 -6.82 -3.21
CA GLY A 55 3.84 -6.32 -2.49
C GLY A 55 3.88 -6.84 -1.06
N SER A 56 2.70 -6.95 -0.46
CA SER A 56 2.62 -7.42 0.92
C SER A 56 3.12 -8.86 1.02
N LEU A 57 2.70 -9.69 0.07
CA LEU A 57 3.12 -11.09 0.05
C LEU A 57 4.61 -11.20 -0.21
N LEU A 58 5.10 -10.39 -1.14
CA LEU A 58 6.51 -10.41 -1.49
C LEU A 58 7.39 -10.01 -0.31
N ALA A 59 6.93 -9.03 0.44
CA ALA A 59 7.68 -8.55 1.59
C ALA A 59 7.88 -9.64 2.63
N ILE A 60 6.87 -10.50 2.78
CA ILE A 60 6.94 -11.57 3.75
C ILE A 60 7.50 -12.84 3.13
N ASP A 61 8.34 -12.67 2.11
CA ASP A 61 8.95 -13.82 1.45
C ASP A 61 7.89 -14.77 0.92
N ALA A 62 6.94 -14.24 0.17
CA ALA A 62 5.86 -15.06 -0.40
C ALA A 62 5.56 -14.62 -1.82
N PRO A 63 6.40 -14.97 -2.76
CA PRO A 63 6.24 -14.58 -4.19
C PRO A 63 4.97 -15.16 -4.80
N VAL A 64 4.39 -14.44 -5.75
CA VAL A 64 3.18 -14.90 -6.42
C VAL A 64 3.47 -15.23 -7.89
N ILE A 65 2.92 -16.35 -8.34
CA ILE A 65 3.10 -16.77 -9.71
C ILE A 65 2.37 -15.86 -10.69
N ALA A 66 1.13 -15.50 -10.33
CA ALA A 66 0.31 -14.64 -11.19
C ALA A 66 -0.18 -13.43 -10.41
N SER A 67 -0.01 -12.26 -11.00
CA SER A 67 -0.43 -11.02 -10.36
C SER A 67 -0.70 -9.94 -11.40
N GLY A 68 -1.31 -8.85 -10.97
CA GLY A 68 -1.62 -7.74 -11.87
C GLY A 68 -0.74 -6.54 -11.59
N ALA A 69 -0.97 -5.45 -12.32
CA ALA A 69 -0.20 -4.23 -12.13
C ALA A 69 -1.11 -3.02 -12.08
N THR A 70 -0.55 -1.86 -11.77
CA THR A 70 -1.32 -0.62 -11.69
C THR A 70 -0.61 0.50 -12.43
N THR A 71 -0.14 1.48 -11.68
CA THR A 71 0.55 2.62 -12.29
C THR A 71 2.06 2.48 -12.11
N PRO A 72 2.79 3.44 -12.61
CA PRO A 72 4.29 3.44 -12.50
C PRO A 72 4.77 3.48 -11.05
N ASN A 73 4.35 2.48 -10.29
CA ASN A 73 4.73 2.39 -8.88
C ASN A 73 6.22 2.20 -8.75
N ASN A 74 6.82 1.48 -9.70
CA ASN A 74 8.27 1.22 -9.69
C ASN A 74 8.54 -0.12 -9.01
N ARG A 75 7.75 -0.43 -7.98
CA ARG A 75 7.91 -1.69 -7.26
C ARG A 75 7.64 -2.87 -8.20
N VAL A 76 6.62 -2.72 -9.05
CA VAL A 76 6.26 -3.77 -10.01
C VAL A 76 7.27 -3.82 -11.15
N ALA A 77 7.92 -2.68 -11.40
CA ALA A 77 8.90 -2.60 -12.48
C ALA A 77 9.88 -3.76 -12.41
N ASP A 78 10.93 -3.70 -13.23
CA ASP A 78 11.93 -4.75 -13.26
C ASP A 78 12.82 -4.69 -12.02
N ASP A 79 14.04 -5.19 -12.15
CA ASP A 79 14.97 -5.19 -11.03
C ASP A 79 15.10 -3.79 -10.44
N GLN A 80 14.49 -2.82 -11.10
CA GLN A 80 14.54 -1.44 -10.62
C GLN A 80 13.43 -1.18 -9.62
N GLY A 81 13.82 -0.91 -8.37
CA GLY A 81 12.84 -0.64 -7.32
C GLY A 81 12.33 -1.93 -6.70
N PHE A 82 13.19 -2.59 -5.94
CA PHE A 82 12.81 -3.84 -5.28
C PHE A 82 13.47 -3.94 -3.91
N LEU A 83 12.78 -4.59 -2.97
CA LEU A 83 13.31 -4.77 -1.62
C LEU A 83 14.19 -6.02 -1.57
N ARG A 84 13.61 -7.12 -1.09
CA ARG A 84 14.34 -8.38 -1.01
C ARG A 84 14.71 -8.86 -2.39
N GLN A 85 13.75 -8.74 -3.33
CA GLN A 85 13.99 -9.16 -4.72
C GLN A 85 13.57 -10.61 -4.93
N TRP A 86 12.34 -10.94 -4.56
CA TRP A 86 11.82 -12.29 -4.73
C TRP A 86 10.89 -12.35 -5.94
N SER A 87 10.55 -11.19 -6.49
CA SER A 87 9.65 -11.13 -7.64
C SER A 87 10.29 -11.80 -8.85
N LYS A 88 11.60 -11.67 -8.96
CA LYS A 88 12.32 -12.28 -10.07
C LYS A 88 11.91 -13.74 -10.26
N VAL A 89 11.42 -14.34 -9.17
CA VAL A 89 11.00 -15.74 -9.23
C VAL A 89 9.72 -15.87 -10.06
N ALA A 90 8.75 -14.98 -9.81
CA ALA A 90 7.49 -15.01 -10.53
C ALA A 90 7.73 -14.83 -12.01
N LYS A 91 8.51 -13.81 -12.37
CA LYS A 91 8.81 -13.53 -13.76
C LYS A 91 9.57 -14.70 -14.39
N GLU A 92 10.46 -15.30 -13.61
CA GLU A 92 11.24 -16.43 -14.10
C GLU A 92 10.33 -17.51 -14.65
N ARG A 93 9.14 -17.63 -14.06
CA ARG A 93 8.18 -18.63 -14.50
C ARG A 93 7.27 -18.07 -15.57
N LYS A 94 7.51 -16.81 -15.94
CA LYS A 94 6.72 -16.14 -16.99
C LYS A 94 5.43 -15.58 -16.39
N LEU A 95 4.72 -16.41 -15.63
CA LEU A 95 3.47 -16.00 -15.01
C LEU A 95 3.65 -14.66 -14.37
N GLN A 96 2.56 -13.89 -14.24
CA GLN A 96 2.59 -12.54 -13.65
C GLN A 96 2.07 -11.51 -14.64
N ARG A 97 0.77 -11.23 -14.56
CA ARG A 97 0.17 -10.24 -15.45
C ARG A 97 0.54 -8.84 -15.01
N LEU A 98 0.74 -7.95 -15.97
CA LEU A 98 1.12 -6.57 -15.67
C LEU A 98 0.27 -5.60 -16.48
N TYR A 99 -0.94 -6.03 -16.83
CA TYR A 99 -1.84 -5.18 -17.61
C TYR A 99 -3.28 -5.34 -17.11
N ILE A 100 -3.99 -4.22 -17.02
CA ILE A 100 -5.37 -4.24 -16.57
C ILE A 100 -6.22 -3.32 -17.43
N GLY A 101 -7.55 -3.47 -17.34
CA GLY A 101 -8.47 -2.64 -18.12
C GLY A 101 -9.69 -3.44 -18.53
N GLU A 102 -9.51 -4.75 -18.70
CA GLU A 102 -10.63 -5.62 -19.09
C GLU A 102 -10.40 -7.03 -18.56
N PRO A 103 -10.51 -7.21 -17.28
CA PRO A 103 -10.30 -8.54 -16.62
C PRO A 103 -11.28 -9.59 -17.14
N SER A 104 -10.82 -10.83 -17.22
CA SER A 104 -11.67 -11.92 -17.70
C SER A 104 -11.52 -13.15 -16.80
N ALA A 105 -12.64 -13.77 -16.49
CA ALA A 105 -12.64 -14.96 -15.64
C ALA A 105 -11.98 -16.13 -16.36
N GLU A 106 -12.24 -16.24 -17.65
CA GLU A 106 -11.68 -17.32 -18.44
C GLU A 106 -10.16 -17.22 -18.50
N ALA A 107 -9.67 -15.99 -18.68
CA ALA A 107 -8.22 -15.77 -18.74
C ALA A 107 -7.55 -16.17 -17.43
N VAL A 108 -8.19 -15.83 -16.32
CA VAL A 108 -7.66 -16.17 -15.00
C VAL A 108 -7.61 -17.69 -14.85
N ALA A 109 -8.68 -18.36 -15.27
CA ALA A 109 -8.75 -19.82 -15.16
C ALA A 109 -7.65 -20.46 -15.99
N ALA A 110 -7.33 -19.85 -17.12
CA ALA A 110 -6.28 -20.36 -18.00
C ALA A 110 -4.94 -20.39 -17.27
N GLN A 111 -4.84 -19.62 -16.18
CA GLN A 111 -3.61 -19.56 -15.41
C GLN A 111 -3.57 -20.67 -14.37
N MET A 112 -4.68 -21.39 -14.24
CA MET A 112 -4.76 -22.49 -13.28
C MET A 112 -4.26 -22.03 -11.91
N PRO A 113 -4.83 -20.98 -11.38
CA PRO A 113 -4.44 -20.44 -10.05
C PRO A 113 -4.85 -21.36 -8.91
N ASP A 114 -4.09 -21.35 -7.83
CA ASP A 114 -4.39 -22.19 -6.67
C ASP A 114 -5.05 -21.36 -5.58
N LEU A 115 -4.26 -20.53 -4.91
CA LEU A 115 -4.78 -19.67 -3.84
C LEU A 115 -4.75 -18.21 -4.27
N ILE A 116 -5.93 -17.62 -4.42
CA ILE A 116 -6.03 -16.23 -4.83
C ILE A 116 -6.37 -15.34 -3.64
N LEU A 117 -5.55 -14.31 -3.44
CA LEU A 117 -5.76 -13.39 -2.32
C LEU A 117 -6.22 -12.03 -2.82
N ILE A 118 -7.25 -11.49 -2.17
CA ILE A 118 -7.80 -10.19 -2.55
C ILE A 118 -7.71 -9.21 -1.39
N SER A 119 -7.38 -7.95 -1.71
CA SER A 119 -7.26 -6.92 -0.69
C SER A 119 -8.62 -6.32 -0.38
N ALA A 120 -8.69 -5.54 0.69
CA ALA A 120 -9.95 -4.91 1.09
C ALA A 120 -10.44 -3.98 -0.01
N THR A 121 -9.52 -3.31 -0.68
CA THR A 121 -9.88 -2.39 -1.77
C THR A 121 -8.90 -2.52 -2.92
N GLY A 122 -9.33 -2.09 -4.11
CA GLY A 122 -8.49 -2.16 -5.29
C GLY A 122 -8.92 -1.15 -6.34
N GLY A 123 -8.17 -1.06 -7.43
CA GLY A 123 -8.47 -0.12 -8.49
C GLY A 123 -9.83 -0.42 -9.11
N ASP A 124 -10.17 -1.71 -9.17
CA ASP A 124 -11.46 -2.13 -9.73
C ASP A 124 -12.25 -2.95 -8.73
N SER A 125 -13.57 -2.89 -8.83
CA SER A 125 -14.44 -3.63 -7.93
C SER A 125 -14.22 -5.13 -8.09
N ALA A 126 -14.22 -5.85 -6.97
CA ALA A 126 -14.02 -7.30 -6.99
C ALA A 126 -15.21 -8.03 -6.40
N LEU A 127 -16.30 -7.28 -6.17
CA LEU A 127 -17.50 -7.86 -5.59
C LEU A 127 -18.04 -8.96 -6.50
N ALA A 128 -17.97 -8.73 -7.80
CA ALA A 128 -18.47 -9.72 -8.76
C ALA A 128 -17.39 -10.78 -9.05
N LEU A 129 -16.14 -10.35 -9.07
CA LEU A 129 -15.03 -11.25 -9.31
C LEU A 129 -14.82 -12.17 -8.12
N TYR A 130 -15.04 -11.64 -6.93
CA TYR A 130 -14.84 -12.41 -5.72
C TYR A 130 -15.40 -13.83 -5.86
N ASP A 131 -16.70 -13.93 -6.06
CA ASP A 131 -17.33 -15.24 -6.21
C ASP A 131 -16.86 -15.95 -7.47
N GLN A 132 -16.77 -15.20 -8.56
CA GLN A 132 -16.34 -15.76 -9.84
C GLN A 132 -14.92 -16.30 -9.71
N LEU A 133 -14.11 -15.64 -8.89
CA LEU A 133 -12.74 -16.08 -8.67
C LEU A 133 -12.70 -17.33 -7.81
N SER A 134 -13.55 -17.36 -6.79
CA SER A 134 -13.59 -18.50 -5.88
C SER A 134 -13.87 -19.78 -6.64
N THR A 135 -14.90 -19.74 -7.48
CA THR A 135 -15.28 -20.91 -8.29
C THR A 135 -14.06 -21.42 -9.05
N ILE A 136 -13.30 -20.50 -9.62
CA ILE A 136 -12.10 -20.86 -10.36
C ILE A 136 -11.04 -21.48 -9.44
N ALA A 137 -10.87 -20.87 -8.28
CA ALA A 137 -9.88 -21.36 -7.32
C ALA A 137 -10.06 -20.67 -5.97
N PRO A 138 -9.65 -21.32 -4.90
CA PRO A 138 -9.75 -20.75 -3.54
C PRO A 138 -9.43 -19.26 -3.50
N THR A 139 -10.46 -18.44 -3.31
CA THR A 139 -10.27 -17.00 -3.25
C THR A 139 -10.51 -16.50 -1.85
N LEU A 140 -9.49 -15.86 -1.27
CA LEU A 140 -9.59 -15.32 0.09
C LEU A 140 -9.52 -13.81 0.07
N ILE A 141 -10.13 -13.18 1.08
CA ILE A 141 -10.13 -11.72 1.18
C ILE A 141 -9.70 -11.28 2.57
N ILE A 142 -8.74 -10.37 2.62
CA ILE A 142 -8.24 -9.86 3.90
C ILE A 142 -8.62 -8.40 4.09
N ASN A 143 -9.26 -8.10 5.22
CA ASN A 143 -9.67 -6.73 5.52
C ASN A 143 -8.70 -6.09 6.50
N TYR A 144 -7.84 -5.21 5.97
CA TYR A 144 -6.85 -4.54 6.81
C TYR A 144 -7.31 -3.12 7.14
N ASP A 145 -8.41 -2.70 6.54
CA ASP A 145 -8.94 -1.36 6.77
C ASP A 145 -9.39 -1.21 8.22
N ASP A 146 -9.90 -2.29 8.80
CA ASP A 146 -10.38 -2.28 10.17
C ASP A 146 -9.35 -2.86 11.11
N LYS A 147 -8.15 -3.12 10.59
CA LYS A 147 -7.08 -3.69 11.40
C LYS A 147 -5.76 -2.96 11.14
N SER A 148 -4.88 -2.98 12.14
CA SER A 148 -3.59 -2.32 12.02
C SER A 148 -2.64 -3.13 11.14
N TRP A 149 -1.54 -2.52 10.73
CA TRP A 149 -0.58 -3.19 9.86
C TRP A 149 -0.03 -4.43 10.56
N GLN A 150 0.40 -4.28 11.80
CA GLN A 150 0.94 -5.40 12.57
C GLN A 150 -0.04 -6.56 12.57
N SER A 151 -1.32 -6.24 12.77
CA SER A 151 -2.37 -7.26 12.77
C SER A 151 -2.46 -7.92 11.39
N LEU A 152 -2.35 -7.10 10.34
CA LEU A 152 -2.43 -7.62 8.99
C LEU A 152 -1.31 -8.63 8.74
N LEU A 153 -0.11 -8.30 9.17
CA LEU A 153 1.03 -9.19 8.99
C LEU A 153 0.78 -10.51 9.70
N THR A 154 0.27 -10.42 10.92
CA THR A 154 -0.02 -11.62 11.71
C THR A 154 -0.91 -12.56 10.91
N GLN A 155 -1.95 -11.99 10.28
CA GLN A 155 -2.87 -12.80 9.48
C GLN A 155 -2.14 -13.44 8.31
N LEU A 156 -1.23 -12.68 7.69
CA LEU A 156 -0.46 -13.21 6.57
C LEU A 156 0.38 -14.38 6.99
N GLY A 157 1.00 -14.27 8.15
CA GLY A 157 1.83 -15.35 8.66
C GLY A 157 0.98 -16.58 8.97
N GLU A 158 -0.20 -16.35 9.54
CA GLU A 158 -1.11 -17.45 9.88
C GLU A 158 -1.68 -18.08 8.62
N ILE A 159 -2.13 -17.25 7.70
CA ILE A 159 -2.71 -17.74 6.45
C ILE A 159 -1.66 -18.48 5.62
N THR A 160 -0.47 -17.89 5.54
CA THR A 160 0.60 -18.49 4.75
C THR A 160 1.48 -19.37 5.62
N GLY A 161 1.27 -19.31 6.93
CA GLY A 161 2.04 -20.11 7.87
C GLY A 161 3.50 -19.66 7.87
N HIS A 162 3.73 -18.40 7.52
CA HIS A 162 5.09 -17.85 7.48
C HIS A 162 5.37 -17.01 8.71
N GLU A 163 5.08 -17.56 9.88
CA GLU A 163 5.32 -16.85 11.13
C GLU A 163 6.82 -16.69 11.40
N LYS A 164 7.58 -17.74 11.09
CA LYS A 164 9.01 -17.72 11.30
C LYS A 164 9.65 -16.58 10.51
N GLN A 165 9.28 -16.47 9.25
CA GLN A 165 9.83 -15.42 8.39
C GLN A 165 9.49 -14.05 8.96
N ALA A 166 8.28 -13.90 9.48
CA ALA A 166 7.85 -12.64 10.06
C ALA A 166 8.72 -12.30 11.27
N ALA A 167 9.03 -13.30 12.09
CA ALA A 167 9.87 -13.08 13.27
C ALA A 167 11.26 -12.62 12.85
N GLU A 168 11.69 -13.03 11.67
CA GLU A 168 13.00 -12.64 11.17
C GLU A 168 13.00 -11.18 10.71
N ARG A 169 12.07 -10.84 9.83
CA ARG A 169 11.97 -9.48 9.31
C ARG A 169 11.59 -8.52 10.44
N ILE A 170 10.65 -8.93 11.28
CA ILE A 170 10.20 -8.10 12.38
C ILE A 170 11.34 -7.82 13.34
N ALA A 171 12.11 -8.85 13.66
CA ALA A 171 13.23 -8.71 14.58
C ALA A 171 14.26 -7.73 13.99
N GLN A 172 14.81 -8.09 12.84
CA GLN A 172 15.82 -7.27 12.20
C GLN A 172 15.30 -5.85 12.00
N PHE A 173 14.01 -5.73 11.73
CA PHE A 173 13.39 -4.43 11.53
C PHE A 173 13.09 -3.76 12.88
N ASP A 174 12.72 -4.56 13.86
CA ASP A 174 12.37 -4.04 15.17
C ASP A 174 13.53 -3.21 15.71
N LYS A 175 14.74 -3.70 15.53
CA LYS A 175 15.92 -2.98 16.01
C LYS A 175 16.05 -1.62 15.32
N GLN A 176 15.79 -1.61 14.01
CA GLN A 176 15.87 -0.38 13.24
C GLN A 176 14.81 0.61 13.70
N LEU A 177 13.63 0.09 14.02
CA LEU A 177 12.54 0.94 14.48
C LEU A 177 12.91 1.62 15.79
N ALA A 178 13.54 0.87 16.68
CA ALA A 178 13.95 1.44 17.97
C ALA A 178 14.94 2.59 17.77
N ALA A 179 16.00 2.31 17.02
CA ALA A 179 17.01 3.33 16.75
C ALA A 179 16.42 4.45 15.90
N ALA A 180 15.64 4.08 14.90
CA ALA A 180 15.01 5.06 14.01
C ALA A 180 14.04 5.94 14.80
N LYS A 181 13.30 5.33 15.71
CA LYS A 181 12.34 6.06 16.52
C LYS A 181 13.05 7.09 17.38
N GLU A 182 14.27 6.76 17.80
CA GLU A 182 15.05 7.67 18.65
C GLU A 182 15.96 8.54 17.79
N GLN A 183 16.27 8.07 16.59
CA GLN A 183 17.14 8.82 15.69
C GLN A 183 16.51 10.14 15.29
N ILE A 184 15.20 10.11 15.02
CA ILE A 184 14.48 11.31 14.61
C ILE A 184 14.20 12.19 15.82
N LYS A 185 14.42 13.50 15.65
CA LYS A 185 14.18 14.44 16.74
C LYS A 185 13.26 15.56 16.27
N LEU A 186 12.02 15.55 16.76
CA LEU A 186 11.06 16.57 16.37
C LEU A 186 9.74 16.38 17.14
N PRO A 187 9.27 17.41 17.81
CA PRO A 187 8.02 17.34 18.59
C PRO A 187 6.89 16.64 17.83
N PRO A 188 5.96 16.05 18.53
CA PRO A 188 4.81 15.34 17.90
C PRO A 188 3.85 16.30 17.21
N GLN A 189 3.33 15.87 16.07
CA GLN A 189 2.39 16.68 15.32
C GLN A 189 1.77 15.89 14.17
N PRO A 190 0.55 16.16 13.83
CA PRO A 190 -0.16 15.48 12.71
C PRO A 190 0.41 15.87 11.35
N VAL A 191 0.26 14.98 10.38
CA VAL A 191 0.76 15.24 9.03
C VAL A 191 -0.26 14.78 7.99
N THR A 192 -0.10 15.26 6.76
CA THR A 192 -1.00 14.90 5.67
C THR A 192 -0.24 14.78 4.36
N ALA A 193 -0.92 14.26 3.33
CA ALA A 193 -0.29 14.11 2.02
C ALA A 193 -1.34 14.27 0.93
N ILE A 194 -0.97 14.99 -0.13
CA ILE A 194 -1.89 15.20 -1.25
C ILE A 194 -1.17 14.98 -2.57
N VAL A 195 -1.91 14.48 -3.56
CA VAL A 195 -1.34 14.25 -4.89
C VAL A 195 -2.26 14.79 -5.97
N TYR A 196 -1.70 15.53 -6.92
CA TYR A 196 -2.49 16.09 -8.01
C TYR A 196 -1.62 16.29 -9.24
N THR A 197 -2.25 16.28 -10.41
CA THR A 197 -1.52 16.48 -11.66
C THR A 197 -2.07 17.68 -12.42
N ALA A 198 -1.21 18.65 -12.71
CA ALA A 198 -1.62 19.84 -13.43
C ALA A 198 -2.15 19.47 -14.81
N ALA A 199 -1.70 18.33 -15.34
CA ALA A 199 -2.16 17.87 -16.65
C ALA A 199 -3.57 17.31 -16.57
N ALA A 200 -3.80 16.43 -15.61
CA ALA A 200 -5.11 15.81 -15.44
C ALA A 200 -6.09 16.80 -14.85
N HIS A 201 -5.58 17.96 -14.41
CA HIS A 201 -6.42 18.99 -13.82
C HIS A 201 -7.37 18.38 -12.81
N SER A 202 -6.85 17.48 -11.98
CA SER A 202 -7.66 16.83 -10.94
C SER A 202 -6.90 16.77 -9.63
N ALA A 203 -7.63 16.92 -8.52
CA ALA A 203 -7.02 16.88 -7.20
C ALA A 203 -7.43 15.62 -6.46
N ASN A 204 -6.46 14.74 -6.21
CA ASN A 204 -6.74 13.50 -5.50
C ASN A 204 -5.92 13.43 -4.22
N LEU A 205 -6.58 13.05 -3.12
CA LEU A 205 -5.90 12.95 -1.84
C LEU A 205 -5.82 11.50 -1.38
N TRP A 206 -4.73 11.15 -0.69
CA TRP A 206 -4.55 9.79 -0.19
C TRP A 206 -4.93 9.72 1.28
N THR A 207 -5.77 8.75 1.62
CA THR A 207 -6.19 8.59 3.00
C THR A 207 -5.34 7.54 3.72
N PRO A 208 -5.25 7.66 5.03
CA PRO A 208 -4.48 6.70 5.86
C PRO A 208 -5.10 5.31 5.87
N GLU A 209 -6.38 5.23 5.50
CA GLU A 209 -7.09 3.96 5.49
C GLU A 209 -6.27 2.90 4.76
N SER A 210 -5.30 3.35 3.96
CA SER A 210 -4.45 2.43 3.22
C SER A 210 -3.42 1.78 4.15
N ALA A 211 -2.80 0.71 3.69
CA ALA A 211 -1.80 0.01 4.48
C ALA A 211 -0.65 0.94 4.85
N GLN A 212 -0.42 1.94 4.01
CA GLN A 212 0.65 2.90 4.25
C GLN A 212 0.37 3.71 5.51
N GLY A 213 -0.88 4.10 5.70
CA GLY A 213 -1.26 4.88 6.87
C GLY A 213 -0.97 4.12 8.15
N GLN A 214 -1.33 2.84 8.18
CA GLN A 214 -1.08 2.02 9.36
C GLN A 214 0.42 1.86 9.60
N MET A 215 1.18 1.71 8.52
CA MET A 215 2.62 1.56 8.63
C MET A 215 3.23 2.79 9.27
N LEU A 216 2.76 3.97 8.86
CA LEU A 216 3.28 5.22 9.41
C LEU A 216 2.97 5.30 10.90
N GLU A 217 1.72 5.01 11.27
CA GLU A 217 1.32 5.05 12.67
C GLU A 217 2.23 4.18 13.51
N GLN A 218 2.74 3.11 12.91
CA GLN A 218 3.63 2.20 13.61
C GLN A 218 4.99 2.86 13.86
N LEU A 219 5.25 3.94 13.11
CA LEU A 219 6.52 4.65 13.25
C LEU A 219 6.41 5.73 14.31
N GLY A 220 5.19 5.99 14.79
CA GLY A 220 4.97 6.99 15.82
C GLY A 220 4.41 8.27 15.20
N PHE A 221 4.16 8.25 13.90
CA PHE A 221 3.62 9.41 13.20
C PHE A 221 2.10 9.38 13.23
N THR A 222 1.50 10.57 13.16
CA THR A 222 0.03 10.68 13.18
C THR A 222 -0.47 11.23 11.85
N LEU A 223 -1.43 10.54 11.26
CA LEU A 223 -2.00 10.95 9.98
C LEU A 223 -3.22 11.83 10.20
N ALA A 224 -3.42 12.79 9.30
CA ALA A 224 -4.56 13.68 9.39
C ALA A 224 -5.85 12.95 9.07
N LYS A 225 -6.96 13.41 9.65
CA LYS A 225 -8.25 12.77 9.41
C LYS A 225 -9.31 13.82 9.10
N LEU A 226 -10.07 13.59 8.03
CA LEU A 226 -11.12 14.54 7.63
C LEU A 226 -12.50 13.89 7.80
N PRO A 227 -13.12 14.12 8.93
CA PRO A 227 -14.48 13.58 9.22
C PRO A 227 -15.49 13.96 8.14
N ALA A 228 -16.34 13.01 7.76
CA ALA A 228 -17.33 13.25 6.73
C ALA A 228 -16.66 13.61 5.39
N GLY A 229 -15.44 14.13 5.47
CA GLY A 229 -14.69 14.50 4.28
C GLY A 229 -14.22 13.27 3.52
N LEU A 230 -13.61 12.33 4.25
CA LEU A 230 -13.10 11.11 3.63
C LEU A 230 -14.22 10.42 2.86
N ASN A 231 -15.43 10.45 3.41
CA ASN A 231 -16.57 9.83 2.76
C ASN A 231 -16.91 10.55 1.45
N ALA A 232 -15.87 11.01 0.75
CA ALA A 232 -16.07 11.72 -0.51
C ALA A 232 -17.29 12.63 -0.44
N SER A 233 -17.07 13.86 0.02
CA SER A 233 -18.15 14.82 0.14
C SER A 233 -18.45 15.46 -1.22
N GLN A 234 -17.53 15.28 -2.16
CA GLN A 234 -17.71 15.84 -3.51
C GLN A 234 -18.40 14.83 -4.42
N SER A 235 -18.01 13.57 -4.30
CA SER A 235 -18.59 12.52 -5.14
C SER A 235 -20.06 12.30 -4.77
N GLN A 236 -20.45 12.81 -3.61
CA GLN A 236 -21.83 12.66 -3.15
C GLN A 236 -22.23 11.19 -3.11
N GLY A 237 -21.33 10.35 -2.61
CA GLY A 237 -21.60 8.92 -2.52
C GLY A 237 -20.42 8.19 -1.91
N LYS A 238 -20.20 6.95 -2.35
CA LYS A 238 -19.09 6.14 -1.84
C LYS A 238 -18.17 5.73 -2.97
N ARG A 239 -16.86 5.69 -2.70
CA ARG A 239 -15.89 5.30 -3.70
C ARG A 239 -14.66 4.69 -3.05
N HIS A 240 -14.01 3.77 -3.75
CA HIS A 240 -12.82 3.11 -3.22
C HIS A 240 -11.56 3.72 -3.83
N ASP A 241 -10.50 2.92 -3.92
CA ASP A 241 -9.24 3.39 -4.48
C ASP A 241 -8.76 4.63 -3.73
N ILE A 242 -9.14 5.80 -4.23
CA ILE A 242 -8.73 7.06 -3.61
C ILE A 242 -9.93 7.93 -3.31
N ILE A 243 -9.70 9.06 -2.64
CA ILE A 243 -10.78 9.98 -2.28
C ILE A 243 -10.53 11.36 -2.88
N GLN A 244 -11.61 11.99 -3.34
CA GLN A 244 -11.50 13.32 -3.94
C GLN A 244 -11.90 14.38 -2.93
N LEU A 245 -11.63 15.65 -3.26
CA LEU A 245 -11.96 16.77 -2.38
C LEU A 245 -12.33 18.01 -3.17
N GLY A 246 -13.17 18.84 -2.60
CA GLY A 246 -13.60 20.08 -3.27
C GLY A 246 -12.41 21.01 -3.47
N GLY A 247 -11.53 21.07 -2.48
CA GLY A 247 -10.35 21.93 -2.56
C GLY A 247 -10.22 22.78 -1.30
N GLU A 248 -11.10 22.55 -0.33
CA GLU A 248 -11.08 23.31 0.92
C GLU A 248 -9.96 22.80 1.82
N ASN A 249 -10.02 21.52 2.15
CA ASN A 249 -9.02 20.91 3.03
C ASN A 249 -7.64 20.98 2.38
N LEU A 250 -7.61 20.83 1.06
CA LEU A 250 -6.33 20.88 0.34
C LEU A 250 -5.57 22.15 0.68
N ALA A 251 -6.10 23.29 0.26
CA ALA A 251 -5.44 24.56 0.53
C ALA A 251 -5.16 24.71 2.02
N ALA A 252 -6.12 24.32 2.84
CA ALA A 252 -5.96 24.42 4.29
C ALA A 252 -5.02 23.33 4.79
N GLY A 253 -4.24 22.75 3.87
CA GLY A 253 -3.29 21.70 4.24
C GLY A 253 -3.81 20.86 5.40
N LEU A 254 -5.06 20.43 5.29
CA LEU A 254 -5.69 19.65 6.36
C LEU A 254 -5.27 20.17 7.73
N ASN A 255 -4.46 19.38 8.44
CA ASN A 255 -4.01 19.78 9.77
C ASN A 255 -3.23 21.08 9.70
N GLY A 256 -2.33 21.18 8.73
CA GLY A 256 -1.53 22.39 8.56
C GLY A 256 -0.31 22.37 9.47
N GLU A 257 -0.06 21.23 10.11
CA GLU A 257 1.07 21.09 11.01
C GLU A 257 2.22 20.37 10.32
N SER A 258 1.94 19.77 9.16
CA SER A 258 2.96 19.07 8.41
C SER A 258 2.35 18.41 7.18
N LEU A 259 3.10 18.41 6.08
CA LEU A 259 2.63 17.81 4.85
C LEU A 259 3.79 17.24 4.05
N PHE A 260 3.70 15.94 3.70
CA PHE A 260 4.72 15.29 2.89
C PHE A 260 4.32 15.23 1.44
N LEU A 261 5.29 15.41 0.55
CA LEU A 261 5.01 15.39 -0.88
C LEU A 261 5.24 14.00 -1.45
N PHE A 262 4.14 13.31 -1.77
CA PHE A 262 4.23 11.96 -2.34
C PHE A 262 3.99 12.02 -3.84
N ALA A 263 3.51 13.16 -4.32
CA ALA A 263 3.25 13.32 -5.75
C ALA A 263 4.54 13.29 -6.55
N GLY A 264 5.58 13.94 -6.01
CA GLY A 264 6.87 13.98 -6.68
C GLY A 264 7.89 14.74 -5.85
N ASP A 265 9.14 14.74 -6.30
CA ASP A 265 10.20 15.44 -5.58
C ASP A 265 10.08 16.94 -5.76
N GLN A 266 11.04 17.53 -6.46
CA GLN A 266 11.04 18.97 -6.70
C GLN A 266 9.89 19.36 -7.61
N LYS A 267 9.48 18.44 -8.48
CA LYS A 267 8.41 18.71 -9.42
C LYS A 267 7.14 19.09 -8.67
N ASP A 268 6.84 18.34 -7.62
CA ASP A 268 5.64 18.62 -6.81
C ASP A 268 5.76 20.00 -6.15
N ALA A 269 6.94 20.27 -5.59
CA ALA A 269 7.17 21.56 -4.93
C ALA A 269 6.79 22.71 -5.85
N ASP A 270 7.47 22.78 -7.00
CA ASP A 270 7.19 23.84 -7.97
C ASP A 270 5.70 23.92 -8.26
N ALA A 271 5.07 22.75 -8.43
CA ALA A 271 3.63 22.70 -8.72
C ALA A 271 2.86 23.44 -7.63
N ILE A 272 3.24 23.22 -6.38
CA ILE A 272 2.58 23.89 -5.25
C ILE A 272 2.80 25.40 -5.31
N TYR A 273 4.04 25.79 -5.61
CA TYR A 273 4.37 27.21 -5.68
C TYR A 273 3.46 27.90 -6.71
N ALA A 274 3.17 27.21 -7.79
CA ALA A 274 2.32 27.76 -8.83
C ALA A 274 0.86 27.72 -8.40
N ASN A 275 0.62 27.23 -7.18
CA ASN A 275 -0.74 27.13 -6.65
C ASN A 275 -0.90 28.03 -5.43
N PRO A 276 -1.31 29.26 -5.64
CA PRO A 276 -1.53 30.23 -4.54
C PRO A 276 -2.42 29.67 -3.44
N LEU A 277 -3.27 28.73 -3.80
CA LEU A 277 -4.16 28.12 -2.83
C LEU A 277 -3.37 27.37 -1.77
N LEU A 278 -2.33 26.66 -2.21
CA LEU A 278 -1.49 25.88 -1.30
C LEU A 278 -0.28 26.69 -0.88
N ALA A 279 -0.22 27.94 -1.30
CA ALA A 279 0.89 28.81 -0.95
C ALA A 279 0.82 29.20 0.52
N HIS A 280 -0.39 29.37 1.03
CA HIS A 280 -0.59 29.77 2.41
C HIS A 280 -0.45 28.58 3.34
N LEU A 281 -0.07 27.43 2.76
CA LEU A 281 0.10 26.22 3.55
C LEU A 281 1.32 26.35 4.47
N PRO A 282 1.14 26.23 5.76
CA PRO A 282 2.24 26.35 6.73
C PRO A 282 3.47 25.52 6.34
N ALA A 283 3.24 24.35 5.77
CA ALA A 283 4.33 23.48 5.34
C ALA A 283 5.20 24.21 4.32
N VAL A 284 4.57 24.88 3.37
CA VAL A 284 5.30 25.62 2.35
C VAL A 284 6.06 26.78 2.98
N GLN A 285 5.40 27.49 3.89
CA GLN A 285 6.01 28.64 4.55
C GLN A 285 7.19 28.18 5.40
N ASN A 286 7.02 27.06 6.09
CA ASN A 286 8.08 26.52 6.94
C ASN A 286 8.98 25.57 6.16
N LYS A 287 8.53 25.21 4.97
CA LYS A 287 9.29 24.29 4.12
C LYS A 287 9.48 22.94 4.80
N GLN A 288 8.48 22.54 5.58
CA GLN A 288 8.55 21.26 6.28
C GLN A 288 7.96 20.15 5.42
N VAL A 289 8.32 20.16 4.13
CA VAL A 289 7.81 19.16 3.19
C VAL A 289 8.89 18.13 2.89
N TYR A 290 8.50 16.86 2.88
CA TYR A 290 9.44 15.78 2.59
C TYR A 290 9.03 15.04 1.32
N ALA A 291 10.00 14.82 0.43
CA ALA A 291 9.73 14.13 -0.83
C ALA A 291 9.79 12.62 -0.63
N LEU A 292 8.66 12.03 -0.26
CA LEU A 292 8.59 10.59 -0.06
C LEU A 292 8.85 9.85 -1.37
N GLY A 293 8.29 10.37 -2.45
CA GLY A 293 8.46 9.74 -3.77
C GLY A 293 7.52 8.56 -3.92
N THR A 294 7.40 8.06 -5.15
CA THR A 294 6.53 6.92 -5.41
C THR A 294 7.17 5.63 -4.94
N GLU A 295 8.50 5.62 -4.88
CA GLU A 295 9.22 4.44 -4.44
C GLU A 295 8.96 4.17 -2.95
N THR A 296 8.81 5.24 -2.18
CA THR A 296 8.59 5.11 -0.76
C THR A 296 7.16 4.62 -0.48
N PHE A 297 6.58 3.94 -1.46
CA PHE A 297 5.21 3.44 -1.32
C PHE A 297 5.13 2.52 -0.11
N ARG A 298 6.04 1.55 -0.05
CA ARG A 298 6.09 0.60 1.08
C ARG A 298 7.33 0.84 1.90
N LEU A 299 7.28 0.47 3.18
CA LEU A 299 8.43 0.64 4.06
C LEU A 299 8.94 -0.71 4.54
N ASP A 300 10.23 -0.96 4.32
CA ASP A 300 10.84 -2.22 4.75
C ASP A 300 12.30 -2.00 5.14
N TYR A 301 12.87 -2.98 5.82
CA TYR A 301 14.25 -2.87 6.26
C TYR A 301 15.16 -2.46 5.10
N TYR A 302 14.87 -2.97 3.91
CA TYR A 302 15.67 -2.63 2.75
C TYR A 302 15.41 -1.19 2.29
N SER A 303 14.19 -0.94 1.85
CA SER A 303 13.83 0.39 1.38
C SER A 303 14.00 1.43 2.47
N ALA A 304 13.79 1.02 3.71
CA ALA A 304 13.91 1.92 4.85
C ALA A 304 15.27 2.60 4.84
N MET A 305 16.25 1.95 4.25
CA MET A 305 17.59 2.51 4.18
C MET A 305 17.61 3.82 3.40
N GLN A 306 16.87 3.85 2.30
CA GLN A 306 16.79 5.06 1.47
C GLN A 306 15.85 6.09 2.09
N VAL A 307 14.70 5.63 2.55
CA VAL A 307 13.72 6.51 3.17
C VAL A 307 14.27 7.07 4.47
N LEU A 308 14.90 6.22 5.26
CA LEU A 308 15.43 6.64 6.55
C LEU A 308 16.46 7.74 6.36
N ASP A 309 17.38 7.55 5.42
CA ASP A 309 18.41 8.55 5.16
C ASP A 309 17.79 9.78 4.49
N ARG A 310 16.85 9.54 3.58
CA ARG A 310 16.21 10.62 2.84
C ARG A 310 15.46 11.53 3.81
N LEU A 311 14.85 10.93 4.83
CA LEU A 311 14.10 11.70 5.82
C LEU A 311 15.01 12.16 6.94
N LYS A 312 16.31 11.89 6.80
CA LYS A 312 17.29 12.29 7.82
C LYS A 312 18.23 13.35 7.26
N ALA A 313 18.18 13.56 5.95
CA ALA A 313 19.03 14.56 5.31
C ALA A 313 18.68 15.95 5.82
N LEU A 314 17.39 16.19 6.05
CA LEU A 314 16.96 17.49 6.54
C LEU A 314 17.59 17.80 7.88
N PHE A 315 17.51 16.85 8.80
CA PHE A 315 18.09 17.03 10.13
C PHE A 315 19.61 16.85 10.07
N ALA A 24 1.23 -24.76 7.52
CA ALA A 24 1.60 -26.01 8.24
C ALA A 24 2.28 -26.98 7.27
N ASP A 25 2.68 -28.13 7.77
CA ASP A 25 3.35 -29.13 6.95
C ASP A 25 2.32 -30.07 6.32
N TRP A 26 1.05 -29.87 6.66
CA TRP A 26 -0.01 -30.71 6.13
C TRP A 26 -1.27 -29.89 5.91
N PRO A 27 -2.30 -30.52 5.41
CA PRO A 27 -3.62 -29.85 5.15
C PRO A 27 -4.24 -29.27 6.42
N ARG A 28 -4.91 -28.14 6.27
CA ARG A 28 -5.55 -27.49 7.41
C ARG A 28 -6.69 -26.60 6.95
N GLN A 29 -7.34 -25.94 7.90
CA GLN A 29 -8.46 -25.05 7.59
C GLN A 29 -8.11 -23.62 7.96
N ILE A 30 -8.47 -22.68 7.07
CA ILE A 30 -8.19 -21.27 7.32
C ILE A 30 -9.47 -20.46 7.23
N THR A 31 -9.56 -19.39 8.02
CA THR A 31 -10.74 -18.53 8.03
C THR A 31 -10.37 -17.12 7.65
N ASP A 32 -11.19 -16.51 6.79
CA ASP A 32 -10.94 -15.13 6.35
C ASP A 32 -11.82 -14.16 7.13
N SER A 33 -12.29 -13.12 6.44
CA SER A 33 -13.14 -12.13 7.07
C SER A 33 -14.45 -12.77 7.53
N ARG A 34 -14.96 -13.70 6.71
CA ARG A 34 -16.21 -14.38 7.04
C ARG A 34 -16.21 -15.80 6.49
N GLY A 35 -16.21 -15.91 5.17
CA GLY A 35 -16.22 -17.22 4.52
C GLY A 35 -15.01 -18.03 4.94
N THR A 36 -15.20 -19.33 5.11
CA THR A 36 -14.11 -20.21 5.51
C THR A 36 -13.75 -21.18 4.39
N HIS A 37 -12.45 -21.28 4.10
CA HIS A 37 -11.98 -22.16 3.03
C HIS A 37 -11.04 -23.22 3.59
N THR A 38 -11.31 -24.47 3.27
CA THR A 38 -10.49 -25.58 3.75
C THR A 38 -9.30 -25.78 2.82
N LEU A 39 -8.10 -25.87 3.41
CA LEU A 39 -6.89 -26.07 2.62
C LEU A 39 -6.52 -27.55 2.58
N GLU A 40 -7.22 -28.30 1.73
CA GLU A 40 -6.96 -29.73 1.61
C GLU A 40 -5.58 -29.98 1.03
N SER A 41 -5.12 -29.07 0.19
CA SER A 41 -3.80 -29.19 -0.42
C SER A 41 -3.57 -28.08 -1.41
N GLN A 42 -2.68 -27.15 -1.05
CA GLN A 42 -2.38 -26.01 -1.92
C GLN A 42 -0.88 -25.98 -2.25
N PRO A 43 -0.49 -26.60 -3.33
CA PRO A 43 0.93 -26.63 -3.78
C PRO A 43 1.49 -25.23 -3.97
N GLN A 44 2.78 -25.08 -3.74
CA GLN A 44 3.44 -23.78 -3.87
C GLN A 44 2.92 -23.04 -5.11
N ARG A 45 1.79 -22.37 -4.95
CA ARG A 45 1.18 -21.64 -6.07
C ARG A 45 0.36 -20.47 -5.53
N ILE A 46 1.06 -19.48 -4.95
CA ILE A 46 0.38 -18.32 -4.39
C ILE A 46 -0.03 -17.37 -5.50
N VAL A 47 -1.30 -16.94 -5.45
CA VAL A 47 -1.83 -16.03 -6.46
C VAL A 47 -2.36 -14.76 -5.81
N SER A 48 -2.23 -13.64 -6.49
CA SER A 48 -2.71 -12.36 -5.96
C SER A 48 -3.45 -11.57 -7.02
N THR A 49 -4.51 -10.86 -6.61
CA THR A 49 -5.29 -10.07 -7.54
C THR A 49 -4.89 -8.60 -7.47
N SER A 50 -5.02 -8.01 -6.28
CA SER A 50 -4.67 -6.60 -6.10
C SER A 50 -3.16 -6.45 -5.94
N VAL A 51 -2.66 -5.27 -6.27
CA VAL A 51 -1.23 -4.99 -6.16
C VAL A 51 -0.84 -4.82 -4.70
N THR A 52 -1.81 -4.49 -3.86
CA THR A 52 -1.54 -4.26 -2.44
C THR A 52 -0.95 -5.51 -1.80
N LEU A 53 -1.65 -6.64 -1.98
CA LEU A 53 -1.17 -7.91 -1.46
C LEU A 53 0.12 -8.33 -2.16
N THR A 54 0.14 -8.16 -3.48
CA THR A 54 1.29 -8.57 -4.26
C THR A 54 2.58 -8.15 -3.57
N GLY A 55 2.68 -6.86 -3.22
CA GLY A 55 3.85 -6.36 -2.51
C GLY A 55 3.89 -6.88 -1.07
N SER A 56 2.72 -6.96 -0.46
CA SER A 56 2.63 -7.44 0.92
C SER A 56 3.14 -8.87 1.03
N LEU A 57 2.71 -9.72 0.10
CA LEU A 57 3.13 -11.12 0.09
C LEU A 57 4.62 -11.22 -0.19
N LEU A 58 5.09 -10.43 -1.14
CA LEU A 58 6.50 -10.45 -1.51
C LEU A 58 7.39 -10.05 -0.34
N ALA A 59 6.95 -9.05 0.39
CA ALA A 59 7.72 -8.55 1.52
C ALA A 59 7.95 -9.64 2.56
N ILE A 60 6.95 -10.50 2.73
CA ILE A 60 7.04 -11.59 3.70
C ILE A 60 7.59 -12.85 3.07
N ASP A 61 8.43 -12.67 2.06
CA ASP A 61 9.03 -13.81 1.38
C ASP A 61 7.97 -14.77 0.87
N ALA A 62 7.01 -14.24 0.12
CA ALA A 62 5.93 -15.06 -0.43
C ALA A 62 5.59 -14.60 -1.83
N PRO A 63 6.40 -14.93 -2.80
CA PRO A 63 6.20 -14.52 -4.21
C PRO A 63 4.95 -15.13 -4.82
N VAL A 64 4.35 -14.44 -5.78
CA VAL A 64 3.14 -14.91 -6.43
C VAL A 64 3.43 -15.24 -7.91
N ILE A 65 2.89 -16.37 -8.36
CA ILE A 65 3.08 -16.79 -9.73
C ILE A 65 2.33 -15.87 -10.69
N ALA A 66 1.10 -15.52 -10.36
CA ALA A 66 0.28 -14.67 -11.20
C ALA A 66 -0.22 -13.46 -10.43
N SER A 67 -0.06 -12.29 -11.02
CA SER A 67 -0.49 -11.05 -10.37
C SER A 67 -0.76 -9.98 -11.40
N GLY A 68 -1.38 -8.88 -10.97
CA GLY A 68 -1.70 -7.78 -11.88
C GLY A 68 -0.82 -6.57 -11.59
N ALA A 69 -1.05 -5.48 -12.33
CA ALA A 69 -0.28 -4.26 -12.14
C ALA A 69 -1.19 -3.06 -12.07
N THR A 70 -0.63 -1.90 -11.74
CA THR A 70 -1.40 -0.66 -11.64
C THR A 70 -0.71 0.46 -12.39
N THR A 71 -0.25 1.46 -11.64
CA THR A 71 0.42 2.60 -12.26
C THR A 71 1.93 2.47 -12.10
N PRO A 72 2.66 3.43 -12.60
CA PRO A 72 4.15 3.45 -12.51
C PRO A 72 4.65 3.48 -11.07
N ASN A 73 4.24 2.49 -10.29
CA ASN A 73 4.63 2.41 -8.89
C ASN A 73 6.11 2.22 -8.78
N ASN A 74 6.72 1.51 -9.75
CA ASN A 74 8.17 1.25 -9.74
C ASN A 74 8.44 -0.10 -9.08
N ARG A 75 7.67 -0.41 -8.04
CA ARG A 75 7.84 -1.68 -7.34
C ARG A 75 7.57 -2.85 -8.28
N VAL A 76 6.55 -2.69 -9.12
CA VAL A 76 6.18 -3.73 -10.08
C VAL A 76 7.19 -3.78 -11.23
N ALA A 77 7.84 -2.64 -11.47
CA ALA A 77 8.83 -2.55 -12.56
C ALA A 77 9.81 -3.71 -12.48
N ASP A 78 10.85 -3.65 -13.30
CA ASP A 78 11.85 -4.71 -13.33
C ASP A 78 12.74 -4.64 -12.09
N ASP A 79 13.97 -5.14 -12.22
CA ASP A 79 14.89 -5.15 -11.10
C ASP A 79 15.03 -3.76 -10.50
N GLN A 80 14.44 -2.78 -11.17
CA GLN A 80 14.49 -1.39 -10.69
C GLN A 80 13.38 -1.14 -9.68
N GLY A 81 13.77 -0.87 -8.45
CA GLY A 81 12.79 -0.59 -7.40
C GLY A 81 12.27 -1.87 -6.77
N PHE A 82 13.14 -2.54 -6.01
CA PHE A 82 12.77 -3.78 -5.34
C PHE A 82 13.44 -3.88 -3.98
N LEU A 83 12.75 -4.51 -3.02
CA LEU A 83 13.30 -4.69 -1.68
C LEU A 83 14.17 -5.94 -1.63
N ARG A 84 13.60 -7.04 -1.15
CA ARG A 84 14.33 -8.30 -1.06
C ARG A 84 14.69 -8.79 -2.45
N GLN A 85 13.74 -8.67 -3.38
CA GLN A 85 13.97 -9.10 -4.77
C GLN A 85 13.55 -10.55 -4.97
N TRP A 86 12.32 -10.88 -4.58
CA TRP A 86 11.81 -12.24 -4.74
C TRP A 86 10.87 -12.31 -5.94
N SER A 87 10.53 -11.15 -6.49
CA SER A 87 9.62 -11.09 -7.63
C SER A 87 10.24 -11.77 -8.85
N LYS A 88 11.56 -11.64 -8.97
CA LYS A 88 12.28 -12.24 -10.08
C LYS A 88 11.87 -13.71 -10.26
N VAL A 89 11.37 -14.31 -9.18
CA VAL A 89 10.95 -15.70 -9.22
C VAL A 89 9.67 -15.84 -10.06
N ALA A 90 8.71 -14.96 -9.82
CA ALA A 90 7.45 -15.01 -10.55
C ALA A 90 7.69 -14.81 -12.03
N LYS A 91 8.48 -13.78 -12.38
CA LYS A 91 8.78 -13.50 -13.77
C LYS A 91 9.54 -14.66 -14.40
N GLU A 92 10.44 -15.26 -13.62
CA GLU A 92 11.23 -16.39 -14.11
C GLU A 92 10.31 -17.48 -14.66
N ARG A 93 9.12 -17.60 -14.07
CA ARG A 93 8.17 -18.61 -14.51
C ARG A 93 7.26 -18.04 -15.58
N LYS A 94 7.50 -16.79 -15.96
CA LYS A 94 6.70 -16.12 -17.00
C LYS A 94 5.42 -15.56 -16.41
N LEU A 95 4.70 -16.41 -15.66
CA LEU A 95 3.45 -16.00 -15.04
C LEU A 95 3.62 -14.66 -14.40
N GLN A 96 2.51 -13.90 -14.25
CA GLN A 96 2.54 -12.55 -13.66
C GLN A 96 2.01 -11.52 -14.66
N ARG A 97 0.72 -11.25 -14.59
CA ARG A 97 0.10 -10.27 -15.47
C ARG A 97 0.45 -8.86 -15.03
N LEU A 98 0.67 -7.96 -16.00
CA LEU A 98 1.03 -6.58 -15.69
C LEU A 98 0.17 -5.62 -16.49
N TYR A 99 -1.04 -6.06 -16.84
CA TYR A 99 -1.95 -5.22 -17.61
C TYR A 99 -3.38 -5.38 -17.11
N ILE A 100 -4.09 -4.27 -17.01
CA ILE A 100 -5.48 -4.29 -16.55
C ILE A 100 -6.34 -3.37 -17.41
N GLY A 101 -7.66 -3.53 -17.30
CA GLY A 101 -8.59 -2.71 -18.08
C GLY A 101 -9.81 -3.51 -18.48
N GLU A 102 -9.63 -4.82 -18.64
CA GLU A 102 -10.74 -5.69 -19.03
C GLU A 102 -10.50 -7.11 -18.50
N PRO A 103 -10.60 -7.29 -17.22
CA PRO A 103 -10.39 -8.62 -16.57
C PRO A 103 -11.36 -9.68 -17.08
N SER A 104 -10.88 -10.91 -17.18
CA SER A 104 -11.73 -12.01 -17.65
C SER A 104 -11.57 -13.22 -16.76
N ALA A 105 -12.70 -13.86 -16.43
CA ALA A 105 -12.68 -15.05 -15.58
C ALA A 105 -12.01 -16.21 -16.30
N GLU A 106 -12.28 -16.33 -17.60
CA GLU A 106 -11.71 -17.41 -18.40
C GLU A 106 -10.20 -17.29 -18.46
N ALA A 107 -9.70 -16.08 -18.63
CA ALA A 107 -8.26 -15.85 -18.70
C ALA A 107 -7.59 -16.25 -17.39
N VAL A 108 -8.23 -15.91 -16.28
CA VAL A 108 -7.69 -16.25 -14.96
C VAL A 108 -7.65 -17.77 -14.80
N ALA A 109 -8.72 -18.44 -15.22
CA ALA A 109 -8.78 -19.89 -15.11
C ALA A 109 -7.67 -20.54 -15.93
N ALA A 110 -7.35 -19.92 -17.07
CA ALA A 110 -6.31 -20.44 -17.94
C ALA A 110 -4.97 -20.46 -17.22
N GLN A 111 -4.88 -19.69 -16.14
CA GLN A 111 -3.64 -19.62 -15.36
C GLN A 111 -3.60 -20.73 -14.31
N MET A 112 -4.71 -21.45 -14.19
CA MET A 112 -4.79 -22.54 -13.22
C MET A 112 -4.28 -22.09 -11.86
N PRO A 113 -4.84 -21.04 -11.33
CA PRO A 113 -4.45 -20.49 -9.99
C PRO A 113 -4.86 -21.41 -8.86
N ASP A 114 -4.08 -21.39 -7.78
CA ASP A 114 -4.38 -22.23 -6.61
C ASP A 114 -5.04 -21.40 -5.52
N LEU A 115 -4.25 -20.57 -4.85
CA LEU A 115 -4.77 -19.73 -3.78
C LEU A 115 -4.75 -18.27 -4.21
N ILE A 116 -5.94 -17.68 -4.36
CA ILE A 116 -6.05 -16.28 -4.78
C ILE A 116 -6.35 -15.39 -3.59
N LEU A 117 -5.55 -14.36 -3.40
CA LEU A 117 -5.73 -13.44 -2.28
C LEU A 117 -6.21 -12.09 -2.78
N ILE A 118 -7.24 -11.55 -2.12
CA ILE A 118 -7.80 -10.25 -2.52
C ILE A 118 -7.70 -9.26 -1.36
N SER A 119 -7.37 -8.01 -1.69
CA SER A 119 -7.25 -6.97 -0.68
C SER A 119 -8.61 -6.37 -0.36
N ALA A 120 -8.68 -5.58 0.70
CA ALA A 120 -9.93 -4.94 1.10
C ALA A 120 -10.44 -4.03 -0.01
N THR A 121 -9.51 -3.36 -0.68
CA THR A 121 -9.89 -2.46 -1.77
C THR A 121 -8.90 -2.57 -2.93
N GLY A 122 -9.33 -2.16 -4.11
CA GLY A 122 -8.47 -2.23 -5.29
C GLY A 122 -8.92 -1.22 -6.34
N GLY A 123 -8.18 -1.15 -7.45
CA GLY A 123 -8.49 -0.22 -8.51
C GLY A 123 -9.84 -0.51 -9.11
N ASP A 124 -10.21 -1.79 -9.15
CA ASP A 124 -11.50 -2.21 -9.71
C ASP A 124 -12.28 -3.03 -8.69
N SER A 125 -13.60 -2.97 -8.79
CA SER A 125 -14.46 -3.72 -7.87
C SER A 125 -14.23 -5.21 -8.02
N ALA A 126 -14.24 -5.93 -6.90
CA ALA A 126 -14.02 -7.38 -6.93
C ALA A 126 -15.22 -8.11 -6.33
N LEU A 127 -16.31 -7.37 -6.10
CA LEU A 127 -17.51 -7.94 -5.51
C LEU A 127 -18.05 -9.04 -6.41
N ALA A 128 -18.00 -8.81 -7.73
CA ALA A 128 -18.50 -9.79 -8.69
C ALA A 128 -17.43 -10.85 -8.98
N LEU A 129 -16.18 -10.42 -9.00
CA LEU A 129 -15.07 -11.32 -9.27
C LEU A 129 -14.85 -12.24 -8.07
N TYR A 130 -15.06 -11.72 -6.88
CA TYR A 130 -14.86 -12.49 -5.66
C TYR A 130 -15.41 -13.91 -5.81
N ASP A 131 -16.72 -14.00 -6.01
CA ASP A 131 -17.36 -15.32 -6.14
C ASP A 131 -16.89 -16.03 -7.41
N GLN A 132 -16.80 -15.27 -8.51
CA GLN A 132 -16.37 -15.84 -9.77
C GLN A 132 -14.95 -16.38 -9.66
N LEU A 133 -14.15 -15.72 -8.83
CA LEU A 133 -12.77 -16.15 -8.63
C LEU A 133 -12.73 -17.40 -7.76
N SER A 134 -13.57 -17.44 -6.73
CA SER A 134 -13.60 -18.58 -5.81
C SER A 134 -13.89 -19.85 -6.59
N THR A 135 -14.92 -19.82 -7.43
CA THR A 135 -15.28 -20.98 -8.22
C THR A 135 -14.07 -21.50 -8.99
N ILE A 136 -13.30 -20.57 -9.56
CA ILE A 136 -12.10 -20.94 -10.30
C ILE A 136 -11.05 -21.55 -9.38
N ALA A 137 -10.87 -20.94 -8.20
CA ALA A 137 -9.89 -21.42 -7.25
C ALA A 137 -10.06 -20.74 -5.90
N PRO A 138 -9.65 -21.38 -4.83
CA PRO A 138 -9.75 -20.82 -3.47
C PRO A 138 -9.44 -19.33 -3.43
N THR A 139 -10.47 -18.51 -3.25
CA THR A 139 -10.30 -17.06 -3.19
C THR A 139 -10.52 -16.56 -1.78
N LEU A 140 -9.49 -15.92 -1.21
CA LEU A 140 -9.58 -15.39 0.16
C LEU A 140 -9.52 -13.88 0.13
N ILE A 141 -10.14 -13.26 1.14
CA ILE A 141 -10.15 -11.79 1.24
C ILE A 141 -9.70 -11.36 2.62
N ILE A 142 -8.76 -10.40 2.65
CA ILE A 142 -8.25 -9.89 3.92
C ILE A 142 -8.61 -8.43 4.10
N ASN A 143 -9.21 -8.11 5.25
CA ASN A 143 -9.61 -6.74 5.55
C ASN A 143 -8.59 -6.09 6.49
N TYR A 144 -7.75 -5.22 5.94
CA TYR A 144 -6.74 -4.54 6.74
C TYR A 144 -7.17 -3.11 7.06
N ASP A 145 -8.22 -2.66 6.40
CA ASP A 145 -8.73 -1.31 6.61
C ASP A 145 -9.25 -1.15 8.04
N ASP A 146 -9.81 -2.22 8.58
CA ASP A 146 -10.36 -2.20 9.94
C ASP A 146 -9.36 -2.78 10.92
N LYS A 147 -8.15 -3.06 10.45
CA LYS A 147 -7.11 -3.63 11.31
C LYS A 147 -5.78 -2.92 11.07
N SER A 148 -4.91 -2.97 12.09
CA SER A 148 -3.60 -2.32 11.99
C SER A 148 -2.67 -3.13 11.10
N TRP A 149 -1.56 -2.52 10.69
CA TRP A 149 -0.60 -3.19 9.82
C TRP A 149 -0.07 -4.44 10.49
N GLN A 150 0.36 -4.31 11.75
CA GLN A 150 0.90 -5.46 12.48
C GLN A 150 -0.10 -6.62 12.45
N SER A 151 -1.38 -6.30 12.62
CA SER A 151 -2.43 -7.31 12.59
C SER A 151 -2.47 -7.97 11.22
N LEU A 152 -2.34 -7.15 10.16
CA LEU A 152 -2.38 -7.67 8.80
C LEU A 152 -1.27 -8.68 8.58
N LEU A 153 -0.06 -8.35 9.05
CA LEU A 153 1.07 -9.26 8.90
C LEU A 153 0.80 -10.57 9.62
N THR A 154 0.25 -10.47 10.83
CA THR A 154 -0.04 -11.67 11.62
C THR A 154 -0.93 -12.60 10.81
N GLN A 155 -1.96 -12.04 10.16
CA GLN A 155 -2.86 -12.84 9.35
C GLN A 155 -2.12 -13.50 8.20
N LEU A 156 -1.22 -12.76 7.59
CA LEU A 156 -0.43 -13.30 6.48
C LEU A 156 0.42 -14.47 6.93
N GLY A 157 1.03 -14.33 8.09
CA GLY A 157 1.86 -15.39 8.63
C GLY A 157 1.01 -16.62 8.96
N GLU A 158 -0.16 -16.39 9.53
CA GLU A 158 -1.05 -17.48 9.89
C GLU A 158 -1.65 -18.14 8.65
N ILE A 159 -2.12 -17.31 7.72
CA ILE A 159 -2.71 -17.82 6.49
C ILE A 159 -1.66 -18.56 5.66
N THR A 160 -0.48 -17.97 5.55
CA THR A 160 0.59 -18.57 4.75
C THR A 160 1.48 -19.44 5.63
N GLY A 161 1.27 -19.36 6.93
CA GLY A 161 2.07 -20.15 7.88
C GLY A 161 3.51 -19.70 7.87
N HIS A 162 3.73 -18.43 7.52
CA HIS A 162 5.09 -17.88 7.46
C HIS A 162 5.37 -17.03 8.69
N GLU A 163 5.10 -17.59 9.86
CA GLU A 163 5.34 -16.88 11.11
C GLU A 163 6.83 -16.72 11.37
N LYS A 164 7.60 -17.76 11.06
CA LYS A 164 9.04 -17.73 11.27
C LYS A 164 9.67 -16.59 10.47
N GLN A 165 9.28 -16.48 9.22
CA GLN A 165 9.82 -15.43 8.35
C GLN A 165 9.49 -14.06 8.92
N ALA A 166 8.28 -13.93 9.45
CA ALA A 166 7.85 -12.66 10.04
C ALA A 166 8.73 -12.31 11.24
N ALA A 167 9.05 -13.31 12.05
CA ALA A 167 9.90 -13.09 13.21
C ALA A 167 11.29 -12.62 12.80
N GLU A 168 11.70 -13.03 11.60
CA GLU A 168 13.01 -12.63 11.08
C GLU A 168 13.00 -11.17 10.64
N ARG A 169 12.06 -10.83 9.77
CA ARG A 169 11.94 -9.46 9.26
C ARG A 169 11.57 -8.51 10.39
N ILE A 170 10.64 -8.94 11.24
CA ILE A 170 10.19 -8.11 12.35
C ILE A 170 11.35 -7.83 13.30
N ALA A 171 12.12 -8.85 13.60
CA ALA A 171 13.26 -8.69 14.51
C ALA A 171 14.27 -7.71 13.91
N GLN A 172 14.78 -8.04 12.74
CA GLN A 172 15.78 -7.19 12.08
C GLN A 172 15.23 -5.78 11.91
N PHE A 173 13.94 -5.68 11.67
CA PHE A 173 13.29 -4.38 11.49
C PHE A 173 13.01 -3.73 12.83
N ASP A 174 12.65 -4.55 13.82
CA ASP A 174 12.32 -4.03 15.15
C ASP A 174 13.47 -3.20 15.68
N LYS A 175 14.70 -3.69 15.48
CA LYS A 175 15.87 -2.97 15.96
C LYS A 175 15.99 -1.60 15.27
N GLN A 176 15.73 -1.58 13.97
CA GLN A 176 15.79 -0.34 13.20
C GLN A 176 14.72 0.63 13.68
N LEU A 177 13.55 0.11 14.01
CA LEU A 177 12.45 0.94 14.49
C LEU A 177 12.83 1.62 15.79
N ALA A 178 13.47 0.87 16.68
CA ALA A 178 13.89 1.42 17.98
C ALA A 178 14.87 2.56 17.78
N ALA A 179 15.93 2.29 17.02
CA ALA A 179 16.94 3.32 16.76
C ALA A 179 16.35 4.44 15.91
N ALA A 180 15.56 4.07 14.91
CA ALA A 180 14.95 5.06 14.04
C ALA A 180 13.97 5.95 14.82
N LYS A 181 13.23 5.33 15.74
CA LYS A 181 12.28 6.06 16.55
C LYS A 181 12.99 7.07 17.43
N GLU A 182 14.21 6.75 17.84
CA GLU A 182 15.00 7.65 18.68
C GLU A 182 15.92 8.52 17.84
N GLN A 183 16.23 8.06 16.63
CA GLN A 183 17.11 8.80 15.74
C GLN A 183 16.47 10.13 15.33
N ILE A 184 15.17 10.09 15.05
CA ILE A 184 14.46 11.30 14.65
C ILE A 184 14.17 12.18 15.85
N LYS A 185 14.39 13.49 15.70
CA LYS A 185 14.16 14.44 16.79
C LYS A 185 13.23 15.55 16.32
N LEU A 186 11.99 15.54 16.80
CA LEU A 186 11.05 16.57 16.42
C LEU A 186 9.72 16.37 17.18
N PRO A 187 9.25 17.39 17.86
CA PRO A 187 7.99 17.32 18.62
C PRO A 187 6.87 16.63 17.86
N PRO A 188 5.94 16.02 18.55
CA PRO A 188 4.79 15.32 17.92
C PRO A 188 3.83 16.27 17.22
N GLN A 189 3.31 15.85 16.08
CA GLN A 189 2.37 16.68 15.33
C GLN A 189 1.76 15.88 14.18
N PRO A 190 0.53 16.15 13.84
CA PRO A 190 -0.17 15.48 12.72
C PRO A 190 0.40 15.89 11.36
N VAL A 191 0.25 15.01 10.38
CA VAL A 191 0.75 15.28 9.04
C VAL A 191 -0.27 14.83 7.98
N THR A 192 -0.09 15.31 6.77
CA THR A 192 -0.99 14.95 5.66
C THR A 192 -0.24 14.83 4.36
N ALA A 193 -0.91 14.31 3.33
CA ALA A 193 -0.27 14.16 2.02
C ALA A 193 -1.32 14.32 0.93
N ILE A 194 -0.95 15.04 -0.13
CA ILE A 194 -1.86 15.26 -1.26
C ILE A 194 -1.15 15.04 -2.58
N VAL A 195 -1.88 14.54 -3.57
CA VAL A 195 -1.30 14.32 -4.89
C VAL A 195 -2.22 14.87 -5.98
N TYR A 196 -1.65 15.62 -6.90
CA TYR A 196 -2.43 16.19 -8.01
C TYR A 196 -1.55 16.41 -9.22
N THR A 197 -2.16 16.45 -10.40
CA THR A 197 -1.42 16.67 -11.64
C THR A 197 -1.96 17.89 -12.37
N ALA A 198 -1.07 18.85 -12.63
CA ALA A 198 -1.46 20.07 -13.33
C ALA A 198 -2.00 19.75 -14.71
N ALA A 199 -1.56 18.62 -15.27
CA ALA A 199 -2.01 18.21 -16.59
C ALA A 199 -3.43 17.66 -16.54
N ALA A 200 -3.67 16.75 -15.59
CA ALA A 200 -4.99 16.15 -15.43
C ALA A 200 -5.94 17.12 -14.74
N HIS A 201 -5.39 18.22 -14.23
CA HIS A 201 -6.20 19.21 -13.53
C HIS A 201 -7.16 18.54 -12.57
N SER A 202 -6.65 17.59 -11.79
CA SER A 202 -7.48 16.87 -10.82
C SER A 202 -6.81 16.85 -9.46
N ALA A 203 -7.63 16.96 -8.41
CA ALA A 203 -7.10 16.96 -7.04
C ALA A 203 -7.44 15.65 -6.35
N ASN A 204 -6.44 14.79 -6.19
CA ASN A 204 -6.64 13.50 -5.53
C ASN A 204 -5.83 13.43 -4.25
N LEU A 205 -6.48 13.06 -3.16
CA LEU A 205 -5.81 12.96 -1.88
C LEU A 205 -5.73 11.51 -1.42
N TRP A 206 -4.64 11.17 -0.73
CA TRP A 206 -4.46 9.80 -0.23
C TRP A 206 -4.84 9.73 1.25
N THR A 207 -5.71 8.78 1.58
CA THR A 207 -6.16 8.61 2.95
C THR A 207 -5.31 7.57 3.68
N PRO A 208 -5.22 7.68 4.98
CA PRO A 208 -4.45 6.73 5.83
C PRO A 208 -5.09 5.35 5.85
N GLU A 209 -6.35 5.28 5.46
CA GLU A 209 -7.07 4.00 5.46
C GLU A 209 -6.26 2.94 4.73
N SER A 210 -5.29 3.37 3.94
CA SER A 210 -4.44 2.45 3.20
C SER A 210 -3.41 1.81 4.14
N ALA A 211 -2.80 0.72 3.67
CA ALA A 211 -1.80 0.03 4.48
C ALA A 211 -0.65 0.96 4.85
N GLN A 212 -0.41 1.95 3.99
CA GLN A 212 0.65 2.91 4.24
C GLN A 212 0.38 3.71 5.51
N GLY A 213 -0.88 4.12 5.69
CA GLY A 213 -1.25 4.89 6.86
C GLY A 213 -0.97 4.13 8.14
N GLN A 214 -1.33 2.85 8.16
CA GLN A 214 -1.10 2.03 9.34
C GLN A 214 0.40 1.86 9.60
N MET A 215 1.17 1.72 8.53
CA MET A 215 2.62 1.57 8.66
C MET A 215 3.22 2.81 9.31
N LEU A 216 2.74 3.99 8.91
CA LEU A 216 3.25 5.23 9.48
C LEU A 216 2.92 5.30 10.97
N GLU A 217 1.67 5.00 11.32
CA GLU A 217 1.26 5.02 12.72
C GLU A 217 2.17 4.17 13.56
N GLN A 218 2.68 3.10 12.96
CA GLN A 218 3.59 2.19 13.67
C GLN A 218 4.94 2.87 13.90
N LEU A 219 5.21 3.93 13.14
CA LEU A 219 6.48 4.65 13.28
C LEU A 219 6.37 5.74 14.32
N GLY A 220 5.14 5.97 14.81
CA GLY A 220 4.92 7.00 15.83
C GLY A 220 4.37 8.28 15.21
N PHE A 221 4.13 8.24 13.90
CA PHE A 221 3.60 9.41 13.20
C PHE A 221 2.08 9.39 13.22
N THR A 222 1.48 10.58 13.15
CA THR A 222 0.02 10.69 13.17
C THR A 222 -0.47 11.26 11.84
N LEU A 223 -1.43 10.56 11.23
CA LEU A 223 -1.99 10.99 9.97
C LEU A 223 -3.22 11.85 10.18
N ALA A 224 -3.43 12.82 9.29
CA ALA A 224 -4.57 13.71 9.39
C ALA A 224 -5.86 12.97 9.07
N LYS A 225 -6.96 13.42 9.65
CA LYS A 225 -8.26 12.79 9.42
C LYS A 225 -9.31 13.83 9.09
N LEU A 226 -10.07 13.59 8.02
CA LEU A 226 -11.11 14.53 7.60
C LEU A 226 -12.49 13.89 7.77
N PRO A 227 -13.13 14.11 8.88
CA PRO A 227 -14.49 13.55 9.16
C PRO A 227 -15.48 13.95 8.08
N ALA A 228 -16.32 12.99 7.68
CA ALA A 228 -17.31 13.24 6.65
C ALA A 228 -16.63 13.61 5.33
N GLY A 229 -15.42 14.15 5.42
CA GLY A 229 -14.66 14.54 4.23
C GLY A 229 -14.19 13.31 3.46
N LEU A 230 -13.56 12.38 4.17
CA LEU A 230 -13.05 11.17 3.53
C LEU A 230 -14.16 10.48 2.77
N ASN A 231 -15.36 10.50 3.33
CA ASN A 231 -16.51 9.86 2.69
C ASN A 231 -16.85 10.57 1.38
N ALA A 232 -15.82 11.04 0.67
CA ALA A 232 -16.03 11.74 -0.59
C ALA A 232 -17.26 12.64 -0.52
N SER A 233 -17.04 13.88 -0.08
CA SER A 233 -18.15 14.83 0.03
C SER A 233 -18.43 15.47 -1.32
N GLN A 234 -17.51 15.30 -2.27
CA GLN A 234 -17.68 15.87 -3.60
C GLN A 234 -18.36 14.87 -4.53
N SER A 235 -17.98 13.60 -4.42
CA SER A 235 -18.56 12.56 -5.25
C SER A 235 -20.03 12.35 -4.90
N GLN A 236 -20.43 12.85 -3.74
CA GLN A 236 -21.81 12.71 -3.29
C GLN A 236 -22.22 11.25 -3.27
N GLY A 237 -21.33 10.40 -2.75
CA GLY A 237 -21.60 8.96 -2.68
C GLY A 237 -20.45 8.22 -2.06
N LYS A 238 -20.24 6.97 -2.48
CA LYS A 238 -19.14 6.16 -1.95
C LYS A 238 -18.20 5.74 -3.08
N ARG A 239 -16.90 5.73 -2.78
CA ARG A 239 -15.90 5.36 -3.77
C ARG A 239 -14.69 4.75 -3.10
N HIS A 240 -14.01 3.83 -3.79
CA HIS A 240 -12.82 3.18 -3.26
C HIS A 240 -11.56 3.80 -3.86
N ASP A 241 -10.51 2.98 -3.97
CA ASP A 241 -9.25 3.46 -4.54
C ASP A 241 -8.75 4.68 -3.78
N ILE A 242 -9.11 5.86 -4.28
CA ILE A 242 -8.69 7.11 -3.65
C ILE A 242 -9.88 8.00 -3.36
N ILE A 243 -9.63 9.12 -2.69
CA ILE A 243 -10.71 10.05 -2.34
C ILE A 243 -10.41 11.44 -2.91
N GLN A 244 -11.48 12.10 -3.38
CA GLN A 244 -11.34 13.44 -3.96
C GLN A 244 -11.73 14.49 -2.94
N LEU A 245 -11.48 15.76 -3.28
CA LEU A 245 -11.81 16.86 -2.40
C LEU A 245 -12.19 18.11 -3.18
N GLY A 246 -13.06 18.93 -2.61
CA GLY A 246 -13.50 20.15 -3.28
C GLY A 246 -12.34 21.10 -3.49
N GLY A 247 -11.47 21.19 -2.49
CA GLY A 247 -10.29 22.07 -2.57
C GLY A 247 -10.16 22.90 -1.31
N GLU A 248 -11.03 22.64 -0.34
CA GLU A 248 -10.99 23.39 0.92
C GLU A 248 -9.89 22.84 1.82
N ASN A 249 -9.96 21.56 2.13
CA ASN A 249 -8.98 20.91 2.98
C ASN A 249 -7.59 21.00 2.35
N LEU A 250 -7.55 20.86 1.02
CA LEU A 250 -6.27 20.93 0.31
C LEU A 250 -5.51 22.19 0.67
N ALA A 251 -6.04 23.34 0.27
CA ALA A 251 -5.39 24.61 0.54
C ALA A 251 -5.12 24.74 2.04
N ALA A 252 -6.09 24.36 2.85
CA ALA A 252 -5.94 24.44 4.30
C ALA A 252 -5.00 23.36 4.80
N GLY A 253 -4.21 22.79 3.89
CA GLY A 253 -3.27 21.73 4.25
C GLY A 253 -3.79 20.89 5.41
N LEU A 254 -5.04 20.47 5.29
CA LEU A 254 -5.67 19.67 6.34
C LEU A 254 -5.27 20.18 7.72
N ASN A 255 -4.46 19.39 8.44
CA ASN A 255 -4.02 19.78 9.77
C ASN A 255 -3.24 21.08 9.71
N GLY A 256 -2.33 21.19 8.74
CA GLY A 256 -1.53 22.40 8.58
C GLY A 256 -0.31 22.37 9.49
N GLU A 257 -0.08 21.23 10.14
CA GLU A 257 1.06 21.09 11.04
C GLU A 257 2.21 20.39 10.34
N SER A 258 1.93 19.79 9.19
CA SER A 258 2.96 19.08 8.43
C SER A 258 2.36 18.44 7.20
N LEU A 259 3.12 18.44 6.10
CA LEU A 259 2.65 17.85 4.87
C LEU A 259 3.80 17.27 4.06
N PHE A 260 3.72 15.99 3.71
CA PHE A 260 4.75 15.34 2.91
C PHE A 260 4.36 15.29 1.45
N LEU A 261 5.33 15.45 0.57
CA LEU A 261 5.05 15.43 -0.86
C LEU A 261 5.28 14.05 -1.43
N PHE A 262 4.20 13.37 -1.75
CA PHE A 262 4.28 12.02 -2.33
C PHE A 262 4.05 12.08 -3.84
N ALA A 263 3.56 13.22 -4.32
CA ALA A 263 3.30 13.39 -5.74
C ALA A 263 4.60 13.37 -6.53
N GLY A 264 5.62 14.02 -6.00
CA GLY A 264 6.92 14.07 -6.67
C GLY A 264 7.94 14.82 -5.81
N ASP A 265 9.19 14.81 -6.26
CA ASP A 265 10.25 15.49 -5.54
C ASP A 265 10.15 17.00 -5.69
N GLN A 266 11.12 17.59 -6.38
CA GLN A 266 11.13 19.03 -6.60
C GLN A 266 9.99 19.44 -7.52
N LYS A 267 9.59 18.53 -8.41
CA LYS A 267 8.52 18.82 -9.36
C LYS A 267 7.25 19.18 -8.62
N ASP A 268 6.94 18.42 -7.58
CA ASP A 268 5.74 18.70 -6.78
C ASP A 268 5.85 20.06 -6.11
N ALA A 269 7.02 20.35 -5.54
CA ALA A 269 7.23 21.62 -4.86
C ALA A 269 6.87 22.78 -5.78
N ASP A 270 7.54 22.87 -6.92
CA ASP A 270 7.28 23.93 -7.90
C ASP A 270 5.78 23.99 -8.19
N ALA A 271 5.16 22.83 -8.37
CA ALA A 271 3.73 22.79 -8.68
C ALA A 271 2.94 23.53 -7.59
N ILE A 272 3.32 23.30 -6.33
CA ILE A 272 2.63 23.96 -5.22
C ILE A 272 2.87 25.48 -5.28
N TYR A 273 4.10 25.87 -5.55
CA TYR A 273 4.43 27.29 -5.63
C TYR A 273 3.54 27.99 -6.65
N ALA A 274 3.24 27.30 -7.74
CA ALA A 274 2.38 27.86 -8.78
C ALA A 274 0.93 27.82 -8.35
N ASN A 275 0.69 27.31 -7.13
CA ASN A 275 -0.68 27.21 -6.61
C ASN A 275 -0.83 28.12 -5.39
N PRO A 276 -1.24 29.34 -5.59
CA PRO A 276 -1.45 30.33 -4.48
C PRO A 276 -2.35 29.75 -3.38
N LEU A 277 -3.21 28.82 -3.75
CA LEU A 277 -4.11 28.21 -2.78
C LEU A 277 -3.32 27.45 -1.73
N LEU A 278 -2.28 26.74 -2.18
CA LEU A 278 -1.45 25.96 -1.27
C LEU A 278 -0.22 26.75 -0.83
N ALA A 279 -0.18 28.01 -1.24
CA ALA A 279 0.94 28.88 -0.88
C ALA A 279 0.87 29.26 0.59
N HIS A 280 -0.35 29.43 1.10
CA HIS A 280 -0.55 29.83 2.49
C HIS A 280 -0.40 28.62 3.41
N LEU A 281 -0.03 27.48 2.82
CA LEU A 281 0.14 26.28 3.60
C LEU A 281 1.35 26.40 4.52
N PRO A 282 1.16 26.27 5.81
CA PRO A 282 2.28 26.37 6.79
C PRO A 282 3.50 25.56 6.39
N ALA A 283 3.27 24.38 5.82
CA ALA A 283 4.36 23.51 5.39
C ALA A 283 5.24 24.24 4.38
N VAL A 284 4.60 24.93 3.43
CA VAL A 284 5.34 25.66 2.41
C VAL A 284 6.10 26.82 3.05
N GLN A 285 5.44 27.53 3.96
CA GLN A 285 6.06 28.68 4.62
C GLN A 285 7.24 28.21 5.47
N ASN A 286 7.07 27.08 6.16
CA ASN A 286 8.12 26.54 7.01
C ASN A 286 9.01 25.60 6.23
N LYS A 287 8.56 25.23 5.03
CA LYS A 287 9.33 24.32 4.18
C LYS A 287 9.51 22.96 4.86
N GLN A 288 8.52 22.56 5.64
CA GLN A 288 8.57 21.27 6.34
C GLN A 288 7.99 20.17 5.46
N VAL A 289 8.35 20.18 4.18
CA VAL A 289 7.84 19.19 3.24
C VAL A 289 8.92 18.16 2.93
N TYR A 290 8.53 16.88 2.92
CA TYR A 290 9.46 15.80 2.64
C TYR A 290 9.05 15.07 1.37
N ALA A 291 10.02 14.84 0.49
CA ALA A 291 9.76 14.15 -0.77
C ALA A 291 9.80 12.64 -0.58
N LEU A 292 8.66 12.06 -0.23
CA LEU A 292 8.58 10.62 -0.02
C LEU A 292 8.87 9.87 -1.33
N GLY A 293 8.33 10.38 -2.43
CA GLY A 293 8.54 9.76 -3.72
C GLY A 293 7.59 8.58 -3.91
N THR A 294 7.45 8.11 -5.15
CA THR A 294 6.57 7.00 -5.45
C THR A 294 7.19 5.68 -4.99
N GLU A 295 8.52 5.65 -4.92
CA GLU A 295 9.22 4.45 -4.50
C GLU A 295 8.97 4.17 -3.03
N THR A 296 8.82 5.23 -2.24
CA THR A 296 8.59 5.08 -0.82
C THR A 296 7.17 4.60 -0.54
N PHE A 297 6.58 3.92 -1.53
CA PHE A 297 5.22 3.42 -1.38
C PHE A 297 5.14 2.49 -0.19
N ARG A 298 6.05 1.50 -0.13
CA ARG A 298 6.09 0.56 0.98
C ARG A 298 7.34 0.81 1.82
N LEU A 299 7.26 0.46 3.10
CA LEU A 299 8.39 0.64 4.00
C LEU A 299 8.91 -0.69 4.49
N ASP A 300 10.20 -0.94 4.29
CA ASP A 300 10.82 -2.19 4.73
C ASP A 300 12.27 -1.96 5.14
N TYR A 301 12.85 -2.92 5.82
CA TYR A 301 14.24 -2.81 6.27
C TYR A 301 15.14 -2.38 5.11
N TYR A 302 14.86 -2.90 3.92
CA TYR A 302 15.65 -2.56 2.76
C TYR A 302 15.41 -1.12 2.30
N SER A 303 14.19 -0.86 1.86
CA SER A 303 13.84 0.48 1.39
C SER A 303 13.99 1.50 2.50
N ALA A 304 13.74 1.08 3.74
CA ALA A 304 13.83 1.99 4.87
C ALA A 304 15.20 2.64 4.92
N MET A 305 16.19 1.99 4.34
CA MET A 305 17.54 2.55 4.32
C MET A 305 17.60 3.85 3.53
N GLN A 306 16.88 3.88 2.40
CA GLN A 306 16.84 5.08 1.57
C GLN A 306 15.90 6.13 2.16
N VAL A 307 14.73 5.67 2.59
CA VAL A 307 13.75 6.57 3.17
C VAL A 307 14.27 7.14 4.49
N LEU A 308 14.86 6.28 5.30
CA LEU A 308 15.38 6.70 6.60
C LEU A 308 16.41 7.80 6.43
N ASP A 309 17.35 7.59 5.52
CA ASP A 309 18.38 8.58 5.26
C ASP A 309 17.79 9.81 4.58
N ARG A 310 16.86 9.58 3.66
CA ARG A 310 16.23 10.66 2.91
C ARG A 310 15.48 11.58 3.87
N LEU A 311 14.84 10.99 4.86
CA LEU A 311 14.08 11.76 5.84
C LEU A 311 14.98 12.22 6.97
N LYS A 312 16.27 11.95 6.85
CA LYS A 312 17.24 12.34 7.88
C LYS A 312 18.19 13.40 7.34
N ALA A 313 18.15 13.62 6.03
CA ALA A 313 19.00 14.61 5.40
C ALA A 313 18.66 16.01 5.92
N LEU A 314 17.37 16.26 6.14
CA LEU A 314 16.95 17.56 6.63
C LEU A 314 17.57 17.86 7.97
N PHE A 315 17.49 16.89 8.89
CA PHE A 315 18.06 17.07 10.23
C PHE A 315 19.58 16.89 10.17
N ALA A 24 1.27 -24.76 7.51
CA ALA A 24 1.66 -26.00 8.23
C ALA A 24 2.34 -26.95 7.26
N ASP A 25 2.75 -28.11 7.77
CA ASP A 25 3.42 -29.11 6.93
C ASP A 25 2.41 -30.06 6.31
N TRP A 26 1.14 -29.86 6.66
CA TRP A 26 0.09 -30.72 6.13
C TRP A 26 -1.19 -29.92 5.90
N PRO A 27 -2.21 -30.56 5.42
CA PRO A 27 -3.53 -29.90 5.15
C PRO A 27 -4.15 -29.33 6.41
N ARG A 28 -4.84 -28.19 6.27
CA ARG A 28 -5.47 -27.55 7.42
C ARG A 28 -6.63 -26.67 6.96
N GLN A 29 -7.29 -26.03 7.91
CA GLN A 29 -8.41 -25.15 7.60
C GLN A 29 -8.08 -23.71 7.98
N ILE A 30 -8.43 -22.78 7.09
CA ILE A 30 -8.16 -21.36 7.33
C ILE A 30 -9.46 -20.57 7.23
N THR A 31 -9.55 -19.50 8.02
CA THR A 31 -10.74 -18.65 8.02
C THR A 31 -10.38 -17.22 7.65
N ASP A 32 -11.19 -16.62 6.78
CA ASP A 32 -10.95 -15.24 6.35
C ASP A 32 -11.83 -14.27 7.13
N SER A 33 -12.30 -13.23 6.45
CA SER A 33 -13.17 -12.24 7.08
C SER A 33 -14.48 -12.88 7.52
N ARG A 34 -14.98 -13.82 6.72
CA ARG A 34 -16.22 -14.51 7.04
C ARG A 34 -16.21 -15.93 6.48
N GLY A 35 -16.22 -16.05 5.16
CA GLY A 35 -16.22 -17.34 4.51
C GLY A 35 -15.00 -18.15 4.94
N THR A 36 -15.18 -19.45 5.10
CA THR A 36 -14.08 -20.33 5.51
C THR A 36 -13.73 -21.29 4.39
N HIS A 37 -12.43 -21.38 4.10
CA HIS A 37 -11.96 -22.27 3.03
C HIS A 37 -11.01 -23.32 3.60
N THR A 38 -11.27 -24.58 3.28
CA THR A 38 -10.44 -25.68 3.76
C THR A 38 -9.25 -25.88 2.83
N LEU A 39 -8.06 -25.96 3.42
CA LEU A 39 -6.84 -26.16 2.63
C LEU A 39 -6.46 -27.65 2.60
N GLU A 40 -7.15 -28.39 1.75
CA GLU A 40 -6.90 -29.83 1.63
C GLU A 40 -5.51 -30.07 1.06
N SER A 41 -5.06 -29.17 0.20
CA SER A 41 -3.74 -29.29 -0.42
C SER A 41 -3.52 -28.17 -1.41
N GLN A 42 -2.64 -27.24 -1.06
CA GLN A 42 -2.34 -26.10 -1.94
C GLN A 42 -0.85 -26.05 -2.27
N PRO A 43 -0.46 -26.69 -3.34
CA PRO A 43 0.96 -26.71 -3.79
C PRO A 43 1.51 -25.30 -3.99
N GLN A 44 2.81 -25.15 -3.75
CA GLN A 44 3.45 -23.84 -3.90
C GLN A 44 2.94 -23.11 -5.13
N ARG A 45 1.78 -22.45 -4.98
CA ARG A 45 1.16 -21.73 -6.09
C ARG A 45 0.34 -20.57 -5.56
N ILE A 46 1.01 -19.59 -4.97
CA ILE A 46 0.32 -18.42 -4.43
C ILE A 46 -0.09 -17.47 -5.53
N VAL A 47 -1.36 -17.05 -5.50
CA VAL A 47 -1.88 -16.13 -6.52
C VAL A 47 -2.43 -14.87 -5.85
N SER A 48 -2.32 -13.74 -6.54
CA SER A 48 -2.82 -12.48 -6.01
C SER A 48 -3.56 -11.69 -7.08
N THR A 49 -4.62 -11.00 -6.67
CA THR A 49 -5.41 -10.21 -7.61
C THR A 49 -5.02 -8.74 -7.54
N SER A 50 -5.16 -8.15 -6.35
CA SER A 50 -4.82 -6.74 -6.17
C SER A 50 -3.31 -6.58 -6.01
N VAL A 51 -2.81 -5.38 -6.33
CA VAL A 51 -1.40 -5.11 -6.21
C VAL A 51 -1.01 -4.93 -4.74
N THR A 52 -1.99 -4.61 -3.90
CA THR A 52 -1.72 -4.40 -2.48
C THR A 52 -1.14 -5.66 -1.85
N LEU A 53 -1.81 -6.78 -2.04
CA LEU A 53 -1.33 -8.05 -1.52
C LEU A 53 -0.03 -8.46 -2.22
N THR A 54 0.00 -8.27 -3.53
CA THR A 54 1.17 -8.65 -4.32
C THR A 54 2.45 -8.22 -3.60
N GLY A 55 2.53 -6.93 -3.27
CA GLY A 55 3.69 -6.41 -2.55
C GLY A 55 3.73 -6.93 -1.11
N SER A 56 2.55 -7.05 -0.51
CA SER A 56 2.46 -7.52 0.88
C SER A 56 2.98 -8.95 0.99
N LEU A 57 2.58 -9.79 0.03
CA LEU A 57 3.00 -11.19 0.03
C LEU A 57 4.51 -11.29 -0.23
N LEU A 58 4.98 -10.47 -1.16
CA LEU A 58 6.39 -10.48 -1.51
C LEU A 58 7.25 -10.07 -0.33
N ALA A 59 6.78 -9.08 0.41
CA ALA A 59 7.53 -8.58 1.56
C ALA A 59 7.75 -9.67 2.59
N ILE A 60 6.76 -10.54 2.75
CA ILE A 60 6.84 -11.62 3.72
C ILE A 60 7.43 -12.88 3.10
N ASP A 61 8.26 -12.69 2.08
CA ASP A 61 8.87 -13.83 1.41
C ASP A 61 7.84 -14.80 0.89
N ALA A 62 6.88 -14.28 0.13
CA ALA A 62 5.81 -15.12 -0.43
C ALA A 62 5.49 -14.67 -1.85
N PRO A 63 6.33 -15.02 -2.79
CA PRO A 63 6.15 -14.63 -4.22
C PRO A 63 4.89 -15.24 -4.82
N VAL A 64 4.31 -14.53 -5.78
CA VAL A 64 3.10 -15.01 -6.45
C VAL A 64 3.40 -15.34 -7.91
N ILE A 65 2.86 -16.48 -8.36
CA ILE A 65 3.05 -16.91 -9.73
C ILE A 65 2.31 -16.00 -10.71
N ALA A 66 1.07 -15.66 -10.36
CA ALA A 66 0.24 -14.82 -11.23
C ALA A 66 -0.27 -13.61 -10.45
N SER A 67 -0.12 -12.43 -11.05
CA SER A 67 -0.56 -11.20 -10.41
C SER A 67 -0.82 -10.13 -11.45
N GLY A 68 -1.45 -9.04 -11.02
CA GLY A 68 -1.77 -7.94 -11.93
C GLY A 68 -0.89 -6.73 -11.65
N ALA A 69 -1.12 -5.65 -12.39
CA ALA A 69 -0.35 -4.42 -12.21
C ALA A 69 -1.27 -3.21 -12.15
N THR A 70 -0.71 -2.05 -11.82
CA THR A 70 -1.48 -0.83 -11.72
C THR A 70 -0.77 0.31 -12.43
N THR A 71 -0.28 1.27 -11.65
CA THR A 71 0.41 2.43 -12.21
C THR A 71 1.91 2.28 -12.04
N PRO A 72 2.66 3.24 -12.51
CA PRO A 72 4.15 3.25 -12.41
C PRO A 72 4.62 3.22 -10.95
N ASN A 73 4.22 2.19 -10.22
CA ASN A 73 4.60 2.06 -8.82
C ASN A 73 6.08 1.88 -8.69
N ASN A 74 6.70 1.19 -9.66
CA ASN A 74 8.14 0.94 -9.64
C ASN A 74 8.43 -0.43 -9.01
N ARG A 75 7.65 -0.77 -7.98
CA ARG A 75 7.82 -2.06 -7.31
C ARG A 75 7.54 -3.20 -8.29
N VAL A 76 6.51 -3.02 -9.12
CA VAL A 76 6.13 -4.02 -10.10
C VAL A 76 7.15 -4.05 -11.26
N ALA A 77 7.80 -2.91 -11.48
CA ALA A 77 8.78 -2.80 -12.56
C ALA A 77 9.77 -3.96 -12.49
N ASP A 78 10.81 -3.87 -13.32
CA ASP A 78 11.83 -4.92 -13.34
C ASP A 78 12.73 -4.83 -12.12
N ASP A 79 13.96 -5.31 -12.25
CA ASP A 79 14.91 -5.28 -11.14
C ASP A 79 15.04 -3.87 -10.58
N GLN A 80 14.42 -2.91 -11.25
CA GLN A 80 14.48 -1.53 -10.81
C GLN A 80 13.38 -1.24 -9.79
N GLY A 81 13.78 -0.96 -8.56
CA GLY A 81 12.82 -0.66 -7.50
C GLY A 81 12.29 -1.94 -6.87
N PHE A 82 13.13 -2.60 -6.08
CA PHE A 82 12.74 -3.83 -5.40
C PHE A 82 13.39 -3.91 -4.02
N LEU A 83 12.68 -4.54 -3.08
CA LEU A 83 13.20 -4.70 -1.72
C LEU A 83 14.07 -5.96 -1.64
N ARG A 84 13.48 -7.05 -1.15
CA ARG A 84 14.21 -8.32 -1.04
C ARG A 84 14.59 -8.81 -2.42
N GLN A 85 13.65 -8.73 -3.37
CA GLN A 85 13.89 -9.17 -4.74
C GLN A 85 13.50 -10.63 -4.93
N TRP A 86 12.28 -10.96 -4.55
CA TRP A 86 11.78 -12.34 -4.70
C TRP A 86 10.82 -12.43 -5.88
N SER A 87 10.47 -11.28 -6.44
CA SER A 87 9.56 -11.24 -7.58
C SER A 87 10.18 -11.90 -8.80
N LYS A 88 11.50 -11.76 -8.92
CA LYS A 88 12.21 -12.36 -10.04
C LYS A 88 11.82 -13.82 -10.22
N VAL A 89 11.32 -14.43 -9.14
CA VAL A 89 10.91 -15.83 -9.21
C VAL A 89 9.63 -15.97 -10.04
N ALA A 90 8.66 -15.09 -9.79
CA ALA A 90 7.40 -15.14 -10.52
C ALA A 90 7.64 -14.94 -12.01
N LYS A 91 8.42 -13.91 -12.34
CA LYS A 91 8.73 -13.62 -13.73
C LYS A 91 9.49 -14.78 -14.36
N GLU A 92 10.40 -15.37 -13.59
CA GLU A 92 11.20 -16.49 -14.08
C GLU A 92 10.28 -17.59 -14.64
N ARG A 93 9.09 -17.72 -14.06
CA ARG A 93 8.15 -18.74 -14.50
C ARG A 93 7.24 -18.17 -15.57
N LYS A 94 7.47 -16.91 -15.95
CA LYS A 94 6.68 -16.25 -16.99
C LYS A 94 5.39 -15.70 -16.41
N LEU A 95 4.68 -16.55 -15.66
CA LEU A 95 3.41 -16.14 -15.04
C LEU A 95 3.58 -14.80 -14.40
N GLN A 96 2.47 -14.04 -14.27
CA GLN A 96 2.49 -12.70 -13.69
C GLN A 96 1.97 -11.68 -14.68
N ARG A 97 0.66 -11.41 -14.62
CA ARG A 97 0.04 -10.45 -15.51
C ARG A 97 0.39 -9.03 -15.08
N LEU A 98 0.61 -8.14 -16.05
CA LEU A 98 0.97 -6.76 -15.76
C LEU A 98 0.10 -5.80 -16.56
N TYR A 99 -1.09 -6.25 -16.93
CA TYR A 99 -2.01 -5.42 -17.70
C TYR A 99 -3.43 -5.59 -17.21
N ILE A 100 -4.15 -4.47 -17.10
CA ILE A 100 -5.54 -4.50 -16.64
C ILE A 100 -6.40 -3.58 -17.49
N GLY A 101 -7.72 -3.75 -17.40
CA GLY A 101 -8.64 -2.93 -18.17
C GLY A 101 -9.87 -3.73 -18.58
N GLU A 102 -9.68 -5.04 -18.74
CA GLU A 102 -10.79 -5.92 -19.12
C GLU A 102 -10.56 -7.33 -18.60
N PRO A 103 -10.66 -7.51 -17.31
CA PRO A 103 -10.45 -8.83 -16.65
C PRO A 103 -11.41 -9.89 -17.16
N SER A 104 -10.94 -11.13 -17.25
CA SER A 104 -11.78 -12.23 -17.73
C SER A 104 -11.63 -13.44 -16.82
N ALA A 105 -12.75 -14.08 -16.50
CA ALA A 105 -12.73 -15.26 -15.65
C ALA A 105 -12.05 -16.43 -16.37
N GLU A 106 -12.32 -16.54 -17.67
CA GLU A 106 -11.74 -17.63 -18.45
C GLU A 106 -10.22 -17.51 -18.51
N ALA A 107 -9.74 -16.28 -18.69
CA ALA A 107 -8.29 -16.04 -18.75
C ALA A 107 -7.63 -16.44 -17.44
N VAL A 108 -8.27 -16.10 -16.33
CA VAL A 108 -7.73 -16.44 -15.01
C VAL A 108 -7.68 -17.95 -14.84
N ALA A 109 -8.73 -18.63 -15.26
CA ALA A 109 -8.79 -20.08 -15.16
C ALA A 109 -7.69 -20.73 -15.98
N ALA A 110 -7.37 -20.11 -17.11
CA ALA A 110 -6.32 -20.63 -17.99
C ALA A 110 -4.98 -20.63 -17.26
N GLN A 111 -4.88 -19.86 -16.19
CA GLN A 111 -3.65 -19.77 -15.42
C GLN A 111 -3.60 -20.88 -14.36
N MET A 112 -4.70 -21.62 -14.23
CA MET A 112 -4.77 -22.70 -13.27
C MET A 112 -4.26 -22.24 -11.91
N PRO A 113 -4.85 -21.20 -11.38
CA PRO A 113 -4.45 -20.65 -10.05
C PRO A 113 -4.86 -21.56 -8.90
N ASP A 114 -4.09 -21.53 -7.82
CA ASP A 114 -4.39 -22.37 -6.66
C ASP A 114 -5.05 -21.55 -5.57
N LEU A 115 -4.26 -20.71 -4.90
CA LEU A 115 -4.79 -19.85 -3.83
C LEU A 115 -4.78 -18.41 -4.26
N ILE A 116 -5.97 -17.82 -4.42
CA ILE A 116 -6.09 -16.43 -4.83
C ILE A 116 -6.42 -15.54 -3.65
N LEU A 117 -5.62 -14.50 -3.46
CA LEU A 117 -5.84 -13.57 -2.34
C LEU A 117 -6.31 -12.23 -2.85
N ILE A 118 -7.34 -11.68 -2.19
CA ILE A 118 -7.90 -10.40 -2.59
C ILE A 118 -7.81 -9.41 -1.44
N SER A 119 -7.48 -8.15 -1.77
CA SER A 119 -7.37 -7.11 -0.76
C SER A 119 -8.75 -6.51 -0.45
N ALA A 120 -8.82 -5.74 0.63
CA ALA A 120 -10.08 -5.10 1.02
C ALA A 120 -10.60 -4.20 -0.09
N THR A 121 -9.67 -3.52 -0.77
CA THR A 121 -10.04 -2.61 -1.86
C THR A 121 -9.06 -2.73 -3.00
N GLY A 122 -9.48 -2.32 -4.19
CA GLY A 122 -8.63 -2.38 -5.37
C GLY A 122 -9.07 -1.36 -6.42
N GLY A 123 -8.31 -1.29 -7.51
CA GLY A 123 -8.63 -0.34 -8.58
C GLY A 123 -9.98 -0.65 -9.19
N ASP A 124 -10.34 -1.94 -9.24
CA ASP A 124 -11.62 -2.36 -9.81
C ASP A 124 -12.40 -3.19 -8.79
N SER A 125 -13.73 -3.14 -8.90
CA SER A 125 -14.58 -3.89 -7.98
C SER A 125 -14.35 -5.38 -8.14
N ALA A 126 -14.34 -6.10 -7.02
CA ALA A 126 -14.13 -7.55 -7.04
C ALA A 126 -15.32 -8.28 -6.45
N LEU A 127 -16.40 -7.55 -6.22
CA LEU A 127 -17.61 -8.14 -5.65
C LEU A 127 -18.14 -9.25 -6.55
N ALA A 128 -18.08 -9.02 -7.86
CA ALA A 128 -18.56 -10.00 -8.82
C ALA A 128 -17.48 -11.05 -9.10
N LEU A 129 -16.23 -10.62 -9.12
CA LEU A 129 -15.12 -11.51 -9.36
C LEU A 129 -14.90 -12.43 -8.16
N TYR A 130 -15.13 -11.90 -6.97
CA TYR A 130 -14.93 -12.66 -5.76
C TYR A 130 -15.46 -14.09 -5.90
N ASP A 131 -16.77 -14.19 -6.10
CA ASP A 131 -17.39 -15.51 -6.24
C ASP A 131 -16.92 -16.22 -7.50
N GLN A 132 -16.84 -15.47 -8.59
CA GLN A 132 -16.40 -16.04 -9.86
C GLN A 132 -14.97 -16.57 -9.73
N LEU A 133 -14.17 -15.90 -8.91
CA LEU A 133 -12.79 -16.32 -8.68
C LEU A 133 -12.74 -17.57 -7.81
N SER A 134 -13.59 -17.60 -6.79
CA SER A 134 -13.62 -18.74 -5.88
C SER A 134 -13.90 -20.03 -6.64
N THR A 135 -14.93 -20.00 -7.48
CA THR A 135 -15.29 -21.18 -8.28
C THR A 135 -14.06 -21.68 -9.04
N ILE A 136 -13.30 -20.75 -9.62
CA ILE A 136 -12.11 -21.10 -10.36
C ILE A 136 -11.05 -21.71 -9.44
N ALA A 137 -10.87 -21.10 -8.26
CA ALA A 137 -9.88 -21.57 -7.31
C ALA A 137 -10.07 -20.88 -5.96
N PRO A 138 -9.66 -21.52 -4.90
CA PRO A 138 -9.77 -20.95 -3.53
C PRO A 138 -9.46 -19.46 -3.50
N THR A 139 -10.50 -18.65 -3.31
CA THR A 139 -10.33 -17.21 -3.25
C THR A 139 -10.57 -16.71 -1.84
N LEU A 140 -9.55 -16.06 -1.26
CA LEU A 140 -9.65 -15.53 0.10
C LEU A 140 -9.59 -14.01 0.08
N ILE A 141 -10.21 -13.40 1.09
CA ILE A 141 -10.23 -11.94 1.18
C ILE A 141 -9.76 -11.49 2.56
N ILE A 142 -8.83 -10.53 2.58
CA ILE A 142 -8.29 -10.02 3.84
C ILE A 142 -8.67 -8.56 4.02
N ASN A 143 -9.24 -8.23 5.17
CA ASN A 143 -9.65 -6.85 5.47
C ASN A 143 -8.61 -6.19 6.35
N TYR A 144 -7.80 -5.32 5.75
CA TYR A 144 -6.76 -4.62 6.50
C TYR A 144 -7.22 -3.21 6.88
N ASP A 145 -8.31 -2.77 6.28
CA ASP A 145 -8.83 -1.44 6.56
C ASP A 145 -9.29 -1.33 8.01
N ASP A 146 -9.81 -2.43 8.55
CA ASP A 146 -10.29 -2.44 9.93
C ASP A 146 -9.25 -3.04 10.85
N LYS A 147 -8.07 -3.32 10.31
CA LYS A 147 -6.98 -3.91 11.10
C LYS A 147 -5.67 -3.17 10.86
N SER A 148 -4.81 -3.14 11.87
CA SER A 148 -3.53 -2.47 11.76
C SER A 148 -2.55 -3.31 10.95
N TRP A 149 -1.43 -2.70 10.55
CA TRP A 149 -0.43 -3.41 9.76
C TRP A 149 0.07 -4.63 10.52
N GLN A 150 0.43 -4.44 11.79
CA GLN A 150 0.93 -5.53 12.61
C GLN A 150 -0.06 -6.69 12.61
N SER A 151 -1.34 -6.37 12.78
CA SER A 151 -2.39 -7.38 12.76
C SER A 151 -2.46 -8.03 11.39
N LEU A 152 -2.34 -7.21 10.34
CA LEU A 152 -2.41 -7.72 8.98
C LEU A 152 -1.30 -8.73 8.73
N LEU A 153 -0.10 -8.40 9.17
CA LEU A 153 1.04 -9.29 9.00
C LEU A 153 0.79 -10.61 9.72
N THR A 154 0.25 -10.52 10.94
CA THR A 154 -0.03 -11.72 11.72
C THR A 154 -0.93 -12.66 10.92
N GLN A 155 -1.98 -12.10 10.31
CA GLN A 155 -2.90 -12.91 9.52
C GLN A 155 -2.18 -13.54 8.34
N LEU A 156 -1.29 -12.79 7.71
CA LEU A 156 -0.52 -13.30 6.59
C LEU A 156 0.34 -14.47 6.99
N GLY A 157 0.97 -14.34 8.15
CA GLY A 157 1.82 -15.42 8.65
C GLY A 157 0.99 -16.66 8.99
N GLU A 158 -0.19 -16.44 9.56
CA GLU A 158 -1.07 -17.54 9.92
C GLU A 158 -1.66 -18.20 8.66
N ILE A 159 -2.13 -17.37 7.74
CA ILE A 159 -2.71 -17.87 6.50
C ILE A 159 -1.66 -18.59 5.67
N THR A 160 -0.48 -18.01 5.57
CA THR A 160 0.60 -18.59 4.77
C THR A 160 1.49 -19.46 5.64
N GLY A 161 1.28 -19.39 6.95
CA GLY A 161 2.07 -20.18 7.89
C GLY A 161 3.52 -19.72 7.88
N HIS A 162 3.74 -18.46 7.52
CA HIS A 162 5.10 -17.91 7.47
C HIS A 162 5.39 -17.07 8.70
N GLU A 163 5.13 -17.64 9.88
CA GLU A 163 5.37 -16.93 11.13
C GLU A 163 6.87 -16.76 11.38
N LYS A 164 7.63 -17.80 11.05
CA LYS A 164 9.08 -17.76 11.25
C LYS A 164 9.69 -16.61 10.46
N GLN A 165 9.30 -16.49 9.19
CA GLN A 165 9.83 -15.44 8.33
C GLN A 165 9.48 -14.07 8.92
N ALA A 166 8.28 -13.95 9.45
CA ALA A 166 7.84 -12.69 10.04
C ALA A 166 8.72 -12.33 11.25
N ALA A 167 9.05 -13.33 12.05
CA ALA A 167 9.89 -13.11 13.22
C ALA A 167 11.28 -12.63 12.80
N GLU A 168 11.69 -13.02 11.60
CA GLU A 168 13.00 -12.61 11.08
C GLU A 168 12.98 -11.15 10.64
N ARG A 169 12.02 -10.81 9.77
CA ARG A 169 11.91 -9.45 9.28
C ARG A 169 11.51 -8.51 10.41
N ILE A 170 10.58 -8.95 11.25
CA ILE A 170 10.13 -8.13 12.36
C ILE A 170 11.27 -7.82 13.32
N ALA A 171 12.08 -8.84 13.63
CA ALA A 171 13.20 -8.66 14.52
C ALA A 171 14.21 -7.67 13.94
N GLN A 172 14.71 -7.99 12.75
CA GLN A 172 15.69 -7.13 12.10
C GLN A 172 15.14 -5.73 11.91
N PHE A 173 13.83 -5.65 11.68
CA PHE A 173 13.17 -4.35 11.48
C PHE A 173 12.87 -3.70 12.84
N ASP A 174 12.52 -4.52 13.82
CA ASP A 174 12.18 -4.01 15.14
C ASP A 174 13.34 -3.17 15.68
N LYS A 175 14.55 -3.65 15.48
CA LYS A 175 15.73 -2.92 15.96
C LYS A 175 15.84 -1.56 15.28
N GLN A 176 15.57 -1.53 13.97
CA GLN A 176 15.64 -0.28 13.22
C GLN A 176 14.56 0.68 13.69
N LEU A 177 13.39 0.15 14.01
CA LEU A 177 12.29 0.97 14.50
C LEU A 177 12.66 1.64 15.81
N ALA A 178 13.30 0.89 16.69
CA ALA A 178 13.70 1.44 17.98
C ALA A 178 14.69 2.58 17.80
N ALA A 179 15.76 2.32 17.05
CA ALA A 179 16.76 3.36 16.80
C ALA A 179 16.17 4.49 15.97
N ALA A 180 15.39 4.13 14.96
CA ALA A 180 14.77 5.12 14.08
C ALA A 180 13.80 5.99 14.88
N LYS A 181 13.06 5.37 15.79
CA LYS A 181 12.10 6.09 16.62
C LYS A 181 12.82 7.11 17.49
N GLU A 182 14.03 6.78 17.90
CA GLU A 182 14.82 7.67 18.75
C GLU A 182 15.75 8.53 17.91
N GLN A 183 16.06 8.08 16.70
CA GLN A 183 16.95 8.82 15.82
C GLN A 183 16.33 10.16 15.43
N ILE A 184 15.04 10.15 15.14
CA ILE A 184 14.34 11.36 14.75
C ILE A 184 14.11 12.26 15.97
N LYS A 185 14.36 13.55 15.80
CA LYS A 185 14.17 14.50 16.90
C LYS A 185 13.27 15.65 16.44
N LEU A 186 12.03 15.64 16.92
CA LEU A 186 11.09 16.69 16.57
C LEU A 186 9.75 16.48 17.29
N PRO A 187 9.26 17.48 17.97
CA PRO A 187 7.99 17.40 18.71
C PRO A 187 6.89 16.70 17.92
N PRO A 188 5.96 16.08 18.60
CA PRO A 188 4.83 15.37 17.94
C PRO A 188 3.86 16.33 17.25
N GLN A 189 3.34 15.90 16.10
CA GLN A 189 2.40 16.72 15.36
C GLN A 189 1.81 15.94 14.19
N PRO A 190 0.57 16.19 13.86
CA PRO A 190 -0.12 15.53 12.72
C PRO A 190 0.46 15.93 11.37
N VAL A 191 0.29 15.06 10.37
CA VAL A 191 0.80 15.34 9.03
C VAL A 191 -0.22 14.90 7.98
N THR A 192 -0.05 15.42 6.77
CA THR A 192 -0.95 15.07 5.67
C THR A 192 -0.19 14.96 4.35
N ALA A 193 -0.86 14.43 3.33
CA ALA A 193 -0.23 14.28 2.02
C ALA A 193 -1.27 14.46 0.92
N ILE A 194 -0.90 15.19 -0.13
CA ILE A 194 -1.81 15.42 -1.26
C ILE A 194 -1.09 15.21 -2.57
N VAL A 195 -1.82 14.70 -3.56
CA VAL A 195 -1.24 14.48 -4.88
C VAL A 195 -2.17 15.01 -5.97
N TYR A 196 -1.61 15.76 -6.91
CA TYR A 196 -2.39 16.31 -8.00
C TYR A 196 -1.52 16.54 -9.22
N THR A 197 -2.14 16.57 -10.40
CA THR A 197 -1.40 16.80 -11.64
C THR A 197 -1.93 18.02 -12.37
N ALA A 198 -1.06 18.99 -12.63
CA ALA A 198 -1.45 20.21 -13.32
C ALA A 198 -1.98 19.89 -14.71
N ALA A 199 -1.53 18.77 -15.26
CA ALA A 199 -1.98 18.35 -16.59
C ALA A 199 -3.40 17.80 -16.54
N ALA A 200 -3.64 16.88 -15.61
CA ALA A 200 -4.95 16.27 -15.47
C ALA A 200 -5.92 17.24 -14.80
N HIS A 201 -5.37 18.31 -14.22
CA HIS A 201 -6.20 19.31 -13.55
C HIS A 201 -7.16 18.63 -12.58
N SER A 202 -6.64 17.70 -11.78
CA SER A 202 -7.46 16.98 -10.81
C SER A 202 -6.79 16.98 -9.45
N ALA A 203 -7.60 17.04 -8.39
CA ALA A 203 -7.08 17.04 -7.03
C ALA A 203 -7.39 15.73 -6.33
N ASN A 204 -6.38 14.88 -6.17
CA ASN A 204 -6.57 13.59 -5.51
C ASN A 204 -5.76 13.53 -4.23
N LEU A 205 -6.41 13.16 -3.14
CA LEU A 205 -5.73 13.06 -1.86
C LEU A 205 -5.64 11.61 -1.40
N TRP A 206 -4.54 11.28 -0.71
CA TRP A 206 -4.35 9.91 -0.21
C TRP A 206 -4.74 9.84 1.26
N THR A 207 -5.58 8.87 1.59
CA THR A 207 -6.03 8.69 2.95
C THR A 207 -5.19 7.64 3.68
N PRO A 208 -5.11 7.75 4.97
CA PRO A 208 -4.35 6.78 5.82
C PRO A 208 -4.99 5.39 5.83
N GLU A 209 -6.26 5.33 5.44
CA GLU A 209 -6.98 4.07 5.43
C GLU A 209 -6.18 3.00 4.69
N SER A 210 -5.22 3.45 3.88
CA SER A 210 -4.38 2.53 3.13
C SER A 210 -3.35 1.88 4.06
N ALA A 211 -2.68 0.84 3.55
CA ALA A 211 -1.67 0.15 4.34
C ALA A 211 -0.55 1.11 4.74
N GLN A 212 -0.23 2.04 3.84
CA GLN A 212 0.82 3.01 4.10
C GLN A 212 0.55 3.78 5.39
N GLY A 213 -0.72 4.14 5.59
CA GLY A 213 -1.10 4.89 6.78
C GLY A 213 -0.77 4.13 8.04
N GLN A 214 -1.06 2.82 8.04
CA GLN A 214 -0.78 1.98 9.21
C GLN A 214 0.72 1.91 9.46
N MET A 215 1.49 1.79 8.39
CA MET A 215 2.95 1.70 8.52
C MET A 215 3.50 2.97 9.15
N LEU A 216 2.99 4.12 8.71
CA LEU A 216 3.45 5.40 9.25
C LEU A 216 3.13 5.49 10.74
N GLU A 217 1.89 5.19 11.10
CA GLU A 217 1.48 5.24 12.50
C GLU A 217 2.39 4.36 13.35
N GLN A 218 2.88 3.27 12.75
CA GLN A 218 3.77 2.36 13.46
C GLN A 218 5.12 3.02 13.73
N LEU A 219 5.40 4.10 13.01
CA LEU A 219 6.66 4.80 13.17
C LEU A 219 6.56 5.84 14.27
N GLY A 220 5.33 6.11 14.72
CA GLY A 220 5.11 7.08 15.78
C GLY A 220 4.53 8.38 15.23
N PHE A 221 4.30 8.40 13.92
CA PHE A 221 3.74 9.57 13.27
C PHE A 221 2.22 9.52 13.29
N THR A 222 1.58 10.69 13.19
CA THR A 222 0.13 10.77 13.20
C THR A 222 -0.38 11.32 11.86
N LEU A 223 -1.32 10.60 11.27
CA LEU A 223 -1.89 11.02 9.99
C LEU A 223 -3.10 11.90 10.20
N ALA A 224 -3.30 12.85 9.28
CA ALA A 224 -4.44 13.76 9.37
C ALA A 224 -5.73 13.02 9.04
N LYS A 225 -6.84 13.47 9.63
CA LYS A 225 -8.13 12.83 9.38
C LYS A 225 -9.19 13.88 9.08
N LEU A 226 -9.96 13.66 8.01
CA LEU A 226 -11.00 14.60 7.60
C LEU A 226 -12.37 13.96 7.78
N PRO A 227 -13.00 14.19 8.91
CA PRO A 227 -14.36 13.63 9.20
C PRO A 227 -15.37 14.02 8.12
N ALA A 228 -16.21 13.07 7.72
CA ALA A 228 -17.21 13.32 6.70
C ALA A 228 -16.53 13.69 5.37
N GLY A 229 -15.31 14.23 5.46
CA GLY A 229 -14.57 14.61 4.26
C GLY A 229 -14.09 13.39 3.50
N LEU A 230 -13.47 12.46 4.20
CA LEU A 230 -12.95 11.25 3.57
C LEU A 230 -14.06 10.55 2.81
N ASN A 231 -15.26 10.57 3.37
CA ASN A 231 -16.40 9.93 2.71
C ASN A 231 -16.75 10.65 1.41
N ALA A 232 -15.72 11.13 0.70
CA ALA A 232 -15.92 11.82 -0.56
C ALA A 232 -17.15 12.74 -0.48
N SER A 233 -16.94 13.97 -0.02
CA SER A 233 -18.03 14.93 0.09
C SER A 233 -18.32 15.57 -1.25
N GLN A 234 -17.39 15.40 -2.20
CA GLN A 234 -17.57 15.98 -3.53
C GLN A 234 -18.25 14.97 -4.47
N SER A 235 -17.86 13.71 -4.35
CA SER A 235 -18.44 12.67 -5.18
C SER A 235 -19.91 12.45 -4.84
N GLN A 236 -20.31 12.96 -3.68
CA GLN A 236 -21.70 12.82 -3.24
C GLN A 236 -22.10 11.34 -3.22
N GLY A 237 -21.22 10.50 -2.70
CA GLY A 237 -21.49 9.07 -2.62
C GLY A 237 -20.32 8.33 -2.00
N LYS A 238 -20.09 7.10 -2.46
CA LYS A 238 -18.99 6.29 -1.94
C LYS A 238 -18.06 5.87 -3.07
N ARG A 239 -16.76 5.84 -2.77
CA ARG A 239 -15.77 5.47 -3.78
C ARG A 239 -14.55 4.84 -3.11
N HIS A 240 -13.90 3.92 -3.82
CA HIS A 240 -12.71 3.25 -3.29
C HIS A 240 -11.44 3.88 -3.88
N ASP A 241 -10.39 3.06 -3.97
CA ASP A 241 -9.13 3.54 -4.53
C ASP A 241 -8.64 4.77 -3.76
N ILE A 242 -8.99 5.95 -4.26
CA ILE A 242 -8.58 7.20 -3.63
C ILE A 242 -9.78 8.07 -3.34
N ILE A 243 -9.55 9.20 -2.66
CA ILE A 243 -10.62 10.13 -2.30
C ILE A 243 -10.35 11.50 -2.88
N GLN A 244 -11.41 12.15 -3.36
CA GLN A 244 -11.28 13.49 -3.94
C GLN A 244 -11.69 14.55 -2.92
N LEU A 245 -11.42 15.81 -3.26
CA LEU A 245 -11.76 16.92 -2.37
C LEU A 245 -12.14 18.16 -3.16
N GLY A 246 -13.02 18.97 -2.58
CA GLY A 246 -13.47 20.20 -3.26
C GLY A 246 -12.31 21.16 -3.45
N GLY A 247 -11.43 21.25 -2.45
CA GLY A 247 -10.26 22.14 -2.54
C GLY A 247 -10.13 22.96 -1.26
N GLU A 248 -11.02 22.70 -0.30
CA GLU A 248 -10.99 23.44 0.97
C GLU A 248 -9.88 22.89 1.87
N ASN A 249 -9.94 21.60 2.16
CA ASN A 249 -8.94 20.98 3.03
C ASN A 249 -7.56 21.06 2.39
N LEU A 250 -7.52 20.93 1.07
CA LEU A 250 -6.24 20.99 0.36
C LEU A 250 -5.48 22.27 0.72
N ALA A 251 -6.02 23.41 0.31
CA ALA A 251 -5.37 24.68 0.59
C ALA A 251 -5.11 24.82 2.08
N ALA A 252 -6.08 24.42 2.89
CA ALA A 252 -5.93 24.51 4.34
C ALA A 252 -4.99 23.43 4.85
N GLY A 253 -4.19 22.87 3.93
CA GLY A 253 -3.24 21.82 4.30
C GLY A 253 -3.75 20.97 5.45
N LEU A 254 -5.01 20.53 5.33
CA LEU A 254 -5.63 19.72 6.37
C LEU A 254 -5.23 20.23 7.76
N ASN A 255 -4.43 19.45 8.46
CA ASN A 255 -3.99 19.83 9.80
C ASN A 255 -3.21 21.14 9.75
N GLY A 256 -2.31 21.25 8.78
CA GLY A 256 -1.52 22.47 8.63
C GLY A 256 -0.30 22.44 9.55
N GLU A 257 -0.06 21.29 10.17
CA GLU A 257 1.08 21.15 11.09
C GLU A 257 2.24 20.47 10.39
N SER A 258 1.96 19.88 9.23
CA SER A 258 2.99 19.18 8.48
C SER A 258 2.40 18.53 7.23
N LEU A 259 3.16 18.56 6.14
CA LEU A 259 2.70 17.96 4.90
C LEU A 259 3.86 17.40 4.10
N PHE A 260 3.77 16.12 3.73
CA PHE A 260 4.81 15.48 2.93
C PHE A 260 4.42 15.43 1.48
N LEU A 261 5.40 15.60 0.60
CA LEU A 261 5.13 15.60 -0.83
C LEU A 261 5.36 14.22 -1.43
N PHE A 262 4.28 13.53 -1.74
CA PHE A 262 4.37 12.19 -2.33
C PHE A 262 4.12 12.26 -3.83
N ALA A 263 3.63 13.41 -4.30
CA ALA A 263 3.36 13.58 -5.72
C ALA A 263 4.65 13.57 -6.53
N GLY A 264 5.68 14.21 -5.99
CA GLY A 264 6.97 14.27 -6.67
C GLY A 264 8.00 15.02 -5.81
N ASP A 265 9.24 15.02 -6.28
CA ASP A 265 10.30 15.70 -5.56
C ASP A 265 10.19 17.21 -5.70
N GLN A 266 11.15 17.82 -6.38
CA GLN A 266 11.15 19.25 -6.60
C GLN A 266 10.01 19.66 -7.51
N LYS A 267 9.61 18.76 -8.40
CA LYS A 267 8.53 19.06 -9.34
C LYS A 267 7.26 19.41 -8.58
N ASP A 268 6.96 18.64 -7.53
CA ASP A 268 5.76 18.90 -6.73
C ASP A 268 5.87 20.27 -6.05
N ALA A 269 7.05 20.55 -5.49
CA ALA A 269 7.27 21.82 -4.80
C ALA A 269 6.89 22.98 -5.71
N ASP A 270 7.56 23.07 -6.86
CA ASP A 270 7.28 24.14 -7.81
C ASP A 270 5.79 24.21 -8.10
N ALA A 271 5.17 23.05 -8.30
CA ALA A 271 3.73 22.99 -8.58
C ALA A 271 2.96 23.72 -7.49
N ILE A 272 3.34 23.48 -6.23
CA ILE A 272 2.66 24.14 -5.11
C ILE A 272 2.88 25.65 -5.16
N TYR A 273 4.12 26.06 -5.44
CA TYR A 273 4.45 27.48 -5.52
C TYR A 273 3.55 28.17 -6.53
N ALA A 274 3.26 27.48 -7.63
CA ALA A 274 2.42 28.05 -8.66
C ALA A 274 0.96 27.99 -8.23
N ASN A 275 0.71 27.49 -7.03
CA ASN A 275 -0.65 27.38 -6.50
C ASN A 275 -0.82 28.28 -5.28
N PRO A 276 -1.24 29.51 -5.49
CA PRO A 276 -1.46 30.48 -4.39
C PRO A 276 -2.35 29.91 -3.29
N LEU A 277 -3.20 28.97 -3.65
CA LEU A 277 -4.10 28.35 -2.69
C LEU A 277 -3.31 27.59 -1.63
N LEU A 278 -2.26 26.89 -2.07
CA LEU A 278 -1.44 26.11 -1.16
C LEU A 278 -0.22 26.92 -0.71
N ALA A 279 -0.18 28.19 -1.11
CA ALA A 279 0.92 29.06 -0.73
C ALA A 279 0.84 29.42 0.74
N HIS A 280 -0.39 29.57 1.25
CA HIS A 280 -0.59 29.95 2.64
C HIS A 280 -0.43 28.73 3.55
N LEU A 281 -0.05 27.61 2.95
CA LEU A 281 0.13 26.39 3.71
C LEU A 281 1.35 26.51 4.63
N PRO A 282 1.15 26.37 5.92
CA PRO A 282 2.26 26.49 6.90
C PRO A 282 3.49 25.67 6.50
N ALA A 283 3.26 24.50 5.92
CA ALA A 283 4.36 23.65 5.49
C ALA A 283 5.23 24.38 4.48
N VAL A 284 4.60 25.07 3.54
CA VAL A 284 5.34 25.82 2.53
C VAL A 284 6.10 26.97 3.17
N GLN A 285 5.42 27.67 4.08
CA GLN A 285 6.05 28.81 4.76
C GLN A 285 7.22 28.35 5.62
N ASN A 286 7.04 27.21 6.29
CA ASN A 286 8.09 26.67 7.14
C ASN A 286 9.00 25.74 6.34
N LYS A 287 8.56 25.38 5.14
CA LYS A 287 9.34 24.48 4.30
C LYS A 287 9.52 23.12 4.95
N GLN A 288 8.54 22.72 5.75
CA GLN A 288 8.60 21.42 6.42
C GLN A 288 8.02 20.33 5.54
N VAL A 289 8.39 20.36 4.26
CA VAL A 289 7.89 19.36 3.30
C VAL A 289 8.97 18.34 2.99
N TYR A 290 8.57 17.07 2.96
CA TYR A 290 9.52 16.00 2.65
C TYR A 290 9.12 15.29 1.36
N ALA A 291 10.09 15.08 0.48
CA ALA A 291 9.83 14.42 -0.79
C ALA A 291 9.86 12.89 -0.62
N LEU A 292 8.72 12.31 -0.29
CA LEU A 292 8.63 10.88 -0.10
C LEU A 292 8.92 10.15 -1.42
N GLY A 293 8.38 10.68 -2.51
CA GLY A 293 8.58 10.07 -3.82
C GLY A 293 7.61 8.91 -4.03
N THR A 294 7.48 8.47 -5.28
CA THR A 294 6.59 7.37 -5.60
C THR A 294 7.20 6.04 -5.18
N GLU A 295 8.52 6.00 -5.12
CA GLU A 295 9.23 4.78 -4.73
C GLU A 295 8.99 4.48 -3.25
N THR A 296 8.85 5.52 -2.45
CA THR A 296 8.62 5.35 -1.03
C THR A 296 7.21 4.85 -0.76
N PHE A 297 6.60 4.23 -1.77
CA PHE A 297 5.24 3.73 -1.62
C PHE A 297 5.17 2.74 -0.46
N ARG A 298 6.07 1.77 -0.47
CA ARG A 298 6.12 0.77 0.60
C ARG A 298 7.34 1.01 1.47
N LEU A 299 7.23 0.66 2.75
CA LEU A 299 8.34 0.84 3.68
C LEU A 299 8.83 -0.50 4.21
N ASP A 300 10.13 -0.75 4.09
CA ASP A 300 10.72 -1.99 4.57
C ASP A 300 12.16 -1.79 4.99
N TYR A 301 12.73 -2.78 5.67
CA TYR A 301 14.11 -2.69 6.14
C TYR A 301 15.02 -2.24 5.00
N TYR A 302 14.75 -2.74 3.80
CA TYR A 302 15.56 -2.39 2.64
C TYR A 302 15.33 -0.95 2.22
N SER A 303 14.13 -0.66 1.76
CA SER A 303 13.79 0.69 1.30
C SER A 303 13.95 1.69 2.44
N ALA A 304 13.68 1.26 3.66
CA ALA A 304 13.77 2.14 4.81
C ALA A 304 15.14 2.79 4.88
N MET A 305 16.14 2.13 4.30
CA MET A 305 17.49 2.67 4.30
C MET A 305 17.57 3.99 3.53
N GLN A 306 16.87 4.04 2.40
CA GLN A 306 16.85 5.26 1.59
C GLN A 306 15.91 6.31 2.17
N VAL A 307 14.73 5.86 2.58
CA VAL A 307 13.73 6.75 3.16
C VAL A 307 14.23 7.30 4.49
N LEU A 308 14.83 6.42 5.31
CA LEU A 308 15.31 6.83 6.61
C LEU A 308 16.36 7.92 6.47
N ASP A 309 17.31 7.71 5.57
CA ASP A 309 18.35 8.71 5.35
C ASP A 309 17.78 9.95 4.67
N ARG A 310 16.88 9.73 3.72
CA ARG A 310 16.27 10.82 2.98
C ARG A 310 15.50 11.74 3.92
N LEU A 311 14.86 11.15 4.91
CA LEU A 311 14.08 11.92 5.88
C LEU A 311 14.97 12.36 7.03
N LYS A 312 16.26 12.07 6.93
CA LYS A 312 17.22 12.44 7.99
C LYS A 312 18.18 13.51 7.47
N ALA A 313 18.16 13.74 6.16
CA ALA A 313 19.04 14.74 5.56
C ALA A 313 18.69 16.13 6.08
N LEU A 314 17.40 16.38 6.29
CA LEU A 314 16.97 17.69 6.78
C LEU A 314 17.59 17.96 8.15
N PHE A 315 17.47 16.99 9.05
CA PHE A 315 18.03 17.14 10.40
C PHE A 315 19.54 16.88 10.38
#